data_6MU1
#
_entry.id   6MU1
#
loop_
_entity.id
_entity.type
_entity.pdbx_description
1 polymer 'Inositol 1,4,5-trisphosphate receptor type 1'
2 non-polymer 'Adenophostin A'
#
_entity_poly.entity_id   1
_entity_poly.type   'polypeptide(L)'
_entity_poly.pdbx_seq_one_letter_code
;MSDKMSSFLHIGDICSLYAEGSTNGFISTLGLVDDRCVVQPEAGDLNNPPKKFRDCLFKLCPMNRYSAQKQFWKAAKPGA
NSTTDAVLLNKLHHAADLEKKQNETENRKLLGTVIQYGNVIQLLHLKSNKYLTVNKRLPALLEKNAMRVTLDEAGNEGSW
FYIQPFYKLRSIGDSVVIGDKVVLNPVNAGQPLHASSHQLVDNPGCNEVNSVNCNTSWKIVLFMKWSDNKDDILKGGDVV
RLFHAEQEKFLTCDEHRKKQHVFLRTTGRQSATSATSSKALWEVEVVQHDPCRGGAGYWNSLFRFKHLATGHYLAAEVDP
DFEEECLEFQPSVDPDQDASRSRLRNAQEKMVYSLVSVPEGNDISSIFELDPTTLRGGDSLVPRNSYVRLRHLCTNTWVH
STNIPIDKEEEKPVMLKIGTSPLKEDKEAFAIVPVSPAEVRDLDFANDASKVLGSIAGKLEKGTITQNERRSVTKLLEDL
VYFVTGGTNSGQDVLEVVFSKPNRERQKLMREQNILKQIFKLLQAPFTDCGDGPMLRLEELGDQRHAPFRHICRLCYRVL
RHSQQDYRKNQEYIAKQFGFMQKQIGYDVLAEDTITALLHNNRKLLEKHITAAEIDTFVSLVRKNREPRFLDYLSDLCVS
MNKSIPVTQELICKAVLNPTNADILIETKLVLSRFEFEGVSTGENALEAGEDEEEVWLFWRDSNKEIRSKSVRELAQDAK
EGQKEDRDVLSYYRYQLNLFARMCLDRQYLAINEISGQLDVDLILRCMSDENLPYDLRASFCRLMLHMHVDRDPQEQVTP
VKYARLWSEIPSEIAIDDYDSSGASKDEIKERFAQTMEFVEEYLRDVVCQRFPFSDKEKNKLTFEVVNLARNLIYFGFYN
FSDLLRLTKILLAILDCVHVTTIFPISKMTKGEENKGSNVMRSIHGVGELMTQVVLRGGGFLPMTPMAAAPEGNVKQAEP
EKEDIMVMDTKLKIIEILQFILNVRLDYRISCLLCIFKREFDESNSQSSETSSGNSSQEGPSNVPGALDFEHIEEQAEGI
FGGSEENTPLDLDDHGGRTFLRVLLHLTMHDYPPLVSGALQLLFRHFSQRQEVLQAFKQVQLLVTSQDVDNYKQIKQDLD
QLRSIVEKSELWVYKGQGPDEPMDGASGENEHKKTEEGTSKPLKHESTSSYNYRVVKEILIRLSKLCVQESASVRKSRKQ
QQRLLRNMGAHAVVLELLQIPYEKAEDTKMQEIMRLAHEFLQNFCAGNQQNQALLHKHINLFLNPGILEAVTMQHIFMNN
FQLCSEINERVVQHFVHCIETHGRNVQYIKFLQTIVKAEGKFIKKCQDMVMAELVNSGEDVLVFYNDRASFQTLIQMMRS
ERDRMDENSPLFMYHIHLVELLAVCTEGKNVYTEIKCNSLLPLDDIVRVVTHEDCIPEVKIAYINFLNHCYVDTEVEMKE
IYTSNHMWKLFENFLVDICRACNNTSDRKHADSVLEKYVTEIVMSIVTTFFSSPFSDQSTTLQTRQPVFVQLLQGVFRVY
HCNWLMPSQKASVESCIRVLSDVAKSRAIAIPVDLDSQVNNLFLKSHNIVQKTAMNWRLSARNAARRDSVLAASRDYRNI
IERLQDIVSALEDRLRPLVQAELSVLVDVLHRPELLFPENTDARRKCESGGFICKLIKHTKQLLEENEEKLCIKVLQTLR
EMMTKDRGYGEKQISIDELENAELPQPPEAENSTEQELEPSPPLRQLEDHKRGEALRQILVNRYYGNIRPSGRRESLTSF
GNGPLSPGGPSKPGGGGGGPGSGSTSRGEMSLAEVQCHLDKEGASNLVIDLIMNASSDRVFHESILLAIALLEGGNTTIQ
HSFFCRLTEDKKSEKFFKVFYDRMKVAQQEIKATVTVNTSDLGNKKKDDEVDRDAPSRKKAKEPTTQITEEVRDQLLEAS
AATRKAFTTFRREADPDDHYQSGEGTQATTDKAKDDLEMSAVITIMQPILRFLQLLCENHNRDLQNFLRCQNNKTNYNLV
CETLQFLDCICGSTTGGLGLLGLYINEKNVALINQTLESLTEYCQGPCHENQNCIATHESNGIDIITALILNDINPLGKK
RMDLVLELKNNASKLLLAIMESRHDSENAERILYNMRPKELVEVIKKAYMQGEVEFEDGENGEDGAASPRNVGHNIYILA
HQLARHNKELQTMLKPGGQVDGDEALEFYAKHTAQIEIVRLDRTMEQIVFPVPSICEFLTKESKLRIYYTTERDEQGSKI
NDFFLRSEDLFNEMNWQKKLRAQPVLYWCARNMSFWSSISFNLAVLMNLLVAFFYPFKGVRGGTLEPHWSGLLWTAMLIS
LAIVIALPKPHGIRALIASTILRLIFSVGLQPTLFLLGAFNVCNKIIFLMSFVGNCGTFTRGYRAMVLDVEFLYHLLYLL
ICAMGLFVHEFFYSLLLFDLVYREETLLNVIKSVTRNGRPIILTAALALILVYLFSIVGYLFFKDDFILEVDRLPNETAG
PETGESLANDFLYSDVCRVETGENCTSPAPKEELLPVEETEQDKEHTCETLLMCIVTVLSHGLRSGGGVGDVLRKPSKEE
PLFAARVIYDLLFFFMVIIIVLNLIFGVIIDTFADLRSEKQKKEEILKTTCFICGLERDKFDNKTVTFEEHIKEEHNMWH
YLCFIVLVKVKDSTEYTGPESYVAEMIRERNLDWFPRMRAMSLVSSDSEGEQNELRNLQEKLESTMKLVTNLSGQLSELK
DQMTEQRKQKQRIGLLGHP
;
_entity_poly.pdbx_strand_id   A,C,B,D
#
# COMPACT_ATOMS: atom_id res chain seq x y z
N LYS A 4 20.20 -14.63 24.30
CA LYS A 4 21.01 -15.84 24.42
C LYS A 4 21.73 -16.16 23.12
N MET A 5 21.76 -15.19 22.20
CA MET A 5 22.54 -15.36 20.99
C MET A 5 24.03 -15.27 21.30
N SER A 6 24.44 -14.22 22.01
CA SER A 6 25.74 -14.16 22.66
C SER A 6 25.61 -13.13 23.77
N SER A 7 26.46 -13.22 24.78
CA SER A 7 26.38 -12.32 25.91
C SER A 7 27.30 -11.12 25.70
N PHE A 8 27.30 -10.22 26.70
CA PHE A 8 28.38 -9.25 26.94
C PHE A 8 28.52 -8.23 25.81
N LEU A 9 27.49 -7.39 25.66
CA LEU A 9 27.35 -6.51 24.50
C LEU A 9 27.22 -5.03 24.84
N HIS A 10 27.48 -4.63 26.07
CA HIS A 10 27.04 -3.30 26.52
C HIS A 10 28.01 -2.81 27.58
N ILE A 11 28.70 -1.70 27.32
CA ILE A 11 29.54 -1.10 28.35
C ILE A 11 28.66 -0.53 29.45
N GLY A 12 29.11 -0.66 30.68
CA GLY A 12 28.28 -0.39 31.83
C GLY A 12 27.83 -1.62 32.56
N ASP A 13 28.59 -2.70 32.55
CA ASP A 13 28.13 -3.95 33.10
C ASP A 13 28.26 -3.96 34.62
N ILE A 14 27.53 -4.88 35.24
CA ILE A 14 27.47 -5.01 36.69
C ILE A 14 28.21 -6.29 37.02
N CYS A 15 29.50 -6.18 37.31
CA CYS A 15 30.35 -7.35 37.40
C CYS A 15 31.27 -7.20 38.59
N SER A 16 32.31 -8.04 38.64
CA SER A 16 33.29 -8.02 39.71
C SER A 16 34.56 -8.65 39.16
N LEU A 17 35.58 -8.75 40.02
CA LEU A 17 36.86 -9.27 39.60
C LEU A 17 37.46 -10.17 40.66
N TYR A 18 38.35 -11.04 40.22
CA TYR A 18 38.99 -12.03 41.07
C TYR A 18 40.41 -12.26 40.57
N ALA A 19 41.33 -12.34 41.52
CA ALA A 19 42.72 -12.64 41.21
C ALA A 19 42.89 -14.14 41.11
N GLU A 20 43.74 -14.56 40.18
CA GLU A 20 43.99 -15.98 39.93
C GLU A 20 45.48 -16.17 39.72
N GLY A 21 46.01 -17.26 40.26
CA GLY A 21 47.41 -17.56 40.09
C GLY A 21 48.16 -17.75 41.39
N SER A 22 49.10 -16.84 41.68
CA SER A 22 49.94 -16.96 42.87
C SER A 22 49.12 -16.75 44.13
N THR A 23 48.57 -15.55 44.30
CA THR A 23 47.66 -15.27 45.39
C THR A 23 46.30 -15.00 44.78
N ASN A 24 45.30 -15.76 45.21
CA ASN A 24 44.01 -15.72 44.53
C ASN A 24 43.03 -14.93 45.39
N GLY A 25 43.06 -13.62 45.23
CA GLY A 25 42.19 -12.72 45.95
C GLY A 25 41.18 -12.01 45.06
N PHE A 26 40.71 -10.88 45.54
CA PHE A 26 39.66 -10.09 44.93
C PHE A 26 40.10 -8.63 44.89
N ILE A 27 39.36 -7.80 44.17
CA ILE A 27 39.66 -6.38 44.14
C ILE A 27 39.07 -5.71 45.38
N SER A 28 39.93 -5.39 46.33
CA SER A 28 39.48 -5.01 47.66
C SER A 28 40.06 -3.65 48.02
N THR A 29 39.21 -2.63 48.03
CA THR A 29 39.59 -1.33 48.55
C THR A 29 39.67 -1.42 50.05
N LEU A 30 40.87 -1.31 50.61
CA LEU A 30 41.00 -1.24 52.06
C LEU A 30 40.42 0.07 52.51
N GLY A 31 39.17 0.03 52.98
CA GLY A 31 38.50 1.24 53.39
C GLY A 31 38.14 2.15 52.22
N LEU A 32 37.77 3.38 52.58
CA LEU A 32 37.39 4.41 51.62
C LEU A 32 38.46 5.46 51.44
N VAL A 33 39.28 5.71 52.47
CA VAL A 33 40.25 6.79 52.40
C VAL A 33 41.60 6.35 51.86
N ASP A 34 41.79 5.06 51.59
CA ASP A 34 43.09 4.64 51.08
C ASP A 34 43.17 4.87 49.57
N ASP A 35 44.28 4.44 49.00
CA ASP A 35 44.70 4.83 47.65
C ASP A 35 45.02 3.67 46.74
N ARG A 36 45.31 2.50 47.29
CA ARG A 36 45.55 1.31 46.48
C ARG A 36 44.78 0.14 47.06
N CYS A 37 44.34 -0.74 46.18
CA CYS A 37 43.58 -1.90 46.63
C CYS A 37 44.54 -2.94 47.20
N VAL A 38 43.97 -4.01 47.74
CA VAL A 38 44.74 -5.08 48.33
C VAL A 38 44.31 -6.40 47.70
N VAL A 39 45.11 -7.43 47.94
CA VAL A 39 44.78 -8.80 47.56
C VAL A 39 44.70 -9.61 48.84
N GLN A 40 43.49 -9.97 49.24
CA GLN A 40 43.30 -10.61 50.52
C GLN A 40 43.07 -12.10 50.34
N PRO A 41 43.95 -12.96 50.90
CA PRO A 41 43.54 -14.35 51.17
C PRO A 41 42.58 -14.45 52.33
N GLU A 42 42.42 -13.36 53.10
CA GLU A 42 41.30 -13.20 54.02
C GLU A 42 39.96 -13.43 53.33
N ALA A 43 39.85 -12.99 52.08
CA ALA A 43 38.65 -13.22 51.29
C ALA A 43 38.44 -14.71 51.02
N GLY A 44 37.17 -15.08 50.83
CA GLY A 44 36.77 -16.45 50.63
C GLY A 44 37.12 -17.03 49.28
N ASP A 45 36.43 -18.09 48.89
CA ASP A 45 36.80 -18.87 47.73
C ASP A 45 36.46 -18.12 46.44
N LEU A 46 37.05 -18.58 45.35
CA LEU A 46 36.61 -18.11 44.04
C LEU A 46 35.20 -18.59 43.73
N ASN A 47 34.88 -19.83 44.13
CA ASN A 47 33.53 -20.32 43.99
C ASN A 47 32.63 -19.86 45.13
N ASN A 48 33.21 -19.41 46.24
CA ASN A 48 32.45 -18.95 47.39
C ASN A 48 32.98 -17.61 47.85
N PRO A 49 32.40 -16.52 47.36
CA PRO A 49 32.83 -15.17 47.77
C PRO A 49 32.59 -14.94 49.25
N PRO A 50 33.26 -13.93 49.88
CA PRO A 50 33.16 -13.77 51.34
C PRO A 50 31.80 -13.31 51.83
N LYS A 51 31.70 -13.09 53.14
CA LYS A 51 30.49 -12.52 53.72
C LYS A 51 30.23 -11.10 53.22
N LYS A 52 31.29 -10.36 52.88
CA LYS A 52 31.15 -9.13 52.12
C LYS A 52 31.90 -9.29 50.81
N PHE A 53 31.25 -8.87 49.73
CA PHE A 53 31.89 -8.91 48.43
C PHE A 53 31.57 -7.65 47.63
N ARG A 54 31.00 -6.64 48.25
CA ARG A 54 30.55 -5.40 47.61
C ARG A 54 31.68 -4.49 47.21
N ASP A 55 32.93 -4.91 47.18
CA ASP A 55 34.04 -4.01 46.97
C ASP A 55 34.57 -4.04 45.54
N CYS A 56 34.27 -5.09 44.78
CA CYS A 56 34.72 -5.23 43.39
C CYS A 56 33.72 -4.59 42.42
N LEU A 57 33.29 -3.36 42.70
CA LEU A 57 32.19 -2.76 41.96
C LEU A 57 32.72 -1.89 40.82
N PHE A 58 33.20 -2.55 39.77
CA PHE A 58 33.65 -1.82 38.60
C PHE A 58 32.61 -1.86 37.49
N LYS A 59 32.80 -0.97 36.53
CA LYS A 59 31.83 -0.71 35.48
C LYS A 59 32.59 -0.37 34.22
N LEU A 60 32.09 -0.84 33.08
CA LEU A 60 32.82 -0.68 31.83
C LEU A 60 32.71 0.76 31.35
N CYS A 61 33.67 1.56 31.73
CA CYS A 61 33.63 2.98 31.43
C CYS A 61 34.22 3.24 30.06
N PRO A 62 33.65 4.21 29.33
CA PRO A 62 34.25 4.63 28.06
C PRO A 62 35.56 5.37 28.28
N MET A 63 36.32 5.58 27.21
CA MET A 63 37.59 6.27 27.30
C MET A 63 37.32 7.75 27.08
N ASN A 64 37.04 8.47 28.17
CA ASN A 64 36.90 9.91 28.08
C ASN A 64 38.28 10.55 28.01
N ARG A 65 38.30 11.86 27.73
CA ARG A 65 39.53 12.62 27.59
C ARG A 65 39.92 13.19 28.96
N TYR A 66 41.15 13.73 29.02
CA TYR A 66 41.61 14.37 30.25
C TYR A 66 42.41 15.64 29.98
N SER A 67 42.52 16.05 28.70
CA SER A 67 43.48 17.09 28.33
C SER A 67 43.05 18.46 28.84
N ALA A 68 41.76 18.78 28.67
CA ALA A 68 41.22 20.00 29.27
C ALA A 68 41.30 19.95 30.79
N GLN A 69 41.05 18.78 31.36
CA GLN A 69 41.21 18.59 32.80
C GLN A 69 42.68 18.67 33.19
N LYS A 70 43.56 18.20 32.31
CA LYS A 70 44.99 18.42 32.52
C LYS A 70 45.33 19.90 32.45
N GLN A 71 44.82 20.60 31.44
CA GLN A 71 45.08 22.03 31.35
C GLN A 71 44.29 22.83 32.38
N PHE A 72 43.21 22.25 32.92
CA PHE A 72 42.63 22.79 34.14
C PHE A 72 43.64 22.73 35.28
N TRP A 73 44.37 21.61 35.38
CA TRP A 73 45.30 21.40 36.48
C TRP A 73 46.68 21.94 36.19
N LYS A 74 46.85 22.22 34.92
CA LYS A 74 47.98 23.01 34.64
C LYS A 74 47.71 24.18 35.65
N ALA A 75 46.44 24.51 35.97
CA ALA A 75 46.05 25.61 36.83
C ALA A 75 46.79 25.70 38.16
N ALA A 76 47.20 24.62 38.80
CA ALA A 76 48.04 24.76 39.99
C ALA A 76 49.39 25.44 39.64
N LYS A 77 49.95 25.12 38.48
CA LYS A 77 51.18 25.78 38.01
C LYS A 77 50.84 27.25 37.78
N PRO A 78 49.68 27.51 37.12
CA PRO A 78 49.25 28.90 37.21
C PRO A 78 48.97 29.52 38.58
N GLY A 79 48.66 28.77 39.63
CA GLY A 79 48.55 29.26 40.99
C GLY A 79 49.95 29.72 41.40
N ALA A 80 50.97 28.93 41.02
CA ALA A 80 52.35 29.31 41.23
C ALA A 80 52.68 30.62 40.45
N ASN A 81 52.09 30.72 39.27
CA ASN A 81 52.23 31.86 38.37
C ASN A 81 50.86 32.19 37.81
N SER A 82 50.60 33.47 37.59
CA SER A 82 49.29 33.92 37.10
C SER A 82 49.23 34.35 35.64
N THR A 83 48.43 35.40 35.41
CA THR A 83 48.15 36.07 34.12
C THR A 83 47.26 35.27 33.18
N THR A 84 47.52 34.00 32.87
CA THR A 84 46.31 33.54 32.18
C THR A 84 45.37 34.54 32.92
N ASP A 85 45.25 34.21 34.20
CA ASP A 85 44.63 35.06 35.17
C ASP A 85 43.20 35.38 34.91
N ALA A 86 42.54 35.80 35.97
CA ALA A 86 41.19 36.33 35.91
C ALA A 86 40.18 35.52 35.10
N VAL A 87 39.46 36.25 34.27
CA VAL A 87 38.42 35.74 33.40
C VAL A 87 38.99 34.77 32.40
N LEU A 88 40.18 35.05 31.88
CA LEU A 88 40.77 34.16 30.90
C LEU A 88 40.95 32.81 31.51
N LEU A 89 41.53 32.80 32.71
CA LEU A 89 41.81 31.59 33.41
C LEU A 89 40.53 30.84 33.73
N ASN A 90 39.52 31.59 34.16
CA ASN A 90 38.25 30.98 34.51
C ASN A 90 37.60 30.35 33.28
N LYS A 91 37.50 31.16 32.25
CA LYS A 91 36.87 30.72 31.05
C LYS A 91 37.66 29.56 30.56
N LEU A 92 38.98 29.62 30.69
CA LEU A 92 39.77 28.53 30.20
C LEU A 92 39.44 27.25 30.95
N HIS A 93 39.42 27.31 32.28
CA HIS A 93 39.08 26.10 33.02
C HIS A 93 37.59 25.80 32.99
N HIS A 94 36.80 26.83 32.73
CA HIS A 94 35.37 26.70 32.53
C HIS A 94 35.14 25.86 31.26
N ALA A 95 35.96 26.08 30.23
CA ALA A 95 35.95 25.38 28.97
C ALA A 95 36.39 23.97 29.25
N ALA A 96 37.36 23.80 30.15
CA ALA A 96 37.77 22.45 30.52
C ALA A 96 36.59 21.73 31.14
N ASP A 97 35.84 22.41 32.01
CA ASP A 97 34.66 21.87 32.65
C ASP A 97 33.59 21.49 31.62
N LEU A 98 33.46 22.32 30.58
CA LEU A 98 32.51 22.05 29.53
C LEU A 98 32.91 20.80 28.79
N GLU A 99 34.20 20.62 28.59
CA GLU A 99 34.77 19.45 27.98
C GLU A 99 34.48 18.22 28.86
N LYS A 100 34.53 18.35 30.18
CA LYS A 100 34.15 17.22 31.06
C LYS A 100 32.65 16.88 30.87
N LYS A 101 31.85 17.93 30.71
CA LYS A 101 30.43 17.77 30.45
C LYS A 101 30.26 17.02 29.13
N GLN A 102 31.08 17.38 28.14
CA GLN A 102 31.16 16.78 26.83
C GLN A 102 31.63 15.32 26.92
N ASN A 103 32.44 14.96 27.92
CA ASN A 103 32.86 13.59 28.08
C ASN A 103 31.63 12.82 28.42
N GLU A 104 30.82 13.37 29.33
CA GLU A 104 29.55 12.69 29.55
C GLU A 104 28.74 12.68 28.27
N THR A 105 28.68 13.82 27.59
CA THR A 105 27.83 13.93 26.46
C THR A 105 28.51 13.21 25.34
N GLU A 106 28.97 12.04 25.72
CA GLU A 106 29.56 11.01 24.90
C GLU A 106 29.29 9.66 25.49
N ASN A 107 29.49 9.54 26.80
CA ASN A 107 29.28 8.26 27.44
C ASN A 107 27.84 7.76 27.36
N ARG A 108 26.91 8.70 27.48
CA ARG A 108 25.51 8.33 27.37
C ARG A 108 25.29 7.76 25.99
N LYS A 109 25.78 8.44 24.96
CA LYS A 109 25.64 7.93 23.61
C LYS A 109 26.32 6.58 23.43
N LEU A 110 27.49 6.45 24.05
CA LEU A 110 28.36 5.29 24.03
C LEU A 110 27.74 4.02 24.55
N LEU A 111 26.78 4.11 25.47
CA LEU A 111 26.15 2.87 25.91
C LEU A 111 25.55 2.09 24.73
N GLY A 112 25.79 0.77 24.69
CA GLY A 112 25.36 -0.09 23.62
C GLY A 112 26.47 -0.91 23.00
N THR A 113 27.72 -0.50 23.23
CA THR A 113 28.84 -1.05 22.46
C THR A 113 29.21 -2.44 22.92
N VAL A 114 29.33 -3.36 21.97
CA VAL A 114 29.74 -4.72 22.25
C VAL A 114 31.20 -4.72 22.67
N ILE A 115 31.47 -5.22 23.87
CA ILE A 115 32.78 -5.07 24.48
C ILE A 115 33.64 -6.22 23.98
N GLN A 116 34.75 -5.89 23.32
CA GLN A 116 35.49 -6.89 22.57
C GLN A 116 36.94 -6.91 22.99
N TYR A 117 37.70 -7.75 22.29
CA TYR A 117 39.13 -7.91 22.57
C TYR A 117 39.92 -6.73 22.07
N GLY A 118 41.03 -6.47 22.75
CA GLY A 118 41.99 -5.47 22.31
C GLY A 118 41.58 -4.03 22.51
N ASN A 119 40.43 -3.77 23.10
CA ASN A 119 39.97 -2.39 23.27
C ASN A 119 40.72 -1.72 24.40
N VAL A 120 40.51 -0.41 24.51
CA VAL A 120 41.06 0.40 25.58
C VAL A 120 39.88 1.01 26.31
N ILE A 121 39.69 0.63 27.56
CA ILE A 121 38.54 1.07 28.34
C ILE A 121 39.00 1.65 29.66
N GLN A 122 38.07 2.28 30.36
CA GLN A 122 38.32 2.89 31.65
C GLN A 122 37.52 2.17 32.73
N LEU A 123 37.79 2.52 33.98
CA LEU A 123 37.09 1.93 35.12
C LEU A 123 36.80 3.00 36.16
N LEU A 124 36.00 2.60 37.14
CA LEU A 124 35.48 3.43 38.22
C LEU A 124 34.81 2.52 39.21
N HIS A 125 34.97 2.81 40.51
CA HIS A 125 34.30 2.01 41.51
C HIS A 125 32.84 2.47 41.64
N LEU A 126 32.06 1.79 42.46
CA LEU A 126 30.73 2.27 42.85
C LEU A 126 30.60 2.47 44.34
N LYS A 127 31.02 1.49 45.14
CA LYS A 127 30.90 1.57 46.59
C LYS A 127 31.70 2.72 47.16
N SER A 128 32.99 2.79 46.82
CA SER A 128 33.74 4.01 47.06
C SER A 128 33.49 5.03 45.97
N ASN A 129 33.16 4.55 44.77
CA ASN A 129 32.96 5.35 43.56
C ASN A 129 34.19 6.20 43.26
N LYS A 130 35.34 5.54 43.23
CA LYS A 130 36.62 6.19 42.95
C LYS A 130 37.24 5.59 41.70
N TYR A 131 38.25 6.27 41.19
CA TYR A 131 38.75 6.02 39.86
C TYR A 131 40.01 5.16 39.88
N LEU A 132 40.54 4.91 38.69
CA LEU A 132 41.69 4.03 38.48
C LEU A 132 42.72 4.79 37.66
N THR A 133 43.92 4.95 38.21
CA THR A 133 44.99 5.61 37.47
C THR A 133 46.32 5.10 38.01
N VAL A 134 47.16 4.58 37.12
CA VAL A 134 48.47 4.07 37.50
C VAL A 134 49.50 5.14 37.16
N ASN A 135 50.35 5.45 38.12
CA ASN A 135 51.38 6.45 37.90
C ASN A 135 52.52 5.89 37.06
N LYS A 136 53.17 6.77 36.31
CA LYS A 136 54.34 6.41 35.53
C LYS A 136 55.63 6.87 36.19
N ARG A 137 55.55 7.67 37.26
CA ARG A 137 56.74 8.17 37.93
C ARG A 137 56.60 8.10 39.45
N LEU A 138 55.50 7.59 39.97
CA LEU A 138 55.33 7.48 41.41
C LEU A 138 55.22 6.01 41.80
N PRO A 139 56.14 5.51 42.61
CA PRO A 139 56.31 4.06 42.78
C PRO A 139 55.36 3.48 43.83
N ALA A 140 55.54 2.20 44.08
CA ALA A 140 54.77 1.49 45.07
C ALA A 140 55.43 1.61 46.44
N LEU A 141 54.92 0.89 47.42
CA LEU A 141 55.47 0.96 48.77
C LEU A 141 56.59 -0.06 48.94
N LEU A 142 56.36 -1.30 48.50
CA LEU A 142 57.36 -2.35 48.68
C LEU A 142 58.54 -2.18 47.73
N GLU A 143 58.28 -2.24 46.43
CA GLU A 143 59.35 -2.09 45.44
C GLU A 143 59.13 -0.78 44.68
N LYS A 144 60.22 -0.06 44.43
CA LYS A 144 60.15 1.13 43.60
C LYS A 144 59.87 0.80 42.14
N ASN A 145 60.22 -0.41 41.69
CA ASN A 145 59.96 -0.81 40.32
C ASN A 145 58.48 -0.96 40.04
N ALA A 146 57.68 -1.28 41.05
CA ALA A 146 56.25 -1.37 40.88
C ALA A 146 55.62 0.01 40.94
N MET A 147 54.59 0.21 40.12
CA MET A 147 53.96 1.51 39.98
C MET A 147 52.69 1.60 40.82
N ARG A 148 52.43 2.80 41.34
CA ARG A 148 51.32 3.03 42.24
C ARG A 148 50.01 3.08 41.46
N VAL A 149 49.04 2.29 41.90
CA VAL A 149 47.71 2.26 41.30
C VAL A 149 46.78 3.05 42.23
N THR A 150 46.28 4.17 41.74
CA THR A 150 45.67 5.19 42.58
C THR A 150 44.16 5.15 42.52
N LEU A 151 43.52 5.79 43.50
CA LEU A 151 42.07 5.91 43.58
C LEU A 151 41.70 7.38 43.50
N ASP A 152 41.31 7.83 42.31
CA ASP A 152 41.14 9.26 42.07
C ASP A 152 39.70 9.68 42.32
N GLU A 153 39.55 10.94 42.72
CA GLU A 153 38.23 11.56 42.80
C GLU A 153 37.68 11.88 41.41
N ALA A 154 38.56 12.18 40.46
CA ALA A 154 38.14 12.62 39.14
C ALA A 154 38.49 11.66 38.02
N GLY A 155 39.65 11.03 38.07
CA GLY A 155 40.08 10.13 37.03
C GLY A 155 41.08 10.79 36.11
N ASN A 156 42.08 10.01 35.71
CA ASN A 156 43.16 10.55 34.88
C ASN A 156 43.60 9.50 33.89
N GLU A 157 44.74 9.77 33.24
CA GLU A 157 45.12 9.07 32.03
C GLU A 157 45.68 7.69 32.30
N GLY A 158 45.82 7.30 33.56
CA GLY A 158 46.20 5.94 33.89
C GLY A 158 44.99 5.03 34.00
N SER A 159 43.85 5.50 33.50
CA SER A 159 42.65 4.69 33.33
C SER A 159 42.64 3.99 31.98
N TRP A 160 43.79 3.88 31.33
CA TRP A 160 43.88 3.50 29.93
C TRP A 160 44.47 2.10 29.84
N PHE A 161 43.65 1.13 29.45
CA PHE A 161 43.92 -0.27 29.70
C PHE A 161 44.01 -1.04 28.39
N TYR A 162 44.35 -2.32 28.48
CA TYR A 162 44.30 -3.23 27.35
C TYR A 162 43.59 -4.50 27.77
N ILE A 163 42.33 -4.62 27.37
CA ILE A 163 41.54 -5.76 27.77
C ILE A 163 42.00 -7.00 27.00
N GLN A 164 42.83 -7.79 27.65
CA GLN A 164 43.59 -8.86 27.04
C GLN A 164 43.58 -10.05 27.99
N PRO A 165 43.27 -11.24 27.50
CA PRO A 165 43.30 -12.42 28.39
C PRO A 165 44.70 -12.88 28.73
N PHE A 166 44.80 -14.03 29.39
CA PHE A 166 46.03 -14.55 29.96
C PHE A 166 47.12 -14.80 28.93
N TYR A 167 46.90 -15.76 28.03
CA TYR A 167 47.83 -16.01 26.94
C TYR A 167 47.60 -15.07 25.77
N LYS A 168 46.41 -14.48 25.70
CA LYS A 168 45.79 -14.00 24.45
C LYS A 168 45.76 -15.12 23.40
N LEU A 169 45.34 -16.32 23.83
CA LEU A 169 45.00 -17.37 22.88
C LEU A 169 43.71 -17.03 22.16
N ARG A 170 42.75 -16.46 22.88
CA ARG A 170 41.51 -15.94 22.31
C ARG A 170 41.89 -14.76 21.42
N SER A 171 41.76 -14.95 20.11
CA SER A 171 42.38 -14.06 19.15
C SER A 171 41.65 -12.71 19.08
N ILE A 172 42.40 -11.69 18.65
CA ILE A 172 42.03 -10.30 18.86
C ILE A 172 40.87 -9.91 17.94
N GLY A 173 39.89 -9.22 18.51
CA GLY A 173 38.78 -8.70 17.75
C GLY A 173 37.44 -9.19 18.26
N ASP A 174 37.44 -10.42 18.79
CA ASP A 174 36.20 -11.04 19.24
C ASP A 174 35.75 -10.42 20.56
N SER A 175 34.51 -10.71 20.94
CA SER A 175 33.96 -10.28 22.21
C SER A 175 34.67 -10.97 23.36
N VAL A 176 34.54 -10.39 24.55
CA VAL A 176 35.25 -10.94 25.69
C VAL A 176 34.38 -11.98 26.38
N VAL A 177 34.90 -13.19 26.47
CA VAL A 177 34.18 -14.27 27.13
C VAL A 177 34.16 -14.02 28.63
N ILE A 178 33.00 -14.21 29.25
CA ILE A 178 32.88 -14.02 30.68
C ILE A 178 33.61 -15.18 31.35
N GLY A 179 34.81 -14.89 31.84
CA GLY A 179 35.65 -15.92 32.42
C GLY A 179 37.05 -15.86 31.85
N ASP A 180 37.28 -14.89 30.97
CA ASP A 180 38.61 -14.67 30.43
C ASP A 180 39.54 -14.17 31.53
N LYS A 181 40.75 -14.75 31.58
CA LYS A 181 41.72 -14.36 32.59
C LYS A 181 42.41 -13.07 32.17
N VAL A 182 41.75 -11.95 32.42
CA VAL A 182 42.06 -10.70 31.76
C VAL A 182 43.32 -10.04 32.29
N VAL A 183 44.41 -10.16 31.53
CA VAL A 183 45.67 -9.51 31.88
C VAL A 183 45.69 -8.16 31.19
N LEU A 184 45.42 -7.10 31.95
CA LEU A 184 45.38 -5.76 31.41
C LEU A 184 46.78 -5.20 31.20
N ASN A 185 46.84 -4.03 30.60
CA ASN A 185 48.11 -3.35 30.41
C ASN A 185 47.83 -1.85 30.36
N PRO A 186 48.48 -1.05 31.18
CA PRO A 186 48.41 0.40 31.03
C PRO A 186 49.00 0.87 29.71
N VAL A 187 48.26 1.75 29.03
CA VAL A 187 48.72 2.29 27.76
C VAL A 187 49.92 3.19 27.97
N ASN A 188 49.73 4.27 28.73
CA ASN A 188 50.78 5.27 28.89
C ASN A 188 51.84 4.82 29.89
N ALA A 189 51.41 4.17 30.97
CA ALA A 189 52.34 3.85 32.05
C ALA A 189 53.22 2.66 31.75
N GLY A 190 52.84 1.80 30.82
CA GLY A 190 53.69 0.67 30.51
C GLY A 190 53.35 -0.58 31.31
N GLN A 191 54.05 -0.76 32.44
CA GLN A 191 54.06 -1.89 33.37
C GLN A 191 52.68 -2.46 33.65
N PRO A 192 52.44 -3.72 33.33
CA PRO A 192 51.16 -4.35 33.66
C PRO A 192 51.00 -4.56 35.16
N LEU A 193 49.77 -4.86 35.56
CA LEU A 193 49.41 -4.95 36.97
C LEU A 193 49.97 -6.21 37.60
N HIS A 194 50.24 -6.13 38.90
CA HIS A 194 50.78 -7.25 39.65
C HIS A 194 49.98 -7.43 40.94
N ALA A 195 49.72 -8.67 41.29
CA ALA A 195 49.27 -9.03 42.64
C ALA A 195 50.51 -9.43 43.42
N SER A 196 51.21 -8.42 43.94
CA SER A 196 52.45 -8.65 44.66
C SER A 196 52.15 -9.19 46.05
N SER A 197 52.56 -10.43 46.29
CA SER A 197 52.28 -11.09 47.55
C SER A 197 53.16 -10.55 48.67
N HIS A 198 52.71 -9.50 49.36
CA HIS A 198 53.50 -8.87 50.40
C HIS A 198 52.59 -8.39 51.52
N GLN A 199 53.03 -8.60 52.77
CA GLN A 199 52.24 -8.25 53.93
C GLN A 199 52.09 -6.73 54.04
N LEU A 200 50.93 -6.29 54.50
CA LEU A 200 50.61 -4.87 54.52
C LEU A 200 50.23 -4.43 55.93
N VAL A 201 50.15 -3.11 56.11
CA VAL A 201 49.88 -2.54 57.42
C VAL A 201 48.44 -2.83 57.82
N ASP A 202 48.26 -3.32 59.06
CA ASP A 202 47.00 -3.82 59.62
C ASP A 202 46.43 -4.97 58.80
N ASN A 203 47.29 -5.74 58.16
CA ASN A 203 46.89 -6.68 57.12
C ASN A 203 47.79 -7.92 57.17
N PRO A 204 47.33 -9.01 57.78
CA PRO A 204 48.18 -10.21 57.85
C PRO A 204 48.54 -10.90 56.52
N GLY A 205 47.66 -11.16 55.54
CA GLY A 205 46.24 -10.89 55.42
C GLY A 205 45.84 -10.24 54.11
N CYS A 206 46.67 -9.31 53.64
CA CYS A 206 46.41 -8.62 52.39
C CYS A 206 47.71 -8.38 51.64
N ASN A 207 47.61 -8.27 50.32
CA ASN A 207 48.77 -8.17 49.45
C ASN A 207 48.57 -7.02 48.47
N GLU A 208 49.66 -6.34 48.17
CA GLU A 208 49.61 -5.04 47.51
C GLU A 208 49.27 -5.16 46.04
N VAL A 209 48.30 -4.35 45.61
CA VAL A 209 47.96 -4.23 44.19
C VAL A 209 48.85 -3.18 43.57
N ASN A 210 49.63 -3.57 42.57
CA ASN A 210 50.63 -2.68 41.99
C ASN A 210 50.91 -3.09 40.55
N SER A 211 51.76 -2.33 39.90
CA SER A 211 51.97 -2.44 38.46
C SER A 211 53.44 -2.73 38.15
N VAL A 212 53.73 -3.96 37.71
CA VAL A 212 55.07 -4.34 37.30
C VAL A 212 54.96 -5.57 36.38
N ASN A 213 55.97 -5.74 35.52
CA ASN A 213 56.06 -6.85 34.58
C ASN A 213 56.04 -8.20 35.28
N CYS A 214 54.97 -8.96 35.06
CA CYS A 214 54.76 -10.24 35.73
C CYS A 214 53.78 -11.04 34.88
N ASN A 215 53.21 -12.09 35.48
CA ASN A 215 52.26 -12.97 34.81
C ASN A 215 50.97 -13.08 35.63
N THR A 216 50.44 -11.93 36.03
CA THR A 216 49.28 -11.88 36.92
C THR A 216 47.98 -12.01 36.13
N SER A 217 47.26 -13.11 36.37
CA SER A 217 45.98 -13.34 35.70
C SER A 217 44.82 -12.83 36.54
N TRP A 218 43.65 -12.80 35.92
CA TRP A 218 42.44 -12.25 36.52
C TRP A 218 41.28 -13.15 36.13
N LYS A 219 40.06 -12.63 36.24
CA LYS A 219 38.90 -13.29 35.64
C LYS A 219 37.82 -12.26 35.40
N ILE A 220 37.15 -12.36 34.25
CA ILE A 220 35.87 -11.69 34.09
C ILE A 220 34.85 -12.39 34.96
N VAL A 221 34.35 -11.69 35.97
CA VAL A 221 33.41 -12.27 36.93
C VAL A 221 32.13 -11.47 36.88
N LEU A 222 31.12 -12.01 36.21
CA LEU A 222 29.81 -11.37 36.12
C LEU A 222 29.13 -11.33 37.48
N PHE A 223 28.47 -10.21 37.75
CA PHE A 223 27.50 -10.17 38.84
C PHE A 223 26.08 -10.02 38.33
N MET A 224 25.85 -9.13 37.36
CA MET A 224 24.50 -8.84 36.92
C MET A 224 24.54 -8.27 35.51
N LYS A 225 23.50 -8.54 34.74
CA LYS A 225 23.42 -8.07 33.36
C LYS A 225 23.27 -6.55 33.33
N TRP A 226 23.65 -5.99 32.18
CA TRP A 226 23.61 -4.54 31.98
C TRP A 226 22.20 -3.99 32.00
N SER A 227 21.21 -4.82 31.71
CA SER A 227 19.84 -4.34 31.60
C SER A 227 19.25 -4.00 32.97
N ASP A 228 19.92 -4.38 34.05
CA ASP A 228 19.56 -3.93 35.39
C ASP A 228 20.24 -2.63 35.78
N ASN A 229 20.62 -1.82 34.79
CA ASN A 229 21.06 -0.45 35.06
C ASN A 229 19.88 0.49 35.30
N LYS A 230 18.65 0.03 35.08
CA LYS A 230 17.47 0.81 35.42
C LYS A 230 17.39 0.99 36.92
N ASP A 231 17.56 2.23 37.38
CA ASP A 231 17.70 2.54 38.80
C ASP A 231 16.43 2.25 39.59
N ASP A 232 15.26 2.37 38.95
CA ASP A 232 14.00 1.97 39.58
C ASP A 232 13.95 0.47 39.83
N ILE A 233 14.50 -0.32 38.90
CA ILE A 233 14.38 -1.78 38.90
C ILE A 233 15.14 -2.33 40.10
N LEU A 234 14.40 -2.82 41.09
CA LEU A 234 15.00 -3.32 42.32
C LEU A 234 15.65 -4.67 42.08
N LYS A 235 16.88 -4.65 41.63
CA LYS A 235 17.64 -5.85 41.32
C LYS A 235 18.87 -5.92 42.23
N GLY A 236 19.70 -6.91 41.94
CA GLY A 236 20.99 -7.09 42.56
C GLY A 236 21.11 -7.08 44.05
N GLY A 237 22.11 -6.35 44.50
CA GLY A 237 22.40 -6.20 45.91
C GLY A 237 21.85 -4.88 46.35
N ASP A 238 21.03 -4.25 45.52
CA ASP A 238 20.54 -2.94 45.92
C ASP A 238 19.97 -3.02 47.34
N VAL A 239 20.01 -1.89 48.03
CA VAL A 239 19.66 -1.83 49.45
C VAL A 239 18.31 -1.16 49.61
N VAL A 240 17.60 -1.56 50.68
CA VAL A 240 16.23 -1.14 50.93
C VAL A 240 16.14 -0.63 52.36
N ARG A 241 14.93 -0.23 52.74
CA ARG A 241 14.60 0.01 54.14
C ARG A 241 13.37 -0.81 54.48
N LEU A 242 13.42 -1.53 55.59
CA LEU A 242 12.29 -2.32 56.05
C LEU A 242 11.41 -1.48 56.98
N PHE A 243 10.68 -0.57 56.36
CA PHE A 243 9.90 0.45 57.05
C PHE A 243 8.42 0.17 56.86
N HIS A 244 7.72 -0.08 57.97
CA HIS A 244 6.29 -0.31 57.92
C HIS A 244 5.57 1.03 57.72
N ALA A 245 4.32 0.96 57.25
CA ALA A 245 3.61 2.17 56.86
C ALA A 245 2.35 2.44 57.67
N GLU A 246 1.65 1.43 58.16
CA GLU A 246 0.48 1.72 58.98
C GLU A 246 0.92 2.11 60.39
N GLN A 247 2.07 1.58 60.82
CA GLN A 247 2.66 2.00 62.07
C GLN A 247 3.68 3.11 61.88
N GLU A 248 4.20 3.26 60.67
CA GLU A 248 5.26 4.22 60.32
C GLU A 248 6.51 4.02 61.18
N LYS A 249 6.97 2.77 61.23
CA LYS A 249 8.15 2.43 62.01
C LYS A 249 9.02 1.48 61.20
N PHE A 250 10.32 1.69 61.24
CA PHE A 250 11.26 0.81 60.54
C PHE A 250 11.68 -0.34 61.44
N LEU A 251 12.08 -1.44 60.82
CA LEU A 251 12.50 -2.64 61.54
C LEU A 251 13.93 -2.45 62.03
N THR A 252 14.08 -2.20 63.32
CA THR A 252 15.35 -1.81 63.91
C THR A 252 15.99 -2.99 64.63
N CYS A 253 17.28 -3.18 64.40
CA CYS A 253 18.05 -4.18 65.12
C CYS A 253 18.98 -3.50 66.12
N ASP A 254 19.22 -4.19 67.24
CA ASP A 254 20.13 -3.70 68.26
C ASP A 254 20.62 -4.86 69.12
N GLU A 255 21.89 -4.81 69.50
CA GLU A 255 22.46 -5.78 70.43
C GLU A 255 22.29 -5.24 71.84
N HIS A 256 21.05 -5.32 72.33
CA HIS A 256 20.72 -4.72 73.62
C HIS A 256 21.30 -5.51 74.77
N ARG A 257 20.92 -6.78 74.88
CA ARG A 257 21.36 -7.66 75.96
C ARG A 257 22.53 -8.52 75.50
N LYS A 258 23.43 -7.90 74.73
CA LYS A 258 24.46 -8.58 73.92
C LYS A 258 23.82 -9.63 73.02
N LYS A 259 22.69 -9.25 72.42
CA LYS A 259 21.94 -10.12 71.52
C LYS A 259 21.22 -9.23 70.53
N GLN A 260 21.40 -9.53 69.24
CA GLN A 260 20.93 -8.65 68.16
C GLN A 260 19.41 -8.71 68.08
N HIS A 261 18.76 -8.02 69.01
CA HIS A 261 17.31 -7.94 69.02
C HIS A 261 16.86 -7.08 67.87
N VAL A 262 16.03 -7.64 66.99
CA VAL A 262 15.51 -6.90 65.84
C VAL A 262 14.06 -6.57 66.14
N PHE A 263 13.70 -5.30 66.03
CA PHE A 263 12.45 -4.82 66.61
C PHE A 263 12.04 -3.56 65.87
N LEU A 264 11.23 -2.73 66.46
CA LEU A 264 11.14 -1.48 65.76
C LEU A 264 10.89 -0.38 66.73
N ARG A 265 11.54 0.74 66.51
CA ARG A 265 11.40 1.79 67.47
C ARG A 265 10.12 2.54 67.47
N THR A 266 9.82 3.04 68.65
CA THR A 266 8.66 3.83 68.91
C THR A 266 8.86 5.02 68.01
N THR A 267 7.80 5.32 67.28
CA THR A 267 7.85 6.39 66.33
C THR A 267 7.46 7.74 66.89
N GLY A 268 8.41 8.66 66.85
CA GLY A 268 8.23 10.04 67.26
C GLY A 268 7.59 10.82 66.12
N ARG A 269 7.10 12.02 66.43
CA ARG A 269 6.47 12.87 65.42
C ARG A 269 5.27 12.19 64.78
N GLN A 270 5.54 11.69 63.58
CA GLN A 270 4.63 11.00 62.66
C GLN A 270 3.70 11.98 62.00
N SER A 271 2.76 12.62 62.70
CA SER A 271 2.12 13.56 61.80
C SER A 271 3.05 13.95 60.66
N ALA A 272 4.34 13.92 60.91
CA ALA A 272 5.37 14.01 59.88
C ALA A 272 5.79 12.61 59.47
N THR A 273 6.70 12.56 58.49
CA THR A 273 7.15 11.29 57.97
C THR A 273 8.23 10.67 58.87
N SER A 274 8.91 9.66 58.33
CA SER A 274 9.92 8.92 59.08
C SER A 274 11.11 9.80 59.47
N ALA A 275 11.59 9.60 60.70
CA ALA A 275 12.91 10.08 61.08
C ALA A 275 13.99 9.19 60.49
N THR A 276 13.61 7.96 60.09
CA THR A 276 14.34 6.95 59.31
C THR A 276 15.80 6.76 59.71
N SER A 277 16.00 6.24 60.92
CA SER A 277 17.33 6.04 61.47
C SER A 277 18.13 4.99 60.70
N SER A 278 19.39 4.80 61.11
CA SER A 278 20.31 3.94 60.36
C SER A 278 20.12 2.47 60.67
N LYS A 279 19.07 2.10 61.40
CA LYS A 279 18.80 0.70 61.68
C LYS A 279 17.92 0.06 60.62
N ALA A 280 17.79 0.69 59.46
CA ALA A 280 17.08 0.12 58.32
C ALA A 280 18.03 -0.36 57.23
N LEU A 281 19.27 -0.67 57.58
CA LEU A 281 20.26 -1.15 56.61
C LEU A 281 19.90 -2.55 56.16
N TRP A 282 19.28 -2.67 55.00
CA TRP A 282 18.89 -3.99 54.50
C TRP A 282 19.14 -4.09 53.01
N GLU A 283 19.86 -5.14 52.64
CA GLU A 283 20.02 -5.53 51.25
C GLU A 283 19.44 -6.93 51.10
N VAL A 284 18.69 -7.13 50.03
CA VAL A 284 17.99 -8.39 49.77
C VAL A 284 18.49 -8.93 48.43
N GLU A 285 18.91 -10.19 48.42
CA GLU A 285 19.41 -10.81 47.21
C GLU A 285 18.79 -12.20 47.05
N VAL A 286 18.72 -12.63 45.79
CA VAL A 286 18.18 -13.94 45.46
C VAL A 286 19.27 -14.99 45.69
N VAL A 287 18.88 -16.25 45.69
CA VAL A 287 19.76 -17.36 46.05
C VAL A 287 19.93 -18.29 44.85
N GLN A 288 21.17 -18.44 44.40
CA GLN A 288 21.59 -19.58 43.58
C GLN A 288 23.08 -19.76 43.81
N HIS A 289 23.52 -21.02 43.75
CA HIS A 289 24.86 -21.38 44.19
C HIS A 289 25.93 -20.79 43.27
N ASP A 290 25.73 -20.92 41.96
CA ASP A 290 26.40 -19.84 41.25
C ASP A 290 25.59 -18.57 41.44
N PRO A 291 26.20 -17.49 41.92
CA PRO A 291 25.43 -16.31 42.33
C PRO A 291 24.74 -15.62 41.16
N CYS A 292 23.52 -15.15 41.44
CA CYS A 292 22.70 -14.37 40.51
C CYS A 292 22.39 -15.14 39.21
N ARG A 293 21.57 -16.19 39.34
CA ARG A 293 21.15 -16.97 38.18
C ARG A 293 20.24 -16.16 37.26
N GLY A 294 19.85 -16.78 36.14
CA GLY A 294 19.13 -16.09 35.10
C GLY A 294 17.63 -16.35 35.09
N GLY A 295 16.91 -15.40 34.52
CA GLY A 295 15.47 -15.49 34.33
C GLY A 295 14.72 -14.24 34.75
N ALA A 296 15.11 -13.64 35.88
CA ALA A 296 14.72 -12.29 36.31
C ALA A 296 13.21 -12.12 36.47
N GLY A 297 12.47 -13.20 36.69
CA GLY A 297 11.03 -13.11 36.76
C GLY A 297 10.55 -12.65 38.12
N TYR A 298 11.34 -12.99 39.15
CA TYR A 298 11.13 -12.61 40.55
C TYR A 298 9.82 -13.15 41.11
N TRP A 299 9.28 -14.21 40.52
CA TRP A 299 8.05 -14.81 41.00
C TRP A 299 8.33 -15.95 41.98
N ASN A 300 9.00 -16.99 41.50
CA ASN A 300 9.43 -18.10 42.33
C ASN A 300 10.78 -17.82 43.00
N SER A 301 11.26 -16.58 42.91
CA SER A 301 12.55 -16.22 43.45
C SER A 301 12.50 -16.13 44.97
N LEU A 302 13.60 -16.54 45.60
CA LEU A 302 13.63 -16.71 47.04
C LEU A 302 14.86 -15.98 47.57
N PHE A 303 14.76 -15.44 48.78
CA PHE A 303 15.60 -14.30 49.16
C PHE A 303 16.15 -14.41 50.57
N ARG A 304 17.41 -14.00 50.74
CA ARG A 304 18.03 -13.77 52.04
C ARG A 304 18.09 -12.28 52.35
N PHE A 305 18.17 -11.96 53.64
CA PHE A 305 18.10 -10.58 54.12
C PHE A 305 19.39 -10.23 54.85
N LYS A 306 20.03 -9.14 54.41
CA LYS A 306 21.41 -8.83 54.79
C LYS A 306 21.49 -7.43 55.37
N HIS A 307 22.06 -7.30 56.57
CA HIS A 307 22.33 -6.01 57.17
C HIS A 307 23.73 -5.54 56.80
N LEU A 308 23.87 -4.23 56.59
CA LEU A 308 25.09 -3.67 56.05
C LEU A 308 26.21 -3.62 57.07
N ALA A 309 26.02 -2.82 58.14
CA ALA A 309 27.13 -2.50 59.03
C ALA A 309 27.55 -3.69 59.88
N THR A 310 26.59 -4.43 60.40
CA THR A 310 26.87 -5.70 61.04
C THR A 310 27.22 -6.73 59.99
N GLY A 311 28.03 -7.69 60.39
CA GLY A 311 28.29 -8.84 59.55
C GLY A 311 27.28 -9.92 59.87
N HIS A 312 26.00 -9.61 59.68
CA HIS A 312 24.92 -10.45 60.15
C HIS A 312 23.78 -10.48 59.14
N TYR A 313 23.41 -11.67 58.70
CA TYR A 313 22.24 -11.86 57.86
C TYR A 313 21.03 -12.07 58.77
N LEU A 314 19.90 -12.43 58.19
CA LEU A 314 18.63 -12.44 58.92
C LEU A 314 17.90 -13.76 58.73
N ALA A 315 17.58 -14.41 59.85
CA ALA A 315 16.78 -15.62 59.90
C ALA A 315 15.66 -15.47 60.92
N ALA A 316 14.96 -16.58 61.16
CA ALA A 316 13.96 -16.66 62.21
C ALA A 316 13.77 -18.13 62.59
N GLU A 317 13.62 -18.39 63.88
CA GLU A 317 13.23 -19.70 64.37
C GLU A 317 12.16 -19.52 65.43
N VAL A 318 11.88 -20.59 66.16
CA VAL A 318 10.76 -20.61 67.09
C VAL A 318 11.13 -19.94 68.42
N ASP A 319 10.11 -19.38 69.08
CA ASP A 319 10.19 -18.67 70.36
C ASP A 319 10.33 -19.52 71.61
N PRO A 320 9.80 -20.75 71.62
CA PRO A 320 8.78 -21.14 72.62
C PRO A 320 8.97 -20.58 74.02
N ASP A 321 7.92 -19.93 74.51
CA ASP A 321 7.90 -19.33 75.83
C ASP A 321 7.84 -20.42 76.90
N TYR A 353 9.44 -17.91 64.50
CA TYR A 353 8.64 -17.15 65.46
C TYR A 353 9.47 -16.01 66.03
N SER A 354 10.79 -16.19 66.03
CA SER A 354 11.70 -15.22 66.62
C SER A 354 12.05 -14.16 65.59
N LEU A 355 12.79 -13.14 66.06
CA LEU A 355 13.35 -12.16 65.13
C LEU A 355 14.66 -11.66 65.71
N VAL A 356 15.76 -12.32 65.35
CA VAL A 356 17.12 -11.85 65.58
C VAL A 356 17.91 -12.09 64.29
N SER A 357 19.16 -11.62 64.29
CA SER A 357 19.97 -11.65 63.08
C SER A 357 21.09 -12.67 63.21
N VAL A 358 21.43 -13.31 62.10
CA VAL A 358 22.34 -14.45 62.11
C VAL A 358 23.63 -14.14 61.36
N PRO A 359 24.78 -14.66 61.82
CA PRO A 359 26.06 -14.28 61.19
C PRO A 359 26.36 -14.95 59.86
N GLU A 360 25.63 -15.98 59.45
CA GLU A 360 26.08 -16.83 58.36
C GLU A 360 25.06 -16.84 57.23
N GLY A 361 25.45 -17.45 56.12
CA GLY A 361 24.64 -17.43 54.91
C GLY A 361 24.44 -18.74 54.17
N ASN A 362 24.28 -19.85 54.90
CA ASN A 362 24.13 -21.14 54.26
C ASN A 362 22.88 -21.90 54.68
N ASP A 363 22.18 -21.44 55.71
CA ASP A 363 20.96 -22.08 56.17
C ASP A 363 19.80 -21.84 55.22
N ILE A 364 18.77 -22.67 55.34
CA ILE A 364 17.53 -22.46 54.61
C ILE A 364 16.60 -21.52 55.40
N SER A 365 16.65 -21.59 56.73
CA SER A 365 15.78 -20.84 57.63
C SER A 365 16.03 -19.34 57.62
N SER A 366 17.06 -18.87 56.92
CA SER A 366 17.22 -17.46 56.65
C SER A 366 16.66 -17.06 55.30
N ILE A 367 16.34 -18.04 54.44
CA ILE A 367 15.96 -17.71 53.08
C ILE A 367 14.46 -17.49 53.04
N PHE A 368 14.05 -16.22 53.15
CA PHE A 368 12.65 -15.86 53.26
C PHE A 368 12.07 -15.55 51.89
N GLU A 369 10.87 -14.98 51.85
CA GLU A 369 10.08 -14.98 50.63
C GLU A 369 9.28 -13.69 50.60
N LEU A 370 8.63 -13.41 49.46
CA LEU A 370 7.94 -12.15 49.27
C LEU A 370 6.55 -12.38 48.68
N ASP A 371 5.75 -11.31 48.70
CA ASP A 371 4.46 -11.27 48.00
C ASP A 371 4.28 -9.87 47.46
N PRO A 372 4.39 -9.68 46.14
CA PRO A 372 4.46 -8.33 45.58
C PRO A 372 3.13 -7.60 45.54
N THR A 373 2.97 -6.65 46.47
CA THR A 373 1.93 -5.62 46.55
C THR A 373 0.52 -6.14 46.78
N THR A 374 0.36 -7.47 46.75
CA THR A 374 -0.91 -8.18 46.83
C THR A 374 -1.94 -7.60 45.85
N LEU A 375 -1.64 -7.73 44.56
CA LEU A 375 -2.60 -7.36 43.53
C LEU A 375 -2.46 -8.31 42.36
N ARG A 376 -3.40 -8.19 41.41
CA ARG A 376 -3.49 -9.11 40.28
C ARG A 376 -2.39 -8.78 39.27
N GLY A 377 -1.19 -9.26 39.52
CA GLY A 377 -0.13 -8.96 38.58
C GLY A 377 0.78 -10.04 38.02
N GLY A 378 0.66 -10.28 36.73
CA GLY A 378 1.51 -11.21 36.01
C GLY A 378 2.69 -10.48 35.36
N ASP A 379 2.69 -9.16 35.55
CA ASP A 379 3.66 -8.23 35.01
C ASP A 379 4.77 -7.99 36.02
N SER A 380 4.74 -8.70 37.13
CA SER A 380 5.73 -8.47 38.14
C SER A 380 7.00 -9.12 37.72
N LEU A 381 7.60 -8.68 36.63
CA LEU A 381 8.87 -9.37 36.47
C LEU A 381 9.95 -8.75 37.33
N VAL A 382 9.98 -7.42 37.43
CA VAL A 382 10.82 -6.71 38.41
C VAL A 382 9.94 -5.70 39.13
N PRO A 383 9.59 -5.91 40.39
CA PRO A 383 8.82 -4.91 41.14
C PRO A 383 9.64 -3.69 41.48
N ARG A 384 8.97 -2.67 42.03
CA ARG A 384 9.61 -1.37 42.24
C ARG A 384 8.98 -0.69 43.46
N ASN A 385 9.76 -0.62 44.55
CA ASN A 385 9.63 0.39 45.62
C ASN A 385 8.24 0.43 46.24
N SER A 386 7.61 -0.72 46.38
CA SER A 386 6.21 -0.77 46.75
C SER A 386 6.03 -1.84 47.82
N TYR A 387 4.77 -2.17 48.09
CA TYR A 387 4.40 -2.99 49.23
C TYR A 387 4.87 -4.43 49.04
N VAL A 388 5.33 -5.05 50.13
CA VAL A 388 5.79 -6.43 50.11
C VAL A 388 5.14 -7.20 51.25
N ARG A 389 5.40 -8.50 51.26
CA ARG A 389 5.00 -9.39 52.35
C ARG A 389 6.02 -10.52 52.46
N LEU A 390 5.68 -11.55 53.23
CA LEU A 390 6.56 -12.71 53.38
C LEU A 390 5.74 -13.98 53.53
N ARG A 391 6.18 -15.04 52.86
CA ARG A 391 5.78 -16.41 53.15
C ARG A 391 6.98 -17.09 53.78
N HIS A 392 6.75 -18.14 54.56
CA HIS A 392 7.90 -18.90 54.99
C HIS A 392 8.03 -20.14 54.11
N LEU A 393 9.17 -20.81 54.21
CA LEU A 393 9.39 -22.06 53.51
C LEU A 393 9.25 -23.27 54.40
N CYS A 394 10.00 -23.32 55.50
CA CYS A 394 9.97 -24.47 56.40
C CYS A 394 8.69 -24.49 57.23
N THR A 395 8.48 -23.47 58.06
CA THR A 395 7.23 -23.36 58.78
C THR A 395 6.07 -23.03 57.85
N ASN A 396 6.37 -22.33 56.75
CA ASN A 396 5.52 -22.22 55.56
C ASN A 396 4.21 -21.50 55.89
N THR A 397 4.34 -20.39 56.62
CA THR A 397 3.20 -19.57 57.02
C THR A 397 3.47 -18.14 56.60
N TRP A 398 2.45 -17.29 56.77
CA TRP A 398 2.61 -15.86 56.55
C TRP A 398 3.39 -15.27 57.73
N VAL A 399 3.71 -13.99 57.67
CA VAL A 399 4.40 -13.29 58.75
C VAL A 399 3.50 -12.17 59.24
N HIS A 400 3.04 -12.29 60.47
CA HIS A 400 2.23 -11.25 61.10
C HIS A 400 3.13 -10.17 61.69
N SER A 401 2.52 -9.06 62.06
CA SER A 401 3.21 -7.97 62.73
C SER A 401 2.32 -7.40 63.83
N THR A 402 1.69 -8.29 64.60
CA THR A 402 0.80 -7.86 65.67
C THR A 402 1.62 -7.28 66.83
N ASN A 403 1.32 -6.04 67.20
CA ASN A 403 2.12 -5.29 68.16
C ASN A 403 1.89 -5.85 69.57
N ILE A 404 2.90 -6.55 70.09
CA ILE A 404 2.85 -7.03 71.47
C ILE A 404 4.07 -6.48 72.21
N PRO A 405 3.90 -5.48 73.06
CA PRO A 405 5.03 -4.99 73.87
C PRO A 405 5.47 -6.04 74.88
N ILE A 406 6.78 -6.09 75.13
CA ILE A 406 7.35 -7.17 75.93
C ILE A 406 8.10 -6.67 77.16
N ASP A 407 9.17 -5.89 76.97
CA ASP A 407 10.10 -5.65 78.06
C ASP A 407 9.65 -4.53 78.97
N LYS A 408 9.93 -4.70 80.27
CA LYS A 408 9.75 -3.64 81.26
C LYS A 408 11.03 -2.84 81.48
N GLU A 409 12.00 -2.98 80.58
CA GLU A 409 13.25 -2.22 80.68
C GLU A 409 13.00 -0.73 80.49
N GLU A 410 12.19 -0.39 79.50
CA GLU A 410 11.93 1.01 79.16
C GLU A 410 10.64 1.11 78.39
N GLU A 411 9.80 2.08 78.78
CA GLU A 411 8.61 2.41 78.02
C GLU A 411 9.01 3.06 76.70
N LYS A 412 8.05 3.07 75.74
CA LYS A 412 8.31 3.23 74.30
C LYS A 412 9.36 2.19 73.94
N PRO A 413 8.98 0.92 73.90
CA PRO A 413 9.93 -0.16 74.18
C PRO A 413 10.92 -0.43 73.07
N VAL A 414 11.87 -1.32 73.38
CA VAL A 414 12.92 -1.73 72.46
C VAL A 414 12.95 -3.23 72.23
N MET A 415 11.94 -3.97 72.70
CA MET A 415 11.84 -5.41 72.48
C MET A 415 10.43 -5.76 72.07
N LEU A 416 10.27 -6.28 70.84
CA LEU A 416 8.98 -6.71 70.33
C LEU A 416 9.07 -8.13 69.78
N LYS A 417 8.02 -8.59 69.11
CA LYS A 417 7.97 -9.96 68.59
C LYS A 417 7.45 -9.93 67.17
N ILE A 418 8.18 -10.59 66.26
CA ILE A 418 7.76 -10.77 64.88
C ILE A 418 7.91 -12.25 64.55
N GLY A 419 6.78 -12.91 64.31
CA GLY A 419 6.72 -14.33 64.10
C GLY A 419 6.06 -14.72 62.80
N THR A 420 5.94 -16.04 62.62
CA THR A 420 5.46 -16.63 61.37
C THR A 420 4.13 -17.31 61.62
N SER A 421 3.05 -16.64 61.26
CA SER A 421 1.71 -17.18 61.48
C SER A 421 0.91 -17.14 60.19
N PRO A 422 0.11 -18.16 59.91
CA PRO A 422 -0.52 -18.29 58.59
C PRO A 422 -1.71 -17.36 58.33
N LEU A 423 -1.88 -16.31 59.12
CA LEU A 423 -2.85 -15.28 58.82
C LEU A 423 -2.16 -14.05 58.25
N LYS A 424 -2.94 -13.23 57.53
CA LYS A 424 -2.41 -12.02 56.93
C LYS A 424 -3.50 -10.94 56.98
N GLU A 425 -3.10 -9.73 57.36
CA GLU A 425 -4.04 -8.64 57.50
C GLU A 425 -3.50 -7.46 56.70
N ASP A 426 -4.23 -6.35 56.70
CA ASP A 426 -3.73 -5.09 56.17
C ASP A 426 -2.52 -4.55 56.93
N LYS A 427 -2.36 -4.94 58.20
CA LYS A 427 -1.33 -4.41 59.09
C LYS A 427 0.08 -4.86 58.72
N GLU A 428 0.25 -5.65 57.67
CA GLU A 428 1.56 -6.07 57.20
C GLU A 428 2.09 -5.16 56.11
N ALA A 429 1.75 -3.87 56.16
CA ALA A 429 2.13 -2.92 55.14
C ALA A 429 3.62 -2.61 55.24
N PHE A 430 4.44 -3.51 54.70
CA PHE A 430 5.87 -3.29 54.58
C PHE A 430 6.18 -3.00 53.12
N ALA A 431 7.06 -2.05 52.89
CA ALA A 431 7.40 -1.64 51.54
C ALA A 431 8.88 -1.43 51.40
N ILE A 432 9.28 -0.77 50.31
CA ILE A 432 10.68 -0.64 49.97
C ILE A 432 11.02 0.81 49.71
N VAL A 433 12.02 1.32 50.42
CA VAL A 433 12.59 2.63 50.12
C VAL A 433 13.63 2.49 49.03
N PRO A 434 13.50 3.18 47.92
CA PRO A 434 14.67 3.38 47.06
C PRO A 434 15.63 4.32 47.78
N VAL A 435 16.67 3.74 48.34
CA VAL A 435 17.53 4.44 49.29
C VAL A 435 18.49 5.32 48.51
N SER A 436 18.69 6.55 48.98
CA SER A 436 19.63 7.47 48.35
C SER A 436 21.06 6.92 48.47
N PRO A 437 21.73 6.68 47.36
CA PRO A 437 23.09 6.11 47.46
C PRO A 437 24.19 6.93 48.15
N ALA A 438 24.28 8.22 47.86
CA ALA A 438 25.42 8.99 48.37
C ALA A 438 25.60 9.00 49.87
N GLU A 439 24.49 9.16 50.56
CA GLU A 439 24.51 9.23 52.00
C GLU A 439 25.09 7.97 52.62
N VAL A 440 24.72 6.82 52.08
CA VAL A 440 25.19 5.59 52.60
C VAL A 440 26.68 5.52 52.51
N ARG A 441 27.21 5.86 51.35
CA ARG A 441 28.64 5.77 51.17
C ARG A 441 29.36 6.71 52.12
N ASP A 442 28.84 7.91 52.26
CA ASP A 442 29.50 8.89 53.11
C ASP A 442 29.58 8.37 54.52
N LEU A 443 28.47 7.87 54.99
CA LEU A 443 28.40 7.38 56.33
C LEU A 443 29.33 6.23 56.55
N ASP A 444 29.38 5.31 55.60
CA ASP A 444 30.21 4.18 55.80
C ASP A 444 31.65 4.55 55.90
N PHE A 445 32.09 5.45 55.03
CA PHE A 445 33.49 5.82 55.14
C PHE A 445 33.76 6.52 56.47
N ALA A 446 32.84 7.39 56.90
CA ALA A 446 33.06 8.05 58.16
C ALA A 446 33.11 7.06 59.30
N ASN A 447 32.22 6.09 59.30
CA ASN A 447 32.22 5.15 60.38
C ASN A 447 33.51 4.34 60.41
N ASP A 448 33.98 3.92 59.24
CA ASP A 448 35.19 3.13 59.26
C ASP A 448 36.39 3.94 59.71
N ALA A 449 36.42 5.20 59.28
CA ALA A 449 37.50 6.11 59.64
C ALA A 449 37.52 6.33 61.15
N SER A 450 36.33 6.48 61.72
CA SER A 450 36.19 6.67 63.14
C SER A 450 36.74 5.48 63.87
N LYS A 451 36.41 4.27 63.39
CA LYS A 451 36.93 3.08 64.06
C LYS A 451 38.44 3.10 64.01
N VAL A 452 39.00 3.39 62.84
CA VAL A 452 40.45 3.48 62.78
C VAL A 452 40.80 4.67 63.64
N LEU A 453 40.05 5.77 63.45
CA LEU A 453 40.35 6.88 64.29
C LEU A 453 40.50 6.42 65.73
N GLY A 454 39.64 5.51 66.18
CA GLY A 454 39.73 4.96 67.51
C GLY A 454 41.03 4.22 67.64
N SER A 455 41.39 3.44 66.62
CA SER A 455 42.67 2.74 66.69
C SER A 455 43.87 3.70 66.77
N ILE A 456 43.79 4.82 66.04
CA ILE A 456 44.84 5.85 66.02
C ILE A 456 45.00 6.47 67.40
N ALA A 457 43.84 6.69 68.02
CA ALA A 457 43.75 7.24 69.35
C ALA A 457 44.42 6.28 70.31
N GLY A 458 44.18 4.99 70.15
CA GLY A 458 44.80 3.99 70.99
C GLY A 458 46.32 4.05 70.84
N LYS A 459 46.81 4.21 69.62
CA LYS A 459 48.26 4.31 69.43
C LYS A 459 48.80 5.49 70.21
N LEU A 460 48.13 6.63 70.09
CA LEU A 460 48.62 7.79 70.82
C LEU A 460 48.61 7.57 72.33
N GLU A 461 47.55 6.92 72.83
CA GLU A 461 47.39 6.62 74.24
C GLU A 461 48.48 5.74 74.80
N LYS A 462 48.89 4.73 74.03
CA LYS A 462 49.89 3.80 74.56
C LYS A 462 51.17 4.53 74.89
N GLY A 463 51.44 5.50 74.04
CA GLY A 463 52.61 6.35 74.06
C GLY A 463 52.46 7.52 73.10
N THR A 464 53.45 7.71 72.25
CA THR A 464 53.37 8.68 71.17
C THR A 464 52.87 7.99 69.90
N ILE A 465 52.84 8.76 68.81
CA ILE A 465 52.49 8.22 67.50
C ILE A 465 53.70 8.38 66.60
N THR A 466 53.59 7.91 65.36
CA THR A 466 54.71 8.00 64.43
C THR A 466 54.59 9.31 63.64
N GLN A 467 55.43 9.44 62.61
CA GLN A 467 55.51 10.70 61.87
C GLN A 467 54.38 10.83 60.86
N ASN A 468 54.30 9.92 59.90
CA ASN A 468 53.47 10.09 58.72
C ASN A 468 51.98 9.87 59.00
N GLU A 469 51.62 9.40 60.19
CA GLU A 469 50.23 9.39 60.60
C GLU A 469 49.66 10.81 60.70
N ARG A 470 50.49 11.77 61.12
CA ARG A 470 50.10 13.17 61.07
C ARG A 470 49.92 13.64 59.64
N ARG A 471 50.79 13.17 58.74
CA ARG A 471 50.74 13.58 57.34
C ARG A 471 49.60 12.91 56.57
N SER A 472 49.00 11.86 57.12
CA SER A 472 48.01 11.08 56.40
C SER A 472 46.58 11.39 56.83
N VAL A 473 46.28 11.21 58.11
CA VAL A 473 44.89 11.03 58.54
C VAL A 473 44.53 12.02 59.65
N THR A 474 45.53 12.58 60.32
CA THR A 474 45.27 13.46 61.45
C THR A 474 44.68 14.79 61.00
N LYS A 475 45.23 15.38 59.94
CA LYS A 475 44.65 16.58 59.34
C LYS A 475 43.41 16.29 58.51
N LEU A 476 43.10 15.01 58.27
CA LEU A 476 41.93 14.60 57.51
C LEU A 476 40.67 14.56 58.39
N LEU A 477 40.75 15.11 59.60
CA LEU A 477 39.62 15.13 60.51
C LEU A 477 38.47 15.96 59.97
N GLU A 478 38.69 17.27 59.77
CA GLU A 478 37.58 18.12 59.38
C GLU A 478 37.27 18.01 57.89
N ASP A 479 38.19 17.44 57.11
CA ASP A 479 37.90 17.14 55.71
C ASP A 479 36.77 16.12 55.62
N LEU A 480 36.72 15.17 56.54
CA LEU A 480 35.56 14.30 56.64
C LEU A 480 34.36 15.07 57.19
N VAL A 481 34.59 16.04 58.06
CA VAL A 481 33.49 16.87 58.57
C VAL A 481 32.97 17.79 57.47
N TYR A 482 33.87 18.55 56.84
CA TYR A 482 33.47 19.44 55.76
C TYR A 482 33.18 18.72 54.45
N PHE A 483 33.20 17.38 54.43
CA PHE A 483 32.76 16.65 53.25
C PHE A 483 31.27 16.89 52.97
N VAL A 484 30.41 16.48 53.91
CA VAL A 484 29.00 16.86 53.83
C VAL A 484 28.70 18.07 54.69
N THR A 485 29.74 18.75 55.20
CA THR A 485 29.77 20.04 55.89
C THR A 485 29.23 19.92 57.32
N GLY A 486 28.58 18.80 57.65
CA GLY A 486 28.10 18.53 59.00
C GLY A 486 27.05 19.45 59.56
N GLY A 487 26.55 20.41 58.78
CA GLY A 487 25.69 21.46 59.32
C GLY A 487 26.40 22.39 60.28
N THR A 488 27.72 22.52 60.15
CA THR A 488 28.50 23.27 61.12
C THR A 488 28.44 24.78 60.89
N ASN A 489 27.84 25.23 59.79
CA ASN A 489 27.69 26.64 59.52
C ASN A 489 26.44 26.81 58.66
N SER A 490 25.58 27.74 59.06
CA SER A 490 24.32 27.92 58.35
C SER A 490 23.91 29.38 58.47
N GLY A 491 22.67 29.69 58.11
CA GLY A 491 22.12 31.02 58.27
C GLY A 491 21.59 31.24 59.67
N GLN A 492 20.65 32.18 59.78
CA GLN A 492 20.12 32.52 61.08
C GLN A 492 18.70 33.03 60.92
N ASP A 493 17.80 32.48 61.74
CA ASP A 493 16.37 32.78 61.71
C ASP A 493 15.85 32.40 63.10
N VAL A 494 14.54 32.20 63.23
CA VAL A 494 14.00 31.64 64.47
C VAL A 494 14.55 30.21 64.65
N LEU A 495 14.50 29.72 65.90
CA LEU A 495 15.43 28.69 66.40
C LEU A 495 15.26 27.33 65.69
N GLU A 496 14.09 27.06 65.13
CA GLU A 496 13.85 25.79 64.44
C GLU A 496 14.44 25.85 63.04
N VAL A 497 15.36 24.93 62.74
CA VAL A 497 15.96 24.87 61.40
C VAL A 497 14.95 24.31 60.43
N VAL A 498 14.69 25.04 59.34
CA VAL A 498 13.61 24.66 58.43
C VAL A 498 14.07 24.44 57.00
N PHE A 499 14.52 25.50 56.33
CA PHE A 499 14.48 25.45 54.87
C PHE A 499 15.67 24.78 54.19
N SER A 500 16.84 25.44 54.15
CA SER A 500 17.94 24.91 53.34
C SER A 500 19.27 25.56 53.76
N LYS A 501 20.12 24.77 54.46
CA LYS A 501 21.59 24.78 54.51
C LYS A 501 21.88 23.56 55.41
N PRO A 502 23.14 23.14 55.65
CA PRO A 502 23.55 21.75 55.37
C PRO A 502 22.84 20.68 56.19
N ASN A 503 23.02 19.44 55.76
CA ASN A 503 22.23 18.34 56.27
C ASN A 503 22.13 18.02 57.74
N ARG A 504 20.87 17.99 58.20
CA ARG A 504 20.51 17.61 59.56
C ARG A 504 20.75 16.11 59.66
N GLU A 505 20.47 15.38 58.59
CA GLU A 505 20.71 13.95 58.63
C GLU A 505 22.19 13.74 58.82
N ARG A 506 23.00 14.48 58.06
CA ARG A 506 24.43 14.35 58.16
C ARG A 506 24.82 14.73 59.55
N GLN A 507 24.31 15.81 60.12
CA GLN A 507 24.74 16.16 61.47
C GLN A 507 24.40 15.12 62.52
N LYS A 508 23.18 14.60 62.46
CA LYS A 508 22.81 13.61 63.44
C LYS A 508 23.62 12.32 63.26
N LEU A 509 23.91 11.96 62.01
CA LEU A 509 24.73 10.81 61.65
C LEU A 509 26.15 10.99 62.14
N MET A 510 26.63 12.22 62.09
CA MET A 510 27.94 12.62 62.55
C MET A 510 27.96 12.36 64.04
N ARG A 511 26.88 12.75 64.73
CA ARG A 511 26.76 12.48 66.15
C ARG A 511 26.79 10.96 66.37
N GLU A 512 26.17 10.31 65.36
CA GLU A 512 25.90 8.88 65.19
C GLU A 512 26.97 7.79 65.06
N GLN A 513 28.04 7.91 64.27
CA GLN A 513 29.06 6.82 64.17
C GLN A 513 30.12 7.02 65.28
N ASN A 514 29.67 7.04 66.54
CA ASN A 514 30.39 7.40 67.76
C ASN A 514 31.09 8.72 67.56
N ILE A 515 30.47 9.49 66.69
CA ILE A 515 30.97 10.80 66.70
C ILE A 515 31.36 10.93 68.21
N LEU A 516 30.66 10.24 69.13
CA LEU A 516 30.94 10.17 70.56
C LEU A 516 32.28 9.53 70.79
N LYS A 517 32.55 8.50 70.00
CA LYS A 517 33.81 7.79 70.03
C LYS A 517 34.92 8.76 69.62
N GLN A 518 34.65 9.59 68.62
CA GLN A 518 35.61 10.61 68.20
C GLN A 518 35.82 11.59 69.31
N ILE A 519 34.76 11.95 70.04
CA ILE A 519 34.91 12.84 71.15
C ILE A 519 35.83 12.21 72.16
N PHE A 520 35.67 10.92 72.47
CA PHE A 520 36.58 10.31 73.41
C PHE A 520 38.02 10.32 72.87
N LYS A 521 38.19 10.07 71.58
CA LYS A 521 39.52 10.07 70.99
C LYS A 521 40.15 11.48 71.12
N LEU A 522 39.37 12.53 70.87
CA LEU A 522 39.86 13.89 70.99
C LEU A 522 40.20 14.20 72.43
N LEU A 523 39.40 13.68 73.36
CA LEU A 523 39.66 13.88 74.77
C LEU A 523 41.01 13.29 75.06
N GLN A 524 41.25 12.08 74.59
CA GLN A 524 42.50 11.43 74.82
C GLN A 524 43.64 12.24 74.24
N ALA A 525 43.53 12.83 73.06
CA ALA A 525 44.69 13.58 72.57
C ALA A 525 45.06 14.76 73.48
N PRO A 526 44.09 15.65 73.77
CA PRO A 526 44.49 16.64 74.76
C PRO A 526 44.87 16.13 76.14
N PHE A 527 44.22 15.08 76.62
CA PHE A 527 44.53 14.52 77.92
C PHE A 527 45.95 13.98 77.95
N THR A 528 46.37 13.33 76.86
CA THR A 528 47.70 12.78 76.73
C THR A 528 48.69 13.92 76.74
N ASP A 529 48.37 15.01 76.04
CA ASP A 529 49.29 16.13 76.07
C ASP A 529 49.45 16.66 77.48
N CYS A 530 48.34 16.78 78.22
CA CYS A 530 48.44 17.28 79.58
C CYS A 530 49.28 16.36 80.44
N GLY A 531 49.09 15.06 80.29
CA GLY A 531 49.86 14.10 81.07
C GLY A 531 51.33 14.18 80.75
N ASP A 532 51.65 14.33 79.47
CA ASP A 532 53.02 14.39 79.00
C ASP A 532 53.04 14.91 77.57
N HIS A 546 51.12 21.08 71.33
CA HIS A 546 50.74 22.26 70.58
C HIS A 546 50.74 22.02 69.06
N ALA A 547 51.39 22.94 68.35
CA ALA A 547 51.61 22.87 66.90
C ALA A 547 50.39 22.87 65.97
N PRO A 548 50.62 22.30 64.78
CA PRO A 548 49.68 22.13 63.66
C PRO A 548 48.55 21.24 64.10
N PHE A 549 48.88 20.18 64.84
CA PHE A 549 47.87 19.28 65.32
C PHE A 549 46.93 20.06 66.24
N ARG A 550 47.50 20.88 67.14
CA ARG A 550 46.67 21.65 68.03
C ARG A 550 45.78 22.60 67.24
N HIS A 551 46.34 23.26 66.23
CA HIS A 551 45.54 24.20 65.46
C HIS A 551 44.38 23.51 64.75
N ILE A 552 44.67 22.35 64.18
CA ILE A 552 43.67 21.60 63.46
C ILE A 552 42.56 21.19 64.39
N CYS A 553 42.93 20.72 65.58
CA CYS A 553 41.94 20.31 66.55
C CYS A 553 41.09 21.49 67.00
N ARG A 554 41.62 22.71 67.01
CA ARG A 554 40.82 23.85 67.49
C ARG A 554 39.54 24.14 66.66
N LEU A 555 39.69 24.20 65.35
CA LEU A 555 38.57 24.45 64.43
C LEU A 555 37.56 23.32 64.44
N CYS A 556 38.08 22.10 64.62
CA CYS A 556 37.28 20.88 64.72
C CYS A 556 36.38 21.01 65.96
N TYR A 557 36.95 21.53 67.05
CA TYR A 557 36.21 21.76 68.27
C TYR A 557 35.11 22.79 68.00
N ARG A 558 35.44 23.82 67.22
CA ARG A 558 34.41 24.81 66.87
C ARG A 558 33.26 24.14 66.12
N VAL A 559 33.58 23.26 65.18
CA VAL A 559 32.54 22.56 64.43
C VAL A 559 31.67 21.70 65.34
N LEU A 560 32.31 21.04 66.31
CA LEU A 560 31.58 20.21 67.28
C LEU A 560 30.59 21.05 68.08
N ARG A 561 31.07 22.23 68.47
CA ARG A 561 30.22 23.13 69.23
C ARG A 561 29.02 23.48 68.37
N HIS A 562 29.25 23.82 67.10
CA HIS A 562 28.11 24.16 66.26
C HIS A 562 27.14 23.01 66.11
N SER A 563 27.64 21.80 65.94
CA SER A 563 26.72 20.70 65.76
C SER A 563 25.85 20.53 67.00
N GLN A 564 26.40 20.57 68.21
CA GLN A 564 25.50 20.43 69.38
C GLN A 564 24.55 21.61 69.50
N GLN A 565 25.05 22.80 69.21
CA GLN A 565 24.23 24.00 69.31
C GLN A 565 23.03 23.97 68.37
N ASP A 566 23.27 23.53 67.14
CA ASP A 566 22.21 23.42 66.13
C ASP A 566 21.15 22.39 66.49
N TYR A 567 21.61 21.27 67.04
CA TYR A 567 20.72 20.16 67.39
C TYR A 567 19.74 20.41 68.54
N ARG A 568 18.56 19.80 68.39
CA ARG A 568 17.48 19.87 69.38
C ARG A 568 16.99 18.44 69.55
N LYS A 569 16.52 18.06 70.73
CA LYS A 569 16.07 16.68 70.91
C LYS A 569 17.19 15.67 70.63
N ASN A 570 18.43 16.14 70.57
CA ASN A 570 19.49 15.35 69.97
C ASN A 570 20.84 15.54 70.66
N GLN A 571 20.88 16.33 71.70
CA GLN A 571 22.19 16.70 72.22
C GLN A 571 22.52 16.40 73.68
N GLU A 572 21.91 15.39 74.27
CA GLU A 572 22.15 15.22 75.71
C GLU A 572 23.56 14.98 76.21
N TYR A 573 24.25 13.98 75.68
CA TYR A 573 25.57 13.78 76.22
C TYR A 573 26.65 14.58 75.63
N ILE A 574 26.36 15.15 74.47
CA ILE A 574 27.28 16.09 73.86
C ILE A 574 27.25 17.29 74.82
N ALA A 575 26.04 17.69 75.24
CA ALA A 575 25.94 18.79 76.16
C ALA A 575 26.64 18.42 77.46
N LYS A 576 26.46 17.19 77.94
CA LYS A 576 27.09 16.84 79.20
C LYS A 576 28.60 16.95 79.10
N GLN A 577 29.02 16.57 77.92
CA GLN A 577 30.34 16.54 77.38
C GLN A 577 30.98 17.95 77.27
N PHE A 578 30.21 18.95 76.92
CA PHE A 578 30.80 20.29 76.72
C PHE A 578 31.60 20.91 77.86
N GLY A 579 31.21 20.63 79.10
CA GLY A 579 31.87 21.28 80.22
C GLY A 579 33.34 21.02 80.36
N PHE A 580 33.74 19.79 80.15
CA PHE A 580 35.14 19.41 80.25
C PHE A 580 35.97 20.13 79.18
N MET A 581 35.41 20.22 77.98
CA MET A 581 36.06 20.92 76.89
C MET A 581 36.18 22.40 77.22
N GLN A 582 35.15 22.96 77.83
CA GLN A 582 35.19 24.35 78.24
C GLN A 582 36.30 24.56 79.26
N LYS A 583 36.44 23.63 80.19
CA LYS A 583 37.48 23.76 81.18
C LYS A 583 38.83 23.74 80.48
N GLN A 584 39.03 22.84 79.53
CA GLN A 584 40.31 22.82 78.84
C GLN A 584 40.57 24.11 78.07
N ILE A 585 39.53 24.66 77.45
CA ILE A 585 39.71 25.89 76.68
C ILE A 585 38.39 26.61 76.48
N THR A 596 26.94 27.25 74.96
CA THR A 596 25.55 26.82 74.86
C THR A 596 24.97 26.38 76.20
N ALA A 597 25.55 26.81 77.32
CA ALA A 597 24.91 26.57 78.60
C ALA A 597 23.61 27.36 78.68
N LEU A 598 23.61 28.56 78.11
CA LEU A 598 22.37 29.26 77.83
C LEU A 598 22.23 29.57 76.34
N LEU A 599 23.36 29.55 75.60
CA LEU A 599 23.35 30.02 74.21
C LEU A 599 22.52 29.12 73.30
N HIS A 600 22.91 27.87 73.12
CA HIS A 600 21.93 26.84 72.84
C HIS A 600 21.09 26.70 74.10
N ASN A 601 19.80 26.50 73.92
CA ASN A 601 18.85 26.66 75.03
C ASN A 601 19.04 25.63 76.12
N ASN A 602 18.82 24.36 75.79
CA ASN A 602 18.77 23.33 76.81
C ASN A 602 17.65 23.62 77.81
N ARG A 603 16.39 23.48 77.47
CA ARG A 603 15.53 23.89 78.57
C ARG A 603 16.08 22.98 79.66
N LYS A 604 16.11 21.69 79.37
CA LYS A 604 16.69 20.73 80.27
C LYS A 604 18.18 21.01 80.28
N LEU A 605 18.73 21.24 79.09
CA LEU A 605 20.15 21.51 78.90
C LEU A 605 20.56 22.79 79.59
N LEU A 606 19.71 23.81 79.51
CA LEU A 606 20.05 25.06 80.17
C LEU A 606 20.14 24.78 81.66
N GLU A 607 19.16 24.04 82.21
CA GLU A 607 19.22 23.73 83.63
C GLU A 607 20.45 22.91 83.99
N LYS A 608 20.80 21.96 83.14
CA LYS A 608 21.93 21.10 83.36
C LYS A 608 23.25 21.85 83.39
N HIS A 609 23.41 22.85 82.52
CA HIS A 609 24.66 23.60 82.45
C HIS A 609 24.77 24.28 83.79
N ILE A 610 23.63 24.34 84.44
CA ILE A 610 23.45 24.98 85.72
C ILE A 610 24.03 24.08 86.80
N THR A 611 25.19 23.53 86.51
CA THR A 611 25.83 22.75 87.54
C THR A 611 26.29 23.93 88.37
N ALA A 612 25.85 23.96 89.63
CA ALA A 612 26.20 25.07 90.53
C ALA A 612 27.70 25.06 90.75
N ALA A 613 28.23 23.86 90.93
CA ALA A 613 29.66 23.66 91.08
C ALA A 613 30.35 24.09 89.80
N GLU A 614 29.78 23.79 88.63
CA GLU A 614 30.44 24.19 87.40
C GLU A 614 30.54 25.70 87.36
N ILE A 615 29.46 26.40 87.71
CA ILE A 615 29.50 27.85 87.69
C ILE A 615 30.54 28.35 88.69
N ASP A 616 30.57 27.75 89.87
CA ASP A 616 31.49 28.18 90.89
C ASP A 616 32.93 27.98 90.44
N THR A 617 33.19 26.85 89.80
CA THR A 617 34.53 26.52 89.33
C THR A 617 34.96 27.52 88.29
N PHE A 618 34.05 27.86 87.39
CA PHE A 618 34.38 28.81 86.36
C PHE A 618 34.73 30.14 87.00
N VAL A 619 33.93 30.56 87.98
CA VAL A 619 34.18 31.83 88.64
C VAL A 619 35.53 31.83 89.37
N SER A 620 35.84 30.74 90.06
CA SER A 620 37.09 30.67 90.80
C SER A 620 38.27 30.77 89.85
N LEU A 621 38.15 30.06 88.73
CA LEU A 621 39.22 30.07 87.75
C LEU A 621 39.40 31.47 87.21
N VAL A 622 38.30 32.15 86.91
CA VAL A 622 38.43 33.49 86.38
C VAL A 622 39.10 34.40 87.41
N ARG A 623 38.70 34.27 88.66
CA ARG A 623 39.24 35.13 89.69
C ARG A 623 40.73 34.93 89.79
N LYS A 624 41.20 33.70 89.77
CA LYS A 624 42.65 33.51 89.83
C LYS A 624 43.06 33.41 88.38
N ASN A 625 42.03 33.41 87.54
CA ASN A 625 42.18 33.21 86.12
C ASN A 625 43.10 34.23 85.49
N ARG A 626 42.74 35.51 85.52
CA ARG A 626 43.48 36.54 84.82
C ARG A 626 43.34 36.38 83.31
N GLU A 627 42.22 35.79 82.87
CA GLU A 627 41.93 35.57 81.47
C GLU A 627 40.53 36.09 81.16
N PRO A 628 40.32 37.37 80.76
CA PRO A 628 38.95 37.97 80.61
C PRO A 628 37.71 37.60 79.68
N ARG A 629 37.94 37.25 78.41
CA ARG A 629 36.85 36.99 77.47
C ARG A 629 35.90 35.87 77.91
N PHE A 630 36.50 34.84 78.49
CA PHE A 630 35.75 33.72 79.03
C PHE A 630 34.82 34.22 80.14
N LEU A 631 35.31 35.13 80.98
CA LEU A 631 34.47 35.67 82.03
C LEU A 631 33.26 36.34 81.40
N ASP A 632 33.43 37.14 80.35
CA ASP A 632 32.19 37.76 79.78
C ASP A 632 31.16 36.72 79.23
N TYR A 633 31.72 35.72 78.55
CA TYR A 633 30.87 34.68 77.98
C TYR A 633 30.09 33.96 79.08
N LEU A 634 30.80 33.65 80.17
CA LEU A 634 30.24 33.00 81.36
C LEU A 634 29.19 33.89 82.01
N SER A 635 29.45 35.19 81.98
CA SER A 635 28.67 36.28 82.50
C SER A 635 27.26 36.31 81.93
N ASP A 636 27.05 35.86 80.70
CA ASP A 636 25.69 35.72 80.22
C ASP A 636 24.73 36.90 80.32
N LEU A 637 23.58 36.63 80.94
CA LEU A 637 22.48 37.58 81.03
C LEU A 637 21.68 37.34 79.75
N CYS A 638 21.31 36.08 79.51
CA CYS A 638 20.62 35.66 78.29
C CYS A 638 19.31 36.38 77.96
N VAL A 639 19.08 36.45 76.66
CA VAL A 639 17.78 36.91 76.23
C VAL A 639 16.85 35.78 76.79
N SER A 640 15.59 35.77 76.38
CA SER A 640 14.69 34.79 76.97
C SER A 640 14.55 35.28 78.41
N MET A 641 14.19 36.56 78.46
CA MET A 641 14.00 37.25 79.72
C MET A 641 15.26 37.13 80.55
N ASN A 642 16.41 37.43 79.97
CA ASN A 642 17.66 37.37 80.72
C ASN A 642 17.89 36.03 81.37
N LYS A 643 17.81 34.96 80.56
CA LYS A 643 18.04 33.64 81.12
C LYS A 643 17.08 33.32 82.25
N SER A 644 15.80 33.54 81.97
CA SER A 644 14.78 33.23 82.97
C SER A 644 14.95 34.01 84.25
N ILE A 645 15.27 35.29 84.08
CA ILE A 645 15.45 36.22 85.15
C ILE A 645 16.50 35.74 86.11
N PRO A 646 17.66 35.34 85.57
CA PRO A 646 18.64 34.90 86.57
C PRO A 646 18.38 33.52 87.11
N VAL A 647 17.65 32.73 86.31
CA VAL A 647 17.38 31.31 86.57
C VAL A 647 18.83 31.12 86.25
N THR A 648 19.29 32.25 85.72
CA THR A 648 20.66 32.54 85.35
C THR A 648 21.20 33.68 86.18
N GLN A 649 20.38 34.69 86.30
CA GLN A 649 20.74 35.89 86.99
C GLN A 649 20.99 35.60 88.43
N GLU A 650 20.13 34.79 89.03
CA GLU A 650 20.28 34.50 90.44
C GLU A 650 21.59 33.80 90.66
N LEU A 651 21.88 32.82 89.81
CA LEU A 651 23.12 32.12 89.98
C LEU A 651 24.31 33.04 89.81
N ILE A 652 24.30 33.87 88.78
CA ILE A 652 25.43 34.72 88.54
C ILE A 652 25.62 35.71 89.68
N CYS A 653 24.52 36.27 90.13
CA CYS A 653 24.61 37.26 91.17
C CYS A 653 25.17 36.68 92.42
N LYS A 654 24.67 35.51 92.82
CA LYS A 654 25.15 34.94 94.06
C LYS A 654 26.60 34.59 93.87
N ALA A 655 26.87 33.94 92.74
CA ALA A 655 28.20 33.54 92.41
C ALA A 655 29.00 34.78 92.13
N VAL A 656 28.45 35.72 91.38
CA VAL A 656 29.34 36.84 91.15
C VAL A 656 29.43 37.68 92.41
N LEU A 657 28.29 37.90 93.04
CA LEU A 657 28.25 38.69 94.25
C LEU A 657 29.08 38.04 95.32
N ASN A 658 29.00 36.73 95.49
CA ASN A 658 29.77 36.09 96.52
C ASN A 658 31.25 36.28 96.27
N PRO A 659 31.67 36.10 95.01
CA PRO A 659 33.10 36.26 94.74
C PRO A 659 33.53 37.68 95.03
N THR A 660 32.74 38.65 94.61
CA THR A 660 33.12 40.05 94.84
C THR A 660 33.17 40.35 96.33
N ASN A 661 32.19 39.82 97.05
CA ASN A 661 32.00 40.01 98.47
C ASN A 661 33.18 39.47 99.24
N ALA A 662 33.72 38.35 98.82
CA ALA A 662 34.85 37.85 99.56
C ALA A 662 35.92 37.64 98.55
N ASP A 663 36.42 38.74 97.98
CA ASP A 663 37.48 38.54 97.01
C ASP A 663 37.17 39.41 95.81
N ILE A 664 38.10 39.43 94.86
CA ILE A 664 37.77 39.66 93.47
C ILE A 664 37.87 38.29 92.84
N LEU A 665 36.76 37.55 92.85
CA LEU A 665 36.79 36.14 92.53
C LEU A 665 37.19 35.33 93.76
N ILE A 707 35.11 60.44 94.11
CA ILE A 707 35.09 61.62 93.26
C ILE A 707 36.51 61.96 92.83
N ARG A 708 37.29 62.51 93.76
CA ARG A 708 38.67 62.87 93.47
C ARG A 708 39.48 61.64 93.12
N SER A 709 39.24 60.55 93.84
CA SER A 709 39.90 59.28 93.58
C SER A 709 39.53 58.79 92.20
N LYS A 710 38.26 58.94 91.84
CA LYS A 710 37.81 58.51 90.52
C LYS A 710 38.53 59.33 89.45
N SER A 711 38.67 60.63 89.67
CA SER A 711 39.36 61.48 88.70
C SER A 711 40.81 61.04 88.55
N VAL A 712 41.44 60.72 89.66
CA VAL A 712 42.83 60.28 89.65
C VAL A 712 42.95 58.98 88.87
N ARG A 713 42.00 58.08 89.09
CA ARG A 713 41.96 56.81 88.40
C ARG A 713 41.81 57.04 86.90
N GLU A 714 40.96 57.99 86.52
CA GLU A 714 40.75 58.30 85.11
C GLU A 714 42.06 58.80 84.50
N LEU A 715 42.77 59.65 85.23
CA LEU A 715 44.04 60.16 84.70
C LEU A 715 45.02 59.01 84.50
N ALA A 716 45.06 58.09 85.47
CA ALA A 716 45.93 56.92 85.42
C ALA A 716 45.58 56.04 84.23
N GLN A 717 44.28 55.89 83.99
CA GLN A 717 43.78 55.10 82.89
C GLN A 717 44.21 55.73 81.58
N ASP A 718 44.15 57.06 81.50
CA ASP A 718 44.57 57.76 80.31
C ASP A 718 46.05 57.50 80.07
N ALA A 719 46.86 57.53 81.13
CA ALA A 719 48.29 57.26 80.97
C ALA A 719 48.51 55.82 80.47
N LYS A 720 47.73 54.89 81.02
CA LYS A 720 47.83 53.50 80.64
C LYS A 720 47.49 53.34 79.17
N GLU A 721 46.46 54.05 78.72
CA GLU A 721 46.01 54.03 77.34
C GLU A 721 47.09 54.60 76.43
N GLY A 722 47.74 55.65 76.90
CA GLY A 722 48.81 56.28 76.16
C GLY A 722 49.95 55.30 75.94
N GLN A 723 50.29 54.50 76.94
CA GLN A 723 51.29 53.45 76.73
C GLN A 723 50.67 52.14 76.21
N LYS A 724 51.41 51.03 76.18
CA LYS A 724 50.72 49.83 75.75
C LYS A 724 50.31 48.87 76.89
N GLU A 725 50.51 49.09 78.18
CA GLU A 725 49.95 48.23 79.21
C GLU A 725 49.40 49.01 80.39
N ASP A 726 48.63 50.07 80.13
CA ASP A 726 48.26 50.97 81.23
C ASP A 726 47.05 50.48 82.02
N ARG A 727 45.87 50.45 81.39
CA ARG A 727 44.64 50.17 82.10
C ARG A 727 43.68 49.31 81.28
N ASP A 728 44.19 48.27 80.62
CA ASP A 728 43.38 47.53 79.64
C ASP A 728 42.60 46.37 80.27
N VAL A 729 41.81 46.70 81.27
CA VAL A 729 40.97 45.70 81.90
C VAL A 729 39.57 46.25 82.09
N LEU A 730 39.50 47.57 82.17
CA LEU A 730 38.26 48.25 82.48
C LEU A 730 37.07 48.13 81.54
N SER A 731 37.25 48.28 80.23
CA SER A 731 36.07 48.20 79.38
C SER A 731 35.41 46.84 79.44
N TYR A 732 36.23 45.80 79.31
CA TYR A 732 35.70 44.45 79.36
C TYR A 732 35.11 44.18 80.73
N TYR A 733 35.82 44.61 81.76
CA TYR A 733 35.35 44.34 83.11
C TYR A 733 34.02 45.00 83.35
N ARG A 734 33.90 46.24 82.92
CA ARG A 734 32.69 46.99 83.14
C ARG A 734 31.56 46.34 82.40
N TYR A 735 31.81 45.91 81.17
CA TYR A 735 30.75 45.31 80.39
C TYR A 735 30.28 44.04 81.09
N GLN A 736 31.23 43.24 81.54
CA GLN A 736 30.87 42.00 82.19
C GLN A 736 30.08 42.27 83.43
N LEU A 737 30.52 43.24 84.23
CA LEU A 737 29.85 43.54 85.47
C LEU A 737 28.44 43.98 85.20
N ASN A 738 28.27 44.85 84.22
CA ASN A 738 26.95 45.34 83.94
C ASN A 738 26.04 44.22 83.49
N LEU A 739 26.52 43.38 82.59
CA LEU A 739 25.67 42.31 82.09
C LEU A 739 25.29 41.36 83.20
N PHE A 740 26.28 41.04 84.03
CA PHE A 740 26.12 40.10 85.11
C PHE A 740 25.13 40.59 86.13
N ALA A 741 25.20 41.89 86.42
CA ALA A 741 24.33 42.46 87.44
C ALA A 741 23.03 42.96 86.87
N ARG A 742 22.90 42.86 85.56
CA ARG A 742 21.72 43.35 84.88
C ARG A 742 20.90 42.43 84.00
N MET A 743 20.96 41.11 84.11
CA MET A 743 20.09 40.47 83.12
C MET A 743 18.63 40.62 83.51
N CYS A 744 17.86 41.27 82.63
CA CYS A 744 16.39 41.15 82.63
C CYS A 744 15.69 41.99 83.69
N LEU A 745 16.42 42.86 84.40
CA LEU A 745 15.85 43.75 85.41
C LEU A 745 15.24 42.99 86.58
N ASP A 746 16.08 42.25 87.29
CA ASP A 746 15.65 41.42 88.40
C ASP A 746 15.51 42.26 89.66
N ARG A 747 15.50 41.56 90.80
CA ARG A 747 15.34 42.17 92.11
C ARG A 747 16.63 42.82 92.57
N GLN A 748 16.73 43.10 93.87
CA GLN A 748 17.76 43.90 94.53
C GLN A 748 19.20 43.39 94.35
N TYR A 749 19.47 42.30 93.64
CA TYR A 749 20.84 41.99 93.24
C TYR A 749 21.40 43.10 92.35
N LEU A 750 20.53 43.70 91.53
CA LEU A 750 20.90 44.92 90.84
C LEU A 750 21.21 46.05 91.81
N ALA A 751 20.49 46.14 92.93
CA ALA A 751 20.86 47.10 93.96
C ALA A 751 22.10 46.66 94.70
N ILE A 752 22.46 45.38 94.62
CA ILE A 752 23.79 44.98 95.05
C ILE A 752 24.83 45.60 94.13
N ASN A 753 24.62 45.50 92.82
CA ASN A 753 25.39 46.29 91.87
C ASN A 753 25.13 47.78 92.06
N GLU A 754 23.90 48.14 92.44
CA GLU A 754 23.60 49.50 92.87
C GLU A 754 24.33 49.87 94.14
N ILE A 755 24.75 48.89 94.94
CA ILE A 755 25.68 49.14 96.03
C ILE A 755 27.01 49.66 95.51
N SER A 756 27.43 49.18 94.34
CA SER A 756 28.60 49.74 93.69
C SER A 756 28.23 50.82 92.69
N GLY A 757 27.03 51.39 92.83
CA GLY A 757 26.56 52.38 91.88
C GLY A 757 27.16 53.77 91.72
N GLN A 758 27.40 54.46 92.82
CA GLN A 758 27.98 55.80 92.81
C GLN A 758 26.98 56.96 92.63
N LEU A 759 25.74 56.64 92.27
CA LEU A 759 24.69 57.64 92.13
C LEU A 759 25.01 58.85 91.23
N ASP A 760 25.71 58.60 90.14
CA ASP A 760 26.46 59.68 89.51
C ASP A 760 26.13 59.94 88.04
N VAL A 761 24.91 59.62 87.59
CA VAL A 761 24.74 59.81 86.17
C VAL A 761 25.72 60.79 85.57
N ASP A 762 25.98 61.90 86.23
CA ASP A 762 26.92 62.86 85.66
C ASP A 762 28.29 62.23 85.53
N LEU A 763 28.71 61.53 86.56
CA LEU A 763 30.03 60.92 86.51
C LEU A 763 30.09 59.89 85.40
N ILE A 764 29.04 59.08 85.26
CA ILE A 764 29.06 58.05 84.23
C ILE A 764 29.12 58.65 82.84
N LEU A 765 28.35 59.72 82.63
CA LEU A 765 28.32 60.36 81.33
C LEU A 765 29.69 60.93 81.03
N ARG A 766 30.29 61.56 82.03
CA ARG A 766 31.59 62.16 81.89
C ARG A 766 32.60 61.07 81.55
N CYS A 767 32.53 59.94 82.22
CA CYS A 767 33.46 58.84 81.97
C CYS A 767 33.34 58.31 80.57
N MET A 768 32.10 58.15 80.09
CA MET A 768 31.92 57.65 78.74
C MET A 768 32.54 58.65 77.77
N SER A 769 32.27 59.93 77.98
CA SER A 769 32.82 60.94 77.08
C SER A 769 34.34 60.97 77.13
N ASP A 770 34.89 60.83 78.34
CA ASP A 770 36.31 60.87 78.56
C ASP A 770 37.03 59.75 77.85
N GLU A 771 36.46 58.55 77.88
CA GLU A 771 37.14 57.47 77.18
C GLU A 771 36.24 57.00 76.08
N ASN A 772 36.47 57.48 74.87
CA ASN A 772 35.52 57.02 73.85
C ASN A 772 35.38 55.51 73.87
N LEU A 773 34.69 55.11 74.94
CA LEU A 773 34.39 53.75 75.25
C LEU A 773 33.18 53.36 76.12
N PRO A 774 33.35 52.17 76.69
CA PRO A 774 32.57 51.32 77.56
C PRO A 774 32.24 52.10 78.80
N TYR A 775 33.09 52.97 79.33
CA TYR A 775 32.68 53.66 80.54
C TYR A 775 31.44 54.51 80.24
N ASP A 776 31.45 55.25 79.14
CA ASP A 776 30.28 56.04 78.81
C ASP A 776 29.11 55.11 78.53
N LEU A 777 29.38 54.09 77.74
CA LEU A 777 28.37 53.09 77.40
C LEU A 777 27.94 52.48 78.72
N ARG A 778 28.91 52.29 79.61
CA ARG A 778 28.67 51.75 80.94
C ARG A 778 27.74 52.69 81.70
N ALA A 779 27.94 54.00 81.56
CA ALA A 779 27.08 54.96 82.23
C ALA A 779 25.65 54.78 81.72
N SER A 780 25.48 54.59 80.41
CA SER A 780 24.15 54.39 79.86
C SER A 780 23.53 53.12 80.41
N PHE A 781 24.31 52.06 80.53
CA PHE A 781 23.78 50.82 81.07
C PHE A 781 23.31 51.02 82.50
N CYS A 782 24.12 51.74 83.29
CA CYS A 782 23.80 52.02 84.69
C CYS A 782 22.54 52.84 84.80
N ARG A 783 22.40 53.80 83.89
CA ARG A 783 21.24 54.66 83.84
C ARG A 783 20.01 53.82 83.53
N LEU A 784 20.16 52.88 82.60
CA LEU A 784 19.08 51.99 82.24
C LEU A 784 18.69 51.19 83.45
N MET A 785 19.65 50.68 84.21
CA MET A 785 19.30 49.90 85.39
C MET A 785 18.53 50.76 86.41
N LEU A 786 18.99 51.98 86.62
CA LEU A 786 18.32 52.87 87.58
C LEU A 786 16.89 53.17 87.13
N HIS A 787 16.76 53.40 85.82
CA HIS A 787 15.50 53.69 85.20
C HIS A 787 14.56 52.52 85.33
N MET A 788 15.09 51.31 85.19
CA MET A 788 14.32 50.09 85.32
C MET A 788 13.81 49.99 86.75
N HIS A 789 14.66 50.32 87.71
CA HIS A 789 14.22 50.27 89.10
C HIS A 789 13.06 51.25 89.29
N VAL A 790 13.19 52.47 88.74
CA VAL A 790 12.12 53.47 88.87
C VAL A 790 10.83 53.01 88.18
N ASP A 791 11.03 52.38 87.02
CA ASP A 791 10.01 51.84 86.13
C ASP A 791 9.23 50.67 86.70
N ARG A 792 9.81 49.96 87.68
CA ARG A 792 9.15 48.82 88.32
C ARG A 792 7.90 49.48 88.87
N ASP A 793 8.10 50.71 89.31
CA ASP A 793 7.03 51.57 89.78
C ASP A 793 5.79 51.46 88.86
N PRO A 794 5.97 51.32 87.52
CA PRO A 794 4.65 51.30 86.91
C PRO A 794 4.60 50.80 85.47
N GLN A 795 5.75 50.70 84.80
CA GLN A 795 5.78 50.29 83.40
C GLN A 795 5.09 51.29 82.48
N GLU A 796 5.68 52.47 82.32
CA GLU A 796 5.05 53.61 81.67
C GLU A 796 4.84 53.43 80.16
N GLN A 797 3.81 52.69 79.77
CA GLN A 797 3.42 52.64 78.37
C GLN A 797 2.69 53.93 78.00
N VAL A 798 2.71 54.25 76.72
CA VAL A 798 2.08 55.47 76.20
C VAL A 798 0.58 55.24 76.12
N THR A 799 -0.20 56.09 76.81
CA THR A 799 -1.65 55.96 76.74
C THR A 799 -2.24 57.09 75.90
N PRO A 800 -3.14 56.77 74.99
CA PRO A 800 -3.72 57.81 74.14
C PRO A 800 -4.99 58.42 74.71
N VAL A 801 -5.25 58.20 76.00
CA VAL A 801 -6.50 58.67 76.60
C VAL A 801 -6.40 60.17 76.83
N LYS A 802 -6.96 60.93 75.90
CA LYS A 802 -7.06 62.38 76.06
C LYS A 802 -8.49 62.70 76.45
N TYR A 803 -9.11 61.79 77.22
CA TYR A 803 -10.50 61.92 77.60
C TYR A 803 -10.68 62.96 78.69
N ALA A 804 -10.89 64.21 78.29
CA ALA A 804 -11.27 65.28 79.19
C ALA A 804 -12.78 65.39 79.12
N ARG A 805 -13.43 65.23 80.27
CA ARG A 805 -14.88 65.11 80.32
C ARG A 805 -15.53 66.49 80.18
N LEU A 806 -16.84 66.55 80.49
CA LEU A 806 -17.50 67.84 80.64
C LEU A 806 -16.79 68.68 81.70
N TRP A 807 -16.39 68.04 82.80
CA TRP A 807 -15.25 68.54 83.55
C TRP A 807 -14.02 68.31 82.69
N SER A 808 -13.59 69.35 81.99
CA SER A 808 -12.45 69.25 81.09
C SER A 808 -11.21 69.76 81.78
N GLU A 809 -10.06 69.66 81.12
CA GLU A 809 -8.80 70.03 81.74
C GLU A 809 -8.56 71.53 81.63
N ILE A 810 -7.33 71.94 81.93
CA ILE A 810 -6.90 73.31 81.69
C ILE A 810 -6.86 73.50 80.18
N PRO A 811 -7.79 74.24 79.61
CA PRO A 811 -7.90 74.27 78.13
C PRO A 811 -6.99 75.30 77.48
N SER A 812 -6.04 75.86 78.23
CA SER A 812 -5.13 76.87 77.73
C SER A 812 -3.77 76.30 77.37
N GLU A 813 -3.68 74.99 77.19
CA GLU A 813 -2.45 74.38 76.71
C GLU A 813 -2.40 74.45 75.20
N ILE A 814 -2.00 75.60 74.67
CA ILE A 814 -1.96 75.78 73.21
C ILE A 814 -0.70 75.16 72.63
N ALA A 815 0.47 75.65 73.06
CA ALA A 815 1.75 75.16 72.57
C ALA A 815 2.55 74.70 73.79
N ILE A 816 2.35 73.43 74.16
CA ILE A 816 3.11 72.87 75.27
C ILE A 816 4.49 72.47 74.79
N ASP A 817 5.49 73.28 75.13
CA ASP A 817 6.87 72.97 74.79
C ASP A 817 7.47 71.92 75.71
N ASP A 818 6.90 71.73 76.89
CA ASP A 818 7.38 70.74 77.86
C ASP A 818 6.16 70.08 78.50
N TYR A 819 5.80 68.90 78.00
CA TYR A 819 4.71 68.13 78.57
C TYR A 819 5.21 67.34 79.78
N ASP A 820 4.29 66.90 80.64
CA ASP A 820 4.64 66.10 81.81
C ASP A 820 5.09 64.73 81.35
N SER A 821 6.24 64.27 81.86
CA SER A 821 6.84 63.02 81.41
C SER A 821 7.35 62.20 82.60
N SER A 822 8.15 61.18 82.30
CA SER A 822 8.70 60.27 83.31
C SER A 822 10.09 60.67 83.77
N GLY A 823 10.34 61.97 83.93
CA GLY A 823 11.58 62.35 84.58
C GLY A 823 11.27 61.83 85.98
N ALA A 824 12.25 61.21 86.63
CA ALA A 824 12.03 60.65 87.95
C ALA A 824 11.84 61.78 88.94
N SER A 825 10.55 62.17 88.89
CA SER A 825 9.87 63.14 89.73
C SER A 825 10.31 64.58 89.85
N LYS A 826 9.50 65.49 89.34
CA LYS A 826 9.74 66.90 89.50
C LYS A 826 11.12 67.31 89.08
N ASP A 827 11.74 68.11 89.93
CA ASP A 827 13.04 68.62 89.62
C ASP A 827 14.16 67.61 89.50
N GLU A 828 14.32 66.68 90.42
CA GLU A 828 15.47 65.78 90.27
C GLU A 828 15.42 64.91 89.04
N ILE A 829 14.28 64.25 88.83
CA ILE A 829 14.15 63.40 87.66
C ILE A 829 14.23 64.24 86.41
N LYS A 830 13.54 65.39 86.45
CA LYS A 830 13.51 66.22 85.27
C LYS A 830 14.89 66.71 84.90
N GLU A 831 15.62 67.16 85.90
CA GLU A 831 16.93 67.71 85.68
C GLU A 831 17.84 66.66 85.11
N ARG A 832 17.79 65.46 85.66
CA ARG A 832 18.70 64.43 85.17
C ARG A 832 18.40 64.12 83.73
N PHE A 833 17.10 63.98 83.43
CA PHE A 833 16.74 63.64 82.07
C PHE A 833 17.15 64.75 81.13
N ALA A 834 16.89 65.98 81.53
CA ALA A 834 17.19 67.11 80.70
C ALA A 834 18.67 67.22 80.45
N GLN A 835 19.46 67.03 81.49
CA GLN A 835 20.89 67.17 81.33
C GLN A 835 21.39 66.13 80.37
N THR A 836 20.94 64.89 80.56
CA THR A 836 21.41 63.83 79.71
C THR A 836 21.02 64.09 78.27
N MET A 837 19.77 64.48 78.09
CA MET A 837 19.26 64.70 76.75
C MET A 837 20.01 65.82 76.09
N GLU A 838 20.23 66.88 76.83
CA GLU A 838 20.88 68.03 76.29
C GLU A 838 22.26 67.65 75.86
N PHE A 839 22.99 66.92 76.70
CA PHE A 839 24.35 66.57 76.33
C PHE A 839 24.36 65.70 75.09
N VAL A 840 23.49 64.72 75.06
CA VAL A 840 23.50 63.82 73.93
C VAL A 840 23.18 64.55 72.65
N GLU A 841 22.15 65.39 72.68
CA GLU A 841 21.76 66.07 71.45
C GLU A 841 22.86 67.00 71.06
N GLU A 842 23.31 67.72 72.06
CA GLU A 842 24.36 68.67 71.90
C GLU A 842 25.56 67.86 71.55
N TYR A 843 25.77 66.74 72.24
CA TYR A 843 27.00 66.07 71.85
C TYR A 843 26.78 65.19 70.64
N LEU A 844 25.67 64.46 70.67
CA LEU A 844 25.37 63.55 69.59
C LEU A 844 25.17 64.32 68.30
N ARG A 845 24.47 65.44 68.37
CA ARG A 845 24.20 66.21 67.19
C ARG A 845 25.50 66.69 66.60
N ASP A 846 26.39 67.19 67.44
CA ASP A 846 27.65 67.68 66.92
C ASP A 846 28.43 66.56 66.26
N VAL A 847 28.49 65.40 66.91
CA VAL A 847 29.26 64.31 66.35
C VAL A 847 28.69 63.87 65.01
N VAL A 848 27.36 63.78 64.95
CA VAL A 848 26.70 63.33 63.74
C VAL A 848 26.97 64.31 62.61
N CYS A 849 26.88 65.59 62.93
CA CYS A 849 27.09 66.61 61.92
C CYS A 849 28.51 66.53 61.40
N GLN A 850 29.45 66.35 62.30
CA GLN A 850 30.83 66.28 61.86
C GLN A 850 31.54 64.96 62.03
N ARG A 851 30.88 63.89 62.46
CA ARG A 851 31.69 62.70 62.63
C ARG A 851 31.78 61.92 61.33
N PHE A 852 32.67 60.92 61.32
CA PHE A 852 32.87 60.04 60.17
C PHE A 852 31.78 58.98 60.21
N PRO A 853 31.53 58.27 59.13
CA PRO A 853 30.33 57.41 59.08
C PRO A 853 30.48 56.05 59.73
N PHE A 854 31.66 55.69 60.24
CA PHE A 854 31.88 54.33 60.70
C PHE A 854 32.70 54.15 61.98
N SER A 855 33.00 55.21 62.74
CA SER A 855 34.03 55.07 63.76
C SER A 855 33.50 54.91 65.19
N ASP A 856 32.22 55.19 65.39
CA ASP A 856 31.67 55.07 66.71
C ASP A 856 30.41 54.24 66.66
N LYS A 857 30.58 52.95 66.40
CA LYS A 857 29.45 52.01 66.35
C LYS A 857 28.83 51.96 67.73
N GLU A 858 29.68 51.90 68.74
CA GLU A 858 29.27 51.90 70.13
C GLU A 858 28.57 53.23 70.44
N LYS A 859 29.08 54.34 69.89
CA LYS A 859 28.43 55.62 70.14
C LYS A 859 27.01 55.60 69.59
N ASN A 860 26.83 55.04 68.40
CA ASN A 860 25.52 54.93 67.79
C ASN A 860 24.60 54.04 68.62
N LYS A 861 25.16 52.96 69.14
CA LYS A 861 24.41 52.03 69.97
C LYS A 861 23.94 52.74 71.23
N LEU A 862 24.83 53.56 71.81
CA LEU A 862 24.56 54.34 72.99
C LEU A 862 23.45 55.33 72.70
N THR A 863 23.50 55.94 71.53
CA THR A 863 22.46 56.87 71.15
C THR A 863 21.12 56.15 71.09
N PHE A 864 21.10 54.95 70.51
CA PHE A 864 19.86 54.18 70.43
C PHE A 864 19.34 53.83 71.81
N GLU A 865 20.25 53.46 72.70
CA GLU A 865 19.88 53.12 74.06
C GLU A 865 19.30 54.34 74.75
N VAL A 866 19.91 55.49 74.52
CA VAL A 866 19.49 56.75 75.09
C VAL A 866 18.11 57.08 74.58
N VAL A 867 17.85 56.84 73.30
CA VAL A 867 16.54 57.10 72.74
C VAL A 867 15.51 56.22 73.41
N ASN A 868 15.85 54.96 73.63
CA ASN A 868 14.94 54.05 74.30
C ASN A 868 14.66 54.54 75.72
N LEU A 869 15.72 54.99 76.38
CA LEU A 869 15.65 55.52 77.73
C LEU A 869 14.78 56.76 77.76
N ALA A 870 14.90 57.59 76.76
CA ALA A 870 14.11 58.80 76.66
C ALA A 870 12.66 58.41 76.53
N ARG A 871 12.37 57.39 75.72
CA ARG A 871 11.00 56.95 75.58
C ARG A 871 10.48 56.47 76.93
N ASN A 872 11.28 55.71 77.66
CA ASN A 872 10.82 55.27 78.97
C ASN A 872 10.59 56.45 79.91
N LEU A 873 11.52 57.40 79.88
CA LEU A 873 11.51 58.57 80.75
C LEU A 873 11.29 59.98 80.18
N ILE A 874 11.96 60.34 79.07
CA ILE A 874 11.73 61.69 78.58
C ILE A 874 10.28 61.80 78.13
N TYR A 875 9.62 62.90 78.50
CA TYR A 875 8.28 63.21 78.00
C TYR A 875 8.02 64.70 77.77
N PHE A 876 9.05 65.51 77.57
CA PHE A 876 8.94 66.96 77.75
C PHE A 876 8.51 67.67 76.48
N GLY A 877 7.26 67.35 76.13
CA GLY A 877 6.41 68.14 75.26
C GLY A 877 6.77 68.83 73.99
N PHE A 878 6.44 70.11 74.00
CA PHE A 878 6.79 71.04 72.94
C PHE A 878 8.29 71.32 72.97
N TYR A 879 8.84 71.55 74.17
CA TYR A 879 10.28 71.80 74.34
C TYR A 879 11.03 70.52 74.00
N ASN A 880 10.44 69.43 74.48
CA ASN A 880 10.89 68.08 74.24
C ASN A 880 10.77 67.78 72.77
N PHE A 881 9.69 68.27 72.15
CA PHE A 881 9.36 68.14 70.74
C PHE A 881 10.38 68.86 69.91
N SER A 882 10.87 70.00 70.40
CA SER A 882 11.92 70.80 69.76
C SER A 882 13.18 69.95 69.78
N ASP A 883 13.40 69.30 70.93
CA ASP A 883 14.50 68.38 71.08
C ASP A 883 14.32 67.22 70.11
N LEU A 884 13.09 66.75 69.95
CA LEU A 884 12.67 65.70 69.06
C LEU A 884 12.88 66.11 67.63
N LEU A 885 12.68 67.38 67.31
CA LEU A 885 12.90 67.92 65.98
C LEU A 885 14.37 67.81 65.71
N ARG A 886 15.18 68.18 66.71
CA ARG A 886 16.62 68.06 66.59
C ARG A 886 16.97 66.58 66.41
N LEU A 887 16.33 65.72 67.20
CA LEU A 887 16.49 64.31 67.11
C LEU A 887 15.91 64.21 65.74
N THR A 888 14.75 64.89 65.52
CA THR A 888 14.48 64.75 64.11
C THR A 888 15.67 65.32 63.34
N LYS A 889 16.17 66.46 63.78
CA LYS A 889 17.31 67.08 63.14
C LYS A 889 18.52 66.16 63.26
N ILE A 890 18.71 65.53 64.40
CA ILE A 890 19.82 64.62 64.61
C ILE A 890 19.71 63.45 63.66
N LEU A 891 18.50 62.93 63.48
CA LEU A 891 18.28 61.82 62.57
C LEU A 891 18.63 62.23 61.16
N LEU A 892 18.23 63.44 60.78
CA LEU A 892 18.53 63.98 59.47
C LEU A 892 20.03 64.12 59.28
N ALA A 893 20.71 64.57 60.33
CA ALA A 893 22.15 64.74 60.33
C ALA A 893 22.82 63.40 60.13
N ILE A 894 22.30 62.36 60.79
CA ILE A 894 22.88 61.03 60.63
C ILE A 894 22.72 60.63 59.17
N LEU A 895 21.54 60.86 58.62
CA LEU A 895 21.30 60.59 57.20
C LEU A 895 22.12 61.53 56.32
N ASP A 896 22.17 62.81 56.69
CA ASP A 896 22.95 63.70 55.86
C ASP A 896 23.86 62.70 55.16
N CYS A 897 23.25 61.68 54.58
CA CYS A 897 23.98 60.61 53.92
C CYS A 897 24.81 61.11 52.76
N VAL A 898 26.01 60.55 52.62
CA VAL A 898 26.93 60.92 51.56
C VAL A 898 27.94 59.80 51.35
N PRO A 960 28.77 45.44 56.26
CA PRO A 960 28.71 46.24 57.49
C PRO A 960 27.28 46.47 57.91
N GLU A 961 26.44 45.48 57.61
CA GLU A 961 25.01 45.64 57.84
C GLU A 961 24.67 45.58 59.31
N LYS A 962 25.44 44.82 60.10
CA LYS A 962 25.08 44.52 61.48
C LYS A 962 25.05 45.75 62.36
N GLU A 963 26.17 46.44 62.49
CA GLU A 963 26.14 47.74 63.12
C GLU A 963 25.38 48.76 62.30
N ASP A 964 25.39 48.60 60.98
CA ASP A 964 24.65 49.47 60.07
C ASP A 964 23.15 49.40 60.33
N ILE A 965 22.60 48.19 60.39
CA ILE A 965 21.23 48.04 60.84
C ILE A 965 21.13 48.23 62.34
N MET A 966 22.20 47.95 63.09
CA MET A 966 22.23 48.32 64.50
C MET A 966 22.14 49.83 64.63
N VAL A 967 22.75 50.55 63.69
CA VAL A 967 22.38 51.95 63.51
C VAL A 967 21.02 52.09 62.87
N MET A 968 20.75 51.37 61.78
CA MET A 968 19.55 51.56 60.99
C MET A 968 18.29 51.21 61.76
N ASP A 969 18.16 49.99 62.23
CA ASP A 969 17.04 49.65 63.08
C ASP A 969 17.16 50.30 64.44
N THR A 970 18.37 50.65 64.86
CA THR A 970 18.49 51.55 66.00
C THR A 970 17.87 52.89 65.67
N LYS A 971 18.20 53.47 64.53
CA LYS A 971 17.47 54.61 64.03
C LYS A 971 16.04 54.25 63.71
N LEU A 972 15.80 53.01 63.28
CA LEU A 972 14.43 52.54 63.10
C LEU A 972 13.74 52.45 64.45
N LYS A 973 14.50 52.11 65.49
CA LYS A 973 13.97 52.18 66.84
C LYS A 973 13.63 53.61 67.19
N ILE A 974 14.49 54.54 66.79
CA ILE A 974 14.11 55.94 66.93
C ILE A 974 13.00 56.27 65.95
N ILE A 975 13.02 55.67 64.77
CA ILE A 975 12.01 55.99 63.77
C ILE A 975 10.67 55.42 64.16
N GLU A 976 10.65 54.18 64.62
CA GLU A 976 9.46 53.64 65.23
C GLU A 976 9.13 54.37 66.52
N ILE A 977 10.15 54.82 67.24
CA ILE A 977 9.90 55.74 68.35
C ILE A 977 9.32 57.03 67.82
N LEU A 978 9.84 57.50 66.69
CA LEU A 978 9.29 58.69 66.06
C LEU A 978 7.91 58.45 65.48
N GLN A 979 7.57 57.19 65.20
CA GLN A 979 6.22 56.89 64.75
C GLN A 979 5.20 57.25 65.82
N PHE A 980 5.30 56.61 66.97
CA PHE A 980 4.42 56.95 68.07
C PHE A 980 4.77 58.27 68.71
N ILE A 981 5.97 58.78 68.47
CA ILE A 981 6.34 60.08 69.03
C ILE A 981 5.51 61.17 68.37
N LEU A 982 5.53 61.21 67.04
CA LEU A 982 4.58 62.04 66.32
C LEU A 982 3.17 61.51 66.50
N ASN A 983 2.99 60.24 66.77
CA ASN A 983 1.61 59.81 66.98
C ASN A 983 1.09 60.51 68.23
N VAL A 984 1.92 60.48 69.27
CA VAL A 984 1.57 61.09 70.53
C VAL A 984 1.41 62.58 70.37
N ARG A 985 2.32 63.18 69.63
CA ARG A 985 2.28 64.61 69.42
C ARG A 985 0.99 65.00 68.72
N LEU A 986 0.62 64.25 67.70
CA LEU A 986 -0.59 64.58 66.97
C LEU A 986 -1.80 64.51 67.90
N ASP A 987 -1.87 63.47 68.72
CA ASP A 987 -3.02 63.36 69.61
C ASP A 987 -3.10 64.54 70.59
N TYR A 988 -1.95 64.90 71.15
CA TYR A 988 -1.92 65.99 72.12
C TYR A 988 -2.35 67.29 71.47
N ARG A 989 -1.87 67.51 70.25
CA ARG A 989 -2.20 68.72 69.53
C ARG A 989 -3.69 68.78 69.30
N ILE A 990 -4.29 67.66 68.92
CA ILE A 990 -5.71 67.65 68.68
C ILE A 990 -6.46 68.02 69.95
N SER A 991 -6.07 67.46 71.09
CA SER A 991 -6.80 67.81 72.31
C SER A 991 -6.69 69.31 72.63
N CYS A 992 -5.48 69.84 72.47
CA CYS A 992 -5.27 71.25 72.77
C CYS A 992 -6.13 72.12 71.87
N LEU A 993 -6.17 71.78 70.58
CA LEU A 993 -6.95 72.55 69.62
C LEU A 993 -8.44 72.50 69.95
N LEU A 994 -8.88 71.31 70.35
CA LEU A 994 -10.26 71.04 70.72
C LEU A 994 -10.74 71.88 71.90
N CYS A 995 -9.85 72.14 72.85
CA CYS A 995 -10.30 72.90 74.03
C CYS A 995 -10.91 74.31 73.86
N ILE A 996 -10.36 75.14 72.98
CA ILE A 996 -10.94 76.47 72.82
C ILE A 996 -10.98 77.11 71.43
N PHE A 997 -12.16 77.59 71.03
CA PHE A 997 -12.35 78.33 69.78
C PHE A 997 -12.44 77.60 68.43
N LYS A 998 -12.79 78.36 67.40
CA LYS A 998 -12.87 77.87 66.02
C LYS A 998 -13.73 76.62 65.88
N ARG A 999 -14.96 76.52 66.35
CA ARG A 999 -15.47 75.18 66.07
C ARG A 999 -15.53 74.85 64.56
N GLU A 1000 -16.21 75.70 63.78
CA GLU A 1000 -16.28 75.47 62.35
C GLU A 1000 -14.91 75.73 61.73
N PHE A 1001 -14.36 76.87 62.15
CA PHE A 1001 -13.08 77.32 61.66
C PHE A 1001 -11.98 76.36 62.04
N ASP A 1002 -12.02 75.87 63.28
CA ASP A 1002 -11.00 74.94 63.74
C ASP A 1002 -11.06 73.65 62.92
N GLU A 1003 -12.30 73.18 62.67
CA GLU A 1003 -12.42 71.95 61.91
C GLU A 1003 -11.83 72.15 60.52
N SER A 1004 -12.16 73.27 59.88
CA SER A 1004 -11.65 73.54 58.54
C SER A 1004 -10.13 73.64 58.52
N ASN A 1005 -9.59 74.30 59.54
CA ASN A 1005 -8.17 74.53 59.69
C ASN A 1005 -7.36 73.25 59.82
N SER A 1006 -7.90 72.26 60.53
CA SER A 1006 -7.09 71.04 60.69
C SER A 1006 -5.85 71.47 61.49
N GLN A 1007 -4.63 71.13 61.06
CA GLN A 1007 -3.51 71.56 61.90
C GLN A 1007 -2.22 71.17 61.18
N SER A 1008 -1.81 72.04 60.26
CA SER A 1008 -0.68 71.78 59.39
C SER A 1008 -1.07 72.09 57.94
N VAL A 1024 -19.99 71.10 43.38
CA VAL A 1024 -19.92 70.18 44.51
C VAL A 1024 -18.72 69.26 44.35
N PRO A 1025 -18.48 68.80 43.12
CA PRO A 1025 -17.38 67.86 42.89
C PRO A 1025 -15.99 68.47 43.02
N GLY A 1026 -15.87 69.80 43.00
CA GLY A 1026 -14.59 70.45 43.11
C GLY A 1026 -14.37 71.26 44.37
N ALA A 1027 -14.88 70.77 45.51
CA ALA A 1027 -14.90 71.56 46.74
C ALA A 1027 -13.52 71.79 47.34
N LEU A 1028 -12.83 70.73 47.76
CA LEU A 1028 -11.48 70.84 48.29
C LEU A 1028 -10.43 70.52 47.23
N ASP A 1029 -10.86 70.30 45.99
CA ASP A 1029 -9.99 69.89 44.89
C ASP A 1029 -8.97 70.95 44.51
N PHE A 1030 -9.20 72.19 44.88
CA PHE A 1030 -8.18 73.22 44.83
C PHE A 1030 -7.47 73.40 46.15
N GLU A 1031 -8.13 73.13 47.28
CA GLU A 1031 -7.42 73.10 48.55
C GLU A 1031 -6.42 71.96 48.60
N HIS A 1032 -6.70 70.87 47.88
CA HIS A 1032 -5.71 69.83 47.68
C HIS A 1032 -4.59 70.33 46.77
N ILE A 1033 -4.96 71.09 45.74
CA ILE A 1033 -3.97 71.80 44.94
C ILE A 1033 -3.28 72.83 45.82
N GLU A 1034 -4.03 73.42 46.75
CA GLU A 1034 -3.46 74.30 47.76
C GLU A 1034 -2.59 73.55 48.76
N GLU A 1035 -2.78 72.26 48.92
CA GLU A 1035 -1.79 71.43 49.57
C GLU A 1035 -0.74 70.94 48.59
N GLN A 1036 -1.04 70.95 47.29
CA GLN A 1036 -0.14 70.45 46.27
C GLN A 1036 1.11 71.28 46.13
N ALA A 1037 1.00 72.61 46.22
CA ALA A 1037 2.20 73.44 46.26
C ALA A 1037 2.91 73.26 47.60
N GLU A 1038 2.15 73.17 48.69
CA GLU A 1038 2.68 72.86 50.00
C GLU A 1038 3.11 71.40 50.12
N GLY A 1039 2.84 70.58 49.11
CA GLY A 1039 3.46 69.29 49.02
C GLY A 1039 4.54 69.21 47.95
N ILE A 1040 4.26 69.75 46.76
CA ILE A 1040 5.20 69.60 45.65
C ILE A 1040 6.43 70.46 45.87
N PHE A 1041 6.26 71.67 46.40
CA PHE A 1041 7.39 72.37 46.97
C PHE A 1041 7.67 71.85 48.37
N GLY A 1042 6.66 71.28 49.02
CA GLY A 1042 6.82 70.79 50.37
C GLY A 1042 6.58 71.90 51.37
N HIS A 1055 6.67 73.25 63.07
CA HIS A 1055 6.85 73.99 61.82
C HIS A 1055 8.03 73.45 61.03
N GLY A 1056 8.17 72.11 61.01
CA GLY A 1056 9.21 71.41 60.22
C GLY A 1056 9.03 70.64 58.88
N GLY A 1057 9.24 71.39 57.80
CA GLY A 1057 9.19 70.91 56.41
C GLY A 1057 10.30 69.90 56.15
N ARG A 1058 11.44 70.20 56.77
CA ARG A 1058 12.61 69.34 56.72
C ARG A 1058 12.28 67.99 57.36
N THR A 1059 11.50 67.98 58.45
CA THR A 1059 11.08 66.73 59.10
C THR A 1059 10.24 65.90 58.13
N PHE A 1060 9.36 66.56 57.38
CA PHE A 1060 8.59 65.77 56.38
C PHE A 1060 9.54 65.14 55.33
N LEU A 1061 10.53 65.94 54.91
CA LEU A 1061 11.55 65.48 53.95
C LEU A 1061 12.38 64.31 54.51
N ARG A 1062 12.65 64.36 55.82
CA ARG A 1062 13.37 63.34 56.56
C ARG A 1062 12.59 62.05 56.51
N VAL A 1063 11.26 62.13 56.64
CA VAL A 1063 10.45 60.92 56.52
C VAL A 1063 10.67 60.35 55.10
N LEU A 1064 10.64 61.23 54.09
CA LEU A 1064 10.92 60.72 52.75
C LEU A 1064 12.32 60.05 52.61
N LEU A 1065 13.36 60.62 53.23
CA LEU A 1065 14.74 60.05 53.18
C LEU A 1065 14.83 58.66 53.85
N HIS A 1066 14.03 58.54 54.91
CA HIS A 1066 13.92 57.29 55.67
C HIS A 1066 13.36 56.26 54.72
N LEU A 1067 12.34 56.63 53.95
CA LEU A 1067 11.79 55.76 52.91
C LEU A 1067 12.87 55.45 51.84
N THR A 1068 13.69 56.46 51.54
CA THR A 1068 14.81 56.44 50.62
C THR A 1068 15.96 55.47 50.97
N MET A 1069 16.05 54.92 52.19
CA MET A 1069 17.12 53.91 52.44
C MET A 1069 17.10 52.73 51.39
N HIS A 1070 18.28 52.22 50.97
CA HIS A 1070 18.36 51.34 49.80
C HIS A 1070 17.62 50.03 49.99
N ASP A 1071 18.08 49.15 50.87
CA ASP A 1071 17.39 47.88 51.08
C ASP A 1071 17.76 47.36 52.47
N TYR A 1072 16.83 47.52 53.42
CA TYR A 1072 17.01 47.00 54.77
C TYR A 1072 15.79 46.15 55.13
N PRO A 1073 15.91 44.83 55.01
CA PRO A 1073 14.69 44.07 55.32
C PRO A 1073 14.15 44.37 56.71
N PRO A 1074 15.01 44.43 57.74
CA PRO A 1074 14.43 44.86 59.02
C PRO A 1074 14.03 46.34 58.87
N LEU A 1075 14.96 47.07 58.24
CA LEU A 1075 14.83 48.46 57.85
C LEU A 1075 13.71 48.58 56.82
N VAL A 1076 13.56 47.60 55.93
CA VAL A 1076 12.48 47.61 54.96
C VAL A 1076 11.12 47.58 55.70
N SER A 1077 11.02 46.77 56.76
CA SER A 1077 9.80 46.70 57.56
C SER A 1077 9.54 48.06 58.21
N GLY A 1078 10.61 48.69 58.69
CA GLY A 1078 10.47 50.01 59.27
C GLY A 1078 9.96 51.03 58.25
N ALA A 1079 10.48 50.92 57.02
CA ALA A 1079 10.10 51.77 55.89
C ALA A 1079 8.62 51.57 55.56
N LEU A 1080 8.15 50.33 55.65
CA LEU A 1080 6.74 50.04 55.40
C LEU A 1080 5.90 50.75 56.46
N GLN A 1081 6.36 50.71 57.70
CA GLN A 1081 5.65 51.41 58.76
C GLN A 1081 5.61 52.91 58.45
N LEU A 1082 6.72 53.47 57.99
CA LEU A 1082 6.78 54.89 57.65
C LEU A 1082 5.84 55.25 56.50
N LEU A 1083 5.73 54.34 55.53
CA LEU A 1083 4.86 54.51 54.39
C LEU A 1083 3.44 54.59 54.88
N PHE A 1084 3.07 53.72 55.82
CA PHE A 1084 1.73 53.78 56.41
C PHE A 1084 1.54 55.10 57.14
N ARG A 1085 2.59 55.52 57.84
CA ARG A 1085 2.66 56.75 58.60
C ARG A 1085 2.43 58.01 57.78
N HIS A 1086 2.79 58.03 56.49
CA HIS A 1086 2.52 59.22 55.67
C HIS A 1086 0.99 59.32 55.74
N PHE A 1087 0.47 58.10 55.74
CA PHE A 1087 -0.94 57.86 55.82
C PHE A 1087 -1.40 58.48 57.14
N SER A 1088 -0.47 58.86 58.01
CA SER A 1088 -0.74 59.47 59.28
C SER A 1088 -1.52 60.76 59.17
N GLN A 1089 -1.43 61.56 58.11
CA GLN A 1089 -2.27 62.77 58.08
C GLN A 1089 -3.74 62.32 58.10
N ARG A 1090 -4.07 61.35 57.26
CA ARG A 1090 -5.40 60.75 57.16
C ARG A 1090 -5.75 59.99 58.43
N GLN A 1091 -4.72 59.38 58.99
CA GLN A 1091 -4.75 58.62 60.21
C GLN A 1091 -5.10 59.55 61.34
N GLU A 1092 -4.53 60.75 61.31
CA GLU A 1092 -4.70 61.85 62.20
C GLU A 1092 -6.13 62.31 62.09
N VAL A 1093 -6.70 62.32 60.89
CA VAL A 1093 -8.13 62.68 60.76
C VAL A 1093 -8.96 61.62 61.51
N LEU A 1094 -8.58 60.36 61.30
CA LEU A 1094 -9.22 59.24 61.99
C LEU A 1094 -8.99 59.36 63.51
N GLN A 1095 -7.78 59.80 63.88
CA GLN A 1095 -7.25 60.04 65.19
C GLN A 1095 -8.00 61.14 65.86
N ALA A 1096 -8.43 62.14 65.11
CA ALA A 1096 -9.24 63.26 65.59
C ALA A 1096 -10.57 62.67 65.98
N PHE A 1097 -11.07 61.77 65.13
CA PHE A 1097 -12.30 61.06 65.47
C PHE A 1097 -12.08 60.26 66.76
N LYS A 1098 -10.97 59.53 66.80
CA LYS A 1098 -10.65 58.67 67.91
C LYS A 1098 -11.21 59.22 69.20
N GLN A 1099 -12.51 59.43 69.20
CA GLN A 1099 -13.18 59.89 70.40
C GLN A 1099 -14.21 58.86 70.85
N VAL A 1100 -14.34 57.81 70.05
CA VAL A 1100 -15.30 56.74 70.29
C VAL A 1100 -14.97 55.79 71.43
N GLN A 1101 -15.69 54.67 71.48
CA GLN A 1101 -15.52 53.67 72.52
C GLN A 1101 -16.39 54.00 73.72
N LEU A 1102 -16.35 53.14 74.74
CA LEU A 1102 -17.19 53.31 75.93
C LEU A 1102 -17.11 52.07 76.82
N SER A 1106 -20.83 56.40 84.83
CA SER A 1106 -20.42 57.76 84.51
C SER A 1106 -19.38 58.26 85.51
N GLN A 1107 -18.20 58.59 85.02
CA GLN A 1107 -17.11 59.07 85.87
C GLN A 1107 -16.86 58.03 86.94
N ASP A 1108 -17.05 58.42 88.19
CA ASP A 1108 -16.90 57.48 89.29
C ASP A 1108 -17.39 56.10 88.87
N VAL A 1109 -18.51 56.07 88.15
CA VAL A 1109 -19.07 54.82 87.65
C VAL A 1109 -18.08 54.16 86.69
N ASP A 1110 -17.46 54.97 85.84
CA ASP A 1110 -16.48 54.45 84.89
C ASP A 1110 -15.30 53.85 85.66
N ASN A 1111 -14.86 54.53 86.71
CA ASN A 1111 -13.75 54.02 87.51
C ASN A 1111 -14.11 52.68 88.16
N TYR A 1112 -15.33 52.58 88.68
CA TYR A 1112 -15.77 51.34 89.31
C TYR A 1112 -15.80 50.20 88.30
N LYS A 1113 -16.27 50.51 87.09
CA LYS A 1113 -16.35 49.54 86.01
C LYS A 1113 -14.97 49.06 85.63
N GLN A 1114 -14.01 49.99 85.60
CA GLN A 1114 -12.63 49.66 85.27
C GLN A 1114 -12.07 48.72 86.34
N ILE A 1115 -12.39 49.00 87.60
CA ILE A 1115 -11.92 48.16 88.69
C ILE A 1115 -12.49 46.75 88.53
N LYS A 1116 -13.77 46.65 88.16
CA LYS A 1116 -14.38 45.35 87.99
C LYS A 1116 -14.38 44.90 86.53
N GLN A 1117 -15.20 45.58 85.74
CA GLN A 1117 -15.33 45.28 84.31
C GLN A 1117 -13.98 44.81 83.83
N ASP A 1118 -12.96 45.57 84.26
CA ASP A 1118 -11.59 45.27 83.93
C ASP A 1118 -11.22 43.94 84.52
N LEU A 1119 -11.63 43.68 85.76
CA LEU A 1119 -11.32 42.42 86.41
C LEU A 1119 -11.92 41.24 85.67
N ASP A 1120 -13.18 41.37 85.23
CA ASP A 1120 -13.82 40.27 84.52
C ASP A 1120 -13.08 40.01 83.22
N GLN A 1121 -12.73 41.10 82.53
CA GLN A 1121 -12.03 40.97 81.27
C GLN A 1121 -10.68 40.29 81.48
N LEU A 1122 -9.99 40.69 82.54
CA LEU A 1122 -8.70 40.13 82.86
C LEU A 1122 -8.81 38.66 83.15
N ARG A 1123 -9.84 38.25 83.89
CA ARG A 1123 -9.99 36.83 84.19
C ARG A 1123 -10.17 36.07 82.90
N SER A 1124 -11.03 36.58 82.01
CA SER A 1124 -11.25 35.85 80.76
C SER A 1124 -9.96 35.79 79.94
N ILE A 1125 -9.25 36.90 79.90
CA ILE A 1125 -8.04 36.99 79.11
C ILE A 1125 -7.00 36.03 79.64
N VAL A 1126 -6.88 35.96 80.96
CA VAL A 1126 -5.91 35.10 81.61
C VAL A 1126 -6.24 33.65 81.31
N GLU A 1127 -7.52 33.32 81.35
CA GLU A 1127 -7.93 31.96 81.08
C GLU A 1127 -7.54 31.60 79.66
N LYS A 1128 -7.77 32.49 78.70
CA LYS A 1128 -7.38 32.14 77.34
C LYS A 1128 -5.86 32.00 77.27
N SER A 1129 -5.16 32.98 77.84
CA SER A 1129 -3.71 33.04 77.88
C SER A 1129 -3.10 31.97 78.75
N GLU A 1130 -3.70 31.75 79.91
CA GLU A 1130 -3.18 30.76 80.85
C GLU A 1130 -4.31 30.14 81.67
N SER A 1170 -4.86 20.51 80.98
CA SER A 1170 -6.19 20.05 81.33
C SER A 1170 -7.01 21.23 81.83
N TYR A 1171 -6.93 21.48 83.14
CA TYR A 1171 -7.58 22.61 83.77
C TYR A 1171 -6.53 23.42 84.50
N ASN A 1172 -5.87 24.32 83.78
CA ASN A 1172 -5.02 25.35 84.36
C ASN A 1172 -5.61 26.66 83.88
N TYR A 1173 -5.90 26.72 82.58
CA TYR A 1173 -6.89 27.68 82.10
C TYR A 1173 -8.28 27.31 82.61
N ARG A 1174 -8.54 26.01 82.78
CA ARG A 1174 -9.73 25.61 83.51
C ARG A 1174 -9.57 25.85 85.00
N VAL A 1175 -8.33 25.85 85.49
CA VAL A 1175 -8.08 26.35 86.83
C VAL A 1175 -8.21 27.86 86.87
N VAL A 1176 -7.91 28.51 85.74
CA VAL A 1176 -8.07 29.96 85.62
C VAL A 1176 -9.46 30.38 85.15
N LYS A 1177 -10.36 29.41 84.94
CA LYS A 1177 -11.67 29.73 84.36
C LYS A 1177 -12.58 30.45 85.34
N GLU A 1178 -12.33 30.30 86.65
CA GLU A 1178 -13.14 31.00 87.65
C GLU A 1178 -12.92 32.50 87.62
N ILE A 1179 -11.75 32.94 87.15
CA ILE A 1179 -11.52 34.37 86.97
C ILE A 1179 -12.36 34.90 85.81
N LEU A 1180 -12.65 34.05 84.83
CA LEU A 1180 -13.51 34.47 83.72
C LEU A 1180 -14.98 34.25 84.00
N ILE A 1181 -15.34 33.14 84.65
CA ILE A 1181 -16.76 32.88 84.89
C ILE A 1181 -17.26 33.58 86.14
N ARG A 1182 -16.55 33.45 87.27
CA ARG A 1182 -16.95 34.11 88.50
C ARG A 1182 -16.50 35.57 88.54
N LEU A 1183 -15.23 35.82 88.26
CA LEU A 1183 -14.74 37.18 88.15
C LEU A 1183 -15.33 37.79 86.89
N SER A 1184 -15.90 39.00 87.00
CA SER A 1184 -16.77 39.52 85.96
C SER A 1184 -18.05 38.70 85.86
N LYS A 1185 -18.60 38.32 87.01
CA LYS A 1185 -19.88 37.61 87.07
C LYS A 1185 -21.04 38.48 87.50
N LEU A 1186 -20.81 39.44 88.41
CA LEU A 1186 -21.86 40.33 88.89
C LEU A 1186 -21.87 41.65 88.11
N CYS A 1187 -22.53 41.61 86.95
CA CYS A 1187 -22.66 42.79 86.11
C CYS A 1187 -23.83 43.65 86.56
N VAL A 1188 -23.59 44.95 86.74
CA VAL A 1188 -24.63 45.88 87.12
C VAL A 1188 -25.41 46.28 85.87
N GLN A 1189 -26.48 45.54 85.58
CA GLN A 1189 -27.32 45.80 84.43
C GLN A 1189 -28.28 46.96 84.65
N GLU A 1190 -28.36 47.46 85.87
CA GLU A 1190 -29.11 48.69 86.11
C GLU A 1190 -28.32 49.89 85.59
N SER A 1191 -27.00 49.85 85.70
CA SER A 1191 -26.16 50.93 85.26
C SER A 1191 -26.06 50.95 83.74
N ALA A 1192 -26.19 52.15 83.16
CA ALA A 1192 -26.07 52.32 81.73
C ALA A 1192 -24.61 52.39 81.32
N SER A 1193 -24.38 52.52 80.02
CA SER A 1193 -23.02 52.59 79.48
C SER A 1193 -22.42 51.20 79.40
N VAL A 1194 -23.24 50.15 79.52
CA VAL A 1194 -22.70 48.81 79.59
C VAL A 1194 -23.02 48.01 78.32
N ARG A 1195 -24.07 48.41 77.59
CA ARG A 1195 -24.60 47.53 76.56
C ARG A 1195 -23.70 47.43 75.33
N LYS A 1196 -23.50 48.55 74.65
CA LYS A 1196 -22.55 48.55 73.55
C LYS A 1196 -21.13 48.75 74.06
N SER A 1197 -20.98 49.43 75.20
CA SER A 1197 -19.65 49.84 75.66
C SER A 1197 -18.93 48.70 76.36
N ARG A 1198 -19.62 47.98 77.25
CA ARG A 1198 -19.06 46.74 77.76
C ARG A 1198 -19.05 45.69 76.65
N LYS A 1199 -19.99 45.80 75.71
CA LYS A 1199 -19.87 45.06 74.46
C LYS A 1199 -18.66 45.51 73.68
N GLN A 1200 -18.31 46.80 73.75
CA GLN A 1200 -17.08 47.26 73.14
C GLN A 1200 -15.88 46.97 74.03
N GLN A 1201 -16.06 47.03 75.35
CA GLN A 1201 -14.95 46.74 76.26
C GLN A 1201 -14.65 45.25 76.31
N GLN A 1202 -15.89 44.38 75.90
CA GLN A 1202 -15.49 42.95 76.02
C GLN A 1202 -14.97 42.16 74.82
N ARG A 1203 -13.65 42.17 74.67
CA ARG A 1203 -12.99 41.46 73.58
C ARG A 1203 -13.19 39.95 73.59
N LEU A 1204 -13.11 39.31 74.75
CA LEU A 1204 -13.28 37.86 74.81
C LEU A 1204 -14.68 37.45 74.37
N LEU A 1205 -15.67 38.20 74.83
CA LEU A 1205 -17.06 37.95 74.49
C LEU A 1205 -17.24 38.14 72.99
N ARG A 1206 -16.62 39.19 72.45
CA ARG A 1206 -16.71 39.45 71.02
C ARG A 1206 -16.10 38.29 70.22
N ASN A 1207 -14.97 37.77 70.70
CA ASN A 1207 -14.30 36.67 70.05
C ASN A 1207 -15.19 35.44 70.05
N MET A 1208 -15.85 35.20 71.17
CA MET A 1208 -16.75 34.06 71.24
C MET A 1208 -17.88 34.24 70.22
N GLY A 1209 -18.43 35.44 70.15
CA GLY A 1209 -19.52 35.75 69.24
C GLY A 1209 -19.06 36.22 67.89
N LYS A 1224 -13.35 24.35 71.49
CA LYS A 1224 -12.63 23.70 72.58
C LYS A 1224 -13.60 23.18 73.62
N ALA A 1225 -14.75 22.70 73.15
CA ALA A 1225 -15.81 22.19 74.00
C ALA A 1225 -15.36 20.83 74.53
N GLU A 1226 -15.22 20.71 75.85
CA GLU A 1226 -14.78 19.48 76.48
C GLU A 1226 -15.69 19.17 77.66
N ASP A 1227 -15.96 17.87 77.84
CA ASP A 1227 -16.83 17.36 78.92
C ASP A 1227 -15.99 17.16 80.19
N THR A 1228 -15.32 18.22 80.60
CA THR A 1228 -14.47 18.11 81.78
C THR A 1228 -14.49 19.45 82.46
N LYS A 1229 -13.35 19.85 83.01
CA LYS A 1229 -13.28 21.14 83.68
C LYS A 1229 -13.57 22.24 82.66
N MET A 1230 -12.98 22.15 81.47
CA MET A 1230 -13.21 23.15 80.46
C MET A 1230 -14.69 23.18 80.10
N GLN A 1231 -15.31 22.02 79.94
CA GLN A 1231 -16.72 22.01 79.57
C GLN A 1231 -17.59 22.65 80.65
N GLU A 1232 -17.31 22.35 81.91
CA GLU A 1232 -18.08 22.90 83.02
C GLU A 1232 -17.93 24.41 83.07
N ILE A 1233 -16.70 24.85 82.86
CA ILE A 1233 -16.40 26.26 82.88
C ILE A 1233 -17.17 26.95 81.76
N MET A 1234 -17.20 26.33 80.59
CA MET A 1234 -17.92 26.90 79.46
C MET A 1234 -19.40 27.01 79.74
N ARG A 1235 -20.00 25.99 80.36
CA ARG A 1235 -21.43 26.08 80.65
C ARG A 1235 -21.72 27.21 81.62
N LEU A 1236 -20.85 27.31 82.63
CA LEU A 1236 -21.00 28.36 83.63
C LEU A 1236 -20.84 29.73 82.98
N ALA A 1237 -19.87 29.81 82.08
CA ALA A 1237 -19.55 31.02 81.36
C ALA A 1237 -20.72 31.41 80.50
N HIS A 1238 -21.37 30.44 79.86
CA HIS A 1238 -22.51 30.77 79.02
C HIS A 1238 -23.58 31.38 79.88
N GLU A 1239 -23.86 30.79 81.03
CA GLU A 1239 -24.90 31.39 81.87
C GLU A 1239 -24.54 32.81 82.33
N PHE A 1240 -23.28 32.97 82.74
CA PHE A 1240 -22.80 34.24 83.24
C PHE A 1240 -22.83 35.31 82.15
N LEU A 1241 -22.46 34.89 80.94
CA LEU A 1241 -22.41 35.73 79.76
C LEU A 1241 -23.80 36.20 79.42
N GLN A 1242 -24.77 35.31 79.54
CA GLN A 1242 -26.15 35.68 79.26
C GLN A 1242 -26.55 36.77 80.26
N ASN A 1243 -26.21 36.56 81.54
CA ASN A 1243 -26.56 37.56 82.52
C ASN A 1243 -25.88 38.91 82.22
N PHE A 1244 -24.61 38.87 81.82
CA PHE A 1244 -23.86 40.07 81.49
C PHE A 1244 -24.42 40.82 80.29
N CYS A 1245 -24.82 40.08 79.26
CA CYS A 1245 -25.35 40.68 78.05
C CYS A 1245 -26.61 41.40 78.46
N ALA A 1246 -27.32 40.78 79.39
CA ALA A 1246 -28.58 41.30 79.92
C ALA A 1246 -28.85 42.74 79.53
N GLY A 1247 -27.90 43.40 78.87
CA GLY A 1247 -28.06 44.78 78.46
C GLY A 1247 -28.35 44.93 76.98
N ASN A 1248 -29.10 43.99 76.41
CA ASN A 1248 -29.53 44.06 75.00
C ASN A 1248 -30.99 43.64 74.94
N GLN A 1249 -31.89 44.62 75.06
CA GLN A 1249 -33.32 44.35 74.97
C GLN A 1249 -33.74 44.40 73.51
N GLN A 1250 -33.10 45.30 72.76
CA GLN A 1250 -33.25 45.34 71.32
C GLN A 1250 -31.81 45.15 70.82
N ASN A 1251 -30.97 46.06 71.29
CA ASN A 1251 -29.55 46.10 70.98
C ASN A 1251 -28.83 44.87 71.50
N GLN A 1252 -29.21 44.42 72.68
CA GLN A 1252 -28.57 43.24 73.26
C GLN A 1252 -28.84 42.04 72.35
N ALA A 1253 -30.07 41.91 71.88
CA ALA A 1253 -30.43 40.82 70.99
C ALA A 1253 -29.62 40.92 69.70
N LEU A 1254 -29.50 42.13 69.18
CA LEU A 1254 -28.74 42.32 67.95
C LEU A 1254 -27.28 41.91 68.14
N LEU A 1255 -26.72 42.29 69.28
CA LEU A 1255 -25.33 41.98 69.60
C LEU A 1255 -25.15 40.48 69.70
N HIS A 1256 -26.12 39.80 70.31
CA HIS A 1256 -26.05 38.35 70.43
C HIS A 1256 -26.07 37.71 69.05
N LYS A 1257 -26.91 38.22 68.16
CA LYS A 1257 -26.98 37.68 66.82
C LYS A 1257 -25.65 37.85 66.12
N HIS A 1258 -25.03 39.03 66.28
CA HIS A 1258 -23.74 39.29 65.65
C HIS A 1258 -22.67 38.34 66.19
N ILE A 1259 -22.71 38.11 67.49
CA ILE A 1259 -21.77 37.22 68.16
C ILE A 1259 -21.88 35.78 67.68
N ASN A 1260 -23.11 35.35 67.42
CA ASN A 1260 -23.36 33.96 67.01
C ASN A 1260 -22.84 33.31 65.71
N LEU A 1261 -22.44 32.06 65.85
CA LEU A 1261 -21.94 31.11 64.85
C LEU A 1261 -22.17 29.66 65.26
N PHE A 1262 -22.16 29.38 66.55
CA PHE A 1262 -22.50 28.05 67.03
C PHE A 1262 -23.98 27.86 67.25
N LEU A 1263 -24.82 28.82 66.88
CA LEU A 1263 -26.24 28.77 67.17
C LEU A 1263 -27.08 29.00 65.92
N ASN A 1264 -28.38 29.09 66.13
CA ASN A 1264 -29.43 29.27 65.15
C ASN A 1264 -29.43 28.19 64.08
N PRO A 1265 -29.20 26.94 64.45
CA PRO A 1265 -29.41 25.86 63.47
C PRO A 1265 -30.82 25.32 63.48
N GLY A 1266 -31.47 25.39 64.64
CA GLY A 1266 -32.75 24.75 64.86
C GLY A 1266 -32.66 23.37 65.51
N ILE A 1267 -31.61 22.60 65.23
CA ILE A 1267 -31.52 21.25 65.75
C ILE A 1267 -30.63 21.17 66.97
N LEU A 1268 -29.36 21.53 66.83
CA LEU A 1268 -28.33 21.28 67.85
C LEU A 1268 -28.53 22.05 69.14
N GLU A 1269 -29.25 23.17 69.11
CA GLU A 1269 -29.47 23.94 70.33
C GLU A 1269 -30.90 24.44 70.55
N ALA A 1270 -31.91 23.71 70.10
CA ALA A 1270 -33.28 24.20 70.22
C ALA A 1270 -33.90 24.48 71.59
N VAL A 1271 -33.74 23.58 72.56
CA VAL A 1271 -34.34 23.84 73.86
C VAL A 1271 -33.73 25.08 74.50
N THR A 1272 -32.41 25.15 74.40
CA THR A 1272 -31.66 26.27 74.95
C THR A 1272 -32.06 27.55 74.25
N MET A 1273 -32.23 27.48 72.93
CA MET A 1273 -32.61 28.65 72.16
C MET A 1273 -33.98 29.14 72.58
N GLN A 1274 -34.91 28.21 72.80
CA GLN A 1274 -36.25 28.59 73.22
C GLN A 1274 -36.17 29.27 74.57
N HIS A 1275 -35.37 28.72 75.48
CA HIS A 1275 -35.24 29.33 76.80
C HIS A 1275 -34.66 30.74 76.68
N ILE A 1276 -33.65 30.90 75.83
CA ILE A 1276 -33.02 32.19 75.68
C ILE A 1276 -34.00 33.22 75.14
N PHE A 1277 -34.81 32.83 74.17
CA PHE A 1277 -35.75 33.79 73.61
C PHE A 1277 -37.04 33.24 73.02
N MET A 1278 -38.10 34.01 73.16
CA MET A 1278 -39.40 33.63 72.63
C MET A 1278 -40.51 34.47 73.25
N ASN A 1279 -41.61 34.63 72.49
CA ASN A 1279 -42.83 35.28 72.96
C ASN A 1279 -42.63 36.77 73.27
N ASN A 1280 -42.18 37.50 72.26
CA ASN A 1280 -41.93 38.93 72.42
C ASN A 1280 -42.00 39.61 71.06
N PHE A 1281 -41.65 40.89 71.05
CA PHE A 1281 -41.53 41.64 69.80
C PHE A 1281 -40.38 41.13 68.94
N GLN A 1282 -39.35 40.54 69.54
CA GLN A 1282 -38.35 39.82 68.78
C GLN A 1282 -38.87 38.46 68.30
N LEU A 1283 -40.00 37.99 68.83
CA LEU A 1283 -40.61 36.77 68.33
C LEU A 1283 -41.50 37.04 67.13
N CYS A 1284 -41.70 38.31 66.79
CA CYS A 1284 -42.55 38.70 65.66
C CYS A 1284 -41.75 39.18 64.46
N SER A 1285 -40.50 39.59 64.66
CA SER A 1285 -39.63 40.04 63.58
C SER A 1285 -38.40 39.18 63.38
N GLU A 1286 -37.76 38.73 64.46
CA GLU A 1286 -36.74 37.70 64.40
C GLU A 1286 -37.30 36.30 64.56
N ILE A 1287 -38.53 36.08 64.10
CA ILE A 1287 -39.29 34.88 64.40
C ILE A 1287 -39.59 34.07 63.15
N ASN A 1288 -38.65 34.08 62.19
CA ASN A 1288 -38.81 33.31 60.96
C ASN A 1288 -38.87 31.81 61.23
N GLU A 1289 -39.53 31.07 60.34
CA GLU A 1289 -39.93 29.70 60.63
C GLU A 1289 -38.81 28.70 60.35
N ARG A 1290 -39.18 27.42 60.34
CA ARG A 1290 -38.35 26.24 60.12
C ARG A 1290 -37.60 25.78 61.38
N VAL A 1291 -37.81 26.42 62.53
CA VAL A 1291 -37.10 26.02 63.74
C VAL A 1291 -37.61 24.68 64.23
N VAL A 1292 -38.92 24.43 64.07
CA VAL A 1292 -39.49 23.12 64.36
C VAL A 1292 -39.10 22.07 63.34
N GLN A 1293 -38.75 22.48 62.12
CA GLN A 1293 -38.09 21.54 61.22
C GLN A 1293 -36.71 21.18 61.75
N HIS A 1294 -35.96 22.17 62.22
CA HIS A 1294 -34.75 21.89 62.98
C HIS A 1294 -35.07 21.23 64.32
N PHE A 1295 -36.12 21.69 65.01
CA PHE A 1295 -36.53 21.03 66.24
C PHE A 1295 -37.12 19.65 65.99
N VAL A 1296 -37.48 19.36 64.74
CA VAL A 1296 -37.84 18.00 64.36
C VAL A 1296 -36.66 17.07 64.53
N HIS A 1297 -35.45 17.57 64.34
CA HIS A 1297 -34.28 16.84 64.80
C HIS A 1297 -33.85 17.31 66.17
N CYS A 1298 -34.19 18.55 66.55
CA CYS A 1298 -33.80 19.03 67.86
C CYS A 1298 -34.60 18.38 68.96
N ILE A 1299 -35.91 18.55 68.97
CA ILE A 1299 -36.69 17.89 70.01
C ILE A 1299 -37.05 16.47 69.57
N GLU A 1300 -37.61 16.32 68.38
CA GLU A 1300 -38.21 15.04 68.00
C GLU A 1300 -37.15 14.03 67.61
N THR A 1301 -36.26 14.42 66.71
CA THR A 1301 -35.20 13.52 66.28
C THR A 1301 -34.14 13.44 67.36
N HIS A 1302 -33.26 12.45 67.21
CA HIS A 1302 -32.18 12.25 68.17
C HIS A 1302 -30.94 13.07 67.81
N GLY A 1303 -31.17 14.37 67.64
CA GLY A 1303 -30.10 15.34 67.60
C GLY A 1303 -30.22 16.08 68.91
N ARG A 1304 -31.33 15.81 69.57
CA ARG A 1304 -31.54 16.08 70.99
C ARG A 1304 -32.52 15.04 71.54
N ASN A 1305 -32.96 15.26 72.77
CA ASN A 1305 -33.84 14.33 73.46
C ASN A 1305 -35.26 14.85 73.39
N VAL A 1306 -36.18 14.18 74.09
CA VAL A 1306 -37.60 14.50 74.01
C VAL A 1306 -38.01 15.68 74.89
N GLN A 1307 -37.15 16.70 75.01
CA GLN A 1307 -37.37 17.84 75.90
C GLN A 1307 -38.45 18.77 75.34
N TYR A 1308 -38.99 19.64 76.19
CA TYR A 1308 -40.24 20.31 75.82
C TYR A 1308 -40.65 21.05 74.57
N ILE A 1309 -41.71 20.42 74.05
CA ILE A 1309 -42.49 20.81 72.89
C ILE A 1309 -43.24 22.07 73.26
N LYS A 1310 -43.70 22.13 74.50
CA LYS A 1310 -44.42 23.31 74.97
C LYS A 1310 -43.48 24.51 74.89
N PHE A 1311 -42.22 24.35 75.32
CA PHE A 1311 -41.25 25.45 75.27
C PHE A 1311 -40.98 25.85 73.81
N LEU A 1312 -40.89 24.83 72.95
CA LEU A 1312 -40.66 25.10 71.53
C LEU A 1312 -41.84 25.88 70.93
N GLN A 1313 -43.05 25.50 71.33
CA GLN A 1313 -44.33 26.10 70.92
C GLN A 1313 -44.41 27.53 71.42
N THR A 1314 -43.88 27.75 72.62
CA THR A 1314 -43.83 29.06 73.27
C THR A 1314 -42.99 29.93 72.37
N ILE A 1315 -41.86 29.44 71.87
CA ILE A 1315 -41.16 30.27 70.91
C ILE A 1315 -41.90 29.94 69.60
N VAL A 1316 -43.21 30.29 69.53
CA VAL A 1316 -44.02 30.01 68.34
C VAL A 1316 -44.87 28.77 68.61
N LYS A 1317 -46.06 28.99 69.19
CA LYS A 1317 -46.95 27.89 69.51
C LYS A 1317 -47.80 27.51 68.30
N ILE A 1323 -56.39 33.97 66.11
CA ILE A 1323 -55.57 33.95 64.89
C ILE A 1323 -55.59 32.56 64.25
N LYS A 1324 -55.65 32.43 62.93
CA LYS A 1324 -55.44 31.06 62.32
C LYS A 1324 -53.93 30.68 61.99
N LYS A 1325 -53.09 31.72 62.02
CA LYS A 1325 -51.67 31.61 61.70
C LYS A 1325 -50.90 30.67 62.61
N CYS A 1326 -51.26 30.68 63.88
CA CYS A 1326 -50.61 29.83 64.85
C CYS A 1326 -50.82 28.37 64.47
N GLN A 1327 -52.03 28.02 64.05
CA GLN A 1327 -52.32 26.64 63.64
C GLN A 1327 -51.45 26.29 62.42
N ASP A 1328 -51.32 27.22 61.47
CA ASP A 1328 -50.46 26.86 60.32
C ASP A 1328 -48.98 26.59 60.74
N MET A 1329 -48.51 27.44 61.66
CA MET A 1329 -47.14 27.30 62.18
C MET A 1329 -46.95 25.98 62.90
N VAL A 1330 -47.98 25.60 63.66
CA VAL A 1330 -48.00 24.37 64.40
C VAL A 1330 -47.91 23.20 63.44
N MET A 1331 -48.60 23.25 62.31
CA MET A 1331 -48.52 22.15 61.36
C MET A 1331 -47.07 22.01 60.89
N ALA A 1332 -46.41 23.11 60.56
CA ALA A 1332 -44.98 22.95 60.13
C ALA A 1332 -44.05 22.36 61.23
N GLU A 1333 -44.27 22.85 62.45
CA GLU A 1333 -43.48 22.41 63.59
C GLU A 1333 -43.70 20.91 63.83
N LEU A 1334 -44.94 20.47 63.70
CA LEU A 1334 -45.35 19.08 63.88
C LEU A 1334 -44.68 18.22 62.82
N VAL A 1335 -44.59 18.75 61.61
CA VAL A 1335 -43.94 18.04 60.52
C VAL A 1335 -42.50 17.73 60.91
N ASN A 1336 -41.75 18.66 61.51
CA ASN A 1336 -40.37 18.20 61.91
C ASN A 1336 -40.43 17.04 62.96
N SER A 1337 -41.42 17.28 63.80
CA SER A 1337 -42.09 16.73 64.99
C SER A 1337 -43.52 16.33 64.68
N GLY A 1338 -43.66 15.26 63.90
CA GLY A 1338 -44.97 14.73 63.55
C GLY A 1338 -45.03 13.27 63.95
N GLU A 1339 -46.20 12.81 64.37
CA GLU A 1339 -46.34 11.41 64.74
C GLU A 1339 -45.47 11.06 65.94
N ASP A 1340 -45.34 9.76 66.20
CA ASP A 1340 -44.50 9.22 67.28
C ASP A 1340 -44.80 9.79 68.65
N VAL A 1341 -46.07 10.03 68.95
CA VAL A 1341 -46.49 10.61 70.22
C VAL A 1341 -45.83 11.98 70.47
N LEU A 1342 -45.66 12.81 69.44
CA LEU A 1342 -45.03 14.11 69.65
C LEU A 1342 -45.93 14.89 70.58
N VAL A 1343 -47.23 14.90 70.28
CA VAL A 1343 -48.22 15.51 71.16
C VAL A 1343 -48.28 14.60 72.38
N PHE A 1344 -48.32 13.30 72.08
CA PHE A 1344 -48.33 12.26 73.06
C PHE A 1344 -49.18 11.09 72.60
N TYR A 1345 -49.18 10.08 73.44
CA TYR A 1345 -49.96 8.85 73.33
C TYR A 1345 -51.21 9.02 74.18
N ASN A 1346 -52.31 9.42 73.55
CA ASN A 1346 -53.59 9.61 74.22
C ASN A 1346 -54.76 9.13 73.38
N ASP A 1347 -54.63 7.99 72.71
CA ASP A 1347 -55.69 7.48 71.85
C ASP A 1347 -56.46 6.33 72.46
N ARG A 1348 -55.77 5.27 72.87
CA ARG A 1348 -56.36 4.20 73.66
C ARG A 1348 -55.55 3.91 74.90
N ALA A 1349 -54.36 4.47 74.99
CA ALA A 1349 -53.38 4.22 76.05
C ALA A 1349 -52.93 5.53 76.66
N SER A 1350 -53.89 6.33 77.14
CA SER A 1350 -53.67 7.72 77.48
C SER A 1350 -53.03 7.94 78.85
N PHE A 1351 -52.41 6.90 79.41
CA PHE A 1351 -51.85 7.07 80.73
C PHE A 1351 -50.42 6.60 80.92
N GLN A 1352 -49.48 7.29 80.28
CA GLN A 1352 -48.07 6.98 80.45
C GLN A 1352 -47.47 7.86 81.55
N THR A 1353 -48.02 7.77 82.77
CA THR A 1353 -47.52 8.57 83.88
C THR A 1353 -47.87 7.96 85.23
N LEU A 1354 -47.09 8.31 86.26
CA LEU A 1354 -47.30 7.80 87.60
C LEU A 1354 -46.71 8.77 88.63
N ILE A 1355 -47.19 8.67 89.87
CA ILE A 1355 -46.71 9.54 90.94
C ILE A 1355 -46.82 11.02 90.58
N GLN A 1356 -47.96 11.42 90.02
CA GLN A 1356 -48.17 12.79 89.60
C GLN A 1356 -47.13 13.21 88.57
N MET A 1357 -46.87 12.32 87.60
CA MET A 1357 -45.89 12.57 86.56
C MET A 1357 -44.48 12.75 87.13
N MET A 1358 -44.16 11.97 88.16
CA MET A 1358 -42.85 12.02 88.80
C MET A 1358 -42.74 13.12 89.85
N ARG A 1359 -43.86 13.78 90.15
CA ARG A 1359 -43.88 14.85 91.12
C ARG A 1359 -42.91 15.96 90.75
N LEU A 1371 -41.62 14.36 83.68
CA LEU A 1371 -41.65 13.08 83.00
C LEU A 1371 -42.97 12.90 82.25
N PHE A 1372 -43.85 12.07 82.80
CA PHE A 1372 -45.17 11.83 82.20
C PHE A 1372 -45.97 13.12 82.20
N MET A 1373 -45.88 13.86 83.31
CA MET A 1373 -46.55 15.15 83.45
C MET A 1373 -45.98 16.10 82.41
N TYR A 1374 -44.66 16.07 82.22
CA TYR A 1374 -44.03 16.93 81.23
C TYR A 1374 -44.56 16.59 79.84
N HIS A 1375 -44.70 15.31 79.52
CA HIS A 1375 -45.22 14.90 78.22
C HIS A 1375 -46.65 15.40 78.02
N ILE A 1376 -47.47 15.30 79.06
CA ILE A 1376 -48.85 15.76 78.99
C ILE A 1376 -48.89 17.27 78.76
N HIS A 1377 -48.00 17.97 79.46
CA HIS A 1377 -47.86 19.40 79.35
C HIS A 1377 -47.45 19.79 77.94
N LEU A 1378 -46.54 19.01 77.36
CA LEU A 1378 -46.07 19.25 76.00
C LEU A 1378 -47.24 19.12 75.04
N VAL A 1379 -48.07 18.10 75.24
CA VAL A 1379 -49.23 17.94 74.35
C VAL A 1379 -50.15 19.15 74.48
N GLU A 1380 -50.38 19.59 75.71
CA GLU A 1380 -51.24 20.75 75.93
C GLU A 1380 -50.66 22.01 75.27
N LEU A 1381 -49.34 22.16 75.37
CA LEU A 1381 -48.61 23.29 74.81
C LEU A 1381 -48.72 23.29 73.31
N LEU A 1382 -48.65 22.09 72.73
CA LEU A 1382 -48.78 21.92 71.28
C LEU A 1382 -50.17 22.36 70.87
N ALA A 1383 -51.18 21.98 71.66
CA ALA A 1383 -52.56 22.38 71.38
C ALA A 1383 -52.68 23.90 71.45
N VAL A 1384 -52.02 24.52 72.42
CA VAL A 1384 -52.04 25.97 72.57
C VAL A 1384 -51.40 26.66 71.37
N CYS A 1385 -50.31 26.06 70.88
CA CYS A 1385 -49.50 26.48 69.75
C CYS A 1385 -49.99 27.60 68.82
N THR A 1386 -51.05 27.22 68.11
CA THR A 1386 -51.90 27.98 67.18
C THR A 1386 -53.14 27.07 66.95
N GLU A 1387 -54.31 27.59 66.55
CA GLU A 1387 -55.43 26.65 66.35
C GLU A 1387 -56.74 26.93 65.59
N GLY A 1388 -57.40 25.84 65.16
CA GLY A 1388 -58.73 25.85 64.53
C GLY A 1388 -59.29 26.24 63.16
N LYS A 1389 -59.03 27.47 62.70
CA LYS A 1389 -59.62 28.08 61.49
C LYS A 1389 -59.61 27.75 59.97
N ASN A 1390 -58.44 27.56 59.39
CA ASN A 1390 -58.32 27.41 57.92
C ASN A 1390 -57.72 26.18 57.28
N VAL A 1391 -56.56 26.33 56.62
CA VAL A 1391 -55.88 25.18 56.04
C VAL A 1391 -54.91 24.67 57.10
N TYR A 1392 -54.09 25.60 57.61
CA TYR A 1392 -53.15 25.34 58.71
C TYR A 1392 -54.01 25.11 59.95
N THR A 1393 -55.03 25.97 60.05
CA THR A 1393 -56.04 25.92 61.09
C THR A 1393 -56.80 24.59 60.97
N GLU A 1394 -57.09 24.15 59.74
CA GLU A 1394 -57.76 22.88 59.50
C GLU A 1394 -56.92 21.72 59.97
N ILE A 1395 -55.59 21.80 59.76
CA ILE A 1395 -54.68 20.76 60.25
C ILE A 1395 -54.74 20.72 61.78
N LYS A 1396 -54.76 21.91 62.38
CA LYS A 1396 -54.86 22.05 63.83
C LYS A 1396 -56.20 21.46 64.31
N CYS A 1397 -57.25 21.72 63.54
CA CYS A 1397 -58.60 21.25 63.78
C CYS A 1397 -58.65 19.74 63.71
N ASN A 1398 -57.90 19.15 62.78
CA ASN A 1398 -57.80 17.70 62.63
C ASN A 1398 -57.17 17.13 63.89
N SER A 1399 -56.13 17.81 64.38
CA SER A 1399 -55.48 17.40 65.64
C SER A 1399 -56.49 17.52 66.80
N LEU A 1400 -57.28 18.59 66.77
CA LEU A 1400 -58.32 18.88 67.74
C LEU A 1400 -59.39 17.80 67.71
N LEU A 1401 -59.72 17.30 66.52
CA LEU A 1401 -60.70 16.24 66.32
C LEU A 1401 -60.19 14.98 66.97
N PRO A 1402 -58.88 14.72 66.83
CA PRO A 1402 -58.26 13.56 67.48
C PRO A 1402 -58.38 13.72 69.00
N LEU A 1403 -58.14 14.94 69.48
CA LEU A 1403 -58.26 15.29 70.89
C LEU A 1403 -59.71 15.15 71.40
N ASP A 1404 -60.64 15.48 70.50
CA ASP A 1404 -62.07 15.51 70.76
C ASP A 1404 -62.38 16.49 71.88
N ASP A 1405 -61.76 17.68 71.87
CA ASP A 1405 -62.04 18.53 73.01
C ASP A 1405 -63.00 17.80 73.95
N ILE A 1406 -64.03 17.16 73.38
CA ILE A 1406 -64.97 16.43 74.21
C ILE A 1406 -64.23 15.29 74.91
N VAL A 1407 -63.35 14.58 74.19
CA VAL A 1407 -62.63 13.49 74.85
C VAL A 1407 -61.76 13.99 76.00
N ARG A 1408 -61.10 15.12 75.78
CA ARG A 1408 -60.21 15.71 76.77
C ARG A 1408 -60.99 16.13 78.01
N VAL A 1409 -62.16 16.72 77.79
CA VAL A 1409 -63.00 17.16 78.90
C VAL A 1409 -63.42 15.94 79.71
N VAL A 1410 -63.79 14.87 79.00
CA VAL A 1410 -64.19 13.64 79.63
C VAL A 1410 -63.08 13.01 80.47
N THR A 1411 -61.83 13.11 80.00
CA THR A 1411 -60.74 12.42 80.70
C THR A 1411 -59.61 13.08 81.51
N HIS A 1412 -59.22 12.37 82.55
CA HIS A 1412 -58.11 12.67 83.47
C HIS A 1412 -57.69 11.50 84.36
N GLU A 1413 -58.21 10.30 84.13
CA GLU A 1413 -57.84 9.14 84.96
C GLU A 1413 -56.64 8.37 84.42
N ASP A 1414 -55.99 8.85 83.35
CA ASP A 1414 -54.86 8.13 82.79
C ASP A 1414 -53.63 8.22 83.70
N CYS A 1415 -53.53 9.29 84.47
CA CYS A 1415 -52.39 9.50 85.36
C CYS A 1415 -52.79 10.48 86.44
N ILE A 1416 -51.84 10.86 87.29
CA ILE A 1416 -52.07 11.80 88.38
C ILE A 1416 -50.91 12.79 88.45
N PRO A 1417 -51.07 14.02 87.96
CA PRO A 1417 -49.95 14.98 87.99
C PRO A 1417 -49.91 15.83 89.25
N GLU A 1418 -48.85 16.63 89.40
CA GLU A 1418 -48.74 17.49 90.58
C GLU A 1418 -49.39 18.84 90.33
N VAL A 1419 -48.92 19.56 89.30
CA VAL A 1419 -49.54 20.82 88.91
C VAL A 1419 -49.91 20.74 87.44
N LYS A 1420 -50.08 19.52 86.92
CA LYS A 1420 -50.32 19.30 85.50
C LYS A 1420 -51.78 19.13 85.14
N ILE A 1421 -52.70 19.75 85.88
CA ILE A 1421 -54.13 19.54 85.64
C ILE A 1421 -54.62 20.38 84.48
N ALA A 1422 -53.83 21.36 84.04
CA ALA A 1422 -54.28 22.30 83.04
C ALA A 1422 -53.58 22.12 81.69
N TYR A 1423 -53.39 20.87 81.27
CA TYR A 1423 -52.73 20.57 80.00
C TYR A 1423 -53.66 20.69 78.80
N ILE A 1424 -54.91 21.11 79.03
CA ILE A 1424 -55.88 21.32 77.96
C ILE A 1424 -56.54 22.69 78.02
N ASN A 1425 -55.94 23.66 78.70
CA ASN A 1425 -56.51 24.99 78.79
C ASN A 1425 -56.29 25.84 77.55
N PHE A 1426 -55.70 25.28 76.49
CA PHE A 1426 -55.48 25.98 75.24
C PHE A 1426 -56.67 25.86 74.29
N LEU A 1427 -57.88 25.71 74.81
CA LEU A 1427 -59.09 25.57 73.99
C LEU A 1427 -59.75 26.91 73.70
N ASN A 1428 -58.97 27.99 73.64
CA ASN A 1428 -59.47 29.32 73.32
C ASN A 1428 -58.77 29.94 72.12
N HIS A 1429 -58.14 29.12 71.28
CA HIS A 1429 -57.44 29.61 70.10
C HIS A 1429 -58.14 29.26 68.80
N CYS A 1430 -59.25 28.52 68.85
CA CYS A 1430 -60.06 28.24 67.66
C CYS A 1430 -61.24 29.19 67.58
N TYR A 1431 -60.96 30.48 67.44
CA TYR A 1431 -62.01 31.49 67.27
C TYR A 1431 -61.59 32.50 66.22
N VAL A 1432 -60.79 32.07 65.25
CA VAL A 1432 -60.27 32.94 64.21
C VAL A 1432 -60.67 32.32 62.89
N ASP A 1433 -61.36 33.07 62.03
CA ASP A 1433 -61.82 32.37 60.86
C ASP A 1433 -62.59 31.24 61.56
N THR A 1434 -63.52 31.66 62.43
CA THR A 1434 -64.32 30.79 63.27
C THR A 1434 -65.14 29.83 62.47
N GLU A 1435 -65.67 30.26 61.32
CA GLU A 1435 -66.42 29.34 60.48
C GLU A 1435 -65.49 28.20 60.04
N VAL A 1436 -64.26 28.54 59.63
CA VAL A 1436 -63.28 27.53 59.23
C VAL A 1436 -62.96 26.60 60.39
N GLU A 1437 -62.82 27.17 61.60
CA GLU A 1437 -62.51 26.38 62.79
C GLU A 1437 -63.63 25.40 63.08
N MET A 1438 -64.87 25.87 62.92
CA MET A 1438 -66.09 25.10 63.12
C MET A 1438 -66.17 23.97 62.10
N LYS A 1439 -65.75 24.28 60.88
CA LYS A 1439 -65.70 23.32 59.79
C LYS A 1439 -64.72 22.22 60.16
N GLU A 1440 -63.58 22.60 60.74
CA GLU A 1440 -62.63 21.58 61.16
C GLU A 1440 -63.31 20.75 62.25
N ILE A 1441 -63.96 21.43 63.20
CA ILE A 1441 -64.69 20.73 64.24
C ILE A 1441 -64.66 21.44 65.60
N TYR A 1442 -65.14 22.67 65.80
CA TYR A 1442 -64.82 23.07 67.16
C TYR A 1442 -65.81 22.55 68.20
N THR A 1443 -66.91 21.93 67.79
CA THR A 1443 -67.96 21.50 68.71
C THR A 1443 -67.70 20.14 69.35
N SER A 1444 -66.59 19.48 69.03
CA SER A 1444 -66.32 18.14 69.55
C SER A 1444 -65.98 18.11 71.02
N ASN A 1445 -65.61 19.27 71.60
CA ASN A 1445 -65.42 19.40 73.03
C ASN A 1445 -66.15 20.60 73.60
N HIS A 1446 -67.24 21.02 72.95
CA HIS A 1446 -67.99 22.20 73.35
C HIS A 1446 -69.08 21.91 74.36
N MET A 1447 -68.95 20.84 75.13
CA MET A 1447 -69.89 20.54 76.21
C MET A 1447 -69.18 20.67 77.55
N TRP A 1448 -67.94 20.17 77.61
CA TRP A 1448 -67.15 20.29 78.84
C TRP A 1448 -66.15 21.43 78.73
N LYS A 1449 -65.36 21.45 77.65
CA LYS A 1449 -64.35 22.49 77.47
C LYS A 1449 -64.97 23.86 77.20
N LEU A 1450 -66.14 23.88 76.57
CA LEU A 1450 -66.85 25.15 76.42
C LEU A 1450 -67.46 25.61 77.74
N PHE A 1451 -67.89 24.66 78.57
CA PHE A 1451 -68.45 25.00 79.86
C PHE A 1451 -67.38 25.42 80.87
N GLU A 1452 -66.12 25.09 80.60
CA GLU A 1452 -65.04 25.48 81.48
C GLU A 1452 -64.40 26.82 81.09
N ASN A 1453 -64.58 27.26 79.84
CA ASN A 1453 -63.94 28.49 79.40
C ASN A 1453 -64.65 29.71 79.97
N PHE A 1454 -65.92 29.91 79.61
CA PHE A 1454 -66.74 30.97 80.18
C PHE A 1454 -67.70 30.34 81.18
N LEU A 1455 -67.15 29.98 82.35
CA LEU A 1455 -67.89 29.26 83.37
C LEU A 1455 -68.22 30.12 84.59
N VAL A 1456 -67.33 31.02 85.00
CA VAL A 1456 -67.51 31.72 86.27
C VAL A 1456 -68.42 32.93 86.09
N ASP A 1457 -68.03 33.86 85.23
CA ASP A 1457 -68.78 35.11 85.05
C ASP A 1457 -70.05 34.90 84.25
N SER A 1473 -55.06 29.40 87.23
CA SER A 1473 -55.05 28.82 85.90
C SER A 1473 -56.47 28.75 85.35
N VAL A 1474 -57.37 28.18 86.14
CA VAL A 1474 -58.78 28.12 85.81
C VAL A 1474 -59.53 29.32 86.38
N LEU A 1475 -59.05 29.85 87.51
CA LEU A 1475 -59.63 31.06 88.08
C LEU A 1475 -59.31 32.27 87.21
N GLU A 1476 -58.05 32.42 86.81
CA GLU A 1476 -57.68 33.52 85.94
C GLU A 1476 -58.06 33.23 84.48
N LYS A 1477 -58.35 31.96 84.15
CA LYS A 1477 -58.57 31.59 82.77
C LYS A 1477 -59.94 32.01 82.27
N TYR A 1478 -60.91 32.16 83.18
CA TYR A 1478 -62.28 32.47 82.75
C TYR A 1478 -62.44 33.91 82.34
N VAL A 1479 -61.67 34.83 82.94
CA VAL A 1479 -61.82 36.25 82.63
C VAL A 1479 -61.22 36.61 81.28
N THR A 1480 -60.11 35.96 80.90
CA THR A 1480 -59.53 36.22 79.59
C THR A 1480 -60.19 35.39 78.50
N GLU A 1481 -60.52 34.13 78.78
CA GLU A 1481 -61.20 33.29 77.80
C GLU A 1481 -62.64 33.70 77.60
N ILE A 1482 -63.26 34.34 78.59
CA ILE A 1482 -64.59 34.93 78.39
C ILE A 1482 -64.47 36.16 77.50
N VAL A 1483 -63.34 36.86 77.58
CA VAL A 1483 -63.09 38.03 76.74
C VAL A 1483 -62.31 37.71 75.47
N MET A 1484 -61.83 36.48 75.32
CA MET A 1484 -61.07 36.08 74.14
C MET A 1484 -61.75 35.00 73.33
N SER A 1485 -62.20 33.92 73.97
CA SER A 1485 -62.86 32.81 73.27
C SER A 1485 -64.30 33.22 73.02
N ILE A 1486 -64.71 33.18 71.76
CA ILE A 1486 -66.04 33.62 71.35
C ILE A 1486 -67.03 32.52 71.73
N VAL A 1487 -67.68 32.68 72.88
CA VAL A 1487 -68.68 31.75 73.38
C VAL A 1487 -69.85 32.56 73.91
N THR A 1488 -70.89 31.86 74.35
CA THR A 1488 -72.09 32.50 74.86
C THR A 1488 -71.90 32.84 76.35
N THR A 1489 -72.94 33.40 76.95
CA THR A 1489 -72.89 33.75 78.37
C THR A 1489 -73.08 32.49 79.20
N PHE A 1490 -72.11 32.19 80.06
CA PHE A 1490 -72.18 31.02 80.93
C PHE A 1490 -71.58 31.31 82.29
N LEU A 1502 -81.83 31.32 89.40
CA LEU A 1502 -82.15 30.56 88.19
C LEU A 1502 -81.30 29.31 88.08
N GLN A 1503 -81.72 28.38 87.23
CA GLN A 1503 -81.01 27.14 87.01
C GLN A 1503 -79.85 27.29 86.03
N THR A 1504 -79.59 28.49 85.53
CA THR A 1504 -78.45 28.71 84.65
C THR A 1504 -77.31 29.44 85.35
N ARG A 1505 -77.39 29.78 86.64
CA ARG A 1505 -76.35 30.63 87.37
C ARG A 1505 -75.02 30.22 88.12
N GLN A 1506 -74.61 28.97 87.97
CA GLN A 1506 -73.41 28.46 88.63
C GLN A 1506 -72.11 29.21 88.31
N PRO A 1507 -71.97 29.65 87.05
CA PRO A 1507 -70.73 30.38 86.74
C PRO A 1507 -70.59 31.65 87.58
N VAL A 1508 -71.70 32.37 87.76
CA VAL A 1508 -71.70 33.60 88.56
C VAL A 1508 -71.34 33.25 90.00
N PHE A 1509 -71.91 32.15 90.50
CA PHE A 1509 -71.55 31.78 91.89
C PHE A 1509 -70.04 31.49 92.04
N VAL A 1510 -69.49 30.80 91.05
CA VAL A 1510 -68.05 30.45 91.04
C VAL A 1510 -67.20 31.72 91.01
N GLN A 1511 -67.63 32.71 90.22
CA GLN A 1511 -66.91 33.97 90.13
C GLN A 1511 -66.88 34.66 91.49
N LEU A 1512 -68.01 34.63 92.20
CA LEU A 1512 -68.03 35.24 93.52
C LEU A 1512 -67.02 34.55 94.45
N LEU A 1513 -66.96 33.22 94.40
CA LEU A 1513 -65.99 32.50 95.26
C LEU A 1513 -64.52 32.86 94.93
N GLN A 1514 -64.26 32.99 93.63
CA GLN A 1514 -62.92 33.34 93.16
C GLN A 1514 -62.54 34.71 93.71
N GLY A 1515 -63.49 35.65 93.67
CA GLY A 1515 -63.27 37.00 94.20
C GLY A 1515 -62.98 36.94 95.70
N VAL A 1516 -63.69 36.07 96.40
CA VAL A 1516 -63.49 35.84 97.82
C VAL A 1516 -62.11 35.32 98.27
N PHE A 1517 -61.43 34.44 97.51
CA PHE A 1517 -60.10 33.94 98.04
C PHE A 1517 -58.93 34.93 98.36
N ARG A 1518 -58.10 34.68 99.42
CA ARG A 1518 -57.02 35.60 99.77
C ARG A 1518 -55.75 34.85 100.16
N VAL A 1519 -55.63 33.60 99.70
CA VAL A 1519 -54.41 32.84 99.97
C VAL A 1519 -53.36 33.05 98.89
N TYR A 1520 -53.75 33.56 97.71
CA TYR A 1520 -52.81 33.81 96.64
C TYR A 1520 -52.13 35.17 96.85
N HIS A 1521 -51.41 35.60 95.80
CA HIS A 1521 -50.69 36.88 95.83
C HIS A 1521 -51.58 37.98 95.25
N CYS A 1522 -52.76 38.12 95.85
CA CYS A 1522 -53.78 39.07 95.39
C CYS A 1522 -54.30 38.70 94.01
N ASN A 1523 -54.85 37.49 93.92
CA ASN A 1523 -55.29 36.93 92.65
C ASN A 1523 -56.57 37.54 92.13
N TRP A 1524 -57.65 37.55 92.92
CA TRP A 1524 -58.93 38.12 92.50
C TRP A 1524 -59.36 39.14 93.53
N LEU A 1525 -58.88 40.41 93.34
CA LEU A 1525 -59.19 41.41 94.36
C LEU A 1525 -60.63 41.86 94.11
N MET A 1526 -60.91 43.13 94.41
CA MET A 1526 -62.24 43.68 94.22
C MET A 1526 -62.60 43.64 92.73
N PRO A 1527 -61.63 43.99 91.87
CA PRO A 1527 -61.88 43.96 90.43
C PRO A 1527 -62.19 42.55 89.97
N SER A 1528 -61.47 41.57 90.51
CA SER A 1528 -61.70 40.17 90.15
C SER A 1528 -63.10 39.76 90.59
N GLN A 1529 -63.51 40.19 91.77
CA GLN A 1529 -64.85 39.86 92.28
C GLN A 1529 -65.90 40.47 91.37
N LYS A 1530 -65.67 41.71 90.92
CA LYS A 1530 -66.60 42.40 90.04
C LYS A 1530 -66.71 41.66 88.71
N ALA A 1531 -65.57 41.18 88.21
CA ALA A 1531 -65.53 40.44 86.96
C ALA A 1531 -66.34 39.16 87.11
N SER A 1532 -66.18 38.49 88.25
CA SER A 1532 -66.91 37.25 88.53
C SER A 1532 -68.41 37.53 88.55
N VAL A 1533 -68.79 38.64 89.17
CA VAL A 1533 -70.20 39.03 89.24
C VAL A 1533 -70.74 39.27 87.84
N GLU A 1534 -69.95 39.93 87.01
CA GLU A 1534 -70.33 40.21 85.64
C GLU A 1534 -70.53 38.91 84.87
N SER A 1535 -69.63 37.96 85.09
CA SER A 1535 -69.70 36.65 84.43
C SER A 1535 -70.99 35.95 84.85
N CYS A 1536 -71.31 36.03 86.13
CA CYS A 1536 -72.53 35.40 86.65
C CYS A 1536 -73.75 36.04 86.00
N ILE A 1537 -73.72 37.36 85.86
CA ILE A 1537 -74.81 38.11 85.25
C ILE A 1537 -74.99 37.70 83.79
N ARG A 1538 -73.88 37.49 83.09
CA ARG A 1538 -73.91 37.11 81.69
C ARG A 1538 -74.81 35.90 81.46
N ARG A 1598 -26.53 74.53 80.93
CA ARG A 1598 -26.42 74.64 79.47
C ARG A 1598 -25.09 74.05 79.00
N ASN A 1599 -25.20 72.85 78.44
CA ASN A 1599 -24.08 72.13 77.82
C ASN A 1599 -24.12 72.35 76.29
N ILE A 1600 -24.93 73.32 75.88
CA ILE A 1600 -25.16 73.67 74.49
C ILE A 1600 -23.87 74.07 73.79
N ILE A 1601 -22.97 74.78 74.47
CA ILE A 1601 -21.72 75.15 73.84
C ILE A 1601 -20.94 73.89 73.47
N GLU A 1602 -20.91 72.91 74.37
CA GLU A 1602 -20.22 71.66 74.11
C GLU A 1602 -20.89 70.94 72.93
N ARG A 1603 -22.22 70.96 72.91
CA ARG A 1603 -22.96 70.31 71.83
C ARG A 1603 -22.64 70.96 70.48
N LEU A 1604 -22.54 72.29 70.48
CA LEU A 1604 -22.24 73.09 69.30
C LEU A 1604 -20.84 72.75 68.80
N GLN A 1605 -19.92 72.56 69.74
CA GLN A 1605 -18.54 72.19 69.41
C GLN A 1605 -18.55 70.83 68.73
N ASP A 1606 -19.36 69.91 69.27
CA ASP A 1606 -19.48 68.59 68.69
C ASP A 1606 -20.00 68.71 67.26
N ILE A 1607 -21.00 69.56 67.05
CA ILE A 1607 -21.57 69.78 65.72
C ILE A 1607 -20.54 70.34 64.73
N VAL A 1608 -19.72 71.28 65.18
CA VAL A 1608 -18.68 71.87 64.33
C VAL A 1608 -17.67 70.78 63.94
N SER A 1609 -17.34 69.93 64.91
CA SER A 1609 -16.41 68.83 64.69
C SER A 1609 -17.01 67.87 63.68
N ALA A 1610 -18.30 67.61 63.79
CA ALA A 1610 -19.01 66.73 62.87
C ALA A 1610 -18.95 67.31 61.46
N LEU A 1611 -19.12 68.62 61.33
CA LEU A 1611 -19.06 69.24 60.00
C LEU A 1611 -17.67 69.05 59.40
N GLU A 1612 -16.65 69.23 60.24
CA GLU A 1612 -15.28 69.06 59.79
C GLU A 1612 -15.06 67.61 59.35
N ASP A 1613 -15.59 66.66 60.12
CA ASP A 1613 -15.50 65.23 59.84
C ASP A 1613 -16.18 64.88 58.53
N ARG A 1614 -17.32 65.52 58.29
CA ARG A 1614 -18.08 65.29 57.07
C ARG A 1614 -17.21 65.73 55.90
N LEU A 1615 -16.55 66.87 56.02
CA LEU A 1615 -15.68 67.27 54.92
C LEU A 1615 -14.55 66.23 54.78
N ARG A 1616 -13.99 65.80 55.90
CA ARG A 1616 -12.90 64.82 55.89
C ARG A 1616 -13.30 63.59 55.13
N PRO A 1617 -14.54 63.14 55.33
CA PRO A 1617 -15.08 61.96 54.65
C PRO A 1617 -15.13 62.26 53.17
N LEU A 1618 -15.56 63.46 52.83
CA LEU A 1618 -15.61 63.85 51.45
C LEU A 1618 -14.23 63.85 50.77
N VAL A 1619 -13.18 64.32 51.44
CA VAL A 1619 -11.91 64.37 50.70
C VAL A 1619 -10.67 63.52 50.96
N GLN A 1620 -10.18 63.77 52.16
CA GLN A 1620 -8.99 63.14 52.66
C GLN A 1620 -8.89 61.80 51.99
N ALA A 1621 -9.98 61.25 51.45
CA ALA A 1621 -9.77 60.06 50.68
C ALA A 1621 -9.02 60.62 49.47
N GLU A 1622 -9.59 61.67 48.86
CA GLU A 1622 -8.94 62.27 47.72
C GLU A 1622 -7.61 62.90 48.10
N LEU A 1623 -7.56 63.61 49.22
CA LEU A 1623 -6.33 64.27 49.63
C LEU A 1623 -5.24 63.26 49.93
N SER A 1624 -5.63 62.18 50.58
CA SER A 1624 -4.70 61.13 50.95
C SER A 1624 -4.18 60.49 49.70
N VAL A 1625 -5.08 60.27 48.75
CA VAL A 1625 -4.75 59.68 47.49
C VAL A 1625 -3.79 60.60 46.79
N LEU A 1626 -4.03 61.90 46.82
CA LEU A 1626 -3.14 62.81 46.16
C LEU A 1626 -1.77 62.73 46.79
N VAL A 1627 -1.67 62.68 48.10
CA VAL A 1627 -0.35 62.60 48.70
C VAL A 1627 0.35 61.33 48.28
N ASP A 1628 -0.39 60.23 48.32
CA ASP A 1628 0.15 58.94 47.95
C ASP A 1628 0.55 58.88 46.49
N VAL A 1629 -0.27 59.50 45.66
CA VAL A 1629 -0.12 59.58 44.22
C VAL A 1629 1.11 60.37 43.88
N LEU A 1630 1.35 61.42 44.66
CA LEU A 1630 2.51 62.25 44.54
C LEU A 1630 3.68 61.38 44.88
N HIS A 1631 3.59 60.59 45.93
CA HIS A 1631 4.66 59.70 46.27
C HIS A 1631 4.91 58.71 45.12
N ARG A 1632 3.88 58.18 44.49
CA ARG A 1632 4.10 57.23 43.42
C ARG A 1632 4.86 57.86 42.29
N PRO A 1633 4.47 59.08 41.93
CA PRO A 1633 5.01 59.91 40.87
C PRO A 1633 6.43 60.24 41.23
N GLU A 1634 6.68 60.55 42.49
CA GLU A 1634 7.99 60.90 43.00
C GLU A 1634 8.92 59.73 42.87
N LEU A 1635 8.40 58.54 43.17
CA LEU A 1635 9.18 57.32 43.07
C LEU A 1635 9.53 57.14 41.62
N LEU A 1636 8.54 57.31 40.75
CA LEU A 1636 8.80 57.26 39.33
C LEU A 1636 9.68 58.50 39.17
N PHE A 1637 9.28 59.54 39.91
CA PHE A 1637 9.97 60.81 39.85
C PHE A 1637 11.37 60.64 40.39
N PRO A 1638 12.21 61.66 40.17
CA PRO A 1638 13.54 61.65 40.77
C PRO A 1638 13.22 62.16 42.17
N GLU A 1639 12.50 61.30 42.88
CA GLU A 1639 12.09 61.56 44.24
C GLU A 1639 11.22 62.78 44.48
N ASN A 1640 10.39 63.15 43.52
CA ASN A 1640 9.48 64.29 43.69
C ASN A 1640 10.19 65.56 44.14
N THR A 1641 11.29 65.87 43.48
CA THR A 1641 12.09 67.00 43.89
C THR A 1641 13.15 66.53 44.90
N ASP A 1642 13.27 65.23 45.10
CA ASP A 1642 14.26 64.70 46.01
C ASP A 1642 15.34 63.97 45.23
N ALA A 1643 15.06 62.72 44.86
CA ALA A 1643 15.99 61.88 44.10
C ALA A 1643 17.35 61.75 44.76
N ARG A 1644 17.35 61.58 46.09
CA ARG A 1644 18.57 61.48 46.87
C ARG A 1644 19.49 62.67 46.63
N ARG A 1645 18.95 63.89 46.56
CA ARG A 1645 19.74 65.08 46.27
C ARG A 1645 20.48 64.92 44.93
N LYS A 1646 19.81 64.38 43.91
CA LYS A 1646 20.43 64.12 42.62
C LYS A 1646 21.61 63.21 42.90
N CYS A 1647 22.76 63.57 42.34
CA CYS A 1647 23.99 62.83 42.58
C CYS A 1647 24.02 61.42 42.00
N GLU A 1648 24.95 60.62 42.51
CA GLU A 1648 25.08 59.23 42.08
C GLU A 1648 23.82 58.50 42.49
N SER A 1649 23.35 58.75 43.71
CA SER A 1649 22.12 58.14 44.21
C SER A 1649 20.94 59.00 43.81
N GLY A 1650 20.63 59.01 42.53
CA GLY A 1650 19.53 59.77 41.99
C GLY A 1650 18.81 58.73 41.18
N GLY A 1651 18.19 57.81 41.90
CA GLY A 1651 16.88 58.02 42.46
C GLY A 1651 15.75 57.60 41.55
N PHE A 1652 16.05 56.90 40.45
CA PHE A 1652 14.93 56.49 39.64
C PHE A 1652 14.57 55.02 39.61
N ILE A 1653 13.43 54.72 40.22
CA ILE A 1653 12.79 53.33 40.13
C ILE A 1653 12.68 52.51 41.51
N CYS A 1654 13.06 53.23 42.56
CA CYS A 1654 13.16 52.69 43.90
C CYS A 1654 11.90 52.14 44.54
N LYS A 1655 10.78 52.81 44.28
CA LYS A 1655 9.54 52.35 44.87
C LYS A 1655 9.22 50.95 44.40
N LEU A 1656 9.40 50.69 43.11
CA LEU A 1656 9.13 49.37 42.56
C LEU A 1656 10.04 48.35 43.21
N ILE A 1657 11.32 48.70 43.35
CA ILE A 1657 12.19 47.69 43.99
C ILE A 1657 11.73 47.35 45.44
N LYS A 1658 11.38 48.39 46.17
CA LYS A 1658 10.93 48.23 47.55
C LYS A 1658 9.66 47.40 47.63
N HIS A 1659 8.75 47.62 46.68
CA HIS A 1659 7.49 46.89 46.67
C HIS A 1659 7.75 45.40 46.49
N THR A 1660 8.68 45.06 45.60
CA THR A 1660 8.98 43.64 45.42
C THR A 1660 9.49 43.03 46.74
N LYS A 1661 10.38 43.75 47.40
CA LYS A 1661 10.86 43.22 48.66
C LYS A 1661 9.74 43.02 49.72
N GLN A 1662 8.82 43.97 49.85
CA GLN A 1662 7.74 43.84 50.84
C GLN A 1662 6.82 42.64 50.57
N LEU A 1663 6.57 42.45 49.28
CA LEU A 1663 5.72 41.34 48.89
C LEU A 1663 6.39 40.06 49.33
N LEU A 1664 7.69 39.95 49.05
CA LEU A 1664 8.43 38.76 49.46
C LEU A 1664 8.39 38.57 50.98
N GLU A 1665 8.51 39.67 51.72
CA GLU A 1665 8.46 39.66 53.17
C GLU A 1665 7.20 39.13 53.86
N GLU A 1666 5.98 39.40 53.38
CA GLU A 1666 4.83 38.83 54.20
C GLU A 1666 4.70 39.51 55.61
N ASN A 1667 4.57 38.90 56.82
CA ASN A 1667 4.51 39.96 57.81
C ASN A 1667 3.22 39.82 58.57
N GLU A 1668 3.01 40.72 59.52
CA GLU A 1668 1.64 41.13 59.78
C GLU A 1668 1.19 41.79 58.49
N GLU A 1669 0.21 41.17 57.85
CA GLU A 1669 -0.27 41.57 56.56
C GLU A 1669 -0.90 42.93 56.41
N LYS A 1670 -1.25 43.61 57.51
CA LYS A 1670 -1.92 44.90 57.40
C LYS A 1670 -1.13 45.93 56.59
N LEU A 1671 0.19 45.96 56.79
CA LEU A 1671 1.02 46.86 56.01
C LEU A 1671 0.93 46.47 54.53
N CYS A 1672 0.95 45.18 54.25
CA CYS A 1672 0.86 44.73 52.87
C CYS A 1672 -0.46 45.17 52.27
N ILE A 1673 -1.56 45.09 53.01
CA ILE A 1673 -2.87 45.47 52.48
C ILE A 1673 -2.87 46.95 52.14
N LYS A 1674 -2.28 47.76 53.02
CA LYS A 1674 -2.23 49.20 52.74
C LYS A 1674 -1.44 49.45 51.45
N VAL A 1675 -0.33 48.75 51.30
CA VAL A 1675 0.55 48.83 50.13
C VAL A 1675 -0.15 48.39 48.85
N LEU A 1676 -0.99 47.36 48.95
CA LEU A 1676 -1.76 46.86 47.81
C LEU A 1676 -2.71 47.96 47.37
N GLN A 1677 -3.32 48.62 48.36
CA GLN A 1677 -4.19 49.74 48.07
C GLN A 1677 -3.36 50.83 47.38
N THR A 1678 -2.16 51.09 47.87
CA THR A 1678 -1.28 52.07 47.27
C THR A 1678 -0.92 51.73 45.82
N LEU A 1679 -0.66 50.46 45.52
CA LEU A 1679 -0.34 50.07 44.14
C LEU A 1679 -1.52 50.38 43.24
N ARG A 1680 -2.72 50.05 43.74
CA ARG A 1680 -3.93 50.32 42.97
C ARG A 1680 -4.10 51.83 42.74
N GLU A 1681 -3.81 52.61 43.77
CA GLU A 1681 -3.92 54.05 43.69
C GLU A 1681 -2.96 54.58 42.64
N MET A 1682 -1.74 54.05 42.59
CA MET A 1682 -0.77 54.50 41.60
C MET A 1682 -1.35 54.21 40.22
N MET A 1683 -1.89 53.03 40.02
CA MET A 1683 -2.57 52.78 38.76
C MET A 1683 -3.81 53.68 38.74
N THR A 1684 -4.42 53.79 39.92
CA THR A 1684 -5.66 54.49 40.21
C THR A 1684 -5.52 55.94 39.76
N LYS A 1685 -5.96 56.20 38.53
CA LYS A 1685 -5.48 57.40 37.84
C LYS A 1685 -6.55 58.14 37.08
N ASP A 1686 -6.13 59.02 36.16
CA ASP A 1686 -6.99 59.92 35.38
C ASP A 1686 -7.38 61.20 36.09
N ARG A 1687 -6.64 61.64 37.10
CA ARG A 1687 -6.93 62.92 37.74
C ARG A 1687 -5.72 63.39 38.54
N GLY A 1688 -5.72 64.67 38.87
CA GLY A 1688 -4.69 65.26 39.70
C GLY A 1688 -3.51 65.84 38.98
N TYR A 1689 -3.34 65.54 37.70
CA TYR A 1689 -2.20 66.02 36.94
C TYR A 1689 -2.59 67.29 36.21
N GLY A 1690 -1.81 68.34 36.43
CA GLY A 1690 -2.09 69.65 35.86
C GLY A 1690 -1.51 70.78 36.69
N SER A 1786 8.15 66.79 34.39
CA SER A 1786 7.52 65.51 34.67
C SER A 1786 6.10 65.47 34.11
N ARG A 1787 5.94 65.90 32.86
CA ARG A 1787 4.65 65.93 32.18
C ARG A 1787 4.44 64.57 31.52
N GLY A 1788 4.35 63.53 32.33
CA GLY A 1788 4.10 62.20 31.85
C GLY A 1788 2.67 62.08 31.39
N GLU A 1789 2.47 61.47 30.22
CA GLU A 1789 1.12 61.26 29.72
C GLU A 1789 0.39 60.25 30.60
N MET A 1790 -0.78 60.67 31.09
CA MET A 1790 -1.52 59.92 32.10
C MET A 1790 -2.28 58.77 31.43
N SER A 1791 -1.52 57.88 30.83
CA SER A 1791 -2.05 56.70 30.19
C SER A 1791 -1.13 55.56 30.59
N LEU A 1792 -1.75 54.40 30.84
CA LEU A 1792 -1.01 53.24 31.33
C LEU A 1792 -0.02 52.73 30.30
N ALA A 1793 -0.24 53.06 29.02
CA ALA A 1793 0.77 52.80 28.00
C ALA A 1793 2.07 53.51 28.34
N GLU A 1794 1.99 54.75 28.80
CA GLU A 1794 3.12 55.32 29.49
C GLU A 1794 3.19 54.80 30.91
N VAL A 1795 2.07 54.87 31.64
CA VAL A 1795 2.09 54.69 33.09
C VAL A 1795 2.40 53.27 33.53
N GLN A 1796 1.51 52.32 33.27
CA GLN A 1796 1.82 50.93 33.53
C GLN A 1796 2.87 50.43 32.55
N CYS A 1797 3.06 51.13 31.43
CA CYS A 1797 4.26 50.92 30.64
C CYS A 1797 5.51 51.21 31.45
N HIS A 1798 5.57 52.37 32.11
CA HIS A 1798 6.64 52.60 33.06
C HIS A 1798 6.43 51.79 34.32
N LEU A 1799 5.18 51.42 34.62
CA LEU A 1799 4.94 50.48 35.69
C LEU A 1799 5.43 49.10 35.31
N ASP A 1800 5.48 48.81 34.01
CA ASP A 1800 6.12 47.62 33.48
C ASP A 1800 7.57 47.88 33.17
N LYS A 1801 7.90 49.15 32.92
CA LYS A 1801 9.27 49.61 33.10
C LYS A 1801 9.69 49.36 34.54
N GLU A 1802 8.76 49.58 35.48
CA GLU A 1802 8.92 48.97 36.79
C GLU A 1802 8.78 47.46 36.75
N GLY A 1803 7.61 46.95 36.38
CA GLY A 1803 7.46 45.52 36.21
C GLY A 1803 7.30 44.77 37.50
N ALA A 1804 6.51 45.29 38.43
CA ALA A 1804 6.38 44.66 39.75
C ALA A 1804 5.37 43.50 39.78
N SER A 1805 5.00 42.95 38.63
CA SER A 1805 3.83 42.09 38.58
C SER A 1805 4.16 40.64 38.90
N ASN A 1806 5.44 40.30 39.05
CA ASN A 1806 5.79 38.96 39.49
C ASN A 1806 5.24 38.71 40.88
N LEU A 1807 5.24 39.74 41.73
CA LEU A 1807 4.64 39.64 43.04
C LEU A 1807 3.13 39.46 42.94
N VAL A 1808 2.51 40.01 41.91
CA VAL A 1808 1.09 39.75 41.70
C VAL A 1808 0.90 38.34 41.18
N ILE A 1809 1.85 37.86 40.37
CA ILE A 1809 1.86 36.46 40.01
C ILE A 1809 2.19 35.64 41.24
N ASP A 1810 3.04 36.17 42.11
CA ASP A 1810 3.24 35.57 43.42
C ASP A 1810 2.01 35.73 44.29
N LEU A 1811 1.31 36.86 44.16
CA LEU A 1811 0.01 36.99 44.81
C LEU A 1811 -0.99 36.07 44.16
N ILE A 1812 -0.84 35.83 42.86
CA ILE A 1812 -1.55 34.72 42.23
C ILE A 1812 -0.97 33.38 42.66
N MET A 1813 0.32 33.31 42.98
CA MET A 1813 0.91 32.04 43.40
C MET A 1813 0.65 31.79 44.88
N ASN A 1814 1.21 32.63 45.75
CA ASN A 1814 0.93 32.52 47.17
C ASN A 1814 -0.26 33.41 47.51
N ALA A 1815 -1.22 32.82 48.20
CA ALA A 1815 -2.40 33.55 48.67
C ALA A 1815 -2.55 33.25 50.15
N SER A 1816 -1.86 34.02 50.98
CA SER A 1816 -1.91 33.83 52.42
C SER A 1816 -3.23 34.31 53.00
N SER A 1817 -3.66 35.52 52.67
CA SER A 1817 -4.86 36.08 53.25
C SER A 1817 -5.92 36.13 52.17
N ASP A 1818 -7.18 36.01 52.60
CA ASP A 1818 -8.29 36.23 51.68
C ASP A 1818 -8.33 37.68 51.26
N ARG A 1819 -8.07 38.58 52.20
CA ARG A 1819 -7.84 39.98 51.85
C ARG A 1819 -6.58 40.12 51.03
N VAL A 1820 -5.58 39.29 51.29
CA VAL A 1820 -4.42 39.24 50.40
C VAL A 1820 -4.82 38.61 49.07
N PHE A 1821 -5.77 37.68 49.12
CA PHE A 1821 -6.27 37.13 47.87
C PHE A 1821 -7.16 38.13 47.16
N HIS A 1822 -8.15 38.68 47.85
CA HIS A 1822 -9.18 39.51 47.22
C HIS A 1822 -8.66 40.87 46.78
N GLU A 1823 -7.44 41.22 47.19
CA GLU A 1823 -6.79 42.41 46.68
C GLU A 1823 -5.54 42.09 45.86
N SER A 1824 -4.98 40.88 45.99
CA SER A 1824 -3.82 40.52 45.18
C SER A 1824 -4.18 40.44 43.70
N ILE A 1825 -5.45 40.16 43.40
CA ILE A 1825 -5.92 40.29 42.03
C ILE A 1825 -6.84 41.49 41.89
N LEU A 1826 -7.35 42.02 43.00
CA LEU A 1826 -8.33 43.10 42.96
C LEU A 1826 -7.78 44.36 42.34
N LEU A 1827 -6.46 44.56 42.41
CA LEU A 1827 -5.83 45.58 41.59
C LEU A 1827 -5.16 44.97 40.38
N ALA A 1828 -5.14 43.63 40.31
CA ALA A 1828 -4.28 42.92 39.35
C ALA A 1828 -4.73 43.11 37.91
N ILE A 1829 -5.90 43.71 37.69
CA ILE A 1829 -6.33 44.06 36.34
C ILE A 1829 -5.45 45.14 35.75
N ALA A 1830 -4.71 45.86 36.59
CA ALA A 1830 -3.67 46.75 36.08
C ALA A 1830 -2.55 45.96 35.42
N LEU A 1831 -2.36 44.69 35.79
CA LEU A 1831 -1.37 43.85 35.13
C LEU A 1831 -1.74 43.64 33.67
N LEU A 1832 -3.03 43.64 33.38
CA LEU A 1832 -3.53 43.91 32.05
C LEU A 1832 -3.88 45.37 31.87
N GLU A 1833 -2.90 46.26 31.93
CA GLU A 1833 -3.21 47.68 31.86
C GLU A 1833 -3.58 48.01 30.41
N GLY A 1834 -4.82 47.73 30.05
CA GLY A 1834 -5.38 48.10 28.76
C GLY A 1834 -4.81 47.29 27.65
N GLY A 1835 -3.56 47.55 27.29
CA GLY A 1835 -2.82 46.66 26.44
C GLY A 1835 -2.27 45.53 27.28
N ASN A 1836 -1.36 45.88 28.20
CA ASN A 1836 -0.69 44.92 29.06
C ASN A 1836 0.09 43.92 28.23
N THR A 1837 0.53 44.36 27.05
CA THR A 1837 0.96 43.43 26.02
C THR A 1837 2.25 42.77 26.42
N THR A 1838 3.22 43.56 26.89
CA THR A 1838 4.40 42.98 27.49
C THR A 1838 4.04 42.26 28.77
N ILE A 1839 3.14 42.84 29.55
CA ILE A 1839 2.67 42.21 30.79
C ILE A 1839 1.97 40.90 30.47
N GLN A 1840 1.34 40.83 29.31
CA GLN A 1840 1.12 39.53 28.72
C GLN A 1840 2.43 38.91 28.27
N HIS A 1841 3.15 39.55 27.34
CA HIS A 1841 4.22 38.91 26.58
C HIS A 1841 5.37 38.45 27.45
N SER A 1842 5.62 39.15 28.55
CA SER A 1842 6.57 38.63 29.51
C SER A 1842 5.89 37.72 30.51
N PHE A 1843 4.62 38.01 30.85
CA PHE A 1843 3.91 37.18 31.82
C PHE A 1843 3.71 35.77 31.28
N PHE A 1844 3.52 35.63 29.97
CA PHE A 1844 3.47 34.31 29.38
C PHE A 1844 4.84 33.66 29.40
N CYS A 1845 5.88 34.45 29.14
CA CYS A 1845 7.24 33.96 29.30
C CYS A 1845 7.52 33.65 30.76
N ARG A 1846 7.01 34.49 31.67
CA ARG A 1846 7.09 34.23 33.10
C ARG A 1846 6.31 32.99 33.50
N LEU A 1847 5.32 32.58 32.71
CA LEU A 1847 4.60 31.35 32.97
C LEU A 1847 5.45 30.10 32.79
N THR A 1848 6.64 30.21 32.20
CA THR A 1848 7.48 29.04 32.03
C THR A 1848 8.47 28.87 33.17
N GLU A 1849 8.26 29.56 34.30
CA GLU A 1849 9.27 29.50 35.34
C GLU A 1849 9.19 28.27 36.23
N ASP A 1850 8.12 28.12 37.01
CA ASP A 1850 7.96 27.00 37.93
C ASP A 1850 6.54 26.48 37.85
N LYS A 1851 6.12 25.71 38.86
CA LYS A 1851 4.72 25.26 38.94
C LYS A 1851 3.93 26.18 39.91
N LYS A 1852 4.54 26.40 41.07
CA LYS A 1852 4.08 27.28 42.15
C LYS A 1852 2.78 28.09 42.05
N SER A 1853 2.95 29.29 41.52
CA SER A 1853 1.89 30.27 41.36
C SER A 1853 0.77 29.79 40.46
N GLU A 1854 1.11 29.06 39.40
CA GLU A 1854 0.10 28.53 38.48
C GLU A 1854 -0.80 27.56 39.23
N LYS A 1855 -0.17 26.72 40.05
CA LYS A 1855 -0.92 25.78 40.86
C LYS A 1855 -1.83 26.56 41.82
N PHE A 1856 -1.32 27.64 42.42
CA PHE A 1856 -2.11 28.46 43.33
C PHE A 1856 -3.34 29.08 42.63
N PHE A 1857 -3.14 29.52 41.40
CA PHE A 1857 -4.22 30.09 40.61
C PHE A 1857 -5.27 29.03 40.37
N LYS A 1858 -4.81 27.81 40.07
CA LYS A 1858 -5.71 26.70 39.86
C LYS A 1858 -6.50 26.43 41.13
N VAL A 1859 -5.84 26.49 42.29
CA VAL A 1859 -6.53 26.28 43.54
C VAL A 1859 -7.61 27.34 43.74
N PHE A 1860 -7.28 28.58 43.43
CA PHE A 1860 -8.26 29.64 43.59
C PHE A 1860 -9.46 29.38 42.68
N TYR A 1861 -9.20 28.95 41.46
CA TYR A 1861 -10.24 28.64 40.49
C TYR A 1861 -11.10 27.50 40.96
N ASP A 1862 -10.39 26.48 41.44
CA ASP A 1862 -11.02 25.29 41.96
C ASP A 1862 -11.83 25.84 43.12
N ARG A 1863 -11.26 26.80 43.86
CA ARG A 1863 -11.95 27.41 45.00
C ARG A 1863 -13.21 28.08 44.47
N MET A 1864 -13.11 28.78 43.36
CA MET A 1864 -14.28 29.34 42.77
C MET A 1864 -15.26 28.24 42.38
N LYS A 1865 -14.82 27.10 41.86
CA LYS A 1865 -15.78 26.07 41.49
C LYS A 1865 -16.56 25.58 42.70
N VAL A 1866 -15.84 25.38 43.80
CA VAL A 1866 -16.46 24.91 45.02
C VAL A 1866 -17.46 25.94 45.53
N ALA A 1867 -17.05 27.20 45.46
CA ALA A 1867 -17.88 28.29 45.90
C ALA A 1867 -19.16 28.35 45.07
N GLN A 1868 -19.03 28.14 43.76
CA GLN A 1868 -20.17 28.16 42.88
C GLN A 1868 -21.11 27.05 43.23
N GLN A 1869 -20.58 25.87 43.54
CA GLN A 1869 -21.48 24.77 43.91
C GLN A 1869 -22.24 25.15 45.18
N GLU A 1870 -21.53 25.72 46.15
CA GLU A 1870 -22.14 26.13 47.40
C GLU A 1870 -23.21 27.19 47.17
N ILE A 1871 -22.91 28.12 46.28
CA ILE A 1871 -23.82 29.20 45.95
C ILE A 1871 -25.07 28.63 45.34
N LYS A 1872 -24.90 27.64 44.46
CA LYS A 1872 -26.02 26.99 43.80
C LYS A 1872 -26.89 26.36 44.86
N ALA A 1873 -26.27 25.68 45.80
CA ALA A 1873 -27.05 25.16 46.89
C ALA A 1873 -27.63 26.40 47.61
N THR A 1874 -26.84 27.45 47.78
CA THR A 1874 -27.29 28.61 48.52
C THR A 1874 -28.43 29.39 47.89
N VAL A 1875 -28.44 29.54 46.56
CA VAL A 1875 -29.53 30.28 45.90
C VAL A 1875 -30.77 29.49 46.22
N THR A 1876 -30.51 28.20 46.21
CA THR A 1876 -31.39 27.08 46.52
C THR A 1876 -32.55 26.93 45.55
N VAL A 1877 -33.52 27.86 45.57
CA VAL A 1877 -34.77 27.63 44.88
C VAL A 1877 -35.57 28.92 44.79
N ASN A 1878 -36.51 28.94 43.85
CA ASN A 1878 -37.54 29.96 43.77
C ASN A 1878 -38.85 29.27 43.39
N THR A 1879 -39.91 30.07 43.26
CA THR A 1879 -41.19 29.55 42.78
C THR A 1879 -42.38 30.10 43.55
N ASP A 1955 -35.54 37.12 47.86
CA ASP A 1955 -34.62 38.24 47.69
C ASP A 1955 -33.17 37.81 47.97
N ASP A 1956 -32.24 38.74 47.85
CA ASP A 1956 -30.85 38.45 48.09
C ASP A 1956 -30.09 39.59 48.78
N LEU A 1957 -29.02 39.23 49.46
CA LEU A 1957 -28.16 40.20 50.14
C LEU A 1957 -26.90 40.40 49.32
N GLU A 1958 -26.96 40.04 48.04
CA GLU A 1958 -25.83 40.09 47.14
C GLU A 1958 -25.09 38.75 47.20
N MET A 1959 -25.66 37.76 47.88
CA MET A 1959 -25.04 36.45 48.03
C MET A 1959 -23.68 36.64 48.68
N SER A 1960 -23.66 37.42 49.77
CA SER A 1960 -22.41 37.73 50.44
C SER A 1960 -21.66 38.46 49.37
N ALA A 1961 -20.48 37.97 49.08
CA ALA A 1961 -19.64 38.52 48.05
C ALA A 1961 -18.80 37.33 47.69
N VAL A 1962 -18.61 36.45 48.67
CA VAL A 1962 -17.79 35.30 48.31
C VAL A 1962 -18.13 35.14 46.84
N ILE A 1963 -19.42 35.06 46.58
CA ILE A 1963 -19.94 34.93 45.24
C ILE A 1963 -19.64 36.19 44.48
N THR A 1964 -19.83 37.32 45.14
CA THR A 1964 -19.61 38.60 44.48
C THR A 1964 -18.16 38.78 44.10
N ILE A 1965 -17.29 38.35 44.99
CA ILE A 1965 -15.85 38.44 44.81
C ILE A 1965 -15.48 37.57 43.64
N MET A 1966 -16.06 36.38 43.60
CA MET A 1966 -15.81 35.47 42.52
C MET A 1966 -16.24 36.09 41.20
N GLN A 1967 -17.39 36.75 41.14
CA GLN A 1967 -17.79 37.33 39.86
C GLN A 1967 -16.79 38.37 39.41
N PRO A 1968 -16.37 39.24 40.33
CA PRO A 1968 -15.40 40.25 39.88
C PRO A 1968 -14.09 39.60 39.44
N ILE A 1969 -13.66 38.60 40.20
CA ILE A 1969 -12.43 37.89 39.94
C ILE A 1969 -12.49 37.17 38.63
N LEU A 1970 -13.63 36.60 38.32
CA LEU A 1970 -13.87 35.87 37.10
C LEU A 1970 -13.76 36.84 35.95
N ARG A 1971 -14.32 38.03 36.11
CA ARG A 1971 -14.22 39.01 35.05
C ARG A 1971 -12.76 39.35 34.84
N PHE A 1972 -12.03 39.54 35.93
CA PHE A 1972 -10.63 39.84 35.79
C PHE A 1972 -9.90 38.67 35.14
N LEU A 1973 -10.23 37.45 35.52
CA LEU A 1973 -9.58 36.27 35.00
C LEU A 1973 -9.84 36.18 33.53
N GLN A 1974 -11.07 36.46 33.12
CA GLN A 1974 -11.42 36.41 31.73
C GLN A 1974 -10.65 37.46 30.98
N LEU A 1975 -10.53 38.65 31.55
CA LEU A 1975 -9.81 39.71 30.91
C LEU A 1975 -8.37 39.28 30.74
N LEU A 1976 -7.77 38.71 31.77
CA LEU A 1976 -6.40 38.29 31.66
C LEU A 1976 -6.23 37.23 30.60
N CYS A 1977 -7.13 36.28 30.57
CA CYS A 1977 -7.02 35.21 29.60
C CYS A 1977 -7.09 35.72 28.17
N GLU A 1978 -7.98 36.67 27.94
CA GLU A 1978 -8.23 37.17 26.60
C GLU A 1978 -7.00 37.75 25.94
N ASN A 1979 -6.02 38.13 26.73
CA ASN A 1979 -4.87 38.76 26.11
C ASN A 1979 -4.34 37.88 24.99
N HIS A 1980 -4.21 38.49 23.83
CA HIS A 1980 -3.71 37.81 22.69
C HIS A 1980 -3.81 36.33 22.91
N ASN A 1981 -4.39 35.73 21.87
CA ASN A 1981 -4.64 34.30 21.73
C ASN A 1981 -3.41 33.62 21.12
N ARG A 1982 -3.57 32.51 20.38
CA ARG A 1982 -2.39 31.86 19.79
C ARG A 1982 -1.56 31.45 20.98
N ASP A 1983 -0.37 32.02 21.10
CA ASP A 1983 0.40 31.70 22.26
C ASP A 1983 -0.22 32.08 23.61
N LEU A 1984 -0.72 33.32 23.86
CA LEU A 1984 -1.22 33.56 25.18
C LEU A 1984 -2.48 32.77 25.33
N GLN A 1985 -3.30 32.81 24.27
CA GLN A 1985 -4.58 32.15 24.48
C GLN A 1985 -4.46 30.66 24.73
N ASN A 1986 -3.64 30.09 23.87
CA ASN A 1986 -3.45 28.68 23.82
C ASN A 1986 -2.77 28.19 25.02
N PHE A 1987 -1.79 28.98 25.44
CA PHE A 1987 -0.97 28.59 26.53
C PHE A 1987 -1.82 28.47 27.73
N LEU A 1988 -2.66 29.47 28.00
CA LEU A 1988 -3.47 29.33 29.21
C LEU A 1988 -4.42 28.17 29.11
N ARG A 1989 -5.05 28.14 27.93
CA ARG A 1989 -6.11 27.20 27.65
C ARG A 1989 -5.69 25.77 27.85
N CYS A 1990 -4.48 25.41 27.45
CA CYS A 1990 -4.15 24.02 27.68
C CYS A 1990 -3.29 23.87 28.90
N GLN A 1991 -2.23 24.65 28.91
CA GLN A 1991 -1.17 24.56 29.93
C GLN A 1991 -0.22 23.32 29.75
N ASN A 1992 0.24 23.08 30.99
CA ASN A 1992 1.05 22.00 31.55
C ASN A 1992 0.41 21.67 32.96
N ASN A 1993 0.75 20.54 33.58
CA ASN A 1993 0.21 20.17 34.90
C ASN A 1993 -1.32 20.01 34.99
N LYS A 1994 -1.86 19.43 33.92
CA LYS A 1994 -3.30 19.25 33.78
C LYS A 1994 -3.98 20.61 33.81
N THR A 1995 -3.39 21.57 33.08
CA THR A 1995 -3.86 22.96 33.06
C THR A 1995 -3.80 23.53 34.47
N ASN A 1996 -2.71 23.22 35.20
CA ASN A 1996 -2.52 23.63 36.59
C ASN A 1996 -3.71 23.22 37.47
N TYR A 1997 -4.25 22.02 37.30
CA TYR A 1997 -5.48 21.70 38.05
C TYR A 1997 -6.57 22.74 37.66
N ASN A 1998 -6.54 23.07 36.37
CA ASN A 1998 -7.33 24.03 35.61
C ASN A 1998 -7.20 23.83 34.11
N LEU A 1999 -8.36 23.60 33.48
CA LEU A 1999 -8.61 23.76 32.06
C LEU A 1999 -9.98 24.42 31.97
N VAL A 2000 -9.89 25.67 32.41
CA VAL A 2000 -10.98 26.51 32.76
C VAL A 2000 -12.11 26.67 31.84
N CYS A 2001 -11.95 26.51 30.53
CA CYS A 2001 -13.09 26.73 29.62
C CYS A 2001 -14.27 25.80 29.94
N GLU A 2002 -13.97 24.55 30.26
CA GLU A 2002 -15.01 23.65 30.68
C GLU A 2002 -15.63 24.19 31.97
N THR A 2003 -14.79 24.67 32.90
CA THR A 2003 -15.24 25.23 34.15
C THR A 2003 -16.15 26.42 33.94
N LEU A 2004 -15.81 27.27 33.00
CA LEU A 2004 -16.61 28.42 32.72
C LEU A 2004 -17.96 27.95 32.24
N GLN A 2005 -17.98 26.97 31.35
CA GLN A 2005 -19.25 26.47 30.87
C GLN A 2005 -20.08 25.92 32.02
N PHE A 2006 -19.45 25.16 32.89
CA PHE A 2006 -20.18 24.60 34.01
C PHE A 2006 -20.74 25.70 34.91
N LEU A 2007 -19.95 26.74 35.16
CA LEU A 2007 -20.33 27.84 36.03
C LEU A 2007 -21.52 28.57 35.45
N ASP A 2008 -21.47 28.76 34.15
CA ASP A 2008 -22.55 29.42 33.44
C ASP A 2008 -23.81 28.59 33.56
N CYS A 2009 -23.67 27.27 33.42
CA CYS A 2009 -24.83 26.39 33.53
C CYS A 2009 -25.42 26.47 34.92
N ILE A 2010 -24.54 26.52 35.92
CA ILE A 2010 -24.99 26.62 37.29
C ILE A 2010 -25.75 27.90 37.46
N CYS A 2011 -25.21 28.99 36.94
CA CYS A 2011 -25.85 30.27 37.04
C CYS A 2011 -27.23 30.26 36.37
N GLY A 2012 -27.29 29.58 35.25
CA GLY A 2012 -28.57 29.48 34.60
C GLY A 2012 -29.24 28.19 35.00
N SER A 2013 -28.36 27.32 35.47
CA SER A 2013 -28.74 26.10 36.08
C SER A 2013 -29.87 25.67 35.24
N THR A 2014 -29.69 25.66 33.92
CA THR A 2014 -30.80 25.22 33.14
C THR A 2014 -30.94 23.78 33.48
N THR A 2015 -29.82 23.04 33.38
CA THR A 2015 -29.78 21.60 33.60
C THR A 2015 -30.86 21.07 32.70
N GLY A 2016 -30.77 21.34 31.41
CA GLY A 2016 -31.91 21.09 30.57
C GLY A 2016 -32.57 22.48 30.44
N GLY A 2017 -33.89 22.55 30.32
CA GLY A 2017 -34.52 23.85 30.14
C GLY A 2017 -34.25 24.78 31.31
N LEU A 2018 -33.83 25.99 31.00
CA LEU A 2018 -33.53 26.93 32.05
C LEU A 2018 -34.78 27.22 32.80
N GLY A 2019 -34.68 27.21 34.12
CA GLY A 2019 -35.84 27.50 34.90
C GLY A 2019 -36.13 28.94 34.59
N LEU A 2020 -37.38 29.25 34.27
CA LEU A 2020 -37.73 30.63 33.95
C LEU A 2020 -37.48 31.43 35.22
N LEU A 2021 -36.87 32.59 35.07
CA LEU A 2021 -36.52 33.43 36.21
C LEU A 2021 -35.06 33.26 36.65
N GLY A 2022 -34.56 32.03 36.75
CA GLY A 2022 -33.14 32.01 37.09
C GLY A 2022 -32.49 33.34 36.77
N LEU A 2023 -32.85 33.94 35.64
CA LEU A 2023 -32.31 35.25 35.24
C LEU A 2023 -32.75 36.33 36.23
N TYR A 2024 -34.00 36.21 36.66
CA TYR A 2024 -34.51 37.15 37.65
C TYR A 2024 -33.67 37.04 38.93
N ILE A 2025 -33.36 35.80 39.34
CA ILE A 2025 -32.54 35.50 40.50
C ILE A 2025 -31.12 36.05 40.33
N ASN A 2026 -30.60 35.98 39.11
CA ASN A 2026 -29.29 36.52 38.82
C ASN A 2026 -29.27 38.00 39.15
N GLU A 2027 -30.31 38.76 38.78
CA GLU A 2027 -30.40 40.17 39.18
C GLU A 2027 -29.19 40.91 38.66
N LYS A 2028 -28.46 41.74 39.42
CA LYS A 2028 -27.38 42.15 38.53
C LYS A 2028 -26.41 41.03 38.25
N ASN A 2029 -26.52 39.91 38.96
CA ASN A 2029 -25.41 38.96 39.04
C ASN A 2029 -25.19 38.24 37.72
N VAL A 2030 -26.21 38.22 36.87
CA VAL A 2030 -26.07 37.53 35.59
C VAL A 2030 -25.12 38.28 34.67
N ALA A 2031 -24.98 39.58 34.91
CA ALA A 2031 -24.13 40.39 34.05
C ALA A 2031 -22.68 39.99 34.20
N LEU A 2032 -22.29 39.58 35.39
CA LEU A 2032 -20.96 39.02 35.54
C LEU A 2032 -20.88 37.70 34.81
N ILE A 2033 -21.96 36.92 34.85
CA ILE A 2033 -21.98 35.72 34.04
C ILE A 2033 -22.12 36.10 32.59
N ASN A 2034 -22.77 37.24 32.34
CA ASN A 2034 -22.74 37.79 31.01
C ASN A 2034 -21.33 38.18 30.66
N GLN A 2035 -20.63 38.79 31.60
CA GLN A 2035 -19.21 39.03 31.39
C GLN A 2035 -18.45 37.73 31.43
N THR A 2036 -18.99 36.73 32.13
CA THR A 2036 -18.41 35.42 32.03
C THR A 2036 -18.73 34.84 30.67
N LEU A 2037 -19.93 35.06 30.20
CA LEU A 2037 -20.21 34.75 28.81
C LEU A 2037 -19.35 35.63 27.94
N GLU A 2038 -19.14 36.86 28.37
CA GLU A 2038 -18.14 37.68 27.71
C GLU A 2038 -16.77 37.09 27.89
N SER A 2039 -16.49 36.48 29.04
CA SER A 2039 -15.22 35.81 29.18
C SER A 2039 -15.25 34.49 28.43
N LEU A 2040 -16.44 33.96 28.23
CA LEU A 2040 -16.54 32.88 27.27
C LEU A 2040 -16.12 33.37 25.90
N THR A 2041 -16.58 34.53 25.50
CA THR A 2041 -16.06 35.13 24.29
C THR A 2041 -14.67 35.66 24.53
N GLU A 2042 -14.37 35.97 25.79
CA GLU A 2042 -13.00 36.25 26.16
C GLU A 2042 -12.14 35.05 25.94
N TYR A 2043 -12.65 33.85 26.16
CA TYR A 2043 -11.92 32.69 25.69
C TYR A 2043 -12.51 32.27 24.36
N CYS A 2044 -12.81 33.25 23.51
CA CYS A 2044 -13.54 32.93 22.31
C CYS A 2044 -12.84 33.38 21.03
N GLN A 2045 -12.26 34.56 21.03
CA GLN A 2045 -11.95 35.23 19.77
C GLN A 2045 -10.75 34.61 19.06
N GLY A 2046 -10.98 34.19 17.80
CA GLY A 2046 -9.93 33.93 16.85
C GLY A 2046 -9.27 32.58 16.99
N PRO A 2047 -8.43 32.48 18.03
CA PRO A 2047 -7.62 31.26 18.07
C PRO A 2047 -8.52 30.11 17.85
N CYS A 2048 -8.58 29.74 16.59
CA CYS A 2048 -9.45 28.67 16.25
C CYS A 2048 -9.06 27.36 16.85
N HIS A 2049 -7.83 26.89 16.73
CA HIS A 2049 -7.58 25.56 17.25
C HIS A 2049 -7.74 25.35 18.74
N GLU A 2050 -7.09 26.15 19.55
CA GLU A 2050 -7.21 25.95 20.99
C GLU A 2050 -8.60 26.31 21.42
N ASN A 2051 -9.06 27.42 20.84
CA ASN A 2051 -10.32 27.94 21.27
C ASN A 2051 -11.40 26.97 20.97
N GLN A 2052 -11.35 26.43 19.75
CA GLN A 2052 -12.33 25.55 19.16
C GLN A 2052 -12.13 24.16 19.57
N ASN A 2053 -10.98 23.86 20.13
CA ASN A 2053 -10.77 22.53 20.67
C ASN A 2053 -11.70 22.57 21.86
N CYS A 2054 -11.56 23.63 22.67
CA CYS A 2054 -12.47 23.80 23.77
C CYS A 2054 -13.88 24.00 23.22
N ILE A 2055 -14.05 24.73 22.13
CA ILE A 2055 -15.35 25.03 21.63
C ILE A 2055 -16.05 23.78 21.20
N ALA A 2056 -15.33 22.90 20.52
CA ALA A 2056 -15.87 21.67 20.00
C ALA A 2056 -16.27 20.79 21.13
N THR A 2057 -15.39 20.76 22.13
CA THR A 2057 -15.65 19.96 23.29
C THR A 2057 -16.91 20.48 23.92
N HIS A 2058 -17.04 21.78 24.09
CA HIS A 2058 -18.22 22.40 24.68
C HIS A 2058 -19.48 22.21 23.85
N GLU A 2059 -19.33 22.26 22.54
CA GLU A 2059 -20.48 22.12 21.70
C GLU A 2059 -21.05 20.76 21.91
N SER A 2060 -20.21 19.72 21.91
CA SER A 2060 -20.82 18.42 22.16
C SER A 2060 -21.29 18.40 23.62
N ASN A 2061 -20.34 18.83 24.43
CA ASN A 2061 -20.36 18.92 25.88
C ASN A 2061 -21.22 19.87 26.65
N GLY A 2062 -21.35 21.14 26.23
CA GLY A 2062 -22.21 21.77 27.22
C GLY A 2062 -23.19 22.60 26.42
N ILE A 2063 -22.62 23.34 25.47
CA ILE A 2063 -23.37 24.11 24.48
C ILE A 2063 -24.68 24.69 24.94
N ASP A 2064 -25.23 24.02 25.93
CA ASP A 2064 -26.55 24.34 26.43
C ASP A 2064 -26.82 25.74 26.92
N ILE A 2065 -25.89 26.42 27.57
CA ILE A 2065 -26.23 27.78 28.02
C ILE A 2065 -26.52 28.65 26.82
N ILE A 2066 -25.66 28.55 25.81
CA ILE A 2066 -25.87 29.31 24.61
C ILE A 2066 -27.15 28.87 23.94
N THR A 2067 -27.38 27.57 23.89
CA THR A 2067 -28.57 27.09 23.24
C THR A 2067 -29.81 27.61 23.93
N ALA A 2068 -29.81 27.61 25.25
CA ALA A 2068 -30.93 28.06 26.04
C ALA A 2068 -31.17 29.52 25.80
N LEU A 2069 -30.10 30.29 25.74
CA LEU A 2069 -30.26 31.71 25.51
C LEU A 2069 -30.92 31.92 24.15
N ILE A 2070 -30.46 31.21 23.13
CA ILE A 2070 -31.05 31.38 21.82
C ILE A 2070 -32.52 30.98 21.84
N LEU A 2071 -32.81 29.88 22.50
CA LEU A 2071 -34.14 29.38 22.58
C LEU A 2071 -35.12 30.29 23.30
N ASN A 2072 -34.68 30.96 24.36
CA ASN A 2072 -35.64 31.75 25.12
C ASN A 2072 -35.35 33.14 25.68
N ASP A 2073 -36.42 33.85 26.02
CA ASP A 2073 -36.31 35.19 26.57
C ASP A 2073 -36.50 35.09 28.08
N ILE A 2074 -36.56 36.26 28.75
CA ILE A 2074 -36.54 36.32 30.21
C ILE A 2074 -37.95 36.63 30.72
N ASN A 2075 -38.34 35.97 31.82
CA ASN A 2075 -39.67 36.06 32.38
C ASN A 2075 -39.93 37.46 32.93
N PRO A 2076 -39.07 37.96 33.78
CA PRO A 2076 -39.22 39.36 34.22
C PRO A 2076 -38.84 40.32 33.11
N LEU A 2077 -39.70 41.31 32.85
CA LEU A 2077 -39.34 42.34 31.90
C LEU A 2077 -38.29 43.22 32.54
N GLY A 2078 -37.02 42.93 32.29
CA GLY A 2078 -35.92 43.57 32.99
C GLY A 2078 -35.69 44.99 32.51
N LYS A 2079 -35.21 45.82 33.44
CA LYS A 2079 -35.04 47.24 33.19
C LYS A 2079 -33.96 47.50 32.15
N LYS A 2080 -32.72 47.47 32.59
CA LYS A 2080 -31.62 47.50 31.64
C LYS A 2080 -31.49 46.05 31.07
N ARG A 2081 -32.26 45.12 31.64
CA ARG A 2081 -32.24 43.72 31.34
C ARG A 2081 -32.54 43.42 29.91
N MET A 2082 -33.41 44.17 29.26
CA MET A 2082 -33.66 43.86 27.86
C MET A 2082 -32.35 44.05 27.09
N ASP A 2083 -31.67 45.16 27.34
CA ASP A 2083 -30.41 45.39 26.70
C ASP A 2083 -29.41 44.33 27.11
N LEU A 2084 -29.38 43.98 28.38
CA LEU A 2084 -28.41 43.00 28.84
C LEU A 2084 -28.61 41.67 28.16
N VAL A 2085 -29.87 41.27 28.04
CA VAL A 2085 -30.24 39.99 27.45
C VAL A 2085 -29.84 39.99 26.01
N LEU A 2086 -30.10 41.10 25.35
CA LEU A 2086 -29.75 41.21 23.96
C LEU A 2086 -28.26 41.11 23.80
N GLU A 2087 -27.52 41.76 24.69
CA GLU A 2087 -26.07 41.74 24.64
C GLU A 2087 -25.60 40.33 24.86
N LEU A 2088 -26.21 39.62 25.80
CA LEU A 2088 -25.83 38.28 26.06
C LEU A 2088 -26.07 37.46 24.81
N LYS A 2089 -27.20 37.62 24.16
CA LYS A 2089 -27.46 36.84 22.97
C LYS A 2089 -26.44 37.15 21.90
N ASN A 2090 -26.14 38.41 21.72
CA ASN A 2090 -25.20 38.79 20.69
C ASN A 2090 -23.85 38.21 20.99
N ASN A 2091 -23.45 38.32 22.23
CA ASN A 2091 -22.17 37.81 22.63
C ASN A 2091 -22.10 36.31 22.44
N ALA A 2092 -23.11 35.65 22.99
CA ALA A 2092 -23.10 34.20 22.93
C ALA A 2092 -23.08 33.87 21.48
N SER A 2093 -23.89 34.59 20.72
CA SER A 2093 -23.99 34.38 19.31
C SER A 2093 -22.65 34.62 18.69
N LYS A 2094 -21.96 35.69 19.07
CA LYS A 2094 -20.68 35.94 18.47
C LYS A 2094 -19.72 34.83 18.75
N LEU A 2095 -19.69 34.34 19.97
CA LEU A 2095 -18.74 33.31 20.29
C LEU A 2095 -18.99 32.06 19.50
N LEU A 2096 -20.26 31.71 19.46
CA LEU A 2096 -20.63 30.52 18.77
C LEU A 2096 -20.30 30.65 17.33
N LEU A 2097 -20.64 31.79 16.75
CA LEU A 2097 -20.42 32.04 15.37
C LEU A 2097 -18.98 31.98 15.03
N ALA A 2098 -18.14 32.56 15.86
CA ALA A 2098 -16.74 32.58 15.55
C ALA A 2098 -16.22 31.18 15.52
N ILE A 2099 -16.59 30.42 16.55
CA ILE A 2099 -16.12 29.07 16.63
C ILE A 2099 -16.59 28.27 15.43
N MET A 2100 -17.86 28.41 15.10
CA MET A 2100 -18.41 27.63 14.01
C MET A 2100 -17.72 27.93 12.70
N GLU A 2101 -17.51 29.21 12.45
CA GLU A 2101 -16.94 29.61 11.18
C GLU A 2101 -15.57 29.03 11.05
N SER A 2102 -14.77 29.18 12.11
CA SER A 2102 -13.41 28.70 12.03
C SER A 2102 -13.38 27.20 11.79
N ARG A 2103 -14.22 26.49 12.52
CA ARG A 2103 -14.24 25.07 12.35
C ARG A 2103 -14.70 24.49 11.02
N HIS A 2104 -15.75 25.03 10.40
CA HIS A 2104 -16.27 24.28 9.24
C HIS A 2104 -16.95 23.12 10.02
N ASP A 2105 -16.12 22.41 10.80
CA ASP A 2105 -16.46 21.45 11.84
C ASP A 2105 -17.95 21.12 11.77
N SER A 2106 -18.33 20.38 10.72
CA SER A 2106 -19.72 20.23 10.31
C SER A 2106 -20.62 19.60 11.35
N GLU A 2107 -20.34 18.37 11.75
CA GLU A 2107 -21.10 17.73 12.81
C GLU A 2107 -20.86 18.37 14.15
N ASN A 2108 -19.72 19.04 14.34
CA ASN A 2108 -19.55 19.89 15.50
C ASN A 2108 -20.61 20.97 15.48
N ALA A 2109 -20.75 21.62 14.35
CA ALA A 2109 -21.89 22.51 14.17
C ALA A 2109 -23.17 21.73 14.04
N GLU A 2110 -23.10 20.49 13.56
CA GLU A 2110 -24.26 19.63 13.56
C GLU A 2110 -24.70 19.34 14.98
N ARG A 2111 -23.74 19.26 15.91
CA ARG A 2111 -24.09 19.07 17.30
C ARG A 2111 -24.67 20.31 17.95
N ILE A 2112 -24.12 21.49 17.65
CA ILE A 2112 -24.77 22.73 18.03
C ILE A 2112 -26.05 22.90 17.24
N LEU A 2113 -26.06 22.41 16.01
CA LEU A 2113 -27.30 22.31 15.27
C LEU A 2113 -28.19 21.23 15.83
N TYR A 2114 -27.62 20.20 16.46
CA TYR A 2114 -28.43 19.29 17.24
C TYR A 2114 -28.90 19.97 18.52
N ASN A 2115 -28.22 21.05 18.93
CA ASN A 2115 -28.73 21.88 20.01
C ASN A 2115 -29.98 22.63 19.57
N MET A 2116 -29.93 23.27 18.41
CA MET A 2116 -31.12 23.93 17.90
C MET A 2116 -31.78 23.09 16.82
N ARG A 2117 -32.58 22.11 17.26
CA ARG A 2117 -33.30 21.22 16.35
C ARG A 2117 -34.56 21.90 15.83
N PRO A 2118 -35.04 22.94 16.56
CA PRO A 2118 -36.19 23.84 16.29
C PRO A 2118 -35.96 24.60 14.97
N LYS A 2119 -34.67 24.74 14.68
CA LYS A 2119 -34.17 25.22 13.42
C LYS A 2119 -34.69 26.49 12.81
N GLU A 2120 -35.02 26.32 11.55
CA GLU A 2120 -35.48 27.40 10.73
C GLU A 2120 -36.75 27.98 11.30
N LEU A 2121 -37.68 27.15 11.74
CA LEU A 2121 -38.92 27.70 12.25
C LEU A 2121 -38.66 28.60 13.44
N VAL A 2122 -37.82 28.11 14.36
CA VAL A 2122 -37.54 28.92 15.53
C VAL A 2122 -36.87 30.22 15.13
N GLU A 2123 -35.90 30.11 14.23
CA GLU A 2123 -35.17 31.28 13.83
C GLU A 2123 -36.08 32.28 13.15
N VAL A 2124 -36.96 31.80 12.30
CA VAL A 2124 -37.83 32.68 11.56
C VAL A 2124 -38.72 33.44 12.51
N ILE A 2125 -39.28 32.72 13.48
CA ILE A 2125 -40.18 33.38 14.39
C ILE A 2125 -39.44 34.46 15.16
N LYS A 2126 -38.24 34.12 15.63
CA LYS A 2126 -37.48 35.08 16.40
C LYS A 2126 -37.16 36.30 15.57
N LYS A 2127 -36.75 36.09 14.33
CA LYS A 2127 -36.38 37.21 13.51
C LYS A 2127 -37.56 38.12 13.28
N ALA A 2128 -38.71 37.53 13.00
CA ALA A 2128 -39.86 38.36 12.75
C ALA A 2128 -40.23 39.19 13.96
N TYR A 2129 -40.20 38.55 15.12
CA TYR A 2129 -40.57 39.27 16.33
C TYR A 2129 -39.62 40.42 16.68
N MET A 2130 -38.32 40.19 16.51
CA MET A 2130 -37.32 41.16 16.90
C MET A 2130 -37.36 42.35 15.96
N GLN A 2131 -37.50 42.07 14.67
CA GLN A 2131 -37.55 43.13 13.72
C GLN A 2131 -38.78 44.00 13.97
N GLY A 2132 -39.92 43.38 14.23
CA GLY A 2132 -41.13 44.12 14.44
C GLY A 2132 -41.00 44.99 15.66
N GLU A 2133 -40.43 44.45 16.73
CA GLU A 2133 -40.30 45.24 17.94
C GLU A 2133 -39.40 46.43 17.69
N VAL A 2134 -38.29 46.19 17.00
CA VAL A 2134 -37.35 47.26 16.74
C VAL A 2134 -38.00 48.35 15.90
N GLU A 2135 -38.76 47.98 14.88
CA GLU A 2135 -39.38 49.00 14.05
C GLU A 2135 -40.36 49.80 14.88
N PHE A 2136 -41.15 49.08 15.66
CA PHE A 2136 -42.18 49.69 16.49
C PHE A 2136 -41.61 50.71 17.44
N GLU A 2137 -40.45 50.42 18.04
CA GLU A 2137 -39.91 51.42 18.94
C GLU A 2137 -38.50 51.68 18.52
N ASP A 2138 -38.35 52.25 17.32
CA ASP A 2138 -37.00 52.56 16.83
C ASP A 2138 -36.35 53.51 17.83
N GLY A 2139 -35.11 53.26 18.20
CA GLY A 2139 -34.49 54.13 19.19
C GLY A 2139 -33.53 55.16 18.64
N GLU A 2140 -33.79 56.43 18.95
CA GLU A 2140 -32.91 57.52 18.50
C GLU A 2140 -31.77 57.80 19.47
N ASN A 2141 -30.93 56.79 19.67
CA ASN A 2141 -29.78 56.87 20.54
C ASN A 2141 -28.66 56.33 19.67
N GLY A 2142 -28.10 57.18 18.85
CA GLY A 2142 -27.08 56.75 17.92
C GLY A 2142 -25.79 56.13 18.43
N GLU A 2143 -25.42 55.05 17.74
CA GLU A 2143 -24.19 54.29 17.94
C GLU A 2143 -23.83 54.10 19.41
N ASP A 2144 -24.80 54.09 20.31
CA ASP A 2144 -24.58 53.68 21.69
C ASP A 2144 -24.93 52.22 21.92
N GLY A 2145 -24.83 51.39 20.90
CA GLY A 2145 -25.22 50.00 20.99
C GLY A 2145 -26.36 49.66 20.07
N ALA A 2146 -26.12 48.79 19.08
CA ALA A 2146 -27.12 48.45 18.06
C ALA A 2146 -28.02 47.34 18.57
N ALA A 2147 -28.62 47.57 19.73
CA ALA A 2147 -29.46 46.58 20.35
C ALA A 2147 -30.88 46.72 19.87
N SER A 2148 -31.00 46.93 18.59
CA SER A 2148 -32.32 46.95 18.05
C SER A 2148 -32.74 45.48 18.12
N PRO A 2149 -34.06 45.24 18.17
CA PRO A 2149 -34.54 43.86 18.17
C PRO A 2149 -34.10 43.23 16.85
N ARG A 2150 -34.28 43.98 15.76
CA ARG A 2150 -33.78 43.60 14.47
C ARG A 2150 -32.24 43.47 14.55
N ASN A 2151 -31.50 44.31 15.27
CA ASN A 2151 -30.05 44.16 15.29
C ASN A 2151 -29.65 42.79 15.85
N VAL A 2152 -30.31 42.42 16.94
CA VAL A 2152 -30.04 41.13 17.56
C VAL A 2152 -30.42 40.01 16.60
N GLY A 2153 -31.56 40.20 15.95
CA GLY A 2153 -32.04 39.22 14.99
C GLY A 2153 -31.07 39.06 13.85
N HIS A 2154 -30.48 40.15 13.39
CA HIS A 2154 -29.53 40.19 12.30
C HIS A 2154 -28.31 39.41 12.68
N ASN A 2155 -27.88 39.57 13.93
CA ASN A 2155 -26.75 38.78 14.37
C ASN A 2155 -27.14 37.30 14.31
N ILE A 2156 -28.34 36.98 14.79
CA ILE A 2156 -28.80 35.61 14.74
C ILE A 2156 -28.85 35.10 13.31
N TYR A 2157 -29.32 35.90 12.38
CA TYR A 2157 -29.43 35.50 10.99
C TYR A 2157 -28.07 35.19 10.42
N ILE A 2158 -27.10 36.01 10.74
CA ILE A 2158 -25.75 35.77 10.26
C ILE A 2158 -25.25 34.46 10.77
N LEU A 2159 -25.48 34.19 12.05
CA LEU A 2159 -25.04 32.93 12.59
C LEU A 2159 -25.72 31.77 11.89
N ALA A 2160 -27.02 31.89 11.64
CA ALA A 2160 -27.74 30.82 11.00
C ALA A 2160 -27.19 30.54 9.61
N HIS A 2161 -26.88 31.59 8.86
CA HIS A 2161 -26.34 31.39 7.53
C HIS A 2161 -25.00 30.67 7.64
N GLN A 2162 -24.19 31.13 8.59
CA GLN A 2162 -22.92 30.49 8.84
C GLN A 2162 -23.25 29.08 9.24
N LEU A 2163 -24.28 28.90 10.07
CA LEU A 2163 -24.60 27.52 10.41
C LEU A 2163 -25.05 26.76 9.18
N ALA A 2164 -25.67 27.45 8.23
CA ALA A 2164 -26.27 26.77 7.07
C ALA A 2164 -25.19 26.15 6.21
N ARG A 2165 -23.99 26.73 6.22
CA ARG A 2165 -22.87 26.13 5.49
C ARG A 2165 -22.51 24.78 6.06
N HIS A 2166 -22.79 24.57 7.34
CA HIS A 2166 -22.66 23.22 7.86
C HIS A 2166 -23.77 22.32 7.37
N ASN A 2167 -25.01 22.65 7.72
CA ASN A 2167 -26.11 21.70 7.66
C ASN A 2167 -27.02 22.00 6.49
N LYS A 2168 -27.34 20.94 5.74
CA LYS A 2168 -28.28 21.00 4.62
C LYS A 2168 -29.75 21.24 4.94
N GLU A 2169 -30.27 20.59 5.98
CA GLU A 2169 -31.69 20.70 6.37
C GLU A 2169 -32.03 22.12 6.78
N LEU A 2170 -31.09 22.72 7.49
CA LEU A 2170 -31.15 24.10 7.93
C LEU A 2170 -31.14 24.98 6.69
N GLN A 2171 -30.32 24.61 5.70
CA GLN A 2171 -30.25 25.32 4.43
C GLN A 2171 -31.60 25.26 3.71
N THR A 2172 -32.28 24.12 3.78
CA THR A 2172 -33.59 23.98 3.16
C THR A 2172 -34.54 24.96 3.86
N MET A 2173 -34.46 25.02 5.18
CA MET A 2173 -35.29 25.94 5.91
C MET A 2173 -34.97 27.38 5.50
N LEU A 2174 -33.70 27.70 5.33
CA LEU A 2174 -33.25 29.02 4.92
C LEU A 2174 -33.74 29.42 3.53
N LYS A 2175 -33.77 28.47 2.60
CA LYS A 2175 -34.26 28.73 1.24
C LYS A 2175 -35.74 29.09 1.33
N PRO A 2176 -36.46 28.34 2.19
CA PRO A 2176 -37.88 28.63 2.43
C PRO A 2176 -38.00 30.04 3.01
N GLY A 2177 -37.13 30.42 3.93
CA GLY A 2177 -37.19 31.75 4.49
C GLY A 2177 -36.99 32.80 3.42
N GLY A 2178 -36.06 32.56 2.51
CA GLY A 2178 -35.82 33.49 1.42
C GLY A 2178 -37.03 33.70 0.53
N GLN A 2179 -37.78 32.65 0.14
CA GLN A 2179 -38.94 32.93 -0.77
C GLN A 2179 -40.35 32.76 -0.17
N VAL A 2180 -41.14 33.83 -0.16
CA VAL A 2180 -42.47 33.85 0.43
C VAL A 2180 -43.09 35.19 0.03
N ASP A 2181 -44.07 35.67 0.80
CA ASP A 2181 -44.67 36.96 0.47
C ASP A 2181 -43.76 38.06 1.02
N GLY A 2182 -42.51 37.89 0.54
CA GLY A 2182 -41.26 38.64 0.77
C GLY A 2182 -40.55 38.79 2.13
N ASP A 2183 -41.24 39.55 2.96
CA ASP A 2183 -41.09 39.61 4.40
C ASP A 2183 -39.83 40.36 4.88
N GLU A 2184 -39.81 40.41 6.21
CA GLU A 2184 -38.70 40.99 6.92
C GLU A 2184 -37.47 40.17 6.66
N ALA A 2185 -37.61 38.84 6.60
CA ALA A 2185 -36.49 38.00 6.37
C ALA A 2185 -35.84 38.35 5.06
N LEU A 2186 -36.58 38.46 3.93
CA LEU A 2186 -35.78 38.81 2.74
C LEU A 2186 -35.17 40.21 2.82
N GLU A 2187 -35.91 41.14 3.40
CA GLU A 2187 -35.37 42.47 3.54
C GLU A 2187 -34.07 42.50 4.36
N PHE A 2188 -34.03 41.76 5.45
CA PHE A 2188 -32.87 41.73 6.30
C PHE A 2188 -31.70 41.10 5.60
N TYR A 2189 -31.95 40.05 4.81
CA TYR A 2189 -30.81 39.48 4.06
C TYR A 2189 -30.25 40.50 3.11
N ALA A 2190 -31.15 41.23 2.43
CA ALA A 2190 -30.80 42.28 1.47
C ALA A 2190 -29.98 43.37 2.13
N LYS A 2191 -30.34 43.69 3.36
CA LYS A 2191 -29.62 44.58 4.16
C LYS A 2191 -28.36 43.77 4.27
N HIS A 2192 -28.38 42.51 3.84
CA HIS A 2192 -27.06 41.93 3.90
C HIS A 2192 -27.11 40.48 3.50
N THR A 2193 -26.38 40.14 2.43
CA THR A 2193 -26.14 38.77 1.99
C THR A 2193 -24.69 38.61 1.53
N ALA A 2194 -23.73 39.12 2.32
CA ALA A 2194 -22.37 39.33 1.81
C ALA A 2194 -21.58 38.07 1.52
N GLN A 2195 -21.24 37.30 2.56
CA GLN A 2195 -20.39 36.10 2.47
C GLN A 2195 -19.02 36.48 1.90
N ILE A 2196 -18.27 37.17 2.75
CA ILE A 2196 -17.12 37.97 2.32
C ILE A 2196 -16.03 37.12 1.69
N GLU A 2197 -15.60 36.05 2.39
CA GLU A 2197 -14.53 35.15 1.97
C GLU A 2197 -13.21 35.92 1.76
N ILE A 2198 -12.61 36.31 2.88
CA ILE A 2198 -11.24 36.78 2.85
C ILE A 2198 -10.38 35.66 3.44
N VAL A 2199 -9.08 35.73 3.19
CA VAL A 2199 -8.14 34.75 3.70
C VAL A 2199 -6.97 35.48 4.35
N ARG A 2200 -6.69 35.18 5.64
CA ARG A 2200 -5.61 35.89 6.40
C ARG A 2200 -4.28 35.22 6.55
N LEU A 2201 -3.29 36.05 6.90
CA LEU A 2201 -1.90 35.66 7.09
C LEU A 2201 -1.52 34.90 5.87
N ASP A 2202 -1.54 33.60 6.03
CA ASP A 2202 -1.29 32.74 4.92
C ASP A 2202 -1.94 31.41 5.21
N ARG A 2203 -1.84 30.51 4.26
CA ARG A 2203 -2.22 29.13 4.41
C ARG A 2203 -3.61 28.98 4.93
N THR A 2204 -4.54 29.68 4.35
CA THR A 2204 -5.88 29.60 4.90
C THR A 2204 -6.91 29.59 3.80
N MET A 2205 -8.11 29.05 4.03
CA MET A 2205 -9.01 29.07 2.90
C MET A 2205 -10.34 29.70 3.30
N GLU A 2206 -10.30 30.75 4.11
CA GLU A 2206 -11.35 31.08 5.06
C GLU A 2206 -12.51 31.80 4.37
N GLN A 2207 -13.69 31.69 4.98
CA GLN A 2207 -14.93 32.30 4.55
C GLN A 2207 -15.57 33.08 5.70
N ILE A 2208 -15.84 34.37 5.48
CA ILE A 2208 -16.32 35.24 6.55
C ILE A 2208 -17.65 35.83 6.11
N VAL A 2209 -18.56 35.97 7.06
CA VAL A 2209 -19.72 36.83 6.84
C VAL A 2209 -19.70 37.89 7.93
N PHE A 2210 -20.43 38.99 7.69
CA PHE A 2210 -20.77 40.01 8.70
C PHE A 2210 -21.82 40.95 8.13
N PRO A 2211 -22.84 41.33 8.91
CA PRO A 2211 -23.88 42.22 8.37
C PRO A 2211 -23.39 43.63 8.12
N VAL A 2212 -24.04 44.24 7.15
CA VAL A 2212 -23.62 45.52 6.58
C VAL A 2212 -23.72 46.62 7.62
N PRO A 2213 -22.98 47.72 7.45
CA PRO A 2213 -23.31 48.92 8.21
C PRO A 2213 -24.51 49.62 7.61
N SER A 2214 -24.95 50.66 8.30
CA SER A 2214 -26.16 51.35 7.93
C SER A 2214 -25.89 52.56 7.06
N ILE A 2215 -24.71 52.64 6.47
CA ILE A 2215 -24.31 53.86 5.78
C ILE A 2215 -24.06 53.48 4.33
N CYS A 2216 -23.73 52.21 4.13
CA CYS A 2216 -23.24 51.72 2.85
C CYS A 2216 -24.31 51.68 1.76
N GLU A 2217 -25.59 51.85 2.12
CA GLU A 2217 -26.63 51.74 1.11
C GLU A 2217 -26.67 52.98 0.22
N PHE A 2218 -26.24 54.13 0.72
CA PHE A 2218 -26.45 55.41 0.06
C PHE A 2218 -25.36 55.73 -0.93
N LEU A 2219 -25.07 54.81 -1.84
CA LEU A 2219 -23.83 54.78 -2.57
C LEU A 2219 -24.09 54.53 -4.05
N THR A 2220 -24.92 55.41 -4.63
CA THR A 2220 -25.65 55.19 -5.88
C THR A 2220 -24.81 54.97 -7.14
N LYS A 2221 -25.51 54.70 -8.24
CA LYS A 2221 -25.05 53.94 -9.41
C LYS A 2221 -23.81 54.49 -10.08
N GLU A 2222 -23.45 55.75 -9.81
CA GLU A 2222 -22.25 56.34 -10.36
C GLU A 2222 -21.00 55.59 -9.94
N SER A 2223 -21.01 55.04 -8.74
CA SER A 2223 -19.85 54.35 -8.23
C SER A 2223 -19.66 53.00 -8.89
N LYS A 2224 -20.77 52.25 -9.02
CA LYS A 2224 -20.80 50.87 -9.51
C LYS A 2224 -20.14 50.69 -10.86
N LEU A 2225 -20.13 51.72 -11.67
CA LEU A 2225 -19.57 51.57 -13.00
C LEU A 2225 -18.17 52.14 -13.12
N ARG A 2226 -17.83 53.16 -12.33
CA ARG A 2226 -16.44 53.65 -12.28
C ARG A 2226 -15.52 52.58 -11.76
N ILE A 2227 -16.01 51.78 -10.82
CA ILE A 2227 -15.19 50.72 -10.28
C ILE A 2227 -15.09 49.59 -11.27
N TYR A 2228 -16.06 49.46 -12.17
CA TYR A 2228 -15.89 48.48 -13.23
C TYR A 2228 -14.88 48.94 -14.27
N TYR A 2229 -14.44 50.18 -14.23
CA TYR A 2229 -13.58 50.71 -15.26
C TYR A 2229 -12.44 51.50 -14.64
N THR A 2230 -11.69 50.85 -13.77
CA THR A 2230 -10.53 51.49 -13.16
C THR A 2230 -9.33 50.57 -13.19
N THR A 2231 -9.04 50.02 -14.38
CA THR A 2231 -8.31 48.79 -14.65
C THR A 2231 -7.01 48.55 -13.89
N GLU A 2232 -5.95 49.30 -14.23
CA GLU A 2232 -4.60 49.15 -13.67
C GLU A 2232 -4.11 47.71 -13.78
N ARG A 2233 -3.64 47.38 -14.98
CA ARG A 2233 -2.87 46.16 -15.14
C ARG A 2233 -1.39 46.51 -15.01
N ASP A 2234 -0.82 46.27 -13.85
CA ASP A 2234 0.59 46.51 -13.65
C ASP A 2234 1.45 45.37 -14.14
N GLU A 2235 0.97 44.16 -13.95
CA GLU A 2235 1.67 42.91 -14.17
C GLU A 2235 0.56 41.92 -14.49
N GLN A 2236 0.76 40.66 -14.09
CA GLN A 2236 -0.32 39.69 -13.97
C GLN A 2236 -1.62 40.31 -13.46
N GLY A 2237 -2.68 40.12 -14.22
CA GLY A 2237 -4.01 40.61 -13.94
C GLY A 2237 -4.17 42.11 -13.77
N SER A 2238 -5.42 42.50 -13.58
CA SER A 2238 -5.81 43.88 -13.26
C SER A 2238 -6.43 43.95 -11.88
N LYS A 2239 -5.77 43.26 -10.97
CA LYS A 2239 -6.23 42.99 -9.62
C LYS A 2239 -6.14 44.23 -8.74
N ILE A 2240 -6.18 43.92 -7.48
CA ILE A 2240 -6.42 44.74 -6.30
C ILE A 2240 -5.87 46.05 -5.75
N ASN A 2241 -4.60 46.36 -5.93
CA ASN A 2241 -4.15 47.61 -5.30
C ASN A 2241 -5.21 48.67 -5.64
N ASP A 2242 -5.68 48.50 -6.86
CA ASP A 2242 -6.63 49.24 -7.55
C ASP A 2242 -7.87 49.44 -6.68
N PHE A 2243 -8.38 48.34 -6.14
CA PHE A 2243 -9.56 48.37 -5.36
C PHE A 2243 -9.34 49.19 -4.15
N PHE A 2244 -8.22 49.02 -3.51
CA PHE A 2244 -7.98 49.73 -2.31
C PHE A 2244 -7.96 51.22 -2.51
N LEU A 2245 -7.33 51.68 -3.59
CA LEU A 2245 -7.30 53.12 -3.78
C LEU A 2245 -8.70 53.66 -3.95
N ARG A 2246 -9.43 52.98 -4.82
CA ARG A 2246 -10.78 53.47 -5.03
C ARG A 2246 -11.65 53.36 -3.75
N SER A 2247 -11.45 52.31 -3.00
CA SER A 2247 -12.21 52.12 -1.82
C SER A 2247 -12.01 53.21 -0.81
N GLU A 2248 -10.76 53.59 -0.55
CA GLU A 2248 -10.64 54.62 0.49
C GLU A 2248 -11.22 55.94 0.04
N ASP A 2249 -11.03 56.26 -1.25
CA ASP A 2249 -11.64 57.52 -1.67
C ASP A 2249 -13.18 57.47 -1.59
N LEU A 2250 -13.74 56.32 -1.91
CA LEU A 2250 -15.15 56.11 -1.83
C LEU A 2250 -15.63 56.28 -0.41
N PHE A 2251 -14.90 55.82 0.59
CA PHE A 2251 -15.36 56.05 1.96
C PHE A 2251 -15.45 57.52 2.26
N ASN A 2252 -14.44 58.28 1.82
CA ASN A 2252 -14.58 59.67 2.10
C ASN A 2252 -15.75 60.29 1.43
N GLU A 2253 -16.01 59.93 0.18
CA GLU A 2253 -17.20 60.49 -0.46
C GLU A 2253 -18.47 60.06 0.25
N MET A 2254 -18.52 58.83 0.71
CA MET A 2254 -19.70 58.39 1.34
C MET A 2254 -20.04 59.16 2.61
N ASN A 2255 -19.09 59.50 3.49
CA ASN A 2255 -19.60 60.19 4.73
C ASN A 2255 -20.33 61.55 4.52
N TRP A 2256 -19.67 62.37 3.74
CA TRP A 2256 -20.01 63.65 3.17
C TRP A 2256 -21.36 63.63 2.49
N GLN A 2257 -21.73 62.49 1.90
CA GLN A 2257 -23.07 62.35 1.35
C GLN A 2257 -24.13 62.51 2.42
N LYS A 2258 -23.85 62.06 3.65
CA LYS A 2258 -24.78 62.31 4.74
C LYS A 2258 -24.57 63.67 5.37
N LYS A 2259 -23.44 64.31 5.13
CA LYS A 2259 -23.33 65.73 5.45
C LYS A 2259 -24.21 66.56 4.53
N LEU A 2260 -24.51 66.04 3.34
CA LEU A 2260 -25.40 66.74 2.43
C LEU A 2260 -26.84 66.71 2.96
N ARG A 2261 -27.19 65.71 3.77
CA ARG A 2261 -28.55 65.57 4.28
C ARG A 2261 -28.99 66.71 5.18
N ALA A 2262 -28.06 67.48 5.74
CA ALA A 2262 -28.42 68.64 6.54
C ALA A 2262 -28.87 69.83 5.71
N GLN A 2263 -28.84 69.73 4.38
CA GLN A 2263 -29.20 70.82 3.48
C GLN A 2263 -29.94 70.21 2.31
N PRO A 2264 -31.26 70.42 2.25
CA PRO A 2264 -32.27 69.99 1.27
C PRO A 2264 -32.15 70.48 -0.18
N VAL A 2265 -31.74 71.72 -0.41
CA VAL A 2265 -31.65 72.26 -1.77
C VAL A 2265 -30.72 71.45 -2.66
N LEU A 2266 -29.61 71.04 -2.09
CA LEU A 2266 -28.65 70.23 -2.79
C LEU A 2266 -29.33 68.91 -3.15
N TYR A 2267 -30.10 68.31 -2.24
CA TYR A 2267 -30.81 67.08 -2.59
C TYR A 2267 -31.85 67.28 -3.68
N TRP A 2268 -32.48 68.47 -3.72
CA TRP A 2268 -33.44 68.78 -4.75
C TRP A 2268 -32.69 68.73 -6.08
N CYS A 2269 -31.52 69.36 -6.11
CA CYS A 2269 -30.69 69.37 -7.28
C CYS A 2269 -30.24 67.99 -7.71
N ALA A 2270 -29.93 67.17 -6.72
CA ALA A 2270 -29.33 65.89 -7.02
C ALA A 2270 -30.16 65.03 -7.92
N ARG A 2271 -31.46 64.90 -7.69
CA ARG A 2271 -32.15 64.10 -8.70
C ARG A 2271 -32.28 64.82 -10.03
N ASN A 2272 -31.89 66.09 -10.10
CA ASN A 2272 -32.02 66.86 -11.32
C ASN A 2272 -30.81 66.73 -12.24
N MET A 2273 -29.66 66.58 -11.56
CA MET A 2273 -28.33 66.98 -12.08
C MET A 2273 -27.84 66.63 -13.44
N SER A 2274 -27.99 65.39 -13.82
CA SER A 2274 -27.58 64.99 -15.13
C SER A 2274 -28.46 65.74 -16.12
N PHE A 2275 -29.76 65.72 -15.86
CA PHE A 2275 -30.71 66.39 -16.69
C PHE A 2275 -30.49 67.88 -16.68
N TRP A 2276 -30.09 68.47 -15.55
CA TRP A 2276 -29.88 69.89 -15.49
C TRP A 2276 -28.82 70.26 -16.50
N SER A 2277 -27.72 69.52 -16.44
CA SER A 2277 -26.63 69.79 -17.35
C SER A 2277 -27.06 69.56 -18.78
N SER A 2278 -27.77 68.48 -19.00
CA SER A 2278 -28.16 68.12 -20.34
C SER A 2278 -29.04 69.16 -20.96
N ILE A 2279 -29.99 69.63 -20.16
CA ILE A 2279 -30.95 70.57 -20.59
C ILE A 2279 -30.28 71.82 -21.02
N SER A 2280 -29.32 72.28 -20.22
CA SER A 2280 -28.67 73.47 -20.63
C SER A 2280 -27.96 73.28 -21.95
N PHE A 2281 -27.23 72.18 -22.08
CA PHE A 2281 -26.47 72.09 -23.31
C PHE A 2281 -27.39 72.10 -24.50
N ASN A 2282 -28.47 71.33 -24.40
CA ASN A 2282 -29.39 71.26 -25.53
C ASN A 2282 -29.96 72.62 -25.80
N LEU A 2283 -30.38 73.27 -24.74
CA LEU A 2283 -30.99 74.56 -24.89
C LEU A 2283 -30.05 75.57 -25.48
N ALA A 2284 -28.84 75.55 -24.99
CA ALA A 2284 -27.87 76.51 -25.36
C ALA A 2284 -27.59 76.47 -26.81
N VAL A 2285 -27.41 75.29 -27.36
CA VAL A 2285 -27.07 75.34 -28.76
C VAL A 2285 -28.19 75.84 -29.61
N LEU A 2286 -29.34 75.25 -29.34
CA LEU A 2286 -30.53 75.50 -30.14
C LEU A 2286 -30.58 76.98 -30.05
N MET A 2287 -29.60 77.48 -29.32
CA MET A 2287 -29.33 78.89 -29.32
C MET A 2287 -28.21 79.33 -30.25
N ASN A 2288 -26.98 78.83 -30.08
CA ASN A 2288 -25.82 79.32 -30.85
C ASN A 2288 -26.04 79.20 -32.34
N LEU A 2289 -26.45 78.05 -32.82
CA LEU A 2289 -26.60 78.02 -34.27
C LEU A 2289 -27.56 79.13 -34.69
N LEU A 2290 -28.35 79.58 -33.72
CA LEU A 2290 -29.35 80.57 -33.88
C LEU A 2290 -28.79 81.88 -34.41
N VAL A 2291 -27.61 82.26 -33.95
CA VAL A 2291 -27.01 83.52 -34.33
C VAL A 2291 -26.85 83.62 -35.82
N ALA A 2292 -26.22 82.57 -36.33
CA ALA A 2292 -25.92 82.52 -37.73
C ALA A 2292 -27.18 82.46 -38.51
N PHE A 2293 -28.05 81.59 -38.01
CA PHE A 2293 -29.29 81.24 -38.62
C PHE A 2293 -30.08 82.46 -38.87
N PHE A 2294 -30.20 83.36 -37.92
CA PHE A 2294 -30.88 84.57 -38.24
C PHE A 2294 -30.17 85.82 -37.76
N TYR A 2295 -29.07 86.19 -38.41
CA TYR A 2295 -28.43 87.48 -38.03
C TYR A 2295 -29.44 88.64 -38.10
N PRO A 2296 -29.55 89.49 -37.03
CA PRO A 2296 -30.46 90.63 -36.87
C PRO A 2296 -30.09 91.87 -37.66
N PHE A 2297 -30.77 92.96 -37.29
CA PHE A 2297 -30.79 94.34 -37.77
C PHE A 2297 -31.68 94.48 -39.03
N LYS A 2298 -32.18 93.39 -39.59
CA LYS A 2298 -33.16 93.46 -40.66
C LYS A 2298 -34.48 92.92 -40.16
N GLY A 2299 -35.55 93.68 -40.40
CA GLY A 2299 -36.88 93.22 -40.05
C GLY A 2299 -37.31 92.10 -40.99
N VAL A 2300 -37.40 90.88 -40.47
CA VAL A 2300 -37.58 89.70 -41.31
C VAL A 2300 -38.72 88.86 -40.73
N ARG A 2301 -39.36 88.09 -41.60
CA ARG A 2301 -40.39 87.12 -41.25
C ARG A 2301 -39.74 85.83 -40.78
N GLY A 2302 -40.51 84.74 -40.74
CA GLY A 2302 -39.95 83.43 -40.44
C GLY A 2302 -38.89 82.99 -41.43
N GLY A 2303 -39.01 83.43 -42.69
CA GLY A 2303 -37.94 83.28 -43.65
C GLY A 2303 -37.70 81.86 -44.14
N THR A 2304 -38.63 81.33 -44.95
CA THR A 2304 -38.45 80.00 -45.49
C THR A 2304 -37.30 79.92 -46.49
N LEU A 2305 -36.97 81.06 -47.12
CA LEU A 2305 -35.83 81.24 -48.02
C LEU A 2305 -35.84 80.28 -49.22
N ALA A 2335 -38.71 64.72 -24.82
CA ALA A 2335 -38.86 65.28 -23.49
C ALA A 2335 -40.19 66.02 -23.36
N LEU A 2336 -40.97 65.79 -22.32
CA LEU A 2336 -42.22 66.55 -22.30
C LEU A 2336 -42.07 68.06 -22.12
N ILE A 2337 -41.22 68.45 -21.16
CA ILE A 2337 -40.96 69.87 -20.85
C ILE A 2337 -40.21 70.70 -21.90
N ALA A 2338 -39.21 70.08 -22.53
CA ALA A 2338 -38.38 70.78 -23.49
C ALA A 2338 -39.18 71.30 -24.67
N SER A 2339 -40.13 70.49 -25.12
CA SER A 2339 -40.93 70.89 -26.27
C SER A 2339 -41.76 72.15 -25.96
N THR A 2340 -42.35 72.17 -24.76
CA THR A 2340 -43.13 73.29 -24.33
C THR A 2340 -42.24 74.52 -24.29
N ILE A 2341 -41.04 74.38 -23.71
CA ILE A 2341 -40.21 75.61 -23.72
C ILE A 2341 -39.87 76.15 -25.14
N LEU A 2342 -39.58 75.22 -26.05
CA LEU A 2342 -39.25 75.61 -27.42
C LEU A 2342 -40.42 76.37 -28.05
N ARG A 2343 -41.61 75.81 -27.85
CA ARG A 2343 -42.79 76.41 -28.46
C ARG A 2343 -42.99 77.82 -27.95
N LEU A 2344 -42.84 78.01 -26.64
CA LEU A 2344 -43.05 79.37 -26.12
C LEU A 2344 -42.08 80.40 -26.71
N ILE A 2345 -40.81 79.99 -26.80
CA ILE A 2345 -39.84 80.93 -27.36
C ILE A 2345 -40.20 81.30 -28.79
N PHE A 2346 -40.73 80.30 -29.49
CA PHE A 2346 -40.98 80.38 -30.90
C PHE A 2346 -41.80 81.61 -31.22
N SER A 2347 -42.81 81.97 -30.43
CA SER A 2347 -43.52 83.23 -30.63
C SER A 2347 -42.81 84.19 -29.68
N VAL A 2348 -41.60 84.58 -30.04
CA VAL A 2348 -40.73 85.38 -29.23
C VAL A 2348 -40.92 86.82 -29.55
N GLY A 2349 -39.88 87.59 -29.24
CA GLY A 2349 -39.84 89.00 -29.53
C GLY A 2349 -39.28 89.26 -30.92
N LEU A 2350 -38.93 88.18 -31.63
CA LEU A 2350 -38.37 88.15 -32.96
C LEU A 2350 -37.14 88.87 -32.63
N GLN A 2351 -36.85 88.80 -31.33
CA GLN A 2351 -35.59 89.41 -30.87
C GLN A 2351 -35.48 89.39 -29.33
N PRO A 2352 -36.61 89.64 -28.67
CA PRO A 2352 -36.77 89.55 -27.22
C PRO A 2352 -36.50 88.11 -26.80
N THR A 2353 -36.97 87.14 -27.59
CA THR A 2353 -36.72 85.74 -27.31
C THR A 2353 -35.20 85.47 -27.36
N LEU A 2354 -34.47 86.09 -28.28
CA LEU A 2354 -33.01 85.93 -28.34
C LEU A 2354 -32.38 86.44 -27.04
N PHE A 2355 -32.88 87.58 -26.57
CA PHE A 2355 -32.34 88.09 -25.31
C PHE A 2355 -32.62 87.11 -24.17
N LEU A 2356 -33.83 86.54 -24.18
CA LEU A 2356 -34.30 85.56 -23.21
C LEU A 2356 -33.42 84.32 -23.21
N LEU A 2357 -33.01 83.89 -24.39
CA LEU A 2357 -32.19 82.74 -24.47
C LEU A 2357 -30.88 83.00 -23.79
N GLY A 2358 -30.30 84.17 -24.04
CA GLY A 2358 -29.04 84.47 -23.37
C GLY A 2358 -29.21 84.48 -21.84
N ALA A 2359 -30.31 85.09 -21.41
CA ALA A 2359 -30.56 85.14 -20.00
C ALA A 2359 -30.69 83.76 -19.38
N PHE A 2360 -31.47 82.83 -19.94
CA PHE A 2360 -31.50 81.52 -19.26
C PHE A 2360 -30.22 80.74 -19.36
N ASN A 2361 -29.46 80.97 -20.44
CA ASN A 2361 -28.18 80.30 -20.54
C ASN A 2361 -27.29 80.67 -19.37
N VAL A 2362 -27.23 81.95 -18.98
CA VAL A 2362 -26.33 82.24 -17.86
C VAL A 2362 -26.78 81.51 -16.60
N CYS A 2363 -28.08 81.53 -16.43
CA CYS A 2363 -28.78 80.90 -15.36
C CYS A 2363 -28.60 79.39 -15.46
N ASN A 2364 -28.75 78.91 -16.66
CA ASN A 2364 -28.68 77.50 -16.94
C ASN A 2364 -27.28 76.95 -16.59
N LYS A 2365 -26.25 77.69 -16.98
CA LYS A 2365 -24.89 77.25 -16.63
C LYS A 2365 -24.66 77.29 -15.11
N ILE A 2366 -25.27 78.23 -14.42
CA ILE A 2366 -25.17 78.24 -12.99
C ILE A 2366 -25.78 76.97 -12.41
N ILE A 2367 -26.90 76.46 -12.94
CA ILE A 2367 -27.44 75.18 -12.43
C ILE A 2367 -26.45 74.06 -12.69
N PHE A 2368 -25.76 74.07 -13.84
CA PHE A 2368 -24.74 73.04 -14.06
C PHE A 2368 -23.64 73.12 -13.00
N LEU A 2369 -23.23 74.34 -12.65
CA LEU A 2369 -22.22 74.51 -11.62
C LEU A 2369 -22.74 73.93 -10.32
N MET A 2370 -23.99 74.24 -10.00
CA MET A 2370 -24.56 73.72 -8.79
C MET A 2370 -24.66 72.20 -8.78
N SER A 2371 -25.01 71.58 -9.90
CA SER A 2371 -25.09 70.12 -9.97
C SER A 2371 -23.72 69.49 -9.76
N PHE A 2372 -22.70 70.14 -10.32
CA PHE A 2372 -21.31 69.71 -10.19
C PHE A 2372 -20.96 69.76 -8.71
N VAL A 2373 -21.32 70.84 -8.04
CA VAL A 2373 -21.05 70.94 -6.63
C VAL A 2373 -21.84 69.90 -5.84
N GLY A 2374 -23.07 69.60 -6.27
CA GLY A 2374 -23.85 68.61 -5.58
C GLY A 2374 -23.12 67.29 -5.66
N ASN A 2375 -22.61 66.92 -6.82
CA ASN A 2375 -21.86 65.69 -6.86
C ASN A 2375 -20.56 65.74 -6.03
N CYS A 2376 -19.81 66.85 -6.08
CA CYS A 2376 -18.59 66.92 -5.26
C CYS A 2376 -18.42 68.25 -4.58
N GLY A 2377 -18.52 68.18 -3.27
CA GLY A 2377 -18.47 69.34 -2.43
C GLY A 2377 -17.50 69.14 -1.31
N THR A 2378 -17.10 70.31 -0.78
CA THR A 2378 -16.14 70.61 0.30
C THR A 2378 -14.72 70.60 -0.21
N PHE A 2379 -14.57 70.43 -1.54
CA PHE A 2379 -13.29 70.25 -2.19
C PHE A 2379 -12.63 69.11 -1.42
N THR A 2380 -13.32 67.97 -1.37
CA THR A 2380 -12.86 66.89 -0.57
C THR A 2380 -11.73 66.22 -1.26
N ARG A 2381 -10.63 66.30 -0.58
CA ARG A 2381 -9.39 65.71 -1.05
C ARG A 2381 -9.65 64.36 -1.70
N GLY A 2382 -8.78 64.03 -2.63
CA GLY A 2382 -8.87 62.78 -3.36
C GLY A 2382 -7.54 62.51 -4.03
N TYR A 2383 -7.36 61.27 -4.42
CA TYR A 2383 -6.07 60.89 -5.01
C TYR A 2383 -5.93 61.40 -6.43
N ARG A 2384 -7.01 61.40 -7.20
CA ARG A 2384 -6.95 61.72 -8.62
C ARG A 2384 -6.80 63.23 -8.78
N ALA A 2385 -5.56 63.67 -8.98
CA ALA A 2385 -5.28 65.09 -9.11
C ALA A 2385 -5.61 65.60 -10.49
N MET A 2386 -5.67 64.78 -11.54
CA MET A 2386 -6.08 65.33 -12.84
C MET A 2386 -7.57 65.71 -12.95
N VAL A 2387 -8.41 64.81 -12.46
CA VAL A 2387 -9.86 64.91 -12.64
C VAL A 2387 -10.61 66.10 -12.06
N LEU A 2388 -10.28 66.47 -10.85
CA LEU A 2388 -10.99 67.55 -10.20
C LEU A 2388 -10.82 68.83 -10.99
N ASP A 2389 -9.57 69.08 -11.31
CA ASP A 2389 -9.20 70.25 -12.00
C ASP A 2389 -9.83 70.27 -13.34
N VAL A 2390 -9.76 69.13 -14.06
CA VAL A 2390 -10.31 69.18 -15.40
C VAL A 2390 -11.81 69.43 -15.41
N GLU A 2391 -12.53 68.75 -14.53
CA GLU A 2391 -13.96 68.95 -14.57
C GLU A 2391 -14.35 70.36 -14.22
N PHE A 2392 -13.75 70.91 -13.16
CA PHE A 2392 -14.17 72.27 -12.86
C PHE A 2392 -13.78 73.26 -13.92
N LEU A 2393 -12.61 73.09 -14.50
CA LEU A 2393 -12.19 74.01 -15.51
C LEU A 2393 -13.13 73.94 -16.70
N TYR A 2394 -13.57 72.76 -17.12
CA TYR A 2394 -14.47 72.73 -18.27
C TYR A 2394 -15.80 73.32 -17.96
N HIS A 2395 -16.27 73.09 -16.74
CA HIS A 2395 -17.52 73.74 -16.39
C HIS A 2395 -17.37 75.27 -16.37
N LEU A 2396 -16.23 75.76 -15.91
CA LEU A 2396 -15.90 77.18 -15.88
C LEU A 2396 -15.89 77.73 -17.28
N LEU A 2397 -15.36 76.98 -18.23
CA LEU A 2397 -15.36 77.43 -19.60
C LEU A 2397 -16.79 77.50 -20.12
N TYR A 2398 -17.61 76.53 -19.74
CA TYR A 2398 -19.00 76.64 -20.12
C TYR A 2398 -19.66 77.89 -19.50
N LEU A 2399 -19.30 78.25 -18.27
CA LEU A 2399 -19.76 79.48 -17.64
C LEU A 2399 -19.30 80.68 -18.47
N LEU A 2400 -18.07 80.62 -18.97
CA LEU A 2400 -17.51 81.64 -19.82
C LEU A 2400 -18.29 81.82 -21.11
N ILE A 2401 -18.89 80.76 -21.69
CA ILE A 2401 -19.66 80.96 -22.94
C ILE A 2401 -20.74 81.98 -22.65
N CYS A 2402 -21.37 81.78 -21.52
CA CYS A 2402 -22.35 82.71 -20.99
C CYS A 2402 -21.83 84.16 -21.22
N ALA A 2403 -20.54 84.42 -20.99
CA ALA A 2403 -20.00 85.76 -21.23
C ALA A 2403 -20.13 86.20 -22.70
N MET A 2404 -19.74 85.40 -23.67
CA MET A 2404 -19.79 85.90 -25.05
C MET A 2404 -21.17 85.87 -25.66
N GLY A 2405 -22.16 86.11 -24.82
CA GLY A 2405 -23.48 86.53 -25.27
C GLY A 2405 -24.30 87.12 -24.14
N LEU A 2406 -23.63 87.34 -23.00
CA LEU A 2406 -24.21 88.08 -21.89
C LEU A 2406 -24.69 89.37 -22.45
N PHE A 2407 -23.72 90.09 -22.96
CA PHE A 2407 -23.92 91.34 -23.63
C PHE A 2407 -22.70 91.49 -24.52
N VAL A 2408 -22.31 90.39 -25.16
CA VAL A 2408 -20.99 90.25 -25.71
C VAL A 2408 -21.06 89.46 -27.01
N HIS A 2409 -20.17 89.75 -27.95
CA HIS A 2409 -20.58 89.93 -29.34
C HIS A 2409 -20.60 88.65 -30.16
N GLU A 2410 -21.26 88.71 -31.33
CA GLU A 2410 -22.20 87.70 -31.84
C GLU A 2410 -22.04 86.32 -31.22
N PHE A 2411 -20.90 85.70 -31.43
CA PHE A 2411 -20.76 84.50 -32.18
C PHE A 2411 -20.76 83.36 -31.23
N PHE A 2412 -19.62 82.70 -31.11
CA PHE A 2412 -19.22 82.01 -29.92
C PHE A 2412 -20.24 81.00 -29.57
N TYR A 2413 -21.40 81.48 -29.13
CA TYR A 2413 -22.45 80.43 -29.17
C TYR A 2413 -21.93 79.20 -29.90
N SER A 2414 -21.24 79.42 -31.01
CA SER A 2414 -20.70 78.30 -31.73
C SER A 2414 -19.70 77.51 -30.89
N LEU A 2415 -18.86 78.21 -30.14
CA LEU A 2415 -17.85 77.59 -29.29
C LEU A 2415 -18.49 76.68 -28.27
N LEU A 2416 -19.57 77.19 -27.66
CA LEU A 2416 -20.27 76.39 -26.66
C LEU A 2416 -20.79 75.11 -27.34
N LEU A 2417 -21.37 75.23 -28.55
CA LEU A 2417 -21.86 74.02 -29.23
C LEU A 2417 -20.75 73.00 -29.47
N PHE A 2418 -19.59 73.49 -29.89
CA PHE A 2418 -18.49 72.60 -30.14
C PHE A 2418 -18.09 71.83 -28.89
N ASP A 2419 -17.95 72.51 -27.77
CA ASP A 2419 -17.62 71.72 -26.60
C ASP A 2419 -18.70 70.77 -26.04
N LEU A 2420 -19.98 71.11 -26.22
CA LEU A 2420 -21.04 70.19 -25.77
C LEU A 2420 -20.95 68.90 -26.56
N VAL A 2421 -20.74 69.05 -27.87
CA VAL A 2421 -20.60 67.83 -28.62
C VAL A 2421 -19.32 67.07 -28.25
N TYR A 2422 -18.25 67.78 -27.86
CA TYR A 2422 -17.02 67.16 -27.35
C TYR A 2422 -17.33 66.33 -26.11
N ARG A 2423 -18.23 66.82 -25.23
CA ARG A 2423 -18.60 66.14 -24.03
C ARG A 2423 -19.25 64.82 -24.39
N GLU A 2424 -19.53 64.74 -25.66
CA GLU A 2424 -19.89 63.42 -26.03
C GLU A 2424 -18.64 62.54 -26.33
N GLU A 2425 -18.62 61.48 -25.56
CA GLU A 2425 -17.61 60.44 -25.45
C GLU A 2425 -17.20 59.55 -26.59
N THR A 2426 -18.24 58.99 -27.16
CA THR A 2426 -18.16 58.03 -28.21
C THR A 2426 -17.48 58.73 -29.32
N LEU A 2427 -17.94 59.95 -29.58
CA LEU A 2427 -17.28 60.82 -30.55
C LEU A 2427 -15.95 61.14 -29.92
N LEU A 2428 -15.88 61.31 -28.59
CA LEU A 2428 -14.64 61.42 -27.95
C LEU A 2428 -13.82 60.16 -28.26
N ASN A 2429 -14.35 58.93 -28.27
CA ASN A 2429 -13.47 57.82 -28.61
C ASN A 2429 -12.90 57.93 -30.03
N VAL A 2430 -13.73 58.36 -30.96
CA VAL A 2430 -13.20 58.54 -32.29
C VAL A 2430 -12.27 59.69 -32.41
N ILE A 2431 -12.45 60.71 -31.58
CA ILE A 2431 -11.59 61.87 -31.49
C ILE A 2431 -10.26 61.36 -31.04
N LYS A 2432 -10.24 60.42 -30.07
CA LYS A 2432 -9.02 59.83 -29.62
C LYS A 2432 -8.36 59.16 -30.76
N SER A 2433 -9.10 58.46 -31.63
CA SER A 2433 -8.46 57.89 -32.79
C SER A 2433 -7.65 58.92 -33.54
N VAL A 2434 -7.38 60.02 -32.86
CA VAL A 2434 -6.33 60.91 -33.37
C VAL A 2434 -5.34 61.73 -32.39
N THR A 2435 -5.21 61.50 -31.05
CA THR A 2435 -4.29 62.25 -30.22
C THR A 2435 -3.27 61.38 -29.49
N ARG A 2436 -3.62 60.15 -29.11
CA ARG A 2436 -2.83 59.37 -28.16
C ARG A 2436 -1.50 58.94 -28.79
N ASN A 2437 -1.56 58.26 -29.92
CA ASN A 2437 -0.37 58.05 -30.74
C ASN A 2437 -0.13 59.23 -31.68
N GLY A 2438 -0.58 60.42 -31.27
CA GLY A 2438 -0.45 61.59 -32.08
C GLY A 2438 0.44 62.64 -31.47
N ARG A 2439 0.78 62.48 -30.19
CA ARG A 2439 1.44 63.56 -29.47
C ARG A 2439 2.86 63.81 -29.95
N PRO A 2440 3.65 62.80 -30.35
CA PRO A 2440 4.75 63.12 -31.26
C PRO A 2440 4.46 62.85 -32.72
N ILE A 2441 3.20 62.68 -33.12
CA ILE A 2441 2.97 62.39 -34.52
C ILE A 2441 2.42 63.61 -35.24
N ILE A 2442 2.15 64.67 -34.48
CA ILE A 2442 2.15 65.98 -35.11
C ILE A 2442 3.53 66.27 -35.68
N LEU A 2443 4.56 65.69 -35.06
CA LEU A 2443 5.89 65.77 -35.64
C LEU A 2443 6.01 64.92 -36.90
N THR A 2444 5.14 63.93 -37.10
CA THR A 2444 5.35 63.26 -38.38
C THR A 2444 4.74 64.00 -39.54
N ALA A 2445 4.04 65.09 -39.28
CA ALA A 2445 3.60 65.94 -40.36
C ALA A 2445 4.78 66.60 -41.05
N ALA A 2446 5.75 67.05 -40.27
CA ALA A 2446 6.76 67.93 -40.85
C ALA A 2446 7.75 67.14 -41.68
N LEU A 2447 7.74 65.81 -41.50
CA LEU A 2447 8.38 64.87 -42.40
C LEU A 2447 8.13 65.22 -43.84
N ALA A 2448 6.86 65.29 -44.22
CA ALA A 2448 6.58 65.61 -45.59
C ALA A 2448 6.85 67.07 -45.85
N LEU A 2449 6.56 67.92 -44.86
CA LEU A 2449 6.78 69.35 -44.98
C LEU A 2449 8.25 69.67 -45.17
N ILE A 2450 9.11 68.76 -44.74
CA ILE A 2450 10.49 68.82 -45.16
C ILE A 2450 10.74 67.96 -46.38
N LEU A 2451 10.11 66.79 -46.50
CA LEU A 2451 10.33 65.98 -47.69
C LEU A 2451 9.73 66.59 -48.93
N VAL A 2452 8.86 67.59 -48.79
CA VAL A 2452 8.57 68.40 -49.96
C VAL A 2452 9.60 69.50 -50.11
N TYR A 2453 10.22 69.90 -49.01
CA TYR A 2453 10.82 71.23 -48.92
C TYR A 2453 12.07 71.31 -49.77
N LEU A 2454 12.74 70.18 -49.95
CA LEU A 2454 13.93 70.18 -50.78
C LEU A 2454 13.57 70.28 -52.25
N PHE A 2455 12.52 69.58 -52.68
CA PHE A 2455 12.32 69.46 -54.10
C PHE A 2455 11.68 70.70 -54.68
N SER A 2456 11.32 71.65 -53.82
CA SER A 2456 11.28 73.04 -54.23
C SER A 2456 12.58 73.44 -54.91
N ILE A 2457 13.70 73.28 -54.21
CA ILE A 2457 14.97 73.80 -54.69
C ILE A 2457 15.41 73.04 -55.91
N VAL A 2458 15.20 71.72 -55.89
CA VAL A 2458 15.65 70.83 -56.95
C VAL A 2458 14.97 71.23 -58.24
N GLY A 2459 13.73 71.64 -58.16
CA GLY A 2459 13.15 72.38 -59.27
C GLY A 2459 13.73 73.76 -59.42
N TYR A 2460 13.82 74.52 -58.32
CA TYR A 2460 14.00 75.96 -58.42
C TYR A 2460 15.37 76.33 -58.96
N LEU A 2461 16.35 75.45 -58.79
CA LEU A 2461 17.66 75.72 -59.35
C LEU A 2461 17.63 75.60 -60.86
N PHE A 2462 17.33 74.41 -61.38
CA PHE A 2462 17.34 74.25 -62.82
C PHE A 2462 16.18 74.96 -63.48
N PHE A 2463 15.15 75.27 -62.73
CA PHE A 2463 13.97 75.91 -63.28
C PHE A 2463 13.48 76.98 -62.33
N LYS A 2464 13.73 78.23 -62.67
CA LYS A 2464 12.97 79.29 -62.02
C LYS A 2464 11.51 79.14 -62.44
N ASP A 2465 10.62 79.56 -61.53
CA ASP A 2465 9.19 79.19 -61.54
C ASP A 2465 8.51 79.51 -62.86
N ASP A 2466 8.96 80.59 -63.52
CA ASP A 2466 8.49 81.04 -64.83
C ASP A 2466 6.96 81.22 -64.83
N PHE A 2467 6.48 81.99 -63.85
CA PHE A 2467 5.05 82.07 -63.55
C PHE A 2467 4.57 83.51 -63.61
N ILE A 2468 3.45 83.73 -64.32
CA ILE A 2468 2.92 85.08 -64.58
C ILE A 2468 1.46 85.18 -64.17
N LEU A 2469 0.66 84.20 -64.54
CA LEU A 2469 -0.76 84.17 -64.24
C LEU A 2469 -1.18 82.75 -63.87
N GLU A 2470 -2.06 82.66 -62.89
CA GLU A 2470 -2.94 81.51 -62.87
C GLU A 2470 -4.24 81.94 -63.52
N GLU A 2519 -5.19 103.89 -57.30
CA GLU A 2519 -5.78 102.61 -57.66
C GLU A 2519 -7.24 102.55 -57.23
N THR A 2520 -7.99 101.65 -57.88
CA THR A 2520 -9.41 101.46 -57.58
C THR A 2520 -9.67 100.07 -57.01
N GLU A 2521 -9.21 99.02 -57.68
CA GLU A 2521 -9.48 97.65 -57.29
C GLU A 2521 -8.18 96.97 -56.93
N GLN A 2522 -8.31 95.74 -56.43
CA GLN A 2522 -7.16 94.98 -55.95
C GLN A 2522 -6.79 93.93 -57.01
N ASP A 2523 -6.98 94.32 -58.26
CA ASP A 2523 -6.88 93.35 -59.34
C ASP A 2523 -6.03 93.92 -60.45
N LYS A 2524 -4.76 93.53 -60.49
CA LYS A 2524 -3.78 94.08 -61.41
C LYS A 2524 -3.27 92.97 -62.31
N GLU A 2525 -2.22 93.25 -63.08
CA GLU A 2525 -1.70 92.39 -64.13
C GLU A 2525 -0.78 91.28 -63.60
N HIS A 2526 -0.93 90.92 -62.32
CA HIS A 2526 -0.41 89.67 -61.72
C HIS A 2526 1.12 89.62 -61.75
N THR A 2527 1.72 90.54 -60.98
CA THR A 2527 3.18 90.70 -60.92
C THR A 2527 3.80 89.83 -59.82
N CYS A 2528 3.81 88.54 -60.10
CA CYS A 2528 4.33 87.45 -59.27
C CYS A 2528 5.79 87.11 -59.56
N GLU A 2529 6.14 85.83 -59.32
CA GLU A 2529 7.43 85.17 -59.58
C GLU A 2529 8.54 85.53 -58.59
N THR A 2530 8.29 85.22 -57.33
CA THR A 2530 9.08 84.26 -56.55
C THR A 2530 10.60 84.45 -56.71
N LEU A 2531 11.12 85.49 -56.04
CA LEU A 2531 12.56 85.76 -56.17
C LEU A 2531 13.39 84.71 -55.44
N LEU A 2532 13.43 84.75 -54.10
CA LEU A 2532 13.94 83.66 -53.28
C LEU A 2532 13.16 83.46 -52.00
N MET A 2533 12.06 84.17 -51.80
CA MET A 2533 11.24 83.99 -50.62
C MET A 2533 10.05 83.12 -50.88
N CYS A 2534 9.30 83.44 -51.93
CA CYS A 2534 8.00 82.87 -52.21
C CYS A 2534 8.07 81.40 -52.56
N ILE A 2535 9.27 80.88 -52.76
CA ILE A 2535 9.53 79.45 -52.83
C ILE A 2535 8.94 78.72 -51.64
N VAL A 2536 9.10 79.26 -50.43
CA VAL A 2536 8.53 78.58 -49.28
C VAL A 2536 7.04 78.84 -49.19
N THR A 2537 6.52 79.75 -49.99
CA THR A 2537 5.09 79.94 -49.97
C THR A 2537 4.42 79.00 -50.94
N VAL A 2538 4.94 78.96 -52.16
CA VAL A 2538 4.23 78.36 -53.27
C VAL A 2538 4.03 76.87 -53.12
N LEU A 2539 4.72 76.25 -52.18
CA LEU A 2539 4.58 74.83 -51.95
C LEU A 2539 3.18 74.46 -51.55
N SER A 2540 2.49 75.35 -50.87
CA SER A 2540 1.14 75.03 -50.48
C SER A 2540 0.25 75.04 -51.70
N HIS A 2541 0.45 76.03 -52.55
CA HIS A 2541 -0.18 76.02 -53.85
C HIS A 2541 0.57 75.12 -54.82
N GLY A 2542 1.72 74.62 -54.41
CA GLY A 2542 2.28 73.46 -55.07
C GLY A 2542 1.41 72.30 -54.68
N LEU A 2543 1.24 72.09 -53.37
CA LEU A 2543 0.45 70.97 -52.91
C LEU A 2543 -1.02 71.25 -52.95
N ARG A 2544 -1.39 72.33 -53.63
CA ARG A 2544 -2.74 72.79 -53.93
C ARG A 2544 -3.77 71.70 -54.05
N SER A 2545 -3.49 70.67 -54.80
CA SER A 2545 -4.53 69.71 -55.01
C SER A 2545 -4.09 68.37 -54.46
N GLY A 2546 -5.07 67.48 -54.32
CA GLY A 2546 -4.79 66.07 -54.31
C GLY A 2546 -4.81 65.50 -55.71
N GLY A 2547 -5.20 66.32 -56.69
CA GLY A 2547 -5.13 65.90 -58.07
C GLY A 2547 -3.73 65.81 -58.65
N GLY A 2548 -3.09 66.95 -58.88
CA GLY A 2548 -1.79 67.01 -59.51
C GLY A 2548 -0.91 68.12 -58.96
N VAL A 2549 0.30 67.78 -58.58
CA VAL A 2549 1.15 68.64 -57.78
C VAL A 2549 2.19 69.28 -58.70
N GLY A 2550 2.86 70.29 -58.19
CA GLY A 2550 3.81 71.02 -58.99
C GLY A 2550 3.07 71.88 -59.98
N ASP A 2551 3.08 71.45 -61.24
CA ASP A 2551 2.23 71.81 -62.38
C ASP A 2551 1.90 73.29 -62.52
N VAL A 2552 2.82 74.16 -62.12
CA VAL A 2552 2.54 75.57 -62.22
C VAL A 2552 2.76 76.10 -63.63
N LEU A 2553 3.87 75.74 -64.27
CA LEU A 2553 4.07 76.21 -65.62
C LEU A 2553 3.16 75.45 -66.57
N ARG A 2554 2.36 76.18 -67.30
CA ARG A 2554 1.81 75.66 -68.52
C ARG A 2554 2.42 76.40 -69.68
N LYS A 2555 2.03 75.96 -70.87
CA LYS A 2555 2.63 76.30 -72.15
C LYS A 2555 4.12 76.00 -72.07
N PRO A 2556 4.52 74.73 -72.07
CA PRO A 2556 5.95 74.44 -72.19
C PRO A 2556 6.48 74.66 -73.59
N SER A 2557 5.56 74.74 -74.56
CA SER A 2557 5.85 75.06 -75.97
C SER A 2557 6.80 74.05 -76.60
N LYS A 2558 6.62 72.77 -76.26
CA LYS A 2558 7.12 71.61 -77.00
C LYS A 2558 8.64 71.60 -77.05
N GLU A 2559 9.28 72.41 -76.22
CA GLU A 2559 10.71 72.32 -76.16
C GLU A 2559 10.60 71.12 -75.28
N GLU A 2560 10.30 70.03 -75.97
CA GLU A 2560 9.95 68.74 -75.42
C GLU A 2560 10.99 68.11 -74.53
N PRO A 2561 12.29 68.38 -74.76
CA PRO A 2561 13.25 67.83 -73.79
C PRO A 2561 13.00 68.44 -72.41
N LEU A 2562 12.98 69.76 -72.47
CA LEU A 2562 12.71 70.54 -71.28
C LEU A 2562 11.39 69.94 -70.80
N PHE A 2563 10.51 69.58 -71.75
CA PHE A 2563 9.23 69.02 -71.49
C PHE A 2563 9.47 67.77 -70.67
N ALA A 2564 10.37 66.90 -71.13
CA ALA A 2564 10.60 65.66 -70.43
C ALA A 2564 11.11 65.86 -69.03
N ALA A 2565 12.05 66.78 -68.89
CA ALA A 2565 12.66 66.97 -67.59
C ALA A 2565 11.67 67.42 -66.59
N ARG A 2566 10.91 68.40 -67.02
CA ARG A 2566 9.98 68.99 -66.15
C ARG A 2566 8.96 68.00 -65.74
N VAL A 2567 8.43 67.25 -66.69
CA VAL A 2567 7.39 66.35 -66.30
C VAL A 2567 7.82 65.28 -65.38
N ILE A 2568 8.99 64.75 -65.63
CA ILE A 2568 9.45 63.68 -64.83
C ILE A 2568 9.61 64.13 -63.43
N TYR A 2569 10.24 65.27 -63.26
CA TYR A 2569 10.43 65.76 -61.95
C TYR A 2569 9.12 66.01 -61.22
N ASP A 2570 8.17 66.64 -61.88
CA ASP A 2570 6.93 66.91 -61.16
C ASP A 2570 6.17 65.67 -60.83
N LEU A 2571 6.23 64.69 -61.71
CA LEU A 2571 5.57 63.46 -61.53
C LEU A 2571 6.05 62.82 -60.28
N LEU A 2572 7.37 62.78 -60.15
CA LEU A 2572 7.96 62.16 -59.02
C LEU A 2572 7.56 62.82 -57.75
N PHE A 2573 7.52 64.13 -57.74
CA PHE A 2573 7.01 64.74 -56.57
C PHE A 2573 5.60 64.29 -56.57
N PHE A 2574 4.95 64.36 -57.70
CA PHE A 2574 3.63 63.95 -57.56
C PHE A 2574 3.60 62.68 -56.94
N PHE A 2575 4.43 61.73 -57.37
CA PHE A 2575 4.19 60.52 -56.80
C PHE A 2575 4.51 60.41 -55.42
N MET A 2576 5.68 60.92 -55.13
CA MET A 2576 6.07 60.73 -53.80
C MET A 2576 5.26 61.48 -52.84
N VAL A 2577 5.05 62.73 -53.22
CA VAL A 2577 4.41 63.61 -52.29
C VAL A 2577 3.06 63.23 -52.12
N ILE A 2578 2.38 62.88 -53.20
CA ILE A 2578 1.08 62.61 -52.92
C ILE A 2578 0.84 61.40 -52.25
N ILE A 2579 1.47 60.35 -52.72
CA ILE A 2579 0.96 59.19 -52.16
C ILE A 2579 1.82 58.81 -51.16
N ILE A 2580 3.04 58.75 -51.48
CA ILE A 2580 3.54 58.11 -50.35
C ILE A 2580 3.23 58.83 -49.13
N VAL A 2581 3.49 60.12 -49.08
CA VAL A 2581 3.21 60.71 -47.77
C VAL A 2581 1.76 60.75 -47.38
N LEU A 2582 0.85 60.85 -48.34
CA LEU A 2582 -0.50 60.91 -47.92
C LEU A 2582 -1.02 59.67 -47.36
N ASN A 2583 -0.71 58.49 -47.94
CA ASN A 2583 -1.20 57.24 -47.21
C ASN A 2583 -0.27 57.27 -45.94
N LEU A 2584 0.99 57.73 -45.97
CA LEU A 2584 1.76 57.84 -44.75
C LEU A 2584 1.15 58.69 -43.61
N ILE A 2585 0.57 59.85 -43.88
CA ILE A 2585 0.00 60.67 -42.88
C ILE A 2585 -1.08 60.02 -42.28
N PHE A 2586 -1.90 59.42 -43.07
CA PHE A 2586 -2.98 58.75 -42.49
C PHE A 2586 -2.42 57.64 -41.60
N GLY A 2587 -1.58 56.98 -42.23
CA GLY A 2587 -1.30 55.68 -41.66
C GLY A 2587 -1.49 55.63 -40.16
N VAL A 2588 -0.82 56.57 -39.50
CA VAL A 2588 -0.85 56.61 -38.06
C VAL A 2588 -2.25 56.94 -37.58
N ILE A 2589 -3.00 57.62 -38.43
CA ILE A 2589 -4.40 57.83 -38.17
C ILE A 2589 -5.16 56.52 -38.27
N ILE A 2590 -4.66 55.55 -39.04
CA ILE A 2590 -5.48 54.36 -39.14
C ILE A 2590 -4.90 53.18 -38.42
N ASP A 2591 -3.64 53.25 -38.02
CA ASP A 2591 -3.24 52.24 -37.06
C ASP A 2591 -3.61 52.70 -35.65
N THR A 2592 -4.01 53.95 -35.52
CA THR A 2592 -4.73 54.39 -34.34
C THR A 2592 -5.91 53.47 -34.08
N PHE A 2593 -6.84 53.44 -35.02
CA PHE A 2593 -8.05 52.67 -34.81
C PHE A 2593 -7.82 51.20 -34.94
N ALA A 2594 -6.75 50.82 -35.60
CA ALA A 2594 -6.41 49.42 -35.49
C ALA A 2594 -5.89 49.10 -34.10
N ASP A 2595 -5.15 50.01 -33.48
CA ASP A 2595 -4.76 49.77 -32.10
C ASP A 2595 -5.94 49.89 -31.17
N LEU A 2596 -6.78 50.89 -31.42
CA LEU A 2596 -7.65 51.44 -30.38
C LEU A 2596 -8.63 50.41 -29.88
N ARG A 2597 -9.21 49.66 -30.80
CA ARG A 2597 -10.04 48.58 -30.30
C ARG A 2597 -9.18 47.44 -29.83
N SER A 2598 -7.98 47.25 -30.39
CA SER A 2598 -7.27 45.98 -30.25
C SER A 2598 -6.83 45.75 -28.83
N GLU A 2599 -6.54 46.83 -28.12
CA GLU A 2599 -6.35 46.72 -26.69
C GLU A 2599 -7.68 46.55 -25.99
N LYS A 2600 -8.74 47.14 -26.54
CA LYS A 2600 -9.89 47.47 -25.71
C LYS A 2600 -10.71 46.23 -25.36
N GLN A 2601 -10.90 45.29 -26.29
CA GLN A 2601 -11.60 44.06 -25.90
C GLN A 2601 -10.78 43.24 -24.92
N LYS A 2602 -9.46 43.42 -24.93
CA LYS A 2602 -8.65 42.77 -23.92
C LYS A 2602 -8.86 43.43 -22.58
N LYS A 2603 -9.17 44.72 -22.59
CA LYS A 2603 -9.53 45.35 -21.33
C LYS A 2603 -10.91 44.91 -20.90
N GLU A 2604 -11.78 44.60 -21.86
CA GLU A 2604 -13.05 44.00 -21.51
C GLU A 2604 -13.03 42.50 -21.50
N GLU A 2605 -11.90 41.89 -21.86
CA GLU A 2605 -11.70 40.49 -21.50
C GLU A 2605 -11.68 40.32 -20.00
N ILE A 2606 -11.00 41.23 -19.31
CA ILE A 2606 -10.72 40.97 -17.91
C ILE A 2606 -11.93 41.30 -17.05
N LEU A 2607 -12.96 41.94 -17.60
CA LEU A 2607 -14.14 42.04 -16.76
C LEU A 2607 -15.27 41.19 -17.29
N LYS A 2608 -15.56 41.27 -18.57
CA LYS A 2608 -16.73 40.56 -19.06
C LYS A 2608 -16.45 39.07 -19.19
N THR A 2609 -15.33 38.71 -19.79
CA THR A 2609 -15.04 37.31 -20.00
C THR A 2609 -14.64 36.65 -18.70
N THR A 2610 -13.48 37.03 -18.19
CA THR A 2610 -13.09 36.50 -16.90
C THR A 2610 -13.55 37.46 -15.83
N CYS A 2611 -13.77 36.91 -14.65
CA CYS A 2611 -14.31 37.60 -13.50
C CYS A 2611 -13.16 38.13 -12.65
N PHE A 2612 -13.44 38.45 -11.39
CA PHE A 2612 -12.50 38.96 -10.42
C PHE A 2612 -11.59 37.82 -9.95
N ILE A 2613 -10.86 38.00 -8.86
CA ILE A 2613 -9.46 37.57 -8.78
C ILE A 2613 -9.29 36.07 -8.81
N CYS A 2614 -9.02 35.60 -9.99
CA CYS A 2614 -8.68 34.20 -10.18
C CYS A 2614 -7.45 34.06 -11.05
N GLY A 2615 -7.21 34.99 -11.97
CA GLY A 2615 -6.23 34.82 -13.02
C GLY A 2615 -6.51 33.55 -13.80
N LEU A 2616 -7.79 33.26 -14.00
CA LEU A 2616 -8.20 31.95 -14.46
C LEU A 2616 -9.29 32.19 -15.47
N GLU A 2617 -9.31 31.39 -16.53
CA GLU A 2617 -10.18 31.73 -17.64
C GLU A 2617 -11.60 31.19 -17.44
N ARG A 2618 -11.80 30.72 -16.19
CA ARG A 2618 -13.06 30.30 -15.56
C ARG A 2618 -13.87 29.11 -15.91
N ASP A 2619 -14.29 29.11 -17.13
CA ASP A 2619 -15.30 28.18 -17.51
C ASP A 2619 -15.12 26.68 -17.38
N LYS A 2620 -13.93 26.14 -17.59
CA LYS A 2620 -13.80 24.68 -17.53
C LYS A 2620 -14.16 24.16 -16.17
N PHE A 2621 -13.55 24.84 -15.22
CA PHE A 2621 -13.70 24.58 -13.84
C PHE A 2621 -15.17 24.80 -13.50
N ASP A 2622 -15.76 25.90 -13.96
CA ASP A 2622 -17.13 26.14 -13.62
C ASP A 2622 -18.12 25.07 -14.11
N ASN A 2623 -18.04 24.59 -15.37
CA ASN A 2623 -19.03 23.55 -15.79
C ASN A 2623 -18.82 22.32 -15.01
N LYS A 2624 -17.56 21.99 -14.81
CA LYS A 2624 -17.24 20.81 -14.10
C LYS A 2624 -17.80 20.80 -12.69
N THR A 2625 -17.99 21.92 -12.01
CA THR A 2625 -18.50 21.72 -10.67
C THR A 2625 -19.52 22.58 -10.00
N VAL A 2626 -20.11 21.99 -8.96
CA VAL A 2626 -21.08 22.57 -8.03
C VAL A 2626 -22.12 23.18 -8.83
N THR A 2627 -22.47 24.36 -8.35
CA THR A 2627 -23.14 25.23 -9.30
C THR A 2627 -22.24 26.43 -9.36
N PHE A 2628 -21.91 26.88 -10.56
CA PHE A 2628 -20.89 27.91 -10.63
C PHE A 2628 -21.46 29.32 -10.74
N GLU A 2629 -22.68 29.47 -11.28
CA GLU A 2629 -23.37 30.73 -11.65
C GLU A 2629 -23.30 31.78 -10.62
N GLU A 2630 -23.46 31.41 -9.37
CA GLU A 2630 -23.63 32.32 -8.25
C GLU A 2630 -22.31 32.69 -7.60
N HIS A 2631 -21.18 32.21 -8.14
CA HIS A 2631 -19.84 32.55 -7.65
C HIS A 2631 -19.62 34.05 -7.59
N ILE A 2632 -20.26 34.78 -8.48
CA ILE A 2632 -20.05 36.20 -8.57
C ILE A 2632 -20.81 36.94 -7.49
N LYS A 2633 -21.75 36.27 -6.82
CA LYS A 2633 -22.40 36.96 -5.72
C LYS A 2633 -21.53 37.04 -4.48
N GLU A 2634 -20.68 36.05 -4.21
CA GLU A 2634 -19.97 36.05 -2.95
C GLU A 2634 -18.45 36.12 -3.07
N GLU A 2635 -17.79 35.23 -3.81
CA GLU A 2635 -16.37 35.04 -3.59
C GLU A 2635 -15.52 36.07 -4.31
N HIS A 2636 -16.13 36.84 -5.20
CA HIS A 2636 -15.43 37.83 -5.98
C HIS A 2636 -16.19 39.13 -6.03
N ASN A 2637 -17.09 39.37 -5.09
CA ASN A 2637 -17.98 40.52 -5.18
C ASN A 2637 -17.29 41.73 -4.56
N MET A 2638 -16.70 42.50 -5.49
CA MET A 2638 -15.85 43.62 -5.22
C MET A 2638 -16.64 44.60 -4.44
N TRP A 2639 -17.93 44.72 -4.78
CA TRP A 2639 -18.82 45.63 -4.07
C TRP A 2639 -18.87 45.23 -2.66
N HIS A 2640 -19.02 43.93 -2.41
CA HIS A 2640 -18.97 43.42 -1.09
C HIS A 2640 -17.59 43.70 -0.47
N TYR A 2641 -16.46 43.69 -1.17
CA TYR A 2641 -15.20 44.00 -0.50
C TYR A 2641 -15.21 45.42 0.04
N LEU A 2642 -15.74 46.32 -0.77
CA LEU A 2642 -15.92 47.70 -0.38
C LEU A 2642 -16.86 47.75 0.79
N CYS A 2643 -17.92 46.95 0.79
CA CYS A 2643 -18.83 46.89 1.90
C CYS A 2643 -18.11 46.44 3.15
N PHE A 2644 -17.21 45.49 3.04
CA PHE A 2644 -16.46 45.05 4.19
C PHE A 2644 -15.71 46.22 4.76
N ILE A 2645 -15.02 46.99 3.93
CA ILE A 2645 -14.32 48.08 4.54
C ILE A 2645 -15.26 49.08 5.16
N VAL A 2646 -16.38 49.39 4.50
CA VAL A 2646 -17.25 50.35 5.18
C VAL A 2646 -17.80 49.87 6.49
N LEU A 2647 -18.29 48.63 6.58
CA LEU A 2647 -18.83 48.23 7.87
C LEU A 2647 -17.72 48.15 8.92
N VAL A 2648 -16.56 47.67 8.52
CA VAL A 2648 -15.50 47.59 9.51
C VAL A 2648 -15.06 48.93 9.99
N LYS A 2649 -14.97 49.90 9.09
CA LYS A 2649 -14.52 51.18 9.52
C LYS A 2649 -15.58 51.75 10.39
N VAL A 2650 -15.19 52.35 11.48
CA VAL A 2650 -16.32 52.85 12.25
C VAL A 2650 -16.10 52.68 13.75
N LYS A 2651 -15.56 51.54 14.16
CA LYS A 2651 -15.39 51.32 15.57
C LYS A 2651 -14.00 51.01 16.06
N ASP A 2652 -13.92 50.54 17.29
CA ASP A 2652 -12.68 50.27 18.01
C ASP A 2652 -11.75 49.25 17.35
N SER A 2653 -12.36 48.28 16.67
CA SER A 2653 -11.79 47.15 15.84
C SER A 2653 -11.52 45.91 16.62
N THR A 2654 -11.48 46.08 17.92
CA THR A 2654 -11.26 44.96 18.74
C THR A 2654 -12.51 44.12 18.63
N GLU A 2655 -13.67 44.78 18.72
CA GLU A 2655 -14.88 44.04 18.63
C GLU A 2655 -14.99 43.41 17.28
N TYR A 2656 -15.43 42.19 17.40
CA TYR A 2656 -15.69 41.22 16.33
C TYR A 2656 -14.40 40.68 15.72
N THR A 2657 -13.41 40.42 16.57
CA THR A 2657 -12.04 40.23 16.13
C THR A 2657 -11.86 38.85 15.50
N GLY A 2658 -10.61 38.47 15.28
CA GLY A 2658 -10.30 37.26 14.56
C GLY A 2658 -9.95 37.52 13.10
N PRO A 2659 -10.89 37.92 12.29
CA PRO A 2659 -10.51 38.47 11.00
C PRO A 2659 -10.29 39.95 11.12
N GLU A 2660 -11.00 40.53 12.09
CA GLU A 2660 -11.06 41.98 12.20
C GLU A 2660 -9.74 42.53 12.67
N SER A 2661 -9.41 42.22 13.93
CA SER A 2661 -8.21 42.77 14.51
C SER A 2661 -6.97 42.14 13.92
N TYR A 2662 -7.15 41.00 13.24
CA TYR A 2662 -6.20 40.60 12.24
C TYR A 2662 -5.94 41.73 11.26
N VAL A 2663 -6.94 42.06 10.46
CA VAL A 2663 -6.67 43.00 9.39
C VAL A 2663 -6.63 44.43 9.90
N ALA A 2664 -7.16 44.69 11.11
CA ALA A 2664 -7.21 46.05 11.65
C ALA A 2664 -5.82 46.62 11.90
N GLU A 2665 -4.82 45.76 12.07
CA GLU A 2665 -3.45 46.23 11.98
C GLU A 2665 -2.92 46.18 10.57
N MET A 2666 -3.43 45.25 9.76
CA MET A 2666 -2.81 44.93 8.48
C MET A 2666 -2.91 46.06 7.47
N ILE A 2667 -3.82 47.00 7.67
CA ILE A 2667 -3.86 48.13 6.76
C ILE A 2667 -2.75 49.11 7.09
N ARG A 2668 -2.23 49.09 8.32
CA ARG A 2668 -1.24 50.08 8.75
C ARG A 2668 0.09 49.86 8.04
N GLU A 2669 0.47 48.62 7.85
CA GLU A 2669 1.70 48.28 7.16
C GLU A 2669 1.46 47.79 5.74
N ARG A 2670 0.20 47.87 5.30
CA ARG A 2670 -0.22 48.03 3.91
C ARG A 2670 0.29 46.92 2.99
N ASN A 2671 0.50 45.73 3.53
CA ASN A 2671 1.44 44.79 2.94
C ASN A 2671 0.90 44.02 1.76
N LEU A 2672 -0.13 44.52 1.09
CA LEU A 2672 -0.46 44.22 -0.30
C LEU A 2672 -0.96 42.79 -0.51
N ASP A 2673 -1.26 42.06 0.55
CA ASP A 2673 -1.49 40.62 0.37
C ASP A 2673 -2.69 40.11 1.14
N TRP A 2674 -3.82 40.79 1.05
CA TRP A 2674 -4.98 40.33 1.82
C TRP A 2674 -5.89 39.41 1.06
N PHE A 2675 -5.78 39.40 -0.19
CA PHE A 2675 -7.00 39.14 -0.92
C PHE A 2675 -6.94 37.78 -1.59
N PRO A 2676 -8.10 37.17 -1.90
CA PRO A 2676 -8.10 35.78 -2.36
C PRO A 2676 -7.49 35.63 -3.74
N ARG A 2677 -6.16 35.61 -3.73
CA ARG A 2677 -5.37 35.67 -4.94
C ARG A 2677 -5.60 34.49 -5.85
N MET A 2678 -5.22 33.29 -5.46
CA MET A 2678 -5.81 32.14 -6.13
C MET A 2678 -6.11 30.98 -5.18
N ARG A 2679 -5.42 30.91 -4.03
CA ARG A 2679 -5.20 29.61 -3.41
C ARG A 2679 -6.45 29.13 -2.67
N ALA A 2680 -7.33 30.06 -2.29
CA ALA A 2680 -8.50 29.71 -1.49
C ALA A 2680 -9.51 28.91 -2.28
N MET A 2681 -10.16 29.54 -3.26
CA MET A 2681 -10.94 29.00 -4.39
C MET A 2681 -12.16 28.18 -4.00
N SER A 2682 -12.09 27.64 -2.79
CA SER A 2682 -13.08 26.70 -2.39
C SER A 2682 -12.71 25.39 -3.13
N LEU A 2683 -13.52 24.36 -2.90
CA LEU A 2683 -13.44 23.04 -3.54
C LEU A 2683 -12.24 22.13 -3.19
N VAL A 2684 -12.20 20.95 -3.79
CA VAL A 2684 -11.14 19.99 -3.54
C VAL A 2684 -11.16 19.49 -2.11
N SER A 2685 -12.37 19.40 -1.55
CA SER A 2685 -12.57 18.91 -0.18
C SER A 2685 -12.11 17.46 -0.07
N SER A 2686 -12.41 16.66 -1.10
CA SER A 2686 -12.03 15.25 -1.16
C SER A 2686 -12.48 14.43 0.04
N ASP A 2687 -13.74 14.63 0.45
CA ASP A 2687 -14.31 13.90 1.59
C ASP A 2687 -13.43 14.01 2.83
N SER A 2688 -13.03 15.25 3.14
CA SER A 2688 -12.18 15.56 4.29
C SER A 2688 -10.86 14.80 4.27
N GLU A 2689 -10.27 14.70 3.08
CA GLU A 2689 -8.98 14.03 2.87
C GLU A 2689 -8.94 12.59 3.38
N GLY A 2690 -10.00 11.84 3.11
CA GLY A 2690 -10.05 10.45 3.54
C GLY A 2690 -9.82 10.31 5.04
N GLU A 2691 -10.52 11.12 5.81
CA GLU A 2691 -10.43 11.13 7.28
C GLU A 2691 -9.00 11.35 7.76
N GLN A 2692 -8.32 12.29 7.12
CA GLN A 2692 -6.95 12.68 7.43
C GLN A 2692 -5.94 11.53 7.36
N ASN A 2693 -6.11 10.65 6.38
CA ASN A 2693 -5.20 9.53 6.22
C ASN A 2693 -4.17 9.79 5.11
N GLU A 2694 -2.90 9.65 5.48
CA GLU A 2694 -1.73 9.84 4.55
C GLU A 2694 -1.31 8.90 3.35
N LEU A 2695 -0.10 9.20 2.81
CA LEU A 2695 0.60 8.60 1.64
C LEU A 2695 1.29 7.19 1.64
N ARG A 2696 1.74 6.73 0.44
CA ARG A 2696 2.31 5.40 0.22
C ARG A 2696 2.79 4.91 1.63
N ASN A 2697 3.39 5.88 2.32
CA ASN A 2697 3.98 5.70 3.63
C ASN A 2697 3.07 5.31 4.77
N LEU A 2698 1.86 5.85 4.83
CA LEU A 2698 0.96 5.50 5.93
C LEU A 2698 0.64 4.01 5.89
N GLN A 2699 0.38 3.49 4.70
CA GLN A 2699 0.09 2.07 4.55
C GLN A 2699 1.34 1.27 4.93
N GLU A 2700 2.51 1.74 4.51
CA GLU A 2700 3.71 1.01 4.90
C GLU A 2700 3.88 0.96 6.44
N LYS A 2701 3.60 2.08 7.10
CA LYS A 2701 3.69 2.21 8.55
C LYS A 2701 2.72 1.26 9.24
N LEU A 2702 1.52 1.14 8.69
CA LEU A 2702 0.55 0.23 9.27
C LEU A 2702 1.08 -1.19 9.20
N GLU A 2703 1.68 -1.56 8.06
CA GLU A 2703 2.22 -2.90 7.94
C GLU A 2703 3.29 -3.12 9.00
N SER A 2704 4.17 -2.14 9.15
CA SER A 2704 5.22 -2.33 10.13
C SER A 2704 4.69 -2.49 11.54
N THR A 2705 3.70 -1.68 11.91
CA THR A 2705 3.18 -1.79 13.26
C THR A 2705 2.58 -3.15 13.51
N MET A 2706 1.81 -3.62 12.53
CA MET A 2706 1.15 -4.90 12.71
C MET A 2706 2.21 -5.99 12.85
N LYS A 2707 3.21 -5.92 11.98
CA LYS A 2707 4.24 -6.92 11.97
C LYS A 2707 4.95 -6.92 13.29
N LEU A 2708 5.31 -5.76 13.80
CA LEU A 2708 6.04 -5.75 15.05
C LEU A 2708 5.27 -6.32 16.23
N VAL A 2709 4.01 -5.93 16.36
CA VAL A 2709 3.29 -6.44 17.52
C VAL A 2709 3.10 -7.93 17.43
N THR A 2710 2.76 -8.39 16.23
CA THR A 2710 2.53 -9.81 16.05
C THR A 2710 3.80 -10.61 16.31
N ASN A 2711 4.90 -10.09 15.80
CA ASN A 2711 6.23 -10.71 15.89
C ASN A 2711 6.82 -10.75 17.28
N LEU A 2712 6.34 -9.91 18.18
CA LEU A 2712 6.91 -9.91 19.53
C LEU A 2712 6.76 -11.21 20.34
N SER A 2713 6.06 -12.24 19.85
CA SER A 2713 5.90 -13.46 20.67
C SER A 2713 6.30 -14.91 20.18
N GLY A 2714 5.86 -15.22 18.97
CA GLY A 2714 6.02 -16.58 18.47
C GLY A 2714 7.38 -17.22 18.32
N GLN A 2715 8.35 -16.51 17.77
CA GLN A 2715 9.65 -17.15 17.64
C GLN A 2715 10.26 -17.47 18.99
N LEU A 2716 10.02 -16.64 19.99
CA LEU A 2716 10.57 -16.90 21.31
C LEU A 2716 10.05 -18.24 21.83
N SER A 2717 8.76 -18.43 21.63
CA SER A 2717 8.08 -19.62 22.07
C SER A 2717 8.64 -20.83 21.37
N GLU A 2718 8.83 -20.67 20.07
CA GLU A 2718 9.32 -21.74 19.25
C GLU A 2718 10.71 -22.15 19.72
N LEU A 2719 11.55 -21.17 19.99
CA LEU A 2719 12.89 -21.49 20.42
C LEU A 2719 12.86 -22.24 21.74
N LYS A 2720 12.01 -21.81 22.67
CA LYS A 2720 11.97 -22.49 23.94
C LYS A 2720 11.55 -23.94 23.76
N ASP A 2721 10.51 -24.16 22.96
CA ASP A 2721 10.10 -25.54 22.80
C ASP A 2721 11.13 -26.40 22.09
N GLN A 2722 11.80 -25.80 21.12
CA GLN A 2722 12.82 -26.48 20.35
C GLN A 2722 13.91 -26.94 21.30
N MET A 2723 14.33 -26.04 22.19
CA MET A 2723 15.37 -26.39 23.13
C MET A 2723 14.90 -27.52 24.01
N THR A 2724 13.66 -27.47 24.49
CA THR A 2724 13.20 -28.56 25.35
C THR A 2724 13.21 -29.91 24.64
N GLU A 2725 12.75 -29.94 23.40
CA GLU A 2725 12.72 -31.20 22.64
C GLU A 2725 14.12 -31.75 22.42
N GLN A 2726 15.03 -30.82 22.12
CA GLN A 2726 16.41 -31.15 21.88
C GLN A 2726 17.05 -31.72 23.13
N ARG A 2727 16.70 -31.13 24.27
CA ARG A 2727 17.18 -31.57 25.57
C ARG A 2727 16.72 -32.99 25.79
N LYS A 2728 15.46 -33.26 25.48
CA LYS A 2728 15.02 -34.62 25.62
C LYS A 2728 15.72 -35.62 24.72
N GLN A 2729 15.99 -35.31 23.45
CA GLN A 2729 16.69 -36.32 22.67
C GLN A 2729 18.07 -36.60 23.24
N LYS A 2730 18.81 -35.54 23.51
CA LYS A 2730 20.10 -35.70 24.18
C LYS A 2730 20.01 -36.74 25.29
N GLN A 2731 18.90 -36.77 26.02
CA GLN A 2731 18.70 -37.71 27.11
C GLN A 2731 18.71 -39.13 26.55
N ARG A 2732 18.04 -39.31 25.41
CA ARG A 2732 18.03 -40.60 24.74
C ARG A 2732 19.43 -40.97 24.27
N ILE A 2733 20.16 -39.98 23.79
CA ILE A 2733 21.53 -40.16 23.35
C ILE A 2733 22.40 -40.61 24.51
N GLY A 2734 22.18 -40.02 25.68
CA GLY A 2734 22.90 -40.36 26.88
C GLY A 2734 22.61 -41.80 27.21
N LEU A 2735 21.35 -42.22 27.11
CA LEU A 2735 21.02 -43.62 27.36
C LEU A 2735 21.71 -44.55 26.35
N LEU A 2736 21.78 -44.12 25.10
CA LEU A 2736 22.42 -44.90 24.06
C LEU A 2736 23.91 -45.09 24.35
N GLY A 2737 24.55 -44.06 24.88
CA GLY A 2737 25.97 -44.14 25.18
C GLY A 2737 26.22 -44.39 26.66
N HIS A 2738 25.19 -44.86 27.35
CA HIS A 2738 25.24 -45.07 28.80
C HIS A 2738 26.10 -46.15 29.45
N PRO A 2739 26.62 -47.15 28.73
CA PRO A 2739 27.18 -47.75 29.95
C PRO A 2739 28.52 -47.13 30.35
N LYS B 4 -14.49 -29.07 12.93
CA LYS B 4 -15.07 -29.47 14.21
C LYS B 4 -15.91 -28.36 14.82
N MET B 5 -16.21 -27.34 14.01
CA MET B 5 -17.11 -26.29 14.47
C MET B 5 -18.54 -26.81 14.54
N SER B 6 -19.00 -27.42 13.45
CA SER B 6 -20.20 -28.26 13.45
C SER B 6 -20.08 -29.18 12.25
N SER B 7 -20.77 -30.32 12.29
CA SER B 7 -20.67 -31.29 11.20
C SER B 7 -21.78 -31.06 10.18
N PHE B 8 -21.78 -31.91 9.14
CA PHE B 8 -22.95 -32.18 8.30
C PHE B 8 -23.40 -30.96 7.49
N LEU B 9 -22.53 -30.53 6.56
CA LEU B 9 -22.68 -29.25 5.88
C LEU B 9 -22.73 -29.35 4.36
N HIS B 10 -22.88 -30.54 3.79
CA HIS B 10 -22.59 -30.73 2.37
C HIS B 10 -23.47 -31.85 1.84
N ILE B 11 -24.35 -31.54 0.88
CA ILE B 11 -25.12 -32.60 0.25
C ILE B 11 -24.19 -33.46 -0.61
N GLY B 12 -24.45 -34.76 -0.61
CA GLY B 12 -23.54 -35.71 -1.16
C GLY B 12 -22.79 -36.53 -0.14
N ASP B 13 -23.39 -36.77 1.02
CA ASP B 13 -22.68 -37.43 2.10
C ASP B 13 -22.60 -38.93 1.87
N ILE B 14 -21.67 -39.55 2.58
CA ILE B 14 -21.39 -40.97 2.48
C ILE B 14 -21.87 -41.59 3.78
N CYS B 15 -23.11 -42.07 3.79
CA CYS B 15 -23.76 -42.44 5.03
C CYS B 15 -24.53 -43.74 4.80
N SER B 16 -25.40 -44.06 5.74
CA SER B 16 -26.23 -45.25 5.69
C SER B 16 -27.46 -45.01 6.56
N LEU B 17 -28.31 -46.02 6.65
CA LEU B 17 -29.56 -45.88 7.38
C LEU B 17 -29.85 -47.14 8.18
N TYR B 18 -30.67 -46.96 9.22
CA TYR B 18 -31.02 -48.03 10.13
C TYR B 18 -32.44 -47.80 10.62
N ALA B 19 -33.22 -48.88 10.66
CA ALA B 19 -34.56 -48.84 11.18
C ALA B 19 -34.52 -48.98 12.69
N GLU B 20 -35.40 -48.25 13.36
CA GLU B 20 -35.47 -48.25 14.81
C GLU B 20 -36.94 -48.30 15.22
N GLY B 21 -37.22 -49.05 16.28
CA GLY B 21 -38.58 -49.15 16.78
C GLY B 21 -39.11 -50.57 16.85
N SER B 22 -40.12 -50.87 16.04
CA SER B 22 -40.76 -52.17 16.07
C SER B 22 -39.82 -53.26 15.56
N THR B 23 -39.44 -53.17 14.29
CA THR B 23 -38.44 -54.06 13.72
C THR B 23 -37.24 -53.22 13.39
N ASN B 24 -36.08 -53.58 13.92
CA ASN B 24 -34.91 -52.72 13.83
C ASN B 24 -33.96 -53.29 12.80
N GLY B 25 -34.21 -52.95 11.53
CA GLY B 25 -33.40 -53.40 10.43
C GLY B 25 -32.64 -52.27 9.76
N PHE B 26 -32.28 -52.51 8.51
CA PHE B 26 -31.45 -51.64 7.70
C PHE B 26 -32.12 -51.48 6.34
N ILE B 27 -31.61 -50.54 5.55
CA ILE B 27 -32.12 -50.35 4.19
C ILE B 27 -31.48 -51.38 3.27
N SER B 28 -32.24 -52.40 2.91
CA SER B 28 -31.67 -53.57 2.27
C SER B 28 -32.40 -53.84 0.96
N THR B 29 -31.72 -53.57 -0.16
CA THR B 29 -32.23 -53.95 -1.47
C THR B 29 -32.08 -55.45 -1.60
N LEU B 30 -33.19 -56.16 -1.65
CA LEU B 30 -33.14 -57.59 -1.93
C LEU B 30 -32.70 -57.76 -3.37
N GLY B 31 -31.41 -58.03 -3.56
CA GLY B 31 -30.89 -58.16 -4.89
C GLY B 31 -30.83 -56.84 -5.64
N LEU B 32 -30.59 -56.95 -6.94
CA LEU B 32 -30.51 -55.81 -7.85
C LEU B 32 -31.74 -55.67 -8.72
N VAL B 33 -32.45 -56.76 -9.02
CA VAL B 33 -33.57 -56.70 -9.94
C VAL B 33 -34.90 -56.44 -9.24
N ASP B 34 -34.93 -56.38 -7.92
CA ASP B 34 -36.20 -56.14 -7.25
C ASP B 34 -36.52 -54.65 -7.22
N ASP B 35 -37.62 -54.32 -6.57
CA ASP B 35 -38.27 -53.02 -6.70
C ASP B 35 -38.53 -52.33 -5.37
N ARG B 36 -38.56 -53.07 -4.27
CA ARG B 36 -38.74 -52.50 -2.95
C ARG B 36 -37.72 -53.10 -2.00
N CYS B 37 -37.28 -52.30 -1.06
CA CYS B 37 -36.31 -52.78 -0.08
C CYS B 37 -37.01 -53.63 0.97
N VAL B 38 -36.22 -54.21 1.85
CA VAL B 38 -36.73 -55.07 2.91
C VAL B 38 -36.20 -54.56 4.24
N VAL B 39 -36.78 -55.07 5.31
CA VAL B 39 -36.31 -54.83 6.67
C VAL B 39 -35.94 -56.18 7.25
N GLN B 40 -34.64 -56.44 7.38
CA GLN B 40 -34.19 -57.75 7.78
C GLN B 40 -33.77 -57.76 9.24
N PRO B 41 -34.41 -58.55 10.10
CA PRO B 41 -33.77 -58.93 11.36
C PRO B 41 -32.65 -59.94 11.15
N GLU B 42 -32.56 -60.52 9.95
CA GLU B 42 -31.37 -61.22 9.50
C GLU B 42 -30.11 -60.37 9.67
N ALA B 43 -30.24 -59.07 9.42
CA ALA B 43 -29.13 -58.14 9.62
C ALA B 43 -28.74 -58.05 11.09
N GLY B 44 -27.47 -57.72 11.32
CA GLY B 44 -26.90 -57.66 12.65
C GLY B 44 -27.34 -56.46 13.47
N ASP B 45 -26.55 -56.13 14.49
CA ASP B 45 -26.96 -55.15 15.48
C ASP B 45 -26.91 -53.74 14.90
N LEU B 46 -27.56 -52.82 15.62
CA LEU B 46 -27.38 -51.41 15.30
C LEU B 46 -25.98 -50.95 15.64
N ASN B 47 -25.42 -51.46 16.74
CA ASN B 47 -24.03 -51.20 17.07
C ASN B 47 -23.07 -52.10 16.32
N ASN B 48 -23.56 -53.20 15.79
CA ASN B 48 -22.73 -54.16 15.06
C ASN B 48 -23.39 -54.50 13.74
N PRO B 49 -23.05 -53.79 12.67
CA PRO B 49 -23.62 -54.06 11.34
C PRO B 49 -23.22 -55.44 10.84
N PRO B 50 -23.94 -56.01 9.84
CA PRO B 50 -23.67 -57.41 9.45
C PRO B 50 -22.34 -57.61 8.74
N LYS B 51 -22.11 -58.85 8.30
CA LYS B 51 -20.93 -59.15 7.50
C LYS B 51 -20.96 -58.42 6.15
N LYS B 52 -22.14 -58.15 5.62
CA LYS B 52 -22.30 -57.22 4.52
C LYS B 52 -23.18 -56.07 4.99
N PHE B 53 -22.76 -54.86 4.65
CA PHE B 53 -23.56 -53.69 4.98
C PHE B 53 -23.53 -52.68 3.84
N ARG B 54 -23.05 -53.06 2.68
CA ARG B 54 -22.88 -52.20 1.52
C ARG B 54 -24.17 -51.85 0.83
N ASP B 55 -25.35 -52.08 1.40
CA ASP B 55 -26.60 -51.92 0.69
C ASP B 55 -27.30 -50.61 1.02
N CYS B 56 -26.95 -49.96 2.13
CA CYS B 56 -27.56 -48.69 2.55
C CYS B 56 -26.80 -47.50 1.94
N LEU B 57 -26.53 -47.54 0.65
CA LEU B 57 -25.64 -46.55 0.04
C LEU B 57 -26.44 -45.40 -0.56
N PHE B 58 -26.95 -44.55 0.31
CA PHE B 58 -27.66 -43.37 -0.17
C PHE B 58 -26.80 -42.12 -0.07
N LYS B 59 -27.23 -41.10 -0.77
CA LYS B 59 -26.47 -39.89 -0.98
C LYS B 59 -27.43 -38.72 -1.02
N LEU B 60 -27.03 -37.59 -0.44
CA LEU B 60 -27.94 -36.45 -0.29
C LEU B 60 -28.10 -35.78 -1.64
N CYS B 61 -29.12 -36.18 -2.37
CA CYS B 61 -29.33 -35.68 -3.71
C CYS B 61 -30.12 -34.40 -3.68
N PRO B 62 -29.82 -33.46 -4.59
CA PRO B 62 -30.64 -32.26 -4.71
C PRO B 62 -32.00 -32.57 -5.31
N MET B 63 -32.92 -31.62 -5.23
CA MET B 63 -34.26 -31.81 -5.76
C MET B 63 -34.26 -31.35 -7.22
N ASN B 64 -33.94 -32.25 -8.12
CA ASN B 64 -34.03 -31.95 -9.54
C ASN B 64 -35.49 -32.01 -9.99
N ARG B 65 -35.73 -31.56 -11.21
CA ARG B 65 -37.07 -31.51 -11.78
C ARG B 65 -37.36 -32.82 -12.51
N TYR B 66 -38.64 -33.00 -12.90
CA TYR B 66 -39.02 -34.18 -13.64
C TYR B 66 -40.03 -33.86 -14.75
N SER B 67 -40.37 -32.59 -14.93
CA SER B 67 -41.52 -32.23 -15.76
C SER B 67 -41.23 -32.46 -17.24
N ALA B 68 -40.04 -32.06 -17.69
CA ALA B 68 -39.61 -32.39 -19.05
C ALA B 68 -39.48 -33.89 -19.24
N GLN B 69 -38.99 -34.58 -18.21
CA GLN B 69 -38.92 -36.03 -18.24
C GLN B 69 -40.32 -36.63 -18.19
N LYS B 70 -41.23 -35.98 -17.47
CA LYS B 70 -42.63 -36.38 -17.54
C LYS B 70 -43.19 -36.15 -18.94
N GLN B 71 -42.94 -34.99 -19.52
CA GLN B 71 -43.42 -34.74 -20.87
C GLN B 71 -42.63 -35.51 -21.92
N PHE B 72 -41.42 -35.95 -21.58
CA PHE B 72 -40.76 -36.98 -22.37
C PHE B 72 -41.60 -38.26 -22.37
N TRP B 73 -42.12 -38.63 -21.21
CA TRP B 73 -42.85 -39.89 -21.05
C TRP B 73 -44.33 -39.74 -21.36
N LYS B 74 -44.70 -38.48 -21.39
CA LYS B 74 -45.97 -38.27 -21.99
C LYS B 74 -45.74 -39.06 -23.33
N ALA B 75 -44.51 -39.13 -23.87
CA ALA B 75 -44.17 -39.75 -25.14
C ALA B 75 -44.74 -41.15 -25.34
N ALA B 76 -44.90 -42.00 -24.33
CA ALA B 76 -45.57 -43.28 -24.54
C ALA B 76 -47.04 -43.05 -24.98
N LYS B 77 -47.71 -42.04 -24.41
CA LYS B 77 -49.07 -41.68 -24.82
C LYS B 77 -48.98 -41.19 -26.27
N PRO B 78 -47.99 -40.34 -26.58
CA PRO B 78 -47.76 -40.16 -28.00
C PRO B 78 -47.38 -41.37 -28.87
N GLY B 79 -46.84 -42.45 -28.33
CA GLY B 79 -46.61 -43.71 -29.04
C GLY B 79 -48.00 -44.26 -29.38
N ALA B 80 -48.92 -44.16 -28.41
CA ALA B 80 -50.32 -44.52 -28.65
C ALA B 80 -50.94 -43.64 -29.76
N ASN B 81 -50.54 -42.37 -29.75
CA ASN B 81 -50.96 -41.36 -30.70
C ASN B 81 -49.74 -40.55 -31.10
N SER B 82 -49.71 -40.11 -32.36
CA SER B 82 -48.56 -39.37 -32.89
C SER B 82 -48.75 -37.86 -33.09
N THR B 83 -48.17 -37.37 -34.18
CA THR B 83 -48.17 -35.98 -34.66
C THR B 83 -47.31 -35.03 -33.85
N THR B 84 -47.40 -34.93 -32.53
CA THR B 84 -46.26 -34.15 -32.11
C THR B 84 -45.38 -34.59 -33.34
N ASP B 85 -45.04 -35.86 -33.23
CA ASP B 85 -44.43 -36.59 -34.30
C ASP B 85 -43.11 -36.07 -34.75
N ALA B 86 -42.38 -36.95 -35.42
CA ALA B 86 -41.15 -36.61 -36.10
C ALA B 86 -40.15 -35.76 -35.31
N VAL B 87 -39.67 -34.73 -35.99
CA VAL B 87 -38.70 -33.81 -35.48
C VAL B 87 -39.23 -33.05 -34.30
N LEU B 88 -40.51 -32.69 -34.34
CA LEU B 88 -41.09 -31.93 -33.24
C LEU B 88 -40.98 -32.76 -31.98
N LEU B 89 -41.39 -34.01 -32.09
CA LEU B 89 -41.39 -34.92 -30.98
C LEU B 89 -39.96 -35.13 -30.46
N ASN B 90 -39.04 -35.30 -31.41
CA ASN B 90 -37.65 -35.52 -31.02
C ASN B 90 -37.09 -34.31 -30.28
N LYS B 91 -37.26 -33.17 -30.92
CA LYS B 91 -36.74 -31.96 -30.39
C LYS B 91 -37.39 -31.76 -29.07
N LEU B 92 -38.67 -32.09 -28.98
CA LEU B 92 -39.36 -31.88 -27.74
C LEU B 92 -38.75 -32.74 -26.65
N HIS B 93 -38.56 -34.03 -26.93
CA HIS B 93 -37.93 -34.86 -25.90
C HIS B 93 -36.44 -34.65 -25.79
N HIS B 94 -35.85 -34.13 -26.87
CA HIS B 94 -34.46 -33.73 -26.88
C HIS B 94 -34.28 -32.57 -25.88
N ALA B 95 -35.25 -31.66 -25.83
CA ALA B 95 -35.31 -30.53 -24.95
C ALA B 95 -35.48 -31.07 -23.56
N ALA B 96 -36.29 -32.12 -23.41
CA ALA B 96 -36.44 -32.73 -22.10
C ALA B 96 -35.09 -33.25 -21.63
N ASP B 97 -34.34 -33.90 -22.53
CA ASP B 97 -33.01 -34.41 -22.26
C ASP B 97 -32.06 -33.30 -21.87
N LEU B 98 -32.18 -32.15 -22.53
CA LEU B 98 -31.36 -31.00 -22.22
C LEU B 98 -31.66 -30.51 -20.82
N GLU B 99 -32.93 -30.55 -20.46
CA GLU B 99 -33.39 -30.21 -19.14
C GLU B 99 -32.80 -31.18 -18.11
N LYS B 100 -32.69 -32.47 -18.44
CA LYS B 100 -32.03 -33.42 -17.53
C LYS B 100 -30.55 -33.06 -17.35
N LYS B 101 -29.94 -32.63 -18.46
CA LYS B 101 -28.56 -32.17 -18.44
C LYS B 101 -28.45 -30.97 -17.53
N GLN B 102 -29.43 -30.07 -17.62
CA GLN B 102 -29.61 -28.89 -16.80
C GLN B 102 -29.84 -29.24 -15.34
N ASN B 103 -30.44 -30.40 -15.04
CA ASN B 103 -30.62 -30.82 -13.67
C ASN B 103 -29.25 -31.07 -13.12
N GLU B 104 -28.42 -31.74 -13.91
CA GLU B 104 -27.05 -31.86 -13.44
C GLU B 104 -26.42 -30.48 -13.34
N THR B 105 -26.63 -29.65 -14.35
CA THR B 105 -25.97 -28.39 -14.38
C THR B 105 -26.68 -27.51 -13.41
N GLU B 106 -26.90 -28.12 -12.27
CA GLU B 106 -27.44 -27.55 -11.04
C GLU B 106 -26.88 -28.27 -9.87
N ASN B 107 -26.88 -29.59 -9.93
CA ASN B 107 -26.40 -30.38 -8.80
C ASN B 107 -24.92 -30.13 -8.49
N ARG B 108 -24.13 -29.98 -9.54
CA ARG B 108 -22.73 -29.71 -9.35
C ARG B 108 -22.61 -28.40 -8.59
N LYS B 109 -23.34 -27.38 -9.03
CA LYS B 109 -23.30 -26.10 -8.33
C LYS B 109 -23.79 -26.23 -6.90
N LEU B 110 -24.84 -27.03 -6.72
CA LEU B 110 -25.51 -27.31 -5.47
C LEU B 110 -24.64 -27.89 -4.39
N LEU B 111 -23.59 -28.64 -4.75
CA LEU B 111 -22.73 -29.14 -3.69
C LEU B 111 -22.19 -27.99 -2.81
N GLY B 112 -22.23 -28.18 -1.49
CA GLY B 112 -21.82 -27.19 -0.52
C GLY B 112 -22.87 -26.87 0.51
N THR B 113 -24.12 -27.23 0.24
CA THR B 113 -25.23 -26.73 1.04
C THR B 113 -25.32 -27.43 2.39
N VAL B 114 -25.43 -26.64 3.45
CA VAL B 114 -25.60 -27.18 4.79
C VAL B 114 -26.98 -27.80 4.91
N ILE B 115 -27.00 -29.09 5.24
CA ILE B 115 -28.22 -29.87 5.17
C ILE B 115 -28.96 -29.68 6.47
N GLN B 116 -30.19 -29.16 6.40
CA GLN B 116 -30.85 -28.68 7.60
C GLN B 116 -32.22 -29.31 7.74
N TYR B 117 -32.94 -28.87 8.77
CA TYR B 117 -34.26 -29.39 9.07
C TYR B 117 -35.29 -28.86 8.09
N GLY B 118 -36.33 -29.66 7.86
CA GLY B 118 -37.47 -29.24 7.08
C GLY B 118 -37.26 -29.17 5.59
N ASN B 119 -36.09 -29.53 5.09
CA ASN B 119 -35.84 -29.44 3.66
C ASN B 119 -36.52 -30.57 2.91
N VAL B 120 -36.49 -30.45 1.59
CA VAL B 120 -37.01 -31.48 0.70
C VAL B 120 -35.84 -31.92 -0.17
N ILE B 121 -35.43 -33.17 -0.02
CA ILE B 121 -34.27 -33.69 -0.73
C ILE B 121 -34.63 -34.97 -1.44
N GLN B 122 -33.72 -35.43 -2.29
CA GLN B 122 -33.88 -36.64 -3.06
C GLN B 122 -32.84 -37.67 -2.63
N LEU B 123 -33.00 -38.90 -3.13
CA LEU B 123 -32.07 -39.98 -2.83
C LEU B 123 -31.80 -40.80 -4.08
N LEU B 124 -30.83 -41.69 -3.95
CA LEU B 124 -30.29 -42.55 -5.00
C LEU B 124 -29.37 -43.55 -4.35
N HIS B 125 -29.40 -44.79 -4.82
CA HIS B 125 -28.48 -45.78 -4.29
C HIS B 125 -27.12 -45.61 -4.95
N LEU B 126 -26.13 -46.40 -4.51
CA LEU B 126 -24.85 -46.49 -5.22
C LEU B 126 -24.55 -47.90 -5.67
N LYS B 127 -24.71 -48.89 -4.78
CA LYS B 127 -24.40 -50.28 -5.10
C LYS B 127 -25.30 -50.80 -6.21
N SER B 128 -26.60 -50.66 -6.06
CA SER B 128 -27.48 -50.84 -7.20
C SER B 128 -27.55 -49.59 -8.06
N ASN B 129 -27.31 -48.43 -7.44
CA ASN B 129 -27.40 -47.11 -8.06
C ASN B 129 -28.78 -46.89 -8.69
N LYS B 130 -29.80 -47.13 -7.88
CA LYS B 130 -31.19 -46.97 -8.30
C LYS B 130 -31.88 -45.93 -7.44
N TYR B 131 -33.04 -45.50 -7.90
CA TYR B 131 -33.67 -44.31 -7.38
C TYR B 131 -34.77 -44.64 -6.37
N LEU B 132 -35.42 -43.60 -5.88
CA LEU B 132 -36.44 -43.69 -4.84
C LEU B 132 -37.67 -42.94 -5.31
N THR B 133 -38.80 -43.64 -5.40
CA THR B 133 -40.05 -43.00 -5.80
C THR B 133 -41.19 -43.80 -5.21
N VAL B 134 -42.05 -43.13 -4.45
CA VAL B 134 -43.20 -43.78 -3.84
C VAL B 134 -44.43 -43.45 -4.69
N ASN B 135 -45.18 -44.49 -5.06
CA ASN B 135 -46.37 -44.30 -5.87
C ASN B 135 -47.52 -43.72 -5.03
N LYS B 136 -48.37 -42.96 -5.69
CA LYS B 136 -49.58 -42.45 -5.06
C LYS B 136 -50.83 -43.22 -5.46
N ARG B 137 -50.71 -44.14 -6.43
CA ARG B 137 -51.87 -44.91 -6.87
C ARG B 137 -51.53 -46.39 -7.06
N LEU B 138 -50.30 -46.81 -6.77
CA LEU B 138 -49.92 -48.19 -6.92
C LEU B 138 -49.54 -48.77 -5.57
N PRO B 139 -50.26 -49.77 -5.09
CA PRO B 139 -50.17 -50.16 -3.68
C PRO B 139 -49.03 -51.12 -3.40
N ALA B 140 -48.97 -51.57 -2.15
CA ALA B 140 -47.97 -52.53 -1.71
C ALA B 140 -48.46 -53.94 -1.97
N LEU B 141 -47.71 -54.93 -1.48
CA LEU B 141 -48.09 -56.32 -1.69
C LEU B 141 -49.00 -56.81 -0.58
N LEU B 142 -48.66 -56.52 0.68
CA LEU B 142 -49.45 -56.98 1.81
C LEU B 142 -50.76 -56.21 1.94
N GLU B 143 -50.68 -54.91 2.16
CA GLU B 143 -51.87 -54.09 2.31
C GLU B 143 -51.96 -53.14 1.13
N LYS B 144 -53.16 -52.96 0.60
CA LYS B 144 -53.39 -51.97 -0.44
C LYS B 144 -53.26 -50.55 0.08
N ASN B 145 -53.48 -50.33 1.38
CA ASN B 145 -53.35 -49.00 1.96
C ASN B 145 -51.92 -48.51 1.96
N ALA B 146 -50.96 -49.43 2.01
CA ALA B 146 -49.56 -49.05 1.95
C ALA B 146 -49.14 -48.82 0.50
N MET B 147 -48.27 -47.83 0.31
CA MET B 147 -47.87 -47.41 -1.03
C MET B 147 -46.54 -48.04 -1.41
N ARG B 148 -46.39 -48.33 -2.71
CA ARG B 148 -45.21 -49.01 -3.22
C ARG B 148 -44.04 -48.04 -3.30
N VAL B 149 -42.91 -48.43 -2.73
CA VAL B 149 -41.68 -47.63 -2.78
C VAL B 149 -40.78 -48.28 -3.82
N THR B 150 -40.50 -47.57 -4.89
CA THR B 150 -39.96 -48.16 -6.11
C THR B 150 -38.47 -47.87 -6.26
N LEU B 151 -37.82 -48.64 -7.11
CA LEU B 151 -36.40 -48.47 -7.43
C LEU B 151 -36.27 -48.13 -8.91
N ASP B 152 -36.12 -46.85 -9.21
CA ASP B 152 -36.20 -46.38 -10.59
C ASP B 152 -34.82 -46.35 -11.23
N GLU B 153 -34.81 -46.53 -12.54
CA GLU B 153 -33.60 -46.33 -13.35
C GLU B 153 -33.29 -44.84 -13.49
N ALA B 154 -34.33 -44.01 -13.53
CA ALA B 154 -34.16 -42.58 -13.80
C ALA B 154 -34.51 -41.68 -12.64
N GLY B 155 -35.54 -42.01 -11.88
CA GLY B 155 -35.97 -41.17 -10.77
C GLY B 155 -37.17 -40.34 -11.14
N ASN B 156 -38.09 -40.21 -10.19
CA ASN B 156 -39.34 -39.50 -10.45
C ASN B 156 -39.75 -38.73 -9.21
N GLU B 157 -40.98 -38.25 -9.22
CA GLU B 157 -41.42 -37.21 -8.30
C GLU B 157 -41.72 -37.75 -6.91
N GLY B 158 -41.62 -39.07 -6.71
CA GLY B 158 -41.75 -39.63 -5.39
C GLY B 158 -40.42 -39.68 -4.66
N SER B 159 -39.44 -38.94 -5.20
CA SER B 159 -38.17 -38.71 -4.54
C SER B 159 -38.23 -37.48 -3.63
N TRP B 160 -39.43 -37.05 -3.27
CA TRP B 160 -39.64 -35.74 -2.67
C TRP B 160 -40.03 -35.94 -1.21
N PHE B 161 -39.14 -35.57 -0.31
CA PHE B 161 -39.15 -36.05 1.06
C PHE B 161 -39.29 -34.88 2.04
N TYR B 162 -39.42 -35.21 3.32
CA TYR B 162 -39.40 -34.21 4.39
C TYR B 162 -38.45 -34.69 5.47
N ILE B 163 -37.25 -34.12 5.49
CA ILE B 163 -36.24 -34.55 6.45
C ILE B 163 -36.62 -34.03 7.83
N GLN B 164 -37.24 -34.92 8.62
CA GLN B 164 -37.90 -34.59 9.85
C GLN B 164 -37.57 -35.68 10.87
N PRO B 165 -37.16 -35.32 12.06
CA PRO B 165 -36.89 -36.36 13.08
C PRO B 165 -38.15 -36.97 13.67
N PHE B 166 -37.98 -37.79 14.70
CA PHE B 166 -39.03 -38.62 15.28
C PHE B 166 -40.21 -37.81 15.82
N TYR B 167 -39.97 -37.03 16.88
CA TYR B 167 -40.99 -36.15 17.42
C TYR B 167 -41.06 -34.83 16.65
N LYS B 168 -39.99 -34.50 15.93
CA LYS B 168 -39.63 -33.11 15.59
C LYS B 168 -39.56 -32.24 16.84
N LEU B 169 -38.92 -32.75 17.89
CA LEU B 169 -38.56 -31.92 19.02
C LEU B 169 -37.43 -30.96 18.65
N ARG B 170 -36.48 -31.45 17.85
CA ARG B 170 -35.43 -30.62 17.27
C ARG B 170 -36.09 -29.66 16.31
N SER B 171 -36.11 -28.38 16.68
CA SER B 171 -36.98 -27.40 16.04
C SER B 171 -36.49 -27.03 14.64
N ILE B 172 -37.44 -26.59 13.82
CA ILE B 172 -37.25 -26.54 12.37
C ILE B 172 -36.30 -25.42 11.99
N GLY B 173 -35.36 -25.72 11.09
CA GLY B 173 -34.46 -24.73 10.57
C GLY B 173 -33.01 -25.09 10.80
N ASP B 174 -32.74 -25.78 11.90
CA ASP B 174 -31.38 -26.11 12.29
C ASP B 174 -30.85 -27.24 11.40
N SER B 175 -29.54 -27.46 11.48
CA SER B 175 -28.90 -28.56 10.78
C SER B 175 -29.34 -29.89 11.36
N VAL B 176 -29.13 -30.95 10.59
CA VAL B 176 -29.59 -32.26 11.03
C VAL B 176 -28.49 -32.94 11.83
N VAL B 177 -28.81 -33.28 13.07
CA VAL B 177 -27.85 -33.96 13.94
C VAL B 177 -27.67 -35.39 13.43
N ILE B 178 -26.42 -35.84 13.38
CA ILE B 178 -26.13 -37.19 12.95
C ILE B 178 -26.59 -38.13 14.07
N GLY B 179 -27.74 -38.75 13.87
CA GLY B 179 -28.33 -39.59 14.89
C GLY B 179 -29.78 -39.25 15.10
N ASP B 180 -30.27 -38.29 14.32
CA ASP B 180 -31.69 -37.93 14.36
C ASP B 180 -32.53 -39.08 13.82
N LYS B 181 -33.60 -39.40 14.52
CA LYS B 181 -34.49 -40.49 14.11
C LYS B 181 -35.41 -40.01 13.01
N VAL B 182 -34.89 -39.99 11.79
CA VAL B 182 -35.48 -39.22 10.70
C VAL B 182 -36.75 -39.84 10.13
N VAL B 183 -37.89 -39.29 10.52
CA VAL B 183 -39.18 -39.73 9.99
C VAL B 183 -39.50 -38.87 8.77
N LEU B 184 -39.30 -39.43 7.58
CA LEU B 184 -39.53 -38.71 6.34
C LEU B 184 -41.01 -38.65 6.02
N ASN B 185 -41.32 -37.91 4.97
CA ASN B 185 -42.69 -37.82 4.50
C ASN B 185 -42.66 -37.52 3.01
N PRO B 186 -43.31 -38.32 2.18
CA PRO B 186 -43.47 -37.96 0.77
C PRO B 186 -44.30 -36.69 0.61
N VAL B 187 -43.80 -35.79 -0.24
CA VAL B 187 -44.50 -34.53 -0.52
C VAL B 187 -45.79 -34.81 -1.29
N ASN B 188 -45.66 -35.37 -2.48
CA ASN B 188 -46.81 -35.55 -3.35
C ASN B 188 -47.64 -36.76 -2.93
N ALA B 189 -46.98 -37.84 -2.52
CA ALA B 189 -47.70 -39.08 -2.26
C ALA B 189 -48.43 -39.10 -0.92
N GLY B 190 -48.05 -38.24 0.02
CA GLY B 190 -48.76 -38.23 1.28
C GLY B 190 -48.12 -39.13 2.32
N GLN B 191 -48.64 -40.37 2.41
CA GLN B 191 -48.35 -41.44 3.37
C GLN B 191 -46.86 -41.58 3.70
N PRO B 192 -46.49 -41.40 4.96
CA PRO B 192 -45.09 -41.61 5.35
C PRO B 192 -44.71 -43.08 5.30
N LEU B 193 -43.41 -43.33 5.38
CA LEU B 193 -42.85 -44.65 5.19
C LEU B 193 -43.12 -45.54 6.40
N HIS B 194 -43.23 -46.84 6.14
CA HIS B 194 -43.48 -47.82 7.19
C HIS B 194 -42.50 -48.97 7.05
N ALA B 195 -42.00 -49.44 8.18
CA ALA B 195 -41.34 -50.74 8.26
C ALA B 195 -42.39 -51.77 8.69
N SER B 196 -43.15 -52.24 7.71
CA SER B 196 -44.24 -53.17 7.97
C SER B 196 -43.67 -54.56 8.24
N SER B 197 -43.86 -55.04 9.47
CA SER B 197 -43.31 -56.32 9.88
C SER B 197 -44.11 -57.47 9.28
N HIS B 198 -43.72 -57.92 8.10
CA HIS B 198 -44.45 -58.98 7.41
C HIS B 198 -43.48 -59.87 6.64
N GLN B 199 -43.71 -61.18 6.71
CA GLN B 199 -42.84 -62.15 6.07
C GLN B 199 -42.92 -62.03 4.56
N LEU B 200 -41.78 -62.23 3.90
CA LEU B 200 -41.67 -62.00 2.46
C LEU B 200 -41.19 -63.25 1.76
N VAL B 201 -41.27 -63.23 0.43
CA VAL B 201 -40.92 -64.40 -0.37
C VAL B 201 -39.40 -64.60 -0.33
N ASP B 202 -39.00 -65.85 -0.08
CA ASP B 202 -37.62 -66.28 0.16
C ASP B 202 -36.98 -65.54 1.34
N ASN B 203 -37.81 -65.16 2.31
CA ASN B 203 -37.41 -64.22 3.35
C ASN B 203 -38.09 -64.58 4.66
N PRO B 204 -37.39 -65.25 5.57
CA PRO B 204 -38.05 -65.62 6.85
C PRO B 204 -38.48 -64.48 7.79
N GLY B 205 -37.71 -63.41 8.08
CA GLY B 205 -36.36 -63.04 7.65
C GLY B 205 -36.25 -61.60 7.17
N CYS B 206 -37.27 -61.14 6.45
CA CYS B 206 -37.28 -59.78 5.93
C CYS B 206 -38.70 -59.22 5.98
N ASN B 207 -38.79 -57.91 6.08
CA ASN B 207 -40.05 -57.21 6.27
C ASN B 207 -40.17 -56.06 5.28
N GLU B 208 -41.38 -55.85 4.80
CA GLU B 208 -41.62 -55.03 3.62
C GLU B 208 -41.46 -53.55 3.93
N VAL B 209 -40.69 -52.85 3.09
CA VAL B 209 -40.56 -51.40 3.15
C VAL B 209 -41.68 -50.78 2.33
N ASN B 210 -42.52 -49.97 2.98
CA ASN B 210 -43.71 -49.44 2.33
C ASN B 210 -44.11 -48.14 2.99
N SER B 211 -45.15 -47.53 2.45
CA SER B 211 -45.53 -46.16 2.82
C SER B 211 -46.97 -46.13 3.34
N VAL B 212 -47.12 -45.92 4.66
CA VAL B 212 -48.44 -45.77 5.27
C VAL B 212 -48.28 -45.04 6.59
N ASN B 213 -49.35 -44.36 7.03
CA ASN B 213 -49.39 -43.63 8.29
C ASN B 213 -49.08 -44.50 9.50
N CYS B 214 -47.95 -44.22 10.14
CA CYS B 214 -47.46 -45.01 11.25
C CYS B 214 -46.49 -44.15 12.04
N ASN B 215 -45.69 -44.78 12.90
CA ASN B 215 -44.72 -44.11 13.75
C ASN B 215 -43.34 -44.71 13.56
N THR B 216 -42.92 -44.87 12.30
CA THR B 216 -41.68 -45.56 11.96
C THR B 216 -40.50 -44.60 12.06
N SER B 217 -39.59 -44.87 12.99
CA SER B 217 -38.40 -44.04 13.16
C SER B 217 -37.22 -44.61 12.38
N TRP B 218 -36.16 -43.83 12.30
CA TRP B 218 -34.98 -44.16 11.51
C TRP B 218 -33.76 -43.71 12.31
N LYS B 219 -32.63 -43.55 11.63
CA LYS B 219 -31.49 -42.88 12.22
C LYS B 219 -30.60 -42.34 11.11
N ILE B 220 -30.09 -41.12 11.30
CA ILE B 220 -28.96 -40.68 10.51
C ILE B 220 -27.74 -41.47 10.92
N VAL B 221 -27.21 -42.28 10.01
CA VAL B 221 -26.08 -43.15 10.31
C VAL B 221 -24.95 -42.79 9.36
N LEU B 222 -23.97 -42.05 9.87
CA LEU B 222 -22.80 -41.68 9.09
C LEU B 222 -21.96 -42.89 8.75
N PHE B 223 -21.43 -42.90 7.53
CA PHE B 223 -20.35 -43.80 7.18
C PHE B 223 -19.05 -43.05 6.94
N MET B 224 -19.09 -41.95 6.20
CA MET B 224 -17.87 -41.27 5.81
C MET B 224 -18.19 -39.82 5.48
N LYS B 225 -17.23 -38.95 5.74
CA LYS B 225 -17.41 -37.53 5.48
C LYS B 225 -17.49 -37.25 3.98
N TRP B 226 -18.10 -36.11 3.65
CA TRP B 226 -18.32 -35.71 2.27
C TRP B 226 -17.01 -35.44 1.54
N SER B 227 -15.95 -35.10 2.28
CA SER B 227 -14.69 -34.73 1.66
C SER B 227 -13.99 -35.92 1.02
N ASP B 228 -14.45 -37.14 1.31
CA ASP B 228 -13.97 -38.33 0.61
C ASP B 228 -14.79 -38.63 -0.64
N ASN B 229 -15.41 -37.62 -1.23
CA ASN B 229 -16.01 -37.75 -2.55
C ASN B 229 -14.97 -37.67 -3.67
N LYS B 230 -13.72 -37.33 -3.33
CA LYS B 230 -12.65 -37.37 -4.30
C LYS B 230 -12.39 -38.81 -4.72
N ASP B 231 -12.68 -39.10 -6.00
CA ASP B 231 -12.67 -40.48 -6.50
C ASP B 231 -11.28 -41.08 -6.51
N ASP B 232 -10.24 -40.27 -6.67
CA ASP B 232 -8.86 -40.74 -6.54
C ASP B 232 -8.55 -41.18 -5.12
N ILE B 233 -9.10 -40.47 -4.13
CA ILE B 233 -8.76 -40.66 -2.73
C ILE B 233 -9.26 -42.02 -2.28
N LEU B 234 -8.32 -42.95 -2.05
CA LEU B 234 -8.67 -44.31 -1.69
C LEU B 234 -9.14 -44.37 -0.24
N LYS B 235 -10.41 -44.11 -0.02
CA LYS B 235 -11.02 -44.10 1.30
C LYS B 235 -12.08 -45.18 1.38
N GLY B 236 -12.79 -45.17 2.50
CA GLY B 236 -13.94 -46.00 2.75
C GLY B 236 -13.86 -47.48 2.51
N GLY B 237 -14.88 -47.97 1.84
CA GLY B 237 -15.00 -49.36 1.52
C GLY B 237 -14.60 -49.54 0.08
N ASP B 238 -14.00 -48.51 -0.50
CA ASP B 238 -13.66 -48.65 -1.91
C ASP B 238 -12.92 -49.95 -2.14
N VAL B 239 -13.03 -50.47 -3.35
CA VAL B 239 -12.50 -51.80 -3.68
C VAL B 239 -11.25 -51.66 -4.53
N VAL B 240 -10.36 -52.64 -4.40
CA VAL B 240 -9.05 -52.62 -5.03
C VAL B 240 -8.84 -53.94 -5.76
N ARG B 241 -7.67 -54.06 -6.38
CA ARG B 241 -7.19 -55.34 -6.87
C ARG B 241 -5.81 -55.60 -6.30
N LEU B 242 -5.62 -56.80 -5.76
CA LEU B 242 -4.32 -57.18 -5.20
C LEU B 242 -3.46 -57.84 -6.28
N PHE B 243 -2.96 -56.98 -7.16
CA PHE B 243 -2.26 -57.41 -8.37
C PHE B 243 -0.79 -57.03 -8.26
N HIS B 244 0.07 -58.03 -8.28
CA HIS B 244 1.50 -57.79 -8.24
C HIS B 244 1.98 -57.29 -9.61
N ALA B 245 3.15 -56.66 -9.62
CA ALA B 245 3.61 -56.00 -10.84
C ALA B 245 4.91 -56.55 -11.40
N GLU B 246 5.82 -57.06 -10.58
CA GLU B 246 7.02 -57.65 -11.14
C GLU B 246 6.73 -59.03 -11.68
N GLN B 247 5.74 -59.71 -11.09
CA GLN B 247 5.26 -60.97 -11.62
C GLN B 247 4.07 -60.79 -12.55
N GLU B 248 3.37 -59.65 -12.44
CA GLU B 248 2.15 -59.35 -13.19
C GLU B 248 1.08 -60.41 -12.96
N LYS B 249 0.81 -60.70 -11.70
CA LYS B 249 -0.18 -61.70 -11.33
C LYS B 249 -0.99 -61.18 -10.16
N PHE B 250 -2.30 -61.39 -10.20
CA PHE B 250 -3.17 -60.98 -9.12
C PHE B 250 -3.30 -62.08 -8.08
N LEU B 251 -3.62 -61.68 -6.86
CA LEU B 251 -3.74 -62.62 -5.74
C LEU B 251 -5.10 -63.29 -5.81
N THR B 252 -5.11 -64.55 -6.24
CA THR B 252 -6.33 -65.28 -6.56
C THR B 252 -6.68 -66.24 -5.44
N CYS B 253 -7.95 -66.25 -5.05
CA CYS B 253 -8.46 -67.20 -4.09
C CYS B 253 -9.33 -68.24 -4.79
N ASP B 254 -9.32 -69.46 -4.26
CA ASP B 254 -10.15 -70.53 -4.78
C ASP B 254 -10.33 -71.60 -3.73
N GLU B 255 -11.54 -72.17 -3.68
CA GLU B 255 -11.83 -73.30 -2.79
C GLU B 255 -11.56 -74.59 -3.58
N HIS B 256 -10.26 -74.89 -3.73
CA HIS B 256 -9.85 -76.00 -4.57
C HIS B 256 -10.14 -77.33 -3.90
N ARG B 257 -9.56 -77.56 -2.73
CA ARG B 257 -9.72 -78.80 -1.97
C ARG B 257 -10.80 -78.66 -0.92
N LYS B 258 -11.89 -77.95 -1.29
CA LYS B 258 -12.90 -77.43 -0.36
C LYS B 258 -12.23 -76.58 0.73
N LYS B 259 -11.27 -75.77 0.31
CA LYS B 259 -10.51 -74.90 1.20
C LYS B 259 -10.08 -73.68 0.41
N GLN B 260 -10.38 -72.50 0.93
CA GLN B 260 -10.20 -71.25 0.17
C GLN B 260 -8.72 -70.94 0.06
N HIS B 261 -8.06 -71.66 -0.85
CA HIS B 261 -6.65 -71.43 -1.12
C HIS B 261 -6.49 -70.11 -1.84
N VAL B 262 -5.71 -69.20 -1.26
CA VAL B 262 -5.47 -67.89 -1.86
C VAL B 262 -4.06 -67.91 -2.42
N PHE B 263 -3.92 -67.58 -3.70
CA PHE B 263 -2.69 -67.88 -4.42
C PHE B 263 -2.57 -66.92 -5.59
N LEU B 264 -1.82 -67.24 -6.60
CA LEU B 264 -2.01 -66.37 -7.72
C LEU B 264 -1.81 -67.13 -8.99
N ARG B 265 -2.65 -66.86 -9.96
CA ARG B 265 -2.53 -67.63 -11.16
C ARG B 265 -1.39 -67.33 -12.05
N THR B 266 -1.01 -68.38 -12.78
CA THR B 266 0.03 -68.33 -13.73
C THR B 266 -0.45 -67.32 -14.74
N THR B 267 0.44 -66.40 -15.04
CA THR B 267 0.10 -65.33 -15.93
C THR B 267 0.35 -65.63 -17.40
N GLY B 268 -0.72 -65.61 -18.16
CA GLY B 268 -0.70 -65.79 -19.60
C GLY B 268 -0.34 -64.48 -20.27
N ARG B 269 0.00 -64.53 -21.56
CA ARG B 269 0.35 -63.32 -22.31
C ARG B 269 1.53 -62.60 -21.70
N GLN B 270 1.19 -61.54 -20.98
CA GLN B 270 2.06 -60.59 -20.27
C GLN B 270 2.73 -59.67 -21.26
N SER B 271 3.66 -60.12 -22.11
CA SER B 271 4.03 -59.01 -22.96
C SER B 271 2.90 -57.99 -23.04
N ALA B 272 1.67 -58.44 -22.88
CA ALA B 272 0.52 -57.57 -22.69
C ALA B 272 0.25 -57.43 -21.19
N THR B 273 -0.75 -56.63 -20.88
CA THR B 273 -1.08 -56.37 -19.48
C THR B 273 -1.92 -57.50 -18.88
N SER B 274 -2.51 -57.21 -17.73
CA SER B 274 -3.29 -58.21 -16.98
C SER B 274 -4.52 -58.65 -17.75
N ALA B 275 -4.80 -59.96 -17.69
CA ALA B 275 -6.12 -60.45 -18.06
C ALA B 275 -7.13 -60.18 -16.95
N THR B 276 -6.62 -59.91 -15.74
CA THR B 276 -7.28 -59.39 -14.53
C THR B 276 -8.64 -60.04 -14.21
N SER B 277 -8.59 -61.32 -13.88
CA SER B 277 -9.80 -62.11 -13.58
C SER B 277 -10.52 -61.61 -12.34
N SER B 278 -11.66 -62.23 -12.06
CA SER B 278 -12.53 -61.78 -10.98
C SER B 278 -12.09 -62.24 -9.61
N LYS B 279 -10.91 -62.84 -9.51
CA LYS B 279 -10.40 -63.28 -8.22
C LYS B 279 -9.57 -62.20 -7.53
N ALA B 280 -9.70 -60.96 -7.98
CA ALA B 280 -9.07 -59.81 -7.33
C ALA B 280 -10.08 -58.95 -6.57
N LEU B 281 -11.21 -59.53 -6.15
CA LEU B 281 -12.23 -58.81 -5.41
C LEU B 281 -11.73 -58.51 -4.01
N TRP B 282 -11.25 -57.28 -3.79
CA TRP B 282 -10.75 -56.92 -2.47
C TRP B 282 -11.17 -55.51 -2.10
N GLU B 283 -11.76 -55.41 -0.92
CA GLU B 283 -12.05 -54.13 -0.29
C GLU B 283 -11.30 -54.09 1.03
N VAL B 284 -10.67 -52.95 1.30
CA VAL B 284 -9.84 -52.77 2.47
C VAL B 284 -10.42 -51.61 3.28
N GLU B 285 -10.65 -51.84 4.57
CA GLU B 285 -11.20 -50.82 5.44
C GLU B 285 -10.42 -50.76 6.74
N VAL B 286 -10.45 -49.58 7.35
CA VAL B 286 -9.77 -49.36 8.62
C VAL B 286 -10.65 -49.89 9.75
N VAL B 287 -10.07 -50.01 10.95
CA VAL B 287 -10.72 -50.65 12.08
C VAL B 287 -10.91 -49.64 13.20
N GLN B 288 -12.16 -49.41 13.59
CA GLN B 288 -12.50 -48.83 14.88
C GLN B 288 -13.91 -49.31 15.21
N HIS B 289 -14.15 -49.50 16.51
CA HIS B 289 -15.37 -50.19 16.97
C HIS B 289 -16.61 -49.37 16.67
N ASP B 290 -16.58 -48.08 16.98
CA ASP B 290 -17.50 -47.33 16.13
C ASP B 290 -16.86 -47.21 14.74
N PRO B 291 -17.56 -47.63 13.69
CA PRO B 291 -16.93 -47.76 12.38
C PRO B 291 -16.51 -46.41 11.80
N CYS B 292 -15.35 -46.41 11.13
CA CYS B 292 -14.79 -45.27 10.41
C CYS B 292 -14.54 -44.06 11.33
N ARG B 293 -13.57 -44.21 12.23
CA ARG B 293 -13.19 -43.12 13.12
C ARG B 293 -12.55 -41.96 12.37
N GLY B 294 -12.23 -40.90 13.11
CA GLY B 294 -11.77 -39.67 12.50
C GLY B 294 -10.26 -39.47 12.56
N GLY B 295 -9.77 -38.65 11.63
CA GLY B 295 -8.38 -38.26 11.56
C GLY B 295 -7.76 -38.38 10.18
N ALA B 296 -8.10 -39.47 9.46
CA ALA B 296 -7.85 -39.63 8.02
C ALA B 296 -6.37 -39.53 7.63
N GLY B 297 -5.47 -39.78 8.56
CA GLY B 297 -4.05 -39.61 8.27
C GLY B 297 -3.47 -40.81 7.56
N TYR B 298 -4.05 -41.98 7.82
CA TYR B 298 -3.72 -43.26 7.19
C TYR B 298 -2.28 -43.69 7.47
N TRP B 299 -1.67 -43.18 8.53
CA TRP B 299 -0.32 -43.54 8.89
C TRP B 299 -0.28 -44.69 9.88
N ASN B 300 -0.85 -44.48 11.07
CA ASN B 300 -0.99 -45.52 12.07
C ASN B 300 -2.26 -46.33 11.86
N SER B 301 -2.92 -46.16 10.72
CA SER B 301 -4.18 -46.82 10.45
C SER B 301 -3.94 -48.29 10.11
N LEU B 302 -4.87 -49.14 10.55
CA LEU B 302 -4.68 -50.58 10.50
C LEU B 302 -5.92 -51.19 9.86
N PHE B 303 -5.75 -52.28 9.11
CA PHE B 303 -6.68 -52.62 8.05
C PHE B 303 -7.02 -54.10 8.01
N ARG B 304 -8.29 -54.40 7.74
CA ARG B 304 -8.76 -55.74 7.39
C ARG B 304 -8.99 -55.84 5.89
N PHE B 305 -8.95 -57.07 5.38
CA PHE B 305 -9.03 -57.33 3.94
C PHE B 305 -10.25 -58.20 3.65
N LYS B 306 -11.10 -57.72 2.75
CA LYS B 306 -12.44 -58.27 2.54
C LYS B 306 -12.65 -58.66 1.09
N HIS B 307 -13.07 -59.91 0.86
CA HIS B 307 -13.45 -60.36 -0.47
C HIS B 307 -14.95 -60.14 -0.70
N LEU B 308 -15.30 -59.77 -1.93
CA LEU B 308 -16.65 -59.35 -2.23
C LEU B 308 -17.62 -60.52 -2.30
N ALA B 309 -17.41 -61.43 -3.27
CA ALA B 309 -18.42 -62.43 -3.59
C ALA B 309 -18.54 -63.48 -2.50
N THR B 310 -17.42 -63.95 -1.99
CA THR B 310 -17.41 -64.80 -0.81
C THR B 310 -17.75 -63.96 0.41
N GLY B 311 -18.35 -64.62 1.39
CA GLY B 311 -18.54 -64.00 2.68
C GLY B 311 -17.34 -64.30 3.56
N HIS B 312 -16.17 -63.88 3.12
CA HIS B 312 -14.92 -64.28 3.73
C HIS B 312 -13.94 -63.12 3.76
N TYR B 313 -13.45 -62.80 4.96
CA TYR B 313 -12.38 -61.83 5.13
C TYR B 313 -11.04 -62.55 5.03
N LEU B 314 -9.96 -61.86 5.33
CA LEU B 314 -8.62 -62.38 5.06
C LEU B 314 -7.73 -62.27 6.29
N ALA B 315 -7.17 -63.40 6.70
CA ALA B 315 -6.20 -63.48 7.78
C ALA B 315 -4.98 -64.29 7.32
N ALA B 316 -4.10 -64.57 8.28
CA ALA B 316 -2.97 -65.46 8.08
C ALA B 316 -2.51 -65.99 9.42
N GLU B 317 -2.15 -67.27 9.45
CA GLU B 317 -1.51 -67.88 10.61
C GLU B 317 -0.34 -68.73 10.12
N VAL B 318 0.20 -69.54 11.02
CA VAL B 318 1.42 -70.29 10.74
C VAL B 318 1.13 -71.53 9.92
N ASP B 319 2.13 -71.95 9.13
CA ASP B 319 2.12 -73.11 8.25
C ASP B 319 2.28 -74.49 8.91
N PRO B 320 2.99 -74.58 10.04
CA PRO B 320 4.18 -75.46 10.13
C PRO B 320 4.10 -76.77 9.38
N ASP B 321 5.09 -77.00 8.53
CA ASP B 321 5.21 -78.21 7.73
C ASP B 321 5.57 -79.39 8.62
N TYR B 353 1.95 -67.17 8.35
CA TYR B 353 2.75 -67.87 7.34
C TYR B 353 1.84 -68.41 6.24
N SER B 354 0.59 -68.64 6.59
CA SER B 354 -0.38 -69.21 5.67
C SER B 354 -1.02 -68.12 4.84
N LEU B 355 -1.84 -68.54 3.86
CA LEU B 355 -2.66 -67.59 3.12
C LEU B 355 -3.95 -68.30 2.71
N VAL B 356 -4.97 -68.20 3.55
CA VAL B 356 -6.33 -68.57 3.23
C VAL B 356 -7.25 -67.48 3.77
N SER B 357 -8.54 -67.60 3.48
CA SER B 357 -9.50 -66.54 3.79
C SER B 357 -10.42 -66.99 4.92
N VAL B 358 -10.81 -66.03 5.77
CA VAL B 358 -11.53 -66.35 6.99
C VAL B 358 -12.94 -65.79 6.98
N PRO B 359 -13.93 -66.47 7.55
CA PRO B 359 -15.31 -66.01 7.45
C PRO B 359 -15.69 -64.85 8.37
N GLU B 360 -14.87 -64.48 9.35
CA GLU B 360 -15.33 -63.60 10.41
C GLU B 360 -14.47 -62.34 10.47
N GLY B 361 -14.92 -61.39 11.30
CA GLY B 361 -14.29 -60.08 11.37
C GLY B 361 -14.01 -59.52 12.75
N ASN B 362 -13.59 -60.35 13.68
CA ASN B 362 -13.33 -59.88 15.04
C ASN B 362 -11.93 -60.20 15.54
N ASP B 363 -11.18 -61.04 14.84
CA ASP B 363 -9.82 -61.39 15.24
C ASP B 363 -8.85 -60.24 15.00
N ILE B 364 -7.70 -60.33 15.67
CA ILE B 364 -6.61 -59.39 15.42
C ILE B 364 -5.75 -59.89 14.26
N SER B 365 -5.59 -61.21 14.12
CA SER B 365 -4.73 -61.84 13.12
C SER B 365 -5.21 -61.66 11.69
N SER B 366 -6.38 -61.07 11.47
CA SER B 366 -6.80 -60.64 10.16
C SER B 366 -6.49 -59.17 9.92
N ILE B 367 -6.14 -58.43 10.96
CA ILE B 367 -6.00 -56.98 10.82
C ILE B 367 -4.56 -56.68 10.40
N PHE B 368 -4.34 -56.55 9.10
CA PHE B 368 -3.00 -56.39 8.54
C PHE B 368 -2.68 -54.91 8.40
N GLU B 369 -1.59 -54.60 7.69
CA GLU B 369 -0.98 -53.29 7.78
C GLU B 369 -0.40 -52.96 6.40
N LEU B 370 0.04 -51.70 6.24
CA LEU B 370 0.51 -51.23 4.94
C LEU B 370 1.83 -50.48 5.08
N ASP B 371 2.45 -50.21 3.94
CA ASP B 371 3.62 -49.33 3.85
C ASP B 371 3.50 -48.58 2.52
N PRO B 372 3.19 -47.29 2.58
CA PRO B 372 2.85 -46.56 1.35
C PRO B 372 4.04 -46.20 0.48
N THR B 373 4.17 -46.96 -0.63
CA THR B 373 5.04 -46.74 -1.78
C THR B 373 6.54 -46.81 -1.49
N THR B 374 6.89 -46.94 -0.20
CA THR B 374 8.25 -46.92 0.31
C THR B 374 9.04 -45.72 -0.23
N LEU B 375 8.59 -44.52 0.14
CA LEU B 375 9.34 -43.33 -0.19
C LEU B 375 9.19 -42.33 0.95
N ARG B 376 9.95 -41.24 0.87
CA ARG B 376 10.03 -40.23 1.93
C ARG B 376 8.77 -39.38 1.91
N GLY B 377 7.70 -39.88 2.51
CA GLY B 377 6.49 -39.08 2.49
C GLY B 377 5.70 -38.83 3.75
N GLY B 378 5.68 -37.57 4.19
CA GLY B 378 4.88 -37.14 5.33
C GLY B 378 3.53 -36.59 4.85
N ASP B 379 3.36 -36.58 3.54
CA ASP B 379 2.20 -36.09 2.83
C ASP B 379 1.20 -37.21 2.57
N SER B 380 1.48 -38.39 3.10
CA SER B 380 0.62 -39.50 2.83
C SER B 380 -0.58 -39.38 3.71
N LEU B 381 -1.39 -38.34 3.52
CA LEU B 381 -2.55 -38.47 4.39
C LEU B 381 -3.59 -39.41 3.78
N VAL B 382 -3.80 -39.32 2.46
CA VAL B 382 -4.58 -40.30 1.74
C VAL B 382 -3.78 -40.73 0.50
N PRO B 383 -3.25 -41.95 0.47
CA PRO B 383 -2.53 -42.41 -0.73
C PRO B 383 -3.49 -42.71 -1.88
N ARG B 384 -2.90 -42.99 -3.04
CA ARG B 384 -3.70 -43.12 -4.27
C ARG B 384 -3.03 -44.12 -5.20
N ASN B 385 -3.64 -45.31 -5.34
CA ASN B 385 -3.53 -46.19 -6.52
C ASN B 385 -2.09 -46.57 -6.85
N SER B 386 -1.28 -46.77 -5.82
CA SER B 386 0.15 -46.92 -6.01
C SER B 386 0.62 -48.09 -5.16
N TYR B 387 1.95 -48.21 -5.05
CA TYR B 387 2.59 -49.37 -4.45
C TYR B 387 2.32 -49.46 -2.97
N VAL B 388 2.11 -50.68 -2.48
CA VAL B 388 1.86 -50.93 -1.06
C VAL B 388 2.76 -52.05 -0.57
N ARG B 389 2.72 -52.28 0.73
CA ARG B 389 3.39 -53.41 1.37
C ARG B 389 2.57 -53.84 2.59
N LEU B 390 3.16 -54.67 3.44
CA LEU B 390 2.50 -55.12 4.66
C LEU B 390 3.52 -55.32 5.78
N ARG B 391 3.14 -54.87 6.97
CA ARG B 391 3.79 -55.30 8.22
C ARG B 391 2.79 -56.19 8.94
N HIS B 392 3.28 -57.06 9.81
CA HIS B 392 2.33 -57.76 10.64
C HIS B 392 2.27 -57.10 12.01
N LEU B 393 1.27 -57.47 12.79
CA LEU B 393 1.15 -56.99 14.16
C LEU B 393 1.59 -58.01 15.18
N CYS B 394 1.01 -59.20 15.14
CA CYS B 394 1.34 -60.24 16.13
C CYS B 394 2.69 -60.85 15.85
N THR B 395 2.87 -61.48 14.68
CA THR B 395 4.18 -61.99 14.31
C THR B 395 5.12 -60.84 13.98
N ASN B 396 4.58 -59.71 13.52
CA ASN B 396 5.23 -58.41 13.48
C ASN B 396 6.46 -58.43 12.56
N THR B 397 6.25 -59.01 11.38
CA THR B 397 7.30 -59.11 10.36
C THR B 397 6.78 -58.54 9.06
N TRP B 398 7.66 -58.43 8.08
CA TRP B 398 7.26 -58.05 6.73
C TRP B 398 6.57 -59.24 6.07
N VAL B 399 6.07 -59.05 4.86
CA VAL B 399 5.42 -60.12 4.10
C VAL B 399 6.20 -60.30 2.80
N HIS B 400 6.84 -61.46 2.66
CA HIS B 400 7.55 -61.79 1.45
C HIS B 400 6.59 -62.36 0.42
N SER B 401 7.08 -62.46 -0.81
CA SER B 401 6.32 -63.08 -1.90
C SER B 401 7.25 -63.94 -2.75
N THR B 402 8.10 -64.72 -2.09
CA THR B 402 9.05 -65.57 -2.79
C THR B 402 8.33 -66.75 -3.43
N ASN B 403 8.49 -66.89 -4.75
CA ASN B 403 7.72 -67.86 -5.53
C ASN B 403 8.20 -69.27 -5.24
N ILE B 404 7.41 -70.04 -4.51
CA ILE B 404 7.71 -71.44 -4.26
C ILE B 404 6.53 -72.27 -4.75
N PRO B 405 6.66 -72.94 -5.89
CA PRO B 405 5.59 -73.84 -6.36
C PRO B 405 5.45 -75.05 -5.44
N ILE B 406 4.21 -75.50 -5.26
CA ILE B 406 3.92 -76.52 -4.26
C ILE B 406 3.28 -77.78 -4.85
N ASP B 407 2.10 -77.65 -5.44
CA ASP B 407 1.28 -78.83 -5.73
C ASP B 407 1.69 -79.50 -7.03
N LYS B 408 1.61 -80.83 -7.04
CA LYS B 408 1.75 -81.62 -8.25
C LYS B 408 0.41 -81.92 -8.90
N GLU B 409 -0.64 -81.21 -8.51
CA GLU B 409 -1.96 -81.40 -9.10
C GLU B 409 -1.96 -80.96 -10.56
N GLU B 410 -1.36 -79.82 -10.85
CA GLU B 410 -1.37 -79.26 -12.19
C GLU B 410 -0.21 -78.29 -12.34
N GLU B 411 0.52 -78.41 -13.44
CA GLU B 411 1.52 -77.43 -13.80
C GLU B 411 0.86 -76.11 -14.18
N LYS B 412 1.66 -75.03 -14.16
CA LYS B 412 1.20 -73.64 -14.04
C LYS B 412 0.27 -73.60 -12.85
N PRO B 413 0.83 -73.67 -11.64
CA PRO B 413 0.10 -74.24 -10.49
C PRO B 413 -0.98 -73.34 -9.94
N VAL B 414 -1.73 -73.91 -9.00
CA VAL B 414 -2.82 -73.24 -8.32
C VAL B 414 -2.64 -73.23 -6.80
N MET B 415 -1.49 -73.64 -6.29
CA MET B 415 -1.22 -73.61 -4.85
C MET B 415 0.18 -73.03 -4.62
N LEU B 416 0.24 -71.88 -3.94
CA LEU B 416 1.50 -71.24 -3.60
C LEU B 416 1.55 -70.92 -2.11
N LYS B 417 2.56 -70.16 -1.69
CA LYS B 417 2.75 -69.83 -0.28
C LYS B 417 3.05 -68.35 -0.14
N ILE B 418 2.31 -67.68 0.73
CA ILE B 418 2.57 -66.28 1.08
C ILE B 418 2.60 -66.19 2.59
N GLY B 419 3.78 -65.86 3.13
CA GLY B 419 4.02 -65.86 4.56
C GLY B 419 4.54 -64.53 5.07
N THR B 420 4.85 -64.52 6.36
CA THR B 420 5.23 -63.31 7.08
C THR B 420 6.68 -63.43 7.54
N SER B 421 7.59 -62.83 6.80
CA SER B 421 9.01 -62.91 7.12
C SER B 421 9.61 -61.52 7.18
N PRO B 422 10.52 -61.26 8.13
CA PRO B 422 10.98 -59.89 8.38
C PRO B 422 11.96 -59.32 7.36
N LEU B 423 12.07 -59.92 6.18
CA LEU B 423 12.83 -59.33 5.09
C LEU B 423 11.89 -58.70 4.07
N LYS B 424 12.43 -57.78 3.29
CA LYS B 424 11.66 -57.09 2.26
C LYS B 424 12.56 -56.83 1.07
N GLU B 425 12.04 -57.09 -0.13
CA GLU B 425 12.82 -56.94 -1.34
C GLU B 425 12.00 -56.07 -2.30
N ASP B 426 12.55 -55.81 -3.49
CA ASP B 426 11.80 -55.18 -4.56
C ASP B 426 10.64 -56.04 -5.06
N LYS B 427 10.71 -57.36 -4.86
CA LYS B 427 9.74 -58.31 -5.39
C LYS B 427 8.37 -58.24 -4.71
N GLU B 428 8.19 -57.35 -3.74
CA GLU B 428 6.91 -57.16 -3.09
C GLU B 428 6.10 -56.05 -3.74
N ALA B 429 6.25 -55.86 -5.05
CA ALA B 429 5.59 -54.79 -5.78
C ALA B 429 4.11 -55.07 -5.90
N PHE B 430 3.37 -54.80 -4.83
CA PHE B 430 1.92 -54.87 -4.84
C PHE B 430 1.38 -53.46 -4.85
N ALA B 431 0.32 -53.23 -5.63
CA ALA B 431 -0.23 -51.91 -5.77
C ALA B 431 -1.75 -51.98 -5.77
N ILE B 432 -2.37 -50.88 -6.18
CA ILE B 432 -3.82 -50.75 -6.08
C ILE B 432 -4.41 -50.34 -7.42
N VAL B 433 -5.37 -51.12 -7.89
CA VAL B 433 -6.15 -50.74 -9.06
C VAL B 433 -7.30 -49.85 -8.61
N PRO B 434 -7.42 -48.65 -9.13
CA PRO B 434 -8.72 -47.97 -9.03
C PRO B 434 -9.70 -48.67 -9.94
N VAL B 435 -10.57 -49.47 -9.34
CA VAL B 435 -11.38 -50.43 -10.06
C VAL B 435 -12.56 -49.70 -10.68
N SER B 436 -12.87 -50.02 -11.93
CA SER B 436 -14.02 -49.44 -12.61
C SER B 436 -15.31 -49.86 -11.90
N PRO B 437 -16.10 -48.90 -11.40
CA PRO B 437 -17.32 -49.28 -10.68
C PRO B 437 -18.44 -50.02 -11.47
N ALA B 438 -18.75 -49.58 -12.67
CA ALA B 438 -19.92 -50.14 -13.35
C ALA B 438 -19.89 -51.62 -13.58
N GLU B 439 -18.73 -52.11 -13.99
CA GLU B 439 -18.57 -53.51 -14.28
C GLU B 439 -18.87 -54.38 -13.07
N VAL B 440 -18.41 -53.96 -11.91
CA VAL B 440 -18.61 -54.71 -10.73
C VAL B 440 -20.07 -54.86 -10.45
N ARG B 441 -20.79 -53.77 -10.54
CA ARG B 441 -22.21 -53.83 -10.25
C ARG B 441 -22.94 -54.74 -11.21
N ASP B 442 -22.58 -54.63 -12.48
CA ASP B 442 -23.26 -55.41 -13.49
C ASP B 442 -23.08 -56.89 -13.20
N LEU B 443 -21.83 -57.24 -12.92
CA LEU B 443 -21.52 -58.60 -12.67
C LEU B 443 -22.23 -59.13 -11.46
N ASP B 444 -22.27 -58.34 -10.41
CA ASP B 444 -22.90 -58.83 -9.22
C ASP B 444 -24.34 -59.09 -9.42
N PHE B 445 -25.02 -58.18 -10.09
CA PHE B 445 -26.44 -58.45 -10.30
C PHE B 445 -26.62 -59.70 -11.16
N ALA B 446 -25.80 -59.86 -12.19
CA ALA B 446 -25.93 -61.03 -13.01
C ALA B 446 -25.69 -62.29 -12.22
N ASN B 447 -24.66 -62.28 -11.38
CA ASN B 447 -24.39 -63.48 -10.64
C ASN B 447 -25.52 -63.82 -9.70
N ASP B 448 -26.07 -62.81 -9.03
CA ASP B 448 -27.13 -63.12 -8.09
C ASP B 448 -28.37 -63.64 -8.82
N ALA B 449 -28.66 -63.05 -9.97
CA ALA B 449 -29.80 -63.44 -10.79
C ALA B 449 -29.65 -64.89 -11.24
N SER B 450 -28.42 -65.24 -11.62
CA SER B 450 -28.12 -66.58 -12.06
C SER B 450 -28.38 -67.55 -10.93
N LYS B 451 -27.96 -67.20 -9.72
CA LYS B 451 -28.19 -68.10 -8.59
C LYS B 451 -29.68 -68.27 -8.41
N VAL B 452 -30.43 -67.18 -8.44
CA VAL B 452 -31.86 -67.33 -8.34
C VAL B 452 -32.27 -68.06 -9.59
N LEU B 453 -31.73 -67.62 -10.72
CA LEU B 453 -32.08 -68.32 -11.92
C LEU B 453 -31.97 -69.82 -11.67
N GLY B 454 -30.92 -70.25 -10.96
CA GLY B 454 -30.75 -71.64 -10.63
C GLY B 454 -31.89 -72.08 -9.74
N SER B 455 -32.27 -71.24 -8.78
CA SER B 455 -33.40 -71.61 -7.94
C SER B 455 -34.71 -71.74 -8.76
N ILE B 456 -34.91 -70.86 -9.73
CA ILE B 456 -36.09 -70.86 -10.61
C ILE B 456 -36.14 -72.15 -11.41
N ALA B 457 -34.97 -72.55 -11.87
CA ALA B 457 -34.78 -73.76 -12.63
C ALA B 457 -35.17 -74.94 -11.77
N GLY B 458 -34.75 -74.92 -10.51
CA GLY B 458 -35.11 -75.97 -9.58
C GLY B 458 -36.62 -76.05 -9.41
N LYS B 459 -37.29 -74.91 -9.32
CA LYS B 459 -38.75 -74.94 -9.19
C LYS B 459 -39.35 -75.62 -10.41
N LEU B 460 -38.89 -75.25 -11.59
CA LEU B 460 -39.44 -75.86 -12.78
C LEU B 460 -39.19 -77.38 -12.81
N GLU B 461 -38.00 -77.78 -12.39
CA GLU B 461 -37.59 -79.18 -12.34
C GLU B 461 -38.46 -80.03 -11.42
N LYS B 462 -38.81 -79.49 -10.26
CA LYS B 462 -39.57 -80.28 -9.30
C LYS B 462 -40.89 -80.70 -9.91
N GLY B 463 -41.42 -79.78 -10.70
CA GLY B 463 -42.69 -79.86 -11.37
C GLY B 463 -42.85 -78.74 -12.38
N THR B 464 -43.97 -78.03 -12.31
CA THR B 464 -44.17 -76.83 -13.09
C THR B 464 -43.75 -75.61 -12.29
N ILE B 465 -43.99 -74.43 -12.87
CA ILE B 465 -43.74 -73.17 -12.17
C ILE B 465 -45.07 -72.45 -12.02
N THR B 466 -45.06 -71.29 -11.39
CA THR B 466 -46.29 -70.54 -11.20
C THR B 466 -46.48 -69.57 -12.36
N GLN B 467 -47.46 -68.68 -12.22
CA GLN B 467 -47.83 -67.78 -13.31
C GLN B 467 -46.88 -66.60 -13.43
N ASN B 468 -46.79 -65.78 -12.39
CA ASN B 468 -46.16 -64.47 -12.48
C ASN B 468 -44.64 -64.54 -12.50
N GLU B 469 -44.06 -65.71 -12.28
CA GLU B 469 -42.63 -65.91 -12.52
C GLU B 469 -42.28 -65.72 -13.99
N ARG B 470 -43.17 -66.12 -14.88
CA ARG B 470 -43.00 -65.82 -16.30
C ARG B 470 -43.11 -64.32 -16.56
N ARG B 471 -44.00 -63.64 -15.84
CA ARG B 471 -44.20 -62.21 -16.03
C ARG B 471 -43.09 -61.38 -15.40
N SER B 472 -42.27 -61.97 -14.53
CA SER B 472 -41.28 -61.21 -13.78
C SER B 472 -39.86 -61.37 -14.33
N VAL B 473 -39.36 -62.60 -14.41
CA VAL B 473 -37.93 -62.83 -14.48
C VAL B 473 -37.57 -63.72 -15.67
N THR B 474 -38.54 -64.46 -16.19
CA THR B 474 -38.28 -65.40 -17.27
C THR B 474 -37.96 -64.69 -18.57
N LYS B 475 -38.72 -63.65 -18.91
CA LYS B 475 -38.42 -62.81 -20.07
C LYS B 475 -37.28 -61.85 -19.80
N LEU B 476 -36.81 -61.73 -18.56
CA LEU B 476 -35.70 -60.87 -18.18
C LEU B 476 -34.34 -61.53 -18.45
N LEU B 477 -34.34 -62.65 -19.17
CA LEU B 477 -33.11 -63.37 -19.48
C LEU B 477 -32.18 -62.54 -20.36
N GLU B 478 -32.62 -62.20 -21.57
CA GLU B 478 -31.71 -61.54 -22.48
C GLU B 478 -31.60 -60.05 -22.18
N ASP B 479 -32.52 -59.51 -21.38
CA ASP B 479 -32.37 -58.14 -20.90
C ASP B 479 -31.13 -58.00 -20.03
N LEU B 480 -30.82 -59.03 -19.26
CA LEU B 480 -29.54 -59.07 -18.57
C LEU B 480 -28.40 -59.31 -19.56
N VAL B 481 -28.65 -60.07 -20.63
CA VAL B 481 -27.64 -60.27 -21.66
C VAL B 481 -27.41 -59.00 -22.45
N TYR B 482 -28.49 -58.41 -22.97
CA TYR B 482 -28.38 -57.17 -23.73
C TYR B 482 -28.17 -55.94 -22.85
N PHE B 483 -27.98 -56.10 -21.54
CA PHE B 483 -27.60 -54.98 -20.69
C PHE B 483 -26.23 -54.45 -21.07
N VAL B 484 -25.19 -55.28 -20.93
CA VAL B 484 -23.88 -54.95 -21.47
C VAL B 484 -23.64 -55.57 -22.83
N THR B 485 -24.70 -56.13 -23.44
CA THR B 485 -24.83 -56.63 -24.81
C THR B 485 -24.09 -57.96 -25.00
N GLY B 486 -23.24 -58.34 -24.03
CA GLY B 486 -22.56 -59.62 -24.04
C GLY B 486 -21.58 -59.88 -25.17
N GLY B 487 -21.34 -58.91 -26.06
CA GLY B 487 -20.59 -59.16 -27.27
C GLY B 487 -21.29 -60.07 -28.25
N THR B 488 -22.63 -60.14 -28.18
CA THR B 488 -23.36 -61.11 -28.98
C THR B 488 -23.56 -60.67 -30.42
N ASN B 489 -23.20 -59.43 -30.76
CA ASN B 489 -23.29 -58.94 -32.13
C ASN B 489 -22.22 -57.89 -32.31
N SER B 490 -21.45 -58.01 -33.39
CA SER B 490 -20.35 -57.09 -33.62
C SER B 490 -20.15 -56.95 -35.12
N GLY B 491 -19.02 -56.36 -35.52
CA GLY B 491 -18.66 -56.24 -36.92
C GLY B 491 -17.99 -57.50 -37.43
N GLN B 492 -17.21 -57.33 -38.49
CA GLN B 492 -16.55 -58.48 -39.10
C GLN B 492 -15.25 -58.02 -39.74
N ASP B 493 -14.19 -58.75 -39.46
CA ASP B 493 -12.84 -58.47 -39.93
C ASP B 493 -12.08 -59.80 -39.85
N VAL B 494 -10.76 -59.76 -39.85
CA VAL B 494 -9.98 -60.96 -39.55
C VAL B 494 -10.27 -61.42 -38.11
N LEU B 495 -9.98 -62.71 -37.85
CA LEU B 495 -10.67 -63.47 -36.79
C LEU B 495 -10.40 -62.96 -35.38
N GLU B 496 -9.28 -62.25 -35.17
CA GLU B 496 -8.95 -61.72 -33.85
C GLU B 496 -9.72 -60.43 -33.61
N VAL B 497 -10.53 -60.41 -32.55
CA VAL B 497 -11.29 -59.20 -32.20
C VAL B 497 -10.34 -58.16 -31.61
N VAL B 498 -10.34 -56.97 -32.19
CA VAL B 498 -9.35 -55.97 -31.82
C VAL B 498 -9.97 -54.67 -31.32
N PHE B 499 -10.66 -53.93 -32.20
CA PHE B 499 -10.81 -52.50 -31.91
C PHE B 499 -11.96 -52.12 -30.99
N SER B 500 -13.22 -52.17 -31.47
CA SER B 500 -14.33 -51.62 -30.70
C SER B 500 -15.66 -52.14 -31.22
N LYS B 501 -16.28 -53.07 -30.45
CA LYS B 501 -17.72 -53.35 -30.28
C LYS B 501 -17.70 -54.45 -29.20
N PRO B 502 -18.84 -54.95 -28.66
CA PRO B 502 -19.06 -54.91 -27.19
C PRO B 502 -18.10 -55.77 -26.38
N ASN B 503 -18.15 -55.54 -25.08
CA ASN B 503 -17.14 -56.07 -24.18
C ASN B 503 -16.80 -57.54 -24.12
N ARG B 504 -15.49 -57.79 -24.32
CA ARG B 504 -14.90 -59.12 -24.20
C ARG B 504 -14.89 -59.46 -22.72
N GLU B 505 -14.66 -58.48 -21.87
CA GLU B 505 -14.67 -58.75 -20.45
C GLU B 505 -16.06 -59.19 -20.09
N ARG B 506 -17.07 -58.48 -20.58
CA ARG B 506 -18.43 -58.81 -20.30
C ARG B 506 -18.69 -60.18 -20.84
N GLN B 507 -18.28 -60.52 -22.06
CA GLN B 507 -18.57 -61.85 -22.56
C GLN B 507 -17.94 -62.96 -21.75
N LYS B 508 -16.68 -62.78 -21.38
CA LYS B 508 -16.03 -63.82 -20.62
C LYS B 508 -16.65 -63.96 -19.22
N LEU B 509 -17.04 -62.83 -18.63
CA LEU B 509 -17.73 -62.76 -17.34
C LEU B 509 -19.08 -63.45 -17.41
N MET B 510 -19.74 -63.29 -18.55
CA MET B 510 -21.02 -63.89 -18.85
C MET B 510 -20.80 -65.39 -18.83
N ARG B 511 -19.71 -65.84 -19.46
CA ARG B 511 -19.37 -67.25 -19.43
C ARG B 511 -19.13 -67.68 -17.97
N GLU B 512 -18.56 -66.68 -17.26
CA GLU B 512 -18.12 -66.67 -15.86
C GLU B 512 -19.00 -66.87 -14.64
N GLN B 513 -20.18 -66.25 -14.50
CA GLN B 513 -21.03 -66.47 -13.28
C GLN B 513 -21.95 -67.68 -13.52
N ASN B 514 -21.34 -68.85 -13.80
CA ASN B 514 -21.93 -70.10 -14.25
C ASN B 514 -22.84 -69.82 -15.42
N ILE B 515 -22.47 -68.77 -16.13
CA ILE B 515 -23.16 -68.67 -17.34
C ILE B 515 -23.36 -70.20 -17.65
N LEU B 516 -22.45 -71.09 -17.22
CA LEU B 516 -22.51 -72.53 -17.34
C LEU B 516 -23.70 -73.07 -16.58
N LYS B 517 -23.92 -72.46 -15.42
CA LYS B 517 -25.04 -72.80 -14.56
C LYS B 517 -26.32 -72.44 -15.30
N GLN B 518 -26.33 -71.30 -15.99
CA GLN B 518 -27.48 -70.89 -16.80
C GLN B 518 -27.68 -71.88 -17.91
N ILE B 519 -26.59 -72.37 -18.51
CA ILE B 519 -26.73 -73.36 -19.55
C ILE B 519 -27.40 -74.59 -18.96
N PHE B 520 -27.01 -75.03 -17.78
CA PHE B 520 -27.68 -76.17 -17.21
C PHE B 520 -29.16 -75.88 -16.96
N LYS B 521 -29.47 -74.67 -16.48
CA LYS B 521 -30.86 -74.30 -16.22
C LYS B 521 -31.66 -74.34 -17.53
N LEU B 522 -31.08 -73.82 -18.61
CA LEU B 522 -31.75 -73.83 -19.90
C LEU B 522 -31.94 -75.25 -20.40
N LEU B 523 -30.95 -76.10 -20.14
CA LEU B 523 -31.04 -77.48 -20.52
C LEU B 523 -32.24 -78.07 -19.83
N GLN B 524 -32.36 -77.82 -18.53
CA GLN B 524 -33.45 -78.32 -17.77
C GLN B 524 -34.78 -77.83 -18.32
N ALA B 525 -34.91 -76.56 -18.73
CA ALA B 525 -36.23 -76.17 -19.23
C ALA B 525 -36.65 -76.96 -20.49
N PRO B 526 -35.79 -76.96 -21.52
CA PRO B 526 -36.19 -77.86 -22.60
C PRO B 526 -36.31 -79.34 -22.27
N PHE B 527 -35.45 -79.85 -21.41
CA PHE B 527 -35.48 -81.24 -21.02
C PHE B 527 -36.80 -81.57 -20.31
N THR B 528 -37.25 -80.65 -19.46
CA THR B 528 -38.49 -80.82 -18.72
C THR B 528 -39.63 -80.82 -19.71
N ASP B 529 -39.58 -79.95 -20.71
CA ASP B 529 -40.65 -79.95 -21.69
C ASP B 529 -40.69 -81.28 -22.42
N CYS B 530 -39.52 -81.81 -22.79
CA CYS B 530 -39.51 -83.09 -23.49
C CYS B 530 -40.09 -84.18 -22.62
N GLY B 531 -39.72 -84.19 -21.35
CA GLY B 531 -40.22 -85.20 -20.44
C GLY B 531 -41.73 -85.12 -20.27
N ASP B 532 -42.22 -83.89 -20.17
CA ASP B 532 -43.64 -83.63 -19.98
C ASP B 532 -43.94 -82.17 -20.26
N HIS B 546 -43.82 -74.92 -25.55
CA HIS B 546 -43.72 -73.95 -26.64
C HIS B 546 -43.89 -72.50 -26.15
N ALA B 547 -44.76 -71.78 -26.86
CA ALA B 547 -45.16 -70.41 -26.53
C ALA B 547 -44.10 -69.30 -26.53
N PRO B 548 -44.39 -68.25 -25.76
CA PRO B 548 -43.60 -67.04 -25.54
C PRO B 548 -42.31 -67.41 -24.88
N PHE B 549 -42.36 -68.34 -23.93
CA PHE B 549 -41.16 -68.78 -23.25
C PHE B 549 -40.25 -69.43 -24.28
N ARG B 550 -40.81 -70.27 -25.15
CA ARG B 550 -40.00 -70.91 -26.15
C ARG B 550 -39.37 -69.87 -27.08
N HIS B 551 -40.15 -68.88 -27.48
CA HIS B 551 -39.61 -67.87 -28.39
C HIS B 551 -38.47 -67.09 -27.75
N ILE B 552 -38.65 -66.74 -26.48
CA ILE B 552 -37.65 -65.97 -25.76
C ILE B 552 -36.37 -66.78 -25.65
N CYS B 553 -36.52 -68.06 -25.33
CA CYS B 553 -35.35 -68.91 -25.21
C CYS B 553 -34.64 -69.05 -26.55
N ARG B 554 -35.35 -68.99 -27.67
CA ARG B 554 -34.66 -69.17 -28.97
C ARG B 554 -33.57 -68.12 -29.30
N LEU B 555 -33.90 -66.85 -29.12
CA LEU B 555 -32.96 -65.75 -29.36
C LEU B 555 -31.80 -65.76 -28.38
N CYS B 556 -32.10 -66.18 -27.15
CA CYS B 556 -31.13 -66.33 -26.08
C CYS B 556 -30.10 -67.38 -26.51
N TYR B 557 -30.58 -68.46 -27.13
CA TYR B 557 -29.73 -69.50 -27.64
C TYR B 557 -28.85 -68.93 -28.75
N ARG B 558 -29.43 -68.07 -29.59
CA ARG B 558 -28.63 -67.44 -30.64
C ARG B 558 -27.49 -66.61 -30.01
N VAL B 559 -27.79 -65.86 -28.96
CA VAL B 559 -26.77 -65.05 -28.28
C VAL B 559 -25.68 -65.94 -27.70
N LEU B 560 -26.06 -67.08 -27.13
CA LEU B 560 -25.10 -68.03 -26.56
C LEU B 560 -24.16 -68.54 -27.64
N ARG B 561 -24.73 -68.84 -28.79
CA ARG B 561 -23.94 -69.32 -29.90
C ARG B 561 -22.94 -68.25 -30.27
N HIS B 562 -23.38 -66.99 -30.37
CA HIS B 562 -22.43 -65.95 -30.71
C HIS B 562 -21.33 -65.80 -29.69
N SER B 563 -21.66 -65.88 -28.41
CA SER B 563 -20.62 -65.73 -27.42
C SER B 563 -19.56 -66.82 -27.56
N GLN B 564 -19.96 -68.09 -27.73
CA GLN B 564 -18.89 -69.10 -27.89
C GLN B 564 -18.12 -68.92 -29.19
N GLN B 565 -18.84 -68.53 -30.25
CA GLN B 565 -18.19 -68.35 -31.55
C GLN B 565 -17.14 -67.24 -31.51
N ASP B 566 -17.47 -66.14 -30.85
CA ASP B 566 -16.56 -64.99 -30.73
C ASP B 566 -15.32 -65.33 -29.91
N TYR B 567 -15.51 -66.09 -28.83
CA TYR B 567 -14.44 -66.46 -27.92
C TYR B 567 -13.35 -67.39 -28.48
N ARG B 568 -12.13 -67.15 -28.02
CA ARG B 568 -10.96 -67.94 -28.38
C ARG B 568 -10.23 -68.22 -27.07
N LYS B 569 -9.56 -69.36 -26.95
CA LYS B 569 -8.90 -69.66 -25.68
C LYS B 569 -9.87 -69.71 -24.50
N ASN B 570 -11.16 -69.77 -24.79
CA ASN B 570 -12.16 -69.46 -23.79
C ASN B 570 -13.43 -70.31 -23.91
N GLN B 571 -13.44 -71.23 -24.84
CA GLN B 571 -14.71 -71.89 -25.12
C GLN B 571 -14.79 -73.40 -25.02
N GLU B 572 -13.96 -74.04 -24.20
CA GLU B 572 -13.98 -75.50 -24.24
C GLU B 572 -15.25 -76.24 -23.90
N TYR B 573 -15.86 -75.96 -22.75
CA TYR B 573 -17.04 -76.74 -22.47
C TYR B 573 -18.30 -76.21 -23.01
N ILE B 574 -18.26 -74.95 -23.43
CA ILE B 574 -19.38 -74.37 -24.14
C ILE B 574 -19.39 -75.13 -25.46
N ALA B 575 -18.22 -75.30 -26.09
CA ALA B 575 -18.17 -76.04 -27.31
C ALA B 575 -18.62 -77.47 -27.07
N LYS B 576 -18.19 -78.08 -25.96
CA LYS B 576 -18.59 -79.45 -25.74
C LYS B 576 -20.09 -79.58 -25.63
N GLN B 577 -20.61 -78.54 -25.03
CA GLN B 577 -21.97 -78.22 -24.75
C GLN B 577 -22.83 -78.03 -26.02
N PHE B 578 -22.27 -77.41 -27.05
CA PHE B 578 -23.07 -77.13 -28.25
C PHE B 578 -23.80 -78.29 -28.93
N GLY B 579 -23.21 -79.47 -28.92
CA GLY B 579 -23.80 -80.58 -29.64
C GLY B 579 -25.19 -80.98 -29.21
N PHE B 580 -25.43 -81.02 -27.91
CA PHE B 580 -26.72 -81.38 -27.40
C PHE B 580 -27.78 -80.37 -27.82
N MET B 581 -27.41 -79.09 -27.78
CA MET B 581 -28.29 -78.02 -28.22
C MET B 581 -28.60 -78.16 -29.70
N GLN B 582 -27.59 -78.52 -30.48
CA GLN B 582 -27.78 -78.73 -31.90
C GLN B 582 -28.75 -79.88 -32.13
N LYS B 583 -28.63 -80.94 -31.35
CA LYS B 583 -29.55 -82.05 -31.49
C LYS B 583 -30.95 -81.58 -31.20
N GLN B 584 -31.13 -80.80 -30.14
CA GLN B 584 -32.48 -80.34 -29.84
C GLN B 584 -33.04 -79.44 -30.95
N ILE B 585 -32.20 -78.60 -31.53
CA ILE B 585 -32.65 -77.70 -32.57
C ILE B 585 -31.49 -77.20 -33.42
N THR B 596 -20.58 -73.84 -35.28
CA THR B 596 -19.17 -73.59 -35.02
C THR B 596 -18.35 -74.86 -34.88
N ALA B 597 -18.83 -76.00 -35.40
CA ALA B 597 -18.00 -77.18 -35.45
C ALA B 597 -16.84 -76.95 -36.40
N LEU B 598 -17.09 -76.22 -37.48
CA LEU B 598 -16.03 -75.66 -38.29
C LEU B 598 -16.14 -74.14 -38.38
N LEU B 599 -17.32 -73.59 -38.09
CA LEU B 599 -17.58 -72.17 -38.31
C LEU B 599 -16.75 -71.28 -37.41
N HIS B 600 -16.97 -71.34 -36.11
CA HIS B 600 -15.90 -71.05 -35.18
C HIS B 600 -14.88 -72.16 -35.36
N ASN B 601 -13.61 -71.82 -35.29
CA ASN B 601 -12.56 -72.73 -35.75
C ASN B 601 -12.45 -73.97 -34.89
N ASN B 602 -12.08 -73.80 -33.63
CA ASN B 602 -11.74 -74.93 -32.78
C ASN B 602 -10.56 -75.68 -33.38
N ARG B 603 -9.33 -75.17 -33.33
CA ARG B 603 -8.41 -76.05 -34.03
C ARG B 603 -8.66 -77.34 -33.25
N LYS B 604 -8.54 -77.24 -31.93
CA LYS B 604 -8.84 -78.34 -31.06
C LYS B 604 -10.35 -78.55 -31.14
N LEU B 605 -11.08 -77.44 -31.12
CA LEU B 605 -12.52 -77.43 -31.16
C LEU B 605 -13.04 -78.00 -32.48
N LEU B 606 -12.37 -77.65 -33.57
CA LEU B 606 -12.80 -78.17 -34.85
C LEU B 606 -12.65 -79.68 -34.79
N GLU B 607 -11.51 -80.17 -34.29
CA GLU B 607 -11.31 -81.61 -34.21
C GLU B 607 -12.36 -82.27 -33.30
N LYS B 608 -12.66 -81.61 -32.19
CA LYS B 608 -13.62 -82.13 -31.24
C LYS B 608 -15.01 -82.27 -31.81
N HIS B 609 -15.43 -81.30 -32.63
CA HIS B 609 -16.78 -81.32 -33.19
C HIS B 609 -16.82 -82.56 -34.06
N ILE B 610 -15.62 -83.00 -34.36
CA ILE B 610 -15.36 -84.14 -35.22
C ILE B 610 -15.66 -85.40 -34.44
N THR B 611 -16.75 -85.38 -33.70
CA THR B 611 -17.13 -86.59 -33.03
C THR B 611 -17.64 -87.31 -34.25
N ALA B 612 -17.04 -88.47 -34.54
CA ALA B 612 -17.43 -89.27 -35.71
C ALA B 612 -18.87 -89.70 -35.55
N ALA B 613 -19.19 -90.14 -34.33
CA ALA B 613 -20.53 -90.54 -33.98
C ALA B 613 -21.45 -89.32 -34.11
N GLU B 614 -21.00 -88.14 -33.70
CA GLU B 614 -21.87 -86.98 -33.82
C GLU B 614 -22.20 -86.74 -35.28
N ILE B 615 -21.20 -86.83 -36.15
CA ILE B 615 -21.47 -86.61 -37.55
C ILE B 615 -22.42 -87.67 -38.08
N ASP B 616 -22.20 -88.91 -37.68
CA ASP B 616 -23.04 -89.99 -38.14
C ASP B 616 -24.48 -89.81 -37.69
N THR B 617 -24.64 -89.38 -36.45
CA THR B 617 -25.96 -89.18 -35.88
C THR B 617 -26.67 -88.09 -36.63
N PHE B 618 -25.96 -87.02 -36.94
CA PHE B 618 -26.57 -85.92 -37.67
C PHE B 618 -27.02 -86.43 -39.03
N VAL B 619 -26.16 -87.20 -39.70
CA VAL B 619 -26.52 -87.72 -41.00
C VAL B 619 -27.74 -88.64 -40.95
N SER B 620 -27.79 -89.51 -39.96
CA SER B 620 -28.90 -90.44 -39.86
C SER B 620 -30.20 -89.68 -39.65
N LEU B 621 -30.13 -88.66 -38.78
CA LEU B 621 -31.31 -87.86 -38.50
C LEU B 621 -31.77 -87.17 -39.76
N VAL B 622 -30.84 -86.62 -40.52
CA VAL B 622 -31.23 -85.94 -41.73
C VAL B 622 -31.88 -86.91 -42.70
N ARG B 623 -31.30 -88.09 -42.83
CA ARG B 623 -31.84 -89.07 -43.76
C ARG B 623 -33.25 -89.42 -43.39
N LYS B 624 -33.52 -89.65 -42.11
CA LYS B 624 -34.90 -89.96 -41.76
C LYS B 624 -35.49 -88.63 -41.38
N ASN B 625 -34.59 -87.64 -41.37
CA ASN B 625 -34.90 -86.30 -40.93
C ASN B 625 -36.05 -85.68 -41.71
N ARG B 626 -35.88 -85.49 -43.02
CA ARG B 626 -36.85 -84.76 -43.81
C ARG B 626 -36.89 -83.29 -43.43
N GLU B 627 -35.76 -82.77 -42.93
CA GLU B 627 -35.63 -81.38 -42.53
C GLU B 627 -34.38 -80.79 -43.18
N PRO B 628 -34.43 -80.19 -44.39
CA PRO B 628 -33.19 -79.74 -45.12
C PRO B 628 -32.05 -78.69 -44.77
N ARG B 629 -32.40 -77.55 -44.20
CA ARG B 629 -31.42 -76.48 -43.94
C ARG B 629 -30.26 -76.92 -43.03
N PHE B 630 -30.60 -77.73 -42.04
CA PHE B 630 -29.63 -78.29 -41.12
C PHE B 630 -28.65 -79.16 -41.92
N LEU B 631 -29.14 -79.94 -42.88
CA LEU B 631 -28.27 -80.76 -43.67
C LEU B 631 -27.27 -79.86 -44.39
N ASP B 632 -27.69 -78.75 -44.99
CA ASP B 632 -26.65 -77.91 -45.66
C ASP B 632 -25.56 -77.36 -44.69
N TYR B 633 -26.06 -76.93 -43.52
CA TYR B 633 -25.13 -76.37 -42.52
C TYR B 633 -24.12 -77.43 -42.10
N LEU B 634 -24.62 -78.65 -41.88
CA LEU B 634 -23.82 -79.81 -41.50
C LEU B 634 -22.84 -80.16 -42.62
N SER B 635 -23.29 -79.99 -43.84
CA SER B 635 -22.62 -80.22 -45.10
C SER B 635 -21.31 -79.45 -45.21
N ASP B 636 -21.21 -78.28 -44.61
CA ASP B 636 -19.91 -77.62 -44.57
C ASP B 636 -19.14 -77.40 -45.86
N LEU B 637 -17.89 -77.87 -45.84
CA LEU B 637 -16.96 -77.65 -46.94
C LEU B 637 -16.31 -76.30 -46.59
N CYS B 638 -15.78 -76.19 -45.37
CA CYS B 638 -15.21 -74.95 -44.85
C CYS B 638 -14.09 -74.32 -45.66
N VAL B 639 -14.04 -73.01 -45.57
CA VAL B 639 -12.89 -72.32 -46.11
C VAL B 639 -11.74 -72.87 -45.20
N SER B 640 -10.55 -72.27 -45.30
CA SER B 640 -9.45 -72.85 -44.55
C SER B 640 -9.18 -74.17 -45.28
N MET B 641 -9.02 -73.99 -46.59
CA MET B 641 -8.77 -75.09 -47.48
C MET B 641 -9.87 -76.12 -47.34
N ASN B 642 -11.12 -75.68 -47.39
CA ASN B 642 -12.23 -76.62 -47.29
C ASN B 642 -12.17 -77.49 -46.04
N LYS B 643 -12.04 -76.83 -44.90
CA LYS B 643 -11.99 -77.59 -43.66
C LYS B 643 -10.85 -78.59 -43.65
N SER B 644 -9.66 -78.09 -43.98
CA SER B 644 -8.49 -78.94 -43.97
C SER B 644 -8.60 -80.12 -44.92
N ILE B 645 -9.13 -79.83 -46.10
CA ILE B 645 -9.30 -80.78 -47.15
C ILE B 645 -10.13 -81.94 -46.71
N PRO B 646 -11.29 -81.64 -46.07
CA PRO B 646 -12.04 -82.84 -45.69
C PRO B 646 -11.50 -83.52 -44.45
N VAL B 647 -10.77 -82.73 -43.64
CA VAL B 647 -10.27 -83.14 -42.33
C VAL B 647 -11.70 -83.08 -41.90
N THR B 648 -12.39 -82.47 -42.86
CA THR B 648 -13.83 -82.29 -42.92
C THR B 648 -14.41 -83.02 -44.09
N GLN B 649 -13.74 -82.87 -45.21
CA GLN B 649 -14.19 -83.44 -46.45
C GLN B 649 -14.19 -84.93 -46.37
N GLU B 650 -13.16 -85.49 -45.77
CA GLU B 650 -13.06 -86.94 -45.69
C GLU B 650 -14.22 -87.45 -44.88
N LEU B 651 -14.47 -86.80 -43.75
CA LEU B 651 -15.56 -87.26 -42.92
C LEU B 651 -16.88 -87.16 -43.66
N ILE B 652 -17.12 -86.03 -44.29
CA ILE B 652 -18.40 -85.85 -44.95
C ILE B 652 -18.58 -86.86 -46.07
N CYS B 653 -17.53 -87.05 -46.84
CA CYS B 653 -17.63 -87.94 -47.97
C CYS B 653 -17.92 -89.34 -47.52
N LYS B 654 -17.20 -89.80 -46.50
CA LYS B 654 -17.41 -91.17 -46.07
C LYS B 654 -18.82 -91.26 -45.53
N ALA B 655 -19.13 -90.29 -44.67
CA ALA B 655 -20.41 -90.22 -44.06
C ALA B 655 -21.42 -89.92 -45.12
N VAL B 656 -21.12 -88.96 -45.99
CA VAL B 656 -22.19 -88.71 -46.94
C VAL B 656 -22.25 -89.85 -47.95
N LEU B 657 -21.08 -90.26 -48.42
CA LEU B 657 -20.98 -91.31 -49.38
C LEU B 657 -21.56 -92.59 -48.81
N ASN B 658 -21.25 -92.92 -47.56
CA ASN B 658 -21.78 -94.14 -47.01
C ASN B 658 -23.30 -94.09 -46.96
N PRO B 659 -23.85 -92.96 -46.53
CA PRO B 659 -25.30 -92.90 -46.46
C PRO B 659 -25.91 -93.05 -47.84
N THR B 660 -25.34 -92.37 -48.83
CA THR B 660 -25.88 -92.46 -50.18
C THR B 660 -25.78 -93.89 -50.70
N ASN B 661 -24.64 -94.51 -50.42
CA ASN B 661 -24.30 -95.84 -50.86
C ASN B 661 -25.26 -96.86 -50.31
N ALA B 662 -25.69 -96.68 -49.07
CA ALA B 662 -26.61 -97.67 -48.56
C ALA B 662 -27.77 -96.87 -48.06
N ASP B 663 -28.50 -96.24 -48.97
CA ASP B 663 -29.63 -95.47 -48.48
C ASP B 663 -29.63 -94.13 -49.19
N ILE B 664 -30.66 -93.35 -48.94
CA ILE B 664 -30.56 -91.90 -48.98
C ILE B 664 -30.54 -91.49 -47.51
N LEU B 665 -29.34 -91.43 -46.96
CA LEU B 665 -29.20 -91.33 -45.51
C LEU B 665 -29.30 -92.70 -44.87
N ILE B 707 -31.00 -89.24 -69.77
CA ILE B 707 -31.28 -88.24 -70.80
C ILE B 707 -32.77 -87.99 -70.87
N ARG B 708 -33.50 -88.94 -71.45
CA ARG B 708 -34.94 -88.82 -71.59
C ARG B 708 -35.60 -88.77 -70.21
N SER B 709 -35.09 -89.59 -69.30
CA SER B 709 -35.59 -89.63 -67.94
C SER B 709 -35.33 -88.27 -67.28
N LYS B 710 -34.16 -87.70 -67.52
CA LYS B 710 -33.84 -86.41 -66.96
C LYS B 710 -34.80 -85.35 -67.50
N SER B 711 -35.12 -85.41 -68.78
CA SER B 711 -36.04 -84.45 -69.38
C SER B 711 -37.42 -84.59 -68.75
N VAL B 712 -37.84 -85.83 -68.52
CA VAL B 712 -39.13 -86.09 -67.90
C VAL B 712 -39.17 -85.53 -66.49
N ARG B 713 -38.06 -85.72 -65.78
CA ARG B 713 -37.94 -85.22 -64.43
C ARG B 713 -38.02 -83.69 -64.43
N GLU B 714 -37.39 -83.05 -65.40
CA GLU B 714 -37.42 -81.60 -65.51
C GLU B 714 -38.84 -81.13 -65.74
N LEU B 715 -39.58 -81.84 -66.59
CA LEU B 715 -40.97 -81.45 -66.85
C LEU B 715 -41.79 -81.57 -65.56
N ALA B 716 -41.55 -82.66 -64.81
CA ALA B 716 -42.24 -82.89 -63.55
C ALA B 716 -41.92 -81.80 -62.55
N GLN B 717 -40.66 -81.40 -62.52
CA GLN B 717 -40.19 -80.34 -61.63
C GLN B 717 -40.88 -79.05 -61.99
N ASP B 718 -41.04 -78.77 -63.28
CA ASP B 718 -41.72 -77.57 -63.73
C ASP B 718 -43.17 -77.60 -63.24
N ALA B 719 -43.82 -78.75 -63.34
CA ALA B 719 -45.19 -78.87 -62.86
C ALA B 719 -45.26 -78.62 -61.35
N LYS B 720 -44.29 -79.16 -60.63
CA LYS B 720 -44.22 -79.00 -59.18
C LYS B 720 -44.07 -77.52 -58.84
N GLU B 721 -43.21 -76.83 -59.59
CA GLU B 721 -42.96 -75.41 -59.42
C GLU B 721 -44.23 -74.61 -59.70
N GLY B 722 -44.97 -75.03 -60.71
CA GLY B 722 -46.20 -74.38 -61.08
C GLY B 722 -47.21 -74.48 -59.93
N GLN B 723 -47.28 -75.63 -59.26
CA GLN B 723 -48.13 -75.72 -58.07
C GLN B 723 -47.40 -75.30 -56.78
N LYS B 724 -47.96 -75.54 -55.61
CA LYS B 724 -47.16 -75.17 -54.45
C LYS B 724 -46.46 -76.35 -53.74
N GLU B 725 -46.52 -77.62 -54.14
CA GLU B 725 -45.69 -78.66 -53.53
C GLU B 725 -45.12 -79.63 -54.55
N ASP B 726 -44.56 -79.11 -55.65
CA ASP B 726 -44.19 -79.99 -56.74
C ASP B 726 -42.82 -80.64 -56.56
N ARG B 727 -41.75 -79.85 -56.58
CA ARG B 727 -40.39 -80.39 -56.57
C ARG B 727 -39.44 -79.55 -55.71
N ASP B 728 -39.88 -79.14 -54.53
CA ASP B 728 -39.11 -78.16 -53.76
C ASP B 728 -38.09 -78.81 -52.83
N VAL B 729 -37.23 -79.62 -53.40
CA VAL B 729 -36.17 -80.25 -52.64
C VAL B 729 -34.85 -80.13 -53.38
N LEU B 730 -34.97 -80.03 -54.70
CA LEU B 730 -33.81 -80.04 -55.57
C LEU B 730 -32.76 -78.95 -55.46
N SER B 731 -33.14 -77.68 -55.37
CA SER B 731 -32.08 -76.67 -55.31
C SER B 731 -31.22 -76.81 -54.07
N TYR B 732 -31.88 -76.96 -52.94
CA TYR B 732 -31.15 -77.11 -51.69
C TYR B 732 -30.35 -78.40 -51.72
N TYR B 733 -30.98 -79.47 -52.22
CA TYR B 733 -30.30 -80.74 -52.22
C TYR B 733 -29.05 -80.68 -53.08
N ARG B 734 -29.19 -80.07 -54.25
CA ARG B 734 -28.08 -79.99 -55.17
C ARG B 734 -26.97 -79.18 -54.55
N TYR B 735 -27.32 -78.08 -53.91
CA TYR B 735 -26.29 -77.24 -53.32
C TYR B 735 -25.55 -78.02 -52.26
N GLN B 736 -26.31 -78.72 -51.42
CA GLN B 736 -25.68 -79.47 -50.36
C GLN B 736 -24.77 -80.53 -50.92
N LEU B 737 -25.24 -81.23 -51.95
CA LEU B 737 -24.45 -82.31 -52.52
C LEU B 737 -23.18 -81.76 -53.09
N ASN B 738 -23.28 -80.66 -53.81
CA ASN B 738 -22.10 -80.10 -54.42
C ASN B 738 -21.11 -79.69 -53.36
N LEU B 739 -21.57 -79.00 -52.33
CA LEU B 739 -20.65 -78.53 -51.32
C LEU B 739 -19.98 -79.69 -50.61
N PHE B 740 -20.79 -80.69 -50.30
CA PHE B 740 -20.34 -81.86 -49.58
C PHE B 740 -19.32 -82.64 -50.35
N ALA B 741 -19.53 -82.75 -51.65
CA ALA B 741 -18.64 -83.53 -52.49
C ALA B 741 -17.51 -82.69 -53.06
N ARG B 742 -17.54 -81.41 -52.77
CA ARG B 742 -16.56 -80.50 -53.28
C ARG B 742 -15.73 -79.63 -52.35
N MET B 743 -15.57 -79.93 -51.06
CA MET B 743 -14.77 -78.92 -50.39
C MET B 743 -13.31 -79.05 -50.80
N CYS B 744 -12.76 -77.99 -51.40
CA CYS B 744 -11.32 -77.77 -51.47
C CYS B 744 -10.61 -78.59 -52.55
N LEU B 745 -11.36 -79.27 -53.42
CA LEU B 745 -10.79 -80.04 -54.52
C LEU B 745 -9.93 -81.20 -54.04
N ASP B 746 -10.54 -82.12 -53.32
CA ASP B 746 -9.84 -83.25 -52.74
C ASP B 746 -9.66 -84.36 -53.77
N ARG B 747 -9.39 -85.56 -53.28
CA ARG B 747 -9.15 -86.74 -54.11
C ARG B 747 -10.46 -87.29 -54.64
N GLN B 748 -10.42 -88.54 -55.11
CA GLN B 748 -11.46 -89.23 -55.88
C GLN B 748 -12.82 -89.36 -55.17
N TYR B 749 -13.02 -88.86 -53.95
CA TYR B 749 -14.36 -88.71 -53.40
C TYR B 749 -15.19 -87.78 -54.27
N LEU B 750 -14.54 -86.76 -54.84
CA LEU B 750 -15.19 -85.97 -55.89
C LEU B 750 -15.53 -86.81 -57.10
N ALA B 751 -14.69 -87.78 -57.46
CA ALA B 751 -15.06 -88.71 -58.52
C ALA B 751 -16.11 -89.70 -58.05
N ILE B 752 -16.28 -89.85 -56.73
CA ILE B 752 -17.46 -90.53 -56.24
C ILE B 752 -18.69 -89.71 -56.57
N ASN B 753 -18.65 -88.41 -56.28
CA ASN B 753 -19.65 -87.51 -56.81
C ASN B 753 -19.58 -87.43 -58.32
N GLU B 754 -18.39 -87.56 -58.90
CA GLU B 754 -18.25 -87.75 -60.33
C GLU B 754 -18.86 -89.05 -60.81
N ILE B 755 -19.00 -90.04 -59.93
CA ILE B 755 -19.80 -91.22 -60.22
C ILE B 755 -21.25 -90.84 -60.47
N SER B 756 -21.75 -89.84 -59.77
CA SER B 756 -23.07 -89.29 -60.06
C SER B 756 -23.00 -88.11 -61.01
N GLY B 757 -21.90 -87.98 -61.75
CA GLY B 757 -21.71 -86.83 -62.63
C GLY B 757 -22.54 -86.57 -63.88
N GLN B 758 -22.72 -87.60 -64.70
CA GLN B 758 -23.50 -87.49 -65.93
C GLN B 758 -22.71 -87.00 -67.17
N LEU B 759 -21.50 -86.49 -66.95
CA LEU B 759 -20.63 -86.06 -68.06
C LEU B 759 -21.25 -85.06 -69.04
N ASP B 760 -22.06 -84.13 -68.54
CA ASP B 760 -23.04 -83.48 -69.40
C ASP B 760 -22.94 -81.97 -69.46
N VAL B 761 -21.77 -81.38 -69.24
CA VAL B 761 -21.81 -79.94 -69.22
C VAL B 761 -23.01 -79.36 -69.95
N ASP B 762 -23.34 -79.90 -71.11
CA ASP B 762 -24.47 -79.36 -71.84
C ASP B 762 -25.75 -79.53 -71.03
N LEU B 763 -25.92 -80.70 -70.46
CA LEU B 763 -27.11 -80.94 -69.68
C LEU B 763 -27.17 -80.00 -68.49
N ILE B 764 -26.06 -79.81 -67.81
CA ILE B 764 -26.05 -78.96 -66.63
C ILE B 764 -26.39 -77.52 -66.99
N LEU B 765 -25.83 -77.06 -68.09
CA LEU B 765 -26.07 -75.68 -68.52
C LEU B 765 -27.53 -75.52 -68.86
N ARG B 766 -28.06 -76.51 -69.56
CA ARG B 766 -29.45 -76.48 -69.95
C ARG B 766 -30.32 -76.46 -68.71
N CYS B 767 -29.99 -77.26 -67.70
CA CYS B 767 -30.77 -77.32 -66.48
C CYS B 767 -30.76 -76.00 -65.76
N MET B 768 -29.59 -75.37 -65.68
CA MET B 768 -29.52 -74.09 -65.00
C MET B 768 -30.41 -73.10 -65.74
N SER B 769 -30.32 -73.08 -67.06
CA SER B 769 -31.13 -72.15 -67.84
C SER B 769 -32.61 -72.44 -67.67
N ASP B 770 -32.96 -73.71 -67.66
CA ASP B 770 -34.33 -74.15 -67.56
C ASP B 770 -34.96 -73.71 -66.25
N GLU B 771 -34.22 -73.82 -65.15
CA GLU B 771 -34.82 -73.41 -63.89
C GLU B 771 -34.02 -72.25 -63.37
N ASN B 772 -34.48 -71.03 -63.62
CA ASN B 772 -33.61 -69.95 -63.13
C ASN B 772 -33.24 -70.17 -61.68
N LEU B 773 -32.37 -71.16 -61.56
CA LEU B 773 -31.82 -71.60 -60.30
C LEU B 773 -30.46 -72.32 -60.21
N PRO B 774 -30.37 -73.07 -59.13
CA PRO B 774 -29.36 -73.91 -58.53
C PRO B 774 -28.99 -74.97 -59.53
N TYR B 775 -29.89 -75.50 -60.35
CA TYR B 775 -29.43 -76.52 -61.29
C TYR B 775 -28.38 -75.91 -62.21
N ASP B 776 -28.65 -74.74 -62.77
CA ASP B 776 -27.67 -74.12 -63.63
C ASP B 776 -26.41 -73.79 -62.84
N LEU B 777 -26.63 -73.21 -61.67
CA LEU B 777 -25.54 -72.86 -60.77
C LEU B 777 -24.85 -74.17 -60.43
N ARG B 778 -25.65 -75.21 -60.27
CA ARG B 778 -25.16 -76.55 -59.99
C ARG B 778 -24.29 -77.02 -61.15
N ALA B 779 -24.70 -76.74 -62.38
CA ALA B 779 -23.90 -77.12 -63.53
C ALA B 779 -22.54 -76.43 -63.47
N SER B 780 -22.53 -75.16 -63.10
CA SER B 780 -21.27 -74.42 -62.98
C SER B 780 -20.40 -75.05 -61.91
N PHE B 781 -20.99 -75.44 -60.79
CA PHE B 781 -20.20 -76.05 -59.72
C PHE B 781 -19.59 -77.35 -60.21
N CYS B 782 -20.37 -78.15 -60.94
CA CYS B 782 -19.93 -79.42 -61.47
C CYS B 782 -18.79 -79.22 -62.45
N ARG B 783 -18.93 -78.18 -63.27
CA ARG B 783 -17.92 -77.83 -64.26
C ARG B 783 -16.64 -77.45 -63.54
N LEU B 784 -16.77 -76.70 -62.45
CA LEU B 784 -15.62 -76.30 -61.66
C LEU B 784 -14.96 -77.54 -61.12
N MET B 785 -15.72 -78.50 -60.61
CA MET B 785 -15.09 -79.70 -60.10
C MET B 785 -14.34 -80.46 -61.19
N LEU B 786 -14.94 -80.57 -62.36
CA LEU B 786 -14.29 -81.28 -63.47
C LEU B 786 -13.00 -80.58 -63.88
N HIS B 787 -13.08 -79.25 -63.90
CA HIS B 787 -11.97 -78.40 -64.26
C HIS B 787 -10.87 -78.55 -63.25
N MET B 788 -11.22 -78.65 -61.97
CA MET B 788 -10.26 -78.84 -60.90
C MET B 788 -9.55 -80.16 -61.10
N HIS B 789 -10.31 -81.20 -61.47
CA HIS B 789 -9.68 -82.49 -61.70
C HIS B 789 -8.67 -82.35 -62.84
N VAL B 790 -9.06 -81.67 -63.92
CA VAL B 790 -8.13 -81.50 -65.05
C VAL B 790 -6.90 -80.68 -64.65
N ASP B 791 -7.15 -79.67 -63.84
CA ASP B 791 -6.19 -78.72 -63.30
C ASP B 791 -5.17 -79.32 -62.35
N ARG B 792 -5.51 -80.46 -61.74
CA ARG B 792 -4.60 -81.14 -60.81
C ARG B 792 -3.41 -81.40 -61.70
N ASP B 793 -3.72 -81.68 -62.95
CA ASP B 793 -2.75 -81.86 -64.00
C ASP B 793 -1.64 -80.78 -63.91
N PRO B 794 -1.97 -79.52 -63.53
CA PRO B 794 -0.76 -78.71 -63.58
C PRO B 794 -0.83 -77.37 -62.88
N GLN B 795 -2.03 -76.91 -62.51
CA GLN B 795 -2.19 -75.60 -61.89
C GLN B 795 -1.78 -74.46 -62.81
N GLU B 796 -2.57 -74.22 -63.86
CA GLU B 796 -2.20 -73.33 -64.96
C GLU B 796 -2.18 -71.86 -64.58
N GLN B 797 -1.11 -71.42 -63.92
CA GLN B 797 -0.91 -69.99 -63.70
C GLN B 797 -0.43 -69.33 -65.00
N VAL B 798 -0.67 -68.03 -65.10
CA VAL B 798 -0.31 -67.26 -66.29
C VAL B 798 1.19 -66.98 -66.24
N THR B 799 1.91 -67.42 -67.28
CA THR B 799 3.34 -67.15 -67.33
C THR B 799 3.63 -66.07 -68.38
N PRO B 800 4.44 -65.08 -68.03
CA PRO B 800 4.75 -64.02 -69.00
C PRO B 800 5.97 -64.30 -69.85
N VAL B 801 6.43 -65.55 -69.86
CA VAL B 801 7.65 -65.86 -70.58
C VAL B 801 7.37 -65.91 -72.08
N LYS B 802 7.69 -64.80 -72.76
CA LYS B 802 7.58 -64.74 -74.20
C LYS B 802 9.00 -64.86 -74.77
N TYR B 803 9.83 -65.64 -74.08
CA TYR B 803 11.23 -65.78 -74.43
C TYR B 803 11.40 -66.68 -75.66
N ALA B 804 11.36 -66.07 -76.84
CA ALA B 804 11.68 -66.75 -78.09
C ALA B 804 13.14 -66.44 -78.37
N ARG B 805 13.96 -67.47 -78.48
CA ARG B 805 15.41 -67.31 -78.56
C ARG B 805 15.81 -66.88 -79.97
N LEU B 806 17.12 -66.97 -80.24
CA LEU B 806 17.60 -66.85 -81.62
C LEU B 806 16.92 -67.87 -82.52
N TRP B 807 16.77 -69.09 -82.03
CA TRP B 807 15.68 -69.93 -82.48
C TRP B 807 14.39 -69.32 -81.95
N SER B 808 13.73 -68.56 -82.81
CA SER B 808 12.51 -67.86 -82.42
C SER B 808 11.31 -68.67 -82.88
N GLU B 809 10.11 -68.22 -82.52
CA GLU B 809 8.90 -68.97 -82.81
C GLU B 809 8.43 -68.68 -84.24
N ILE B 810 7.20 -69.12 -84.52
CA ILE B 810 6.54 -68.76 -85.78
C ILE B 810 6.26 -67.26 -85.72
N PRO B 811 6.99 -66.44 -86.47
CA PRO B 811 6.89 -64.99 -86.29
C PRO B 811 5.77 -64.35 -87.08
N SER B 812 4.86 -65.15 -87.61
CA SER B 812 3.74 -64.67 -88.41
C SER B 812 2.44 -64.60 -87.63
N GLU B 813 2.53 -64.62 -86.29
CA GLU B 813 1.34 -64.43 -85.46
C GLU B 813 1.08 -62.95 -85.29
N ILE B 814 0.44 -62.32 -86.27
CA ILE B 814 0.19 -60.89 -86.21
C ILE B 814 -1.03 -60.60 -85.35
N ALA B 815 -2.19 -61.13 -85.75
CA ALA B 815 -3.45 -60.92 -85.02
C ALA B 815 -3.98 -62.30 -84.67
N ILE B 816 -3.56 -62.82 -83.52
CA ILE B 816 -4.06 -64.09 -83.04
C ILE B 816 -5.42 -63.90 -82.40
N ASP B 817 -6.48 -64.28 -83.12
CA ASP B 817 -7.82 -64.20 -82.58
C ASP B 817 -8.14 -65.33 -81.62
N ASP B 818 -7.38 -66.43 -81.69
CA ASP B 818 -7.57 -67.59 -80.82
C ASP B 818 -6.20 -68.11 -80.44
N TYR B 819 -5.74 -67.74 -79.25
CA TYR B 819 -4.47 -68.23 -78.72
C TYR B 819 -4.68 -69.60 -78.07
N ASP B 820 -3.60 -70.36 -77.91
CA ASP B 820 -3.67 -71.67 -77.27
C ASP B 820 -3.96 -71.49 -75.78
N SER B 821 -4.94 -72.23 -75.28
CA SER B 821 -5.41 -72.05 -73.90
C SER B 821 -5.62 -73.40 -73.22
N SER B 822 -6.30 -73.37 -72.07
CA SER B 822 -6.56 -74.57 -71.27
C SER B 822 -7.93 -75.18 -71.56
N GLY B 823 -8.33 -75.20 -72.82
CA GLY B 823 -9.52 -75.98 -73.15
C GLY B 823 -8.95 -77.38 -72.89
N ALA B 824 -9.73 -78.25 -72.27
CA ALA B 824 -9.26 -79.57 -71.96
C ALA B 824 -9.10 -80.36 -73.25
N SER B 825 -7.91 -80.06 -73.79
CA SER B 825 -7.27 -80.63 -74.96
C SER B 825 -7.90 -80.63 -76.32
N LYS B 826 -7.32 -79.87 -77.24
CA LYS B 826 -7.74 -79.87 -78.61
C LYS B 826 -9.22 -79.61 -78.78
N ASP B 827 -9.82 -80.43 -79.62
CA ASP B 827 -11.22 -80.27 -79.90
C ASP B 827 -12.19 -80.47 -78.75
N GLU B 828 -12.08 -81.52 -77.96
CA GLU B 828 -13.08 -81.69 -76.91
C GLU B 828 -13.07 -80.58 -75.86
N ILE B 829 -11.88 -80.28 -75.33
CA ILE B 829 -11.77 -79.25 -74.33
C ILE B 829 -12.15 -77.92 -74.95
N LYS B 830 -11.65 -77.68 -76.16
CA LYS B 830 -11.89 -76.42 -76.78
C LYS B 830 -13.37 -76.21 -77.03
N GLU B 831 -14.03 -77.23 -77.54
CA GLU B 831 -15.42 -77.14 -77.87
C GLU B 831 -16.23 -76.87 -76.65
N ARG B 832 -15.92 -77.57 -75.56
CA ARG B 832 -16.73 -77.38 -74.36
C ARG B 832 -16.58 -75.95 -73.86
N PHE B 833 -15.34 -75.49 -73.84
CA PHE B 833 -15.11 -74.15 -73.34
C PHE B 833 -15.81 -73.14 -74.22
N ALA B 834 -15.68 -73.32 -75.53
CA ALA B 834 -16.26 -72.40 -76.46
C ALA B 834 -17.75 -72.37 -76.33
N GLN B 835 -18.37 -73.53 -76.22
CA GLN B 835 -19.80 -73.58 -76.14
C GLN B 835 -20.26 -72.86 -74.90
N THR B 836 -19.60 -73.14 -73.78
CA THR B 836 -20.03 -72.54 -72.55
C THR B 836 -19.87 -71.04 -72.62
N MET B 837 -18.74 -70.61 -73.14
CA MET B 837 -18.45 -69.20 -73.20
C MET B 837 -19.44 -68.50 -74.09
N GLU B 838 -19.72 -69.11 -75.23
CA GLU B 838 -20.61 -68.53 -76.18
C GLU B 838 -21.96 -68.38 -75.56
N PHE B 839 -22.44 -69.41 -74.90
CA PHE B 839 -23.76 -69.31 -74.33
C PHE B 839 -23.83 -68.23 -73.26
N VAL B 840 -22.82 -68.19 -72.41
CA VAL B 840 -22.85 -67.22 -71.35
C VAL B 840 -22.82 -65.81 -71.90
N GLU B 841 -21.93 -65.56 -72.85
CA GLU B 841 -21.81 -64.21 -73.37
C GLU B 841 -23.09 -63.86 -74.08
N GLU B 842 -23.50 -64.81 -74.90
CA GLU B 842 -24.70 -64.69 -75.66
C GLU B 842 -25.80 -64.65 -74.66
N TYR B 843 -25.75 -65.51 -73.64
CA TYR B 843 -26.91 -65.41 -72.77
C TYR B 843 -26.71 -64.32 -71.74
N LEU B 844 -25.52 -64.27 -71.17
CA LEU B 844 -25.23 -63.30 -70.16
C LEU B 844 -25.32 -61.90 -70.72
N ARG B 845 -24.79 -61.71 -71.92
CA ARG B 845 -24.80 -60.40 -72.52
C ARG B 845 -26.23 -59.96 -72.74
N ASP B 846 -27.06 -60.86 -73.24
CA ASP B 846 -28.44 -60.46 -73.47
C ASP B 846 -29.13 -60.09 -72.17
N VAL B 847 -28.92 -60.90 -71.14
CA VAL B 847 -29.58 -60.63 -69.87
C VAL B 847 -29.13 -59.29 -69.31
N VAL B 848 -27.83 -59.04 -69.38
CA VAL B 848 -27.28 -57.82 -68.84
C VAL B 848 -27.83 -56.62 -69.57
N CYS B 849 -27.90 -56.74 -70.90
CA CYS B 849 -28.40 -55.64 -71.70
C CYS B 849 -29.85 -55.36 -71.36
N GLN B 850 -30.63 -56.41 -71.20
CA GLN B 850 -32.03 -56.21 -70.89
C GLN B 850 -32.51 -56.67 -69.53
N ARG B 851 -31.64 -57.14 -68.64
CA ARG B 851 -32.22 -57.59 -67.40
C ARG B 851 -32.38 -56.45 -66.40
N PHE B 852 -33.09 -56.71 -65.32
CA PHE B 852 -33.31 -55.74 -64.24
C PHE B 852 -32.07 -55.76 -63.37
N PRO B 853 -31.87 -54.76 -62.52
CA PRO B 853 -30.58 -54.64 -61.83
C PRO B 853 -30.42 -55.49 -60.57
N PHE B 854 -31.46 -56.23 -60.16
CA PHE B 854 -31.41 -56.90 -58.87
C PHE B 854 -32.01 -58.30 -58.80
N SER B 855 -32.36 -58.94 -59.91
CA SER B 855 -33.21 -60.13 -59.81
C SER B 855 -32.48 -61.46 -59.95
N ASP B 856 -31.24 -61.41 -60.42
CA ASP B 856 -30.49 -62.64 -60.59
C ASP B 856 -29.15 -62.51 -59.92
N LYS B 857 -29.16 -62.46 -58.59
CA LYS B 857 -27.93 -62.36 -57.81
C LYS B 857 -27.12 -63.63 -58.06
N GLU B 858 -27.81 -64.76 -58.05
CA GLU B 858 -27.22 -66.05 -58.34
C GLU B 858 -26.70 -66.06 -59.77
N LYS B 859 -27.42 -65.46 -60.71
CA LYS B 859 -26.96 -65.42 -62.08
C LYS B 859 -25.63 -64.66 -62.15
N ASN B 860 -25.54 -63.55 -61.44
CA ASN B 860 -24.31 -62.76 -61.41
C ASN B 860 -23.18 -63.56 -60.79
N LYS B 861 -23.49 -64.30 -59.73
CA LYS B 861 -22.50 -65.12 -59.06
C LYS B 861 -21.99 -66.19 -60.03
N LEU B 862 -22.90 -66.77 -60.80
CA LEU B 862 -22.58 -67.79 -61.78
C LEU B 862 -21.69 -67.18 -62.84
N THR B 863 -21.99 -65.96 -63.26
CA THR B 863 -21.17 -65.30 -64.24
C THR B 863 -19.75 -65.14 -63.68
N PHE B 864 -19.62 -64.74 -62.42
CA PHE B 864 -18.31 -64.56 -61.82
C PHE B 864 -17.55 -65.88 -61.77
N GLU B 865 -18.28 -66.94 -61.43
CA GLU B 865 -17.67 -68.27 -61.36
C GLU B 865 -17.20 -68.68 -62.74
N VAL B 866 -18.01 -68.40 -63.75
CA VAL B 866 -17.70 -68.70 -65.13
C VAL B 866 -16.46 -67.95 -65.55
N VAL B 867 -16.35 -66.69 -65.14
CA VAL B 867 -15.18 -65.90 -65.47
C VAL B 867 -13.95 -66.52 -64.85
N ASN B 868 -14.07 -66.97 -63.61
CA ASN B 868 -12.94 -67.61 -62.94
C ASN B 868 -12.56 -68.88 -63.68
N LEU B 869 -13.57 -69.63 -64.10
CA LEU B 869 -13.41 -70.86 -64.83
C LEU B 869 -12.73 -70.60 -66.16
N ALA B 870 -13.11 -69.51 -66.81
CA ALA B 870 -12.54 -69.12 -68.08
C ALA B 870 -11.08 -68.82 -67.87
N ARG B 871 -10.74 -68.13 -66.78
CA ARG B 871 -9.36 -67.84 -66.49
C ARG B 871 -8.58 -69.13 -66.30
N ASN B 872 -9.16 -70.09 -65.58
CA ASN B 872 -8.46 -71.35 -65.42
C ASN B 872 -8.29 -72.08 -66.75
N LEU B 873 -9.35 -72.07 -67.55
CA LEU B 873 -9.39 -72.74 -68.84
C LEU B 873 -9.47 -71.96 -70.15
N ILE B 874 -10.32 -70.94 -70.25
CA ILE B 874 -10.38 -70.22 -71.52
C ILE B 874 -9.04 -69.55 -71.73
N TYR B 875 -8.50 -69.65 -72.97
CA TYR B 875 -7.31 -68.91 -73.36
C TYR B 875 -7.31 -68.45 -74.82
N PHE B 876 -8.47 -68.28 -75.45
CA PHE B 876 -8.55 -68.25 -76.90
C PHE B 876 -8.41 -66.83 -77.45
N GLY B 877 -7.19 -66.35 -77.24
CA GLY B 877 -6.58 -65.25 -77.99
C GLY B 877 -7.21 -63.98 -78.41
N PHE B 878 -7.09 -63.75 -79.71
CA PHE B 878 -7.71 -62.65 -80.41
C PHE B 878 -9.22 -62.86 -80.49
N TYR B 879 -9.64 -64.09 -80.83
CA TYR B 879 -11.06 -64.45 -80.92
C TYR B 879 -11.63 -64.41 -79.53
N ASN B 880 -10.82 -64.95 -78.61
CA ASN B 880 -11.10 -64.96 -77.19
C ASN B 880 -11.13 -63.54 -76.67
N PHE B 881 -10.24 -62.71 -77.18
CA PHE B 881 -10.07 -61.30 -76.89
C PHE B 881 -11.30 -60.54 -77.33
N SER B 882 -11.89 -60.94 -78.46
CA SER B 882 -13.12 -60.36 -79.00
C SER B 882 -14.22 -60.70 -78.02
N ASP B 883 -14.18 -61.94 -77.54
CA ASP B 883 -15.11 -62.40 -76.52
C ASP B 883 -14.89 -61.57 -75.25
N LEU B 884 -13.62 -61.29 -74.92
CA LEU B 884 -13.18 -60.50 -73.79
C LEU B 884 -13.64 -59.08 -73.94
N LEU B 885 -13.68 -58.57 -75.16
CA LEU B 885 -14.15 -57.22 -75.45
C LEU B 885 -15.62 -57.21 -75.11
N ARG B 886 -16.33 -58.26 -75.53
CA ARG B 886 -17.74 -58.37 -75.20
C ARG B 886 -17.89 -58.46 -73.69
N LEU B 887 -17.02 -59.26 -73.06
CA LEU B 887 -16.98 -59.39 -71.64
C LEU B 887 -16.58 -57.98 -71.40
N THR B 888 -15.57 -57.49 -72.18
CA THR B 888 -15.49 -56.08 -71.85
C THR B 888 -16.83 -55.43 -72.13
N LYS B 889 -17.43 -55.77 -73.26
CA LYS B 889 -18.73 -55.26 -73.61
C LYS B 889 -19.76 -55.68 -72.57
N ILE B 890 -19.70 -56.91 -72.11
CA ILE B 890 -20.62 -57.42 -71.12
C ILE B 890 -20.46 -56.63 -69.83
N LEU B 891 -19.23 -56.34 -69.45
CA LEU B 891 -18.97 -55.58 -68.24
C LEU B 891 -19.57 -54.19 -68.38
N LEU B 892 -19.39 -53.59 -69.56
CA LEU B 892 -19.94 -52.27 -69.84
C LEU B 892 -21.47 -52.31 -69.75
N ALA B 893 -22.06 -53.38 -70.27
CA ALA B 893 -23.49 -53.58 -70.26
C ALA B 893 -23.98 -53.68 -68.82
N ILE B 894 -23.23 -54.38 -67.98
CA ILE B 894 -23.61 -54.50 -66.57
C ILE B 894 -23.60 -53.10 -65.98
N LEU B 895 -22.54 -52.34 -66.25
CA LEU B 895 -22.46 -50.97 -65.80
C LEU B 895 -23.52 -50.09 -66.48
N ASP B 896 -23.72 -50.29 -67.78
CA ASP B 896 -24.73 -49.48 -68.42
C ASP B 896 -25.57 -49.08 -67.20
N CYS B 897 -24.88 -48.55 -66.19
CA CYS B 897 -25.53 -48.17 -64.95
C CYS B 897 -26.58 -47.10 -65.16
N VAL B 898 -27.67 -47.22 -64.43
CA VAL B 898 -28.77 -46.28 -64.50
C VAL B 898 -29.63 -46.39 -63.23
N PRO B 960 -27.62 -53.31 -49.85
CA PRO B 960 -27.53 -54.39 -50.86
C PRO B 960 -26.09 -54.54 -51.33
N GLU B 961 -25.17 -54.26 -50.42
CA GLU B 961 -23.76 -54.24 -50.79
C GLU B 961 -23.22 -55.64 -51.01
N LYS B 962 -23.75 -56.63 -50.29
CA LYS B 962 -23.16 -57.96 -50.27
C LYS B 962 -23.20 -58.65 -51.62
N GLU B 963 -24.38 -58.86 -52.17
CA GLU B 963 -24.47 -59.30 -53.55
C GLU B 963 -23.99 -58.23 -54.51
N ASP B 964 -24.14 -56.95 -54.14
CA ASP B 964 -23.68 -55.84 -54.94
C ASP B 964 -22.18 -55.87 -55.10
N ILE B 965 -21.43 -56.01 -54.01
CA ILE B 965 -20.01 -56.26 -54.11
C ILE B 965 -19.75 -57.68 -54.54
N MET B 966 -20.65 -58.63 -54.25
CA MET B 966 -20.54 -59.95 -54.84
C MET B 966 -20.67 -59.85 -56.34
N VAL B 967 -21.49 -58.92 -56.82
CA VAL B 967 -21.37 -58.50 -58.21
C VAL B 967 -20.15 -57.64 -58.42
N MET B 968 -19.92 -56.64 -57.58
CA MET B 968 -18.87 -55.65 -57.80
C MET B 968 -17.49 -56.24 -57.73
N ASP B 969 -17.12 -56.87 -56.62
CA ASP B 969 -15.85 -57.57 -56.57
C ASP B 969 -15.89 -58.82 -57.41
N THR B 970 -17.07 -59.38 -57.67
CA THR B 970 -17.16 -60.37 -58.71
C THR B 970 -16.80 -59.78 -60.06
N LYS B 971 -17.37 -58.64 -60.39
CA LYS B 971 -16.89 -57.87 -61.53
C LYS B 971 -15.48 -57.39 -61.31
N LEU B 972 -15.12 -57.09 -60.06
CA LEU B 972 -13.73 -56.78 -59.75
C LEU B 972 -12.86 -58.00 -59.96
N LYS B 973 -13.41 -59.18 -59.69
CA LYS B 973 -12.72 -60.42 -60.04
C LYS B 973 -12.56 -60.51 -61.54
N ILE B 974 -13.58 -60.12 -62.29
CA ILE B 974 -13.41 -60.00 -63.72
C ILE B 974 -12.50 -58.83 -64.04
N ILE B 975 -12.59 -57.75 -63.25
CA ILE B 975 -11.79 -56.58 -63.54
C ILE B 975 -10.33 -56.83 -63.22
N GLU B 976 -10.07 -57.45 -62.07
CA GLU B 976 -8.73 -57.94 -61.80
C GLU B 976 -8.35 -59.04 -62.76
N ILE B 977 -9.33 -59.85 -63.20
CA ILE B 977 -9.07 -60.77 -64.29
C ILE B 977 -8.77 -59.98 -65.55
N LEU B 978 -9.50 -58.89 -65.77
CA LEU B 978 -9.23 -58.02 -66.90
C LEU B 978 -7.92 -57.27 -66.75
N GLN B 979 -7.43 -57.11 -65.52
CA GLN B 979 -6.11 -56.51 -65.32
C GLN B 979 -5.04 -57.35 -65.97
N PHE B 980 -4.88 -58.59 -65.51
CA PHE B 980 -3.91 -59.47 -66.14
C PHE B 980 -4.37 -59.96 -67.49
N ILE B 981 -5.66 -59.85 -67.80
CA ILE B 981 -6.15 -60.26 -69.11
C ILE B 981 -5.59 -59.34 -70.18
N LEU B 982 -5.78 -58.04 -70.00
CA LEU B 982 -5.07 -57.08 -70.82
C LEU B 982 -3.59 -57.11 -70.53
N ASN B 983 -3.18 -57.51 -69.33
CA ASN B 983 -1.74 -57.56 -69.13
C ASN B 983 -1.17 -58.61 -70.08
N VAL B 984 -1.84 -59.76 -70.11
CA VAL B 984 -1.41 -60.86 -70.95
C VAL B 984 -1.51 -60.47 -72.41
N ARG B 985 -2.59 -59.80 -72.75
CA ARG B 985 -2.79 -59.39 -74.13
C ARG B 985 -1.69 -58.45 -74.57
N LEU B 986 -1.34 -57.50 -73.71
CA LEU B 986 -0.31 -56.55 -74.09
C LEU B 986 1.01 -57.28 -74.31
N ASP B 987 1.34 -58.21 -73.43
CA ASP B 987 2.61 -58.92 -73.62
C ASP B 987 2.65 -59.71 -74.93
N TYR B 988 1.54 -60.39 -75.22
CA TYR B 988 1.47 -61.19 -76.44
C TYR B 988 1.61 -60.31 -77.68
N ARG B 989 0.95 -59.16 -77.63
CA ARG B 989 0.98 -58.23 -78.75
C ARG B 989 2.41 -57.77 -78.96
N ILE B 990 3.11 -57.45 -77.87
CA ILE B 990 4.47 -57.00 -78.01
C ILE B 990 5.32 -58.08 -78.67
N SER B 991 5.18 -59.33 -78.26
CA SER B 991 6.01 -60.36 -78.90
C SER B 991 5.71 -60.48 -80.40
N CYS B 992 4.43 -60.44 -80.73
CA CYS B 992 4.05 -60.56 -82.13
C CYS B 992 4.64 -59.43 -82.95
N LEU B 993 4.56 -58.22 -82.42
CA LEU B 993 5.08 -57.05 -83.12
C LEU B 993 6.59 -57.14 -83.31
N LEU B 994 7.25 -57.64 -82.27
CA LEU B 994 8.69 -57.82 -82.24
C LEU B 994 9.19 -58.78 -83.31
N CYS B 995 8.42 -59.81 -83.60
CA CYS B 995 8.90 -60.80 -84.59
C CYS B 995 9.26 -60.34 -86.02
N ILE B 996 8.48 -59.45 -86.63
CA ILE B 996 8.82 -59.01 -87.98
C ILE B 996 8.58 -57.56 -88.39
N PHE B 997 9.61 -56.92 -88.94
CA PHE B 997 9.52 -55.55 -89.49
C PHE B 997 9.53 -54.33 -88.58
N LYS B 998 9.62 -53.16 -89.20
CA LYS B 998 9.59 -51.87 -88.51
C LYS B 998 10.61 -51.77 -87.38
N ARG B 999 11.88 -52.05 -87.51
CA ARG B 999 12.55 -51.89 -86.21
C ARG B 999 12.46 -50.44 -85.67
N GLU B 1000 12.89 -49.46 -86.46
CA GLU B 1000 12.80 -48.08 -86.01
C GLU B 1000 11.34 -47.65 -86.00
N PHE B 1001 10.68 -47.99 -87.10
CA PHE B 1001 9.29 -47.64 -87.31
C PHE B 1001 8.42 -48.32 -86.28
N ASP B 1002 8.69 -49.60 -86.00
CA ASP B 1002 7.89 -50.33 -85.03
C ASP B 1002 8.04 -49.70 -83.65
N GLU B 1003 9.29 -49.33 -83.32
CA GLU B 1003 9.49 -48.74 -82.00
C GLU B 1003 8.69 -47.43 -81.90
N SER B 1004 8.76 -46.61 -82.95
CA SER B 1004 8.04 -45.34 -82.92
C SER B 1004 6.53 -45.54 -82.83
N ASN B 1005 6.05 -46.54 -83.56
CA ASN B 1005 4.64 -46.88 -83.63
C ASN B 1005 4.06 -47.30 -82.30
N SER B 1006 4.82 -48.04 -81.50
CA SER B 1006 4.24 -48.51 -80.24
C SER B 1006 3.07 -49.42 -80.62
N GLN B 1007 1.86 -49.24 -80.06
CA GLN B 1007 0.82 -50.18 -80.47
C GLN B 1007 -0.48 -49.73 -79.81
N SER B 1008 -1.13 -48.76 -80.47
CA SER B 1008 -2.32 -48.12 -79.92
C SER B 1008 -2.19 -46.61 -80.04
N VAL B 1024 14.54 -29.55 -79.18
CA VAL B 1024 14.76 -30.80 -78.46
C VAL B 1024 13.71 -30.96 -77.37
N PRO B 1025 13.37 -29.86 -76.70
CA PRO B 1025 12.40 -29.93 -75.60
C PRO B 1025 10.97 -30.19 -76.04
N GLY B 1026 10.66 -30.01 -77.33
CA GLY B 1026 9.31 -30.22 -77.82
C GLY B 1026 9.14 -31.38 -78.78
N ALA B 1027 9.87 -32.48 -78.55
CA ALA B 1027 9.94 -33.57 -79.52
C ALA B 1027 8.64 -34.34 -79.66
N LEU B 1028 8.18 -35.01 -78.60
CA LEU B 1028 6.90 -35.72 -78.63
C LEU B 1028 5.78 -34.89 -78.01
N ASP B 1029 6.07 -33.64 -77.65
CA ASP B 1029 5.13 -32.76 -76.96
C ASP B 1029 3.92 -32.40 -77.80
N PHE B 1030 4.02 -32.55 -79.12
CA PHE B 1030 2.85 -32.51 -79.98
C PHE B 1030 2.31 -33.89 -80.28
N GLU B 1031 3.14 -34.94 -80.27
CA GLU B 1031 2.63 -36.29 -80.35
C GLU B 1031 1.83 -36.66 -79.12
N HIS B 1032 2.17 -36.06 -77.98
CA HIS B 1032 1.32 -36.16 -76.79
C HIS B 1032 0.03 -35.38 -77.00
N ILE B 1033 0.14 -34.20 -77.61
CA ILE B 1033 -1.04 -33.48 -78.06
C ILE B 1033 -1.76 -34.30 -79.12
N GLU B 1034 -0.99 -35.02 -79.94
CA GLU B 1034 -1.54 -35.97 -80.89
C GLU B 1034 -2.15 -37.18 -80.21
N GLU B 1035 -1.74 -37.49 -78.99
CA GLU B 1035 -2.51 -38.40 -78.16
C GLU B 1035 -3.59 -37.67 -77.39
N GLN B 1036 -3.46 -36.34 -77.23
CA GLN B 1036 -4.42 -35.56 -76.46
C GLN B 1036 -5.78 -35.50 -77.09
N ALA B 1037 -5.86 -35.39 -78.42
CA ALA B 1037 -7.16 -35.51 -79.09
C ALA B 1037 -7.65 -36.95 -79.03
N GLU B 1038 -6.74 -37.90 -79.21
CA GLU B 1038 -7.04 -39.31 -79.05
C GLU B 1038 -7.23 -39.70 -77.58
N GLY B 1039 -6.97 -38.79 -76.67
CA GLY B 1039 -7.40 -38.97 -75.30
C GLY B 1039 -8.59 -38.11 -74.91
N ILE B 1040 -8.55 -36.83 -75.29
CA ILE B 1040 -9.60 -35.90 -74.85
C ILE B 1040 -10.91 -36.20 -75.56
N PHE B 1041 -10.85 -36.50 -76.85
CA PHE B 1041 -11.98 -37.15 -77.49
C PHE B 1041 -11.99 -38.64 -77.16
N GLY B 1042 -10.83 -39.20 -76.84
CA GLY B 1042 -10.73 -40.61 -76.56
C GLY B 1042 -10.53 -41.39 -77.83
N HIS B 1055 -9.25 -52.66 -81.01
CA HIS B 1055 -9.70 -51.38 -81.51
C HIS B 1055 -10.88 -50.85 -80.70
N GLY B 1056 -10.82 -51.04 -79.37
CA GLY B 1056 -11.85 -50.52 -78.43
C GLY B 1056 -11.73 -49.29 -77.48
N GLY B 1057 -12.20 -48.16 -78.01
CA GLY B 1057 -12.27 -46.87 -77.33
C GLY B 1057 -13.23 -46.92 -76.16
N ARG B 1058 -14.31 -47.66 -76.40
CA ARG B 1058 -15.33 -47.92 -75.40
C ARG B 1058 -14.71 -48.68 -74.22
N THR B 1059 -13.80 -49.63 -74.48
CA THR B 1059 -13.12 -50.38 -73.42
C THR B 1059 -12.30 -49.41 -72.56
N PHE B 1060 -11.64 -48.44 -73.21
CA PHE B 1060 -10.91 -47.47 -72.37
C PHE B 1060 -11.88 -46.67 -71.46
N LEU B 1061 -13.02 -46.30 -72.05
CA LEU B 1061 -14.09 -45.58 -71.32
C LEU B 1061 -14.65 -46.44 -70.16
N ARG B 1062 -14.74 -47.74 -70.38
CA ARG B 1062 -15.20 -48.71 -69.41
C ARG B 1062 -14.24 -48.73 -68.24
N VAL B 1063 -12.94 -48.63 -68.51
CA VAL B 1063 -11.97 -48.56 -67.41
C VAL B 1063 -12.29 -47.28 -66.60
N LEU B 1064 -12.54 -46.18 -67.29
CA LEU B 1064 -12.91 -44.97 -66.55
C LEU B 1064 -14.20 -45.16 -65.70
N LEU B 1065 -15.22 -45.84 -66.21
CA LEU B 1065 -16.49 -46.09 -65.48
C LEU B 1065 -16.29 -46.95 -64.21
N HIS B 1066 -15.33 -47.88 -64.36
CA HIS B 1066 -14.94 -48.78 -63.28
C HIS B 1066 -14.36 -47.91 -62.18
N LEU B 1067 -13.52 -46.94 -62.56
CA LEU B 1067 -12.99 -45.95 -61.61
C LEU B 1067 -14.15 -45.12 -61.00
N THR B 1068 -15.15 -44.81 -61.83
CA THR B 1068 -16.36 -44.09 -61.52
C THR B 1068 -17.29 -44.74 -60.48
N MET B 1069 -17.13 -46.03 -60.13
CA MET B 1069 -18.00 -46.59 -59.04
C MET B 1069 -17.94 -45.71 -57.72
N HIS B 1070 -19.08 -45.55 -57.00
CA HIS B 1070 -19.19 -44.55 -55.94
C HIS B 1070 -18.24 -44.79 -54.78
N ASP B 1071 -18.43 -45.86 -54.01
CA ASP B 1071 -17.54 -46.14 -52.89
C ASP B 1071 -17.63 -47.63 -52.54
N TYR B 1072 -16.62 -48.38 -52.97
CA TYR B 1072 -16.54 -49.80 -52.66
C TYR B 1072 -15.17 -50.09 -52.05
N PRO B 1073 -15.11 -50.17 -50.71
CA PRO B 1073 -13.75 -50.39 -50.19
C PRO B 1073 -13.08 -51.62 -50.77
N PRO B 1074 -13.79 -52.75 -50.87
CA PRO B 1074 -13.11 -53.86 -51.58
C PRO B 1074 -12.97 -53.44 -53.05
N LEU B 1075 -14.07 -52.86 -53.55
CA LEU B 1075 -14.21 -52.27 -54.86
C LEU B 1075 -13.27 -51.08 -54.96
N VAL B 1076 -13.10 -50.32 -53.87
CA VAL B 1076 -12.17 -49.20 -53.87
C VAL B 1076 -10.74 -49.72 -54.13
N SER B 1077 -10.37 -50.84 -53.53
CA SER B 1077 -9.06 -51.45 -53.74
C SER B 1077 -8.92 -51.85 -55.21
N GLY B 1078 -10.00 -52.40 -55.76
CA GLY B 1078 -9.98 -52.76 -57.17
C GLY B 1078 -9.78 -51.55 -58.07
N ALA B 1079 -10.43 -50.45 -57.70
CA ALA B 1079 -10.34 -49.17 -58.39
C ALA B 1079 -8.91 -48.64 -58.34
N LEU B 1080 -8.24 -48.82 -57.20
CA LEU B 1080 -6.85 -48.40 -57.06
C LEU B 1080 -6.00 -49.20 -58.04
N GLN B 1081 -6.27 -50.50 -58.13
CA GLN B 1081 -5.54 -51.33 -59.07
C GLN B 1081 -5.77 -50.81 -60.50
N LEU B 1082 -7.00 -50.45 -60.83
CA LEU B 1082 -7.32 -49.94 -62.16
C LEU B 1082 -6.60 -48.61 -62.44
N LEU B 1083 -6.49 -47.78 -61.41
CA LEU B 1083 -5.82 -46.49 -61.52
C LEU B 1083 -4.38 -46.75 -61.86
N PHE B 1084 -3.75 -47.73 -61.20
CA PHE B 1084 -2.37 -48.08 -61.52
C PHE B 1084 -2.30 -48.60 -62.97
N ARG B 1085 -3.28 -49.39 -63.34
CA ARG B 1085 -3.43 -49.97 -64.66
C ARG B 1085 -3.51 -48.95 -65.80
N HIS B 1086 -4.04 -47.75 -65.56
CA HIS B 1086 -4.06 -46.72 -66.63
C HIS B 1086 -2.58 -46.55 -66.93
N PHE B 1087 -1.89 -46.63 -65.81
CA PHE B 1087 -0.45 -46.54 -65.77
C PHE B 1087 0.09 -47.66 -66.64
N SER B 1088 -0.77 -48.60 -67.03
CA SER B 1088 -0.43 -49.72 -67.86
C SER B 1088 0.14 -49.31 -69.22
N GLN B 1089 -0.22 -48.18 -69.82
CA GLN B 1089 0.42 -47.85 -71.10
C GLN B 1089 1.92 -47.70 -70.85
N ARG B 1090 2.28 -46.96 -69.80
CA ARG B 1090 3.67 -46.74 -69.37
C ARG B 1090 4.29 -48.04 -68.89
N GLN B 1091 3.44 -48.83 -68.24
CA GLN B 1091 3.77 -50.13 -67.70
C GLN B 1091 4.11 -51.04 -68.83
N GLU B 1092 3.36 -50.93 -69.93
CA GLU B 1092 3.49 -51.63 -71.18
C GLU B 1092 4.80 -51.23 -71.79
N VAL B 1093 5.20 -49.97 -71.68
CA VAL B 1093 6.52 -49.57 -72.20
C VAL B 1093 7.60 -50.31 -71.38
N LEU B 1094 7.39 -50.36 -70.06
CA LEU B 1094 8.28 -51.09 -69.17
C LEU B 1094 8.24 -52.59 -69.50
N GLN B 1095 7.05 -53.07 -69.83
CA GLN B 1095 6.66 -54.40 -70.20
C GLN B 1095 7.33 -54.80 -71.49
N ALA B 1096 7.49 -53.85 -72.40
CA ALA B 1096 8.18 -54.05 -73.68
C ALA B 1096 9.63 -54.30 -73.33
N PHE B 1097 10.13 -53.52 -72.37
CA PHE B 1097 11.49 -53.75 -71.91
C PHE B 1097 11.56 -55.16 -71.29
N LYS B 1098 10.60 -55.47 -70.43
CA LYS B 1098 10.56 -56.73 -69.74
C LYS B 1098 11.19 -57.82 -70.55
N GLN B 1099 12.44 -57.59 -70.92
CA GLN B 1099 13.18 -58.60 -71.65
C GLN B 1099 14.42 -59.02 -70.84
N VAL B 1100 14.59 -58.36 -69.70
CA VAL B 1100 15.72 -58.61 -68.82
C VAL B 1100 15.69 -59.90 -68.03
N GLN B 1101 16.58 -59.98 -67.04
CA GLN B 1101 16.71 -61.16 -66.20
C GLN B 1101 17.67 -62.17 -66.83
N LEU B 1102 17.90 -63.28 -66.14
CA LEU B 1102 18.84 -64.30 -66.59
C LEU B 1102 19.08 -65.36 -65.53
N SER B 1106 23.15 -72.00 -71.52
CA SER B 1106 22.50 -71.57 -72.75
C SER B 1106 21.55 -72.65 -73.27
N GLN B 1107 20.27 -72.30 -73.37
CA GLN B 1107 19.24 -73.23 -73.82
C GLN B 1107 19.30 -74.46 -72.94
N ASP B 1108 19.60 -75.61 -73.55
CA ASP B 1108 19.74 -76.84 -72.79
C ASP B 1108 20.37 -76.54 -71.43
N VAL B 1109 21.37 -75.66 -71.44
CA VAL B 1109 22.04 -75.26 -70.20
C VAL B 1109 21.04 -74.57 -69.28
N ASP B 1110 20.20 -73.71 -69.85
CA ASP B 1110 19.19 -73.01 -69.07
C ASP B 1110 18.24 -74.03 -68.45
N ASN B 1111 17.83 -75.04 -69.22
CA ASN B 1111 16.93 -76.05 -68.71
C ASN B 1111 17.57 -76.82 -67.54
N TYR B 1112 18.85 -77.16 -67.69
CA TYR B 1112 19.56 -77.89 -66.63
C TYR B 1112 19.62 -77.04 -65.36
N LYS B 1113 19.88 -75.75 -65.53
CA LYS B 1113 19.96 -74.82 -64.41
C LYS B 1113 18.61 -74.73 -63.71
N GLN B 1114 17.54 -74.71 -64.49
CA GLN B 1114 16.20 -74.65 -63.93
C GLN B 1114 15.93 -75.92 -63.12
N ILE B 1115 16.37 -77.05 -63.64
CA ILE B 1115 16.18 -78.31 -62.93
C ILE B 1115 16.93 -78.26 -61.60
N LYS B 1116 18.14 -77.72 -61.60
CA LYS B 1116 18.92 -77.64 -60.38
C LYS B 1116 18.79 -76.28 -59.71
N GLN B 1117 19.38 -75.27 -60.34
CA GLN B 1117 19.37 -73.90 -59.85
C GLN B 1117 18.04 -73.71 -59.14
N ASP B 1118 17.00 -74.17 -59.81
CA ASP B 1118 15.65 -74.10 -59.30
C ASP B 1118 15.57 -74.93 -58.04
N LEU B 1119 16.18 -76.12 -58.04
CA LEU B 1119 16.14 -76.97 -56.87
C LEU B 1119 16.82 -76.32 -55.67
N ASP B 1120 17.97 -75.68 -55.89
CA ASP B 1120 18.67 -75.04 -54.78
C ASP B 1120 17.81 -73.91 -54.23
N GLN B 1121 17.21 -73.15 -55.13
CA GLN B 1121 16.37 -72.03 -54.73
C GLN B 1121 15.18 -72.55 -53.92
N LEU B 1122 14.59 -73.64 -54.38
CA LEU B 1122 13.44 -74.24 -53.73
C LEU B 1122 13.82 -74.70 -52.34
N ARG B 1123 14.99 -75.32 -52.19
CA ARG B 1123 15.38 -75.79 -50.88
C ARG B 1123 15.51 -74.61 -49.95
N SER B 1124 16.16 -73.54 -50.41
CA SER B 1124 16.32 -72.38 -49.53
C SER B 1124 14.96 -71.78 -49.16
N ILE B 1125 14.08 -71.69 -50.16
CA ILE B 1125 12.78 -71.10 -49.97
C ILE B 1125 11.97 -71.91 -48.98
N VAL B 1126 12.05 -73.23 -49.11
CA VAL B 1126 11.31 -74.14 -48.24
C VAL B 1126 11.80 -74.00 -46.81
N GLU B 1127 13.12 -73.88 -46.67
CA GLU B 1127 13.69 -73.74 -45.35
C GLU B 1127 13.17 -72.47 -44.71
N LYS B 1128 13.14 -71.37 -45.46
CA LYS B 1128 12.61 -70.15 -44.84
C LYS B 1128 11.14 -70.33 -44.51
N SER B 1129 10.39 -70.86 -45.47
CA SER B 1129 8.96 -71.11 -45.35
C SER B 1129 8.64 -72.22 -44.36
N GLU B 1130 9.42 -73.29 -44.40
CA GLU B 1130 9.19 -74.43 -43.51
C GLU B 1130 10.50 -75.13 -43.20
N SER B 1170 12.39 -75.71 -33.72
CA SER B 1170 13.82 -75.92 -33.50
C SER B 1170 14.50 -76.12 -34.84
N TYR B 1171 14.57 -77.37 -35.28
CA TYR B 1171 15.11 -77.72 -36.58
C TYR B 1171 14.06 -78.51 -37.36
N ASN B 1172 13.18 -77.76 -38.03
CA ASN B 1172 12.27 -78.32 -39.02
C ASN B 1172 12.60 -77.59 -40.31
N TYR B 1173 12.70 -76.26 -40.20
CA TYR B 1173 13.45 -75.50 -41.18
C TYR B 1173 14.93 -75.83 -41.08
N ARG B 1174 15.42 -76.13 -39.87
CA ARG B 1174 16.74 -76.72 -39.74
C ARG B 1174 16.74 -78.17 -40.20
N VAL B 1175 15.59 -78.85 -40.13
CA VAL B 1175 15.46 -80.13 -40.79
C VAL B 1175 15.36 -79.93 -42.29
N VAL B 1176 14.81 -78.79 -42.71
CA VAL B 1176 14.73 -78.44 -44.14
C VAL B 1176 15.97 -77.71 -44.63
N LYS B 1177 16.97 -77.50 -43.78
CA LYS B 1177 18.12 -76.68 -44.17
C LYS B 1177 19.04 -77.40 -45.13
N GLU B 1178 18.99 -78.74 -45.18
CA GLU B 1178 19.83 -79.49 -46.12
C GLU B 1178 19.37 -79.29 -47.55
N ILE B 1179 18.10 -78.95 -47.76
CA ILE B 1179 17.63 -78.61 -49.10
C ILE B 1179 18.22 -77.27 -49.55
N LEU B 1180 18.51 -76.39 -48.59
CA LEU B 1180 19.12 -75.11 -48.93
C LEU B 1180 20.65 -75.19 -48.96
N ILE B 1181 21.26 -75.91 -48.03
CA ILE B 1181 22.71 -75.97 -47.99
C ILE B 1181 23.27 -77.02 -48.94
N ARG B 1182 22.75 -78.24 -48.89
CA ARG B 1182 23.20 -79.29 -49.79
C ARG B 1182 22.55 -79.21 -51.16
N LEU B 1183 21.22 -79.09 -51.21
CA LEU B 1183 20.52 -78.87 -52.46
C LEU B 1183 20.85 -77.46 -52.93
N SER B 1184 21.24 -77.32 -54.20
CA SER B 1184 21.87 -76.09 -54.65
C SER B 1184 23.23 -75.90 -54.00
N LYS B 1185 23.99 -76.99 -53.89
CA LYS B 1185 25.34 -76.95 -53.36
C LYS B 1185 26.41 -77.08 -54.44
N LEU B 1186 26.17 -77.86 -55.48
CA LEU B 1186 27.13 -78.04 -56.57
C LEU B 1186 26.83 -77.10 -57.74
N CYS B 1187 27.33 -75.88 -57.60
CA CYS B 1187 27.15 -74.87 -58.65
C CYS B 1187 28.24 -75.00 -59.70
N VAL B 1188 27.82 -75.03 -60.97
CA VAL B 1188 28.77 -75.11 -62.08
C VAL B 1188 29.30 -73.71 -62.37
N GLN B 1189 30.42 -73.38 -61.74
CA GLN B 1189 31.05 -72.07 -61.91
C GLN B 1189 31.85 -71.98 -63.21
N GLU B 1190 32.02 -73.10 -63.91
CA GLU B 1190 32.59 -73.05 -65.25
C GLU B 1190 31.57 -72.48 -66.23
N SER B 1191 30.29 -72.80 -66.04
CA SER B 1191 29.24 -72.36 -66.92
C SER B 1191 28.95 -70.87 -66.69
N ALA B 1192 28.80 -70.13 -67.78
CA ALA B 1192 28.48 -68.72 -67.71
C ALA B 1192 26.98 -68.54 -67.52
N SER B 1193 26.56 -67.29 -67.42
CA SER B 1193 25.15 -66.97 -67.22
C SER B 1193 24.75 -67.17 -65.77
N VAL B 1194 25.73 -67.30 -64.87
CA VAL B 1194 25.42 -67.64 -63.49
C VAL B 1194 25.68 -66.47 -62.56
N ARG B 1195 26.55 -65.54 -62.96
CA ARG B 1195 27.07 -64.56 -62.00
C ARG B 1195 26.03 -63.51 -61.60
N LYS B 1196 25.57 -62.73 -62.56
CA LYS B 1196 24.49 -61.79 -62.25
C LYS B 1196 23.14 -62.48 -62.35
N SER B 1197 23.04 -63.53 -63.18
CA SER B 1197 21.75 -64.13 -63.48
C SER B 1197 21.31 -65.09 -62.40
N ARG B 1198 22.21 -65.95 -61.92
CA ARG B 1198 21.92 -66.71 -60.70
C ARG B 1198 21.92 -65.78 -59.51
N LYS B 1199 22.69 -64.70 -59.58
CA LYS B 1199 22.53 -63.60 -58.64
C LYS B 1199 21.15 -62.96 -58.80
N GLN B 1200 20.64 -62.90 -60.03
CA GLN B 1200 19.28 -62.43 -60.22
C GLN B 1200 18.26 -63.53 -59.93
N GLN B 1201 18.61 -64.79 -60.22
CA GLN B 1201 17.70 -65.89 -59.95
C GLN B 1201 17.62 -66.18 -58.45
N GLN B 1202 18.92 -65.72 -57.69
CA GLN B 1202 18.77 -66.10 -56.28
C GLN B 1202 18.21 -65.10 -55.25
N ARG B 1203 16.89 -65.17 -55.04
CA ARG B 1203 16.21 -64.30 -54.10
C ARG B 1203 16.63 -64.49 -52.64
N LEU B 1204 16.80 -65.72 -52.20
CA LEU B 1204 17.20 -65.96 -50.81
C LEU B 1204 18.58 -65.38 -50.51
N LEU B 1205 19.49 -65.56 -51.46
CA LEU B 1205 20.84 -65.04 -51.33
C LEU B 1205 20.79 -63.52 -51.30
N ARG B 1206 19.95 -62.95 -52.16
CA ARG B 1206 19.81 -61.50 -52.19
C ARG B 1206 19.27 -60.97 -50.86
N ASN B 1207 18.31 -61.69 -50.28
CA ASN B 1207 17.72 -61.32 -49.01
C ASN B 1207 18.78 -61.34 -47.93
N MET B 1208 19.63 -62.37 -47.95
CA MET B 1208 20.69 -62.45 -46.96
C MET B 1208 21.63 -61.26 -47.12
N GLY B 1209 21.98 -60.94 -48.36
CA GLY B 1209 22.88 -59.84 -48.65
C GLY B 1209 22.18 -58.51 -48.84
N LYS B 1224 18.85 -64.58 -37.06
CA LYS B 1224 18.39 -65.85 -36.51
C LYS B 1224 19.56 -66.79 -36.28
N ALA B 1225 20.70 -66.21 -35.89
CA ALA B 1225 21.93 -66.96 -35.66
C ALA B 1225 21.76 -67.72 -34.36
N GLU B 1226 21.82 -69.05 -34.44
CA GLU B 1226 21.66 -69.91 -33.28
C GLU B 1226 22.76 -70.96 -33.27
N ASP B 1227 23.24 -71.29 -32.06
CA ASP B 1227 24.31 -72.28 -31.86
C ASP B 1227 23.69 -73.68 -31.75
N THR B 1228 22.93 -74.04 -32.77
CA THR B 1228 22.27 -75.33 -32.74
C THR B 1228 22.18 -75.81 -34.17
N LYS B 1229 21.08 -76.48 -34.50
CA LYS B 1229 20.91 -76.96 -35.85
C LYS B 1229 20.89 -75.77 -36.81
N MET B 1230 20.16 -74.71 -36.44
CA MET B 1230 20.11 -73.54 -37.30
C MET B 1230 21.49 -72.95 -37.47
N GLN B 1231 22.26 -72.86 -36.38
CA GLN B 1231 23.59 -72.29 -36.48
C GLN B 1231 24.50 -73.11 -37.40
N GLU B 1232 24.43 -74.44 -37.27
CA GLU B 1232 25.26 -75.33 -38.09
C GLU B 1232 24.88 -75.19 -39.56
N ILE B 1233 23.59 -75.11 -39.80
CA ILE B 1233 23.08 -74.97 -41.14
C ILE B 1233 23.58 -73.67 -41.74
N MET B 1234 23.54 -72.60 -40.95
CA MET B 1234 24.01 -71.31 -41.41
C MET B 1234 25.48 -71.34 -41.76
N ARG B 1235 26.31 -71.99 -40.94
CA ARG B 1235 27.75 -72.04 -41.25
C ARG B 1235 27.98 -72.78 -42.56
N LEU B 1236 27.25 -73.90 -42.71
CA LEU B 1236 27.37 -74.72 -43.91
C LEU B 1236 26.93 -73.91 -45.12
N ALA B 1237 25.84 -73.17 -44.94
CA ALA B 1237 25.24 -72.34 -45.96
C ALA B 1237 26.23 -71.26 -46.35
N HIS B 1238 26.92 -70.67 -45.40
CA HIS B 1238 27.86 -69.62 -45.71
C HIS B 1238 28.95 -70.22 -46.61
N GLU B 1239 29.46 -71.39 -46.23
CA GLU B 1239 30.51 -71.95 -47.09
C GLU B 1239 30.00 -72.26 -48.51
N PHE B 1240 28.79 -72.85 -48.57
CA PHE B 1240 28.19 -73.22 -49.84
C PHE B 1240 27.92 -72.01 -50.71
N LEU B 1241 27.47 -70.94 -50.06
CA LEU B 1241 27.12 -69.68 -50.68
C LEU B 1241 28.37 -69.06 -51.27
N GLN B 1242 29.47 -69.16 -50.54
CA GLN B 1242 30.73 -68.61 -51.04
C GLN B 1242 31.08 -69.38 -52.30
N ASN B 1243 30.96 -70.70 -52.26
CA ASN B 1243 31.29 -71.48 -53.46
C ASN B 1243 30.38 -71.09 -54.64
N PHE B 1244 29.09 -70.91 -54.36
CA PHE B 1244 28.12 -70.54 -55.39
C PHE B 1244 28.40 -69.17 -56.00
N CYS B 1245 28.77 -68.21 -55.18
CA CYS B 1245 29.04 -66.86 -55.63
C CYS B 1245 30.21 -66.97 -56.58
N ALA B 1246 31.13 -67.84 -56.20
CA ALA B 1246 32.34 -68.10 -56.94
C ALA B 1246 32.34 -67.48 -58.33
N GLY B 1247 31.23 -66.89 -58.76
CA GLY B 1247 31.13 -66.27 -60.06
C GLY B 1247 31.19 -64.76 -60.01
N ASN B 1248 31.99 -64.21 -59.10
CA ASN B 1248 32.20 -62.76 -58.99
C ASN B 1248 33.69 -62.53 -58.76
N GLN B 1249 34.44 -62.36 -59.85
CA GLN B 1249 35.88 -62.09 -59.76
C GLN B 1249 36.07 -60.59 -59.63
N GLN B 1250 35.22 -59.84 -60.30
CA GLN B 1250 35.17 -58.39 -60.14
C GLN B 1250 33.71 -58.17 -59.68
N ASN B 1251 32.81 -58.63 -60.55
CA ASN B 1251 31.37 -58.54 -60.35
C ASN B 1251 30.92 -59.32 -59.14
N GLN B 1252 31.52 -60.49 -58.93
CA GLN B 1252 31.15 -61.31 -57.79
C GLN B 1252 31.47 -60.56 -56.51
N ALA B 1253 32.64 -59.91 -56.46
CA ALA B 1253 33.03 -59.15 -55.29
C ALA B 1253 32.06 -57.99 -55.08
N LEU B 1254 31.68 -57.34 -56.18
CA LEU B 1254 30.75 -56.21 -56.06
C LEU B 1254 29.40 -56.69 -55.51
N LEU B 1255 28.94 -57.85 -55.99
CA LEU B 1255 27.69 -58.42 -55.55
C LEU B 1255 27.75 -58.74 -54.07
N HIS B 1256 28.88 -59.29 -53.64
CA HIS B 1256 29.05 -59.62 -52.23
C HIS B 1256 28.97 -58.36 -51.38
N LYS B 1257 29.60 -57.29 -51.85
CA LYS B 1257 29.57 -56.04 -51.11
C LYS B 1257 28.13 -55.54 -51.00
N HIS B 1258 27.39 -55.62 -52.10
CA HIS B 1258 26.00 -55.18 -52.09
C HIS B 1258 25.17 -56.00 -51.12
N ILE B 1259 25.41 -57.30 -51.09
CA ILE B 1259 24.71 -58.22 -50.22
C ILE B 1259 24.98 -57.94 -48.75
N ASN B 1260 26.21 -57.55 -48.42
CA ASN B 1260 26.62 -57.30 -47.04
C ASN B 1260 26.03 -56.20 -46.13
N LEU B 1261 25.84 -56.58 -44.87
CA LEU B 1261 25.36 -55.81 -43.73
C LEU B 1261 25.86 -56.37 -42.40
N PHE B 1262 26.06 -57.68 -42.33
CA PHE B 1262 26.66 -58.28 -41.15
C PHE B 1262 28.18 -58.30 -41.19
N LEU B 1263 28.79 -57.67 -42.17
CA LEU B 1263 30.23 -57.74 -42.36
C LEU B 1263 30.85 -56.35 -42.49
N ASN B 1264 32.14 -56.35 -42.79
CA ASN B 1264 33.01 -55.19 -42.93
C ASN B 1264 33.03 -54.30 -41.70
N PRO B 1265 33.04 -54.86 -40.50
CA PRO B 1265 33.28 -54.03 -39.32
C PRO B 1265 34.75 -53.89 -38.98
N GLY B 1266 35.53 -54.92 -39.31
CA GLY B 1266 36.90 -55.02 -38.88
C GLY B 1266 37.11 -55.86 -37.63
N ILE B 1267 36.15 -55.86 -36.70
CA ILE B 1267 36.34 -56.56 -35.44
C ILE B 1267 35.65 -57.91 -35.45
N LEU B 1268 34.33 -57.92 -35.62
CA LEU B 1268 33.51 -59.11 -35.40
C LEU B 1268 33.75 -60.24 -36.38
N GLU B 1269 34.28 -59.94 -37.57
CA GLU B 1269 34.55 -60.98 -38.55
C GLU B 1269 35.90 -60.92 -39.26
N ALA B 1270 36.93 -60.42 -38.60
CA ALA B 1270 38.23 -60.25 -39.27
C ALA B 1270 38.97 -61.47 -39.84
N VAL B 1271 39.08 -62.56 -39.11
CA VAL B 1271 39.81 -63.71 -39.63
C VAL B 1271 39.11 -64.25 -40.86
N THR B 1272 37.79 -64.35 -40.77
CA THR B 1272 36.96 -64.84 -41.84
C THR B 1272 37.07 -63.92 -43.04
N MET B 1273 37.07 -62.61 -42.78
CA MET B 1273 37.16 -61.63 -43.85
C MET B 1273 38.49 -61.77 -44.58
N GLN B 1274 39.56 -61.97 -43.82
CA GLN B 1274 40.88 -62.11 -44.43
C GLN B 1274 40.88 -63.36 -45.31
N HIS B 1275 40.30 -64.45 -44.80
CA HIS B 1275 40.26 -65.66 -45.59
C HIS B 1275 39.46 -65.45 -46.89
N ILE B 1276 38.34 -64.75 -46.78
CA ILE B 1276 37.50 -64.53 -47.94
C ILE B 1276 38.23 -63.70 -48.98
N PHE B 1277 38.96 -62.68 -48.55
CA PHE B 1277 39.66 -61.85 -49.52
C PHE B 1277 40.93 -61.16 -49.05
N MET B 1278 41.87 -61.03 -49.97
CA MET B 1278 43.13 -60.35 -49.68
C MET B 1278 44.17 -60.67 -50.74
N ASN B 1279 45.12 -59.73 -50.91
CA ASN B 1279 46.28 -59.91 -51.77
C ASN B 1279 45.90 -60.04 -53.26
N ASN B 1280 45.21 -59.01 -53.76
CA ASN B 1280 44.77 -59.02 -55.15
C ASN B 1280 44.56 -57.58 -55.60
N PHE B 1281 44.02 -57.44 -56.82
CA PHE B 1281 43.62 -56.14 -57.33
C PHE B 1281 42.46 -55.54 -56.55
N GLN B 1282 41.62 -56.38 -55.94
CA GLN B 1282 40.64 -55.88 -54.97
C GLN B 1282 41.29 -55.52 -53.64
N LEU B 1283 42.54 -55.93 -53.42
CA LEU B 1283 43.26 -55.52 -52.22
C LEU B 1283 43.93 -54.17 -52.40
N CYS B 1284 43.89 -53.63 -53.62
CA CYS B 1284 44.51 -52.34 -53.93
C CYS B 1284 43.50 -51.22 -54.11
N SER B 1285 42.23 -51.56 -54.39
CA SER B 1285 41.17 -50.57 -54.54
C SER B 1285 40.07 -50.70 -53.50
N GLU B 1286 39.65 -51.91 -53.16
CA GLU B 1286 38.79 -52.15 -52.00
C GLU B 1286 39.58 -52.41 -50.73
N ILE B 1287 40.76 -51.80 -50.60
CA ILE B 1287 41.73 -52.15 -49.57
C ILE B 1287 41.97 -50.98 -48.62
N ASN B 1288 40.92 -50.20 -48.35
CA ASN B 1288 41.02 -49.07 -47.43
C ASN B 1288 41.34 -49.53 -46.00
N GLU B 1289 41.98 -48.67 -45.22
CA GLU B 1289 42.62 -49.08 -43.98
C GLU B 1289 41.63 -49.13 -42.81
N ARG B 1290 42.20 -49.22 -41.61
CA ARG B 1290 41.52 -49.31 -40.31
C ARG B 1290 41.03 -50.71 -39.96
N VAL B 1291 41.29 -51.71 -40.80
CA VAL B 1291 40.83 -53.07 -40.51
C VAL B 1291 41.60 -53.66 -39.34
N VAL B 1292 42.89 -53.33 -39.24
CA VAL B 1292 43.69 -53.71 -38.09
C VAL B 1292 43.32 -52.92 -36.84
N GLN B 1293 42.75 -51.73 -37.00
CA GLN B 1293 42.13 -51.08 -35.86
C GLN B 1293 40.90 -51.86 -35.40
N HIS B 1294 40.08 -52.30 -36.35
CA HIS B 1294 39.04 -53.27 -36.05
C HIS B 1294 39.63 -54.61 -35.65
N PHE B 1295 40.67 -55.08 -36.34
CA PHE B 1295 41.35 -56.31 -35.95
C PHE B 1295 42.10 -56.16 -34.64
N VAL B 1296 42.34 -54.92 -34.20
CA VAL B 1296 42.84 -54.68 -32.86
C VAL B 1296 41.85 -55.16 -31.81
N HIS B 1297 40.56 -55.09 -32.12
CA HIS B 1297 39.58 -55.82 -31.34
C HIS B 1297 39.27 -57.17 -31.95
N CYS B 1298 39.47 -57.31 -33.27
CA CYS B 1298 39.19 -58.59 -33.91
C CYS B 1298 40.22 -59.63 -33.55
N ILE B 1299 41.49 -59.41 -33.90
CA ILE B 1299 42.48 -60.39 -33.50
C ILE B 1299 42.99 -60.11 -32.09
N GLU B 1300 43.41 -58.87 -31.81
CA GLU B 1300 44.13 -58.60 -30.59
C GLU B 1300 43.20 -58.51 -29.40
N THR B 1301 42.14 -57.72 -29.53
CA THR B 1301 41.18 -57.59 -28.45
C THR B 1301 40.30 -58.82 -28.39
N HIS B 1302 39.56 -58.95 -27.30
CA HIS B 1302 38.66 -60.09 -27.11
C HIS B 1302 37.29 -59.81 -27.69
N GLY B 1303 37.29 -59.43 -28.97
CA GLY B 1303 36.08 -59.42 -29.76
C GLY B 1303 36.27 -60.57 -30.72
N ARG B 1304 37.49 -61.10 -30.70
CA ARG B 1304 37.85 -62.41 -31.22
C ARG B 1304 39.03 -62.94 -30.42
N ASN B 1305 39.60 -64.04 -30.89
CA ASN B 1305 40.69 -64.71 -30.19
C ASN B 1305 42.00 -64.34 -30.88
N VAL B 1306 43.09 -64.98 -30.46
CA VAL B 1306 44.42 -64.64 -30.94
C VAL B 1306 44.76 -65.27 -32.29
N GLN B 1307 43.79 -65.38 -33.19
CA GLN B 1307 43.95 -66.05 -34.48
C GLN B 1307 44.79 -65.22 -35.44
N TYR B 1308 45.30 -65.84 -36.50
CA TYR B 1308 46.38 -65.20 -37.25
C TYR B 1308 46.50 -63.80 -37.83
N ILE B 1309 47.57 -63.21 -37.27
CA ILE B 1309 48.11 -61.91 -37.57
C ILE B 1309 48.71 -61.97 -38.94
N LYS B 1310 49.32 -63.11 -39.27
CA LYS B 1310 49.91 -63.28 -40.59
C LYS B 1310 48.79 -63.20 -41.62
N PHE B 1311 47.65 -63.84 -41.38
CA PHE B 1311 46.52 -63.77 -42.33
C PHE B 1311 46.01 -62.33 -42.45
N LEU B 1312 45.94 -61.66 -41.30
CA LEU B 1312 45.50 -60.27 -41.30
C LEU B 1312 46.44 -59.38 -42.13
N GLN B 1313 47.74 -59.64 -41.97
CA GLN B 1313 48.85 -58.96 -42.66
C GLN B 1313 48.79 -59.23 -44.16
N THR B 1314 48.39 -60.46 -44.49
CA THR B 1314 48.23 -60.93 -45.87
C THR B 1314 47.15 -60.06 -46.48
N ILE B 1315 46.06 -59.81 -45.77
CA ILE B 1315 45.12 -58.86 -46.32
C ILE B 1315 45.73 -57.50 -45.91
N VAL B 1316 46.93 -57.19 -46.40
CA VAL B 1316 47.61 -55.95 -46.04
C VAL B 1316 48.67 -56.25 -44.98
N LYS B 1317 49.88 -56.60 -45.44
CA LYS B 1317 50.96 -56.91 -44.52
C LYS B 1317 51.70 -55.66 -44.07
N ILE B 1323 58.83 -51.28 -51.14
CA ILE B 1323 57.88 -50.22 -50.83
C ILE B 1323 58.01 -49.79 -49.38
N LYS B 1324 57.92 -48.50 -49.04
CA LYS B 1324 57.83 -48.13 -47.59
C LYS B 1324 56.36 -48.10 -46.96
N LYS B 1325 55.39 -48.11 -47.87
CA LYS B 1325 53.96 -48.03 -47.53
C LYS B 1325 53.49 -49.18 -46.66
N CYS B 1326 54.01 -50.36 -46.92
CA CYS B 1326 53.63 -51.53 -46.16
C CYS B 1326 54.00 -51.32 -44.69
N GLN B 1327 55.19 -50.77 -44.43
CA GLN B 1327 55.61 -50.51 -43.06
C GLN B 1327 54.65 -49.52 -42.41
N ASP B 1328 54.27 -48.48 -43.15
CA ASP B 1328 53.31 -47.53 -42.51
C ASP B 1328 51.97 -48.21 -42.12
N MET B 1329 51.49 -49.06 -43.03
CA MET B 1329 50.24 -49.79 -42.81
C MET B 1329 50.36 -50.73 -41.60
N VAL B 1330 51.54 -51.36 -41.49
CA VAL B 1330 51.83 -52.26 -40.40
C VAL B 1330 51.79 -51.49 -39.09
N MET B 1331 52.32 -50.27 -39.05
CA MET B 1331 52.27 -49.50 -37.81
C MET B 1331 50.81 -49.30 -37.41
N ALA B 1332 49.94 -48.92 -38.36
CA ALA B 1332 48.53 -48.74 -37.94
C ALA B 1332 47.84 -50.05 -37.42
N GLU B 1333 48.15 -51.14 -38.12
CA GLU B 1333 47.61 -52.44 -37.77
C GLU B 1333 48.06 -52.86 -36.38
N LEU B 1334 49.33 -52.59 -36.08
CA LEU B 1334 49.97 -52.89 -34.80
C LEU B 1334 49.30 -52.09 -33.70
N VAL B 1335 48.96 -50.83 -34.02
CA VAL B 1335 48.29 -49.97 -33.07
C VAL B 1335 46.98 -50.62 -32.64
N ASN B 1336 46.18 -51.18 -33.54
CA ASN B 1336 44.95 -51.86 -32.99
C ASN B 1336 45.33 -53.05 -32.03
N SER B 1337 46.38 -53.67 -32.52
CA SER B 1337 47.27 -54.80 -32.26
C SER B 1337 48.70 -54.34 -32.00
N GLY B 1338 48.89 -53.69 -30.86
CA GLY B 1338 50.20 -53.23 -30.45
C GLY B 1338 50.54 -53.82 -29.09
N GLU B 1339 51.80 -54.11 -28.85
CA GLU B 1339 52.20 -54.64 -27.56
C GLU B 1339 51.56 -56.00 -27.29
N ASP B 1340 51.66 -56.46 -26.05
CA ASP B 1340 51.08 -57.72 -25.58
C ASP B 1340 51.46 -58.94 -26.39
N VAL B 1341 52.71 -58.99 -26.84
CA VAL B 1341 53.20 -60.09 -27.67
C VAL B 1341 52.39 -60.26 -28.96
N LEU B 1342 51.96 -59.15 -29.59
CA LEU B 1342 51.18 -59.27 -30.81
C LEU B 1342 52.07 -59.93 -31.84
N VAL B 1343 53.30 -59.43 -31.96
CA VAL B 1343 54.29 -60.05 -32.83
C VAL B 1343 54.66 -61.37 -32.15
N PHE B 1344 54.85 -61.25 -30.84
CA PHE B 1344 55.14 -62.35 -29.97
C PHE B 1344 56.09 -61.93 -28.87
N TYR B 1345 56.35 -62.90 -28.01
CA TYR B 1345 57.29 -62.84 -26.89
C TYR B 1345 58.61 -63.45 -27.35
N ASN B 1346 59.54 -62.61 -27.79
CA ASN B 1346 60.85 -63.04 -28.24
C ASN B 1346 61.96 -62.10 -27.80
N ASP B 1347 61.91 -61.63 -26.55
CA ASP B 1347 62.91 -60.69 -26.05
C ASP B 1347 63.92 -61.33 -25.12
N ARG B 1348 63.47 -61.98 -24.06
CA ARG B 1348 64.31 -62.81 -23.21
C ARG B 1348 63.72 -64.19 -23.02
N ALA B 1349 62.48 -64.39 -23.43
CA ALA B 1349 61.69 -65.60 -23.22
C ALA B 1349 61.15 -66.10 -24.55
N SER B 1350 62.03 -66.30 -25.53
CA SER B 1350 61.65 -66.47 -26.92
C SER B 1350 61.18 -67.88 -27.27
N PHE B 1351 60.80 -68.67 -26.26
CA PHE B 1351 60.40 -70.03 -26.57
C PHE B 1351 59.10 -70.51 -25.96
N GLN B 1352 57.99 -69.93 -26.41
CA GLN B 1352 56.68 -70.35 -25.96
C GLN B 1352 56.11 -71.40 -26.91
N THR B 1353 56.82 -72.51 -27.09
CA THR B 1353 56.36 -73.57 -27.98
C THR B 1353 56.98 -74.93 -27.64
N LEU B 1354 56.30 -75.99 -28.05
CA LEU B 1354 56.76 -77.35 -27.81
C LEU B 1354 56.17 -78.32 -28.82
N ILE B 1355 56.83 -79.47 -29.00
CA ILE B 1355 56.37 -80.46 -29.95
C ILE B 1355 56.20 -79.89 -31.36
N GLN B 1356 57.20 -79.12 -31.81
CA GLN B 1356 57.14 -78.48 -33.11
C GLN B 1356 55.91 -77.57 -33.22
N MET B 1357 55.66 -76.79 -32.17
CA MET B 1357 54.51 -75.89 -32.11
C MET B 1357 53.19 -76.65 -32.20
N MET B 1358 53.14 -77.80 -31.56
CA MET B 1358 51.93 -78.63 -31.55
C MET B 1358 51.80 -79.52 -32.78
N ARG B 1359 52.83 -79.55 -33.60
CA ARG B 1359 52.83 -80.35 -34.82
C ARG B 1359 51.66 -79.98 -35.73
N LEU B 1371 49.68 -73.49 -32.86
CA LEU B 1371 49.82 -73.00 -31.50
C LEU B 1371 51.03 -72.09 -31.38
N PHE B 1372 52.10 -72.59 -30.77
CA PHE B 1372 53.34 -71.84 -30.61
C PHE B 1372 53.93 -71.54 -31.98
N MET B 1373 53.88 -72.53 -32.86
CA MET B 1373 54.36 -72.39 -34.22
C MET B 1373 53.52 -71.33 -34.93
N TYR B 1374 52.20 -71.35 -34.70
CA TYR B 1374 51.33 -70.37 -35.29
C TYR B 1374 51.71 -68.97 -34.81
N HIS B 1375 52.01 -68.82 -33.52
CA HIS B 1375 52.40 -67.51 -32.98
C HIS B 1375 53.69 -67.02 -33.62
N ILE B 1376 54.65 -67.93 -33.79
CA ILE B 1376 55.92 -67.58 -34.41
C ILE B 1376 55.70 -67.14 -35.86
N HIS B 1377 54.82 -67.86 -36.54
CA HIS B 1377 54.46 -67.58 -37.91
C HIS B 1377 53.81 -66.22 -38.00
N LEU B 1378 52.95 -65.89 -37.04
CA LEU B 1378 52.27 -64.60 -37.00
C LEU B 1378 53.31 -63.50 -36.86
N VAL B 1379 54.30 -63.71 -36.00
CA VAL B 1379 55.34 -62.69 -35.86
C VAL B 1379 56.08 -62.50 -37.17
N GLU B 1380 56.40 -63.61 -37.84
CA GLU B 1380 57.10 -63.53 -39.12
C GLU B 1380 56.26 -62.80 -40.18
N LEU B 1381 54.96 -63.08 -40.16
CA LEU B 1381 53.99 -62.49 -41.08
C LEU B 1381 53.91 -61.00 -40.86
N LEU B 1382 53.94 -60.61 -39.59
CA LEU B 1382 53.89 -59.20 -39.21
C LEU B 1382 55.13 -58.51 -39.74
N ALA B 1383 56.28 -59.19 -39.63
CA ALA B 1383 57.54 -58.64 -40.15
C ALA B 1383 57.45 -58.48 -41.67
N VAL B 1384 56.83 -59.45 -42.35
CA VAL B 1384 56.65 -59.39 -43.80
C VAL B 1384 55.76 -58.22 -44.19
N CYS B 1385 54.72 -58.00 -43.38
CA CYS B 1385 53.70 -56.95 -43.52
C CYS B 1385 53.89 -55.82 -44.52
N THR B 1386 54.89 -55.02 -44.18
CA THR B 1386 55.49 -53.86 -44.89
C THR B 1386 56.81 -53.57 -44.11
N GLU B 1387 57.82 -52.93 -44.71
CA GLU B 1387 59.03 -52.68 -43.90
C GLU B 1387 60.17 -51.69 -44.22
N GLY B 1388 60.92 -51.32 -43.18
CA GLY B 1388 62.13 -50.50 -43.25
C GLY B 1388 62.44 -49.02 -43.48
N LYS B 1389 61.94 -48.44 -44.59
CA LYS B 1389 62.27 -47.08 -45.06
C LYS B 1389 62.10 -45.64 -44.50
N ASN B 1390 60.89 -45.28 -44.06
CA ASN B 1390 60.62 -43.88 -43.67
C ASN B 1390 60.12 -43.53 -42.29
N VAL B 1391 58.88 -43.05 -42.18
CA VAL B 1391 58.31 -42.73 -40.87
C VAL B 1391 57.57 -43.99 -40.42
N TYR B 1392 56.70 -44.49 -41.31
CA TYR B 1392 55.97 -45.75 -41.10
C TYR B 1392 57.01 -46.87 -41.19
N THR B 1393 57.90 -46.68 -42.17
CA THR B 1393 59.03 -47.55 -42.42
C THR B 1393 59.96 -47.50 -41.21
N GLU B 1394 60.14 -46.30 -40.62
CA GLU B 1394 60.96 -46.15 -39.42
C GLU B 1394 60.36 -46.91 -38.25
N ILE B 1395 59.04 -46.90 -38.13
CA ILE B 1395 58.37 -47.65 -37.06
C ILE B 1395 58.63 -49.15 -37.27
N LYS B 1396 58.55 -49.56 -38.54
CA LYS B 1396 58.82 -50.95 -38.92
C LYS B 1396 60.29 -51.29 -38.60
N CYS B 1397 61.18 -50.34 -38.86
CA CYS B 1397 62.61 -50.42 -38.61
C CYS B 1397 62.87 -50.56 -37.12
N ASN B 1398 62.10 -49.86 -36.31
CA ASN B 1398 62.20 -49.92 -34.85
C ASN B 1398 61.84 -51.33 -34.41
N SER B 1399 60.79 -51.88 -35.03
CA SER B 1399 60.38 -53.26 -34.75
C SER B 1399 61.51 -54.23 -35.18
N LEU B 1400 62.11 -53.92 -36.31
CA LEU B 1400 63.21 -54.67 -36.89
C LEU B 1400 64.42 -54.63 -35.96
N LEU B 1401 64.66 -53.48 -35.33
CA LEU B 1401 65.76 -53.28 -34.39
C LEU B 1401 65.54 -54.18 -33.19
N PRO B 1402 64.27 -54.28 -32.74
CA PRO B 1402 63.92 -55.18 -31.63
C PRO B 1402 64.21 -56.61 -32.05
N LEU B 1403 63.86 -56.95 -33.29
CA LEU B 1403 64.13 -58.26 -33.87
C LEU B 1403 65.63 -58.55 -34.00
N ASP B 1404 66.37 -57.49 -34.31
CA ASP B 1404 67.80 -57.52 -34.55
C ASP B 1404 68.10 -58.42 -35.74
N ASP B 1405 67.32 -58.34 -36.82
CA ASP B 1405 67.62 -59.30 -37.87
C ASP B 1405 68.80 -60.16 -37.42
N ILE B 1406 69.82 -59.55 -36.84
CA ILE B 1406 70.96 -60.31 -36.37
C ILE B 1406 70.50 -61.27 -35.28
N VAL B 1407 69.67 -60.80 -34.36
CA VAL B 1407 69.21 -61.70 -33.31
C VAL B 1407 68.44 -62.89 -33.87
N ARG B 1408 67.58 -62.63 -34.84
CA ARG B 1408 66.76 -63.66 -35.48
C ARG B 1408 67.62 -64.68 -36.18
N VAL B 1409 68.65 -64.21 -36.87
CA VAL B 1409 69.56 -65.09 -37.58
C VAL B 1409 70.27 -65.99 -36.58
N VAL B 1410 70.69 -65.39 -35.47
CA VAL B 1410 71.35 -66.13 -34.41
C VAL B 1410 70.47 -67.19 -33.78
N THR B 1411 69.17 -66.92 -33.64
CA THR B 1411 68.30 -67.87 -32.94
C THR B 1411 67.21 -68.74 -33.58
N HIS B 1412 67.07 -69.93 -32.99
CA HIS B 1412 66.07 -70.95 -33.29
C HIS B 1412 65.95 -72.04 -32.23
N GLU B 1413 66.61 -71.92 -31.08
CA GLU B 1413 66.53 -72.94 -30.05
C GLU B 1413 65.40 -72.70 -29.05
N ASP B 1414 64.54 -71.70 -29.26
CA ASP B 1414 63.47 -71.43 -28.31
C ASP B 1414 62.37 -72.49 -28.39
N CYS B 1415 62.21 -73.11 -29.55
CA CYS B 1415 61.19 -74.13 -29.76
C CYS B 1415 61.58 -74.99 -30.94
N ILE B 1416 60.70 -75.91 -31.32
CA ILE B 1416 60.94 -76.81 -32.45
C ILE B 1416 59.66 -76.92 -33.28
N PRO B 1417 59.56 -76.25 -34.43
CA PRO B 1417 58.33 -76.32 -35.23
C PRO B 1417 58.33 -77.45 -36.24
N GLU B 1418 57.19 -77.64 -36.92
CA GLU B 1418 57.11 -78.70 -37.94
C GLU B 1418 57.51 -78.16 -39.31
N VAL B 1419 56.82 -77.14 -39.78
CA VAL B 1419 57.18 -76.47 -41.03
C VAL B 1419 57.35 -74.98 -40.77
N LYS B 1420 57.63 -74.62 -39.51
CA LYS B 1420 57.70 -73.23 -39.10
C LYS B 1420 59.12 -72.67 -39.08
N ILE B 1421 60.02 -73.18 -39.92
CA ILE B 1421 61.41 -72.75 -39.85
C ILE B 1421 61.62 -71.41 -40.55
N ALA B 1422 60.64 -70.97 -41.34
CA ALA B 1422 60.80 -69.79 -42.16
C ALA B 1422 59.96 -68.61 -41.67
N TYR B 1423 59.91 -68.39 -40.36
CA TYR B 1423 59.13 -67.30 -39.78
C TYR B 1423 59.87 -65.97 -39.83
N ILE B 1424 61.06 -65.94 -40.43
CA ILE B 1424 61.83 -64.71 -40.59
C ILE B 1424 62.29 -64.47 -42.02
N ASN B 1425 61.64 -65.10 -43.01
CA ASN B 1425 62.01 -64.91 -44.40
C ASN B 1425 61.50 -63.61 -45.00
N PHE B 1426 60.86 -62.75 -44.22
CA PHE B 1426 60.38 -61.46 -44.66
C PHE B 1426 61.43 -60.36 -44.56
N LEU B 1427 62.71 -60.70 -44.64
CA LEU B 1427 63.80 -59.75 -44.54
C LEU B 1427 64.21 -59.17 -45.89
N ASN B 1428 63.28 -59.09 -46.83
CA ASN B 1428 63.52 -58.51 -48.14
C ASN B 1428 62.58 -57.35 -48.47
N HIS B 1429 61.97 -56.74 -47.45
CA HIS B 1429 61.06 -55.62 -47.66
C HIS B 1429 61.62 -54.28 -47.19
N CYS B 1430 62.82 -54.28 -46.62
CA CYS B 1430 63.50 -53.03 -46.26
C CYS B 1430 64.50 -52.62 -47.33
N TYR B 1431 64.02 -52.36 -48.54
CA TYR B 1431 64.86 -51.89 -49.62
C TYR B 1431 64.17 -50.78 -50.40
N VAL B 1432 63.31 -50.03 -49.73
CA VAL B 1432 62.54 -48.97 -50.34
C VAL B 1432 62.84 -47.69 -49.57
N ASP B 1433 63.28 -46.65 -50.25
CA ASP B 1433 63.69 -45.51 -49.45
C ASP B 1433 64.70 -46.25 -48.55
N THR B 1434 65.67 -46.89 -49.21
CA THR B 1434 66.70 -47.72 -48.60
C THR B 1434 67.54 -46.93 -47.64
N GLU B 1435 67.84 -45.67 -47.94
CA GLU B 1435 68.60 -44.86 -47.01
C GLU B 1435 67.80 -44.73 -45.71
N VAL B 1436 66.49 -44.48 -45.81
CA VAL B 1436 65.63 -44.37 -44.63
C VAL B 1436 65.61 -45.70 -43.87
N GLU B 1437 65.55 -46.81 -44.60
CA GLU B 1437 65.52 -48.13 -43.98
C GLU B 1437 66.81 -48.39 -43.21
N MET B 1438 67.93 -47.97 -43.80
CA MET B 1438 69.28 -48.09 -43.23
C MET B 1438 69.39 -47.23 -41.98
N LYS B 1439 68.76 -46.06 -42.03
CA LYS B 1439 68.71 -45.13 -40.92
C LYS B 1439 67.97 -45.80 -39.77
N GLU B 1440 66.87 -46.49 -40.08
CA GLU B 1440 66.15 -47.19 -39.04
C GLU B 1440 67.08 -48.27 -38.48
N ILE B 1441 67.74 -49.00 -39.38
CA ILE B 1441 68.71 -50.01 -38.96
C ILE B 1441 68.75 -51.24 -39.86
N TYR B 1442 69.06 -51.19 -41.16
CA TYR B 1442 68.87 -52.52 -41.73
C TYR B 1442 70.06 -53.45 -41.52
N THR B 1443 71.17 -52.96 -40.98
CA THR B 1443 72.39 -53.76 -40.84
C THR B 1443 72.43 -54.61 -39.59
N SER B 1444 71.40 -54.58 -38.74
CA SER B 1444 71.40 -55.29 -37.47
C SER B 1444 71.27 -56.80 -37.65
N ASN B 1445 70.82 -57.25 -38.82
CA ASN B 1445 70.81 -58.67 -39.15
C ASN B 1445 71.41 -58.95 -40.52
N HIS B 1446 72.33 -58.09 -40.96
CA HIS B 1446 72.94 -58.18 -42.28
C HIS B 1446 74.19 -59.06 -42.29
N MET B 1447 74.32 -59.98 -41.35
CA MET B 1447 75.44 -60.92 -41.36
C MET B 1447 74.90 -62.33 -41.60
N TRP B 1448 73.78 -62.66 -40.97
CA TRP B 1448 73.15 -63.95 -41.17
C TRP B 1448 71.99 -63.86 -42.15
N LYS B 1449 71.06 -62.91 -41.89
CA LYS B 1449 69.89 -62.75 -42.75
C LYS B 1449 70.26 -62.20 -44.12
N LEU B 1450 71.31 -61.40 -44.21
CA LEU B 1450 71.80 -60.96 -45.50
C LEU B 1450 72.49 -62.10 -46.24
N PHE B 1451 73.18 -62.97 -45.50
CA PHE B 1451 73.85 -64.11 -46.12
C PHE B 1451 72.87 -65.19 -46.56
N GLU B 1452 71.65 -65.17 -46.02
CA GLU B 1452 70.65 -66.16 -46.41
C GLU B 1452 69.77 -65.68 -47.57
N ASN B 1453 69.72 -64.37 -47.82
CA ASN B 1453 68.84 -63.87 -48.88
C ASN B 1453 69.44 -64.14 -50.26
N PHE B 1454 70.60 -63.57 -50.55
CA PHE B 1454 71.32 -63.85 -51.79
C PHE B 1454 72.49 -64.78 -51.45
N LEU B 1455 72.16 -66.04 -51.22
CA LEU B 1455 73.13 -67.04 -50.78
C LEU B 1455 73.49 -68.05 -51.85
N VAL B 1456 72.54 -68.47 -52.68
CA VAL B 1456 72.77 -69.57 -53.60
C VAL B 1456 73.47 -69.10 -54.87
N ASP B 1457 72.82 -68.19 -55.59
CA ASP B 1457 73.34 -67.72 -56.88
C ASP B 1457 74.52 -66.77 -56.70
N SER B 1473 61.05 -72.77 -49.88
CA SER B 1473 60.96 -71.55 -49.09
C SER B 1473 62.29 -70.81 -49.13
N VAL B 1474 63.36 -71.52 -48.80
CA VAL B 1474 64.71 -70.99 -48.88
C VAL B 1474 65.34 -71.27 -50.23
N LEU B 1475 64.94 -72.38 -50.87
CA LEU B 1475 65.40 -72.67 -52.22
C LEU B 1475 64.79 -71.70 -53.22
N GLU B 1476 63.47 -71.49 -53.14
CA GLU B 1476 62.84 -70.53 -54.03
C GLU B 1476 63.07 -69.10 -53.57
N LYS B 1477 63.47 -68.90 -52.32
CA LYS B 1477 63.57 -67.56 -51.76
C LYS B 1477 64.78 -66.81 -52.27
N TYR B 1478 65.83 -67.52 -52.67
CA TYR B 1478 67.07 -66.86 -53.08
C TYR B 1478 66.95 -66.22 -54.47
N VAL B 1479 66.14 -66.81 -55.36
CA VAL B 1479 66.03 -66.28 -56.72
C VAL B 1479 65.21 -65.00 -56.77
N THR B 1480 64.18 -64.89 -55.94
CA THR B 1480 63.38 -63.66 -55.91
C THR B 1480 64.01 -62.61 -55.01
N GLU B 1481 64.56 -63.01 -53.87
CA GLU B 1481 65.21 -62.06 -52.97
C GLU B 1481 66.54 -61.58 -53.53
N ILE B 1482 67.20 -62.37 -54.39
CA ILE B 1482 68.36 -61.89 -55.10
C ILE B 1482 67.95 -60.86 -56.15
N VAL B 1483 66.75 -61.02 -56.70
CA VAL B 1483 66.22 -60.07 -57.68
C VAL B 1483 65.34 -59.00 -57.06
N MET B 1484 65.03 -59.10 -55.77
CA MET B 1484 64.18 -58.12 -55.10
C MET B 1484 64.91 -57.36 -54.00
N SER B 1485 65.60 -58.07 -53.10
CA SER B 1485 66.31 -57.44 -51.99
C SER B 1485 67.63 -56.91 -52.54
N ILE B 1486 67.86 -55.62 -52.35
CA ILE B 1486 69.05 -54.95 -52.89
C ILE B 1486 70.23 -55.32 -51.99
N VAL B 1487 70.99 -56.32 -52.42
CA VAL B 1487 72.18 -56.78 -51.72
C VAL B 1487 73.29 -57.01 -52.75
N THR B 1488 74.47 -57.38 -52.27
CA THR B 1488 75.61 -57.61 -53.12
C THR B 1488 75.58 -59.04 -53.67
N THR B 1489 76.59 -59.39 -54.46
CA THR B 1489 76.68 -60.74 -55.01
C THR B 1489 77.17 -61.69 -53.93
N PHE B 1490 76.38 -62.72 -53.66
CA PHE B 1490 76.73 -63.72 -52.66
C PHE B 1490 76.28 -65.11 -53.08
N LEU B 1502 87.29 -70.47 -55.54
CA LEU B 1502 87.55 -69.34 -54.65
C LEU B 1502 86.88 -69.54 -53.30
N GLN B 1503 87.33 -68.78 -52.31
CA GLN B 1503 86.79 -68.84 -50.95
C GLN B 1503 85.50 -68.05 -50.80
N THR B 1504 84.99 -67.42 -51.86
CA THR B 1504 83.73 -66.71 -51.80
C THR B 1504 82.59 -67.47 -52.46
N ARG B 1505 82.80 -68.68 -53.03
CA ARG B 1505 81.75 -69.43 -53.84
C ARG B 1505 80.60 -70.42 -53.38
N GLN B 1506 80.37 -70.52 -52.08
CA GLN B 1506 79.37 -71.43 -51.54
C GLN B 1506 77.94 -71.21 -52.05
N PRO B 1507 77.55 -69.94 -52.27
CA PRO B 1507 76.19 -69.73 -52.77
C PRO B 1507 75.99 -70.39 -54.13
N VAL B 1508 76.98 -70.29 -55.01
CA VAL B 1508 76.90 -70.91 -56.34
C VAL B 1508 76.80 -72.42 -56.17
N PHE B 1509 77.59 -72.98 -55.25
CA PHE B 1509 77.48 -74.44 -55.06
C PHE B 1509 76.06 -74.86 -54.62
N VAL B 1510 75.49 -74.07 -53.71
CA VAL B 1510 74.14 -74.33 -53.19
C VAL B 1510 73.11 -74.26 -54.31
N GLN B 1511 73.28 -73.29 -55.21
CA GLN B 1511 72.36 -73.13 -56.33
C GLN B 1511 72.42 -74.38 -57.22
N LEU B 1512 73.63 -74.89 -57.45
CA LEU B 1512 73.73 -76.11 -58.27
C LEU B 1512 72.97 -77.26 -57.61
N LEU B 1513 73.11 -77.41 -56.28
CA LEU B 1513 72.38 -78.50 -55.59
C LEU B 1513 70.84 -78.37 -55.70
N GLN B 1514 70.39 -77.11 -55.60
CA GLN B 1514 68.96 -76.81 -55.69
C GLN B 1514 68.46 -77.21 -57.07
N GLY B 1515 69.24 -76.90 -58.11
CA GLY B 1515 68.90 -77.26 -59.48
C GLY B 1515 68.82 -78.77 -59.63
N VAL B 1516 69.75 -79.48 -58.99
CA VAL B 1516 69.77 -80.93 -58.95
C VAL B 1516 68.56 -81.66 -58.33
N PHE B 1517 67.93 -81.14 -57.27
CA PHE B 1517 66.78 -81.94 -56.69
C PHE B 1517 65.51 -82.30 -57.56
N ARG B 1518 64.88 -83.49 -57.38
CA ARG B 1518 63.74 -83.88 -58.20
C ARG B 1518 62.65 -84.55 -57.37
N VAL B 1519 62.67 -84.31 -56.05
CA VAL B 1519 61.62 -84.86 -55.20
C VAL B 1519 60.42 -83.94 -55.10
N TYR B 1520 60.56 -82.66 -55.45
CA TYR B 1520 59.46 -81.73 -55.40
C TYR B 1520 58.62 -81.83 -56.67
N HIS B 1521 57.70 -80.87 -56.85
CA HIS B 1521 56.82 -80.84 -58.01
C HIS B 1521 57.44 -79.98 -59.11
N CYS B 1522 58.66 -80.36 -59.50
CA CYS B 1522 59.45 -79.63 -60.49
C CYS B 1522 59.82 -78.24 -59.97
N ASN B 1523 60.54 -78.24 -58.84
CA ASN B 1523 60.88 -77.01 -58.14
C ASN B 1523 61.99 -76.20 -58.82
N TRP B 1524 63.14 -76.81 -59.09
CA TRP B 1524 64.25 -76.12 -59.74
C TRP B 1524 64.66 -76.93 -60.97
N LEU B 1525 63.97 -76.64 -62.11
CA LEU B 1525 64.26 -77.43 -63.30
C LEU B 1525 65.57 -76.91 -63.88
N MET B 1526 65.68 -76.98 -65.21
CA MET B 1526 66.88 -76.51 -65.88
C MET B 1526 67.04 -75.01 -65.67
N PRO B 1527 65.93 -74.27 -65.74
CA PRO B 1527 65.98 -72.82 -65.52
C PRO B 1527 66.44 -72.53 -64.10
N SER B 1528 65.95 -73.30 -63.13
CA SER B 1528 66.34 -73.12 -61.75
C SER B 1528 67.83 -73.37 -61.58
N GLN B 1529 68.33 -74.41 -62.25
CA GLN B 1529 69.74 -74.74 -62.18
C GLN B 1529 70.57 -73.60 -62.76
N LYS B 1530 70.10 -73.03 -63.88
CA LYS B 1530 70.78 -71.92 -64.54
C LYS B 1530 70.82 -70.71 -63.61
N ALA B 1531 69.71 -70.47 -62.92
CA ALA B 1531 69.61 -69.35 -61.98
C ALA B 1531 70.62 -69.55 -60.85
N SER B 1532 70.72 -70.79 -60.36
CA SER B 1532 71.66 -71.11 -59.29
C SER B 1532 73.10 -70.86 -59.76
N VAL B 1533 73.38 -71.25 -61.00
CA VAL B 1533 74.70 -71.05 -61.57
C VAL B 1533 75.02 -69.56 -61.65
N GLU B 1534 74.02 -68.78 -62.06
CA GLU B 1534 74.18 -67.34 -62.16
C GLU B 1534 74.46 -66.74 -60.79
N SER B 1535 73.75 -67.23 -59.78
CA SER B 1535 73.94 -66.75 -58.41
C SER B 1535 75.35 -67.06 -57.95
N CYS B 1536 75.83 -68.25 -58.28
CA CYS B 1536 77.19 -68.66 -57.90
C CYS B 1536 78.20 -67.75 -58.59
N ILE B 1537 77.96 -67.43 -59.85
CA ILE B 1537 78.83 -66.56 -60.62
C ILE B 1537 78.87 -65.16 -60.02
N ARG B 1538 77.72 -64.68 -59.56
CA ARG B 1538 77.62 -63.36 -58.97
C ARG B 1538 78.65 -63.16 -57.85
N ARG B 1598 25.48 -64.79 -89.37
CA ARG B 1598 25.15 -63.36 -89.24
C ARG B 1598 23.88 -63.19 -88.41
N ASN B 1599 24.08 -62.79 -87.17
CA ASN B 1599 23.02 -62.46 -86.21
C ASN B 1599 22.82 -60.92 -86.19
N ILE B 1600 23.41 -60.26 -87.18
CA ILE B 1600 23.39 -58.82 -87.34
C ILE B 1600 21.98 -58.28 -87.45
N ILE B 1601 21.09 -59.00 -88.13
CA ILE B 1601 19.72 -58.52 -88.24
C ILE B 1601 19.10 -58.45 -86.84
N GLU B 1602 19.34 -59.48 -86.02
CA GLU B 1602 18.81 -59.49 -84.67
C GLU B 1602 19.41 -58.34 -83.87
N ARG B 1603 20.72 -58.11 -84.05
CA ARG B 1603 21.40 -57.03 -83.34
C ARG B 1603 20.80 -55.66 -83.72
N LEU B 1604 20.51 -55.50 -85.00
CA LEU B 1604 19.93 -54.28 -85.56
C LEU B 1604 18.55 -54.06 -84.97
N GLN B 1605 17.80 -55.14 -84.82
CA GLN B 1605 16.46 -55.08 -84.22
C GLN B 1605 16.58 -54.62 -82.78
N ASP B 1606 17.58 -55.14 -82.08
CA ASP B 1606 17.82 -54.74 -80.70
C ASP B 1606 18.12 -53.24 -80.66
N ILE B 1607 18.95 -52.75 -81.59
CA ILE B 1607 19.28 -51.34 -81.66
C ILE B 1607 18.06 -50.46 -81.92
N VAL B 1608 17.17 -50.90 -82.81
CA VAL B 1608 15.96 -50.15 -83.11
C VAL B 1608 15.08 -50.07 -81.86
N SER B 1609 15.01 -51.19 -81.14
CA SER B 1609 14.24 -51.28 -79.91
C SER B 1609 14.84 -50.32 -78.87
N ALA B 1610 16.16 -50.26 -78.82
CA ALA B 1610 16.86 -49.39 -77.90
C ALA B 1610 16.53 -47.93 -78.23
N LEU B 1611 16.47 -47.59 -79.51
CA LEU B 1611 16.14 -46.21 -79.90
C LEU B 1611 14.72 -45.87 -79.43
N GLU B 1612 13.82 -46.83 -79.63
CA GLU B 1612 12.44 -46.63 -79.21
C GLU B 1612 12.38 -46.43 -77.68
N ASP B 1613 13.15 -47.22 -76.95
CA ASP B 1613 13.24 -47.17 -75.50
C ASP B 1613 13.79 -45.83 -75.02
N ARG B 1614 14.77 -45.32 -75.76
CA ARG B 1614 15.37 -44.05 -75.44
C ARG B 1614 14.31 -42.98 -75.56
N LEU B 1615 13.50 -43.04 -76.63
CA LEU B 1615 12.44 -42.06 -76.72
C LEU B 1615 11.49 -42.23 -75.54
N ARG B 1616 11.14 -43.48 -75.22
CA ARG B 1616 10.22 -43.78 -74.13
C ARG B 1616 10.70 -43.13 -72.85
N PRO B 1617 12.02 -43.20 -72.60
CA PRO B 1617 12.63 -42.61 -71.42
C PRO B 1617 12.43 -41.11 -71.48
N LEU B 1618 12.62 -40.54 -72.65
CA LEU B 1618 12.42 -39.13 -72.81
C LEU B 1618 10.98 -38.69 -72.53
N VAL B 1619 9.97 -39.44 -72.96
CA VAL B 1619 8.62 -38.91 -72.74
C VAL B 1619 7.58 -39.47 -71.78
N GLN B 1620 7.21 -40.69 -72.15
CA GLN B 1620 6.22 -41.46 -71.47
C GLN B 1620 6.23 -41.01 -70.04
N ALA B 1621 7.30 -40.37 -69.55
CA ALA B 1621 7.18 -39.81 -68.23
C ALA B 1621 6.19 -38.67 -68.49
N GLU B 1622 6.50 -37.84 -69.49
CA GLU B 1622 5.63 -36.75 -69.82
C GLU B 1622 4.29 -37.24 -70.33
N LEU B 1623 4.28 -38.25 -71.18
CA LEU B 1623 3.03 -38.75 -71.74
C LEU B 1623 2.15 -39.35 -70.66
N SER B 1624 2.79 -40.07 -69.77
CA SER B 1624 2.10 -40.72 -68.68
C SER B 1624 1.50 -39.68 -67.79
N VAL B 1625 2.28 -38.64 -67.53
CA VAL B 1625 1.88 -37.54 -66.71
C VAL B 1625 0.71 -36.87 -67.38
N LEU B 1626 0.76 -36.68 -68.68
CA LEU B 1626 -0.34 -36.05 -69.36
C LEU B 1626 -1.59 -36.88 -69.19
N VAL B 1627 -1.50 -38.20 -69.34
CA VAL B 1627 -2.70 -39.00 -69.19
C VAL B 1627 -3.25 -38.87 -67.79
N ASP B 1628 -2.36 -38.94 -66.81
CA ASP B 1628 -2.75 -38.84 -65.42
C ASP B 1628 -3.33 -37.50 -65.09
N VAL B 1629 -2.72 -36.47 -65.67
CA VAL B 1629 -3.07 -35.07 -65.50
C VAL B 1629 -4.45 -34.83 -66.05
N LEU B 1630 -4.72 -35.47 -67.17
CA LEU B 1630 -6.01 -35.43 -67.82
C LEU B 1630 -6.99 -36.06 -66.87
N HIS B 1631 -6.63 -37.18 -66.28
CA HIS B 1631 -7.50 -37.80 -65.32
C HIS B 1631 -7.75 -36.86 -64.13
N ARG B 1632 -6.74 -36.15 -63.66
CA ARG B 1632 -6.97 -35.28 -62.52
C ARG B 1632 -7.96 -34.20 -62.87
N PRO B 1633 -7.80 -33.62 -64.05
CA PRO B 1633 -8.60 -32.55 -64.62
C PRO B 1633 -10.00 -33.08 -64.82
N GLU B 1634 -10.11 -34.30 -65.29
CA GLU B 1634 -11.38 -34.96 -65.55
C GLU B 1634 -12.13 -35.14 -64.26
N LEU B 1635 -11.40 -35.52 -63.21
CA LEU B 1635 -11.99 -35.70 -61.90
C LEU B 1635 -12.51 -34.36 -61.45
N LEU B 1636 -11.69 -33.33 -61.61
CA LEU B 1636 -12.12 -32.00 -61.30
C LEU B 1636 -13.18 -31.82 -62.36
N PHE B 1637 -12.85 -32.33 -63.55
CA PHE B 1637 -13.73 -32.19 -64.70
C PHE B 1637 -15.01 -32.97 -64.44
N PRO B 1638 -16.02 -32.74 -65.30
CA PRO B 1638 -17.23 -33.54 -65.21
C PRO B 1638 -16.80 -34.78 -65.98
N GLU B 1639 -15.87 -35.48 -65.35
CA GLU B 1639 -15.33 -36.72 -65.86
C GLU B 1639 -14.64 -36.65 -67.21
N ASN B 1640 -13.99 -35.53 -67.52
CA ASN B 1640 -13.25 -35.40 -68.79
C ASN B 1640 -14.08 -35.76 -70.01
N THR B 1641 -15.30 -35.25 -70.06
CA THR B 1641 -16.20 -35.62 -71.14
C THR B 1641 -17.02 -36.84 -70.71
N ASP B 1642 -16.92 -37.23 -69.44
CA ASP B 1642 -17.69 -38.35 -68.95
C ASP B 1642 -18.75 -37.85 -67.96
N ALA B 1643 -18.33 -37.62 -66.71
CA ALA B 1643 -19.22 -37.14 -65.65
C ALA B 1643 -20.43 -38.03 -65.46
N ARG B 1644 -20.23 -39.34 -65.50
CA ARG B 1644 -21.31 -40.31 -65.37
C ARG B 1644 -22.43 -40.05 -66.37
N ARG B 1645 -22.08 -39.74 -67.63
CA ARG B 1645 -23.08 -39.40 -68.65
C ARG B 1645 -23.96 -38.23 -68.18
N LYS B 1646 -23.35 -37.20 -67.57
CA LYS B 1646 -24.09 -36.08 -67.04
C LYS B 1646 -25.09 -36.66 -66.05
N CYS B 1647 -26.33 -36.24 -66.15
CA CYS B 1647 -27.40 -36.76 -65.31
C CYS B 1647 -27.29 -36.41 -63.84
N GLU B 1648 -28.01 -37.16 -63.02
CA GLU B 1648 -27.99 -36.96 -61.58
C GLU B 1648 -26.59 -37.25 -61.08
N SER B 1649 -26.00 -38.35 -61.58
CA SER B 1649 -24.65 -38.72 -61.23
C SER B 1649 -23.66 -38.03 -62.16
N GLY B 1650 -23.54 -36.73 -62.00
CA GLY B 1650 -22.65 -35.92 -62.79
C GLY B 1650 -21.89 -35.16 -61.74
N GLY B 1651 -21.06 -35.90 -61.04
CA GLY B 1651 -19.73 -36.22 -61.50
C GLY B 1651 -18.69 -35.20 -61.08
N PHE B 1652 -19.01 -34.27 -60.20
CA PHE B 1652 -17.97 -33.37 -59.80
C PHE B 1652 -17.40 -33.48 -58.41
N ILE B 1653 -16.15 -33.95 -58.36
CA ILE B 1653 -15.32 -33.95 -57.07
C ILE B 1653 -14.92 -35.40 -56.50
N CYS B 1654 -15.26 -36.38 -57.32
CA CYS B 1654 -15.10 -37.80 -56.99
C CYS B 1654 -13.68 -38.29 -56.72
N LYS B 1655 -12.72 -37.78 -57.47
CA LYS B 1655 -11.36 -38.22 -57.28
C LYS B 1655 -10.90 -37.90 -55.86
N LEU B 1656 -11.21 -36.70 -55.39
CA LEU B 1656 -10.82 -36.32 -54.05
C LEU B 1656 -11.47 -37.23 -53.03
N ILE B 1657 -12.76 -37.52 -53.23
CA ILE B 1657 -13.38 -38.43 -52.24
C ILE B 1657 -12.69 -39.81 -52.19
N LYS B 1658 -12.39 -40.32 -53.37
CA LYS B 1658 -11.74 -41.62 -53.50
C LYS B 1658 -10.36 -41.62 -52.85
N HIS B 1659 -9.63 -40.52 -53.04
CA HIS B 1659 -8.29 -40.41 -52.49
C HIS B 1659 -8.34 -40.50 -50.97
N THR B 1660 -9.32 -39.82 -50.36
CA THR B 1660 -9.42 -39.88 -48.90
C THR B 1660 -9.64 -41.33 -48.46
N LYS B 1661 -10.55 -42.01 -49.16
CA LYS B 1661 -10.77 -43.41 -48.78
C LYS B 1661 -9.51 -44.29 -48.89
N GLN B 1662 -8.72 -44.13 -49.96
CA GLN B 1662 -7.52 -44.96 -50.14
C GLN B 1662 -6.47 -44.72 -49.05
N LEU B 1663 -6.36 -43.45 -48.67
CA LEU B 1663 -5.42 -43.08 -47.64
C LEU B 1663 -5.82 -43.80 -46.37
N LEU B 1664 -7.11 -43.74 -46.04
CA LEU B 1664 -7.61 -44.43 -44.84
C LEU B 1664 -7.34 -45.94 -44.92
N GLU B 1665 -7.52 -46.52 -46.09
CA GLU B 1665 -7.27 -47.93 -46.32
C GLU B 1665 -5.87 -48.48 -46.07
N GLU B 1666 -4.77 -47.79 -46.42
CA GLU B 1666 -3.46 -48.49 -46.14
C GLU B 1666 -3.25 -49.75 -47.05
N ASN B 1667 -2.86 -51.01 -46.66
CA ASN B 1667 -2.83 -51.81 -47.86
C ASN B 1667 -1.44 -52.37 -48.01
N GLU B 1668 -1.24 -53.14 -49.07
CA GLU B 1668 0.07 -53.13 -49.69
C GLU B 1668 0.24 -51.70 -50.19
N GLU B 1669 1.21 -51.02 -49.61
CA GLU B 1669 1.45 -49.62 -49.85
C GLU B 1669 1.84 -49.19 -51.25
N LYS B 1670 2.22 -50.11 -52.12
CA LYS B 1670 2.68 -49.72 -53.47
C LYS B 1670 1.64 -48.91 -54.23
N LEU B 1671 0.37 -49.30 -54.12
CA LEU B 1671 -0.69 -48.55 -54.78
C LEU B 1671 -0.74 -47.15 -54.17
N CYS B 1672 -0.61 -47.05 -52.86
CA CYS B 1672 -0.64 -45.75 -52.21
C CYS B 1672 0.51 -44.89 -52.71
N ILE B 1673 1.70 -45.46 -52.89
CA ILE B 1673 2.85 -44.68 -53.36
C ILE B 1673 2.59 -44.14 -54.76
N LYS B 1674 2.01 -44.98 -55.60
CA LYS B 1674 1.71 -44.52 -56.96
C LYS B 1674 0.72 -43.35 -56.91
N VAL B 1675 -0.29 -43.48 -56.05
CA VAL B 1675 -1.31 -42.46 -55.82
C VAL B 1675 -0.74 -41.15 -55.28
N LEU B 1676 0.26 -41.26 -54.40
CA LEU B 1676 0.93 -40.09 -53.83
C LEU B 1676 1.62 -39.36 -54.95
N GLN B 1677 2.27 -40.14 -55.84
CA GLN B 1677 2.91 -39.57 -56.99
C GLN B 1677 1.84 -38.87 -57.85
N THR B 1678 0.69 -39.50 -58.02
CA THR B 1678 -0.40 -38.92 -58.78
C THR B 1678 -0.89 -37.60 -58.17
N LEU B 1679 -1.00 -37.52 -56.84
CA LEU B 1679 -1.45 -36.29 -56.21
C LEU B 1679 -0.45 -35.18 -56.51
N ARG B 1680 0.84 -35.52 -56.42
CA ARG B 1680 1.88 -34.54 -56.72
C ARG B 1680 1.79 -34.08 -58.18
N GLU B 1681 1.53 -35.03 -59.07
CA GLU B 1681 1.41 -34.73 -60.48
C GLU B 1681 0.24 -33.78 -60.72
N MET B 1682 -0.87 -33.99 -60.03
CA MET B 1682 -2.03 -33.12 -60.19
C MET B 1682 -1.61 -31.72 -59.76
N MET B 1683 -0.92 -31.60 -58.63
CA MET B 1683 -0.39 -30.29 -58.28
C MET B 1683 0.70 -29.96 -59.32
N THR B 1684 1.42 -31.00 -59.68
CA THR B 1684 2.58 -31.00 -60.58
C THR B 1684 2.16 -30.38 -61.90
N LYS B 1685 2.39 -29.07 -62.04
CA LYS B 1685 1.65 -28.30 -63.03
C LYS B 1685 2.48 -27.28 -63.78
N ASP B 1686 1.82 -26.33 -64.43
CA ASP B 1686 2.42 -25.31 -65.29
C ASP B 1686 2.70 -25.77 -66.72
N ARG B 1687 2.04 -26.81 -67.21
CA ARG B 1687 2.22 -27.21 -68.60
C ARG B 1687 1.07 -28.11 -69.03
N GLY B 1688 0.93 -28.26 -70.35
CA GLY B 1688 -0.05 -29.16 -70.91
C GLY B 1688 -1.40 -28.55 -71.22
N TYR B 1689 -1.70 -27.37 -70.71
CA TYR B 1689 -2.99 -26.73 -70.90
C TYR B 1689 -2.90 -25.78 -72.08
N GLY B 1690 -3.79 -25.97 -73.04
CA GLY B 1690 -3.78 -25.19 -74.26
C GLY B 1690 -4.42 -25.93 -75.43
N SER B 1786 -13.58 -25.74 -69.92
CA SER B 1786 -12.73 -26.10 -68.79
C SER B 1786 -11.41 -25.33 -68.84
N ARG B 1787 -11.50 -24.03 -69.08
CA ARG B 1787 -10.33 -23.16 -69.17
C ARG B 1787 -10.00 -22.67 -67.77
N GLY B 1788 -9.65 -23.60 -66.89
CA GLY B 1788 -9.26 -23.27 -65.54
C GLY B 1788 -7.91 -22.61 -65.54
N GLU B 1789 -7.77 -21.52 -64.78
CA GLU B 1789 -6.50 -20.85 -64.66
C GLU B 1789 -5.51 -21.74 -63.91
N MET B 1790 -4.36 -21.97 -64.55
CA MET B 1790 -3.38 -22.95 -64.07
C MET B 1790 -2.55 -22.35 -62.95
N SER B 1791 -3.25 -21.99 -61.87
CA SER B 1791 -2.64 -21.45 -60.68
C SER B 1791 -3.30 -22.15 -59.51
N LEU B 1792 -2.50 -22.45 -58.50
CA LEU B 1792 -2.98 -23.21 -57.35
C LEU B 1792 -4.02 -22.43 -56.55
N ALA B 1793 -4.02 -21.10 -56.70
CA ALA B 1793 -5.11 -20.29 -56.15
C ALA B 1793 -6.45 -20.72 -56.74
N GLU B 1794 -6.48 -20.98 -58.04
CA GLU B 1794 -7.60 -21.76 -58.55
C GLU B 1794 -7.39 -23.24 -58.27
N VAL B 1795 -6.20 -23.77 -58.58
CA VAL B 1795 -6.00 -25.21 -58.64
C VAL B 1795 -6.03 -25.88 -57.28
N GLN B 1796 -5.04 -25.63 -56.43
CA GLN B 1796 -5.12 -26.13 -55.06
C GLN B 1796 -6.19 -25.39 -54.29
N CYS B 1797 -6.64 -24.23 -54.77
CA CYS B 1797 -7.89 -23.68 -54.29
C CYS B 1797 -9.05 -24.62 -54.54
N HIS B 1798 -9.19 -25.11 -55.77
CA HIS B 1798 -10.15 -26.18 -56.01
C HIS B 1798 -9.65 -27.50 -55.45
N LEU B 1799 -8.33 -27.63 -55.30
CA LEU B 1799 -7.80 -28.78 -54.57
C LEU B 1799 -8.12 -28.68 -53.11
N ASP B 1800 -8.30 -27.46 -52.61
CA ASP B 1800 -8.83 -27.19 -51.27
C ASP B 1800 -10.34 -27.09 -51.29
N LYS B 1801 -10.88 -26.71 -52.45
CA LYS B 1801 -12.26 -27.04 -52.75
C LYS B 1801 -12.45 -28.55 -52.69
N GLU B 1802 -11.44 -29.29 -53.16
CA GLU B 1802 -11.33 -30.69 -52.77
C GLU B 1802 -10.97 -30.83 -51.30
N GLY B 1803 -9.80 -30.36 -50.89
CA GLY B 1803 -9.46 -30.37 -49.47
C GLY B 1803 -9.03 -31.72 -48.97
N ALA B 1804 -8.19 -32.43 -49.73
CA ALA B 1804 -7.79 -33.78 -49.34
C ALA B 1804 -6.64 -33.82 -48.35
N SER B 1805 -6.33 -32.71 -47.67
CA SER B 1805 -5.06 -32.61 -46.96
C SER B 1805 -5.13 -33.17 -45.55
N ASN B 1806 -6.31 -33.55 -45.08
CA ASN B 1806 -6.40 -34.24 -43.80
C ASN B 1806 -5.63 -35.55 -43.84
N LEU B 1807 -5.68 -36.22 -44.99
CA LEU B 1807 -4.89 -37.42 -45.17
C LEU B 1807 -3.41 -37.12 -45.18
N VAL B 1808 -3.01 -35.94 -45.64
CA VAL B 1808 -1.61 -35.54 -45.52
C VAL B 1808 -1.29 -35.21 -44.08
N ILE B 1809 -2.25 -34.63 -43.37
CA ILE B 1809 -2.10 -34.48 -41.93
C ILE B 1809 -2.14 -35.85 -41.29
N ASP B 1810 -2.93 -36.76 -41.84
CA ASP B 1810 -2.86 -38.15 -41.43
C ASP B 1810 -1.55 -38.78 -41.89
N LEU B 1811 -1.06 -38.40 -43.07
CA LEU B 1811 0.27 -38.81 -43.46
C LEU B 1811 1.31 -38.14 -42.58
N ILE B 1812 1.02 -36.93 -42.12
CA ILE B 1812 1.79 -36.36 -41.02
C ILE B 1812 1.49 -37.06 -39.71
N MET B 1813 0.28 -37.58 -39.53
CA MET B 1813 -0.04 -38.26 -38.28
C MET B 1813 0.45 -39.70 -38.30
N ASN B 1814 -0.12 -40.52 -39.18
CA ASN B 1814 0.36 -41.87 -39.35
C ASN B 1814 1.45 -41.90 -40.42
N ALA B 1815 2.57 -42.51 -40.09
CA ALA B 1815 3.68 -42.69 -41.02
C ALA B 1815 4.07 -44.16 -40.98
N SER B 1816 3.37 -44.97 -41.77
CA SER B 1816 3.67 -46.39 -41.83
C SER B 1816 4.96 -46.68 -42.55
N SER B 1817 5.15 -46.13 -43.74
CA SER B 1817 6.32 -46.43 -44.54
C SER B 1817 7.20 -45.20 -44.56
N ASP B 1818 8.51 -45.44 -44.67
CA ASP B 1818 9.45 -44.34 -44.88
C ASP B 1818 9.21 -43.71 -46.24
N ARG B 1819 8.95 -44.55 -47.23
CA ARG B 1819 8.46 -44.05 -48.50
C ARG B 1819 7.09 -43.43 -48.35
N VAL B 1820 6.27 -43.96 -47.46
CA VAL B 1820 5.04 -43.28 -47.12
C VAL B 1820 5.34 -42.01 -46.35
N PHE B 1821 6.42 -42.03 -45.57
CA PHE B 1821 6.82 -40.81 -44.89
C PHE B 1821 7.44 -39.83 -45.87
N HIS B 1822 8.42 -40.28 -46.65
CA HIS B 1822 9.23 -39.38 -47.49
C HIS B 1822 8.45 -38.84 -48.68
N GLU B 1823 7.26 -39.39 -48.94
CA GLU B 1823 6.37 -38.83 -49.93
C GLU B 1823 5.08 -38.27 -49.33
N SER B 1824 4.73 -38.65 -48.10
CA SER B 1824 3.55 -38.09 -47.46
C SER B 1824 3.72 -36.60 -47.21
N ILE B 1825 4.96 -36.14 -47.03
CA ILE B 1825 5.20 -34.71 -47.01
C ILE B 1825 5.92 -34.25 -48.27
N LEU B 1826 6.49 -35.19 -49.04
CA LEU B 1826 7.29 -34.86 -50.22
C LEU B 1826 6.46 -34.15 -51.28
N LEU B 1827 5.16 -34.39 -51.31
CA LEU B 1827 4.27 -33.56 -52.11
C LEU B 1827 3.54 -32.56 -51.22
N ALA B 1828 3.71 -32.68 -49.90
CA ALA B 1828 2.86 -31.98 -48.95
C ALA B 1828 3.06 -30.48 -48.96
N ILE B 1829 4.10 -29.99 -49.66
CA ILE B 1829 4.29 -28.56 -49.84
C ILE B 1829 3.18 -27.96 -50.70
N ALA B 1830 2.45 -28.80 -51.44
CA ALA B 1830 1.24 -28.34 -52.08
C ALA B 1830 0.17 -27.98 -51.07
N LEU B 1831 0.23 -28.55 -49.86
CA LEU B 1831 -0.71 -28.17 -48.81
C LEU B 1831 -0.52 -26.71 -48.42
N LEU B 1832 0.71 -26.23 -48.53
CA LEU B 1832 0.99 -24.82 -48.64
C LEU B 1832 1.09 -24.38 -50.09
N GLU B 1833 0.00 -24.47 -50.85
CA GLU B 1833 0.07 -24.16 -52.26
C GLU B 1833 0.19 -22.64 -52.41
N GLY B 1834 1.40 -22.14 -52.24
CA GLY B 1834 1.73 -20.73 -52.46
C GLY B 1834 1.14 -19.84 -51.42
N GLY B 1835 -0.18 -19.66 -51.46
CA GLY B 1835 -0.88 -19.06 -50.36
C GLY B 1835 -1.13 -20.13 -49.32
N ASN B 1836 -1.95 -21.12 -49.68
CA ASN B 1836 -2.34 -22.20 -48.79
C ASN B 1836 -3.07 -21.63 -47.59
N THR B 1837 -3.73 -20.49 -47.77
CA THR B 1837 -4.15 -19.69 -46.65
C THR B 1837 -5.27 -20.36 -45.90
N THR B 1838 -6.26 -20.87 -46.62
CA THR B 1838 -7.26 -21.72 -45.99
C THR B 1838 -6.62 -23.02 -45.54
N ILE B 1839 -5.72 -23.57 -46.35
CA ILE B 1839 -5.00 -24.79 -45.98
C ILE B 1839 -4.16 -24.55 -44.74
N GLN B 1840 -3.70 -23.32 -44.56
CA GLN B 1840 -3.36 -22.89 -43.23
C GLN B 1840 -4.61 -22.74 -42.38
N HIS B 1841 -5.53 -21.85 -42.77
CA HIS B 1841 -6.59 -21.36 -41.90
C HIS B 1841 -7.53 -22.46 -41.43
N SER B 1842 -7.74 -23.48 -42.25
CA SER B 1842 -8.45 -24.65 -41.77
C SER B 1842 -7.52 -25.65 -41.14
N PHE B 1843 -6.28 -25.73 -41.64
CA PHE B 1843 -5.32 -26.68 -41.07
C PHE B 1843 -4.98 -26.32 -39.64
N PHE B 1844 -4.95 -25.03 -39.32
CA PHE B 1844 -4.78 -24.63 -37.93
C PHE B 1844 -6.02 -24.96 -37.13
N CYS B 1845 -7.20 -24.75 -37.72
CA CYS B 1845 -8.43 -25.19 -37.09
C CYS B 1845 -8.46 -26.71 -36.99
N ARG B 1846 -7.97 -27.39 -38.02
CA ARG B 1846 -7.81 -28.83 -37.98
C ARG B 1846 -6.81 -29.30 -36.93
N LEU B 1847 -5.89 -28.42 -36.54
CA LEU B 1847 -4.96 -28.73 -35.46
C LEU B 1847 -5.63 -28.86 -34.10
N THR B 1848 -6.89 -28.45 -33.96
CA THR B 1848 -7.56 -28.57 -32.68
C THR B 1848 -8.35 -29.88 -32.56
N GLU B 1849 -8.09 -30.85 -33.44
CA GLU B 1849 -8.94 -32.03 -33.44
C GLU B 1849 -8.55 -33.05 -32.37
N ASP B 1850 -7.38 -33.68 -32.49
CA ASP B 1850 -6.94 -34.70 -31.56
C ASP B 1850 -5.47 -34.48 -31.21
N LYS B 1851 -4.81 -35.52 -30.69
CA LYS B 1851 -3.36 -35.44 -30.44
C LYS B 1851 -2.60 -36.13 -31.59
N LYS B 1852 -3.07 -37.34 -31.91
CA LYS B 1852 -2.61 -38.19 -33.01
C LYS B 1852 -1.46 -37.78 -33.95
N SER B 1853 -1.89 -37.11 -35.02
CA SER B 1853 -1.02 -36.66 -36.09
C SER B 1853 0.04 -35.67 -35.62
N GLU B 1854 -0.34 -34.79 -34.69
CA GLU B 1854 0.61 -33.81 -34.15
C GLU B 1854 1.74 -34.54 -33.44
N LYS B 1855 1.36 -35.55 -32.66
CA LYS B 1855 2.35 -36.37 -31.98
C LYS B 1855 3.25 -37.06 -33.01
N PHE B 1856 2.66 -37.57 -34.09
CA PHE B 1856 3.45 -38.22 -35.15
C PHE B 1856 4.45 -37.26 -35.80
N PHE B 1857 4.02 -36.02 -36.01
CA PHE B 1857 4.89 -35.00 -36.58
C PHE B 1857 6.05 -34.76 -35.63
N LYS B 1858 5.75 -34.70 -34.34
CA LYS B 1858 6.76 -34.50 -33.33
C LYS B 1858 7.74 -35.68 -33.37
N VAL B 1859 7.24 -36.89 -33.53
CA VAL B 1859 8.13 -38.04 -33.61
C VAL B 1859 9.04 -37.92 -34.82
N PHE B 1860 8.50 -37.49 -35.95
CA PHE B 1860 9.32 -37.34 -37.14
C PHE B 1860 10.41 -36.32 -36.89
N TYR B 1861 10.05 -35.22 -36.23
CA TYR B 1861 10.99 -34.15 -35.91
C TYR B 1861 12.07 -34.64 -34.98
N ASP B 1862 11.59 -35.34 -33.96
CA ASP B 1862 12.46 -35.93 -32.98
C ASP B 1862 13.32 -36.86 -33.80
N ARG B 1863 12.73 -37.55 -34.79
CA ARG B 1863 13.46 -38.45 -35.65
C ARG B 1863 14.52 -37.66 -36.38
N MET B 1864 14.16 -36.49 -36.87
CA MET B 1864 15.14 -35.65 -37.48
C MET B 1864 16.23 -35.28 -36.47
N LYS B 1865 15.89 -34.99 -35.21
CA LYS B 1865 16.94 -34.62 -34.27
C LYS B 1865 17.93 -35.76 -34.08
N VAL B 1866 17.41 -36.97 -33.97
CA VAL B 1866 18.26 -38.13 -33.79
C VAL B 1866 19.14 -38.33 -35.01
N ALA B 1867 18.55 -38.14 -36.17
CA ALA B 1867 19.27 -38.29 -37.42
C ALA B 1867 20.38 -37.28 -37.50
N GLN B 1868 20.12 -36.06 -37.08
CA GLN B 1868 21.10 -35.00 -37.10
C GLN B 1868 22.25 -35.36 -36.19
N GLN B 1869 21.95 -35.91 -35.02
CA GLN B 1869 23.03 -36.28 -34.13
C GLN B 1869 23.90 -37.36 -34.78
N GLU B 1870 23.25 -38.33 -35.41
CA GLU B 1870 23.96 -39.41 -36.09
C GLU B 1870 24.81 -38.87 -37.23
N ILE B 1871 24.26 -37.92 -37.96
CA ILE B 1871 24.94 -37.31 -39.09
C ILE B 1871 26.17 -36.58 -38.59
N LYS B 1872 26.04 -35.89 -37.45
CA LYS B 1872 27.14 -35.15 -36.86
C LYS B 1872 28.23 -36.14 -36.52
N ALA B 1873 27.86 -37.26 -35.93
CA ALA B 1873 28.84 -38.27 -35.70
C ALA B 1873 29.33 -38.71 -37.09
N THR B 1874 28.41 -38.86 -38.05
CA THR B 1874 28.78 -39.36 -39.36
C THR B 1874 29.69 -38.45 -40.17
N VAL B 1875 29.50 -37.13 -40.09
CA VAL B 1875 30.36 -36.20 -40.87
C VAL B 1875 31.75 -36.45 -40.29
N THR B 1876 31.68 -36.65 -39.01
CA THR B 1876 32.75 -36.98 -38.07
C THR B 1876 33.79 -35.87 -37.92
N VAL B 1877 34.58 -35.60 -38.95
CA VAL B 1877 35.76 -34.76 -38.78
C VAL B 1877 36.34 -34.37 -40.13
N ASN B 1878 37.13 -33.30 -40.12
CA ASN B 1878 37.98 -32.93 -41.24
C ASN B 1878 39.30 -32.45 -40.67
N THR B 1879 40.20 -32.05 -41.57
CA THR B 1879 41.47 -31.45 -41.14
C THR B 1879 42.66 -31.94 -41.95
N ASP B 1955 35.48 -36.24 -48.64
CA ASP B 1955 34.39 -36.08 -49.59
C ASP B 1955 33.08 -36.62 -49.02
N ASP B 1956 32.01 -36.52 -49.80
CA ASP B 1956 30.72 -37.01 -49.37
C ASP B 1956 29.90 -37.64 -50.50
N LEU B 1957 28.99 -38.53 -50.13
CA LEU B 1957 28.10 -39.20 -51.07
C LEU B 1957 26.72 -38.56 -50.97
N GLU B 1958 26.68 -37.34 -50.43
CA GLU B 1958 25.44 -36.64 -50.18
C GLU B 1958 24.92 -37.00 -48.79
N MET B 1959 25.73 -37.71 -48.01
CA MET B 1959 25.32 -38.14 -46.68
C MET B 1959 24.05 -38.96 -46.79
N SER B 1960 24.06 -39.91 -47.71
CA SER B 1960 22.89 -40.72 -47.96
C SER B 1960 21.89 -39.68 -48.41
N ALA B 1961 20.77 -39.67 -47.72
CA ALA B 1961 19.73 -38.71 -48.00
C ALA B 1961 19.04 -38.64 -46.66
N VAL B 1962 19.12 -39.76 -45.93
CA VAL B 1962 18.44 -39.70 -44.65
C VAL B 1962 18.59 -38.23 -44.31
N ILE B 1963 19.84 -37.78 -44.36
CA ILE B 1963 20.19 -36.41 -44.07
C ILE B 1963 19.60 -35.54 -45.15
N THR B 1964 19.70 -35.99 -46.38
CA THR B 1964 19.21 -35.21 -47.50
C THR B 1964 17.70 -35.04 -47.43
N ILE B 1965 17.03 -36.11 -47.04
CA ILE B 1965 15.60 -36.14 -46.92
C ILE B 1965 15.21 -35.17 -45.83
N MET B 1966 15.95 -35.20 -44.73
CA MET B 1966 15.69 -34.32 -43.64
C MET B 1966 15.85 -32.88 -44.09
N GLN B 1967 16.86 -32.55 -44.87
CA GLN B 1967 17.01 -31.16 -45.28
C GLN B 1967 15.80 -30.71 -46.10
N PRO B 1968 15.38 -31.56 -47.06
CA PRO B 1968 14.21 -31.14 -47.84
C PRO B 1968 12.97 -31.01 -46.97
N ILE B 1969 12.81 -31.95 -46.05
CA ILE B 1969 11.67 -31.99 -45.16
C ILE B 1969 11.66 -30.79 -44.26
N LEU B 1970 12.83 -30.39 -43.79
CA LEU B 1970 13.00 -29.26 -42.93
C LEU B 1970 12.61 -28.03 -43.67
N ARG B 1971 12.99 -27.92 -44.93
CA ARG B 1971 12.60 -26.76 -45.71
C ARG B 1971 11.09 -26.75 -45.81
N PHE B 1972 10.49 -27.89 -46.09
CA PHE B 1972 9.06 -27.94 -46.16
C PHE B 1972 8.43 -27.58 -44.84
N LEU B 1973 8.99 -28.07 -43.74
CA LEU B 1973 8.47 -27.82 -42.43
C LEU B 1973 8.53 -26.36 -42.14
N GLN B 1974 9.63 -25.73 -42.49
CA GLN B 1974 9.80 -24.32 -42.27
C GLN B 1974 8.78 -23.57 -43.08
N LEU B 1975 8.57 -23.98 -44.32
CA LEU B 1975 7.62 -23.31 -45.17
C LEU B 1975 6.24 -23.42 -44.53
N LEU B 1976 5.89 -24.61 -44.06
CA LEU B 1976 4.59 -24.77 -43.46
C LEU B 1976 4.44 -23.91 -42.23
N CYS B 1977 5.47 -23.87 -41.41
CA CYS B 1977 5.39 -23.09 -40.20
C CYS B 1977 5.19 -21.61 -40.48
N GLU B 1978 5.88 -21.11 -41.48
CA GLU B 1978 5.87 -19.69 -41.79
C GLU B 1978 4.49 -19.16 -42.10
N ASN B 1979 3.59 -20.03 -42.47
CA ASN B 1979 2.28 -19.52 -42.84
C ASN B 1979 1.73 -18.62 -41.73
N HIS B 1980 1.36 -17.42 -42.13
CA HIS B 1980 0.83 -16.49 -41.21
C HIS B 1980 1.17 -16.90 -39.81
N ASN B 1981 1.69 -15.87 -39.14
CA ASN B 1981 2.13 -15.88 -37.75
C ASN B 1981 0.95 -15.57 -36.82
N ARG B 1982 1.17 -14.99 -35.64
CA ARG B 1982 0.04 -14.68 -34.75
C ARG B 1982 -0.56 -16.03 -34.43
N ASP B 1983 -1.79 -16.25 -34.86
CA ASP B 1983 -2.34 -17.56 -34.63
C ASP B 1983 -1.61 -18.72 -35.30
N LEU B 1984 -1.27 -18.72 -36.61
CA LEU B 1984 -0.64 -19.90 -37.13
C LEU B 1984 0.73 -19.96 -36.54
N GLN B 1985 1.39 -18.79 -36.51
CA GLN B 1985 2.77 -18.88 -36.07
C GLN B 1985 2.91 -19.35 -34.63
N ASN B 1986 2.08 -18.73 -33.83
CA ASN B 1986 2.09 -18.90 -32.42
C ASN B 1986 1.66 -20.25 -32.04
N PHE B 1987 0.64 -20.70 -32.75
CA PHE B 1987 0.04 -21.94 -32.45
C PHE B 1987 1.06 -23.00 -32.62
N LEU B 1988 1.77 -23.00 -33.76
CA LEU B 1988 2.74 -24.08 -33.93
C LEU B 1988 3.84 -23.99 -32.90
N ARG B 1989 4.29 -22.75 -32.74
CA ARG B 1989 5.43 -22.44 -31.92
C ARG B 1989 5.27 -22.89 -30.50
N CYS B 1990 4.09 -22.76 -29.93
CA CYS B 1990 4.01 -23.21 -28.56
C CYS B 1990 3.34 -24.56 -28.50
N GLN B 1991 2.19 -24.63 -29.14
CA GLN B 1991 1.31 -25.80 -29.07
C GLN B 1991 0.53 -25.95 -27.71
N ASN B 1992 0.30 -27.26 -27.61
CA ASN B 1992 -0.27 -28.08 -26.54
C ASN B 1992 0.60 -29.41 -26.52
N ASN B 1993 0.51 -30.22 -25.46
CA ASN B 1993 1.28 -31.50 -25.39
C ASN B 1993 2.82 -31.36 -25.44
N LYS B 1994 3.29 -30.31 -24.78
CA LYS B 1994 4.71 -29.97 -24.75
C LYS B 1994 5.17 -29.70 -26.18
N THR B 1995 4.35 -28.95 -26.94
CA THR B 1995 4.60 -28.67 -28.34
C THR B 1995 4.65 -29.98 -29.13
N ASN B 1996 3.72 -30.90 -28.80
CA ASN B 1996 3.66 -32.24 -29.40
C ASN B 1996 5.00 -32.97 -29.29
N TYR B 1997 5.69 -32.88 -28.15
CA TYR B 1997 7.05 -33.48 -28.12
C TYR B 1997 7.91 -32.77 -29.21
N ASN B 1998 7.65 -31.47 -29.33
CA ASN B 1998 8.18 -30.47 -30.25
C ASN B 1998 7.88 -29.05 -29.79
N LEU B 1999 8.96 -28.29 -29.62
CA LEU B 1999 8.99 -26.84 -29.58
C LEU B 1999 10.23 -26.45 -30.39
N VAL B 2000 10.00 -26.72 -31.67
CA VAL B 2000 10.99 -26.77 -32.70
C VAL B 2000 11.96 -25.67 -32.86
N CYS B 2001 11.65 -24.44 -32.47
CA CYS B 2001 12.62 -23.34 -32.67
C CYS B 2001 13.95 -23.60 -31.97
N GLU B 2002 13.88 -24.13 -30.76
CA GLU B 2002 15.09 -24.51 -30.08
C GLU B 2002 15.79 -25.60 -30.89
N THR B 2003 15.02 -26.56 -31.41
CA THR B 2003 15.56 -27.65 -32.21
C THR B 2003 16.23 -27.14 -33.46
N LEU B 2004 15.65 -26.14 -34.09
CA LEU B 2004 16.22 -25.59 -35.28
C LEU B 2004 17.54 -24.98 -34.92
N GLN B 2005 17.60 -24.24 -33.80
CA GLN B 2005 18.85 -23.64 -33.42
C GLN B 2005 19.89 -24.72 -33.17
N PHE B 2006 19.51 -25.77 -32.48
CA PHE B 2006 20.47 -26.83 -32.21
C PHE B 2006 20.97 -27.48 -33.49
N LEU B 2007 20.07 -27.70 -34.44
CA LEU B 2007 20.40 -28.32 -35.72
C LEU B 2007 21.38 -27.47 -36.49
N ASP B 2008 21.12 -26.17 -36.46
CA ASP B 2008 21.98 -25.23 -37.13
C ASP B 2008 23.36 -25.27 -36.50
N CYS B 2009 23.41 -25.33 -35.17
CA CYS B 2009 24.68 -25.38 -34.48
C CYS B 2009 25.43 -26.64 -34.85
N ILE B 2010 24.71 -27.75 -34.95
CA ILE B 2010 25.32 -29.00 -35.32
C ILE B 2010 25.88 -28.87 -36.70
N CYS B 2011 25.12 -28.29 -37.61
CA CYS B 2011 25.58 -28.12 -38.97
C CYS B 2011 26.84 -27.25 -39.03
N GLY B 2012 26.85 -26.23 -38.20
CA GLY B 2012 28.02 -25.42 -38.14
C GLY B 2012 28.93 -25.89 -37.04
N SER B 2013 28.26 -26.59 -36.15
CA SER B 2013 28.90 -27.31 -35.10
C SER B 2013 29.96 -26.37 -34.69
N THR B 2014 29.61 -25.12 -34.45
CA THR B 2014 30.66 -24.24 -34.04
C THR B 2014 31.05 -24.74 -32.69
N THR B 2015 30.06 -24.93 -31.82
CA THR B 2015 30.27 -25.36 -30.43
C THR B 2015 31.28 -24.37 -29.91
N GLY B 2016 30.98 -23.09 -29.95
CA GLY B 2016 32.01 -22.12 -29.73
C GLY B 2016 32.44 -21.70 -31.15
N GLY B 2017 33.71 -21.36 -31.37
CA GLY B 2017 34.09 -20.93 -32.70
C GLY B 2017 33.86 -21.97 -33.75
N LEU B 2018 33.23 -21.56 -34.85
CA LEU B 2018 32.92 -22.50 -35.89
C LEU B 2018 34.21 -23.00 -36.45
N GLY B 2019 34.29 -24.31 -36.64
CA GLY B 2019 35.49 -24.86 -37.20
C GLY B 2019 35.51 -24.32 -38.59
N LEU B 2020 36.64 -23.76 -39.01
CA LEU B 2020 36.74 -23.21 -40.35
C LEU B 2020 36.55 -24.37 -41.30
N LEU B 2021 35.75 -24.16 -42.33
CA LEU B 2021 35.44 -25.21 -43.30
C LEU B 2021 34.10 -25.89 -43.01
N GLY B 2022 33.80 -26.24 -41.76
CA GLY B 2022 32.46 -26.79 -41.62
C GLY B 2022 31.57 -26.40 -42.78
N LEU B 2023 31.68 -25.15 -43.24
CA LEU B 2023 30.91 -24.65 -44.38
C LEU B 2023 31.30 -25.41 -45.65
N TYR B 2024 32.61 -25.66 -45.76
CA TYR B 2024 33.10 -26.41 -46.91
C TYR B 2024 32.46 -27.81 -46.89
N ILE B 2025 32.40 -28.43 -45.70
CA ILE B 2025 31.79 -29.75 -45.49
C ILE B 2025 30.31 -29.71 -45.83
N ASN B 2026 29.64 -28.61 -45.50
CA ASN B 2026 28.23 -28.46 -45.81
C ASN B 2026 28.04 -28.57 -47.31
N GLU B 2027 28.90 -27.95 -48.12
CA GLU B 2027 28.82 -28.13 -49.58
C GLU B 2027 27.46 -27.71 -50.07
N LYS B 2028 26.72 -28.44 -50.91
CA LYS B 2028 25.50 -27.70 -51.03
C LYS B 2028 24.67 -27.72 -49.77
N ASN B 2029 25.03 -28.56 -48.79
CA ASN B 2029 24.11 -28.93 -47.73
C ASN B 2029 23.82 -27.78 -46.80
N VAL B 2030 24.70 -26.79 -46.77
CA VAL B 2030 24.51 -25.66 -45.87
C VAL B 2030 23.34 -24.80 -46.34
N ALA B 2031 23.03 -24.88 -47.63
CA ALA B 2031 21.96 -24.06 -48.17
C ALA B 2031 20.62 -24.49 -47.62
N LEU B 2032 20.47 -25.77 -47.36
CA LEU B 2032 19.27 -26.20 -46.65
C LEU B 2032 19.29 -25.67 -45.25
N ILE B 2033 20.46 -25.66 -44.63
CA ILE B 2033 20.55 -25.03 -43.33
C ILE B 2033 20.45 -23.54 -43.49
N ASN B 2034 20.88 -23.04 -44.64
CA ASN B 2034 20.59 -21.66 -44.96
C ASN B 2034 19.08 -21.48 -45.10
N GLN B 2035 18.44 -22.43 -45.77
CA GLN B 2035 16.99 -22.41 -45.78
C GLN B 2035 16.46 -22.75 -44.41
N THR B 2036 17.22 -23.48 -43.62
CA THR B 2036 16.83 -23.66 -42.24
C THR B 2036 17.05 -22.37 -41.51
N LEU B 2037 18.13 -21.68 -41.81
CA LEU B 2037 18.26 -20.33 -41.32
C LEU B 2037 17.17 -19.49 -41.92
N GLU B 2038 16.83 -19.77 -43.17
CA GLU B 2038 15.66 -19.17 -43.73
C GLU B 2038 14.41 -19.63 -43.02
N SER B 2039 14.40 -20.88 -42.57
CA SER B 2039 13.27 -21.32 -41.76
C SER B 2039 13.39 -20.77 -40.36
N LEU B 2040 14.61 -20.46 -39.96
CA LEU B 2040 14.75 -19.65 -38.77
C LEU B 2040 14.08 -18.32 -38.97
N THR B 2041 14.30 -17.69 -40.11
CA THR B 2041 13.53 -16.49 -40.43
C THR B 2041 12.13 -16.89 -40.81
N GLU B 2042 11.96 -18.12 -41.27
CA GLU B 2042 10.63 -18.65 -41.43
C GLU B 2042 9.92 -18.74 -40.11
N TYR B 2043 10.64 -19.04 -39.03
CA TYR B 2043 10.03 -18.85 -37.73
C TYR B 2043 10.51 -17.51 -37.18
N CYS B 2044 10.53 -16.50 -38.05
CA CYS B 2044 11.14 -15.25 -37.63
C CYS B 2044 10.21 -14.05 -37.78
N GLN B 2045 9.45 -13.98 -38.87
CA GLN B 2045 8.89 -12.70 -39.27
C GLN B 2045 7.71 -12.28 -38.41
N GLY B 2046 7.83 -11.08 -37.83
CA GLY B 2046 6.72 -10.34 -37.27
C GLY B 2046 6.29 -10.77 -35.89
N PRO B 2047 5.62 -11.93 -35.85
CA PRO B 2047 5.02 -12.27 -34.57
C PRO B 2047 6.04 -12.08 -33.52
N CYS B 2048 5.99 -10.88 -32.97
CA CYS B 2048 6.96 -10.56 -31.98
C CYS B 2048 6.86 -11.39 -30.74
N HIS B 2049 5.70 -11.53 -30.11
CA HIS B 2049 5.73 -12.25 -28.85
C HIS B 2049 6.11 -13.72 -28.90
N GLU B 2050 5.47 -14.51 -29.73
CA GLU B 2050 5.81 -15.91 -29.79
C GLU B 2050 7.17 -16.08 -30.37
N ASN B 2051 7.38 -15.29 -31.43
CA ASN B 2051 8.59 -15.45 -32.17
C ASN B 2051 9.75 -15.11 -31.31
N GLN B 2052 9.63 -14.00 -30.59
CA GLN B 2052 10.64 -13.39 -29.75
C GLN B 2052 10.71 -14.02 -28.44
N ASN B 2053 9.70 -14.79 -28.08
CA ASN B 2053 9.76 -15.53 -26.85
C ASN B 2053 10.83 -16.55 -27.19
N CYS B 2054 10.65 -17.22 -28.33
CA CYS B 2054 11.65 -18.12 -28.79
C CYS B 2054 12.94 -17.34 -29.08
N ILE B 2055 12.84 -16.15 -29.65
CA ILE B 2055 14.01 -15.41 -30.03
C ILE B 2055 14.81 -15.05 -28.83
N ALA B 2056 14.16 -14.63 -27.77
CA ALA B 2056 14.81 -14.20 -26.55
C ALA B 2056 15.48 -15.37 -25.92
N THR B 2057 14.75 -16.49 -25.94
CA THR B 2057 15.28 -17.69 -25.37
C THR B 2057 16.53 -18.05 -26.13
N HIS B 2058 16.48 -18.01 -27.46
CA HIS B 2058 17.61 -18.31 -28.31
C HIS B 2058 18.76 -17.34 -28.15
N GLU B 2059 18.44 -16.07 -27.98
CA GLU B 2059 19.47 -15.08 -27.85
C GLU B 2059 20.27 -15.40 -26.62
N SER B 2060 19.61 -15.67 -25.50
CA SER B 2060 20.43 -16.00 -24.35
C SER B 2060 21.08 -17.35 -24.62
N ASN B 2061 20.20 -18.24 -25.05
CA ASN B 2061 20.40 -19.64 -25.36
C ASN B 2061 21.20 -20.13 -26.53
N GLY B 2062 21.09 -19.52 -27.73
CA GLY B 2062 21.97 -20.26 -28.61
C GLY B 2062 22.69 -19.23 -29.43
N ILE B 2063 21.89 -18.27 -29.92
CA ILE B 2063 22.37 -17.07 -30.62
C ILE B 2063 23.64 -17.25 -31.42
N ASP B 2064 24.41 -18.22 -31.00
CA ASP B 2064 25.72 -18.46 -31.55
C ASP B 2064 25.84 -18.70 -33.04
N ILE B 2065 24.91 -19.39 -33.70
CA ILE B 2065 25.10 -19.59 -35.13
C ILE B 2065 25.09 -18.24 -35.84
N ILE B 2066 24.14 -17.41 -35.47
CA ILE B 2066 24.06 -16.10 -36.05
C ILE B 2066 25.29 -15.31 -35.68
N THR B 2067 25.71 -15.40 -34.42
CA THR B 2067 26.87 -14.65 -33.99
C THR B 2067 28.09 -15.05 -34.78
N ALA B 2068 28.27 -16.35 -34.99
CA ALA B 2068 29.40 -16.88 -35.71
C ALA B 2068 29.38 -16.40 -37.13
N LEU B 2069 28.21 -16.40 -37.73
CA LEU B 2069 28.13 -15.95 -39.11
C LEU B 2069 28.56 -14.50 -39.18
N ILE B 2070 28.07 -13.67 -38.26
CA ILE B 2070 28.45 -12.26 -38.29
C ILE B 2070 29.95 -12.11 -38.10
N LEU B 2071 30.49 -12.86 -37.16
CA LEU B 2071 31.89 -12.82 -36.85
C LEU B 2071 32.79 -13.24 -37.98
N ASN B 2072 32.40 -14.25 -38.75
CA ASN B 2072 33.33 -14.74 -39.77
C ASN B 2072 32.91 -15.13 -41.18
N ASP B 2073 33.91 -15.19 -42.07
CA ASP B 2073 33.67 -15.57 -43.46
C ASP B 2073 34.07 -17.02 -43.63
N ILE B 2074 34.04 -17.51 -44.87
CA ILE B 2074 34.21 -18.94 -45.18
C ILE B 2074 35.61 -19.17 -45.73
N ASN B 2075 36.24 -20.28 -45.32
CA ASN B 2075 37.62 -20.61 -45.67
C ASN B 2075 37.73 -20.90 -47.15
N PRO B 2076 36.92 -21.81 -47.67
CA PRO B 2076 36.92 -22.02 -49.13
C PRO B 2076 36.26 -20.86 -49.84
N LEU B 2077 36.91 -20.34 -50.88
CA LEU B 2077 36.28 -19.32 -51.69
C LEU B 2077 35.19 -19.99 -52.53
N GLY B 2078 33.97 -19.99 -52.03
CA GLY B 2078 32.89 -20.73 -52.63
C GLY B 2078 32.39 -20.11 -53.91
N LYS B 2079 31.91 -20.98 -54.81
CA LYS B 2079 31.51 -20.56 -56.13
C LYS B 2079 30.27 -19.69 -56.10
N LYS B 2080 29.12 -20.31 -55.97
CA LYS B 2080 27.90 -19.54 -55.71
C LYS B 2080 27.92 -19.22 -54.18
N ARG B 2081 28.89 -19.77 -53.46
CA ARG B 2081 29.05 -19.68 -52.04
C ARG B 2081 29.18 -18.28 -51.55
N MET B 2082 29.83 -17.40 -52.29
CA MET B 2082 29.94 -16.03 -51.81
C MET B 2082 28.53 -15.47 -51.69
N ASP B 2083 27.73 -15.66 -52.73
CA ASP B 2083 26.37 -15.19 -52.69
C ASP B 2083 25.60 -15.91 -51.60
N LEU B 2084 25.80 -17.21 -51.46
CA LEU B 2084 25.06 -17.93 -50.45
C LEU B 2084 25.38 -17.42 -49.06
N VAL B 2085 26.65 -17.17 -48.80
CA VAL B 2085 27.11 -16.71 -47.51
C VAL B 2085 26.54 -15.36 -47.23
N LEU B 2086 26.54 -14.52 -48.25
CA LEU B 2086 25.99 -13.20 -48.08
C LEU B 2086 24.51 -13.29 -47.77
N GLU B 2087 23.80 -14.18 -48.46
CA GLU B 2087 22.40 -14.37 -48.24
C GLU B 2087 22.18 -14.85 -46.83
N LEU B 2088 23.00 -15.75 -46.37
CA LEU B 2088 22.88 -16.26 -45.04
C LEU B 2088 23.06 -15.13 -44.08
N LYS B 2089 24.05 -14.29 -44.27
CA LYS B 2089 24.27 -13.19 -43.36
C LYS B 2089 23.08 -12.26 -43.35
N ASN B 2090 22.57 -11.96 -44.53
CA ASN B 2090 21.45 -11.05 -44.61
C ASN B 2090 20.26 -11.63 -43.91
N ASN B 2091 20.01 -12.90 -44.17
CA ASN B 2091 18.89 -13.54 -43.57
C ASN B 2091 19.03 -13.59 -42.07
N ALA B 2092 20.18 -14.06 -41.63
CA ALA B 2092 20.39 -14.20 -40.21
C ALA B 2092 20.23 -12.83 -39.65
N SER B 2093 20.81 -11.87 -40.35
CA SER B 2093 20.75 -10.51 -39.93
C SER B 2093 19.32 -10.07 -39.88
N LYS B 2094 18.53 -10.40 -40.90
CA LYS B 2094 17.16 -9.97 -40.89
C LYS B 2094 16.42 -10.55 -39.72
N LEU B 2095 16.63 -11.83 -39.44
CA LEU B 2095 15.90 -12.42 -38.36
C LEU B 2095 16.23 -11.79 -37.04
N LEU B 2096 17.51 -11.60 -36.85
CA LEU B 2096 17.97 -11.04 -35.62
C LEU B 2096 17.44 -9.65 -35.48
N LEU B 2097 17.51 -8.88 -36.54
CA LEU B 2097 17.08 -7.53 -36.53
C LEU B 2097 15.62 -7.42 -36.24
N ALA B 2098 14.83 -8.30 -36.84
CA ALA B 2098 13.42 -8.20 -36.63
C ALA B 2098 13.11 -8.45 -35.18
N ILE B 2099 13.73 -9.50 -34.65
CA ILE B 2099 13.48 -9.84 -33.28
C ILE B 2099 13.90 -8.71 -32.37
N MET B 2100 15.08 -8.16 -32.62
CA MET B 2100 15.58 -7.12 -31.75
C MET B 2100 14.70 -5.90 -31.74
N GLU B 2101 14.26 -5.51 -32.94
CA GLU B 2101 13.47 -4.32 -33.05
C GLU B 2101 12.20 -4.47 -32.29
N SER B 2102 11.54 -5.61 -32.49
CA SER B 2102 10.26 -5.81 -31.83
C SER B 2102 10.42 -5.79 -30.32
N ARG B 2103 11.45 -6.47 -29.85
CA ARG B 2103 11.67 -6.50 -28.44
C ARG B 2103 12.02 -5.22 -27.72
N HIS B 2104 12.88 -4.37 -28.29
CA HIS B 2104 13.35 -3.25 -27.44
C HIS B 2104 14.30 -4.08 -26.51
N ASP B 2105 13.70 -5.06 -25.83
CA ASP B 2105 14.32 -6.17 -25.10
C ASP B 2105 15.82 -5.91 -24.96
N SER B 2106 16.16 -4.93 -24.12
CA SER B 2106 17.48 -4.33 -24.08
C SER B 2106 18.60 -5.30 -23.75
N GLU B 2107 18.57 -5.89 -22.57
CA GLU B 2107 19.55 -6.90 -22.22
C GLU B 2107 19.40 -8.17 -23.03
N ASN B 2108 18.21 -8.43 -23.56
CA ASN B 2108 18.07 -9.48 -24.55
C ASN B 2108 18.94 -9.15 -25.74
N ALA B 2109 18.83 -7.92 -26.23
CA ALA B 2109 19.79 -7.45 -27.21
C ALA B 2109 21.14 -7.23 -26.59
N GLU B 2110 21.18 -6.95 -25.30
CA GLU B 2110 22.45 -6.88 -24.60
C GLU B 2110 23.12 -8.24 -24.60
N ARG B 2111 22.33 -9.31 -24.55
CA ARG B 2111 22.88 -10.65 -24.62
C ARG B 2111 23.36 -11.01 -26.02
N ILE B 2112 22.60 -10.64 -27.05
CA ILE B 2112 23.10 -10.74 -28.41
C ILE B 2112 24.22 -9.74 -28.62
N LEU B 2113 24.13 -8.61 -27.95
CA LEU B 2113 25.26 -7.71 -27.88
C LEU B 2113 26.38 -8.27 -27.03
N TYR B 2114 26.05 -9.11 -26.06
CA TYR B 2114 27.09 -9.89 -25.40
C TYR B 2114 27.61 -10.97 -26.32
N ASN B 2115 26.84 -11.32 -27.35
CA ASN B 2115 27.37 -12.18 -28.41
C ASN B 2115 28.41 -11.46 -29.23
N MET B 2116 28.12 -10.24 -29.66
CA MET B 2116 29.11 -9.46 -30.39
C MET B 2116 29.74 -8.42 -29.47
N ARG B 2117 30.73 -8.85 -28.68
CA ARG B 2117 31.45 -7.98 -27.76
C ARG B 2117 32.51 -7.18 -28.51
N PRO B 2118 32.93 -7.67 -29.70
CA PRO B 2118 33.88 -7.12 -30.69
C PRO B 2118 33.36 -5.75 -31.19
N LYS B 2119 32.03 -5.65 -31.11
CA LYS B 2119 31.30 -4.42 -31.33
C LYS B 2119 31.54 -3.58 -32.53
N GLU B 2120 31.72 -2.31 -32.21
CA GLU B 2120 31.89 -1.30 -33.19
C GLU B 2120 33.13 -1.57 -34.01
N LEU B 2121 34.23 -1.97 -33.40
CA LEU B 2121 35.43 -2.20 -34.17
C LEU B 2121 35.20 -3.28 -35.21
N VAL B 2122 34.57 -4.38 -34.77
CA VAL B 2122 34.34 -5.45 -35.71
C VAL B 2122 33.43 -4.98 -36.84
N GLU B 2123 32.38 -4.28 -36.47
CA GLU B 2123 31.43 -3.83 -37.45
C GLU B 2123 32.07 -2.88 -38.44
N VAL B 2124 32.90 -1.98 -37.94
CA VAL B 2124 33.51 -1.00 -38.79
C VAL B 2124 34.40 -1.68 -39.80
N ILE B 2125 35.19 -2.64 -39.33
CA ILE B 2125 36.09 -3.31 -40.24
C ILE B 2125 35.30 -4.03 -41.32
N LYS B 2126 34.25 -4.72 -40.91
CA LYS B 2126 33.47 -5.45 -41.87
C LYS B 2126 32.85 -4.52 -42.90
N LYS B 2127 32.32 -3.41 -42.44
CA LYS B 2127 31.67 -2.50 -43.35
C LYS B 2127 32.67 -1.98 -44.36
N ALA B 2128 33.84 -1.60 -43.89
CA ALA B 2128 34.81 -1.05 -44.80
C ALA B 2128 35.21 -2.08 -45.86
N TYR B 2129 35.43 -3.30 -45.42
CA TYR B 2129 35.85 -4.32 -46.36
C TYR B 2129 34.79 -4.65 -47.42
N MET B 2130 33.53 -4.72 -47.00
CA MET B 2130 32.45 -5.12 -47.89
C MET B 2130 32.20 -4.04 -48.90
N GLN B 2131 32.19 -2.80 -48.45
CA GLN B 2131 31.96 -1.70 -49.34
C GLN B 2131 33.06 -1.64 -50.38
N GLY B 2132 34.31 -1.80 -49.97
CA GLY B 2132 35.41 -1.72 -50.88
C GLY B 2132 35.31 -2.81 -51.91
N GLU B 2133 34.99 -4.02 -51.48
CA GLU B 2133 34.91 -5.11 -52.43
C GLU B 2133 33.80 -4.84 -53.44
N VAL B 2134 32.67 -4.37 -52.95
CA VAL B 2134 31.55 -4.11 -53.83
C VAL B 2134 31.91 -3.05 -54.86
N GLU B 2135 32.57 -1.98 -54.42
CA GLU B 2135 32.91 -0.93 -55.37
C GLU B 2135 33.86 -1.48 -56.42
N PHE B 2136 34.85 -2.22 -55.94
CA PHE B 2136 35.89 -2.77 -56.80
C PHE B 2136 35.30 -3.67 -57.87
N GLU B 2137 34.29 -4.47 -57.53
CA GLU B 2137 33.73 -5.29 -58.58
C GLU B 2137 32.24 -5.06 -58.59
N ASP B 2138 31.85 -3.83 -58.94
CA ASP B 2138 30.42 -3.51 -58.99
C ASP B 2138 29.78 -4.47 -60.00
N GLY B 2139 28.65 -5.06 -59.65
CA GLY B 2139 28.04 -6.00 -60.58
C GLY B 2139 26.87 -5.46 -61.38
N GLU B 2140 26.97 -5.57 -62.70
CA GLU B 2140 25.90 -5.10 -63.58
C GLU B 2140 24.86 -6.19 -63.87
N ASN B 2141 24.22 -6.66 -62.80
CA ASN B 2141 23.20 -7.68 -62.87
C ASN B 2141 22.07 -7.09 -62.06
N GLY B 2142 21.27 -6.24 -62.69
CA GLY B 2142 20.23 -5.55 -61.98
C GLY B 2142 19.13 -6.33 -61.29
N GLU B 2143 18.83 -5.86 -60.08
CA GLU B 2143 17.76 -6.36 -59.22
C GLU B 2143 17.63 -7.88 -59.20
N ASP B 2144 18.70 -8.62 -59.48
CA ASP B 2144 18.74 -10.05 -59.27
C ASP B 2144 19.33 -10.43 -57.92
N GLY B 2145 19.23 -9.55 -56.93
CA GLY B 2145 19.83 -9.78 -55.63
C GLY B 2145 20.88 -8.75 -55.30
N ALA B 2146 20.64 -7.95 -54.26
CA ALA B 2146 21.53 -6.84 -53.90
C ALA B 2146 22.65 -7.34 -52.99
N ALA B 2147 23.35 -8.35 -53.49
CA ALA B 2147 24.40 -8.98 -52.73
C ALA B 2147 25.72 -8.27 -52.97
N SER B 2148 25.62 -6.95 -53.00
CA SER B 2148 26.85 -6.22 -53.09
C SER B 2148 27.48 -6.43 -51.73
N PRO B 2149 28.82 -6.31 -51.66
CA PRO B 2149 29.51 -6.42 -50.37
C PRO B 2149 28.99 -5.29 -49.50
N ARG B 2150 28.90 -4.09 -50.07
CA ARG B 2150 28.30 -2.97 -49.43
C ARG B 2150 26.82 -3.29 -49.12
N ASN B 2151 26.07 -4.00 -49.97
CA ASN B 2151 24.67 -4.26 -49.62
C ASN B 2151 24.56 -5.07 -48.33
N VAL B 2152 25.40 -6.08 -48.22
CA VAL B 2152 25.42 -6.90 -47.02
C VAL B 2152 25.85 -6.07 -45.83
N GLY B 2153 26.84 -5.23 -46.04
CA GLY B 2153 27.32 -4.35 -45.00
C GLY B 2153 26.25 -3.41 -44.53
N HIS B 2154 25.44 -2.90 -45.46
CA HIS B 2154 24.35 -1.97 -45.20
C HIS B 2154 23.33 -2.65 -44.34
N ASN B 2155 23.05 -3.91 -44.65
CA ASN B 2155 22.12 -4.62 -43.80
C ASN B 2155 22.72 -4.71 -42.38
N ILE B 2156 24.01 -5.03 -42.30
CA ILE B 2156 24.66 -5.12 -41.01
C ILE B 2156 24.60 -3.78 -40.28
N TYR B 2157 24.81 -2.67 -40.99
CA TYR B 2157 24.80 -1.35 -40.39
C TYR B 2157 23.44 -1.05 -39.82
N ILE B 2158 22.39 -1.42 -40.55
CA ILE B 2158 21.05 -1.17 -40.07
C ILE B 2158 20.82 -1.94 -38.79
N LEU B 2159 21.25 -3.18 -38.77
CA LEU B 2159 21.09 -3.96 -37.57
C LEU B 2159 21.83 -3.34 -36.41
N ALA B 2160 23.06 -2.87 -36.64
CA ALA B 2160 23.84 -2.28 -35.59
C ALA B 2160 23.16 -1.05 -35.02
N HIS B 2161 22.60 -0.23 -35.89
CA HIS B 2161 21.91 0.97 -35.41
C HIS B 2161 20.74 0.55 -34.56
N GLN B 2162 19.99 -0.44 -35.05
CA GLN B 2162 18.88 -0.96 -34.31
C GLN B 2162 19.47 -1.50 -33.04
N LEU B 2163 20.61 -2.18 -33.11
CA LEU B 2163 21.17 -2.64 -31.86
C LEU B 2163 21.57 -1.49 -30.98
N ALA B 2164 21.95 -0.36 -31.59
CA ALA B 2164 22.47 0.76 -30.81
C ALA B 2164 21.41 1.37 -29.93
N ARG B 2165 20.14 1.24 -30.34
CA ARG B 2165 19.03 1.70 -29.50
C ARG B 2165 18.95 0.89 -28.22
N HIS B 2166 19.43 -0.35 -28.24
CA HIS B 2166 19.58 -1.06 -26.99
C HIS B 2166 20.75 -0.53 -26.19
N ASN B 2167 21.95 -0.64 -26.73
CA ASN B 2167 23.17 -0.54 -25.92
C ASN B 2167 23.85 0.79 -26.14
N LYS B 2168 24.23 1.44 -25.04
CA LYS B 2168 24.98 2.68 -25.03
C LYS B 2168 26.44 2.63 -25.51
N GLU B 2169 27.19 1.60 -25.10
CA GLU B 2169 28.61 1.46 -25.46
C GLU B 2169 28.78 1.30 -26.95
N LEU B 2170 27.86 0.54 -27.53
CA LEU B 2170 27.77 0.32 -28.96
C LEU B 2170 27.46 1.64 -29.62
N GLN B 2171 26.59 2.44 -29.00
CA GLN B 2171 26.23 3.77 -29.48
C GLN B 2171 27.47 4.68 -29.48
N THR B 2172 28.33 4.56 -28.47
CA THR B 2172 29.55 5.35 -28.40
C THR B 2172 30.41 4.96 -29.59
N MET B 2173 30.51 3.65 -29.83
CA MET B 2173 31.28 3.19 -30.97
C MET B 2173 30.71 3.75 -32.28
N LEU B 2174 29.39 3.76 -32.40
CA LEU B 2174 28.69 4.27 -33.57
C LEU B 2174 28.92 5.76 -33.80
N LYS B 2175 28.97 6.55 -32.73
CA LYS B 2175 29.23 7.99 -32.83
C LYS B 2175 30.64 8.18 -33.39
N PRO B 2176 31.57 7.35 -32.88
CA PRO B 2176 32.94 7.39 -33.38
C PRO B 2176 32.93 7.03 -34.87
N GLY B 2177 32.14 6.03 -35.27
CA GLY B 2177 32.07 5.68 -36.68
C GLY B 2177 31.58 6.85 -37.52
N GLY B 2178 30.57 7.56 -37.01
CA GLY B 2178 30.06 8.71 -37.72
C GLY B 2178 31.09 9.81 -37.93
N GLN B 2179 31.93 10.16 -36.94
CA GLN B 2179 32.91 11.27 -37.22
C GLN B 2179 34.40 10.87 -37.33
N VAL B 2180 35.01 11.13 -38.48
CA VAL B 2180 36.39 10.77 -38.76
C VAL B 2180 36.74 11.44 -40.09
N ASP B 2181 37.72 10.91 -40.81
CA ASP B 2181 38.08 11.51 -42.10
C ASP B 2181 37.10 10.99 -43.14
N GLY B 2182 35.84 11.23 -42.74
CA GLY B 2182 34.53 10.92 -43.36
C GLY B 2182 33.98 9.49 -43.63
N ASP B 2183 34.67 8.90 -44.59
CA ASP B 2183 34.70 7.47 -44.87
C ASP B 2183 33.43 6.91 -45.50
N GLU B 2184 33.57 5.62 -45.77
CA GLU B 2184 32.50 4.83 -46.30
C GLU B 2184 31.38 4.78 -45.30
N ALA B 2185 31.71 4.66 -44.01
CA ALA B 2185 30.70 4.61 -43.00
C ALA B 2185 29.84 5.84 -43.05
N LEU B 2186 30.39 7.07 -43.08
CA LEU B 2186 29.41 8.15 -43.13
C LEU B 2186 28.61 8.17 -44.42
N GLU B 2187 29.28 7.85 -45.52
CA GLU B 2187 28.55 7.83 -46.79
C GLU B 2187 27.39 6.82 -46.78
N PHE B 2188 27.60 5.64 -46.21
CA PHE B 2188 26.59 4.63 -46.18
C PHE B 2188 25.45 5.05 -45.30
N TYR B 2189 25.74 5.72 -44.18
CA TYR B 2189 24.60 6.19 -43.36
C TYR B 2189 23.77 7.17 -44.13
N ALA B 2190 24.46 8.07 -44.86
CA ALA B 2190 23.83 9.11 -45.68
C ALA B 2190 22.95 8.48 -46.75
N LYS B 2191 23.42 7.38 -47.30
CA LYS B 2191 22.68 6.62 -48.22
C LYS B 2191 21.59 6.19 -47.28
N HIS B 2192 21.74 6.45 -45.98
CA HIS B 2192 20.55 6.10 -45.25
C HIS B 2192 20.75 6.29 -43.76
N THR B 2193 19.95 7.19 -43.18
CA THR B 2193 19.86 7.39 -41.73
C THR B 2193 18.41 7.59 -41.31
N ALA B 2194 17.49 6.74 -41.82
CA ALA B 2194 16.06 7.05 -41.77
C ALA B 2194 15.44 7.05 -40.37
N GLN B 2195 15.36 5.87 -39.75
CA GLN B 2195 14.70 5.65 -38.46
C GLN B 2195 13.22 6.05 -38.55
N ILE B 2196 12.49 5.19 -39.27
CA ILE B 2196 11.19 5.55 -39.84
C ILE B 2196 10.17 5.87 -38.76
N GLU B 2197 10.01 4.97 -37.78
CA GLU B 2197 9.03 5.09 -36.69
C GLU B 2197 7.60 5.20 -37.24
N ILE B 2198 7.10 4.08 -37.72
CA ILE B 2198 5.69 3.94 -38.00
C ILE B 2198 5.10 3.09 -36.89
N VAL B 2199 3.77 3.13 -36.76
CA VAL B 2199 3.06 2.35 -35.76
C VAL B 2199 1.91 1.63 -36.42
N ARG B 2200 1.84 0.29 -36.29
CA ARG B 2200 0.79 -0.52 -36.97
C ARG B 2200 -0.40 -0.97 -36.17
N LEU B 2201 -1.44 -1.36 -36.91
CA LEU B 2201 -2.72 -1.80 -36.38
C LEU B 2201 -3.14 -0.79 -35.40
N ASP B 2202 -2.92 -1.11 -34.15
CA ASP B 2202 -3.18 -0.19 -33.10
C ASP B 2202 -2.30 -0.57 -31.93
N ARG B 2203 -2.39 0.24 -30.88
CA ARG B 2203 -1.78 -0.03 -29.60
C ARG B 2203 -0.34 -0.36 -29.72
N THR B 2204 0.40 0.46 -30.43
CA THR B 2204 1.79 0.12 -30.61
C THR B 2204 2.66 1.34 -30.56
N MET B 2205 3.93 1.23 -30.22
CA MET B 2205 4.67 2.48 -30.18
C MET B 2205 5.93 2.39 -31.03
N GLU B 2206 5.84 1.73 -32.18
CA GLU B 2206 6.95 1.01 -32.80
C GLU B 2206 7.88 1.96 -33.53
N GLN B 2207 9.14 1.53 -33.68
CA GLN B 2207 10.21 2.24 -34.37
C GLN B 2207 10.87 1.33 -35.40
N ILE B 2208 10.90 1.75 -36.66
CA ILE B 2208 11.39 0.91 -37.75
C ILE B 2208 12.55 1.62 -38.41
N VAL B 2209 13.55 0.86 -38.83
CA VAL B 2209 14.51 1.37 -39.78
C VAL B 2209 14.49 0.45 -40.98
N PHE B 2210 15.01 0.95 -42.12
CA PHE B 2210 15.32 0.16 -43.32
C PHE B 2210 16.13 1.01 -44.30
N PRO B 2211 17.18 0.46 -44.92
CA PRO B 2211 17.99 1.27 -45.83
C PRO B 2211 17.27 1.64 -47.11
N VAL B 2212 17.67 2.77 -47.64
CA VAL B 2212 17.00 3.45 -48.74
C VAL B 2212 17.06 2.60 -50.00
N PRO B 2213 16.16 2.79 -50.95
CA PRO B 2213 16.40 2.27 -52.29
C PRO B 2213 17.39 3.14 -53.03
N SER B 2214 17.76 2.68 -54.22
CA SER B 2214 18.79 3.33 -55.00
C SER B 2214 18.22 4.31 -56.01
N ILE B 2215 16.98 4.72 -55.83
CA ILE B 2215 16.32 5.49 -56.87
C ILE B 2215 15.92 6.81 -56.23
N CYS B 2216 15.77 6.79 -54.92
CA CYS B 2216 15.19 7.90 -54.17
C CYS B 2216 16.10 9.12 -54.10
N GLU B 2217 17.37 8.99 -54.48
CA GLU B 2217 18.27 10.13 -54.35
C GLU B 2217 18.00 11.18 -55.42
N PHE B 2218 17.48 10.78 -56.57
CA PHE B 2218 17.41 11.63 -57.75
C PHE B 2218 16.15 12.48 -57.76
N LEU B 2219 15.90 13.19 -56.68
CA LEU B 2219 14.57 13.72 -56.38
C LEU B 2219 14.67 15.17 -55.94
N THR B 2220 15.28 15.98 -56.80
CA THR B 2220 15.85 17.28 -56.49
C THR B 2220 14.89 18.35 -55.96
N LYS B 2221 15.48 19.51 -55.61
CA LYS B 2221 14.99 20.48 -54.63
C LYS B 2221 13.59 21.01 -54.90
N GLU B 2222 13.09 20.88 -56.12
CA GLU B 2222 11.74 21.29 -56.45
C GLU B 2222 10.70 20.59 -55.63
N SER B 2223 10.95 19.34 -55.28
CA SER B 2223 9.98 18.57 -54.55
C SER B 2223 9.91 19.00 -53.10
N LYS B 2224 11.09 19.19 -52.47
CA LYS B 2224 11.27 19.49 -51.06
C LYS B 2224 10.47 20.68 -50.58
N LEU B 2225 10.19 21.61 -51.45
CA LEU B 2225 9.49 22.80 -51.02
C LEU B 2225 8.02 22.78 -51.38
N ARG B 2226 7.62 22.10 -52.47
CA ARG B 2226 6.21 21.90 -52.76
C ARG B 2226 5.53 21.10 -51.68
N ILE B 2227 6.26 20.14 -51.12
CA ILE B 2227 5.69 19.34 -50.06
C ILE B 2227 5.62 20.14 -48.78
N TYR B 2228 6.47 21.16 -48.64
CA TYR B 2228 6.31 22.02 -47.50
C TYR B 2228 5.11 22.94 -47.64
N TYR B 2229 4.51 23.01 -48.81
CA TYR B 2229 3.45 23.96 -49.07
C TYR B 2229 2.29 23.28 -49.77
N THR B 2230 1.77 22.23 -49.18
CA THR B 2230 0.64 21.54 -49.76
C THR B 2230 -0.42 21.25 -48.69
N THR B 2231 -0.77 22.30 -47.93
CA THR B 2231 -1.34 22.27 -46.58
C THR B 2231 -2.48 21.30 -46.31
N GLU B 2232 -3.67 21.58 -46.85
CA GLU B 2232 -4.90 20.80 -46.62
C GLU B 2232 -5.18 20.62 -45.13
N ARG B 2233 -5.75 21.68 -44.56
CA ARG B 2233 -6.35 21.54 -43.24
C ARG B 2233 -7.83 21.24 -43.40
N ASP B 2234 -8.19 19.98 -43.29
CA ASP B 2234 -9.59 19.59 -43.38
C ASP B 2234 -10.33 19.79 -42.08
N GLU B 2235 -9.64 19.51 -40.98
CA GLU B 2235 -10.16 19.44 -39.63
C GLU B 2235 -8.98 19.78 -38.76
N GLN B 2236 -8.93 19.19 -37.55
CA GLN B 2236 -7.71 19.11 -36.76
C GLN B 2236 -6.47 18.88 -37.63
N GLY B 2237 -5.50 19.77 -37.45
CA GLY B 2237 -4.23 19.77 -38.15
C GLY B 2237 -4.28 19.85 -39.67
N SER B 2238 -3.08 19.90 -40.24
CA SER B 2238 -2.86 19.86 -41.68
C SER B 2238 -2.08 18.61 -42.06
N LYS B 2239 -2.51 17.51 -41.44
CA LYS B 2239 -1.84 16.22 -41.45
C LYS B 2239 -1.99 15.53 -42.79
N ILE B 2240 -1.74 14.25 -42.69
CA ILE B 2240 -1.46 13.25 -43.70
C ILE B 2240 -2.14 12.81 -45.01
N ASN B 2241 -3.44 12.83 -45.12
CA ASN B 2241 -3.99 12.32 -46.40
C ASN B 2241 -3.16 12.97 -47.52
N ASP B 2242 -2.83 14.20 -47.21
CA ASP B 2242 -2.10 15.13 -47.95
C ASP B 2242 -0.81 14.51 -48.44
N PHE B 2243 -0.06 13.90 -47.53
CA PHE B 2243 1.19 13.33 -47.82
C PHE B 2243 1.01 12.22 -48.79
N PHE B 2244 0.03 11.40 -48.57
CA PHE B 2244 -0.15 10.29 -49.44
C PHE B 2244 -0.42 10.70 -50.86
N LEU B 2245 -1.24 11.71 -51.05
CA LEU B 2245 -1.53 12.09 -52.43
C LEU B 2245 -0.27 12.55 -53.11
N ARG B 2246 0.44 13.41 -52.41
CA ARG B 2246 1.66 13.90 -53.02
C ARG B 2246 2.71 12.78 -53.23
N SER B 2247 2.77 11.86 -52.30
CA SER B 2247 3.69 10.79 -52.40
C SER B 2247 3.46 9.93 -53.60
N GLU B 2248 2.23 9.53 -53.86
CA GLU B 2248 2.10 8.65 -55.01
C GLU B 2248 2.40 9.37 -56.31
N ASP B 2249 1.99 10.63 -56.39
CA ASP B 2249 2.35 11.31 -57.63
C ASP B 2249 3.87 11.47 -57.80
N LEU B 2250 4.55 11.71 -56.70
CA LEU B 2250 5.97 11.81 -56.68
C LEU B 2250 6.62 10.52 -57.14
N PHE B 2251 6.09 9.36 -56.76
CA PHE B 2251 6.69 8.13 -57.25
C PHE B 2251 6.62 8.06 -58.76
N ASN B 2252 5.45 8.44 -59.29
CA ASN B 2252 5.40 8.38 -60.72
C ASN B 2252 6.38 9.31 -61.38
N GLU B 2253 6.52 10.52 -60.85
CA GLU B 2253 7.51 11.41 -61.46
C GLU B 2253 8.92 10.85 -61.31
N MET B 2254 9.21 10.25 -60.18
CA MET B 2254 10.52 9.74 -60.00
C MET B 2254 10.90 8.66 -60.99
N ASN B 2255 10.04 7.71 -61.35
CA ASN B 2255 10.61 6.66 -62.29
C ASN B 2255 11.08 7.17 -63.69
N TRP B 2256 10.21 7.94 -64.28
CA TRP B 2256 10.27 8.74 -65.49
C TRP B 2256 11.51 9.61 -65.53
N GLN B 2257 11.96 10.09 -64.37
CA GLN B 2257 13.22 10.81 -64.31
C GLN B 2257 14.38 9.94 -64.78
N LYS B 2258 14.34 8.65 -64.49
CA LYS B 2258 15.36 7.76 -65.04
C LYS B 2258 15.04 7.31 -66.44
N LYS B 2259 13.79 7.45 -66.89
CA LYS B 2259 13.51 7.31 -68.31
C LYS B 2259 14.13 8.46 -69.09
N LEU B 2260 14.34 9.60 -68.43
CA LEU B 2260 14.99 10.72 -69.08
C LEU B 2260 16.47 10.43 -69.32
N ARG B 2261 17.07 9.55 -68.52
CA ARG B 2261 18.49 9.24 -68.63
C ARG B 2261 18.88 8.59 -69.96
N ALA B 2262 17.92 8.00 -70.68
CA ALA B 2262 18.22 7.43 -71.99
C ALA B 2262 18.37 8.49 -73.08
N GLN B 2263 18.17 9.77 -72.76
CA GLN B 2263 18.23 10.85 -73.73
C GLN B 2263 18.89 12.04 -73.04
N PRO B 2264 20.15 12.33 -73.40
CA PRO B 2264 21.06 13.39 -72.96
C PRO B 2264 20.69 14.86 -73.19
N VAL B 2265 20.06 15.17 -74.32
CA VAL B 2265 19.72 16.56 -74.62
C VAL B 2265 18.81 17.19 -73.57
N LEU B 2266 17.85 16.39 -73.11
CA LEU B 2266 16.95 16.82 -72.08
C LEU B 2266 17.76 17.09 -70.82
N TYR B 2267 18.73 16.24 -70.48
CA TYR B 2267 19.56 16.52 -69.30
C TYR B 2267 20.41 17.79 -69.47
N TRP B 2268 20.83 18.09 -70.70
CA TRP B 2268 21.59 19.29 -70.96
C TRP B 2268 20.69 20.46 -70.62
N CYS B 2269 19.44 20.40 -71.07
CA CYS B 2269 18.47 21.42 -70.78
C CYS B 2269 18.16 21.57 -69.31
N ALA B 2270 18.13 20.44 -68.62
CA ALA B 2270 17.69 20.46 -67.25
C ALA B 2270 18.52 21.36 -66.36
N ARG B 2271 19.84 21.32 -66.45
CA ARG B 2271 20.50 22.29 -65.59
C ARG B 2271 20.34 23.72 -66.10
N ASN B 2272 19.76 23.90 -67.27
CA ASN B 2272 19.61 25.22 -67.86
C ASN B 2272 18.31 25.91 -67.43
N MET B 2273 17.30 25.05 -67.24
CA MET B 2273 15.87 25.41 -67.38
C MET B 2273 15.26 26.61 -66.76
N SER B 2274 15.54 26.83 -65.50
CA SER B 2274 15.03 28.01 -64.85
C SER B 2274 15.64 29.20 -65.53
N PHE B 2275 16.95 29.14 -65.72
CA PHE B 2275 17.68 30.20 -66.37
C PHE B 2275 17.24 30.36 -67.81
N TRP B 2276 16.91 29.29 -68.51
CA TRP B 2276 16.48 29.39 -69.89
C TRP B 2276 15.26 30.27 -69.95
N SER B 2277 14.30 29.92 -69.10
CA SER B 2277 13.07 30.69 -69.07
C SER B 2277 13.34 32.12 -68.68
N SER B 2278 14.17 32.30 -67.67
CA SER B 2278 14.43 33.62 -67.15
C SER B 2278 15.05 34.51 -68.20
N ILE B 2279 16.01 33.93 -68.89
CA ILE B 2279 16.75 34.64 -69.87
C ILE B 2279 15.85 35.12 -70.94
N SER B 2280 14.95 34.27 -71.39
CA SER B 2280 14.07 34.73 -72.41
C SER B 2280 13.23 35.88 -71.92
N PHE B 2281 12.66 35.74 -70.74
CA PHE B 2281 11.77 36.81 -70.35
C PHE B 2281 12.51 38.12 -70.28
N ASN B 2282 13.70 38.09 -69.69
CA ASN B 2282 14.46 39.32 -69.56
C ASN B 2282 14.76 39.87 -70.92
N LEU B 2283 15.23 38.99 -71.78
CA LEU B 2283 15.61 39.40 -73.10
C LEU B 2283 14.46 39.97 -73.86
N ALA B 2284 13.34 39.30 -73.76
CA ALA B 2284 12.19 39.65 -74.53
C ALA B 2284 11.73 41.01 -74.23
N VAL B 2285 11.66 41.36 -72.94
CA VAL B 2285 11.12 42.69 -72.74
C VAL B 2285 12.05 43.76 -73.24
N LEU B 2286 13.29 43.59 -72.84
CA LEU B 2286 14.31 44.60 -73.12
C LEU B 2286 14.16 44.71 -74.59
N MET B 2287 13.21 43.93 -75.07
CA MET B 2287 12.74 44.08 -76.42
C MET B 2287 11.45 44.87 -76.55
N ASN B 2288 10.35 44.44 -75.94
CA ASN B 2288 9.03 45.09 -76.14
C ASN B 2288 9.06 46.56 -75.81
N LEU B 2289 9.57 46.94 -74.67
CA LEU B 2289 9.53 48.38 -74.42
C LEU B 2289 10.25 49.08 -75.56
N LEU B 2290 11.08 48.33 -76.26
CA LEU B 2290 11.89 48.78 -77.33
C LEU B 2290 11.07 49.39 -78.45
N VAL B 2291 9.92 48.80 -78.76
CA VAL B 2291 9.10 49.27 -79.85
C VAL B 2291 8.73 50.70 -79.68
N ALA B 2292 8.20 50.97 -78.51
CA ALA B 2292 7.73 52.27 -78.19
C ALA B 2292 8.86 53.23 -78.17
N PHE B 2293 9.92 52.75 -77.51
CA PHE B 2293 11.11 53.49 -77.22
C PHE B 2293 11.64 54.04 -78.48
N PHE B 2294 11.76 53.24 -79.53
CA PHE B 2294 12.20 53.83 -80.75
C PHE B 2294 11.39 53.43 -81.96
N TYR B 2295 10.17 53.95 -82.08
CA TYR B 2295 9.40 53.65 -83.31
C TYR B 2295 10.20 54.05 -84.58
N PRO B 2296 10.32 53.12 -85.58
CA PRO B 2296 11.06 53.27 -86.84
C PRO B 2296 10.42 54.17 -87.88
N PHE B 2297 10.96 54.06 -89.10
CA PHE B 2297 10.70 54.73 -90.38
C PHE B 2297 11.38 56.11 -90.42
N LYS B 2298 11.97 56.58 -89.33
CA LYS B 2298 12.76 57.79 -89.36
C LYS B 2298 14.22 57.43 -89.08
N GLY B 2299 15.11 57.93 -89.92
CA GLY B 2299 16.53 57.74 -89.69
C GLY B 2299 17.01 58.57 -88.51
N VAL B 2300 17.34 57.90 -87.40
CA VAL B 2300 17.59 58.58 -86.14
C VAL B 2300 18.90 58.09 -85.55
N ARG B 2301 19.53 58.93 -84.75
CA ARG B 2301 20.73 58.61 -84.00
C ARG B 2301 20.35 57.86 -82.72
N GLY B 2302 21.28 57.80 -81.76
CA GLY B 2302 20.96 57.24 -80.45
C GLY B 2302 19.86 57.98 -79.71
N GLY B 2303 19.74 59.30 -79.97
CA GLY B 2303 18.58 60.05 -79.53
C GLY B 2303 18.50 60.29 -78.03
N THR B 2304 19.38 61.15 -77.50
CA THR B 2304 19.32 61.46 -76.09
C THR B 2304 18.08 62.25 -75.72
N LEU B 2305 17.49 62.98 -76.68
CA LEU B 2305 16.23 63.70 -76.57
C LEU B 2305 16.23 64.75 -75.45
N ALA B 2335 24.66 39.17 -64.46
CA ALA B 2335 24.89 37.98 -65.25
C ALA B 2335 26.11 38.15 -66.17
N LEU B 2336 27.05 37.23 -66.20
CA LEU B 2336 28.17 37.51 -67.11
C LEU B 2336 27.81 37.51 -68.60
N ILE B 2337 27.06 36.51 -69.04
CA ILE B 2337 26.63 36.35 -70.43
C ILE B 2337 25.62 37.37 -70.98
N ALA B 2338 24.66 37.76 -70.15
CA ALA B 2338 23.61 38.66 -70.56
C ALA B 2338 24.15 40.00 -70.99
N SER B 2339 25.15 40.49 -70.25
CA SER B 2339 25.72 41.80 -70.56
C SER B 2339 26.37 41.79 -71.94
N THR B 2340 27.11 40.71 -72.23
CA THR B 2340 27.76 40.57 -73.51
C THR B 2340 26.72 40.56 -74.60
N ILE B 2341 25.63 39.79 -74.40
CA ILE B 2341 24.64 39.84 -75.50
C ILE B 2341 24.04 41.25 -75.75
N LEU B 2342 23.78 41.97 -74.66
CA LEU B 2342 23.21 43.31 -74.78
C LEU B 2342 24.15 44.21 -75.56
N ARG B 2343 25.43 44.13 -75.21
CA ARG B 2343 26.41 44.98 -75.85
C ARG B 2343 26.47 44.72 -77.34
N LEU B 2344 26.46 43.44 -77.72
CA LEU B 2344 26.54 43.14 -79.16
C LEU B 2344 25.34 43.72 -79.94
N ILE B 2345 24.16 43.56 -79.36
CA ILE B 2345 22.99 44.08 -80.08
C ILE B 2345 23.09 45.59 -80.25
N PHE B 2346 23.67 46.20 -79.23
CA PHE B 2346 23.71 47.66 -79.12
C PHE B 2346 24.29 48.25 -80.38
N SER B 2347 25.33 47.69 -80.97
CA SER B 2347 25.81 48.17 -82.27
C SER B 2347 25.09 47.26 -83.28
N VAL B 2348 23.80 47.48 -83.44
CA VAL B 2348 22.93 46.66 -84.24
C VAL B 2348 22.86 47.21 -85.63
N GLY B 2349 21.78 46.86 -86.29
CA GLY B 2349 21.49 47.33 -87.62
C GLY B 2349 20.70 48.63 -87.59
N LEU B 2350 20.43 49.13 -86.37
CA LEU B 2350 19.71 50.34 -86.06
C LEU B 2350 18.44 49.91 -86.66
N GLN B 2351 18.35 48.60 -86.76
CA GLN B 2351 17.08 48.03 -87.28
C GLN B 2351 17.18 46.51 -87.47
N PRO B 2352 18.34 46.07 -87.97
CA PRO B 2352 18.71 44.67 -88.13
C PRO B 2352 18.72 44.02 -86.76
N THR B 2353 19.21 44.72 -85.74
CA THR B 2353 19.21 44.22 -84.39
C THR B 2353 17.76 43.99 -83.92
N LEU B 2354 16.82 44.85 -84.28
CA LEU B 2354 15.41 44.67 -83.94
C LEU B 2354 14.89 43.37 -84.56
N PHE B 2355 15.27 43.15 -85.82
CA PHE B 2355 14.85 41.90 -86.44
C PHE B 2355 15.43 40.69 -85.70
N LEU B 2356 16.68 40.81 -85.30
CA LEU B 2356 17.42 39.80 -84.56
C LEU B 2356 16.74 39.50 -83.23
N LEU B 2357 16.25 40.53 -82.57
CA LEU B 2357 15.61 40.32 -81.31
C LEU B 2357 14.38 39.48 -81.52
N GLY B 2358 13.60 39.79 -82.55
CA GLY B 2358 12.42 38.98 -82.79
C GLY B 2358 12.78 37.52 -83.06
N ALA B 2359 13.82 37.36 -83.87
CA ALA B 2359 14.26 36.03 -84.18
C ALA B 2359 14.68 35.24 -82.94
N PHE B 2360 15.50 35.80 -82.04
CA PHE B 2360 15.82 34.95 -80.88
C PHE B 2360 14.67 34.73 -79.93
N ASN B 2361 13.75 35.70 -79.88
CA ASN B 2361 12.59 35.51 -79.04
C ASN B 2361 11.81 34.28 -79.48
N VAL B 2362 11.62 34.06 -80.78
CA VAL B 2362 10.83 32.86 -81.13
C VAL B 2362 11.55 31.61 -80.67
N CYS B 2363 12.86 31.65 -80.90
CA CYS B 2363 13.78 30.61 -80.53
C CYS B 2363 13.82 30.48 -79.03
N ASN B 2364 13.88 31.61 -78.38
CA ASN B 2364 13.98 31.68 -76.95
C ASN B 2364 12.74 31.04 -76.29
N LYS B 2365 11.56 31.35 -76.80
CA LYS B 2365 10.34 30.75 -76.26
C LYS B 2365 10.31 29.23 -76.51
N ILE B 2366 10.87 28.79 -77.62
CA ILE B 2366 10.97 27.38 -77.85
C ILE B 2366 11.83 26.72 -76.77
N ILE B 2367 12.93 27.35 -76.33
CA ILE B 2367 13.72 26.75 -75.23
C ILE B 2367 12.88 26.70 -73.97
N PHE B 2368 12.04 27.71 -73.71
CA PHE B 2368 11.17 27.63 -72.53
C PHE B 2368 10.23 26.43 -72.64
N LEU B 2369 9.68 26.20 -73.83
CA LEU B 2369 8.81 25.05 -74.03
C LEU B 2369 9.59 23.79 -73.74
N MET B 2370 10.80 23.71 -74.26
CA MET B 2370 11.60 22.53 -74.01
C MET B 2370 11.93 22.33 -72.54
N SER B 2371 12.22 23.40 -71.80
CA SER B 2371 12.51 23.28 -70.37
C SER B 2371 11.29 22.77 -69.63
N PHE B 2372 10.12 23.25 -70.03
CA PHE B 2372 8.84 22.85 -69.45
C PHE B 2372 8.68 21.36 -69.69
N VAL B 2373 8.97 20.91 -70.90
CA VAL B 2373 8.89 19.49 -71.19
C VAL B 2373 9.91 18.70 -70.39
N GLY B 2374 11.10 19.27 -70.19
CA GLY B 2374 12.11 18.58 -69.43
C GLY B 2374 11.58 18.36 -68.03
N ASN B 2375 10.99 19.37 -67.43
CA ASN B 2375 10.43 19.12 -66.12
C ASN B 2375 9.26 18.11 -66.13
N CYS B 2376 8.36 18.19 -67.11
CA CYS B 2376 7.26 17.21 -67.16
C CYS B 2376 6.97 16.70 -68.54
N GLY B 2377 7.27 15.43 -68.70
CA GLY B 2377 7.17 14.76 -69.96
C GLY B 2377 6.39 13.48 -69.82
N THR B 2378 5.89 13.07 -71.00
CA THR B 2378 5.05 11.90 -71.33
C THR B 2378 3.59 12.19 -71.07
N PHE B 2379 3.29 13.43 -70.66
CA PHE B 2379 1.97 13.85 -70.22
C PHE B 2379 1.61 12.83 -69.14
N THR B 2380 2.47 12.74 -68.13
CA THR B 2380 2.28 11.73 -67.14
C THR B 2380 1.18 12.14 -66.23
N ARG B 2381 0.18 11.31 -66.27
CA ARG B 2381 -1.01 11.50 -65.47
C ARG B 2381 -0.64 11.98 -64.08
N GLY B 2382 -1.57 12.71 -63.48
CA GLY B 2382 -1.38 13.27 -62.15
C GLY B 2382 -2.73 13.68 -61.62
N TYR B 2383 -2.79 13.85 -60.31
CA TYR B 2383 -4.06 14.19 -59.68
C TYR B 2383 -4.47 15.62 -59.94
N ARG B 2384 -3.51 16.54 -59.96
CA ARG B 2384 -3.82 17.97 -60.04
C ARG B 2384 -4.20 18.31 -61.46
N ALA B 2385 -5.51 18.37 -61.70
CA ALA B 2385 -6.03 18.65 -63.03
C ALA B 2385 -5.97 20.13 -63.37
N MET B 2386 -5.92 21.05 -62.40
CA MET B 2386 -5.77 22.46 -62.79
C MET B 2386 -4.39 22.85 -63.33
N VAL B 2387 -3.36 22.38 -62.63
CA VAL B 2387 -1.98 22.78 -62.88
C VAL B 2387 -1.35 22.50 -64.24
N LEU B 2388 -1.57 21.32 -64.75
CA LEU B 2388 -0.94 20.95 -66.00
C LEU B 2388 -1.42 21.88 -67.10
N ASP B 2389 -2.72 22.02 -67.14
CA ASP B 2389 -3.35 22.80 -68.13
C ASP B 2389 -2.91 24.22 -68.01
N VAL B 2390 -2.91 24.75 -66.79
CA VAL B 2390 -2.55 26.16 -66.69
C VAL B 2390 -1.13 26.44 -67.12
N GLU B 2391 -0.20 25.59 -66.69
CA GLU B 2391 1.17 25.87 -67.05
C GLU B 2391 1.38 25.79 -68.56
N PHE B 2392 0.85 24.75 -69.18
CA PHE B 2392 1.10 24.70 -70.61
C PHE B 2392 0.43 25.82 -71.36
N LEU B 2393 -0.78 26.17 -70.94
CA LEU B 2393 -1.46 27.23 -71.64
C LEU B 2393 -0.68 28.53 -71.50
N TYR B 2394 -0.14 28.85 -70.33
CA TYR B 2394 0.59 30.10 -70.23
C TYR B 2394 1.86 30.09 -71.04
N HIS B 2395 2.52 28.94 -71.06
CA HIS B 2395 3.68 28.88 -71.92
C HIS B 2395 3.32 29.05 -73.40
N LEU B 2396 2.18 28.49 -73.80
CA LEU B 2396 1.64 28.60 -75.15
C LEU B 2396 1.37 30.05 -75.47
N LEU B 2397 0.83 30.79 -74.52
CA LEU B 2397 0.58 32.20 -74.74
C LEU B 2397 1.90 32.95 -74.91
N TYR B 2398 2.90 32.56 -74.13
CA TYR B 2398 4.20 33.15 -74.35
C TYR B 2398 4.74 32.84 -75.75
N LEU B 2399 4.49 31.63 -76.25
CA LEU B 2399 4.85 31.25 -77.63
C LEU B 2399 4.10 32.16 -78.61
N LEU B 2400 2.85 32.44 -78.31
CA LEU B 2400 2.02 33.33 -79.10
C LEU B 2400 2.58 34.75 -79.17
N ILE B 2401 3.26 35.25 -78.12
CA ILE B 2401 3.82 36.62 -78.21
C ILE B 2401 4.77 36.66 -79.39
N CYS B 2402 5.55 35.61 -79.46
CA CYS B 2402 6.45 35.37 -80.58
C CYS B 2402 5.69 35.72 -81.89
N ALA B 2403 4.43 35.34 -82.03
CA ALA B 2403 3.65 35.68 -83.22
C ALA B 2403 3.52 37.20 -83.44
N MET B 2404 3.14 37.97 -82.45
CA MET B 2404 2.91 39.39 -82.73
C MET B 2404 4.19 40.20 -82.78
N GLY B 2405 5.24 39.57 -83.28
CA GLY B 2405 6.40 40.26 -83.78
C GLY B 2405 7.26 39.37 -84.65
N LEU B 2406 6.74 38.19 -84.96
CA LEU B 2406 7.34 37.29 -85.93
C LEU B 2406 7.54 38.10 -87.17
N PHE B 2407 6.41 38.55 -87.67
CA PHE B 2407 6.34 39.40 -88.81
C PHE B 2407 5.00 40.10 -88.67
N VAL B 2408 4.70 40.52 -87.44
CA VAL B 2408 3.34 40.82 -87.03
C VAL B 2408 3.35 42.00 -86.06
N HIS B 2409 2.31 42.82 -86.08
CA HIS B 2409 2.51 44.27 -86.09
C HIS B 2409 2.61 44.90 -84.72
N GLU B 2410 3.08 46.16 -84.68
CA GLU B 2410 4.09 46.66 -83.71
C GLU B 2410 4.23 45.83 -82.44
N PHE B 2411 3.17 45.78 -81.66
CA PHE B 2411 3.11 46.33 -80.35
C PHE B 2411 3.41 45.23 -79.39
N PHE B 2412 2.41 44.85 -78.61
CA PHE B 2412 2.29 43.53 -78.08
C PHE B 2412 3.48 43.20 -77.27
N TYR B 2413 4.60 43.01 -77.96
CA TYR B 2413 5.78 43.08 -77.06
C TYR B 2413 5.36 43.54 -75.68
N SER B 2414 4.51 44.54 -75.62
CA SER B 2414 4.05 45.01 -74.34
C SER B 2414 3.30 43.92 -73.57
N LEU B 2415 2.47 43.14 -74.27
CA LEU B 2415 1.70 42.09 -73.67
C LEU B 2415 2.60 41.06 -73.03
N LEU B 2416 3.66 40.70 -73.76
CA LEU B 2416 4.60 39.72 -73.22
C LEU B 2416 5.21 40.29 -71.93
N LEU B 2417 5.59 41.58 -71.93
CA LEU B 2417 6.16 42.16 -70.71
C LEU B 2417 5.19 42.08 -69.53
N PHE B 2418 3.93 42.36 -69.79
CA PHE B 2418 2.95 42.32 -68.73
C PHE B 2418 2.86 40.92 -68.12
N ASP B 2419 2.77 39.90 -68.96
CA ASP B 2419 2.72 38.60 -68.32
C ASP B 2419 3.99 38.09 -67.62
N LEU B 2420 5.17 38.51 -68.08
CA LEU B 2420 6.40 38.11 -67.40
C LEU B 2420 6.41 38.69 -65.99
N VAL B 2421 5.99 39.96 -65.91
CA VAL B 2421 5.95 40.49 -64.57
C VAL B 2421 4.86 39.83 -63.72
N TYR B 2422 3.76 39.40 -64.34
CA TYR B 2422 2.71 38.60 -63.67
C TYR B 2422 3.32 37.32 -63.09
N ARG B 2423 4.23 36.68 -63.82
CA ARG B 2423 4.86 35.46 -63.40
C ARG B 2423 5.64 35.73 -62.14
N GLU B 2424 5.76 37.01 -61.89
CA GLU B 2424 6.27 37.25 -60.58
C GLU B 2424 5.13 37.23 -59.51
N GLU B 2425 5.37 36.31 -58.59
CA GLU B 2425 4.55 35.91 -57.47
C GLU B 2425 4.14 36.83 -56.36
N THR B 2426 5.16 37.47 -55.86
CA THR B 2426 5.09 38.35 -54.73
C THR B 2426 4.17 39.44 -55.15
N LEU B 2427 4.39 39.93 -56.37
CA LEU B 2427 3.48 40.89 -56.97
C LEU B 2427 2.23 40.12 -57.22
N LEU B 2428 2.31 38.84 -57.59
CA LEU B 2428 1.16 38.03 -57.63
C LEU B 2428 0.51 38.02 -56.26
N ASN B 2429 1.20 37.94 -55.12
CA ASN B 2429 0.47 38.00 -53.86
C ASN B 2429 -0.30 39.31 -53.68
N VAL B 2430 0.33 40.40 -54.05
CA VAL B 2430 -0.40 41.64 -53.95
C VAL B 2430 -1.50 41.77 -54.94
N ILE B 2431 -1.37 41.13 -56.09
CA ILE B 2431 -2.37 41.07 -57.12
C ILE B 2431 -3.53 40.36 -56.52
N LYS B 2432 -3.28 39.28 -55.76
CA LYS B 2432 -4.32 38.56 -55.10
C LYS B 2432 -5.02 39.48 -54.19
N SER B 2433 -4.31 40.35 -53.45
CA SER B 2433 -5.00 41.30 -52.62
C SER B 2433 -6.07 42.06 -53.41
N VAL B 2434 -6.40 41.49 -54.56
CA VAL B 2434 -7.62 41.96 -55.21
C VAL B 2434 -8.58 40.96 -56.04
N THR B 2435 -8.50 39.60 -56.01
CA THR B 2435 -9.40 38.74 -56.76
C THR B 2435 -10.17 37.75 -55.90
N ARG B 2436 -9.59 37.26 -54.80
CA ARG B 2436 -10.14 36.11 -54.08
C ARG B 2436 -11.45 36.45 -53.39
N ASN B 2437 -11.44 37.48 -52.56
CA ASN B 2437 -12.68 38.07 -52.07
C ASN B 2437 -13.21 39.10 -53.04
N GLY B 2438 -12.91 38.94 -54.32
CA GLY B 2438 -13.31 39.88 -55.33
C GLY B 2438 -14.26 39.30 -56.34
N ARG B 2439 -14.40 37.96 -56.34
CA ARG B 2439 -15.10 37.30 -57.43
C ARG B 2439 -16.60 37.58 -57.41
N PRO B 2440 -17.28 37.72 -56.26
CA PRO B 2440 -18.53 38.48 -56.29
C PRO B 2440 -18.40 39.92 -55.83
N ILE B 2441 -17.19 40.48 -55.76
CA ILE B 2441 -17.12 41.85 -55.28
C ILE B 2441 -16.86 42.81 -56.43
N ILE B 2442 -16.65 42.25 -57.62
CA ILE B 2442 -16.93 43.05 -58.82
C ILE B 2442 -18.41 43.42 -58.82
N LEU B 2443 -19.24 42.58 -58.21
CA LEU B 2443 -20.63 42.95 -58.03
C LEU B 2443 -20.79 44.05 -56.99
N THR B 2444 -19.82 44.25 -56.10
CA THR B 2444 -20.10 45.37 -55.21
C THR B 2444 -19.76 46.71 -55.83
N ALA B 2445 -19.21 46.70 -57.03
CA ALA B 2445 -19.06 47.95 -57.75
C ALA B 2445 -20.40 48.53 -58.12
N ALA B 2446 -21.31 47.69 -58.57
CA ALA B 2446 -22.51 48.21 -59.21
C ALA B 2446 -23.47 48.76 -58.17
N LEU B 2447 -23.23 48.41 -56.91
CA LEU B 2447 -23.84 49.06 -55.76
C LEU B 2447 -23.84 50.55 -55.89
N ALA B 2448 -22.67 51.13 -56.07
CA ALA B 2448 -22.62 52.56 -56.21
C ALA B 2448 -23.14 52.97 -57.56
N LEU B 2449 -22.85 52.17 -58.59
CA LEU B 2449 -23.30 52.45 -59.94
C LEU B 2449 -24.82 52.45 -60.03
N ILE B 2450 -25.47 51.78 -59.11
CA ILE B 2450 -26.88 51.96 -58.91
C ILE B 2450 -27.16 53.01 -57.84
N LEU B 2451 -26.37 53.06 -56.76
CA LEU B 2451 -26.64 54.07 -55.75
C LEU B 2451 -26.31 55.47 -56.23
N VAL B 2452 -25.59 55.61 -57.34
CA VAL B 2452 -25.57 56.90 -57.98
C VAL B 2452 -26.78 57.05 -58.90
N TYR B 2453 -27.30 55.93 -59.39
CA TYR B 2453 -28.07 55.94 -60.62
C TYR B 2453 -29.42 56.58 -60.41
N LEU B 2454 -29.93 56.50 -59.19
CA LEU B 2454 -31.21 57.13 -58.89
C LEU B 2454 -31.07 58.63 -58.81
N PHE B 2455 -29.99 59.11 -58.20
CA PHE B 2455 -29.97 60.52 -57.88
C PHE B 2455 -29.60 61.36 -59.07
N SER B 2456 -29.28 60.71 -60.19
CA SER B 2456 -29.50 61.31 -61.48
C SER B 2456 -30.93 61.83 -61.61
N ILE B 2457 -31.91 60.94 -61.43
CA ILE B 2457 -33.30 61.29 -61.69
C ILE B 2457 -33.78 62.31 -60.69
N VAL B 2458 -33.37 62.13 -59.43
CA VAL B 2458 -33.82 62.98 -58.34
C VAL B 2458 -33.39 64.41 -58.59
N GLY B 2459 -32.22 64.58 -59.19
CA GLY B 2459 -31.91 65.86 -59.80
C GLY B 2459 -32.71 66.11 -61.05
N TYR B 2460 -32.77 65.12 -61.96
CA TYR B 2460 -33.17 65.39 -63.34
C TYR B 2460 -34.64 65.76 -63.43
N LEU B 2461 -35.44 65.31 -62.48
CA LEU B 2461 -36.84 65.69 -62.48
C LEU B 2461 -37.01 67.15 -62.13
N PHE B 2462 -36.60 67.54 -60.92
CA PHE B 2462 -36.78 68.93 -60.52
C PHE B 2462 -35.84 69.85 -61.27
N PHE B 2463 -34.76 69.32 -61.83
CA PHE B 2463 -33.79 70.15 -62.51
C PHE B 2463 -33.35 69.43 -63.77
N LYS B 2464 -33.82 69.90 -64.92
CA LYS B 2464 -33.14 69.54 -66.15
C LYS B 2464 -31.75 70.15 -66.12
N ASP B 2465 -30.82 69.46 -66.79
CA ASP B 2465 -29.38 69.63 -66.62
C ASP B 2465 -28.92 71.08 -66.81
N ASP B 2466 -29.62 71.80 -67.70
CA ASP B 2466 -29.39 73.22 -67.98
C ASP B 2466 -27.93 73.48 -68.36
N PHE B 2467 -27.45 72.71 -69.33
CA PHE B 2467 -26.02 72.65 -69.64
C PHE B 2467 -25.77 72.99 -71.11
N ILE B 2468 -24.80 73.88 -71.36
CA ILE B 2468 -24.53 74.41 -72.70
C ILE B 2468 -23.06 74.25 -73.05
N LEU B 2469 -22.17 74.59 -72.13
CA LEU B 2469 -20.74 74.52 -72.33
C LEU B 2469 -20.05 74.03 -71.06
N GLU B 2470 -19.05 73.19 -71.25
CA GLU B 2470 -18.02 73.15 -70.23
C GLU B 2470 -16.89 74.04 -70.72
N GLU B 2519 -18.44 71.16 -93.31
CA GLU B 2519 -17.71 71.43 -92.08
C GLU B 2519 -16.21 71.24 -92.28
N THR B 2520 -15.43 71.85 -91.40
CA THR B 2520 -13.98 71.75 -91.43
C THR B 2520 -13.43 71.04 -90.20
N GLU B 2521 -13.82 71.47 -89.01
CA GLU B 2521 -13.29 70.96 -87.77
C GLU B 2521 -14.41 70.30 -86.98
N GLN B 2522 -14.04 69.65 -85.88
CA GLN B 2522 -14.98 68.91 -85.06
C GLN B 2522 -15.32 69.74 -83.82
N ASP B 2523 -15.37 71.05 -84.02
CA ASP B 2523 -15.46 71.95 -82.88
C ASP B 2523 -16.54 72.98 -83.16
N LYS B 2524 -17.72 72.77 -82.60
CA LYS B 2524 -18.90 73.59 -82.88
C LYS B 2524 -19.34 74.25 -81.58
N GLU B 2525 -20.52 74.87 -81.61
CA GLU B 2525 -21.03 75.70 -80.52
C GLU B 2525 -21.70 74.89 -79.40
N HIS B 2526 -21.34 73.60 -79.27
CA HIS B 2526 -21.57 72.77 -78.09
C HIS B 2526 -23.06 72.54 -77.83
N THR B 2527 -23.68 71.83 -78.77
CA THR B 2527 -25.13 71.57 -78.75
C THR B 2527 -25.46 70.28 -78.00
N CYS B 2528 -25.32 70.36 -76.68
CA CYS B 2528 -25.55 69.32 -75.69
C CYS B 2528 -26.96 69.32 -75.12
N GLU B 2529 -27.09 68.86 -73.86
CA GLU B 2529 -28.28 68.83 -73.01
C GLU B 2529 -29.29 67.73 -73.38
N THR B 2530 -28.82 66.49 -73.31
CA THR B 2530 -29.35 65.47 -72.39
C THR B 2530 -30.89 65.42 -72.36
N LEU B 2531 -31.47 64.84 -73.41
CA LEU B 2531 -32.93 64.78 -73.46
C LEU B 2531 -33.50 63.78 -72.45
N LEU B 2532 -33.35 62.48 -72.71
CA LEU B 2532 -33.57 61.44 -71.70
C LEU B 2532 -32.61 60.28 -71.81
N MET B 2533 -31.61 60.35 -72.67
CA MET B 2533 -30.63 59.29 -72.79
C MET B 2533 -29.36 59.63 -72.05
N CYS B 2534 -28.82 60.81 -72.29
CA CYS B 2534 -27.50 61.22 -71.85
C CYS B 2534 -27.39 61.34 -70.35
N ILE B 2535 -28.52 61.27 -69.65
CA ILE B 2535 -28.57 61.10 -68.21
C ILE B 2535 -27.72 59.92 -67.77
N VAL B 2536 -27.79 58.80 -68.47
CA VAL B 2536 -26.99 57.66 -68.06
C VAL B 2536 -25.54 57.84 -68.51
N THR B 2537 -25.28 58.83 -69.35
CA THR B 2537 -23.91 59.07 -69.72
C THR B 2537 -23.24 59.98 -68.73
N VAL B 2538 -23.91 61.09 -68.43
CA VAL B 2538 -23.27 62.21 -67.76
C VAL B 2538 -22.84 61.89 -66.35
N LEU B 2539 -23.29 60.77 -65.81
CA LEU B 2539 -22.91 60.36 -64.47
C LEU B 2539 -21.43 60.14 -64.36
N SER B 2540 -20.79 59.71 -65.42
CA SER B 2540 -19.37 59.49 -65.34
C SER B 2540 -18.66 60.82 -65.27
N HIS B 2541 -19.13 61.76 -66.07
CA HIS B 2541 -18.68 63.14 -65.94
C HIS B 2541 -19.42 63.84 -64.81
N GLY B 2542 -20.41 63.19 -64.23
CA GLY B 2542 -20.87 63.60 -62.93
C GLY B 2542 -19.80 63.18 -61.96
N LEU B 2543 -19.41 61.90 -62.00
CA LEU B 2543 -18.41 61.40 -61.06
C LEU B 2543 -17.01 61.71 -61.53
N ARG B 2544 -16.91 62.59 -62.52
CA ARG B 2544 -15.69 63.15 -63.10
C ARG B 2544 -14.53 63.29 -62.15
N SER B 2545 -14.76 63.84 -60.98
CA SER B 2545 -13.62 64.07 -60.14
C SER B 2545 -13.78 63.28 -58.86
N GLY B 2546 -12.67 63.17 -58.14
CA GLY B 2546 -12.73 62.92 -56.72
C GLY B 2546 -12.81 64.21 -55.95
N GLY B 2547 -12.68 65.34 -56.64
CA GLY B 2547 -12.88 66.62 -56.00
C GLY B 2547 -14.31 66.96 -55.64
N GLY B 2548 -15.14 67.25 -56.64
CA GLY B 2548 -16.51 67.67 -56.44
C GLY B 2548 -17.45 67.15 -57.48
N VAL B 2549 -18.55 66.54 -57.06
CA VAL B 2549 -19.39 65.74 -57.93
C VAL B 2549 -20.63 66.57 -58.27
N GLY B 2550 -21.38 66.11 -59.25
CA GLY B 2550 -22.53 66.85 -59.72
C GLY B 2550 -22.05 68.05 -60.49
N ASP B 2551 -22.17 69.22 -59.86
CA ASP B 2551 -21.55 70.52 -60.16
C ASP B 2551 -21.47 70.91 -61.63
N VAL B 2552 -22.45 70.50 -62.41
CA VAL B 2552 -22.40 70.84 -63.82
C VAL B 2552 -22.89 72.24 -64.08
N LEU B 2553 -24.00 72.65 -63.49
CA LEU B 2553 -24.46 74.02 -63.69
C LEU B 2553 -23.57 74.97 -62.92
N ARG B 2554 -22.99 75.92 -63.63
CA ARG B 2554 -22.55 77.12 -62.99
C ARG B 2554 -23.41 78.27 -63.46
N LYS B 2555 -23.13 79.42 -62.89
CA LYS B 2555 -23.93 80.63 -62.94
C LYS B 2555 -25.33 80.28 -62.46
N PRO B 2556 -25.54 80.03 -61.17
CA PRO B 2556 -26.92 79.89 -60.68
C PRO B 2556 -27.64 81.21 -60.61
N SER B 2557 -26.90 82.32 -60.65
CA SER B 2557 -27.41 83.69 -60.70
C SER B 2557 -28.28 84.03 -59.49
N LYS B 2558 -27.86 83.54 -58.31
CA LYS B 2558 -28.28 84.03 -56.99
C LYS B 2558 -29.78 83.83 -56.78
N GLU B 2559 -30.41 83.03 -57.63
CA GLU B 2559 -31.78 82.73 -57.36
C GLU B 2559 -31.37 81.73 -56.34
N GLU B 2560 -31.01 82.30 -55.20
CA GLU B 2560 -30.41 81.65 -54.07
C GLU B 2560 -31.21 80.51 -53.46
N PRO B 2561 -32.55 80.58 -53.52
CA PRO B 2561 -33.28 79.41 -53.01
C PRO B 2561 -32.93 78.18 -53.87
N LEU B 2562 -33.12 78.42 -55.16
CA LEU B 2562 -32.82 77.41 -56.14
C LEU B 2562 -31.38 77.08 -55.80
N PHE B 2563 -30.59 78.09 -55.41
CA PHE B 2563 -29.22 77.95 -55.06
C PHE B 2563 -29.16 76.94 -53.94
N ALA B 2564 -29.96 77.12 -52.90
CA ALA B 2564 -29.90 76.23 -51.78
C ALA B 2564 -30.25 74.81 -52.12
N ALA B 2565 -31.29 74.66 -52.92
CA ALA B 2565 -31.74 73.32 -53.25
C ALA B 2565 -30.70 72.54 -53.97
N ARG B 2566 -30.16 73.23 -54.96
CA ARG B 2566 -29.22 72.60 -55.79
C ARG B 2566 -28.02 72.21 -55.01
N VAL B 2567 -27.52 73.13 -54.21
CA VAL B 2567 -26.30 72.78 -53.51
C VAL B 2567 -26.45 71.67 -52.57
N ILE B 2568 -27.55 71.67 -51.86
CA ILE B 2568 -27.73 70.66 -50.88
C ILE B 2568 -27.76 69.33 -51.52
N TYR B 2569 -28.52 69.22 -52.58
CA TYR B 2569 -28.61 67.97 -53.25
C TYR B 2569 -27.27 67.49 -53.78
N ASP B 2570 -26.52 68.38 -54.42
CA ASP B 2570 -25.26 67.91 -54.95
C ASP B 2570 -24.27 67.53 -53.89
N LEU B 2571 -24.32 68.25 -52.78
CA LEU B 2571 -23.45 68.01 -51.68
C LEU B 2571 -23.66 66.62 -51.20
N LEU B 2572 -24.93 66.28 -51.01
CA LEU B 2572 -25.26 64.99 -50.51
C LEU B 2572 -24.79 63.91 -51.40
N PHE B 2573 -24.96 64.08 -52.70
CA PHE B 2573 -24.39 63.11 -53.54
C PHE B 2573 -22.93 63.26 -53.28
N PHE B 2574 -22.46 64.48 -53.25
CA PHE B 2574 -21.09 64.50 -53.05
C PHE B 2574 -20.79 63.71 -51.91
N PHE B 2575 -21.52 63.87 -50.81
CA PHE B 2575 -21.02 63.19 -49.74
C PHE B 2575 -21.13 61.77 -49.81
N MET B 2576 -22.32 61.38 -50.21
CA MET B 2576 -22.49 59.98 -50.18
C MET B 2576 -21.67 59.27 -51.18
N VAL B 2577 -21.72 59.85 -52.36
CA VAL B 2577 -21.09 59.17 -53.46
C VAL B 2577 -19.70 59.16 -53.29
N ILE B 2578 -19.12 60.26 -52.85
CA ILE B 2578 -17.76 60.15 -52.80
C ILE B 2578 -17.26 59.37 -51.76
N ILE B 2579 -17.79 59.59 -50.58
CA ILE B 2579 -17.03 58.96 -49.59
C ILE B 2579 -17.68 57.80 -49.27
N ILE B 2580 -18.91 57.92 -49.01
CA ILE B 2580 -19.15 56.64 -48.49
C ILE B 2580 -18.80 55.59 -49.42
N VAL B 2581 -19.24 55.68 -50.68
CA VAL B 2581 -18.88 54.52 -51.49
C VAL B 2581 -17.42 54.38 -51.77
N LEU B 2582 -16.66 55.48 -51.85
CA LEU B 2582 -15.29 55.28 -52.14
C LEU B 2582 -14.52 54.64 -51.08
N ASN B 2583 -14.73 54.99 -49.79
CA ASN B 2583 -13.95 54.18 -48.75
C ASN B 2583 -14.71 52.80 -48.87
N LEU B 2584 -16.02 52.70 -49.15
CA LEU B 2584 -16.62 51.40 -49.35
C LEU B 2584 -16.00 50.51 -50.45
N ILE B 2585 -15.64 51.03 -51.61
CA ILE B 2585 -15.07 50.25 -52.64
C ILE B 2585 -13.83 49.74 -52.25
N PHE B 2586 -13.04 50.55 -51.63
CA PHE B 2586 -11.82 50.05 -51.21
C PHE B 2586 -12.06 48.95 -50.20
N GLY B 2587 -12.88 49.34 -49.34
CA GLY B 2587 -12.88 48.55 -48.12
C GLY B 2587 -12.48 47.12 -48.34
N VAL B 2588 -13.19 46.50 -49.28
CA VAL B 2588 -12.98 45.10 -49.56
C VAL B 2588 -11.60 44.89 -50.13
N ILE B 2589 -11.07 45.92 -50.76
CA ILE B 2589 -9.70 45.92 -51.19
C ILE B 2589 -8.77 45.96 -49.97
N ILE B 2590 -9.22 46.50 -48.85
CA ILE B 2590 -8.24 46.57 -47.78
C ILE B 2590 -8.55 45.61 -46.66
N ASP B 2591 -9.73 45.02 -46.63
CA ASP B 2591 -9.85 43.88 -45.75
C ASP B 2591 -9.36 42.64 -46.46
N THR B 2592 -9.15 42.73 -47.77
CA THR B 2592 -8.35 41.75 -48.46
C THR B 2592 -7.02 41.55 -47.75
N PHE B 2593 -6.22 42.60 -47.70
CA PHE B 2593 -4.89 42.49 -47.15
C PHE B 2593 -4.92 42.38 -45.65
N ALA B 2594 -6.00 42.80 -45.04
CA ALA B 2594 -6.11 42.45 -43.64
C ALA B 2594 -6.38 40.97 -43.48
N ASP B 2595 -7.14 40.37 -44.38
CA ASP B 2595 -7.31 38.93 -44.31
C ASP B 2595 -6.06 38.22 -44.73
N LEU B 2596 -5.42 38.73 -45.78
CA LEU B 2596 -4.51 37.93 -46.59
C LEU B 2596 -3.33 37.45 -45.78
N ARG B 2597 -2.76 38.33 -44.97
CA ARG B 2597 -1.73 37.83 -44.12
C ARG B 2597 -2.33 37.06 -42.96
N SER B 2598 -3.56 37.41 -42.53
CA SER B 2598 -4.03 36.98 -41.21
C SER B 2598 -4.24 35.49 -41.16
N GLU B 2599 -4.60 34.90 -42.30
CA GLU B 2599 -4.57 33.46 -42.39
C GLU B 2599 -3.15 32.95 -42.52
N LYS B 2600 -2.28 33.75 -43.14
CA LYS B 2600 -1.09 33.16 -43.73
C LYS B 2600 -0.06 32.76 -42.69
N GLN B 2601 0.15 33.57 -41.64
CA GLN B 2601 1.08 33.13 -40.59
C GLN B 2601 0.52 31.94 -39.84
N LYS B 2602 -0.79 31.76 -39.84
CA LYS B 2602 -1.35 30.56 -39.26
C LYS B 2602 -1.06 29.37 -40.16
N LYS B 2603 -0.96 29.60 -41.46
CA LYS B 2603 -0.54 28.53 -42.32
C LYS B 2603 0.95 28.26 -42.14
N GLU B 2604 1.71 29.28 -41.78
CA GLU B 2604 3.10 29.06 -41.42
C GLU B 2604 3.30 28.83 -39.95
N GLU B 2605 2.24 28.93 -39.14
CA GLU B 2605 2.30 28.35 -37.80
C GLU B 2605 2.51 26.85 -37.88
N ILE B 2606 1.80 26.20 -38.79
CA ILE B 2606 1.75 24.76 -38.73
C ILE B 2606 3.00 24.15 -39.34
N LEU B 2607 3.84 24.93 -40.01
CA LEU B 2607 5.09 24.31 -40.40
C LEU B 2607 6.26 24.88 -39.62
N LYS B 2608 6.36 26.20 -39.53
CA LYS B 2608 7.56 26.76 -38.91
C LYS B 2608 7.49 26.63 -37.41
N THR B 2609 6.35 26.99 -36.81
CA THR B 2609 6.26 26.96 -35.36
C THR B 2609 6.13 25.54 -34.88
N THR B 2610 5.00 24.90 -35.18
CA THR B 2610 4.89 23.51 -34.82
C THR B 2610 5.34 22.66 -35.99
N CYS B 2611 5.79 21.47 -35.66
CA CYS B 2611 6.38 20.53 -36.59
C CYS B 2611 5.28 19.60 -37.10
N PHE B 2612 5.69 18.45 -37.64
CA PHE B 2612 4.80 17.42 -38.18
C PHE B 2612 4.15 16.66 -37.02
N ILE B 2613 3.55 15.51 -37.28
CA ILE B 2613 2.27 15.15 -36.70
C ILE B 2613 2.31 14.95 -35.20
N CYS B 2614 1.96 15.99 -34.52
CA CYS B 2614 1.81 15.93 -33.07
C CYS B 2614 0.52 16.58 -32.63
N GLY B 2615 0.01 17.56 -33.37
CA GLY B 2615 -1.06 18.42 -32.91
C GLY B 2615 -0.70 19.05 -31.59
N LEU B 2616 0.57 19.40 -31.43
CA LEU B 2616 1.10 19.73 -30.12
C LEU B 2616 2.00 20.92 -30.34
N GLU B 2617 2.00 21.85 -29.39
CA GLU B 2617 2.65 23.12 -29.65
C GLU B 2617 4.15 23.07 -29.35
N ARG B 2618 4.59 21.82 -29.10
CA ARG B 2618 5.97 21.33 -28.96
C ARG B 2618 6.90 21.65 -27.83
N ASP B 2619 7.15 22.90 -27.69
CA ASP B 2619 8.22 23.30 -26.86
C ASP B 2619 8.29 22.93 -25.39
N LYS B 2620 7.17 22.88 -24.67
CA LYS B 2620 7.28 22.60 -23.23
C LYS B 2620 7.90 21.24 -23.00
N PHE B 2621 7.32 20.33 -23.74
CA PHE B 2621 7.69 18.97 -23.72
C PHE B 2621 9.14 18.87 -24.18
N ASP B 2622 9.48 19.58 -25.26
CA ASP B 2622 10.84 19.49 -25.72
C ASP B 2622 11.90 19.98 -24.72
N ASN B 2623 11.73 21.13 -24.04
CA ASN B 2623 12.80 21.56 -23.09
C ASN B 2623 12.88 20.59 -21.97
N LYS B 2624 11.72 20.15 -21.52
CA LYS B 2624 11.70 19.24 -20.44
C LYS B 2624 12.43 17.94 -20.72
N THR B 2625 12.53 17.47 -21.95
CA THR B 2625 13.24 16.20 -22.03
C THR B 2625 14.20 15.84 -23.13
N VAL B 2626 15.01 14.82 -22.79
CA VAL B 2626 16.00 14.14 -23.62
C VAL B 2626 16.82 15.18 -24.24
N THR B 2627 17.04 14.93 -25.50
CA THR B 2627 17.44 16.08 -26.28
C THR B 2627 16.37 16.17 -27.34
N PHE B 2628 15.82 17.35 -27.54
CA PHE B 2628 14.66 17.41 -28.41
C PHE B 2628 14.99 17.79 -29.84
N GLU B 2629 16.09 18.53 -30.07
CA GLU B 2629 16.52 19.18 -31.33
C GLU B 2629 16.44 18.31 -32.51
N GLU B 2630 16.82 17.05 -32.37
CA GLU B 2630 16.99 16.12 -33.46
C GLU B 2630 15.74 15.31 -33.76
N HIS B 2631 14.63 15.60 -33.06
CA HIS B 2631 13.34 14.97 -33.29
C HIS B 2631 12.89 15.08 -34.74
N ILE B 2632 13.29 16.15 -35.40
CA ILE B 2632 12.86 16.41 -36.75
C ILE B 2632 13.64 15.57 -37.74
N LYS B 2633 14.76 14.97 -37.31
CA LYS B 2633 15.43 14.10 -38.25
C LYS B 2633 14.74 12.76 -38.42
N GLU B 2634 14.09 12.23 -37.38
CA GLU B 2634 13.56 10.87 -37.48
C GLU B 2634 12.05 10.76 -37.34
N GLU B 2635 11.44 11.26 -36.26
CA GLU B 2635 10.10 10.81 -35.93
C GLU B 2635 9.02 11.51 -36.71
N HIS B 2636 9.38 12.59 -37.40
CA HIS B 2636 8.43 13.38 -38.16
C HIS B 2636 8.98 13.73 -39.53
N ASN B 2637 9.96 12.97 -40.02
CA ASN B 2637 10.64 13.36 -41.25
C ASN B 2637 9.87 12.83 -42.45
N MET B 2638 9.05 13.75 -42.97
CA MET B 2638 8.08 13.51 -44.01
C MET B 2638 8.82 13.00 -45.19
N TRP B 2639 10.02 13.55 -45.42
CA TRP B 2639 10.85 13.13 -46.53
C TRP B 2639 11.15 11.70 -46.36
N HIS B 2640 11.53 11.30 -45.17
CA HIS B 2640 11.72 9.93 -44.87
C HIS B 2640 10.42 9.14 -45.07
N TYR B 2641 9.22 9.65 -44.79
CA TYR B 2641 8.03 8.84 -45.05
C TYR B 2641 7.90 8.52 -46.53
N LEU B 2642 8.18 9.51 -47.34
CA LEU B 2642 8.19 9.35 -48.77
C LEU B 2642 9.25 8.36 -49.14
N CYS B 2643 10.42 8.42 -48.50
CA CYS B 2643 11.47 7.47 -48.72
C CYS B 2643 11.00 6.06 -48.40
N PHE B 2644 10.24 5.90 -47.33
CA PHE B 2644 9.74 4.61 -46.98
C PHE B 2644 8.90 4.09 -48.11
N ILE B 2645 7.99 4.90 -48.66
CA ILE B 2645 7.22 4.35 -49.74
C ILE B 2645 8.08 4.02 -50.93
N VAL B 2646 9.05 4.88 -51.26
CA VAL B 2646 9.84 4.50 -52.42
C VAL B 2646 10.63 3.23 -52.24
N LEU B 2647 11.30 3.04 -51.11
CA LEU B 2647 12.07 1.81 -50.99
C LEU B 2647 11.13 0.61 -50.95
N VAL B 2648 10.02 0.74 -50.25
CA VAL B 2648 9.13 -0.40 -50.18
C VAL B 2648 8.56 -0.75 -51.53
N LYS B 2649 8.22 0.25 -52.32
CA LYS B 2649 7.63 -0.06 -53.58
C LYS B 2649 8.69 -0.67 -54.41
N VAL B 2650 8.36 -1.71 -55.13
CA VAL B 2650 9.51 -2.22 -55.89
C VAL B 2650 9.51 -3.75 -55.92
N LYS B 2651 9.22 -4.38 -54.81
CA LYS B 2651 9.28 -5.83 -54.81
C LYS B 2651 8.02 -6.57 -54.39
N ASP B 2652 8.18 -7.84 -54.13
CA ASP B 2652 7.11 -8.78 -53.81
C ASP B 2652 6.25 -8.42 -52.59
N SER B 2653 6.90 -7.80 -51.60
CA SER B 2653 6.41 -7.23 -50.30
C SER B 2653 6.43 -8.20 -49.17
N THR B 2654 6.54 -9.46 -49.54
CA THR B 2654 6.61 -10.45 -48.55
C THR B 2654 7.94 -10.26 -47.87
N GLU B 2655 8.99 -10.09 -48.68
CA GLU B 2655 10.28 -9.91 -48.09
C GLU B 2655 10.30 -8.66 -47.28
N TYR B 2656 10.93 -8.87 -46.16
CA TYR B 2656 11.19 -7.93 -45.07
C TYR B 2656 9.93 -7.61 -44.28
N THR B 2657 9.11 -8.63 -44.04
CA THR B 2657 7.74 -8.43 -43.60
C THR B 2657 7.69 -8.04 -42.13
N GLY B 2658 6.49 -8.08 -41.56
CA GLY B 2658 6.26 -7.57 -40.23
C GLY B 2658 5.69 -6.18 -40.20
N PRO B 2659 6.45 -5.19 -40.58
CA PRO B 2659 5.81 -3.90 -40.86
C PRO B 2659 5.38 -3.85 -42.31
N GLU B 2660 6.13 -4.60 -43.12
CA GLU B 2660 5.98 -4.50 -44.55
C GLU B 2660 4.67 -5.10 -45.01
N SER B 2661 4.56 -6.41 -44.85
CA SER B 2661 3.38 -7.10 -45.34
C SER B 2661 2.19 -6.80 -44.47
N TYR B 2662 2.44 -6.26 -43.27
CA TYR B 2662 1.44 -5.48 -42.58
C TYR B 2662 0.88 -4.42 -43.51
N VAL B 2663 1.70 -3.42 -43.83
CA VAL B 2663 1.16 -2.28 -44.55
C VAL B 2663 0.96 -2.61 -46.03
N ALA B 2664 1.61 -3.66 -46.54
CA ALA B 2664 1.52 -4.00 -47.97
C ALA B 2664 0.11 -4.39 -48.38
N GLU B 2665 -0.71 -4.82 -47.44
CA GLU B 2665 -2.14 -4.88 -47.71
C GLU B 2665 -2.84 -3.58 -47.37
N MET B 2666 -2.31 -2.85 -46.39
CA MET B 2666 -3.04 -1.73 -45.79
C MET B 2666 -3.25 -0.59 -46.75
N ILE B 2667 -2.47 -0.49 -47.82
CA ILE B 2667 -2.73 0.55 -48.79
C ILE B 2667 -3.92 0.19 -49.66
N ARG B 2668 -4.25 -1.09 -49.76
CA ARG B 2668 -5.32 -1.52 -50.68
C ARG B 2668 -6.69 -1.07 -50.19
N GLU B 2669 -6.89 -1.12 -48.88
CA GLU B 2669 -8.14 -0.68 -48.28
C GLU B 2669 -8.01 0.67 -47.62
N ARG B 2670 -6.85 1.32 -47.78
CA ARG B 2670 -6.66 2.77 -47.76
C ARG B 2670 -7.12 3.42 -46.47
N ASN B 2671 -7.06 2.70 -45.37
CA ASN B 2671 -7.93 3.00 -44.23
C ASN B 2671 -7.45 4.13 -43.35
N LEU B 2672 -6.59 5.02 -43.87
CA LEU B 2672 -6.41 6.39 -43.40
C LEU B 2672 -5.74 6.48 -42.03
N ASP B 2673 -5.19 5.38 -41.52
CA ASP B 2673 -4.79 5.39 -40.12
C ASP B 2673 -3.42 4.76 -39.89
N TRP B 2674 -2.42 5.11 -40.69
CA TRP B 2674 -1.12 4.48 -40.51
C TRP B 2674 -0.20 5.23 -39.60
N PHE B 2675 -0.46 6.44 -39.38
CA PHE B 2675 0.67 7.30 -39.17
C PHE B 2675 0.72 7.75 -37.72
N PRO B 2676 1.91 8.15 -37.23
CA PRO B 2676 2.06 8.43 -35.79
C PRO B 2676 1.30 9.65 -35.35
N ARG B 2677 0.01 9.44 -35.16
CA ARG B 2677 -0.94 10.50 -34.92
C ARG B 2677 -0.68 11.27 -33.65
N MET B 2678 -0.80 10.65 -32.48
CA MET B 2678 -0.15 11.24 -31.33
C MET B 2678 0.46 10.20 -30.39
N ARG B 2679 -0.06 8.96 -30.42
CA ARG B 2679 0.01 8.13 -29.21
C ARG B 2679 1.40 7.53 -29.02
N ALA B 2680 2.18 7.44 -30.10
CA ALA B 2680 3.48 6.79 -30.04
C ALA B 2680 4.49 7.60 -29.25
N MET B 2681 4.90 8.75 -29.80
CA MET B 2681 5.59 9.89 -29.19
C MET B 2681 6.97 9.59 -28.61
N SER B 2682 7.14 8.33 -28.26
CA SER B 2682 8.30 7.96 -27.54
C SER B 2682 8.04 8.44 -26.09
N LEU B 2683 9.01 8.20 -25.22
CA LEU B 2683 9.05 8.64 -23.81
C LEU B 2683 8.06 7.97 -22.83
N VAL B 2684 8.11 8.40 -21.58
CA VAL B 2684 7.25 7.85 -20.53
C VAL B 2684 7.55 6.38 -20.28
N SER B 2685 8.82 6.01 -20.44
CA SER B 2685 9.27 4.64 -20.20
C SER B 2685 9.05 4.26 -18.73
N SER B 2686 9.33 5.20 -17.84
CA SER B 2686 9.16 5.01 -16.39
C SER B 2686 9.89 3.78 -15.84
N ASP B 2687 11.14 3.60 -16.27
CA ASP B 2687 11.96 2.48 -15.81
C ASP B 2687 11.26 1.14 -16.00
N SER B 2688 10.72 0.96 -17.20
CA SER B 2688 9.99 -0.26 -17.59
C SER B 2688 8.81 -0.56 -16.67
N GLU B 2689 8.09 0.50 -16.31
CA GLU B 2689 6.91 0.41 -15.45
C GLU B 2689 7.14 -0.29 -14.12
N GLY B 2690 8.26 0.03 -13.47
CA GLY B 2690 8.57 -0.59 -12.18
C GLY B 2690 8.57 -2.10 -12.25
N GLU B 2691 9.24 -2.63 -13.27
CA GLU B 2691 9.35 -4.07 -13.50
C GLU B 2691 7.99 -4.75 -13.61
N GLN B 2692 7.09 -4.08 -14.34
CA GLN B 2692 5.73 -4.55 -14.59
C GLN B 2692 4.91 -4.80 -13.33
N ASN B 2693 5.07 -3.94 -12.33
CA ASN B 2693 4.32 -4.07 -11.10
C ASN B 2693 3.13 -3.12 -11.04
N GLU B 2694 1.95 -3.69 -10.79
CA GLU B 2694 0.66 -2.94 -10.69
C GLU B 2694 0.22 -1.96 -9.53
N LEU B 2695 -1.07 -1.58 -9.58
CA LEU B 2695 -1.84 -0.62 -8.71
C LEU B 2695 -2.30 -0.93 -7.24
N ARG B 2696 -2.83 0.10 -6.55
CA ARG B 2696 -3.22 0.05 -5.13
C ARG B 2696 -3.42 -1.47 -4.81
N ASN B 2697 -4.06 -2.10 -5.80
CA ASN B 2697 -4.44 -3.51 -5.76
C ASN B 2697 -3.33 -4.53 -5.66
N LEU B 2698 -2.22 -4.32 -6.36
CA LEU B 2698 -1.14 -5.31 -6.31
C LEU B 2698 -0.62 -5.43 -4.89
N GLN B 2699 -0.44 -4.29 -4.22
CA GLN B 2699 0.04 -4.29 -2.85
C GLN B 2699 -1.01 -4.98 -1.97
N GLU B 2700 -2.28 -4.68 -2.21
CA GLU B 2700 -3.31 -5.36 -1.40
C GLU B 2700 -3.26 -6.90 -1.57
N LYS B 2701 -3.05 -7.34 -2.82
CA LYS B 2701 -2.97 -8.76 -3.16
C LYS B 2701 -1.79 -9.41 -2.46
N LEU B 2702 -0.67 -8.70 -2.41
CA LEU B 2702 0.50 -9.24 -1.73
C LEU B 2702 0.20 -9.46 -0.26
N GLU B 2703 -0.50 -8.49 0.35
CA GLU B 2703 -0.85 -8.65 1.75
C GLU B 2703 -1.71 -9.87 1.94
N SER B 2704 -2.71 -10.02 1.07
CA SER B 2704 -3.58 -11.17 1.23
C SER B 2704 -2.83 -12.48 1.09
N THR B 2705 -1.94 -12.58 0.11
CA THR B 2705 -1.24 -13.84 -0.07
C THR B 2705 -0.40 -14.18 1.15
N MET B 2706 0.29 -13.17 1.67
CA MET B 2706 1.14 -13.41 2.81
C MET B 2706 0.30 -13.87 3.99
N LYS B 2707 -0.81 -13.17 4.19
CA LYS B 2707 -1.67 -13.45 5.31
C LYS B 2707 -2.19 -14.86 5.19
N LEU B 2708 -2.64 -15.26 4.01
CA LEU B 2708 -3.20 -16.59 3.91
C LEU B 2708 -2.20 -17.69 4.17
N VAL B 2709 -1.01 -17.57 3.60
CA VAL B 2709 -0.07 -18.66 3.83
C VAL B 2709 0.33 -18.76 5.28
N THR B 2710 0.57 -17.59 5.87
CA THR B 2710 0.99 -17.59 7.26
C THR B 2710 -0.09 -18.14 8.16
N ASN B 2711 -1.33 -17.74 7.88
CA ASN B 2711 -2.52 -18.13 8.64
C ASN B 2711 -2.91 -19.59 8.54
N LEU B 2712 -2.44 -20.28 7.51
CA LEU B 2712 -2.82 -21.68 7.37
C LEU B 2712 -2.37 -22.63 8.50
N SER B 2713 -1.59 -22.18 9.48
CA SER B 2713 -1.15 -23.12 10.53
C SER B 2713 -1.37 -22.92 12.07
N GLY B 2714 -1.07 -21.71 12.52
CA GLY B 2714 -1.09 -21.43 13.95
C GLY B 2714 -2.35 -21.58 14.77
N GLN B 2715 -3.48 -21.11 14.29
CA GLN B 2715 -4.67 -21.26 15.10
C GLN B 2715 -5.04 -22.73 15.29
N LEU B 2716 -4.79 -23.55 14.29
CA LEU B 2716 -5.12 -24.96 14.39
C LEU B 2716 -4.33 -25.57 15.55
N SER B 2717 -3.07 -25.21 15.60
CA SER B 2717 -2.16 -25.70 16.62
C SER B 2717 -2.63 -25.27 17.98
N GLU B 2718 -3.01 -24.00 18.06
CA GLU B 2718 -3.44 -23.43 19.30
C GLU B 2718 -4.67 -24.16 19.80
N LEU B 2719 -5.61 -24.42 18.91
CA LEU B 2719 -6.81 -25.09 19.33
C LEU B 2719 -6.50 -26.48 19.85
N LYS B 2720 -5.61 -27.20 19.17
CA LYS B 2720 -5.29 -28.53 19.62
C LYS B 2720 -4.68 -28.48 21.01
N ASP B 2721 -3.73 -27.58 21.22
CA ASP B 2721 -3.15 -27.55 22.55
C ASP B 2721 -4.12 -27.13 23.64
N GLN B 2722 -5.00 -26.20 23.29
CA GLN B 2722 -6.00 -25.70 24.22
C GLN B 2722 -6.88 -26.86 24.66
N MET B 2723 -7.31 -27.67 23.69
CA MET B 2723 -8.14 -28.81 24.01
C MET B 2723 -7.39 -29.75 24.92
N THR B 2724 -6.13 -30.02 24.63
CA THR B 2724 -5.40 -30.95 25.50
C THR B 2724 -5.29 -30.44 26.94
N GLU B 2725 -5.01 -29.15 27.11
CA GLU B 2725 -4.89 -28.60 28.46
C GLU B 2725 -6.21 -28.67 29.21
N GLN B 2726 -7.27 -28.38 28.46
CA GLN B 2726 -8.61 -28.41 29.00
C GLN B 2726 -8.98 -29.81 29.45
N ARG B 2727 -8.57 -30.80 28.65
CA ARG B 2727 -8.80 -32.20 28.92
C ARG B 2727 -8.12 -32.54 30.22
N LYS B 2728 -6.88 -32.08 30.38
CA LYS B 2728 -6.22 -32.33 31.63
C LYS B 2728 -6.89 -31.71 32.85
N GLN B 2729 -7.36 -30.46 32.77
CA GLN B 2729 -8.00 -29.94 33.97
C GLN B 2729 -9.23 -30.75 34.33
N LYS B 2730 -10.08 -30.99 33.34
CA LYS B 2730 -11.23 -31.86 33.57
C LYS B 2730 -10.83 -33.08 34.39
N GLN B 2731 -9.64 -33.63 34.15
CA GLN B 2731 -9.17 -34.80 34.89
C GLN B 2731 -9.04 -34.44 36.36
N ARG B 2732 -8.50 -33.25 36.63
CA ARG B 2732 -8.39 -32.77 38.01
C ARG B 2732 -9.76 -32.58 38.62
N ILE B 2733 -10.70 -32.08 37.82
CA ILE B 2733 -12.07 -31.89 38.24
C ILE B 2733 -12.71 -33.23 38.61
N GLY B 2734 -12.42 -34.25 37.81
CA GLY B 2734 -12.91 -35.59 38.05
C GLY B 2734 -12.36 -36.06 39.37
N LEU B 2735 -11.09 -35.83 39.64
CA LEU B 2735 -10.51 -36.22 40.93
C LEU B 2735 -11.19 -35.47 42.08
N LEU B 2736 -11.48 -34.20 41.87
CA LEU B 2736 -12.13 -33.38 42.88
C LEU B 2736 -13.52 -33.92 43.22
N GLY B 2737 -14.24 -34.40 42.21
CA GLY B 2737 -15.58 -34.94 42.41
C GLY B 2737 -15.58 -36.45 42.45
N HIS B 2738 -14.42 -37.02 42.68
CA HIS B 2738 -14.23 -38.48 42.67
C HIS B 2738 -14.82 -39.41 43.72
N PRO B 2739 -15.29 -38.92 44.89
CA PRO B 2739 -15.57 -40.28 45.34
C PRO B 2739 -16.93 -40.80 44.85
N LYS C 4 12.10 -32.26 4.95
CA LYS C 4 11.51 -33.57 5.16
C LYS C 4 10.27 -33.78 4.29
N MET C 5 10.07 -32.89 3.32
CA MET C 5 9.00 -33.09 2.37
C MET C 5 9.32 -34.24 1.42
N SER C 6 10.50 -34.21 0.82
CA SER C 6 11.10 -35.37 0.16
C SER C 6 12.59 -35.12 0.11
N SER C 7 13.38 -36.18 0.01
CA SER C 7 14.83 -36.03 0.01
C SER C 7 15.35 -35.93 -1.43
N PHE C 8 16.68 -35.80 -1.54
CA PHE C 8 17.46 -36.12 -2.74
C PHE C 8 17.11 -35.21 -3.92
N LEU C 9 17.45 -33.93 -3.78
CA LEU C 9 16.99 -32.88 -4.68
C LEU C 9 18.11 -32.07 -5.32
N HIS C 10 19.37 -32.49 -5.22
CA HIS C 10 20.47 -31.59 -5.51
C HIS C 10 21.65 -32.42 -6.02
N ILE C 11 22.07 -32.19 -7.26
CA ILE C 11 23.28 -32.85 -7.75
C ILE C 11 24.50 -32.31 -7.03
N GLY C 12 25.44 -33.18 -6.73
CA GLY C 12 26.52 -32.88 -5.85
C GLY C 12 26.42 -33.53 -4.48
N ASP C 13 25.79 -34.70 -4.39
CA ASP C 13 25.53 -35.29 -3.10
C ASP C 13 26.78 -35.97 -2.55
N ILE C 14 26.75 -36.20 -1.24
CA ILE C 14 27.86 -36.79 -0.51
C ILE C 14 27.40 -38.19 -0.12
N CYS C 15 27.73 -39.17 -0.95
CA CYS C 15 27.15 -40.50 -0.81
C CYS C 15 28.23 -41.53 -1.03
N SER C 16 27.80 -42.77 -1.22
CA SER C 16 28.70 -43.89 -1.46
C SER C 16 27.92 -44.97 -2.19
N LEU C 17 28.58 -46.09 -2.46
CA LEU C 17 27.96 -47.15 -3.23
C LEU C 17 28.33 -48.51 -2.66
N TYR C 18 27.47 -49.49 -2.96
CA TYR C 18 27.62 -50.84 -2.46
C TYR C 18 27.11 -51.81 -3.50
N ALA C 19 27.84 -52.89 -3.70
CA ALA C 19 27.44 -53.95 -4.59
C ALA C 19 26.50 -54.89 -3.87
N GLU C 20 25.51 -55.38 -4.59
CA GLU C 20 24.50 -56.28 -4.05
C GLU C 20 24.24 -57.38 -5.04
N GLY C 21 24.06 -58.60 -4.54
CA GLY C 21 23.78 -59.73 -5.40
C GLY C 21 24.76 -60.88 -5.25
N SER C 22 25.52 -61.16 -6.31
CA SER C 22 26.43 -62.29 -6.32
C SER C 22 27.59 -62.06 -5.35
N THR C 23 28.40 -61.04 -5.60
CA THR C 23 29.45 -60.64 -4.68
C THR C 23 29.07 -59.27 -4.16
N ASN C 24 28.98 -59.13 -2.85
CA ASN C 24 28.42 -57.92 -2.26
C ASN C 24 29.57 -57.10 -1.69
N GLY C 25 30.18 -56.30 -2.56
CA GLY C 25 31.28 -55.43 -2.18
C GLY C 25 30.93 -53.96 -2.29
N PHE C 26 31.98 -53.16 -2.42
CA PHE C 26 31.90 -51.70 -2.42
C PHE C 26 32.71 -51.18 -3.61
N ILE C 27 32.58 -49.89 -3.89
CA ILE C 27 33.38 -49.28 -4.95
C ILE C 27 34.76 -48.95 -4.42
N SER C 28 35.74 -49.75 -4.80
CA SER C 28 37.04 -49.72 -4.15
C SER C 28 38.12 -49.50 -5.19
N THR C 29 38.69 -48.31 -5.20
CA THR C 29 39.87 -48.04 -6.02
C THR C 29 41.06 -48.72 -5.38
N LEU C 30 41.60 -49.74 -6.04
CA LEU C 30 42.83 -50.36 -5.56
C LEU C 30 43.94 -49.35 -5.74
N GLY C 31 44.28 -48.66 -4.66
CA GLY C 31 45.30 -47.64 -4.74
C GLY C 31 44.86 -46.42 -5.52
N LEU C 32 45.84 -45.58 -5.83
CA LEU C 32 45.64 -44.35 -6.59
C LEU C 32 46.11 -44.45 -8.02
N VAL C 33 47.11 -45.30 -8.30
CA VAL C 33 47.68 -45.36 -9.63
C VAL C 33 47.01 -46.38 -10.53
N ASP C 34 46.06 -47.15 -10.02
CA ASP C 34 45.41 -48.14 -10.87
C ASP C 34 44.30 -47.49 -11.70
N ASP C 35 43.60 -48.32 -12.47
CA ASP C 35 42.73 -47.88 -13.55
C ASP C 35 41.32 -48.42 -13.46
N ARG C 36 41.11 -49.51 -12.75
CA ARG C 36 39.77 -50.06 -12.56
C ARG C 36 39.58 -50.38 -11.08
N CYS C 37 38.34 -50.24 -10.63
CA CYS C 37 38.02 -50.52 -9.24
C CYS C 37 37.92 -52.03 -9.05
N VAL C 38 37.74 -52.43 -7.79
CA VAL C 38 37.63 -53.83 -7.45
C VAL C 38 36.35 -54.03 -6.64
N VAL C 39 35.98 -55.29 -6.47
CA VAL C 39 34.87 -55.69 -5.61
C VAL C 39 35.46 -56.59 -4.54
N GLN C 40 35.56 -56.07 -3.32
CA GLN C 40 36.25 -56.79 -2.26
C GLN C 40 35.24 -57.42 -1.30
N PRO C 41 35.23 -58.75 -1.17
CA PRO C 41 34.65 -59.34 0.04
C PRO C 41 35.53 -59.15 1.26
N GLU C 42 36.78 -58.71 1.05
CA GLU C 42 37.62 -58.16 2.11
C GLU C 42 36.90 -57.06 2.88
N ALA C 43 36.12 -56.25 2.18
CA ALA C 43 35.32 -55.21 2.80
C ALA C 43 34.26 -55.80 3.71
N GLY C 44 33.86 -55.02 4.72
CA GLY C 44 32.91 -55.44 5.73
C GLY C 44 31.47 -55.49 5.25
N ASP C 45 30.54 -55.46 6.19
CA ASP C 45 29.15 -55.72 5.90
C ASP C 45 28.52 -54.55 5.15
N LEU C 46 27.36 -54.82 4.56
CA LEU C 46 26.55 -53.73 4.02
C LEU C 46 26.00 -52.87 5.15
N ASN C 47 25.61 -53.49 6.27
CA ASN C 47 25.21 -52.74 7.44
C ASN C 47 26.39 -52.26 8.26
N ASN C 48 27.55 -52.86 8.06
CA ASN C 48 28.75 -52.49 8.80
C ASN C 48 29.91 -52.28 7.84
N PRO C 49 30.13 -51.04 7.39
CA PRO C 49 31.24 -50.75 6.46
C PRO C 49 32.59 -51.01 7.12
N PRO C 50 33.68 -51.15 6.33
CA PRO C 50 34.97 -51.56 6.93
C PRO C 50 35.62 -50.49 7.79
N LYS C 51 36.82 -50.80 8.28
CA LYS C 51 37.60 -49.82 9.02
C LYS C 51 38.00 -48.64 8.16
N LYS C 52 38.15 -48.85 6.85
CA LYS C 52 38.23 -47.76 5.90
C LYS C 52 37.07 -47.87 4.93
N PHE C 53 36.42 -46.76 4.67
CA PHE C 53 35.33 -46.74 3.69
C PHE C 53 35.39 -45.47 2.84
N ARG C 54 36.47 -44.73 2.90
CA ARG C 54 36.65 -43.46 2.21
C ARG C 54 36.86 -43.59 0.72
N ASP C 55 36.61 -44.73 0.10
CA ASP C 55 36.97 -44.93 -1.29
C ASP C 55 35.78 -44.79 -2.23
N CYS C 56 34.55 -44.88 -1.72
CA CYS C 56 33.35 -44.74 -2.55
C CYS C 56 32.90 -43.29 -2.63
N LEU C 57 33.83 -42.38 -2.94
CA LEU C 57 33.54 -40.96 -2.86
C LEU C 57 33.11 -40.41 -4.21
N PHE C 58 31.89 -40.72 -4.60
CA PHE C 58 31.35 -40.18 -5.84
C PHE C 58 30.39 -39.03 -5.56
N LYS C 59 30.11 -38.29 -6.63
CA LYS C 59 29.39 -37.04 -6.55
C LYS C 59 28.56 -36.90 -7.81
N LEU C 60 27.35 -36.38 -7.67
CA LEU C 60 26.42 -36.33 -8.79
C LEU C 60 26.85 -35.25 -9.76
N CYS C 61 27.63 -35.63 -10.75
CA CYS C 61 28.19 -34.68 -11.68
C CYS C 61 27.23 -34.41 -12.82
N PRO C 62 27.17 -33.18 -13.30
CA PRO C 62 26.38 -32.88 -14.50
C PRO C 62 27.00 -33.49 -15.74
N MET C 63 26.26 -33.52 -16.84
CA MET C 63 26.73 -34.08 -18.09
C MET C 63 27.40 -32.95 -18.88
N ASN C 64 28.69 -32.76 -18.64
CA ASN C 64 29.45 -31.80 -19.43
C ASN C 64 29.77 -32.40 -20.80
N ARG C 65 30.29 -31.56 -21.68
CA ARG C 65 30.63 -31.96 -23.04
C ARG C 65 32.08 -32.44 -23.08
N TYR C 66 32.46 -33.05 -24.21
CA TYR C 66 33.84 -33.49 -24.39
C TYR C 66 34.35 -33.24 -25.80
N SER C 67 33.55 -32.61 -26.66
CA SER C 67 33.84 -32.56 -28.09
C SER C 67 35.03 -31.66 -28.39
N ALA C 68 35.07 -30.49 -27.75
CA ALA C 68 36.25 -29.62 -27.84
C ALA C 68 37.46 -30.29 -27.24
N GLN C 69 37.26 -31.01 -26.13
CA GLN C 69 38.34 -31.77 -25.52
C GLN C 69 38.72 -32.94 -26.42
N LYS C 70 37.75 -33.52 -27.12
CA LYS C 70 38.07 -34.50 -28.14
C LYS C 70 38.86 -33.88 -29.28
N GLN C 71 38.42 -32.73 -29.77
CA GLN C 71 39.16 -32.06 -30.83
C GLN C 71 40.45 -31.43 -30.32
N PHE C 72 40.55 -31.19 -29.01
CA PHE C 72 41.85 -30.92 -28.41
C PHE C 72 42.77 -32.13 -28.60
N TRP C 73 42.23 -33.33 -28.40
CA TRP C 73 43.02 -34.55 -28.44
C TRP C 73 43.11 -35.13 -29.84
N LYS C 74 42.22 -34.61 -30.65
CA LYS C 74 42.47 -34.87 -32.01
C LYS C 74 43.96 -34.39 -32.09
N ALA C 75 44.40 -33.41 -31.28
CA ALA C 75 45.72 -32.82 -31.30
C ALA C 75 46.87 -33.82 -31.31
N ALA C 76 46.79 -34.99 -30.67
CA ALA C 76 47.87 -35.98 -30.83
C ALA C 76 47.98 -36.44 -32.31
N LYS C 77 46.85 -36.56 -33.00
CA LYS C 77 46.86 -36.90 -34.43
C LYS C 77 47.50 -35.72 -35.16
N PRO C 78 47.11 -34.48 -34.80
CA PRO C 78 47.96 -33.40 -35.28
C PRO C 78 49.44 -33.37 -34.88
N GLY C 79 49.85 -33.99 -33.78
CA GLY C 79 51.25 -34.16 -33.41
C GLY C 79 51.87 -35.06 -34.47
N ALA C 80 51.13 -36.10 -34.87
CA ALA C 80 51.54 -36.97 -35.97
C ALA C 80 51.65 -36.17 -37.29
N ASN C 81 50.73 -35.23 -37.45
CA ASN C 81 50.65 -34.33 -38.59
C ASN C 81 50.35 -32.93 -38.08
N SER C 82 50.89 -31.92 -38.74
CA SER C 82 50.74 -30.53 -38.32
C SER C 82 49.78 -29.67 -39.14
N THR C 83 50.18 -28.40 -39.30
CA THR C 83 49.50 -27.33 -40.04
C THR C 83 48.25 -26.78 -39.37
N THR C 84 47.28 -27.56 -38.93
CA THR C 84 46.44 -26.70 -38.11
C THR C 84 47.61 -25.72 -37.74
N ASP C 85 48.46 -26.31 -36.93
CA ASP C 85 49.73 -25.76 -36.60
C ASP C 85 49.68 -24.43 -35.91
N ALA C 86 50.79 -24.13 -35.25
CA ALA C 86 51.01 -22.82 -34.66
C ALA C 86 49.86 -22.24 -33.83
N VAL C 87 49.60 -20.98 -34.12
CA VAL C 87 48.58 -20.19 -33.47
C VAL C 87 47.21 -20.77 -33.70
N LEU C 88 46.96 -21.27 -34.91
CA LEU C 88 45.66 -21.82 -35.21
C LEU C 88 45.39 -22.97 -34.28
N LEU C 89 46.38 -23.85 -34.16
CA LEU C 89 46.27 -25.02 -33.35
C LEU C 89 46.08 -24.64 -31.88
N ASN C 90 46.85 -23.65 -31.45
CA ASN C 90 46.77 -23.20 -30.07
C ASN C 90 45.39 -22.63 -29.77
N LYS C 91 45.00 -21.70 -30.61
CA LYS C 91 43.76 -21.03 -30.44
C LYS C 91 42.71 -22.08 -30.50
N LEU C 92 42.87 -23.03 -31.39
CA LEU C 92 41.85 -24.05 -31.50
C LEU C 92 41.74 -24.84 -30.21
N HIS C 93 42.86 -25.29 -29.66
CA HIS C 93 42.78 -26.02 -28.40
C HIS C 93 42.55 -25.10 -27.21
N HIS C 94 42.92 -23.83 -27.38
CA HIS C 94 42.65 -22.80 -26.40
C HIS C 94 41.13 -22.63 -26.28
N ALA C 95 40.42 -22.70 -27.42
CA ALA C 95 39.00 -22.61 -27.53
C ALA C 95 38.43 -23.84 -26.87
N ALA C 96 39.08 -24.98 -27.07
CA ALA C 96 38.63 -26.20 -26.40
C ALA C 96 38.70 -26.00 -24.89
N ASP C 97 39.78 -25.40 -24.41
CA ASP C 97 39.99 -25.10 -23.01
C ASP C 97 38.92 -24.14 -22.49
N LEU C 98 38.54 -23.18 -23.32
CA LEU C 98 37.50 -22.23 -22.96
C LEU C 98 36.19 -22.96 -22.80
N GLU C 99 35.94 -23.91 -23.67
CA GLU C 99 34.78 -24.76 -23.63
C GLU C 99 34.79 -25.59 -22.34
N LYS C 100 35.96 -26.06 -21.89
CA LYS C 100 36.03 -26.77 -20.59
C LYS C 100 35.65 -25.81 -19.45
N LYS C 101 36.11 -24.57 -19.58
CA LYS C 101 35.78 -23.53 -18.61
C LYS C 101 34.28 -23.32 -18.61
N GLN C 102 33.67 -23.32 -19.80
CA GLN C 102 32.26 -23.23 -20.05
C GLN C 102 31.51 -24.43 -19.48
N ASN C 103 32.14 -25.61 -19.41
CA ASN C 103 31.49 -26.76 -18.81
C ASN C 103 31.31 -26.44 -17.37
N GLU C 104 32.36 -25.88 -16.75
CA GLU C 104 32.13 -25.45 -15.39
C GLU C 104 31.07 -24.36 -15.36
N THR C 105 31.16 -23.42 -16.28
CA THR C 105 30.27 -22.29 -16.24
C THR C 105 28.96 -22.77 -16.76
N GLU C 106 28.61 -23.92 -16.21
CA GLU C 106 27.35 -24.63 -16.36
C GLU C 106 27.07 -25.42 -15.14
N ASN C 107 28.07 -26.14 -14.65
CA ASN C 107 27.86 -26.97 -13.47
C ASN C 107 27.49 -26.18 -12.23
N ARG C 108 28.11 -25.01 -12.09
CA ARG C 108 27.80 -24.17 -10.96
C ARG C 108 26.34 -23.80 -11.05
N LYS C 109 25.89 -23.38 -12.23
CA LYS C 109 24.48 -23.04 -12.40
C LYS C 109 23.57 -24.25 -12.14
N LEU C 110 24.02 -25.40 -12.61
CA LEU C 110 23.37 -26.69 -12.54
C LEU C 110 23.05 -27.15 -11.13
N LEU C 111 23.85 -26.77 -10.15
CA LEU C 111 23.49 -27.19 -8.79
C LEU C 111 22.06 -26.74 -8.42
N GLY C 112 21.29 -27.66 -7.83
CA GLY C 112 19.91 -27.43 -7.46
C GLY C 112 18.96 -28.46 -8.01
N THR C 113 19.38 -29.22 -9.02
CA THR C 113 18.47 -30.04 -9.79
C THR C 113 18.05 -31.29 -9.02
N VAL C 114 16.74 -31.53 -8.97
CA VAL C 114 16.20 -32.72 -8.33
C VAL C 114 16.57 -33.94 -9.16
N ILE C 115 17.28 -34.88 -8.54
CA ILE C 115 17.88 -35.99 -9.28
C ILE C 115 16.83 -37.08 -9.41
N GLN C 116 16.49 -37.43 -10.63
CA GLN C 116 15.31 -38.24 -10.87
C GLN C 116 15.66 -39.48 -11.69
N TYR C 117 14.63 -40.24 -12.02
CA TYR C 117 14.78 -41.47 -12.77
C TYR C 117 15.06 -41.18 -14.24
N GLY C 118 15.79 -42.09 -14.87
CA GLY C 118 16.00 -42.05 -16.30
C GLY C 118 16.99 -41.01 -16.79
N ASN C 119 17.60 -40.25 -15.89
CA ASN C 119 18.51 -39.20 -16.32
C ASN C 119 19.84 -39.80 -16.76
N VAL C 120 20.67 -38.93 -17.34
CA VAL C 120 22.03 -39.28 -17.73
C VAL C 120 22.96 -38.35 -16.98
N ILE C 121 23.77 -38.93 -16.10
CA ILE C 121 24.63 -38.13 -15.24
C ILE C 121 26.05 -38.64 -15.34
N GLN C 122 26.97 -37.88 -14.77
CA GLN C 122 28.39 -38.21 -14.76
C GLN C 122 28.86 -38.45 -13.33
N LEU C 123 30.09 -38.94 -13.20
CA LEU C 123 30.68 -39.20 -11.89
C LEU C 123 32.13 -38.78 -11.87
N LEU C 124 32.70 -38.80 -10.68
CA LEU C 124 34.05 -38.37 -10.36
C LEU C 124 34.34 -38.79 -8.93
N HIS C 125 35.57 -39.23 -8.67
CA HIS C 125 35.93 -39.58 -7.32
C HIS C 125 36.27 -38.32 -6.53
N LEU C 126 36.55 -38.46 -5.24
CA LEU C 126 37.11 -37.37 -4.45
C LEU C 126 38.46 -37.72 -3.85
N LYS C 127 38.56 -38.90 -3.22
CA LYS C 127 39.80 -39.34 -2.56
C LYS C 127 40.93 -39.48 -3.56
N SER C 128 40.71 -40.24 -4.62
CA SER C 128 41.61 -40.17 -5.75
C SER C 128 41.29 -38.99 -6.66
N ASN C 129 40.03 -38.56 -6.66
CA ASN C 129 39.50 -37.49 -7.50
C ASN C 129 39.75 -37.79 -8.98
N LYS C 130 39.36 -38.99 -9.39
CA LYS C 130 39.53 -39.43 -10.76
C LYS C 130 38.17 -39.74 -11.37
N TYR C 131 38.16 -39.89 -12.68
CA TYR C 131 36.93 -39.89 -13.44
C TYR C 131 36.46 -41.30 -13.79
N LEU C 132 35.36 -41.37 -14.52
CA LEU C 132 34.70 -42.63 -14.87
C LEU C 132 34.47 -42.62 -16.38
N THR C 133 35.03 -43.62 -17.07
CA THR C 133 34.82 -43.73 -18.51
C THR C 133 34.99 -45.20 -18.89
N VAL C 134 33.97 -45.75 -19.53
CA VAL C 134 34.01 -47.14 -19.98
C VAL C 134 34.35 -47.15 -21.45
N ASN C 135 35.34 -47.95 -21.83
CA ASN C 135 35.74 -48.04 -23.22
C ASN C 135 34.74 -48.88 -24.02
N LYS C 136 34.64 -48.54 -25.31
CA LYS C 136 33.82 -49.31 -26.23
C LYS C 136 34.63 -50.23 -27.12
N ARG C 137 35.96 -50.12 -27.08
CA ARG C 137 36.83 -50.96 -27.90
C ARG C 137 38.03 -51.49 -27.14
N LEU C 138 38.15 -51.19 -25.85
CA LEU C 138 39.26 -51.67 -25.06
C LEU C 138 38.75 -52.59 -23.96
N PRO C 139 39.14 -53.86 -23.96
CA PRO C 139 38.45 -54.85 -23.14
C PRO C 139 38.98 -54.92 -21.71
N ALA C 140 38.44 -55.87 -20.97
CA ALA C 140 38.84 -56.10 -19.59
C ALA C 140 40.05 -57.03 -19.55
N LEU C 141 40.43 -57.45 -18.35
CA LEU C 141 41.59 -58.33 -18.21
C LEU C 141 41.16 -59.79 -18.30
N LEU C 142 40.09 -60.16 -17.60
CA LEU C 142 39.64 -61.56 -17.59
C LEU C 142 38.98 -61.94 -18.91
N GLU C 143 37.88 -61.29 -19.25
CA GLU C 143 37.18 -61.59 -20.49
C GLU C 143 37.29 -60.41 -21.42
N LYS C 144 37.51 -60.68 -22.71
CA LYS C 144 37.51 -59.64 -23.71
C LYS C 144 36.12 -59.06 -23.95
N ASN C 145 35.06 -59.83 -23.66
CA ASN C 145 33.71 -59.34 -23.82
C ASN C 145 33.37 -58.24 -22.83
N ALA C 146 34.01 -58.25 -21.67
CA ALA C 146 33.79 -57.19 -20.70
C ALA C 146 34.62 -55.97 -21.06
N MET C 147 34.04 -54.79 -20.81
CA MET C 147 34.67 -53.54 -21.20
C MET C 147 35.39 -52.90 -20.02
N ARG C 148 36.49 -52.21 -20.34
CA ARG C 148 37.36 -51.63 -19.32
C ARG C 148 36.72 -50.35 -18.78
N VAL C 149 36.62 -50.27 -17.46
CA VAL C 149 36.10 -49.09 -16.78
C VAL C 149 37.28 -48.32 -16.23
N THR C 150 37.52 -47.13 -16.73
CA THR C 150 38.79 -46.43 -16.56
C THR C 150 38.69 -45.33 -15.52
N LEU C 151 39.85 -44.88 -15.04
CA LEU C 151 39.95 -43.79 -14.09
C LEU C 151 40.73 -42.65 -14.74
N ASP C 152 40.00 -41.65 -15.23
CA ASP C 152 40.61 -40.62 -16.06
C ASP C 152 41.04 -39.43 -15.21
N GLU C 153 42.08 -38.76 -15.68
CA GLU C 153 42.50 -37.48 -15.11
C GLU C 153 41.53 -36.36 -15.49
N ALA C 154 40.93 -36.46 -16.68
CA ALA C 154 40.09 -35.39 -17.22
C ALA C 154 38.63 -35.77 -17.36
N GLY C 155 38.33 -37.00 -17.76
CA GLY C 155 36.97 -37.42 -17.96
C GLY C 155 36.60 -37.42 -19.43
N ASN C 156 35.84 -38.43 -19.84
CA ASN C 156 35.50 -38.59 -21.24
C ASN C 156 34.07 -39.12 -21.35
N GLU C 157 33.72 -39.54 -22.56
CA GLU C 157 32.33 -39.75 -22.92
C GLU C 157 31.76 -41.05 -22.38
N GLY C 158 32.58 -41.86 -21.72
CA GLY C 158 32.07 -43.04 -21.03
C GLY C 158 31.63 -42.73 -19.63
N SER C 159 31.48 -41.43 -19.33
CA SER C 159 30.86 -40.96 -18.10
C SER C 159 29.35 -40.84 -18.24
N TRP C 160 28.77 -41.49 -19.24
CA TRP C 160 27.40 -41.22 -19.68
C TRP C 160 26.55 -42.42 -19.30
N PHE C 161 25.67 -42.24 -18.32
CA PHE C 161 25.06 -43.33 -17.58
C PHE C 161 23.55 -43.32 -17.74
N TYR C 162 22.90 -44.34 -17.17
CA TYR C 162 21.45 -44.39 -17.10
C TYR C 162 21.06 -44.76 -15.68
N ILE C 163 20.65 -43.76 -14.90
CA ILE C 163 20.30 -43.99 -13.51
C ILE C 163 18.97 -44.74 -13.43
N GLN C 164 19.08 -46.05 -13.26
CA GLN C 164 17.98 -46.98 -13.41
C GLN C 164 18.07 -48.00 -12.29
N PRO C 165 16.99 -48.27 -11.58
CA PRO C 165 17.05 -49.30 -10.54
C PRO C 165 17.08 -50.72 -11.09
N PHE C 166 16.97 -51.70 -10.19
CA PHE C 166 17.16 -53.12 -10.50
C PHE C 166 16.18 -53.65 -11.53
N TYR C 167 14.89 -53.70 -11.20
CA TYR C 167 13.87 -54.10 -12.16
C TYR C 167 13.45 -52.94 -13.04
N LYS C 168 13.70 -51.70 -12.60
CA LYS C 168 12.94 -50.51 -12.98
C LYS C 168 11.45 -50.72 -12.74
N LEU C 169 11.11 -51.26 -11.57
CA LEU C 169 9.72 -51.25 -11.12
C LEU C 169 9.30 -49.84 -10.73
N ARG C 170 10.21 -49.10 -10.09
CA ARG C 170 10.02 -47.68 -9.79
C ARG C 170 9.97 -46.95 -11.12
N SER C 171 8.78 -46.45 -11.48
CA SER C 171 8.51 -46.03 -12.84
C SER C 171 9.22 -44.71 -13.16
N ILE C 172 9.45 -44.51 -14.46
CA ILE C 172 10.41 -43.51 -14.94
C ILE C 172 9.87 -42.11 -14.76
N GLY C 173 10.71 -41.21 -14.25
CA GLY C 173 10.36 -39.82 -14.11
C GLY C 173 10.49 -39.33 -12.68
N ASP C 174 10.23 -40.22 -11.74
CA ASP C 174 10.23 -39.85 -10.33
C ASP C 174 11.65 -39.68 -9.82
N SER C 175 11.77 -39.10 -8.63
CA SER C 175 13.06 -38.94 -7.98
C SER C 175 13.63 -40.30 -7.57
N VAL C 176 14.93 -40.32 -7.32
CA VAL C 176 15.56 -41.59 -7.01
C VAL C 176 15.52 -41.82 -5.51
N VAL C 177 14.91 -42.93 -5.10
CA VAL C 177 14.83 -43.27 -3.70
C VAL C 177 16.20 -43.68 -3.21
N ILE C 178 16.57 -43.19 -2.03
CA ILE C 178 17.86 -43.55 -1.45
C ILE C 178 17.77 -45.00 -0.99
N GLY C 179 18.34 -45.90 -1.77
CA GLY C 179 18.25 -47.31 -1.51
C GLY C 179 17.84 -48.08 -2.74
N ASP C 180 17.67 -47.36 -3.85
CA ASP C 180 17.37 -47.98 -5.12
C ASP C 180 18.57 -48.80 -5.59
N LYS C 181 18.31 -50.02 -6.06
CA LYS C 181 19.36 -50.89 -6.54
C LYS C 181 19.76 -50.49 -7.94
N VAL C 182 20.60 -49.47 -8.04
CA VAL C 182 20.77 -48.72 -9.28
C VAL C 182 21.61 -49.46 -10.31
N VAL C 183 20.93 -50.03 -11.30
CA VAL C 183 21.60 -50.72 -12.40
C VAL C 183 21.81 -49.68 -13.52
N LEU C 184 23.04 -49.18 -13.64
CA LEU C 184 23.36 -48.17 -14.63
C LEU C 184 23.52 -48.79 -16.01
N ASN C 185 23.71 -47.94 -16.98
CA ASN C 185 23.96 -48.39 -18.34
C ASN C 185 24.76 -47.32 -19.06
N PRO C 186 25.91 -47.65 -19.63
CA PRO C 186 26.61 -46.70 -20.50
C PRO C 186 25.79 -46.36 -21.74
N VAL C 187 25.73 -45.07 -22.04
CA VAL C 187 25.01 -44.58 -23.21
C VAL C 187 25.71 -45.03 -24.48
N ASN C 188 26.94 -44.57 -24.67
CA ASN C 188 27.66 -44.83 -25.91
C ASN C 188 28.24 -46.23 -25.95
N ALA C 189 28.74 -46.72 -24.81
CA ALA C 189 29.47 -47.97 -24.80
C ALA C 189 28.55 -49.19 -24.84
N GLY C 190 27.29 -49.04 -24.46
CA GLY C 190 26.41 -50.18 -24.51
C GLY C 190 26.35 -50.96 -23.21
N GLN C 191 27.18 -52.00 -23.11
CA GLN C 191 27.31 -53.01 -22.05
C GLN C 191 27.19 -52.45 -20.65
N PRO C 192 26.20 -52.87 -19.87
CA PRO C 192 26.09 -52.42 -18.48
C PRO C 192 27.21 -53.01 -17.62
N LEU C 193 27.34 -52.44 -16.42
CA LEU C 193 28.45 -52.77 -15.53
C LEU C 193 28.25 -54.14 -14.91
N HIS C 194 29.36 -54.80 -14.59
CA HIS C 194 29.35 -56.12 -13.99
C HIS C 194 30.29 -56.13 -12.80
N ALA C 195 29.87 -56.78 -11.72
CA ALA C 195 30.76 -57.18 -10.64
C ALA C 195 31.20 -58.62 -10.92
N SER C 196 32.21 -58.74 -11.78
CA SER C 196 32.69 -60.05 -12.20
C SER C 196 33.51 -60.68 -11.08
N SER C 197 33.01 -61.78 -10.53
CA SER C 197 33.67 -62.43 -9.42
C SER C 197 34.91 -63.20 -9.87
N HIS C 198 36.06 -62.53 -9.88
CA HIS C 198 37.30 -63.14 -10.36
C HIS C 198 38.47 -62.64 -9.54
N GLN C 199 39.38 -63.56 -9.20
CA GLN C 199 40.53 -63.23 -8.36
C GLN C 199 41.48 -62.31 -9.12
N LEU C 200 42.09 -61.38 -8.40
CA LEU C 200 42.91 -60.35 -9.01
C LEU C 200 44.31 -60.37 -8.40
N VAL C 201 45.21 -59.62 -9.05
CA VAL C 201 46.62 -59.60 -8.64
C VAL C 201 46.75 -58.88 -7.31
N ASP C 202 47.49 -59.51 -6.38
CA ASP C 202 47.65 -59.09 -4.98
C ASP C 202 46.31 -59.01 -4.26
N ASN C 203 45.35 -59.83 -4.67
CA ASN C 203 43.97 -59.69 -4.27
C ASN C 203 43.32 -61.06 -4.14
N PRO C 204 43.18 -61.59 -2.92
CA PRO C 204 42.57 -62.92 -2.76
C PRO C 204 41.08 -63.07 -3.16
N GLY C 205 40.12 -62.19 -2.82
CA GLY C 205 40.15 -60.97 -2.05
C GLY C 205 39.44 -59.80 -2.73
N CYS C 206 39.59 -59.69 -4.04
CA CYS C 206 38.96 -58.62 -4.79
C CYS C 206 38.51 -59.14 -6.15
N ASN C 207 37.49 -58.50 -6.69
CA ASN C 207 36.84 -58.94 -7.92
C ASN C 207 36.68 -57.77 -8.88
N GLU C 208 36.85 -58.06 -10.16
CA GLU C 208 37.06 -57.03 -11.16
C GLU C 208 35.77 -56.27 -11.48
N VAL C 209 35.86 -54.95 -11.48
CA VAL C 209 34.76 -54.09 -11.90
C VAL C 209 34.86 -53.89 -13.40
N ASN C 210 33.82 -54.30 -14.13
CA ASN C 210 33.88 -54.29 -15.59
C ASN C 210 32.46 -54.17 -16.15
N SER C 211 32.38 -54.11 -17.47
CA SER C 211 31.13 -53.77 -18.14
C SER C 211 30.73 -54.87 -19.12
N VAL C 212 29.68 -55.63 -18.78
CA VAL C 212 29.13 -56.66 -19.65
C VAL C 212 27.69 -56.93 -19.24
N ASN C 213 26.90 -57.41 -20.20
CA ASN C 213 25.49 -57.77 -19.99
C ASN C 213 25.30 -58.79 -18.88
N CYS C 214 24.66 -58.37 -17.79
CA CYS C 214 24.47 -59.20 -16.62
C CYS C 214 23.31 -58.62 -15.82
N ASN C 215 23.20 -59.03 -14.56
CA ASN C 215 22.13 -58.59 -13.67
C ASN C 215 22.72 -58.03 -12.38
N THR C 216 23.70 -57.14 -12.52
CA THR C 216 24.45 -56.62 -11.37
C THR C 216 23.70 -55.46 -10.73
N SER C 217 23.26 -55.63 -9.49
CA SER C 217 22.56 -54.59 -8.76
C SER C 217 23.52 -53.78 -7.91
N TRP C 218 23.02 -52.67 -7.37
CA TRP C 218 23.81 -51.73 -6.61
C TRP C 218 22.95 -51.24 -5.45
N LYS C 219 23.32 -50.11 -4.86
CA LYS C 219 22.44 -49.41 -3.94
C LYS C 219 22.81 -47.94 -3.89
N ILE C 220 21.81 -47.08 -3.87
CA ILE C 220 22.04 -45.70 -3.44
C ILE C 220 22.33 -45.70 -1.96
N VAL C 221 23.56 -45.32 -1.60
CA VAL C 221 24.00 -45.34 -0.22
C VAL C 221 24.41 -43.93 0.18
N LEU C 222 23.53 -43.25 0.91
CA LEU C 222 23.79 -41.91 1.40
C LEU C 222 24.92 -41.91 2.42
N PHE C 223 25.78 -40.90 2.33
CA PHE C 223 26.68 -40.58 3.42
C PHE C 223 26.33 -39.28 4.09
N MET C 224 26.03 -38.23 3.32
CA MET C 224 25.82 -36.92 3.90
C MET C 224 25.00 -36.08 2.94
N LYS C 225 24.19 -35.18 3.49
CA LYS C 225 23.34 -34.32 2.68
C LYS C 225 24.16 -33.32 1.88
N TRP C 226 23.55 -32.85 0.80
CA TRP C 226 24.21 -31.92 -0.12
C TRP C 226 24.53 -30.59 0.54
N SER C 227 23.79 -30.22 1.59
CA SER C 227 23.96 -28.92 2.22
C SER C 227 25.27 -28.82 2.99
N ASP C 228 25.95 -29.94 3.21
CA ASP C 228 27.29 -29.95 3.76
C ASP C 228 28.37 -29.84 2.68
N ASN C 229 28.04 -29.27 1.53
CA ASN C 229 29.03 -28.90 0.54
C ASN C 229 29.75 -27.61 0.89
N LYS C 230 29.29 -26.91 1.92
CA LYS C 230 29.99 -25.73 2.41
C LYS C 230 31.34 -26.16 3.00
N ASP C 231 32.43 -25.73 2.33
CA ASP C 231 33.76 -26.20 2.67
C ASP C 231 34.23 -25.75 4.05
N ASP C 232 33.75 -24.60 4.51
CA ASP C 232 34.03 -24.16 5.87
C ASP C 232 33.36 -25.07 6.90
N ILE C 233 32.17 -25.56 6.59
CA ILE C 233 31.33 -26.31 7.53
C ILE C 233 32.01 -27.63 7.84
N LEU C 234 32.54 -27.76 9.06
CA LEU C 234 33.27 -28.94 9.47
C LEU C 234 32.31 -30.10 9.71
N LYS C 235 31.97 -30.81 8.65
CA LYS C 235 31.04 -31.93 8.71
C LYS C 235 31.77 -33.20 8.29
N GLY C 236 30.98 -34.27 8.19
CA GLY C 236 31.40 -35.55 7.66
C GLY C 236 32.64 -36.20 8.21
N GLY C 237 33.44 -36.67 7.27
CA GLY C 237 34.68 -37.34 7.57
C GLY C 237 35.79 -36.36 7.36
N ASP C 238 35.46 -35.08 7.21
CA ASP C 238 36.53 -34.14 6.95
C ASP C 238 37.64 -34.31 7.98
N VAL C 239 38.85 -33.96 7.58
CA VAL C 239 40.03 -34.22 8.39
C VAL C 239 40.54 -32.92 8.99
N VAL C 240 41.18 -33.05 10.16
CA VAL C 240 41.61 -31.91 10.96
C VAL C 240 43.07 -32.10 11.33
N ARG C 241 43.59 -31.14 12.09
CA ARG C 241 44.86 -31.30 12.76
C ARG C 241 44.68 -31.00 14.24
N LEU C 242 45.18 -31.89 15.09
CA LEU C 242 45.08 -31.70 16.53
C LEU C 242 46.31 -30.94 17.03
N PHE C 243 46.30 -29.64 16.74
CA PHE C 243 47.45 -28.77 16.96
C PHE C 243 47.11 -27.78 18.07
N HIS C 244 47.86 -27.84 19.16
CA HIS C 244 47.67 -26.91 20.26
C HIS C 244 48.26 -25.55 19.89
N ALA C 245 47.83 -24.50 20.59
CA ALA C 245 48.18 -23.15 20.21
C ALA C 245 48.99 -22.39 21.25
N GLU C 246 48.79 -22.65 22.54
CA GLU C 246 49.62 -21.95 23.51
C GLU C 246 51.00 -22.59 23.58
N GLN C 247 51.06 -23.89 23.28
CA GLN C 247 52.34 -24.57 23.15
C GLN C 247 52.85 -24.60 21.72
N GLU C 248 51.93 -24.42 20.75
CA GLU C 248 52.21 -24.50 19.31
C GLU C 248 52.83 -25.85 18.94
N LYS C 249 52.16 -26.92 19.38
CA LYS C 249 52.62 -28.27 19.09
C LYS C 249 51.42 -29.13 18.72
N PHE C 250 51.60 -29.98 17.71
CA PHE C 250 50.54 -30.88 17.29
C PHE C 250 50.63 -32.20 18.06
N LEU C 251 49.49 -32.88 18.16
CA LEU C 251 49.41 -34.14 18.88
C LEU C 251 49.93 -35.26 18.00
N THR C 252 51.14 -35.73 18.30
CA THR C 252 51.87 -36.65 17.45
C THR C 252 51.79 -38.06 18.01
N CYS C 253 51.52 -39.01 17.13
CA CYS C 253 51.54 -40.42 17.48
C CYS C 253 52.77 -41.09 16.88
N ASP C 254 53.30 -42.09 17.59
CA ASP C 254 54.42 -42.87 17.10
C ASP C 254 54.47 -44.21 17.81
N GLU C 255 54.84 -45.25 17.07
CA GLU C 255 55.04 -46.58 17.64
C GLU C 255 56.52 -46.69 18.04
N HIS C 256 56.85 -46.03 19.14
CA HIS C 256 58.25 -45.93 19.56
C HIS C 256 58.75 -47.25 20.11
N ARG C 257 58.11 -47.74 21.18
CA ARG C 257 58.50 -48.98 21.84
C ARG C 257 57.66 -50.15 21.35
N LYS C 258 57.39 -50.14 20.03
CA LYS C 258 56.35 -50.97 19.39
C LYS C 258 55.00 -50.76 20.07
N LYS C 259 54.71 -49.48 20.36
CA LYS C 259 53.47 -49.10 21.02
C LYS C 259 53.15 -47.70 20.56
N GLN C 260 51.92 -47.49 20.07
CA GLN C 260 51.53 -46.23 19.42
C GLN C 260 51.40 -45.14 20.47
N HIS C 261 52.55 -44.63 20.90
CA HIS C 261 52.58 -43.55 21.86
C HIS C 261 52.13 -42.26 21.18
N VAL C 262 51.08 -41.65 21.70
CA VAL C 262 50.54 -40.41 21.15
C VAL C 262 50.96 -39.28 22.07
N PHE C 263 51.59 -38.26 21.53
CA PHE C 263 52.32 -37.30 22.34
C PHE C 263 52.42 -35.99 21.58
N LEU C 264 53.37 -35.16 21.89
CA LEU C 264 53.52 -34.12 20.93
C LEU C 264 54.94 -33.68 20.86
N ARG C 265 55.39 -33.42 19.65
CA ARG C 265 56.78 -33.10 19.55
C ARG C 265 57.19 -31.74 19.98
N THR C 266 58.45 -31.69 20.39
CA THR C 266 59.09 -30.50 20.82
C THR C 266 59.03 -29.61 19.61
N THR C 267 58.60 -28.40 19.86
CA THR C 267 58.42 -27.45 18.79
C THR C 267 59.65 -26.61 18.49
N GLY C 268 60.15 -26.76 17.28
CA GLY C 268 61.27 -26.00 16.78
C GLY C 268 60.78 -24.66 16.27
N ARG C 269 61.70 -23.73 16.03
CA ARG C 269 61.36 -22.40 15.54
C ARG C 269 60.43 -21.67 16.49
N GLN C 270 59.15 -21.69 16.10
CA GLN C 270 57.99 -21.08 16.73
C GLN C 270 58.00 -19.58 16.51
N SER C 271 58.92 -18.81 17.09
CA SER C 271 58.71 -17.46 16.59
C SER C 271 58.01 -17.47 15.25
N ALA C 272 58.21 -18.53 14.48
CA ALA C 272 57.44 -18.82 13.28
C ALA C 272 56.31 -19.77 13.63
N THR C 273 55.50 -20.08 12.64
CA THR C 273 54.35 -20.94 12.86
C THR C 273 54.75 -22.41 12.86
N SER C 274 53.74 -23.28 12.76
CA SER C 274 53.94 -24.71 12.81
C SER C 274 54.79 -25.23 11.65
N ALA C 275 55.68 -26.17 11.95
CA ALA C 275 56.28 -26.98 10.91
C ALA C 275 55.31 -28.06 10.44
N THR C 276 54.29 -28.34 11.27
CA THR C 276 53.08 -29.13 11.03
C THR C 276 53.31 -30.46 10.30
N SER C 277 54.01 -31.37 10.98
CA SER C 277 54.37 -32.67 10.42
C SER C 277 53.14 -33.55 10.16
N SER C 278 53.39 -34.72 9.57
CA SER C 278 52.31 -35.59 9.15
C SER C 278 51.71 -36.41 10.28
N LYS C 279 52.09 -36.15 11.51
CA LYS C 279 51.52 -36.86 12.64
C LYS C 279 50.27 -36.18 13.19
N ALA C 280 49.67 -35.28 12.42
CA ALA C 280 48.40 -34.66 12.76
C ALA C 280 47.24 -35.19 11.92
N LEU C 281 47.37 -36.41 11.40
CA LEU C 281 46.32 -37.02 10.59
C LEU C 281 45.14 -37.39 11.48
N TRP C 282 44.11 -36.56 11.48
CA TRP C 282 42.95 -36.84 12.31
C TRP C 282 41.67 -36.50 11.58
N GLU C 283 40.77 -37.48 11.54
CA GLU C 283 39.41 -37.29 11.08
C GLU C 283 38.48 -37.61 12.24
N VAL C 284 37.47 -36.77 12.43
CA VAL C 284 36.53 -36.88 13.53
C VAL C 284 35.14 -37.03 12.95
N GLU C 285 34.42 -38.06 13.40
CA GLU C 285 33.07 -38.31 12.91
C GLU C 285 32.14 -38.60 14.08
N VAL C 286 30.86 -38.30 13.85
CA VAL C 286 29.83 -38.53 14.86
C VAL C 286 29.44 -40.01 14.82
N VAL C 287 28.70 -40.45 15.84
CA VAL C 287 28.39 -41.86 16.03
C VAL C 287 26.88 -42.05 15.97
N GLN C 288 26.43 -42.87 15.01
CA GLN C 288 25.12 -43.50 15.05
C GLN C 288 25.23 -44.77 14.23
N HIS C 289 24.47 -45.79 14.64
CA HIS C 289 24.65 -47.14 14.11
C HIS C 289 24.23 -47.22 12.65
N ASP C 290 23.09 -46.65 12.29
CA ASP C 290 23.13 -46.24 10.90
C ASP C 290 24.00 -45.00 10.80
N PRO C 291 25.01 -45.02 9.93
CA PRO C 291 26.01 -43.94 9.95
C PRO C 291 25.44 -42.60 9.52
N CYS C 292 25.91 -41.54 10.20
CA CYS C 292 25.58 -40.15 9.91
C CYS C 292 24.08 -39.87 10.03
N ARG C 293 23.58 -39.92 11.27
CA ARG C 293 22.18 -39.62 11.54
C ARG C 293 21.86 -38.13 11.29
N GLY C 294 20.59 -37.79 11.45
CA GLY C 294 20.12 -36.46 11.09
C GLY C 294 19.95 -35.53 12.29
N GLY C 295 20.00 -34.24 11.98
CA GLY C 295 19.78 -33.17 12.94
C GLY C 295 20.81 -32.07 12.91
N ALA C 296 22.09 -32.45 12.75
CA ALA C 296 23.21 -31.56 12.41
C ALA C 296 23.43 -30.42 13.41
N GLY C 297 22.97 -30.60 14.65
CA GLY C 297 23.06 -29.53 15.62
C GLY C 297 24.43 -29.45 16.25
N TYR C 298 25.09 -30.60 16.35
CA TYR C 298 26.46 -30.77 16.85
C TYR C 298 26.59 -30.34 18.31
N TRP C 299 25.49 -30.33 19.06
CA TRP C 299 25.53 -29.97 20.47
C TRP C 299 25.69 -31.19 21.36
N ASN C 300 24.71 -32.10 21.32
CA ASN C 300 24.76 -33.37 22.02
C ASN C 300 25.49 -34.44 21.21
N SER C 301 26.13 -34.04 20.11
CA SER C 301 26.80 -34.97 19.23
C SER C 301 28.09 -35.48 19.85
N LEU C 302 28.40 -36.75 19.61
CA LEU C 302 29.49 -37.43 20.29
C LEU C 302 30.35 -38.11 19.24
N PHE C 303 31.66 -38.19 19.49
CA PHE C 303 32.63 -38.29 18.40
C PHE C 303 33.72 -39.30 18.69
N ARG C 304 34.13 -40.04 17.65
CA ARG C 304 35.33 -40.85 17.64
C ARG C 304 36.44 -40.16 16.85
N PHE C 305 37.68 -40.53 17.15
CA PHE C 305 38.85 -39.88 16.58
C PHE C 305 39.67 -40.91 15.80
N LYS C 306 39.94 -40.58 14.53
CA LYS C 306 40.46 -41.54 13.56
C LYS C 306 41.74 -41.02 12.92
N HIS C 307 42.80 -41.82 12.96
CA HIS C 307 44.03 -41.51 12.26
C HIS C 307 44.01 -42.12 10.87
N LEU C 308 44.60 -41.39 9.92
CA LEU C 308 44.49 -41.74 8.51
C LEU C 308 45.38 -42.92 8.14
N ALA C 309 46.69 -42.75 8.26
CA ALA C 309 47.63 -43.71 7.68
C ALA C 309 47.65 -45.01 8.45
N THR C 310 47.65 -44.94 9.77
CA THR C 310 47.46 -46.11 10.59
C THR C 310 46.01 -46.54 10.52
N GLY C 311 45.79 -47.84 10.69
CA GLY C 311 44.46 -48.37 10.84
C GLY C 311 44.08 -48.37 12.30
N HIS C 312 44.10 -47.20 12.92
CA HIS C 312 43.98 -47.08 14.36
C HIS C 312 43.12 -45.88 14.73
N TYR C 313 42.08 -46.12 15.51
CA TYR C 313 41.26 -45.06 16.08
C TYR C 313 41.87 -44.64 17.41
N LEU C 314 41.17 -43.80 18.15
CA LEU C 314 41.75 -43.18 19.35
C LEU C 314 40.84 -43.33 20.55
N ALA C 315 41.38 -43.90 21.62
CA ALA C 315 40.71 -44.02 22.90
C ALA C 315 41.62 -43.52 24.02
N ALA C 316 41.17 -43.74 25.25
CA ALA C 316 41.98 -43.47 26.44
C ALA C 316 41.44 -44.31 27.59
N GLU C 317 42.35 -44.84 28.40
CA GLU C 317 42.00 -45.51 29.65
C GLU C 317 42.96 -45.04 30.72
N VAL C 318 42.94 -45.73 31.86
CA VAL C 318 43.68 -45.29 33.03
C VAL C 318 45.16 -45.67 32.94
N ASP C 319 46.01 -44.88 33.58
CA ASP C 319 47.47 -45.01 33.66
C ASP C 319 48.00 -46.09 34.59
N PRO C 320 47.30 -46.41 35.69
CA PRO C 320 47.88 -46.28 37.04
C PRO C 320 49.36 -46.63 37.17
N ASP C 321 50.11 -45.69 37.72
CA ASP C 321 51.55 -45.84 37.94
C ASP C 321 51.80 -46.83 39.07
N TYR C 353 43.08 -41.79 31.26
CA TYR C 353 44.28 -41.13 31.75
C TYR C 353 45.42 -41.31 30.75
N SER C 354 45.34 -42.37 29.96
CA SER C 354 46.38 -42.70 29.01
C SER C 354 46.15 -41.96 27.70
N LEU C 355 47.12 -42.09 26.79
CA LEU C 355 46.93 -41.58 25.44
C LEU C 355 47.72 -42.47 24.48
N VAL C 356 47.05 -43.51 23.96
CA VAL C 356 47.53 -44.31 22.85
C VAL C 356 46.35 -44.52 21.90
N SER C 357 46.63 -45.16 20.76
CA SER C 357 45.64 -45.29 19.71
C SER C 357 45.17 -46.74 19.59
N VAL C 358 43.90 -46.92 19.26
CA VAL C 358 43.27 -48.24 19.32
C VAL C 358 42.86 -48.72 17.93
N PRO C 359 42.95 -50.01 17.64
CA PRO C 359 42.67 -50.48 16.27
C PRO C 359 41.20 -50.58 15.90
N GLU C 360 40.26 -50.49 16.84
CA GLU C 360 38.89 -50.88 16.57
C GLU C 360 37.93 -49.70 16.81
N GLY C 361 36.67 -49.91 16.43
CA GLY C 361 35.68 -48.85 16.47
C GLY C 361 34.33 -49.17 17.06
N ASN C 362 34.29 -49.96 18.12
CA ASN C 362 33.03 -50.35 18.72
C ASN C 362 32.93 -50.03 20.21
N ASP C 363 34.02 -49.66 20.85
CA ASP C 363 34.01 -49.32 22.27
C ASP C 363 33.36 -47.97 22.52
N ILE C 364 32.97 -47.76 23.77
CA ILE C 364 32.48 -46.45 24.19
C ILE C 364 33.64 -45.55 24.61
N SER C 365 34.70 -46.13 25.19
CA SER C 365 35.85 -45.42 25.72
C SER C 365 36.71 -44.73 24.66
N SER C 366 36.41 -44.94 23.38
CA SER C 366 36.99 -44.15 22.30
C SER C 366 36.10 -43.01 21.90
N ILE C 367 34.85 -42.99 22.33
CA ILE C 367 33.90 -42.01 21.83
C ILE C 367 33.98 -40.78 22.72
N PHE C 368 34.79 -39.80 22.30
CA PHE C 368 35.07 -38.61 23.09
C PHE C 368 34.10 -37.49 22.73
N GLU C 369 34.38 -36.28 23.20
CA GLU C 369 33.37 -35.24 23.23
C GLU C 369 34.07 -33.91 23.01
N LEU C 370 33.28 -32.85 22.81
CA LEU C 370 33.83 -31.55 22.46
C LEU C 370 33.20 -30.45 23.31
N ASP C 371 33.81 -29.26 23.23
CA ASP C 371 33.25 -28.03 23.81
C ASP C 371 33.60 -26.90 22.87
N PRO C 372 32.63 -26.36 22.13
CA PRO C 372 32.94 -25.43 21.04
C PRO C 372 33.29 -24.03 21.52
N THR C 373 34.61 -23.73 21.46
CA THR C 373 35.25 -22.41 21.60
C THR C 373 35.11 -21.78 22.98
N THR C 374 34.33 -22.41 23.86
CA THR C 374 33.97 -21.93 25.19
C THR C 374 33.49 -20.48 25.14
N LEU C 375 32.36 -20.27 24.47
CA LEU C 375 31.71 -18.96 24.48
C LEU C 375 30.20 -19.16 24.45
N ARG C 376 29.48 -18.05 24.62
CA ARG C 376 28.03 -18.07 24.74
C ARG C 376 27.41 -18.28 23.37
N GLY C 377 27.35 -19.54 22.93
CA GLY C 377 26.77 -19.76 21.62
C GLY C 377 25.71 -20.83 21.41
N GLY C 378 24.50 -20.37 21.08
CA GLY C 378 23.40 -21.26 20.74
C GLY C 378 23.30 -21.44 19.22
N ASP C 379 24.19 -20.75 18.52
CA ASP C 379 24.31 -20.73 17.08
C ASP C 379 25.29 -21.78 16.60
N SER C 380 25.79 -22.60 17.51
CA SER C 380 26.77 -23.57 17.12
C SER C 380 26.07 -24.70 16.45
N LEU C 381 25.43 -24.45 15.31
CA LEU C 381 24.93 -25.71 14.78
C LEU C 381 26.01 -26.48 14.03
N VAL C 382 26.85 -25.77 13.27
CA VAL C 382 28.06 -26.35 12.70
C VAL C 382 29.22 -25.41 13.00
N PRO C 383 30.13 -25.77 13.89
CA PRO C 383 31.30 -24.92 14.16
C PRO C 383 32.30 -24.95 13.01
N ARG C 384 33.31 -24.09 13.11
CA ARG C 384 34.24 -23.90 11.99
C ARG C 384 35.62 -23.52 12.52
N ASN C 385 36.56 -24.47 12.42
CA ASN C 385 38.02 -24.22 12.36
C ASN C 385 38.54 -23.41 13.55
N SER C 386 37.98 -23.67 14.73
CA SER C 386 38.24 -22.82 15.88
C SER C 386 38.51 -23.72 17.07
N TYR C 387 38.52 -23.10 18.25
CA TYR C 387 38.97 -23.74 19.49
C TYR C 387 38.01 -24.83 19.92
N VAL C 388 38.55 -25.93 20.44
CA VAL C 388 37.76 -27.05 20.92
C VAL C 388 38.25 -27.45 22.30
N ARG C 389 37.52 -28.39 22.90
CA ARG C 389 37.90 -29.02 24.16
C ARG C 389 37.37 -30.46 24.16
N LEU C 390 37.39 -31.09 25.33
CA LEU C 390 36.87 -32.44 25.47
C LEU C 390 36.26 -32.64 26.86
N ARG C 391 35.10 -33.31 26.90
CA ARG C 391 34.56 -33.91 28.10
C ARG C 391 34.71 -35.42 27.94
N HIS C 392 34.74 -36.14 29.05
CA HIS C 392 34.68 -37.58 28.88
C HIS C 392 33.25 -38.04 29.16
N LEU C 393 32.97 -39.29 28.81
CA LEU C 393 31.68 -39.90 29.10
C LEU C 393 31.72 -40.83 30.29
N CYS C 394 32.61 -41.83 30.25
CA CYS C 394 32.68 -42.80 31.34
C CYS C 394 33.34 -42.20 32.58
N THR C 395 34.60 -41.78 32.47
CA THR C 395 35.24 -41.09 33.58
C THR C 395 34.65 -39.71 33.78
N ASN C 396 34.14 -39.11 32.70
CA ASN C 396 33.22 -37.97 32.72
C ASN C 396 33.88 -36.73 33.33
N THR C 397 35.11 -36.48 32.89
CA THR C 397 35.89 -35.34 33.37
C THR C 397 36.37 -34.54 32.17
N TRP C 398 36.98 -33.40 32.44
CA TRP C 398 37.62 -32.60 31.39
C TRP C 398 38.94 -33.29 31.00
N VAL C 399 39.62 -32.75 30.01
CA VAL C 399 40.91 -33.28 29.57
C VAL C 399 41.94 -32.18 29.74
N HIS C 400 42.88 -32.39 30.66
CA HIS C 400 43.98 -31.44 30.85
C HIS C 400 45.09 -31.72 29.85
N SER C 401 46.02 -30.76 29.76
CA SER C 401 47.21 -30.91 28.94
C SER C 401 48.41 -30.36 29.68
N THR C 402 48.53 -30.71 30.96
CA THR C 402 49.66 -30.23 31.77
C THR C 402 50.94 -30.93 31.35
N ASN C 403 51.95 -30.16 30.98
CA ASN C 403 53.18 -30.68 30.39
C ASN C 403 54.01 -31.37 31.48
N ILE C 404 54.06 -32.70 31.42
CA ILE C 404 54.91 -33.47 32.31
C ILE C 404 55.84 -34.32 31.47
N PRO C 405 57.12 -33.96 31.35
CA PRO C 405 58.07 -34.81 30.62
C PRO C 405 58.32 -36.12 31.36
N ILE C 406 58.51 -37.19 30.60
CA ILE C 406 58.56 -38.53 31.18
C ILE C 406 59.88 -39.26 30.89
N ASP C 407 60.17 -39.52 29.62
CA ASP C 407 61.21 -40.48 29.29
C ASP C 407 62.61 -39.86 29.33
N LYS C 408 63.57 -40.65 29.78
CA LYS C 408 64.98 -40.31 29.70
C LYS C 408 65.63 -40.86 28.44
N GLU C 409 64.83 -41.30 27.47
CA GLU C 409 65.36 -41.80 26.21
C GLU C 409 66.06 -40.70 25.42
N GLU C 410 65.42 -39.53 25.36
CA GLU C 410 65.94 -38.43 24.57
C GLU C 410 65.35 -37.12 25.07
N GLU C 411 66.21 -36.12 25.24
CA GLU C 411 65.75 -34.77 25.54
C GLU C 411 65.04 -34.19 24.33
N LYS C 412 64.26 -33.12 24.57
CA LYS C 412 63.17 -32.66 23.70
C LYS C 412 62.30 -33.88 23.43
N PRO C 413 61.52 -34.31 24.43
CA PRO C 413 61.15 -35.73 24.54
C PRO C 413 60.10 -36.16 23.54
N VAL C 414 59.86 -37.48 23.55
CA VAL C 414 58.89 -38.13 22.67
C VAL C 414 57.85 -38.91 23.44
N MET C 415 57.80 -38.79 24.77
CA MET C 415 56.80 -39.46 25.59
C MET C 415 56.23 -38.46 26.61
N LEU C 416 54.93 -38.18 26.50
CA LEU C 416 54.24 -37.30 27.43
C LEU C 416 52.99 -37.96 27.97
N LYS C 417 52.16 -37.20 28.68
CA LYS C 417 50.95 -37.74 29.30
C LYS C 417 49.78 -36.82 29.04
N ILE C 418 48.68 -37.37 28.54
CA ILE C 418 47.44 -36.64 28.36
C ILE C 418 46.33 -37.46 28.99
N GLY C 419 45.73 -36.91 30.05
CA GLY C 419 44.75 -37.62 30.85
C GLY C 419 43.44 -36.87 30.97
N THR C 420 42.55 -37.45 31.76
CA THR C 420 41.18 -36.97 31.92
C THR C 420 40.97 -36.49 33.34
N SER C 421 41.04 -35.18 33.55
CA SER C 421 40.90 -34.60 34.87
C SER C 421 39.86 -33.50 34.85
N PRO C 422 39.03 -33.39 35.90
CA PRO C 422 37.86 -32.50 35.85
C PRO C 422 38.16 -31.01 36.00
N LEU C 423 39.41 -30.59 35.83
CA LEU C 423 39.74 -29.18 35.77
C LEU C 423 39.98 -28.76 34.32
N LYS C 424 39.85 -27.46 34.08
CA LYS C 424 40.04 -26.91 32.75
C LYS C 424 40.69 -25.54 32.88
N GLU C 425 41.69 -25.27 32.05
CA GLU C 425 42.43 -24.03 32.12
C GLU C 425 42.45 -23.43 30.71
N ASP C 426 43.07 -22.27 30.56
CA ASP C 426 43.35 -21.71 29.24
C ASP C 426 44.31 -22.57 28.43
N LYS C 427 45.13 -23.40 29.07
CA LYS C 427 46.18 -24.18 28.41
C LYS C 427 45.64 -25.33 27.56
N GLU C 428 44.34 -25.49 27.47
CA GLU C 428 43.73 -26.50 26.62
C GLU C 428 43.37 -25.95 25.25
N ALA C 429 44.13 -24.98 24.75
CA ALA C 429 43.84 -24.32 23.49
C ALA C 429 44.12 -25.26 22.33
N PHE C 430 43.18 -26.16 22.07
CA PHE C 430 43.22 -27.02 20.90
C PHE C 430 42.20 -26.52 19.90
N ALA C 431 42.56 -26.54 18.64
CA ALA C 431 41.69 -26.02 17.59
C ALA C 431 41.72 -26.93 16.38
N ILE C 432 41.20 -26.42 15.27
CA ILE C 432 41.01 -27.24 14.08
C ILE C 432 41.64 -26.54 12.88
N VAL C 433 42.52 -27.26 12.20
CA VAL C 433 43.03 -26.80 10.91
C VAL C 433 42.07 -27.22 9.81
N PRO C 434 41.56 -26.30 9.02
CA PRO C 434 40.98 -26.71 7.74
C PRO C 434 42.11 -27.14 6.83
N VAL C 435 42.26 -28.44 6.68
CA VAL C 435 43.45 -29.03 6.08
C VAL C 435 43.33 -28.92 4.57
N SER C 436 44.42 -28.55 3.91
CA SER C 436 44.45 -28.47 2.45
C SER C 436 44.26 -29.87 1.86
N PRO C 437 43.22 -30.06 1.07
CA PRO C 437 42.99 -31.40 0.50
C PRO C 437 44.05 -32.00 -0.46
N ALA C 438 44.55 -31.22 -1.40
CA ALA C 438 45.41 -31.80 -2.42
C ALA C 438 46.65 -32.50 -1.92
N GLU C 439 47.29 -31.88 -0.95
CA GLU C 439 48.51 -32.40 -0.40
C GLU C 439 48.32 -33.78 0.19
N VAL C 440 47.21 -33.96 0.90
CA VAL C 440 46.94 -35.21 1.53
C VAL C 440 46.84 -36.29 0.52
N ARG C 441 46.10 -36.03 -0.55
CA ARG C 441 45.93 -37.05 -1.56
C ARG C 441 47.24 -37.41 -2.21
N ASP C 442 48.04 -36.39 -2.50
CA ASP C 442 49.30 -36.63 -3.17
C ASP C 442 50.17 -37.53 -2.32
N LEU C 443 50.25 -37.19 -1.06
CA LEU C 443 51.08 -37.93 -0.16
C LEU C 443 50.61 -39.36 -0.03
N ASP C 444 49.31 -39.54 0.07
CA ASP C 444 48.85 -40.88 0.25
C ASP C 444 49.15 -41.75 -0.91
N PHE C 445 48.96 -41.22 -2.12
CA PHE C 445 49.28 -42.06 -3.26
C PHE C 445 50.77 -42.37 -3.28
N ALA C 446 51.60 -41.38 -2.99
CA ALA C 446 53.03 -41.64 -2.99
C ALA C 446 53.40 -42.69 -1.97
N ASN C 447 52.82 -42.59 -0.78
CA ASN C 447 53.19 -43.54 0.23
C ASN C 447 52.76 -44.94 -0.16
N ASP C 448 51.57 -45.08 -0.73
CA ASP C 448 51.14 -46.42 -1.09
C ASP C 448 52.01 -47.00 -2.21
N ALA C 449 52.37 -46.14 -3.16
CA ALA C 449 53.20 -46.53 -4.28
C ALA C 449 54.56 -47.00 -3.79
N SER C 450 55.09 -46.28 -2.81
CA SER C 450 56.37 -46.61 -2.23
C SER C 450 56.29 -47.98 -1.59
N LYS C 451 55.21 -48.25 -0.87
CA LYS C 451 55.08 -49.55 -0.24
C LYS C 451 55.07 -50.62 -1.31
N VAL C 452 54.28 -50.41 -2.36
CA VAL C 452 54.32 -51.38 -3.43
C VAL C 452 55.70 -51.28 -4.02
N LEU C 453 56.16 -50.06 -4.23
CA LEU C 453 57.49 -49.95 -4.74
C LEU C 453 58.42 -50.88 -3.96
N GLY C 454 58.25 -50.95 -2.64
CA GLY C 454 59.04 -51.83 -1.81
C GLY C 454 58.72 -53.26 -2.22
N SER C 455 57.46 -53.57 -2.44
CA SER C 455 57.13 -54.92 -2.87
C SER C 455 57.77 -55.27 -4.25
N ILE C 456 57.81 -54.30 -5.16
CA ILE C 456 58.40 -54.46 -6.49
C ILE C 456 59.88 -54.75 -6.38
N ALA C 457 60.49 -54.02 -5.45
CA ALA C 457 61.90 -54.16 -5.16
C ALA C 457 62.16 -55.56 -4.65
N GLY C 458 61.29 -56.06 -3.78
CA GLY C 458 61.42 -57.41 -3.27
C GLY C 458 61.34 -58.42 -4.41
N LYS C 459 60.43 -58.20 -5.37
CA LYS C 459 60.35 -59.13 -6.49
C LYS C 459 61.68 -59.15 -7.24
N LEU C 460 62.23 -57.97 -7.50
CA LEU C 460 63.49 -57.94 -8.21
C LEU C 460 64.60 -58.64 -7.44
N GLU C 461 64.62 -58.43 -6.12
CA GLU C 461 65.61 -59.04 -5.23
C GLU C 461 65.58 -60.55 -5.23
N LYS C 462 64.38 -61.12 -5.24
CA LYS C 462 64.30 -62.58 -5.15
C LYS C 462 65.01 -63.21 -6.33
N GLY C 463 64.87 -62.53 -7.44
CA GLY C 463 65.38 -62.90 -8.74
C GLY C 463 65.26 -61.76 -9.73
N THR C 464 64.69 -62.05 -10.89
CA THR C 464 64.36 -61.01 -11.85
C THR C 464 62.91 -60.55 -11.65
N ILE C 465 62.45 -59.67 -12.53
CA ILE C 465 61.06 -59.22 -12.53
C ILE C 465 60.43 -59.67 -13.84
N THR C 466 59.15 -59.38 -14.01
CA THR C 466 58.46 -59.77 -15.22
C THR C 466 58.56 -58.64 -16.25
N GLN C 467 57.79 -58.78 -17.34
CA GLN C 467 57.90 -57.83 -18.45
C GLN C 467 57.13 -56.55 -18.17
N ASN C 468 55.82 -56.64 -17.98
CA ASN C 468 54.95 -55.49 -18.01
C ASN C 468 55.02 -54.64 -16.75
N GLU C 469 55.73 -55.10 -15.72
CA GLU C 469 56.04 -54.25 -14.58
C GLU C 469 56.92 -53.08 -14.98
N ARG C 470 57.83 -53.30 -15.94
CA ARG C 470 58.58 -52.19 -16.51
C ARG C 470 57.67 -51.25 -17.28
N ARG C 471 56.67 -51.80 -17.98
CA ARG C 471 55.76 -50.98 -18.77
C ARG C 471 54.74 -50.25 -17.92
N SER C 472 54.57 -50.63 -16.65
CA SER C 472 53.52 -50.07 -15.82
C SER C 472 54.03 -49.02 -14.83
N VAL C 473 54.98 -49.39 -13.98
CA VAL C 473 55.21 -48.66 -12.74
C VAL C 473 56.67 -48.25 -12.61
N THR C 474 57.56 -48.93 -13.34
CA THR C 474 58.99 -48.67 -13.21
C THR C 474 59.37 -47.31 -13.78
N LYS C 475 58.84 -46.96 -14.95
CA LYS C 475 59.03 -45.63 -15.51
C LYS C 475 58.16 -44.58 -14.83
N LEU C 476 57.23 -44.99 -13.97
CA LEU C 476 56.36 -44.08 -13.24
C LEU C 476 57.03 -43.52 -11.98
N LEU C 477 58.35 -43.74 -11.85
CA LEU C 477 59.10 -43.26 -10.69
C LEU C 477 59.11 -41.73 -10.62
N GLU C 478 59.69 -41.08 -11.63
CA GLU C 478 59.85 -39.63 -11.53
C GLU C 478 58.55 -38.91 -11.88
N ASP C 479 57.60 -39.60 -12.51
CA ASP C 479 56.28 -39.02 -12.71
C ASP C 479 55.59 -38.74 -11.38
N LEU C 480 55.81 -39.61 -10.40
CA LEU C 480 55.39 -39.30 -9.04
C LEU C 480 56.25 -38.20 -8.43
N VAL C 481 57.54 -38.14 -8.80
CA VAL C 481 58.41 -37.08 -8.32
C VAL C 481 58.01 -35.75 -8.96
N TYR C 482 57.94 -35.72 -10.29
CA TYR C 482 57.56 -34.51 -11.01
C TYR C 482 56.07 -34.21 -10.93
N PHE C 483 55.29 -34.97 -10.17
CA PHE C 483 53.89 -34.62 -9.93
C PHE C 483 53.78 -33.31 -9.16
N VAL C 484 54.30 -33.27 -7.94
CA VAL C 484 54.44 -32.01 -7.23
C VAL C 484 55.83 -31.42 -7.37
N THR C 485 56.64 -31.98 -8.28
CA THR C 485 57.95 -31.53 -8.76
C THR C 485 59.05 -31.75 -7.71
N GLY C 486 58.68 -32.06 -6.46
CA GLY C 486 59.62 -32.39 -5.41
C GLY C 486 60.59 -31.30 -4.99
N GLY C 487 60.50 -30.10 -5.54
CA GLY C 487 61.52 -29.09 -5.34
C GLY C 487 62.85 -29.43 -5.98
N THR C 488 62.84 -30.27 -7.02
CA THR C 488 64.08 -30.77 -7.58
C THR C 488 64.76 -29.78 -8.52
N ASN C 489 64.10 -28.67 -8.84
CA ASN C 489 64.68 -27.64 -9.69
C ASN C 489 64.06 -26.32 -9.29
N SER C 490 64.89 -25.31 -9.07
CA SER C 490 64.39 -24.02 -8.63
C SER C 490 65.32 -22.94 -9.15
N GLY C 491 65.18 -21.72 -8.62
CA GLY C 491 66.07 -20.63 -8.96
C GLY C 491 67.34 -20.66 -8.13
N GLN C 492 67.95 -19.48 -8.00
CA GLN C 492 69.21 -19.41 -7.28
C GLN C 492 69.33 -18.02 -6.67
N ASP C 493 69.68 -18.00 -5.39
CA ASP C 493 69.82 -16.78 -4.59
C ASP C 493 70.73 -17.15 -3.43
N VAL C 494 70.71 -16.36 -2.34
CA VAL C 494 71.39 -16.77 -1.11
C VAL C 494 70.74 -18.06 -0.57
N LEU C 495 71.48 -18.78 0.27
CA LEU C 495 71.31 -20.22 0.45
C LEU C 495 69.96 -20.61 1.07
N GLU C 496 69.32 -19.71 1.80
CA GLU C 496 68.03 -20.00 2.43
C GLU C 496 66.92 -19.85 1.39
N VAL C 497 66.16 -20.92 1.17
CA VAL C 497 65.04 -20.88 0.24
C VAL C 497 63.90 -20.09 0.84
N VAL C 498 63.43 -19.07 0.13
CA VAL C 498 62.45 -18.16 0.72
C VAL C 498 61.15 -18.06 -0.08
N PHE C 499 61.22 -17.52 -1.30
CA PHE C 499 59.99 -16.96 -1.86
C PHE C 499 59.06 -17.95 -2.56
N SER C 500 59.43 -18.41 -3.78
CA SER C 500 58.48 -19.19 -4.57
C SER C 500 59.20 -19.95 -5.69
N LYS C 501 59.34 -21.28 -5.51
CA LYS C 501 59.41 -22.37 -6.51
C LYS C 501 59.46 -23.62 -5.61
N PRO C 502 59.44 -24.87 -6.13
CA PRO C 502 58.41 -25.84 -5.71
C PRO C 502 58.48 -26.26 -4.24
N ASN C 503 57.42 -26.93 -3.81
CA ASN C 503 57.19 -27.18 -2.40
C ASN C 503 58.22 -27.86 -1.52
N ARG C 504 58.55 -27.14 -0.45
CA ARG C 504 59.44 -27.62 0.60
C ARG C 504 58.68 -28.69 1.37
N GLU C 505 57.37 -28.50 1.54
CA GLU C 505 56.60 -29.50 2.23
C GLU C 505 56.66 -30.77 1.41
N ARG C 506 56.46 -30.64 0.10
CA ARG C 506 56.49 -31.77 -0.77
C ARG C 506 57.87 -32.38 -0.67
N GLN C 507 58.95 -31.61 -0.72
CA GLN C 507 60.26 -32.26 -0.66
C GLN C 507 60.51 -33.00 0.64
N LYS C 508 60.14 -32.39 1.75
CA LYS C 508 60.38 -33.07 3.01
C LYS C 508 59.52 -34.32 3.14
N LEU C 509 58.29 -34.26 2.63
CA LEU C 509 57.34 -35.36 2.59
C LEU C 509 57.88 -36.49 1.72
N MET C 510 58.53 -36.10 0.63
CA MET C 510 59.16 -37.00 -0.32
C MET C 510 60.24 -37.74 0.46
N ARG C 511 61.01 -37.00 1.26
CA ARG C 511 62.02 -37.62 2.10
C ARG C 511 61.33 -38.59 3.07
N GLU C 512 60.13 -38.12 3.45
CA GLU C 512 59.15 -38.69 4.40
C GLU C 512 58.46 -40.03 4.27
N GLN C 513 57.89 -40.42 3.12
CA GLN C 513 57.20 -41.76 3.02
C GLN C 513 58.24 -42.84 2.64
N ASN C 514 59.28 -42.99 3.48
CA ASN C 514 60.49 -43.77 3.27
C ASN C 514 61.10 -43.44 1.93
N ILE C 515 60.82 -42.21 1.54
CA ILE C 515 61.57 -41.84 0.42
C ILE C 515 62.90 -42.64 0.72
N LEU C 516 63.25 -42.88 2.00
CA LEU C 516 64.39 -43.66 2.45
C LEU C 516 64.23 -45.09 2.00
N LYS C 517 63.00 -45.57 2.08
CA LYS C 517 62.64 -46.89 1.65
C LYS C 517 62.86 -47.00 0.14
N GLN C 518 62.51 -45.93 -0.59
CA GLN C 518 62.76 -45.88 -2.03
C GLN C 518 64.24 -45.91 -2.27
N ILE C 519 65.02 -45.21 -1.45
CA ILE C 519 66.45 -45.23 -1.61
C ILE C 519 66.93 -46.66 -1.44
N PHE C 520 66.44 -47.40 -0.45
CA PHE C 520 66.89 -48.77 -0.32
C PHE C 520 66.48 -49.58 -1.54
N LYS C 521 65.27 -49.37 -2.05
CA LYS C 521 64.80 -50.10 -3.24
C LYS C 521 65.72 -49.81 -4.43
N LEU C 522 66.10 -48.55 -4.62
CA LEU C 522 67.00 -48.18 -5.70
C LEU C 522 68.36 -48.79 -5.52
N LEU C 523 68.80 -48.86 -4.27
CA LEU C 523 70.07 -49.48 -3.97
C LEU C 523 70.01 -50.90 -4.43
N GLN C 524 68.93 -51.60 -4.07
CA GLN C 524 68.77 -52.96 -4.46
C GLN C 524 68.76 -53.10 -5.96
N ALA C 525 68.14 -52.22 -6.74
CA ALA C 525 68.18 -52.46 -8.19
C ALA C 525 69.61 -52.40 -8.75
N PRO C 526 70.33 -51.31 -8.49
CA PRO C 526 71.73 -51.41 -8.92
C PRO C 526 72.57 -52.51 -8.30
N PHE C 527 72.35 -52.81 -7.04
CA PHE C 527 73.10 -53.85 -6.37
C PHE C 527 72.84 -55.22 -7.02
N THR C 528 71.58 -55.46 -7.38
CA THR C 528 71.18 -56.70 -8.02
C THR C 528 71.84 -56.77 -9.37
N ASP C 529 71.90 -55.65 -10.09
CA ASP C 529 72.57 -55.68 -11.38
C ASP C 529 74.04 -56.04 -11.20
N CYS C 530 74.68 -55.45 -10.20
CA CYS C 530 76.09 -55.75 -10.00
C CYS C 530 76.29 -57.22 -9.67
N GLY C 531 75.42 -57.77 -8.83
CA GLY C 531 75.52 -59.16 -8.47
C GLY C 531 75.33 -60.07 -9.65
N ASP C 532 74.37 -59.73 -10.50
CA ASP C 532 74.03 -60.50 -11.69
C ASP C 532 73.16 -59.67 -12.61
N HIS C 546 71.54 -52.36 -17.55
CA HIS C 546 71.58 -51.12 -18.31
C HIS C 546 70.20 -50.68 -18.81
N ALA C 547 70.15 -50.34 -20.10
CA ALA C 547 68.92 -49.98 -20.81
C ALA C 547 68.13 -48.75 -20.37
N PRO C 548 66.83 -48.77 -20.70
CA PRO C 548 65.81 -47.77 -20.43
C PRO C 548 65.64 -47.62 -18.94
N PHE C 549 65.66 -48.75 -18.23
CA PHE C 549 65.53 -48.71 -16.79
C PHE C 549 66.71 -47.95 -16.22
N ARG C 550 67.92 -48.23 -16.72
CA ARG C 550 69.08 -47.54 -16.22
C ARG C 550 68.96 -46.04 -16.51
N HIS C 551 68.52 -45.69 -17.71
CA HIS C 551 68.41 -44.27 -18.03
C HIS C 551 67.42 -43.55 -17.13
N ILE C 552 66.30 -44.21 -16.88
CA ILE C 552 65.26 -43.62 -16.05
C ILE C 552 65.78 -43.41 -14.65
N CYS C 553 66.48 -44.41 -14.13
CA CYS C 553 67.03 -44.30 -12.80
C CYS C 553 68.07 -43.18 -12.72
N ARG C 554 68.78 -42.87 -13.81
CA ARG C 554 69.81 -41.83 -13.71
C ARG C 554 69.29 -40.41 -13.36
N LEU C 555 68.24 -39.99 -14.05
CA LEU C 555 67.62 -38.68 -13.81
C LEU C 555 66.96 -38.60 -12.44
N CYS C 556 66.42 -39.74 -12.01
CA CYS C 556 65.80 -39.89 -10.70
C CYS C 556 66.87 -39.65 -9.63
N TYR C 557 68.07 -40.18 -9.86
CA TYR C 557 69.20 -39.98 -8.98
C TYR C 557 69.54 -38.49 -8.95
N ARG C 558 69.49 -37.84 -10.10
CA ARG C 558 69.76 -36.41 -10.13
C ARG C 558 68.75 -35.65 -9.26
N VAL C 559 67.47 -36.03 -9.36
CA VAL C 559 66.44 -35.38 -8.54
C VAL C 559 66.69 -35.60 -7.06
N LEU C 560 67.13 -36.81 -6.70
CA LEU C 560 67.43 -37.13 -5.30
C LEU C 560 68.55 -36.24 -4.79
N ARG C 561 69.56 -36.06 -5.63
CA ARG C 561 70.67 -35.23 -5.25
C ARG C 561 70.16 -33.82 -5.02
N HIS C 562 69.31 -33.31 -5.90
CA HIS C 562 68.80 -31.96 -5.67
C HIS C 562 68.00 -31.86 -4.39
N SER C 563 67.18 -32.85 -4.09
CA SER C 563 66.39 -32.74 -2.88
C SER C 563 67.29 -32.68 -1.65
N GLN C 564 68.33 -33.53 -1.55
CA GLN C 564 69.19 -33.40 -0.35
C GLN C 564 69.96 -32.09 -0.35
N GLN C 565 70.40 -31.65 -1.52
CA GLN C 565 71.16 -30.41 -1.62
C GLN C 565 70.34 -29.20 -1.17
N ASP C 566 69.08 -29.16 -1.60
CA ASP C 566 68.19 -28.05 -1.23
C ASP C 566 67.88 -28.02 0.26
N TYR C 567 67.68 -29.19 0.85
CA TYR C 567 67.33 -29.33 2.26
C TYR C 567 68.40 -28.91 3.28
N ARG C 568 67.93 -28.35 4.38
CA ARG C 568 68.76 -27.91 5.49
C ARG C 568 68.08 -28.43 6.75
N LYS C 569 68.83 -28.75 7.80
CA LYS C 569 68.17 -29.30 8.99
C LYS C 569 67.38 -30.58 8.70
N ASN C 570 67.61 -31.19 7.55
CA ASN C 570 66.69 -32.18 7.03
C ASN C 570 67.38 -33.30 6.27
N GLN C 571 68.69 -33.29 6.22
CA GLN C 571 69.35 -34.23 5.32
C GLN C 571 70.37 -35.20 5.89
N GLU C 572 70.28 -35.56 7.16
CA GLU C 572 71.37 -36.39 7.69
C GLU C 572 71.66 -37.73 7.08
N TYR C 573 70.66 -38.60 6.96
CA TYR C 573 71.02 -39.89 6.41
C TYR C 573 71.00 -39.98 4.93
N ILE C 574 70.37 -39.00 4.31
CA ILE C 574 70.43 -38.89 2.87
C ILE C 574 71.89 -38.55 2.59
N ALA C 575 72.45 -37.61 3.36
CA ALA C 575 73.83 -37.27 3.17
C ALA C 575 74.69 -38.48 3.46
N LYS C 576 74.39 -39.25 4.51
CA LYS C 576 75.22 -40.37 4.81
C LYS C 576 75.22 -41.37 3.68
N GLN C 577 74.04 -41.43 3.10
CA GLN C 577 73.61 -42.20 1.98
C GLN C 577 74.34 -41.83 0.67
N PHE C 578 74.60 -40.55 0.45
CA PHE C 578 75.21 -40.15 -0.82
C PHE C 578 76.52 -40.82 -1.25
N GLY C 579 77.37 -41.16 -0.31
CA GLY C 579 78.67 -41.70 -0.67
C GLY C 579 78.66 -42.98 -1.47
N PHE C 580 77.78 -43.89 -1.10
CA PHE C 580 77.68 -45.16 -1.80
C PHE C 580 77.22 -44.93 -3.25
N MET C 581 76.28 -44.02 -3.42
CA MET C 581 75.79 -43.65 -4.74
C MET C 581 76.91 -43.04 -5.57
N GLN C 582 77.72 -42.20 -4.93
CA GLN C 582 78.85 -41.59 -5.60
C GLN C 582 79.81 -42.67 -6.05
N LYS C 583 80.06 -43.66 -5.21
CA LYS C 583 80.95 -44.73 -5.59
C LYS C 583 80.40 -45.44 -6.80
N GLN C 584 79.10 -45.73 -6.81
CA GLN C 584 78.54 -46.41 -7.96
C GLN C 584 78.64 -45.57 -9.23
N ILE C 585 78.44 -44.27 -9.12
CA ILE C 585 78.51 -43.39 -10.27
C ILE C 585 78.73 -41.95 -9.88
N THR C 596 77.69 -32.70 -3.02
CA THR C 596 77.35 -31.90 -1.84
C THR C 596 78.18 -32.23 -0.62
N ALA C 597 79.36 -32.85 -0.80
CA ALA C 597 80.27 -33.01 0.32
C ALA C 597 80.75 -31.65 0.79
N LEU C 598 80.97 -30.75 -0.17
CA LEU C 598 81.13 -29.34 0.16
C LEU C 598 80.09 -28.49 -0.55
N LEU C 599 79.48 -29.02 -1.63
CA LEU C 599 78.60 -28.23 -2.49
C LEU C 599 77.34 -27.78 -1.77
N HIS C 600 76.48 -28.72 -1.38
CA HIS C 600 75.64 -28.48 -0.22
C HIS C 600 76.59 -28.44 0.97
N ASN C 601 76.31 -27.54 1.92
CA ASN C 601 77.29 -27.19 2.93
C ASN C 601 77.60 -28.35 3.87
N ASN C 602 76.61 -28.79 4.63
CA ASN C 602 76.86 -29.73 5.70
C ASN C 602 77.82 -29.13 6.72
N ARG C 603 77.44 -28.16 7.53
CA ARG C 603 78.56 -27.73 8.34
C ARG C 603 78.96 -29.06 8.97
N LYS C 604 77.97 -29.71 9.58
CA LYS C 604 78.18 -31.03 10.12
C LYS C 604 78.37 -31.95 8.94
N LEU C 605 77.54 -31.76 7.93
CA LEU C 605 77.55 -32.56 6.71
C LEU C 605 78.85 -32.40 5.96
N LEU C 606 79.37 -31.17 5.91
CA LEU C 606 80.61 -30.96 5.22
C LEU C 606 81.68 -31.76 5.95
N GLU C 607 81.70 -31.68 7.28
CA GLU C 607 82.69 -32.44 8.04
C GLU C 607 82.53 -33.94 7.83
N LYS C 608 81.29 -34.40 7.79
CA LYS C 608 81.00 -35.81 7.60
C LYS C 608 81.48 -36.35 6.27
N HIS C 609 81.33 -35.56 5.21
CA HIS C 609 81.72 -36.00 3.88
C HIS C 609 83.22 -36.22 3.95
N ILE C 610 83.76 -35.61 4.99
CA ILE C 610 85.18 -35.59 5.27
C ILE C 610 85.55 -36.95 5.86
N THR C 611 85.02 -38.00 5.25
CA THR C 611 85.43 -39.30 5.71
C THR C 611 86.79 -39.28 5.06
N ALA C 612 87.84 -39.42 5.86
CA ALA C 612 89.21 -39.40 5.36
C ALA C 612 89.41 -40.57 4.42
N ALA C 613 88.89 -41.71 4.83
CA ALA C 613 88.92 -42.92 4.04
C ALA C 613 88.12 -42.68 2.76
N GLU C 614 86.98 -42.00 2.84
CA GLU C 614 86.21 -41.76 1.64
C GLU C 614 87.03 -40.96 0.65
N ILE C 615 87.70 -39.92 1.14
CA ILE C 615 88.52 -39.12 0.24
C ILE C 615 89.63 -39.96 -0.36
N ASP C 616 90.26 -40.77 0.48
CA ASP C 616 91.37 -41.59 0.02
C ASP C 616 90.89 -42.57 -1.04
N THR C 617 89.73 -43.16 -0.82
CA THR C 617 89.17 -44.14 -1.73
C THR C 617 88.90 -43.48 -3.06
N PHE C 618 88.34 -42.28 -3.02
CA PHE C 618 88.04 -41.58 -4.26
C PHE C 618 89.34 -41.33 -5.00
N VAL C 619 90.36 -40.87 -4.28
CA VAL C 619 91.64 -40.60 -4.93
C VAL C 619 92.26 -41.84 -5.54
N SER C 620 92.20 -42.96 -4.82
CA SER C 620 92.79 -44.18 -5.34
C SER C 620 92.09 -44.62 -6.61
N LEU C 621 90.76 -44.52 -6.58
CA LEU C 621 89.97 -44.90 -7.73
C LEU C 621 90.32 -44.03 -8.92
N VAL C 622 90.45 -42.74 -8.68
CA VAL C 622 90.79 -41.84 -9.78
C VAL C 622 92.16 -42.20 -10.35
N ARG C 623 93.11 -42.48 -9.47
CA ARG C 623 94.46 -42.78 -9.91
C ARG C 623 94.45 -44.01 -10.79
N LYS C 624 93.73 -45.05 -10.38
CA LYS C 624 93.70 -46.22 -11.24
C LYS C 624 92.46 -46.02 -12.08
N ASN C 625 91.76 -44.96 -11.73
CA ASN C 625 90.47 -44.63 -12.31
C ASN C 625 90.55 -44.48 -13.82
N ARG C 626 91.30 -43.50 -14.31
CA ARG C 626 91.32 -43.17 -15.72
C ARG C 626 89.98 -42.58 -16.17
N GLU C 627 89.28 -41.94 -15.22
CA GLU C 627 87.99 -41.30 -15.49
C GLU C 627 88.02 -39.88 -14.97
N PRO C 628 88.41 -38.85 -15.75
CA PRO C 628 88.61 -37.45 -15.21
C PRO C 628 87.63 -36.40 -14.53
N ARG C 629 86.39 -36.30 -15.03
CA ARG C 629 85.45 -35.28 -14.53
C ARG C 629 85.16 -35.40 -13.03
N PHE C 630 85.06 -36.65 -12.57
CA PHE C 630 84.85 -36.95 -11.18
C PHE C 630 86.03 -36.41 -10.37
N LEU C 631 87.25 -36.57 -10.88
CA LEU C 631 88.40 -36.06 -10.18
C LEU C 631 88.26 -34.56 -10.01
N ASP C 632 87.86 -33.81 -11.04
CA ASP C 632 87.72 -32.36 -10.79
C ASP C 632 86.66 -31.99 -9.71
N TYR C 633 85.54 -32.71 -9.78
CA TYR C 633 84.46 -32.47 -8.82
C TYR C 633 84.95 -32.73 -7.40
N LEU C 634 85.68 -33.84 -7.25
CA LEU C 634 86.27 -34.26 -5.98
C LEU C 634 87.30 -33.24 -5.50
N SER C 635 88.02 -32.68 -6.47
CA SER C 635 89.06 -31.68 -6.35
C SER C 635 88.58 -30.44 -5.63
N ASP C 636 87.32 -30.06 -5.75
CA ASP C 636 86.82 -28.97 -4.93
C ASP C 636 87.56 -27.64 -4.92
N LEU C 637 87.90 -27.21 -3.70
CA LEU C 637 88.50 -25.89 -3.48
C LEU C 637 87.30 -24.96 -3.33
N CYS C 638 86.39 -25.32 -2.43
CA CYS C 638 85.13 -24.59 -2.22
C CYS C 638 85.26 -23.11 -1.88
N VAL C 639 84.23 -22.39 -2.31
CA VAL C 639 84.12 -21.03 -1.87
C VAL C 639 83.90 -21.22 -0.33
N SER C 640 83.54 -20.14 0.37
CA SER C 640 83.47 -20.28 1.82
C SER C 640 84.92 -20.44 2.23
N MET C 641 85.70 -19.48 1.75
CA MET C 641 87.11 -19.44 2.01
C MET C 641 87.75 -20.73 1.57
N ASN C 642 87.46 -21.17 0.35
CA ASN C 642 88.05 -22.40 -0.16
C ASN C 642 87.83 -23.59 0.75
N LYS C 643 86.56 -23.83 1.09
CA LYS C 643 86.26 -24.96 1.95
C LYS C 643 86.99 -24.88 3.28
N SER C 644 86.88 -23.72 3.91
CA SER C 644 87.50 -23.54 5.21
C SER C 644 89.00 -23.71 5.17
N ILE C 645 89.59 -23.15 4.13
CA ILE C 645 91.01 -23.17 3.91
C ILE C 645 91.54 -24.57 3.88
N PRO C 646 90.87 -25.43 3.09
CA PRO C 646 91.47 -26.77 3.09
C PRO C 646 91.11 -27.58 4.31
N VAL C 647 90.00 -27.20 4.95
CA VAL C 647 89.40 -27.90 6.07
C VAL C 647 89.04 -28.95 5.05
N THR C 648 89.25 -28.43 3.85
CA THR C 648 89.16 -29.11 2.57
C THR C 648 90.47 -29.17 1.88
N GLN C 649 91.15 -28.04 1.90
CA GLN C 649 92.41 -27.89 1.23
C GLN C 649 93.43 -28.79 1.84
N GLU C 650 93.45 -28.87 3.16
CA GLU C 650 94.44 -29.68 3.83
C GLU C 650 94.24 -31.10 3.43
N LEU C 651 92.99 -31.55 3.44
CA LEU C 651 92.74 -32.92 3.09
C LEU C 651 93.15 -33.19 1.65
N ILE C 652 92.77 -32.31 0.74
CA ILE C 652 93.09 -32.55 -0.66
C ILE C 652 94.58 -32.57 -0.88
N CYS C 653 95.26 -31.63 -0.26
CA CYS C 653 96.67 -31.51 -0.48
C CYS C 653 97.39 -32.74 0.02
N LYS C 654 97.03 -33.19 1.21
CA LYS C 654 97.73 -34.35 1.74
C LYS C 654 97.40 -35.52 0.86
N ALA C 655 96.11 -35.66 0.59
CA ALA C 655 95.62 -36.73 -0.23
C ALA C 655 96.12 -36.49 -1.63
N VAL C 656 96.02 -35.27 -2.13
CA VAL C 656 96.49 -35.18 -3.49
C VAL C 656 98.00 -35.25 -3.52
N LEU C 657 98.64 -34.55 -2.60
CA LEU C 657 100.07 -34.53 -2.52
C LEU C 657 100.60 -35.91 -2.26
N ASN C 658 99.98 -36.66 -1.35
CA ASN C 658 100.48 -37.99 -1.08
C ASN C 658 100.40 -38.87 -2.32
N PRO C 659 99.27 -38.77 -3.03
CA PRO C 659 99.17 -39.62 -4.22
C PRO C 659 100.21 -39.24 -5.24
N THR C 660 100.41 -37.94 -5.44
CA THR C 660 101.39 -37.51 -6.43
C THR C 660 102.80 -37.95 -6.00
N ASN C 661 103.07 -37.80 -4.72
CA ASN C 661 104.34 -38.11 -4.11
C ASN C 661 104.69 -39.57 -4.27
N ALA C 662 103.71 -40.45 -4.17
CA ALA C 662 104.05 -41.84 -4.33
C ALA C 662 103.11 -42.35 -5.37
N ASP C 663 103.28 -41.86 -6.60
CA ASP C 663 102.38 -42.37 -7.62
C ASP C 663 101.89 -41.18 -8.44
N ILE C 664 101.15 -41.49 -9.48
CA ILE C 664 100.12 -40.58 -9.98
C ILE C 664 98.82 -41.19 -9.50
N LEU C 665 98.39 -40.81 -8.30
CA LEU C 665 97.32 -41.51 -7.62
C LEU C 665 97.89 -42.73 -6.90
N ILE C 707 112.48 -27.02 -20.13
CA ILE C 707 112.45 -26.00 -21.17
C ILE C 707 112.31 -26.67 -22.53
N ARG C 708 113.40 -27.28 -23.00
CA ARG C 708 113.39 -27.97 -24.29
C ARG C 708 112.40 -29.12 -24.26
N SER C 709 112.37 -29.85 -23.14
CA SER C 709 111.45 -30.96 -22.96
C SER C 709 110.02 -30.43 -23.00
N LYS C 710 109.78 -29.29 -22.37
CA LYS C 710 108.47 -28.70 -22.37
C LYS C 710 108.06 -28.34 -23.79
N SER C 711 108.98 -27.78 -24.57
CA SER C 711 108.68 -27.42 -25.95
C SER C 711 108.33 -28.67 -26.76
N VAL C 712 109.08 -29.75 -26.53
CA VAL C 712 108.83 -31.00 -27.23
C VAL C 712 107.45 -31.52 -26.88
N ARG C 713 107.10 -31.43 -25.60
CA ARG C 713 105.81 -31.87 -25.12
C ARG C 713 104.71 -31.05 -25.79
N GLU C 714 104.92 -29.74 -25.92
CA GLU C 714 103.95 -28.88 -26.56
C GLU C 714 103.75 -29.29 -28.01
N LEU C 715 104.84 -29.61 -28.69
CA LEU C 715 104.71 -30.03 -30.08
C LEU C 715 103.90 -31.33 -30.17
N ALA C 716 104.19 -32.26 -29.24
CA ALA C 716 103.48 -33.52 -29.18
C ALA C 716 102.00 -33.32 -28.91
N GLN C 717 101.70 -32.38 -28.03
CA GLN C 717 100.34 -32.04 -27.68
C GLN C 717 99.62 -31.49 -28.90
N ASP C 718 100.32 -30.66 -29.68
CA ASP C 718 99.75 -30.10 -30.89
C ASP C 718 99.41 -31.23 -31.86
N ALA C 719 100.32 -32.20 -31.99
CA ALA C 719 100.05 -33.34 -32.87
C ALA C 719 98.83 -34.13 -32.38
N LYS C 720 98.73 -34.31 -31.08
CA LYS C 720 97.63 -35.04 -30.48
C LYS C 720 96.33 -34.30 -30.78
N GLU C 721 96.35 -32.98 -30.66
CA GLU C 721 95.19 -32.13 -30.94
C GLU C 721 94.79 -32.23 -32.40
N GLY C 722 95.79 -32.30 -33.27
CA GLY C 722 95.56 -32.42 -34.69
C GLY C 722 94.83 -33.72 -34.99
N GLN C 723 95.20 -34.82 -34.32
CA GLN C 723 94.43 -36.06 -34.48
C GLN C 723 93.26 -36.16 -33.51
N LYS C 724 92.62 -37.32 -33.38
CA LYS C 724 91.57 -37.34 -32.37
C LYS C 724 91.94 -38.03 -31.04
N GLU C 725 93.13 -38.55 -30.77
CA GLU C 725 93.48 -39.03 -29.43
C GLU C 725 94.89 -38.63 -29.02
N ASP C 726 95.27 -37.37 -29.22
CA ASP C 726 96.67 -37.02 -29.04
C ASP C 726 97.03 -36.72 -27.59
N ARG C 727 96.48 -35.63 -27.03
CA ARG C 727 96.88 -35.18 -25.69
C ARG C 727 95.70 -34.66 -24.88
N ASP C 728 94.57 -35.37 -24.90
CA ASP C 728 93.33 -34.83 -24.32
C ASP C 728 93.18 -35.17 -22.84
N VAL C 729 94.18 -34.79 -22.06
CA VAL C 729 94.12 -34.99 -20.62
C VAL C 729 94.56 -33.74 -19.91
N LEU C 730 95.40 -32.97 -20.60
CA LEU C 730 96.01 -31.79 -20.01
C LEU C 730 95.16 -30.64 -19.53
N SER C 731 94.16 -30.18 -20.29
CA SER C 731 93.40 -29.04 -19.79
C SER C 731 92.67 -29.36 -18.51
N TYR C 732 91.98 -30.51 -18.51
CA TYR C 732 91.25 -30.91 -17.34
C TYR C 732 92.20 -31.16 -16.19
N TYR C 733 93.32 -31.83 -16.49
CA TYR C 733 94.25 -32.16 -15.44
C TYR C 733 94.81 -30.91 -14.82
N ARG C 734 95.16 -29.95 -15.64
CA ARG C 734 95.75 -28.73 -15.17
C ARG C 734 94.76 -27.99 -14.31
N TYR C 735 93.51 -27.95 -14.75
CA TYR C 735 92.51 -27.23 -13.99
C TYR C 735 92.35 -27.88 -12.63
N GLN C 736 92.27 -29.21 -12.62
CA GLN C 736 92.09 -29.89 -11.37
C GLN C 736 93.26 -29.65 -10.45
N LEU C 737 94.47 -29.71 -11.00
CA LEU C 737 95.65 -29.54 -10.18
C LEU C 737 95.66 -28.16 -9.58
N ASN C 738 95.36 -27.17 -10.40
CA ASN C 738 95.38 -25.81 -9.90
C ASN C 738 94.36 -25.62 -8.81
N LEU C 739 93.15 -26.11 -9.02
CA LEU C 739 92.13 -25.92 -8.01
C LEU C 739 92.48 -26.62 -6.72
N PHE C 740 92.99 -27.83 -6.87
CA PHE C 740 93.34 -28.66 -5.75
C PHE C 740 94.45 -28.05 -4.93
N ALA C 741 95.43 -27.48 -5.61
CA ALA C 741 96.58 -26.92 -4.93
C ALA C 741 96.37 -25.46 -4.56
N ARG C 742 95.25 -24.92 -4.98
CA ARG C 742 94.95 -23.53 -4.73
C ARG C 742 93.68 -23.12 -3.99
N MET C 743 93.02 -23.96 -3.20
CA MET C 743 91.83 -23.32 -2.65
C MET C 743 92.23 -22.32 -1.58
N CYS C 744 91.87 -21.05 -1.78
CA CYS C 744 91.77 -20.06 -0.72
C CYS C 744 93.12 -19.48 -0.27
N LEU C 745 94.20 -19.78 -1.00
CA LEU C 745 95.52 -19.24 -0.70
C LEU C 745 96.05 -19.69 0.67
N ASP C 746 96.22 -20.99 0.82
CA ASP C 746 96.64 -21.57 2.07
C ASP C 746 98.16 -21.49 2.21
N ARG C 747 98.70 -22.32 3.11
CA ARG C 747 100.12 -22.35 3.42
C ARG C 747 100.88 -23.10 2.33
N GLN C 748 102.11 -23.51 2.65
CA GLN C 748 103.13 -24.05 1.75
C GLN C 748 102.71 -25.32 0.98
N TYR C 749 101.51 -25.86 1.14
CA TYR C 749 101.01 -26.87 0.21
C TYR C 749 100.93 -26.31 -1.20
N LEU C 750 100.59 -25.01 -1.30
CA LEU C 750 100.72 -24.32 -2.57
C LEU C 750 102.17 -24.28 -3.04
N ALA C 751 103.13 -24.13 -2.13
CA ALA C 751 104.53 -24.24 -2.51
C ALA C 751 104.90 -25.69 -2.80
N ILE C 752 104.12 -26.64 -2.33
CA ILE C 752 104.25 -28.01 -2.83
C ILE C 752 103.86 -28.05 -4.29
N ASN C 753 102.73 -27.46 -4.65
CA ASN C 753 102.42 -27.19 -6.04
C ASN C 753 103.41 -26.22 -6.65
N GLU C 754 103.92 -25.28 -5.86
CA GLU C 754 105.04 -24.45 -6.27
C GLU C 754 106.32 -25.27 -6.46
N ILE C 755 106.42 -26.43 -5.83
CA ILE C 755 107.47 -27.38 -6.16
C ILE C 755 107.34 -27.85 -7.60
N SER C 756 106.13 -27.98 -8.10
CA SER C 756 105.93 -28.25 -9.51
C SER C 756 105.72 -26.99 -10.32
N GLY C 757 106.14 -25.84 -9.78
CA GLY C 757 105.92 -24.56 -10.44
C GLY C 757 106.58 -24.14 -11.74
N GLN C 758 107.88 -24.35 -11.84
CA GLN C 758 108.65 -24.01 -13.04
C GLN C 758 109.15 -22.55 -13.10
N LEU C 759 108.66 -21.69 -12.22
CA LEU C 759 109.10 -20.29 -12.14
C LEU C 759 109.05 -19.50 -13.45
N ASP C 760 108.02 -19.73 -14.25
CA ASP C 760 108.13 -19.41 -15.67
C ASP C 760 107.08 -18.46 -16.21
N VAL C 761 106.51 -17.59 -15.38
CA VAL C 761 105.45 -16.80 -15.97
C VAL C 761 105.52 -16.73 -17.48
N ASP C 762 106.71 -16.54 -18.03
CA ASP C 762 106.80 -16.44 -19.48
C ASP C 762 106.35 -17.74 -20.12
N LEU C 763 106.80 -18.86 -19.56
CA LEU C 763 106.44 -20.14 -20.12
C LEU C 763 104.93 -20.34 -20.03
N ILE C 764 104.35 -19.99 -18.90
CA ILE C 764 102.91 -20.20 -18.73
C ILE C 764 102.11 -19.38 -19.71
N LEU C 765 102.54 -18.13 -19.90
CA LEU C 765 101.83 -17.23 -20.81
C LEU C 765 101.93 -17.78 -22.21
N ARG C 766 103.13 -18.24 -22.56
CA ARG C 766 103.37 -18.78 -23.88
C ARG C 766 102.49 -20.00 -24.07
N CYS C 767 102.39 -20.86 -23.07
CA CYS C 767 101.58 -22.07 -23.17
C CYS C 767 100.11 -21.74 -23.37
N MET C 768 99.61 -20.75 -22.63
CA MET C 768 98.22 -20.39 -22.78
C MET C 768 98.00 -19.91 -24.20
N SER C 769 98.90 -19.05 -24.69
CA SER C 769 98.75 -18.53 -26.03
C SER C 769 98.82 -19.64 -27.08
N ASP C 770 99.74 -20.57 -26.86
CA ASP C 770 99.97 -21.67 -27.77
C ASP C 770 98.75 -22.55 -27.91
N GLU C 771 98.09 -22.83 -26.79
CA GLU C 771 96.91 -23.69 -26.92
C GLU C 771 95.72 -22.88 -26.49
N ASN C 772 95.00 -22.30 -27.45
CA ASN C 772 93.89 -21.48 -26.95
C ASN C 772 93.04 -22.26 -25.95
N LEU C 773 93.70 -22.39 -24.79
CA LEU C 773 93.15 -23.07 -23.65
C LEU C 773 93.62 -22.75 -22.22
N PRO C 774 93.43 -23.76 -21.39
CA PRO C 774 93.65 -24.02 -19.99
C PRO C 774 95.11 -23.81 -19.69
N TYR C 775 96.04 -24.14 -20.57
CA TYR C 775 97.43 -23.91 -20.20
C TYR C 775 97.64 -22.42 -19.95
N ASP C 776 97.16 -21.58 -20.87
CA ASP C 776 97.33 -20.15 -20.67
C ASP C 776 96.56 -19.72 -19.43
N LEU C 777 95.32 -20.20 -19.35
CA LEU C 777 94.46 -19.91 -18.21
C LEU C 777 95.18 -20.45 -16.99
N ARG C 778 95.83 -21.61 -17.18
CA ARG C 778 96.61 -22.25 -16.13
C ARG C 778 97.75 -21.33 -15.73
N ALA C 779 98.39 -20.68 -16.70
CA ALA C 779 99.47 -19.75 -16.38
C ALA C 779 98.93 -18.64 -15.50
N SER C 780 97.75 -18.11 -15.83
CA SER C 780 97.16 -17.05 -15.03
C SER C 780 96.88 -17.54 -13.62
N PHE C 781 96.38 -18.76 -13.48
CA PHE C 781 96.11 -19.28 -12.15
C PHE C 781 97.40 -19.39 -11.35
N CYS C 782 98.47 -19.86 -12.00
CA CYS C 782 99.77 -20.01 -11.35
C CYS C 782 100.30 -18.67 -10.92
N ARG C 783 100.11 -17.67 -11.78
CA ARG C 783 100.54 -16.31 -11.51
C ARG C 783 99.79 -15.79 -10.30
N LEU C 784 98.50 -16.08 -10.24
CA LEU C 784 97.67 -15.65 -9.12
C LEU C 784 98.21 -16.30 -7.86
N MET C 785 98.55 -17.58 -7.91
CA MET C 785 99.07 -18.22 -6.70
C MET C 785 100.38 -17.57 -6.26
N LEU C 786 101.26 -17.28 -7.20
CA LEU C 786 102.55 -16.66 -6.85
C LEU C 786 102.33 -15.28 -6.24
N HIS C 787 101.38 -14.55 -6.84
CA HIS C 787 101.02 -13.23 -6.41
C HIS C 787 100.44 -13.27 -5.01
N MET C 788 99.64 -14.29 -4.73
CA MET C 788 99.04 -14.48 -3.42
C MET C 788 100.16 -14.72 -2.40
N HIS C 789 101.15 -15.51 -2.78
CA HIS C 789 102.26 -15.76 -1.86
C HIS C 789 102.95 -14.42 -1.56
N VAL C 790 103.20 -13.63 -2.60
CA VAL C 790 103.85 -12.32 -2.39
C VAL C 790 103.01 -11.39 -1.53
N ASP C 791 101.71 -11.43 -1.78
CA ASP C 791 100.66 -10.66 -1.14
C ASP C 791 100.44 -10.99 0.32
N ARG C 792 100.85 -12.19 0.75
CA ARG C 792 100.72 -12.61 2.15
C ARG C 792 101.52 -11.54 2.86
N ASP C 793 102.58 -11.15 2.18
CA ASP C 793 103.45 -10.07 2.60
C ASP C 793 102.61 -8.88 3.14
N PRO C 794 101.44 -8.58 2.53
CA PRO C 794 100.90 -7.39 3.20
C PRO C 794 99.44 -7.08 2.91
N GLN C 795 98.85 -7.72 1.90
CA GLN C 795 97.46 -7.44 1.54
C GLN C 795 97.27 -6.00 1.03
N GLU C 796 97.82 -5.71 -0.14
CA GLU C 796 97.93 -4.34 -0.65
C GLU C 796 96.59 -3.72 -1.05
N GLN C 797 95.83 -3.25 -0.06
CA GLN C 797 94.65 -2.44 -0.36
C GLN C 797 95.06 -1.03 -0.77
N VAL C 798 94.19 -0.37 -1.51
CA VAL C 798 94.46 0.97 -2.01
C VAL C 798 94.24 1.96 -0.88
N THR C 799 95.27 2.75 -0.55
CA THR C 799 95.13 3.75 0.48
C THR C 799 95.08 5.14 -0.13
N PRO C 800 94.13 5.97 0.30
CA PRO C 800 94.01 7.31 -0.26
C PRO C 800 94.83 8.36 0.48
N VAL C 801 95.74 7.92 1.33
CA VAL C 801 96.48 8.86 2.17
C VAL C 801 97.53 9.57 1.31
N LYS C 802 97.20 10.78 0.86
CA LYS C 802 98.16 11.60 0.15
C LYS C 802 98.64 12.68 1.12
N TYR C 803 98.74 12.30 2.38
CA TYR C 803 99.11 13.24 3.44
C TYR C 803 100.60 13.55 3.40
N ALA C 804 100.97 14.57 2.64
CA ALA C 804 102.32 15.11 2.65
C ALA C 804 102.31 16.29 3.60
N ARG C 805 103.15 16.23 4.62
CA ARG C 805 103.09 17.20 5.72
C ARG C 805 103.76 18.51 5.30
N LEU C 806 104.02 19.37 6.28
CA LEU C 806 104.89 20.53 6.06
C LEU C 806 106.23 20.08 5.51
N TRP C 807 106.79 19.01 6.07
CA TRP C 807 107.69 18.18 5.31
C TRP C 807 106.88 17.48 4.24
N SER C 808 106.90 18.04 3.04
CA SER C 808 106.13 17.51 1.93
C SER C 808 107.01 16.63 1.06
N GLU C 809 106.43 16.00 0.06
CA GLU C 809 107.16 15.05 -0.77
C GLU C 809 107.92 15.78 -1.87
N ILE C 810 108.43 15.00 -2.82
CA ILE C 810 109.02 15.56 -4.04
C ILE C 810 107.89 16.23 -4.81
N PRO C 811 107.83 17.55 -4.85
CA PRO C 811 106.64 18.21 -5.42
C PRO C 811 106.70 18.40 -6.92
N SER C 812 107.64 17.72 -7.58
CA SER C 812 107.83 17.85 -9.03
C SER C 812 107.22 16.67 -9.78
N GLU C 813 106.33 15.92 -9.14
CA GLU C 813 105.61 14.87 -9.83
C GLU C 813 104.41 15.45 -10.55
N ILE C 814 104.63 16.02 -11.73
CA ILE C 814 103.53 16.66 -12.47
C ILE C 814 102.72 15.61 -13.22
N ALA C 815 103.37 14.89 -14.13
CA ALA C 815 102.71 13.86 -14.94
C ALA C 815 103.45 12.55 -14.70
N ILE C 816 103.05 11.82 -13.66
CA ILE C 816 103.64 10.53 -13.38
C ILE C 816 103.04 9.48 -14.30
N ASP C 817 103.80 9.08 -15.32
CA ASP C 817 103.36 8.05 -16.23
C ASP C 817 103.52 6.65 -15.64
N ASP C 818 104.38 6.50 -14.63
CA ASP C 818 104.61 5.22 -13.97
C ASP C 818 104.75 5.48 -12.47
N TYR C 819 103.65 5.26 -11.74
CA TYR C 819 103.67 5.39 -10.29
C TYR C 819 104.21 4.11 -9.66
N ASP C 820 104.66 4.20 -8.41
CA ASP C 820 105.18 3.04 -7.68
C ASP C 820 104.02 2.09 -7.36
N SER C 821 104.19 0.82 -7.68
CA SER C 821 103.11 -0.16 -7.55
C SER C 821 103.62 -1.46 -6.91
N SER C 822 102.81 -2.51 -6.99
CA SER C 822 103.12 -3.82 -6.41
C SER C 822 103.75 -4.77 -7.40
N GLY C 823 104.63 -4.27 -8.27
CA GLY C 823 105.41 -5.20 -9.08
C GLY C 823 106.26 -5.81 -7.97
N ALA C 824 106.44 -7.13 -8.00
CA ALA C 824 107.20 -7.80 -6.97
C ALA C 824 108.66 -7.39 -7.08
N SER C 825 108.83 -6.21 -6.45
CA SER C 825 110.05 -5.48 -6.19
C SER C 825 110.98 -5.03 -7.28
N LYS C 826 111.07 -3.74 -7.48
CA LYS C 826 112.00 -3.16 -8.41
C LYS C 826 111.92 -3.76 -9.79
N ASP C 827 113.08 -4.08 -10.32
CA ASP C 827 113.15 -4.62 -11.65
C ASP C 827 112.48 -5.96 -11.89
N GLU C 828 112.71 -6.97 -11.05
CA GLU C 828 112.09 -8.26 -11.37
C GLU C 828 110.57 -8.24 -11.36
N ILE C 829 110.00 -7.71 -10.28
CA ILE C 829 108.57 -7.65 -10.16
C ILE C 829 108.03 -6.74 -11.25
N LYS C 830 108.69 -5.61 -11.43
CA LYS C 830 108.19 -4.66 -12.39
C LYS C 830 108.20 -5.23 -13.79
N GLU C 831 109.28 -5.90 -14.14
CA GLU C 831 109.44 -6.44 -15.46
C GLU C 831 108.38 -7.48 -15.72
N ARG C 832 108.15 -8.35 -14.73
CA ARG C 832 107.18 -9.40 -14.95
C ARG C 832 105.81 -8.80 -15.18
N PHE C 833 105.46 -7.84 -14.34
CA PHE C 833 104.15 -7.24 -14.45
C PHE C 833 104.02 -6.55 -15.79
N ALA C 834 105.04 -5.80 -16.16
CA ALA C 834 105.01 -5.06 -17.39
C ALA C 834 104.89 -5.98 -18.57
N GLN C 835 105.65 -7.06 -18.57
CA GLN C 835 105.61 -7.94 -19.71
C GLN C 835 104.24 -8.54 -19.84
N THR C 836 103.69 -8.98 -18.71
CA THR C 836 102.38 -9.61 -18.78
C THR C 836 101.35 -8.63 -19.26
N MET C 837 101.40 -7.43 -18.71
CA MET C 837 100.43 -6.42 -19.05
C MET C 837 100.52 -6.06 -20.51
N GLU C 838 101.74 -5.90 -20.98
CA GLU C 838 101.97 -5.51 -22.33
C GLU C 838 101.42 -6.56 -23.24
N PHE C 839 101.71 -7.83 -22.96
CA PHE C 839 101.22 -8.87 -23.84
C PHE C 839 99.71 -8.91 -23.87
N VAL C 840 99.11 -8.82 -22.69
CA VAL C 840 97.67 -8.91 -22.65
C VAL C 840 97.03 -7.77 -23.39
N GLU C 841 97.52 -6.55 -23.16
CA GLU C 841 96.89 -5.41 -23.82
C GLU C 841 97.12 -5.52 -25.30
N GLU C 842 98.36 -5.82 -25.61
CA GLU C 842 98.79 -5.98 -26.96
C GLU C 842 98.06 -7.18 -27.46
N TYR C 843 97.97 -8.24 -26.65
CA TYR C 843 97.28 -9.36 -27.27
C TYR C 843 95.79 -9.23 -27.10
N LEU C 844 95.38 -8.87 -25.90
CA LEU C 844 93.97 -8.75 -25.61
C LEU C 844 93.36 -7.67 -26.46
N ARG C 845 94.04 -6.55 -26.61
CA ARG C 845 93.50 -5.46 -27.38
C ARG C 845 93.31 -5.90 -28.81
N ASP C 846 94.31 -6.59 -29.36
CA ASP C 846 94.17 -7.01 -30.74
C ASP C 846 93.00 -7.97 -30.90
N VAL C 847 92.87 -8.92 -29.98
CA VAL C 847 91.80 -9.89 -30.10
C VAL C 847 90.45 -9.21 -30.01
N VAL C 848 90.33 -8.28 -29.07
CA VAL C 848 89.07 -7.59 -28.86
C VAL C 848 88.70 -6.79 -30.09
N CYS C 849 89.69 -6.12 -30.67
CA CYS C 849 89.46 -5.31 -31.83
C CYS C 849 89.00 -6.17 -32.98
N GLN C 850 89.65 -7.31 -33.16
CA GLN C 850 89.28 -8.18 -34.24
C GLN C 850 88.65 -9.51 -33.88
N ARG C 851 88.39 -9.81 -32.61
CA ARG C 851 87.87 -11.15 -32.40
C ARG C 851 86.35 -11.16 -32.55
N PHE C 852 85.79 -12.36 -32.57
CA PHE C 852 84.35 -12.58 -32.67
C PHE C 852 83.76 -12.40 -31.27
N PRO C 853 82.46 -12.21 -31.15
CA PRO C 853 81.91 -11.81 -29.85
C PRO C 853 81.67 -12.95 -28.87
N PHE C 854 81.90 -14.21 -29.25
CA PHE C 854 81.51 -15.33 -28.41
C PHE C 854 82.47 -16.51 -28.32
N SER C 855 83.70 -16.40 -28.83
CA SER C 855 84.48 -17.63 -29.04
C SER C 855 85.55 -17.88 -27.97
N ASP C 856 85.86 -16.88 -27.17
CA ASP C 856 86.86 -17.05 -26.15
C ASP C 856 86.33 -16.59 -24.82
N LYS C 857 85.37 -17.36 -24.28
CA LYS C 857 84.78 -17.06 -22.99
C LYS C 857 85.88 -17.17 -21.93
N GLU C 858 86.69 -18.21 -22.05
CA GLU C 858 87.83 -18.44 -21.20
C GLU C 858 88.83 -17.30 -21.37
N LYS C 859 89.01 -16.81 -22.60
CA LYS C 859 89.94 -15.71 -22.80
C LYS C 859 89.47 -14.49 -22.04
N ASN C 860 88.17 -14.22 -22.10
CA ASN C 860 87.58 -13.09 -21.38
C ASN C 860 87.74 -13.26 -19.88
N LYS C 861 87.55 -14.49 -19.41
CA LYS C 861 87.70 -14.78 -17.99
C LYS C 861 89.14 -14.52 -17.56
N LEU C 862 90.09 -14.92 -18.41
CA LEU C 862 91.51 -14.74 -18.18
C LEU C 862 91.80 -13.26 -18.12
N THR C 863 91.19 -12.49 -19.01
CA THR C 863 91.41 -11.06 -19.00
C THR C 863 90.92 -10.48 -17.68
N PHE C 864 89.76 -10.93 -17.20
CA PHE C 864 89.24 -10.43 -15.93
C PHE C 864 90.17 -10.78 -14.78
N GLU C 865 90.70 -11.99 -14.82
CA GLU C 865 91.62 -12.45 -13.79
C GLU C 865 92.87 -11.59 -13.82
N VAL C 866 93.35 -11.30 -15.02
CA VAL C 866 94.52 -10.48 -15.23
C VAL C 866 94.28 -9.09 -14.68
N VAL C 867 93.09 -8.56 -14.90
CA VAL C 867 92.76 -7.24 -14.39
C VAL C 867 92.79 -7.26 -12.88
N ASN C 868 92.25 -8.32 -12.28
CA ASN C 868 92.27 -8.43 -10.82
C ASN C 868 93.71 -8.50 -10.33
N LEU C 869 94.53 -9.26 -11.05
CA LEU C 869 95.93 -9.42 -10.74
C LEU C 869 96.66 -8.10 -10.86
N ALA C 870 96.31 -7.32 -11.86
CA ALA C 870 96.91 -6.02 -12.08
C ALA C 870 96.55 -5.13 -10.90
N ARG C 871 95.31 -5.20 -10.44
CA ARG C 871 94.92 -4.41 -9.29
C ARG C 871 95.74 -4.82 -8.08
N ASN C 872 95.93 -6.12 -7.88
CA ASN C 872 96.73 -6.53 -6.74
C ASN C 872 98.18 -6.06 -6.88
N LEU C 873 98.72 -6.18 -8.10
CA LEU C 873 100.09 -5.84 -8.41
C LEU C 873 100.42 -4.65 -9.33
N ILE C 874 99.74 -4.51 -10.47
CA ILE C 874 100.10 -3.38 -11.33
C ILE C 874 99.77 -2.10 -10.58
N TYR C 875 100.70 -1.13 -10.63
CA TYR C 875 100.44 0.21 -10.09
C TYR C 875 101.11 1.34 -10.88
N PHE C 876 101.41 1.13 -12.17
CA PHE C 876 102.39 1.97 -12.86
C PHE C 876 101.74 3.18 -13.52
N GLY C 877 101.26 4.03 -12.62
CA GLY C 877 100.98 5.44 -12.87
C GLY C 877 100.33 6.05 -14.06
N PHE C 878 101.07 7.02 -14.59
CA PHE C 878 100.74 7.71 -15.82
C PHE C 878 100.94 6.77 -17.01
N TYR C 879 102.07 6.04 -17.02
CA TYR C 879 102.38 5.07 -18.09
C TYR C 879 101.37 3.94 -17.99
N ASN C 880 101.13 3.56 -16.72
CA ASN C 880 100.17 2.54 -16.35
C ASN C 880 98.78 3.03 -16.70
N PHE C 881 98.55 4.33 -16.51
CA PHE C 881 97.32 5.04 -16.80
C PHE C 881 97.06 5.03 -18.28
N SER C 882 98.12 5.13 -19.09
CA SER C 882 98.06 5.07 -20.55
C SER C 882 97.62 3.67 -20.91
N ASP C 883 98.19 2.70 -20.19
CA ASP C 883 97.81 1.31 -20.34
C ASP C 883 96.33 1.16 -19.94
N LEU C 884 95.92 1.84 -18.88
CA LEU C 884 94.59 1.89 -18.35
C LEU C 884 93.64 2.52 -19.35
N LEU C 885 94.11 3.52 -20.09
CA LEU C 885 93.33 4.18 -21.11
C LEU C 885 93.07 3.14 -22.18
N ARG C 886 94.11 2.38 -22.53
CA ARG C 886 93.95 1.33 -23.51
C ARG C 886 92.97 0.30 -22.96
N LEU C 887 93.13 -0.03 -21.67
CA LEU C 887 92.25 -0.93 -20.99
C LEU C 887 91.06 -0.03 -21.11
N THR C 888 91.26 1.28 -20.79
CA THR C 888 90.01 1.94 -21.14
C THR C 888 89.71 1.71 -22.61
N LYS C 889 90.74 1.82 -23.45
CA LYS C 889 90.58 1.58 -24.85
C LYS C 889 90.17 0.14 -25.11
N ILE C 890 90.75 -0.79 -24.38
CA ILE C 890 90.42 -2.20 -24.51
C ILE C 890 88.97 -2.43 -24.15
N LEU C 891 88.50 -1.78 -23.09
CA LEU C 891 87.12 -1.91 -22.66
C LEU C 891 86.20 -1.38 -23.75
N LEU C 892 86.59 -0.25 -24.35
CA LEU C 892 85.82 0.35 -25.42
C LEU C 892 85.76 -0.59 -26.62
N ALA C 893 86.89 -1.23 -26.90
CA ALA C 893 87.00 -2.17 -28.00
C ALA C 893 86.09 -3.36 -27.75
N ILE C 894 86.02 -3.83 -26.51
CA ILE C 894 85.14 -4.94 -26.19
C ILE C 894 83.72 -4.49 -26.46
N LEU C 895 83.37 -3.29 -26.01
CA LEU C 895 82.07 -2.73 -26.29
C LEU C 895 81.88 -2.44 -27.78
N ASP C 896 82.92 -1.90 -28.41
CA ASP C 896 82.76 -1.64 -29.83
C ASP C 896 81.62 -2.60 -30.16
N CYS C 897 80.55 -2.51 -29.38
CA CYS C 897 79.42 -3.40 -29.52
C CYS C 897 78.77 -3.27 -30.89
N VAL C 898 78.34 -4.40 -31.43
CA VAL C 898 77.70 -4.45 -32.73
C VAL C 898 76.90 -5.74 -32.86
N PRO C 960 72.75 -16.44 -22.89
CA PRO C 960 74.21 -16.40 -22.81
C PRO C 960 74.66 -15.39 -21.78
N GLU C 961 73.85 -15.24 -20.75
CA GLU C 961 74.10 -14.21 -19.76
C GLU C 961 75.27 -14.57 -18.86
N LYS C 962 75.49 -15.85 -18.62
CA LYS C 962 76.45 -16.29 -17.61
C LYS C 962 77.87 -15.91 -17.95
N GLU C 963 78.40 -16.38 -19.06
CA GLU C 963 79.66 -15.85 -19.54
C GLU C 963 79.54 -14.40 -19.97
N ASP C 964 78.37 -13.99 -20.44
CA ASP C 964 78.11 -12.61 -20.82
C ASP C 964 78.26 -11.68 -19.65
N ILE C 965 77.63 -11.97 -18.53
CA ILE C 965 77.88 -11.26 -17.30
C ILE C 965 79.22 -11.64 -16.71
N MET C 966 79.70 -12.87 -16.97
CA MET C 966 81.06 -13.22 -16.62
C MET C 966 82.03 -12.34 -17.39
N VAL C 967 81.67 -12.01 -18.63
CA VAL C 967 82.32 -10.88 -19.28
C VAL C 967 81.85 -9.56 -18.69
N MET C 968 80.55 -9.36 -18.54
CA MET C 968 79.99 -8.07 -18.16
C MET C 968 80.40 -7.65 -16.76
N ASP C 969 80.09 -8.45 -15.76
CA ASP C 969 80.58 -8.15 -14.42
C ASP C 969 82.07 -8.39 -14.32
N THR C 970 82.63 -9.23 -15.18
CA THR C 970 84.08 -9.24 -15.31
C THR C 970 84.58 -7.90 -15.81
N LYS C 971 83.97 -7.36 -16.86
CA LYS C 971 84.19 -5.99 -17.25
C LYS C 971 83.71 -5.04 -16.17
N LEU C 972 82.63 -5.40 -15.47
CA LEU C 972 82.21 -4.61 -14.32
C LEU C 972 83.25 -4.69 -13.23
N LYS C 973 83.92 -5.83 -13.11
CA LYS C 973 85.06 -5.93 -12.21
C LYS C 973 86.17 -5.00 -12.68
N ILE C 974 86.38 -4.93 -13.99
CA ILE C 974 87.29 -3.91 -14.49
C ILE C 974 86.66 -2.54 -14.34
N ILE C 975 85.34 -2.45 -14.50
CA ILE C 975 84.69 -1.15 -14.41
C ILE C 975 84.67 -0.65 -12.98
N GLU C 976 84.33 -1.53 -12.04
CA GLU C 976 84.52 -1.20 -10.65
C GLU C 976 85.98 -1.04 -10.30
N ILE C 977 86.85 -1.80 -10.97
CA ILE C 977 88.27 -1.53 -10.87
C ILE C 977 88.58 -0.17 -11.46
N LEU C 978 87.92 0.16 -12.57
CA LEU C 978 88.08 1.48 -13.16
C LEU C 978 87.44 2.57 -12.32
N GLN C 979 86.48 2.21 -11.46
CA GLN C 979 85.92 3.19 -10.54
C GLN C 979 86.99 3.72 -9.60
N PHE C 980 87.58 2.84 -8.80
CA PHE C 980 88.66 3.26 -7.93
C PHE C 980 89.94 3.52 -8.68
N ILE C 981 90.06 3.02 -9.91
CA ILE C 981 91.25 3.28 -10.70
C ILE C 981 91.32 4.76 -11.05
N LEU C 982 90.25 5.28 -11.64
CA LEU C 982 90.14 6.72 -11.77
C LEU C 982 89.96 7.37 -10.42
N ASN C 983 89.44 6.67 -9.43
CA ASN C 983 89.36 7.35 -8.15
C ASN C 983 90.78 7.64 -7.67
N VAL C 984 91.62 6.62 -7.78
CA VAL C 984 93.00 6.74 -7.37
C VAL C 984 93.73 7.77 -8.21
N ARG C 985 93.46 7.73 -9.50
CA ARG C 985 94.11 8.66 -10.40
C ARG C 985 93.74 10.09 -10.05
N LEU C 986 92.46 10.32 -9.77
CA LEU C 986 92.04 11.67 -9.45
C LEU C 986 92.74 12.14 -8.19
N ASP C 987 92.81 11.29 -7.17
CA ASP C 987 93.47 11.72 -5.94
C ASP C 987 94.95 12.07 -6.16
N TYR C 988 95.63 11.22 -6.92
CA TYR C 988 97.05 11.45 -7.18
C TYR C 988 97.26 12.76 -7.94
N ARG C 989 96.39 13.00 -8.91
CA ARG C 989 96.48 14.21 -9.70
C ARG C 989 96.30 15.42 -8.81
N ILE C 990 95.34 15.36 -7.90
CA ILE C 990 95.12 16.47 -7.01
C ILE C 990 96.37 16.73 -6.18
N SER C 991 96.99 15.70 -5.63
CA SER C 991 98.18 15.96 -4.82
C SER C 991 99.30 16.62 -5.65
N CYS C 992 99.49 16.11 -6.86
CA CYS C 992 100.54 16.64 -7.71
C CYS C 992 100.29 18.11 -8.01
N LEU C 993 99.03 18.44 -8.32
CA LEU C 993 98.67 19.82 -8.65
C LEU C 993 98.89 20.74 -7.45
N LEU C 994 98.55 20.22 -6.28
CA LEU C 994 98.67 20.92 -5.02
C LEU C 994 100.10 21.29 -4.68
N CYS C 995 101.05 20.44 -5.04
CA CYS C 995 102.44 20.73 -4.68
C CYS C 995 103.11 22.05 -5.17
N ILE C 996 102.86 22.47 -6.41
CA ILE C 996 103.48 23.71 -6.86
C ILE C 996 102.71 24.64 -7.79
N PHE C 997 102.64 25.92 -7.43
CA PHE C 997 102.02 26.96 -8.27
C PHE C 997 100.50 27.14 -8.34
N LYS C 998 100.09 28.22 -9.00
CA LYS C 998 98.66 28.53 -9.22
C LYS C 998 97.83 28.49 -7.95
N ARG C 999 98.14 29.14 -6.86
CA ARG C 999 97.14 28.85 -5.82
C ARG C 999 95.71 29.30 -6.23
N GLU C 1000 95.55 30.57 -6.59
CA GLU C 1000 94.24 31.03 -7.01
C GLU C 1000 93.91 30.44 -8.37
N PHE C 1001 94.90 30.52 -9.25
CA PHE C 1001 94.77 30.04 -10.60
C PHE C 1001 94.56 28.55 -10.61
N ASP C 1002 95.30 27.82 -9.79
CA ASP C 1002 95.15 26.37 -9.75
C ASP C 1002 93.74 26.01 -9.29
N GLU C 1003 93.26 26.72 -8.27
CA GLU C 1003 91.92 26.40 -7.78
C GLU C 1003 90.90 26.62 -8.90
N SER C 1004 91.02 27.75 -9.59
CA SER C 1004 90.08 28.05 -10.67
C SER C 1004 90.15 27.00 -11.79
N ASN C 1005 91.36 26.60 -12.11
CA ASN C 1005 91.63 25.65 -13.16
C ASN C 1005 91.03 24.28 -12.91
N SER C 1006 91.03 23.83 -11.67
CA SER C 1006 90.48 22.49 -11.44
C SER C 1006 91.40 21.51 -12.20
N GLN C 1007 90.87 20.61 -13.03
CA GLN C 1007 91.82 19.71 -13.68
C GLN C 1007 91.03 18.84 -14.66
N SER C 1008 90.77 19.40 -15.83
CA SER C 1008 89.93 18.76 -16.83
C SER C 1008 88.91 19.77 -17.36
N VAL C 1024 76.12 38.53 -9.88
CA VAL C 1024 76.52 37.52 -8.92
C VAL C 1024 75.88 36.19 -9.26
N PRO C 1025 74.61 36.22 -9.68
CA PRO C 1025 73.91 34.96 -9.99
C PRO C 1025 74.38 34.27 -11.24
N GLY C 1026 75.12 34.95 -12.11
CA GLY C 1026 75.60 34.35 -13.35
C GLY C 1026 77.11 34.17 -13.43
N ALA C 1027 77.75 33.82 -12.32
CA ALA C 1027 79.20 33.81 -12.25
C ALA C 1027 79.86 32.71 -13.07
N LEU C 1028 79.61 31.44 -12.74
CA LEU C 1028 80.12 30.32 -13.52
C LEU C 1028 79.08 29.79 -14.51
N ASP C 1029 77.92 30.45 -14.60
CA ASP C 1029 76.81 30.01 -15.42
C ASP C 1029 77.12 30.02 -16.91
N PHE C 1030 78.13 30.76 -17.33
CA PHE C 1030 78.68 30.63 -18.66
C PHE C 1030 79.89 29.70 -18.69
N GLU C 1031 80.65 29.59 -17.60
CA GLU C 1031 81.69 28.57 -17.53
C GLU C 1031 81.08 27.18 -17.53
N HIS C 1032 79.87 27.03 -17.00
CA HIS C 1032 79.13 25.79 -17.17
C HIS C 1032 78.69 25.62 -18.61
N ILE C 1033 78.26 26.71 -19.23
CA ILE C 1033 78.03 26.72 -20.67
C ILE C 1033 79.35 26.47 -21.39
N GLU C 1034 80.44 26.99 -20.82
CA GLU C 1034 81.78 26.68 -21.31
C GLU C 1034 82.18 25.25 -21.05
N GLU C 1035 81.57 24.58 -20.08
CA GLU C 1035 81.65 23.15 -20.01
C GLU C 1035 80.57 22.48 -20.85
N GLN C 1036 79.52 23.20 -21.19
CA GLN C 1036 78.40 22.66 -21.94
C GLN C 1036 78.78 22.27 -23.36
N ALA C 1037 79.60 23.08 -24.03
CA ALA C 1037 80.14 22.67 -25.33
C ALA C 1037 81.14 21.53 -25.15
N GLU C 1038 81.96 21.63 -24.11
CA GLU C 1038 82.88 20.55 -23.74
C GLU C 1038 82.15 19.36 -23.13
N GLY C 1039 80.86 19.48 -22.89
CA GLY C 1039 80.05 18.33 -22.59
C GLY C 1039 79.14 17.90 -23.73
N ILE C 1040 78.47 18.87 -24.36
CA ILE C 1040 77.49 18.54 -25.40
C ILE C 1040 78.18 18.04 -26.65
N PHE C 1041 79.29 18.67 -27.02
CA PHE C 1041 80.18 18.02 -27.97
C PHE C 1041 81.03 16.98 -27.27
N GLY C 1042 81.24 17.15 -25.96
CA GLY C 1042 82.07 16.23 -25.22
C GLY C 1042 83.51 16.65 -25.28
N HIS C 1055 93.89 12.85 -21.21
CA HIS C 1055 93.30 13.63 -22.28
C HIS C 1055 92.35 12.77 -23.12
N GLY C 1056 91.57 11.90 -22.43
CA GLY C 1056 90.54 11.06 -23.07
C GLY C 1056 88.99 11.26 -23.06
N GLY C 1057 88.54 11.96 -24.11
CA GLY C 1057 87.12 12.25 -24.37
C GLY C 1057 86.35 10.97 -24.65
N ARG C 1058 87.04 10.07 -25.35
CA ARG C 1058 86.53 8.76 -25.67
C ARG C 1058 86.28 7.98 -24.37
N THR C 1059 87.15 8.12 -23.37
CA THR C 1059 86.97 7.46 -22.07
C THR C 1059 85.68 7.97 -21.42
N PHE C 1060 85.45 9.27 -21.51
CA PHE C 1060 84.16 9.76 -20.94
C PHE C 1060 82.94 9.12 -21.67
N LEU C 1061 83.07 9.02 -22.99
CA LEU C 1061 82.04 8.38 -23.84
C LEU C 1061 81.85 6.90 -23.47
N ARG C 1062 82.95 6.23 -23.13
CA ARG C 1062 82.98 4.84 -22.73
C ARG C 1062 82.20 4.68 -21.44
N VAL C 1063 82.33 5.65 -20.52
CA VAL C 1063 81.52 5.59 -19.30
C VAL C 1063 80.05 5.66 -19.71
N LEU C 1064 79.72 6.56 -20.64
CA LEU C 1064 78.33 6.59 -21.10
C LEU C 1064 77.85 5.25 -21.73
N LEU C 1065 78.69 4.57 -22.51
CA LEU C 1065 78.36 3.27 -23.14
C LEU C 1065 78.12 2.15 -22.11
N HIS C 1066 78.91 2.25 -21.04
CA HIS C 1066 78.82 1.33 -19.90
C HIS C 1066 77.44 1.50 -19.31
N LEU C 1067 77.00 2.76 -19.15
CA LEU C 1067 75.64 3.07 -18.70
C LEU C 1067 74.61 2.51 -19.71
N THR C 1068 74.94 2.60 -20.99
CA THR C 1068 74.20 2.13 -22.15
C THR C 1068 73.94 0.62 -22.23
N MET C 1069 74.63 -0.22 -21.45
CA MET C 1069 74.28 -1.69 -21.48
C MET C 1069 72.74 -1.94 -21.22
N HIS C 1070 72.11 -2.92 -21.90
CA HIS C 1070 70.67 -3.04 -21.94
C HIS C 1070 70.06 -3.32 -20.57
N ASP C 1071 70.28 -4.50 -19.99
CA ASP C 1071 69.72 -4.80 -18.68
C ASP C 1071 70.57 -5.90 -18.03
N TYR C 1072 71.43 -5.50 -17.10
CA TYR C 1072 72.24 -6.45 -16.34
C TYR C 1072 72.04 -6.18 -14.86
N PRO C 1073 71.19 -6.99 -14.20
CA PRO C 1073 70.99 -6.64 -12.79
C PRO C 1073 72.30 -6.62 -12.01
N PRO C 1074 73.18 -7.61 -12.20
CA PRO C 1074 74.48 -7.43 -11.51
C PRO C 1074 75.18 -6.23 -12.17
N LEU C 1075 75.10 -6.25 -13.51
CA LEU C 1075 75.57 -5.22 -14.41
C LEU C 1075 74.78 -3.94 -14.14
N VAL C 1076 73.49 -4.06 -13.83
CA VAL C 1076 72.68 -2.89 -13.51
C VAL C 1076 73.25 -2.20 -12.25
N SER C 1077 73.66 -3.00 -11.24
CA SER C 1077 74.25 -2.46 -10.02
C SER C 1077 75.56 -1.74 -10.38
N GLY C 1078 76.33 -2.36 -11.28
CA GLY C 1078 77.56 -1.71 -11.73
C GLY C 1078 77.30 -0.37 -12.41
N ALA C 1079 76.24 -0.33 -13.21
CA ALA C 1079 75.79 0.85 -13.92
C ALA C 1079 75.38 1.94 -12.93
N LEU C 1080 74.74 1.54 -11.84
CA LEU C 1080 74.35 2.50 -10.80
C LEU C 1080 75.60 3.11 -10.19
N GLN C 1081 76.62 2.27 -9.96
CA GLN C 1081 77.86 2.77 -9.43
C GLN C 1081 78.47 3.78 -10.42
N LEU C 1082 78.43 3.47 -11.72
CA LEU C 1082 78.96 4.37 -12.74
C LEU C 1082 78.21 5.70 -12.78
N LEU C 1083 76.90 5.62 -12.58
CA LEU C 1083 76.04 6.80 -12.57
C LEU C 1083 76.49 7.69 -11.44
N PHE C 1084 76.74 7.09 -10.27
CA PHE C 1084 77.23 7.88 -9.12
C PHE C 1084 78.60 8.49 -9.48
N ARG C 1085 79.42 7.69 -10.15
CA ARG C 1085 80.75 8.05 -10.59
C ARG C 1085 80.79 9.26 -11.53
N HIS C 1086 79.76 9.50 -12.33
CA HIS C 1086 79.75 10.70 -13.20
C HIS C 1086 79.85 11.82 -12.17
N PHE C 1087 79.14 11.51 -11.09
CA PHE C 1087 79.05 12.37 -9.94
C PHE C 1087 80.48 12.55 -9.43
N SER C 1088 81.42 11.76 -9.93
CA SER C 1088 82.81 11.81 -9.58
C SER C 1088 83.45 13.16 -9.85
N GLN C 1089 83.03 13.96 -10.83
CA GLN C 1089 83.68 15.26 -10.97
C GLN C 1089 83.42 16.07 -9.69
N ARG C 1090 82.17 16.08 -9.25
CA ARG C 1090 81.72 16.74 -8.01
C ARG C 1090 82.35 16.08 -6.79
N GLN C 1091 82.46 14.76 -6.91
CA GLN C 1091 83.03 13.88 -5.91
C GLN C 1091 84.49 14.23 -5.75
N GLU C 1092 85.15 14.51 -6.86
CA GLU C 1092 86.51 14.93 -7.01
C GLU C 1092 86.66 16.27 -6.35
N VAL C 1093 85.67 17.15 -6.47
CA VAL C 1093 85.75 18.43 -5.77
C VAL C 1093 85.75 18.15 -4.25
N LEU C 1094 84.86 17.23 -3.85
CA LEU C 1094 84.79 16.79 -2.45
C LEU C 1094 86.10 16.11 -2.04
N GLN C 1095 86.66 15.34 -2.98
CA GLN C 1095 87.89 14.58 -2.94
C GLN C 1095 89.07 15.50 -2.78
N ALA C 1096 89.02 16.67 -3.40
CA ALA C 1096 90.04 17.71 -3.29
C ALA C 1096 89.99 18.19 -1.86
N PHE C 1097 88.77 18.37 -1.35
CA PHE C 1097 88.64 18.73 0.06
C PHE C 1097 89.24 17.60 0.93
N LYS C 1098 88.86 16.38 0.61
CA LYS C 1098 89.29 15.22 1.36
C LYS C 1098 90.66 15.45 1.97
N GLN C 1099 90.76 16.50 2.74
CA GLN C 1099 91.99 16.80 3.43
C GLN C 1099 91.77 16.78 4.94
N VAL C 1100 90.50 16.58 5.31
CA VAL C 1100 90.08 16.58 6.71
C VAL C 1100 90.48 15.35 7.53
N GLN C 1101 89.86 15.22 8.69
CA GLN C 1101 90.15 14.13 9.61
C GLN C 1101 91.33 14.49 10.52
N LEU C 1102 91.66 13.57 11.44
CA LEU C 1102 92.72 13.81 12.41
C LEU C 1102 92.76 12.71 13.47
N SER C 1106 101.74 14.80 16.85
CA SER C 1106 102.27 15.41 15.63
C SER C 1106 103.39 14.55 15.05
N GLN C 1107 103.19 14.08 13.83
CA GLN C 1107 104.18 13.23 13.15
C GLN C 1107 104.46 12.05 14.05
N ASP C 1108 105.71 11.92 14.48
CA ASP C 1108 106.09 10.85 15.40
C ASP C 1108 104.94 10.58 16.37
N VAL C 1109 104.31 11.65 16.85
CA VAL C 1109 103.18 11.54 17.76
C VAL C 1109 102.04 10.82 17.07
N ASP C 1110 101.81 11.16 15.80
CA ASP C 1110 100.75 10.51 15.03
C ASP C 1110 101.04 9.02 14.90
N ASN C 1111 102.31 8.68 14.64
CA ASN C 1111 102.68 7.28 14.52
C ASN C 1111 102.45 6.52 15.82
N TYR C 1112 102.80 7.15 16.94
CA TYR C 1112 102.62 6.51 18.24
C TYR C 1112 101.13 6.27 18.51
N LYS C 1113 100.31 7.26 18.14
CA LYS C 1113 98.86 7.17 18.32
C LYS C 1113 98.30 6.04 17.48
N GLN C 1114 98.81 5.90 16.26
CA GLN C 1114 98.37 4.84 15.37
C GLN C 1114 98.72 3.48 15.99
N ILE C 1115 99.92 3.38 16.57
CA ILE C 1115 100.34 2.15 17.21
C ILE C 1115 99.40 1.82 18.36
N LYS C 1116 99.02 2.83 19.15
CA LYS C 1116 98.12 2.59 20.26
C LYS C 1116 96.67 2.89 19.91
N GLN C 1117 96.39 4.18 19.74
CA GLN C 1117 95.05 4.66 19.41
C GLN C 1117 94.41 3.59 18.54
N ASP C 1118 95.20 3.13 17.59
CA ASP C 1118 94.78 2.09 16.67
C ASP C 1118 94.51 0.83 17.46
N LEU C 1119 95.38 0.51 18.41
CA LEU C 1119 95.19 -0.70 19.21
C LEU C 1119 93.91 -0.64 20.02
N ASP C 1120 93.60 0.51 20.62
CA ASP C 1120 92.39 0.62 21.41
C ASP C 1120 91.18 0.43 20.50
N GLN C 1121 91.24 1.07 19.33
CA GLN C 1121 90.15 0.97 18.38
C GLN C 1121 89.95 -0.47 17.95
N LEU C 1122 91.05 -1.16 17.69
CA LEU C 1122 91.03 -2.54 17.26
C LEU C 1122 90.41 -3.41 18.34
N ARG C 1123 90.76 -3.17 19.59
CA ARG C 1123 90.21 -3.99 20.65
C ARG C 1123 88.70 -3.80 20.69
N SER C 1124 88.26 -2.55 20.61
CA SER C 1124 86.83 -2.32 20.66
C SER C 1124 86.12 -2.98 19.46
N ILE C 1125 86.72 -2.84 18.29
CA ILE C 1125 86.15 -3.36 17.08
C ILE C 1125 86.05 -4.87 17.16
N VAL C 1126 87.10 -5.51 17.67
CA VAL C 1126 87.16 -6.95 17.78
C VAL C 1126 86.08 -7.43 18.73
N GLU C 1127 85.90 -6.69 19.83
CA GLU C 1127 84.90 -7.06 20.80
C GLU C 1127 83.54 -7.02 20.15
N LYS C 1128 83.25 -5.97 19.38
CA LYS C 1128 81.94 -5.94 18.74
C LYS C 1128 81.82 -7.09 17.74
N SER C 1129 82.86 -7.25 16.93
CA SER C 1129 82.95 -8.28 15.91
C SER C 1129 83.07 -9.68 16.48
N GLU C 1130 83.88 -9.82 17.52
CA GLU C 1130 84.09 -11.11 18.14
C GLU C 1130 84.40 -10.96 19.63
N SER C 1170 78.32 -15.80 25.39
CA SER C 1170 78.33 -15.24 26.74
C SER C 1170 79.41 -14.17 26.81
N TYR C 1171 80.62 -14.58 27.17
CA TYR C 1171 81.77 -13.70 27.22
C TYR C 1171 82.87 -14.29 26.32
N ASN C 1172 82.79 -13.97 25.02
CA ASN C 1172 83.86 -14.22 24.08
C ASN C 1172 84.21 -12.86 23.51
N TYR C 1173 83.17 -12.11 23.13
CA TYR C 1173 83.31 -10.67 23.04
C TYR C 1173 83.50 -10.07 24.43
N ARG C 1174 82.89 -10.68 25.45
CA ARG C 1174 83.24 -10.33 26.82
C ARG C 1174 84.61 -10.88 27.19
N VAL C 1175 85.03 -11.97 26.54
CA VAL C 1175 86.42 -12.39 26.64
C VAL C 1175 87.31 -11.43 25.86
N VAL C 1176 86.76 -10.85 24.78
CA VAL C 1176 87.49 -9.86 23.99
C VAL C 1176 87.32 -8.45 24.51
N LYS C 1177 86.58 -8.25 25.60
CA LYS C 1177 86.27 -6.91 26.08
C LYS C 1177 87.47 -6.20 26.70
N GLU C 1178 88.46 -6.97 27.16
CA GLU C 1178 89.67 -6.36 27.73
C GLU C 1178 90.51 -5.67 26.68
N ILE C 1179 90.38 -6.07 25.41
CA ILE C 1179 91.06 -5.36 24.33
C ILE C 1179 90.41 -4.00 24.12
N LEU C 1180 89.10 -3.89 24.40
CA LEU C 1180 88.42 -2.61 24.28
C LEU C 1180 88.51 -1.77 25.53
N ILE C 1181 88.40 -2.40 26.71
CA ILE C 1181 88.43 -1.61 27.94
C ILE C 1181 89.86 -1.32 28.41
N ARG C 1182 90.71 -2.34 28.48
CA ARG C 1182 92.09 -2.16 28.88
C ARG C 1182 92.96 -1.67 27.73
N LEU C 1183 92.89 -2.33 26.58
CA LEU C 1183 93.59 -1.87 25.39
C LEU C 1183 92.89 -0.60 24.91
N SER C 1184 93.66 0.44 24.65
CA SER C 1184 93.10 1.78 24.50
C SER C 1184 92.53 2.27 25.82
N LYS C 1185 93.25 2.02 26.91
CA LYS C 1185 92.87 2.51 28.22
C LYS C 1185 93.71 3.69 28.70
N LEU C 1186 94.99 3.72 28.35
CA LEU C 1186 95.89 4.80 28.75
C LEU C 1186 95.99 5.86 27.66
N CYS C 1187 95.02 6.77 27.65
CA CYS C 1187 95.00 7.86 26.67
C CYS C 1187 95.84 9.02 27.17
N VAL C 1188 96.73 9.52 26.31
CA VAL C 1188 97.56 10.67 26.65
C VAL C 1188 96.75 11.94 26.42
N GLN C 1189 96.08 12.40 27.47
CA GLN C 1189 95.27 13.61 27.40
C GLN C 1189 96.09 14.87 27.48
N GLU C 1190 97.39 14.76 27.75
CA GLU C 1190 98.28 15.91 27.64
C GLU C 1190 98.55 16.22 26.18
N SER C 1191 98.62 15.19 25.33
CA SER C 1191 98.90 15.37 23.93
C SER C 1191 97.66 15.91 23.20
N ALA C 1192 97.87 16.89 22.34
CA ALA C 1192 96.80 17.46 21.55
C ALA C 1192 96.53 16.60 20.33
N SER C 1193 95.53 17.01 19.56
CA SER C 1193 95.15 16.27 18.36
C SER C 1193 94.29 15.06 18.71
N VAL C 1194 93.79 15.03 19.95
CA VAL C 1194 93.08 13.83 20.41
C VAL C 1194 91.59 14.10 20.56
N ARG C 1195 91.19 15.36 20.73
CA ARG C 1195 89.83 15.65 21.20
C ARG C 1195 88.79 15.41 20.11
N LYS C 1196 88.87 16.17 19.02
CA LYS C 1196 87.98 15.90 17.90
C LYS C 1196 88.53 14.79 17.02
N SER C 1197 89.85 14.64 17.00
CA SER C 1197 90.48 13.73 16.04
C SER C 1197 90.42 12.29 16.51
N ARG C 1198 90.74 12.03 17.79
CA ARG C 1198 90.44 10.72 18.36
C ARG C 1198 88.95 10.53 18.49
N LYS C 1199 88.22 11.64 18.67
CA LYS C 1199 86.77 11.62 18.51
C LYS C 1199 86.41 11.29 17.07
N GLN C 1200 87.20 11.75 16.11
CA GLN C 1200 86.98 11.34 14.72
C GLN C 1200 87.57 9.98 14.44
N GLN C 1201 88.69 9.64 15.09
CA GLN C 1201 89.28 8.31 14.89
C GLN C 1201 88.47 7.23 15.57
N GLN C 1202 87.62 7.77 16.78
CA GLN C 1202 86.92 6.64 17.39
C GLN C 1202 85.49 6.27 16.99
N ARG C 1203 85.38 5.36 16.02
CA ARG C 1203 84.09 4.91 15.52
C ARG C 1203 83.23 4.18 16.55
N LEU C 1204 83.83 3.32 17.36
CA LEU C 1204 83.05 2.59 18.36
C LEU C 1204 82.43 3.54 19.38
N LEU C 1205 83.23 4.51 19.81
CA LEU C 1205 82.78 5.50 20.77
C LEU C 1205 81.65 6.32 20.15
N ARG C 1206 81.81 6.68 18.88
CA ARG C 1206 80.79 7.44 18.18
C ARG C 1206 79.48 6.64 18.11
N ASN C 1207 79.60 5.35 17.85
CA ASN C 1207 78.44 4.47 17.75
C ASN C 1207 77.73 4.42 19.09
N MET C 1208 78.50 4.33 20.17
CA MET C 1208 77.88 4.31 21.48
C MET C 1208 77.15 5.62 21.73
N GLY C 1209 77.77 6.73 21.36
CA GLY C 1209 77.18 8.04 21.55
C GLY C 1209 76.34 8.51 20.38
N LYS C 1224 72.60 -3.80 24.97
CA LYS C 1224 73.15 -5.11 25.31
C LYS C 1224 73.68 -5.11 26.73
N ALA C 1225 73.00 -4.37 27.61
CA ALA C 1225 73.40 -4.23 29.01
C ALA C 1225 73.06 -5.53 29.71
N GLU C 1226 74.08 -6.20 30.25
CA GLU C 1226 73.90 -7.47 30.94
C GLU C 1226 74.67 -7.44 32.25
N ASP C 1227 74.09 -8.06 33.28
CA ASP C 1227 74.67 -8.13 34.62
C ASP C 1227 75.60 -9.33 34.70
N THR C 1228 76.56 -9.39 33.79
CA THR C 1228 77.48 -10.51 33.76
C THR C 1228 78.80 -10.00 33.27
N LYS C 1229 79.50 -10.81 32.49
CA LYS C 1229 80.79 -10.38 31.97
C LYS C 1229 80.58 -9.15 31.09
N MET C 1230 79.54 -9.17 30.24
CA MET C 1230 79.28 -8.04 29.37
C MET C 1230 78.98 -6.81 30.21
N GLN C 1231 78.18 -6.96 31.26
CA GLN C 1231 77.85 -5.81 32.10
C GLN C 1231 79.10 -5.22 32.77
N GLU C 1232 79.96 -6.09 33.28
CA GLU C 1232 81.18 -5.64 33.95
C GLU C 1232 82.08 -4.91 32.99
N ILE C 1233 82.18 -5.46 31.78
CA ILE C 1233 83.00 -4.89 30.75
C ILE C 1233 82.47 -3.50 30.41
N MET C 1234 81.15 -3.37 30.29
CA MET C 1234 80.53 -2.10 29.97
C MET C 1234 80.81 -1.07 31.06
N ARG C 1235 80.72 -1.46 32.32
CA ARG C 1235 80.99 -0.48 33.38
C ARG C 1235 82.44 0.00 33.32
N LEU C 1236 83.34 -0.96 33.09
CA LEU C 1236 84.76 -0.64 33.00
C LEU C 1236 85.00 0.28 31.81
N ALA C 1237 84.34 -0.04 30.70
CA ALA C 1237 84.43 0.70 29.47
C ALA C 1237 83.92 2.11 29.69
N HIS C 1238 82.84 2.28 30.43
CA HIS C 1238 82.32 3.60 30.67
C HIS C 1238 83.36 4.41 31.41
N GLU C 1239 83.97 3.82 32.44
CA GLU C 1239 84.98 4.60 33.16
C GLU C 1239 86.18 4.97 32.27
N PHE C 1240 86.62 3.99 31.47
CA PHE C 1240 87.77 4.18 30.60
C PHE C 1240 87.48 5.23 29.54
N LEU C 1241 86.26 5.19 29.02
CA LEU C 1241 85.77 6.08 27.99
C LEU C 1241 85.73 7.48 28.52
N GLN C 1242 85.31 7.64 29.77
CA GLN C 1242 85.27 8.96 30.38
C GLN C 1242 86.70 9.48 30.44
N ASN C 1243 87.64 8.63 30.87
CA ASN C 1243 89.02 9.08 30.93
C ASN C 1243 89.54 9.47 29.54
N PHE C 1244 89.21 8.68 28.53
CA PHE C 1244 89.64 8.94 27.17
C PHE C 1244 89.07 10.25 26.60
N CYS C 1245 87.80 10.51 26.88
CA CYS C 1245 87.14 11.70 26.38
C CYS C 1245 87.87 12.87 26.99
N ALA C 1246 88.26 12.67 28.24
CA ALA C 1246 88.98 13.67 29.02
C ALA C 1246 89.47 14.85 28.19
N GLY C 1247 89.33 14.78 26.87
CA GLY C 1247 89.78 15.86 26.00
C GLY C 1247 88.65 16.71 25.48
N ASN C 1248 87.63 16.95 26.32
CA ASN C 1248 86.51 17.83 25.97
C ASN C 1248 86.20 18.69 27.20
N GLN C 1249 86.84 19.85 27.29
CA GLN C 1249 86.59 20.77 28.40
C GLN C 1249 85.42 21.66 28.04
N GLN C 1250 85.32 21.99 26.76
CA GLN C 1250 84.15 22.69 26.23
C GLN C 1250 83.67 21.71 25.14
N ASN C 1251 84.59 21.45 24.21
CA ASN C 1251 84.37 20.56 23.08
C ASN C 1251 84.11 19.15 23.52
N GLN C 1252 84.82 18.70 24.55
CA GLN C 1252 84.62 17.34 25.06
C GLN C 1252 83.20 17.20 25.57
N ALA C 1253 82.71 18.20 26.29
CA ALA C 1253 81.35 18.17 26.81
C ALA C 1253 80.36 18.15 25.65
N LEU C 1254 80.63 18.96 24.63
CA LEU C 1254 79.73 18.99 23.48
C LEU C 1254 79.68 17.61 22.80
N LEU C 1255 80.84 16.98 22.66
CA LEU C 1255 80.95 15.68 22.03
C LEU C 1255 80.17 14.66 22.84
N HIS C 1256 80.27 14.73 24.16
CA HIS C 1256 79.55 13.80 25.01
C HIS C 1256 78.05 13.99 24.82
N LYS C 1257 77.60 15.23 24.73
CA LYS C 1257 76.18 15.49 24.54
C LYS C 1257 75.73 14.89 23.21
N HIS C 1258 76.53 15.06 22.17
CA HIS C 1258 76.19 14.51 20.86
C HIS C 1258 76.11 12.99 20.90
N ILE C 1259 77.04 12.38 21.62
CA ILE C 1259 77.10 10.94 21.77
C ILE C 1259 75.89 10.37 22.50
N ASN C 1260 75.39 11.12 23.50
CA ASN C 1260 74.26 10.67 24.32
C ASN C 1260 72.84 10.42 23.79
N LEU C 1261 72.25 9.35 24.31
CA LEU C 1261 70.89 8.84 24.10
C LEU C 1261 70.40 8.03 25.29
N PHE C 1262 71.30 7.35 25.99
CA PHE C 1262 70.93 6.66 27.21
C PHE C 1262 70.98 7.54 28.45
N LEU C 1263 71.20 8.84 28.28
CA LEU C 1263 71.40 9.73 29.42
C LEU C 1263 70.48 10.95 29.33
N ASN C 1264 70.71 11.86 30.27
CA ASN C 1264 69.98 13.11 30.47
C ASN C 1264 68.48 12.90 30.66
N PRO C 1265 68.07 11.87 31.39
CA PRO C 1265 66.66 11.78 31.76
C PRO C 1265 66.34 12.50 33.06
N GLY C 1266 67.32 12.56 33.95
CA GLY C 1266 67.12 13.03 35.30
C GLY C 1266 66.86 11.94 36.32
N ILE C 1267 66.20 10.85 35.93
CA ILE C 1267 65.86 9.81 36.89
C ILE C 1267 66.84 8.64 36.84
N LEU C 1268 66.95 7.98 35.68
CA LEU C 1268 67.64 6.71 35.57
C LEU C 1268 69.15 6.79 35.79
N GLU C 1269 69.75 7.96 35.61
CA GLU C 1269 71.19 8.10 35.81
C GLU C 1269 71.63 9.33 36.60
N ALA C 1270 70.83 9.81 37.54
CA ALA C 1270 71.19 11.05 38.25
C ALA C 1270 72.47 11.13 39.09
N VAL C 1271 72.76 10.13 39.92
CA VAL C 1271 73.96 10.21 40.73
C VAL C 1271 75.19 10.23 39.85
N THR C 1272 75.18 9.35 38.85
CA THR C 1272 76.28 9.24 37.91
C THR C 1272 76.43 10.53 37.14
N MET C 1273 75.30 11.12 36.73
CA MET C 1273 75.33 12.36 35.99
C MET C 1273 75.94 13.48 36.82
N GLN C 1274 75.58 13.53 38.09
CA GLN C 1274 76.12 14.56 38.98
C GLN C 1274 77.63 14.37 39.08
N HIS C 1275 78.06 13.12 39.23
CA HIS C 1275 79.49 12.87 39.35
C HIS C 1275 80.21 13.30 38.07
N ILE C 1276 79.63 12.99 36.92
CA ILE C 1276 80.24 13.33 35.66
C ILE C 1276 80.37 14.83 35.50
N PHE C 1277 79.33 15.57 35.88
CA PHE C 1277 79.42 17.02 35.73
C PHE C 1277 78.61 17.86 36.70
N MET C 1278 79.14 19.02 37.03
CA MET C 1278 78.46 19.95 37.92
C MET C 1278 79.43 21.00 38.45
N ASN C 1279 78.89 22.16 38.79
CA ASN C 1279 79.62 23.25 39.45
C ASN C 1279 80.73 23.83 38.56
N ASN C 1280 80.34 24.31 37.39
CA ASN C 1280 81.27 24.89 36.45
C ASN C 1280 80.55 25.85 35.52
N PHE C 1281 81.28 26.34 34.52
CA PHE C 1281 80.68 27.16 33.47
C PHE C 1281 79.70 26.37 32.62
N GLN C 1282 79.87 25.04 32.50
CA GLN C 1282 78.84 24.20 31.92
C GLN C 1282 77.67 23.98 32.87
N LEU C 1283 77.83 24.34 34.15
CA LEU C 1283 76.72 24.27 35.08
C LEU C 1283 75.87 25.54 35.03
N CYS C 1284 76.31 26.54 34.28
CA CYS C 1284 75.59 27.81 34.16
C CYS C 1284 74.89 27.98 32.81
N SER C 1285 75.31 27.22 31.80
CA SER C 1285 74.70 27.26 30.48
C SER C 1285 74.06 25.95 30.05
N GLU C 1286 74.69 24.82 30.34
CA GLU C 1286 74.07 23.50 30.21
C GLU C 1286 73.40 23.05 31.49
N ILE C 1287 72.87 24.00 32.28
CA ILE C 1287 72.43 23.74 33.64
C ILE C 1287 70.94 23.98 33.79
N ASN C 1288 70.16 23.67 32.74
CA ASN C 1288 68.71 23.83 32.77
C ASN C 1288 68.07 22.91 33.81
N GLU C 1289 66.91 23.29 34.33
CA GLU C 1289 66.36 22.71 35.54
C GLU C 1289 65.58 21.41 35.24
N ARG C 1290 64.83 20.97 36.25
CA ARG C 1290 63.99 19.77 36.27
C ARG C 1290 64.77 18.48 36.55
N VAL C 1291 66.08 18.55 36.81
CA VAL C 1291 66.86 17.35 37.08
C VAL C 1291 66.49 16.77 38.43
N VAL C 1292 66.19 17.63 39.40
CA VAL C 1292 65.69 17.19 40.69
C VAL C 1292 64.24 16.70 40.61
N GLN C 1293 63.49 17.14 39.61
CA GLN C 1293 62.22 16.48 39.33
C GLN C 1293 62.46 15.07 38.82
N HIS C 1294 63.44 14.91 37.92
CA HIS C 1294 63.91 13.58 37.57
C HIS C 1294 64.63 12.92 38.73
N PHE C 1295 65.44 13.66 39.48
CA PHE C 1295 66.07 13.12 40.69
C PHE C 1295 65.07 12.86 41.79
N VAL C 1296 63.87 13.43 41.68
CA VAL C 1296 62.78 13.06 42.58
C VAL C 1296 62.41 11.60 42.39
N HIS C 1297 62.55 11.09 41.17
CA HIS C 1297 62.53 9.65 40.99
C HIS C 1297 63.93 9.08 40.99
N CYS C 1298 64.94 9.88 40.66
CA CYS C 1298 66.30 9.37 40.65
C CYS C 1298 66.83 9.17 42.06
N ILE C 1299 66.91 10.22 42.87
CA ILE C 1299 67.36 9.99 44.23
C ILE C 1299 66.20 9.61 45.13
N GLU C 1300 65.12 10.39 45.10
CA GLU C 1300 64.07 10.24 46.11
C GLU C 1300 63.19 9.05 45.81
N THR C 1301 62.69 8.97 44.58
CA THR C 1301 61.84 7.86 44.21
C THR C 1301 62.69 6.62 43.98
N HIS C 1302 62.03 5.48 43.89
CA HIS C 1302 62.71 4.20 43.67
C HIS C 1302 62.90 3.93 42.19
N GLY C 1303 63.49 4.89 41.49
CA GLY C 1303 64.03 4.68 40.17
C GLY C 1303 65.52 4.70 40.38
N ARG C 1304 65.90 5.09 41.59
CA ARG C 1304 67.21 4.85 42.17
C ARG C 1304 67.05 4.76 43.68
N ASN C 1305 68.19 4.72 44.38
CA ASN C 1305 68.21 4.56 45.83
C ASN C 1305 68.43 5.92 46.47
N VAL C 1306 68.61 5.94 47.78
CA VAL C 1306 68.71 7.17 48.54
C VAL C 1306 70.10 7.82 48.49
N GLN C 1307 70.79 7.72 47.36
CA GLN C 1307 72.16 8.20 47.22
C GLN C 1307 72.22 9.72 47.18
N TYR C 1308 73.41 10.29 47.39
CA TYR C 1308 73.48 11.71 47.70
C TYR C 1308 72.85 12.92 47.02
N ILE C 1309 72.06 13.53 47.89
CA ILE C 1309 71.32 14.76 47.72
C ILE C 1309 72.32 15.88 47.64
N LYS C 1310 73.37 15.78 48.45
CA LYS C 1310 74.42 16.78 48.45
C LYS C 1310 75.06 16.82 47.06
N PHE C 1311 75.35 15.65 46.47
CA PHE C 1311 75.94 15.60 45.13
C PHE C 1311 74.97 16.20 44.10
N LEU C 1312 73.69 15.87 44.27
CA LEU C 1312 72.67 16.40 43.36
C LEU C 1312 72.61 17.93 43.46
N GLN C 1313 72.70 18.45 44.68
CA GLN C 1313 72.69 19.87 45.03
C GLN C 1313 73.92 20.56 44.46
N THR C 1314 75.03 19.83 44.47
CA THR C 1314 76.32 20.29 43.93
C THR C 1314 76.10 20.54 42.46
N ILE C 1315 75.42 19.62 41.76
CA ILE C 1315 75.10 19.96 40.39
C ILE C 1315 73.84 20.83 40.54
N VAL C 1316 73.96 21.99 41.20
CA VAL C 1316 72.82 22.87 41.43
C VAL C 1316 72.32 22.69 42.86
N LYS C 1317 72.89 23.45 43.78
CA LYS C 1317 72.52 23.35 45.18
C LYS C 1317 71.29 24.21 45.49
N ILE C 1323 73.06 34.96 46.67
CA ILE C 1323 72.06 34.83 45.61
C ILE C 1323 70.75 34.29 46.16
N LYS C 1324 69.58 34.78 45.73
CA LYS C 1324 68.32 34.07 46.12
C LYS C 1324 67.84 32.89 45.17
N LYS C 1325 68.46 32.86 43.99
CA LYS C 1325 68.16 31.89 42.94
C LYS C 1325 68.39 30.45 43.35
N CYS C 1326 69.43 30.23 44.14
CA CYS C 1326 69.75 28.89 44.61
C CYS C 1326 68.60 28.35 45.44
N GLN C 1327 68.03 29.20 46.31
CA GLN C 1327 66.91 28.78 47.13
C GLN C 1327 65.73 28.42 46.24
N ASP C 1328 65.47 29.22 45.20
CA ASP C 1328 64.34 28.83 44.33
C ASP C 1328 64.55 27.43 43.66
N MET C 1329 65.79 27.22 43.21
CA MET C 1329 66.16 25.96 42.57
C MET C 1329 66.00 24.79 43.53
N VAL C 1330 66.40 25.03 44.78
CA VAL C 1330 66.31 24.05 45.83
C VAL C 1330 64.84 23.68 46.05
N MET C 1331 63.94 24.65 46.02
CA MET C 1331 62.53 24.34 46.21
C MET C 1331 62.08 23.38 45.10
N ALA C 1332 62.46 23.66 43.85
CA ALA C 1332 62.03 22.70 42.79
C ALA C 1332 62.61 21.26 42.96
N GLU C 1333 63.89 21.24 43.34
CA GLU C 1333 64.58 19.97 43.54
C GLU C 1333 63.93 19.17 44.66
N LEU C 1334 63.55 19.88 45.73
CA LEU C 1334 62.89 19.32 46.91
C LEU C 1334 61.54 18.74 46.51
N VAL C 1335 60.85 19.44 45.62
CA VAL C 1335 59.57 18.99 45.13
C VAL C 1335 59.72 17.62 44.48
N ASN C 1336 60.76 17.37 43.67
CA ASN C 1336 60.84 15.96 43.16
C ASN C 1336 61.05 14.94 44.33
N SER C 1337 61.85 15.47 45.23
CA SER C 1337 62.50 15.18 46.51
C SER C 1337 62.00 16.10 47.61
N GLY C 1338 60.75 15.91 48.00
CA GLY C 1338 60.15 16.68 49.07
C GLY C 1338 59.64 15.73 50.14
N GLU C 1339 59.71 16.15 51.40
CA GLU C 1339 59.20 15.31 52.47
C GLU C 1339 60.01 14.02 52.58
N ASP C 1340 59.48 13.09 53.37
CA ASP C 1340 60.07 11.76 53.56
C ASP C 1340 61.52 11.76 54.02
N VAL C 1341 61.88 12.72 54.87
CA VAL C 1341 63.25 12.86 55.35
C VAL C 1341 64.24 13.06 54.21
N LEU C 1342 63.88 13.81 53.16
CA LEU C 1342 64.79 14.02 52.05
C LEU C 1342 65.99 14.76 52.61
N VAL C 1343 65.72 15.83 53.37
CA VAL C 1343 66.79 16.56 54.06
C VAL C 1343 67.27 15.62 55.14
N PHE C 1344 66.29 15.02 55.82
CA PHE C 1344 66.50 14.04 56.86
C PHE C 1344 65.44 14.17 57.94
N TYR C 1345 65.55 13.27 58.88
CA TYR C 1345 64.75 13.18 60.10
C TYR C 1345 65.52 13.85 61.22
N ASN C 1346 65.22 15.12 61.47
CA ASN C 1346 65.87 15.89 62.53
C ASN C 1346 64.88 16.81 63.26
N ASP C 1347 63.68 16.31 63.56
CA ASP C 1347 62.66 17.11 64.23
C ASP C 1347 62.50 16.78 65.70
N ARG C 1348 62.24 15.53 66.02
CA ARG C 1348 62.27 15.04 67.39
C ARG C 1348 63.14 13.80 67.54
N ALA C 1349 63.55 13.21 66.41
CA ALA C 1349 64.28 11.95 66.33
C ALA C 1349 65.54 12.15 65.51
N SER C 1350 66.37 13.12 65.90
CA SER C 1350 67.45 13.63 65.07
C SER C 1350 68.71 12.76 65.08
N PHE C 1351 68.58 11.50 65.50
CA PHE C 1351 69.77 10.68 65.57
C PHE C 1351 69.69 9.30 64.94
N GLN C 1352 69.57 9.27 63.63
CA GLN C 1352 69.55 8.00 62.90
C GLN C 1352 70.96 7.64 62.44
N THR C 1353 71.91 7.53 63.38
CA THR C 1353 73.28 7.18 63.04
C THR C 1353 74.03 6.57 64.21
N LEU C 1354 75.08 5.81 63.89
CA LEU C 1354 75.91 5.17 64.91
C LEU C 1354 77.30 4.88 64.37
N ILE C 1355 78.27 4.72 65.27
CA ILE C 1355 79.64 4.44 64.88
C ILE C 1355 80.19 5.50 63.94
N GLN C 1356 79.94 6.77 64.25
CA GLN C 1356 80.38 7.87 63.41
C GLN C 1356 79.78 7.75 62.01
N MET C 1357 78.50 7.43 61.95
CA MET C 1357 77.79 7.26 60.68
C MET C 1357 78.38 6.12 59.85
N MET C 1358 78.78 5.05 60.53
CA MET C 1358 79.36 3.88 59.86
C MET C 1358 80.85 4.03 59.58
N ARG C 1359 81.45 5.10 60.09
CA ARG C 1359 82.87 5.36 59.88
C ARG C 1359 83.21 5.43 58.40
N LEU C 1371 76.51 6.29 55.47
CA LEU C 1371 75.22 5.84 55.97
C LEU C 1371 74.48 7.00 56.66
N PHE C 1372 74.44 6.95 57.99
CA PHE C 1372 73.80 8.00 58.78
C PHE C 1372 74.53 9.32 58.57
N MET C 1373 75.85 9.24 58.55
CA MET C 1373 76.69 10.41 58.31
C MET C 1373 76.39 10.94 56.91
N TYR C 1374 76.24 10.03 55.94
CA TYR C 1374 75.93 10.45 54.58
C TYR C 1374 74.59 11.18 54.56
N HIS C 1375 73.60 10.67 55.29
CA HIS C 1375 72.28 11.32 55.33
C HIS C 1375 72.37 12.72 55.93
N ILE C 1376 73.17 12.84 57.00
CA ILE C 1376 73.35 14.14 57.65
C ILE C 1376 74.02 15.12 56.68
N HIS C 1377 75.00 14.61 55.95
CA HIS C 1377 75.74 15.38 54.97
C HIS C 1377 74.81 15.83 53.87
N LEU C 1378 73.90 14.96 53.44
CA LEU C 1378 72.93 15.28 52.41
C LEU C 1378 72.05 16.41 52.89
N VAL C 1379 71.62 16.36 54.15
CA VAL C 1379 70.78 17.44 54.67
C VAL C 1379 71.56 18.76 54.64
N GLU C 1380 72.83 18.70 55.05
CA GLU C 1380 73.66 19.91 55.06
C GLU C 1380 73.84 20.46 53.64
N LEU C 1381 74.02 19.55 52.68
CA LEU C 1381 74.22 19.88 51.29
C LEU C 1381 72.99 20.54 50.73
N LEU C 1382 71.83 20.03 51.13
CA LEU C 1382 70.55 20.57 50.72
C LEU C 1382 70.43 22.00 51.24
N ALA C 1383 70.85 22.21 52.49
CA ALA C 1383 70.83 23.53 53.09
C ALA C 1383 71.75 24.48 52.30
N VAL C 1384 72.92 23.97 51.90
CA VAL C 1384 73.87 24.76 51.12
C VAL C 1384 73.28 25.15 49.75
N CYS C 1385 72.56 24.20 49.17
CA CYS C 1385 71.88 24.29 47.87
C CYS C 1385 71.75 25.64 47.16
N THR C 1386 70.94 26.47 47.82
CA THR C 1386 70.58 27.87 47.55
C THR C 1386 69.86 28.35 48.86
N GLU C 1387 69.82 29.65 49.18
CA GLU C 1387 69.10 30.00 50.42
C GLU C 1387 68.61 31.41 50.84
N GLY C 1388 67.63 31.42 51.75
CA GLY C 1388 67.10 32.63 52.40
C GLY C 1388 66.19 33.79 51.96
N LYS C 1389 66.53 34.48 50.88
CA LYS C 1389 65.86 35.72 50.42
C LYS C 1389 64.44 36.11 49.96
N ASN C 1390 63.86 35.37 49.01
CA ASN C 1390 62.57 35.78 48.40
C ASN C 1390 61.35 34.86 48.44
N VAL C 1391 60.92 34.37 47.29
CA VAL C 1391 59.78 33.44 47.25
C VAL C 1391 60.38 32.05 47.32
N TYR C 1392 61.34 31.78 46.43
CA TYR C 1392 62.11 30.53 46.41
C TYR C 1392 62.99 30.55 47.65
N THR C 1393 63.54 31.74 47.90
CA THR C 1393 64.36 32.04 49.06
C THR C 1393 63.48 31.88 50.30
N GLU C 1394 62.22 32.32 50.24
CA GLU C 1394 61.28 32.17 51.36
C GLU C 1394 61.03 30.71 51.65
N ILE C 1395 60.93 29.88 50.62
CA ILE C 1395 60.73 28.44 50.81
C ILE C 1395 61.97 27.86 51.51
N LYS C 1396 63.14 28.33 51.07
CA LYS C 1396 64.41 27.93 51.68
C LYS C 1396 64.45 28.37 53.14
N CYS C 1397 63.95 29.58 53.40
CA CYS C 1397 63.85 30.20 54.71
C CYS C 1397 62.94 29.40 55.61
N ASN C 1398 61.85 28.87 55.04
CA ASN C 1398 60.91 28.04 55.76
C ASN C 1398 61.62 26.76 56.20
N SER C 1399 62.43 26.21 55.29
CA SER C 1399 63.24 25.03 55.61
C SER C 1399 64.25 25.37 56.73
N LEU C 1400 64.81 26.57 56.63
CA LEU C 1400 65.76 27.11 57.58
C LEU C 1400 65.10 27.29 58.94
N LEU C 1401 63.84 27.69 58.96
CA LEU C 1401 63.05 27.89 60.18
C LEU C 1401 62.88 26.53 60.85
N PRO C 1402 62.63 25.49 60.04
CA PRO C 1402 62.51 24.13 60.57
C PRO C 1402 63.85 23.73 61.19
N LEU C 1403 64.95 24.07 60.52
CA LEU C 1403 66.30 23.81 60.99
C LEU C 1403 66.61 24.59 62.27
N ASP C 1404 66.06 25.80 62.35
CA ASP C 1404 66.27 26.75 63.43
C ASP C 1404 67.74 27.10 63.53
N ASP C 1405 68.42 27.33 62.40
CA ASP C 1405 69.83 27.60 62.57
C ASP C 1405 70.17 27.51 64.06
N ILE C 1406 69.34 28.10 64.91
CA ILE C 1406 69.58 28.04 66.33
C ILE C 1406 69.52 26.59 66.79
N VAL C 1407 68.54 25.83 66.31
CA VAL C 1407 68.46 24.43 66.73
C VAL C 1407 69.71 23.64 66.32
N ARG C 1408 70.18 23.89 65.10
CA ARG C 1408 71.35 23.21 64.57
C ARG C 1408 72.58 23.53 65.37
N VAL C 1409 72.73 24.80 65.74
CA VAL C 1409 73.87 25.23 66.52
C VAL C 1409 73.84 24.53 67.88
N VAL C 1410 72.65 24.46 68.46
CA VAL C 1410 72.45 23.80 69.74
C VAL C 1410 72.79 22.31 69.69
N THR C 1411 72.47 21.65 68.58
CA THR C 1411 72.68 20.20 68.52
C THR C 1411 73.74 19.45 67.70
N HIS C 1412 74.19 18.34 68.29
CA HIS C 1412 75.13 17.37 67.74
C HIS C 1412 75.19 16.05 68.51
N GLU C 1413 74.32 15.84 69.49
CA GLU C 1413 74.35 14.59 70.26
C GLU C 1413 73.48 13.49 69.67
N ASP C 1414 72.90 13.69 68.49
CA ASP C 1414 72.04 12.67 67.89
C ASP C 1414 72.84 11.49 67.38
N CYS C 1415 74.10 11.73 66.99
CA CYS C 1415 74.96 10.69 66.46
C CYS C 1415 76.41 11.13 66.62
N ILE C 1416 77.33 10.32 66.09
CA ILE C 1416 78.75 10.61 66.16
C ILE C 1416 79.40 10.30 64.81
N PRO C 1417 79.69 11.31 63.98
CA PRO C 1417 80.28 11.03 62.66
C PRO C 1417 81.79 11.00 62.67
N GLU C 1418 82.39 10.64 61.54
CA GLU C 1418 83.86 10.59 61.44
C GLU C 1418 84.42 11.93 60.98
N VAL C 1419 83.99 12.40 59.81
CA VAL C 1419 84.37 13.72 59.33
C VAL C 1419 83.11 14.51 59.01
N LYS C 1420 81.99 14.13 59.63
CA LYS C 1420 80.70 14.72 59.32
C LYS C 1420 80.28 15.83 60.28
N ILE C 1421 81.24 16.56 60.85
CA ILE C 1421 80.91 17.57 61.86
C ILE C 1421 80.41 18.86 61.21
N ALA C 1422 80.62 19.01 59.91
CA ALA C 1422 80.33 20.26 59.23
C ALA C 1422 79.14 20.16 58.30
N TYR C 1423 78.07 19.48 58.72
CA TYR C 1423 76.87 19.31 57.91
C TYR C 1423 75.95 20.52 57.97
N ILE C 1424 76.36 21.58 58.68
CA ILE C 1424 75.58 22.81 58.78
C ILE C 1424 76.39 24.05 58.45
N ASN C 1425 77.52 23.91 57.75
CA ASN C 1425 78.35 25.05 57.39
C ASN C 1425 77.81 25.85 56.22
N PHE C 1426 76.64 25.51 55.70
CA PHE C 1426 76.00 26.23 54.60
C PHE C 1426 75.14 27.39 55.09
N LEU C 1427 75.47 27.98 56.23
CA LEU C 1427 74.70 29.09 56.81
C LEU C 1427 75.22 30.45 56.35
N ASN C 1428 75.80 30.52 55.15
CA ASN C 1428 76.29 31.77 54.57
C ASN C 1428 75.67 32.08 53.22
N HIS C 1429 74.51 31.48 52.91
CA HIS C 1429 73.84 31.70 51.64
C HIS C 1429 72.55 32.51 51.78
N CYS C 1430 72.16 32.86 53.01
CA CYS C 1430 71.02 33.75 53.22
C CYS C 1430 71.47 35.19 53.44
N TYR C 1431 72.11 35.78 52.43
CA TYR C 1431 72.52 37.17 52.49
C TYR C 1431 72.24 37.86 51.16
N VAL C 1432 71.22 37.40 50.45
CA VAL C 1432 70.86 37.92 49.14
C VAL C 1432 69.41 38.36 49.22
N ASP C 1433 69.13 39.61 48.90
CA ASP C 1433 67.76 40.01 49.13
C ASP C 1433 67.68 39.65 50.62
N THR C 1434 68.62 40.23 51.38
CA THR C 1434 68.82 39.99 52.80
C THR C 1434 67.58 40.34 53.60
N GLU C 1435 66.88 41.41 53.22
CA GLU C 1435 65.66 41.76 53.93
C GLU C 1435 64.65 40.60 53.76
N VAL C 1436 64.54 40.05 52.55
CA VAL C 1436 63.64 38.93 52.31
C VAL C 1436 64.07 37.71 53.12
N GLU C 1437 65.38 37.48 53.20
CA GLU C 1437 65.92 36.34 53.95
C GLU C 1437 65.58 36.48 55.43
N MET C 1438 65.70 37.71 55.94
CA MET C 1438 65.41 38.08 57.32
C MET C 1438 63.93 37.88 57.61
N LYS C 1439 63.11 38.22 56.61
CA LYS C 1439 61.67 38.07 56.68
C LYS C 1439 61.35 36.59 56.81
N GLU C 1440 62.06 35.74 56.06
CA GLU C 1440 61.84 34.32 56.18
C GLU C 1440 62.25 33.91 57.60
N ILE C 1441 63.41 34.40 58.05
CA ILE C 1441 63.86 34.14 59.40
C ILE C 1441 65.37 34.00 59.54
N TYR C 1442 66.24 34.97 59.22
CA TYR C 1442 67.59 34.44 59.34
C TYR C 1442 68.13 34.46 60.77
N THR C 1443 67.42 35.07 61.72
CA THR C 1443 67.92 35.23 63.08
C THR C 1443 67.66 34.03 63.98
N SER C 1444 67.05 32.95 63.47
CA SER C 1444 66.70 31.79 64.29
C SER C 1444 67.91 30.97 64.69
N ASN C 1445 69.04 31.15 64.00
CA ASN C 1445 70.30 30.52 64.40
C ASN C 1445 71.44 31.52 64.43
N HIS C 1446 71.13 32.80 64.66
CA HIS C 1446 72.12 33.86 64.64
C HIS C 1446 72.77 34.10 66.00
N MET C 1447 72.80 33.09 66.87
CA MET C 1447 73.50 33.20 68.14
C MET C 1447 74.68 32.24 68.14
N TRP C 1448 74.47 31.04 67.61
CA TRP C 1448 75.54 30.06 67.52
C TRP C 1448 76.13 30.02 66.10
N LYS C 1449 75.27 29.88 65.10
CA LYS C 1449 75.73 29.81 63.72
C LYS C 1449 76.27 31.14 63.23
N LEU C 1450 75.76 32.25 63.74
CA LEU C 1450 76.34 33.55 63.42
C LEU C 1450 77.68 33.74 64.12
N PHE C 1451 77.82 33.19 65.33
CA PHE C 1451 79.07 33.29 66.07
C PHE C 1451 80.14 32.38 65.50
N GLU C 1452 79.75 31.37 64.72
CA GLU C 1452 80.72 30.47 64.11
C GLU C 1452 81.16 30.92 62.73
N ASN C 1453 80.39 31.78 62.06
CA ASN C 1453 80.74 32.20 60.71
C ASN C 1453 81.90 33.19 60.72
N PHE C 1454 81.69 34.36 61.32
CA PHE C 1454 82.76 35.35 61.50
C PHE C 1454 83.21 35.29 62.95
N LEU C 1455 83.97 34.24 63.28
CA LEU C 1455 84.39 33.98 64.65
C LEU C 1455 85.87 34.24 64.88
N VAL C 1456 86.73 33.94 63.91
CA VAL C 1456 88.17 33.99 64.16
C VAL C 1456 88.71 35.41 64.00
N ASP C 1457 88.54 35.99 62.81
CA ASP C 1457 89.08 37.31 62.51
C ASP C 1457 88.29 38.43 63.18
N SER C 1473 87.81 23.27 57.35
CA SER C 1473 86.38 23.44 57.13
C SER C 1473 85.88 24.64 57.91
N VAL C 1474 86.19 24.66 59.20
CA VAL C 1474 85.87 25.78 60.08
C VAL C 1474 87.01 26.79 60.14
N LEU C 1475 88.25 26.31 59.96
CA LEU C 1475 89.39 27.20 59.88
C LEU C 1475 89.37 28.00 58.58
N GLU C 1476 89.16 27.31 57.46
CA GLU C 1476 89.06 28.02 56.18
C GLU C 1476 87.71 28.69 56.01
N LYS C 1477 86.71 28.30 56.81
CA LYS C 1477 85.35 28.78 56.60
C LYS C 1477 85.16 30.21 57.09
N TYR C 1478 85.98 30.64 58.05
CA TYR C 1478 85.79 31.97 58.63
C TYR C 1478 86.27 33.08 57.71
N VAL C 1479 87.30 32.81 56.90
CA VAL C 1479 87.86 33.85 56.03
C VAL C 1479 86.96 34.14 54.83
N THR C 1480 86.29 33.12 54.30
CA THR C 1480 85.37 33.34 53.19
C THR C 1480 83.99 33.77 53.67
N GLU C 1481 83.51 33.18 54.76
CA GLU C 1481 82.21 33.57 55.31
C GLU C 1481 82.25 34.93 55.97
N ILE C 1482 83.43 35.36 56.45
CA ILE C 1482 83.58 36.73 56.92
C ILE C 1482 83.55 37.70 55.74
N VAL C 1483 84.03 37.24 54.58
CA VAL C 1483 84.01 38.06 53.37
C VAL C 1483 82.80 37.80 52.49
N MET C 1484 81.98 36.81 52.82
CA MET C 1484 80.80 36.47 52.04
C MET C 1484 79.50 36.67 52.80
N SER C 1485 79.40 36.14 54.01
CA SER C 1485 78.19 36.24 54.83
C SER C 1485 78.20 37.62 55.47
N ILE C 1486 77.13 38.38 55.24
CA ILE C 1486 77.03 39.75 55.73
C ILE C 1486 76.70 39.68 57.22
N VAL C 1487 77.72 39.81 58.05
CA VAL C 1487 77.59 39.82 59.50
C VAL C 1487 78.48 40.93 60.05
N THR C 1488 78.42 41.10 61.38
CA THR C 1488 79.18 42.14 62.04
C THR C 1488 80.60 41.63 62.34
N THR C 1489 81.41 42.48 62.97
CA THR C 1489 82.76 42.09 63.34
C THR C 1489 82.72 41.19 64.56
N PHE C 1490 83.29 39.99 64.42
CA PHE C 1490 83.31 39.03 65.53
C PHE C 1490 84.61 38.23 65.51
N LEU C 1502 90.30 42.94 75.58
CA LEU C 1502 88.88 43.22 75.73
C LEU C 1502 88.08 41.92 75.84
N GLN C 1503 86.85 42.02 76.32
CA GLN C 1503 85.97 40.87 76.46
C GLN C 1503 85.27 40.49 75.17
N THR C 1504 85.55 41.19 74.06
CA THR C 1504 84.96 40.83 72.78
C THR C 1504 85.96 40.14 71.86
N ARG C 1505 87.23 39.90 72.26
CA ARG C 1505 88.33 39.36 71.36
C ARG C 1505 88.73 37.86 70.99
N GLN C 1506 87.89 36.91 71.38
CA GLN C 1506 88.18 35.49 71.14
C GLN C 1506 88.34 35.11 69.67
N PRO C 1507 87.56 35.74 68.78
CA PRO C 1507 87.75 35.37 67.36
C PRO C 1507 89.17 35.68 66.88
N VAL C 1508 89.70 36.83 67.28
CA VAL C 1508 91.06 37.22 66.90
C VAL C 1508 92.05 36.20 67.47
N PHE C 1509 91.83 35.79 68.72
CA PHE C 1509 92.76 34.79 69.28
C PHE C 1509 92.74 33.47 68.46
N VAL C 1510 91.53 33.06 68.08
CA VAL C 1510 91.36 31.83 67.29
C VAL C 1510 92.07 31.95 65.94
N GLN C 1511 91.98 33.12 65.33
CA GLN C 1511 92.63 33.36 64.04
C GLN C 1511 94.14 33.21 64.19
N LEU C 1512 94.69 33.74 65.28
CA LEU C 1512 96.13 33.59 65.50
C LEU C 1512 96.51 32.10 65.60
N LEU C 1513 95.71 31.32 66.33
CA LEU C 1513 96.02 29.88 66.45
C LEU C 1513 95.98 29.14 65.09
N GLN C 1514 94.99 29.53 64.28
CA GLN C 1514 94.82 28.94 62.95
C GLN C 1514 96.06 29.23 62.11
N GLY C 1515 96.55 30.48 62.19
CA GLY C 1515 97.75 30.88 61.48
C GLY C 1515 98.95 30.06 61.93
N VAL C 1516 99.03 29.81 63.23
CA VAL C 1516 100.06 28.99 63.83
C VAL C 1516 100.16 27.51 63.38
N PHE C 1517 99.04 26.81 63.11
CA PHE C 1517 99.21 25.36 62.72
C PHE C 1517 100.06 24.95 61.45
N ARG C 1518 100.79 23.79 61.47
CA ARG C 1518 101.62 23.41 60.35
C ARG C 1518 101.53 21.91 60.07
N VAL C 1519 100.45 21.27 60.54
CA VAL C 1519 100.24 19.87 60.26
C VAL C 1519 99.50 19.64 58.95
N TYR C 1520 98.82 20.67 58.43
CA TYR C 1520 98.09 20.53 57.17
C TYR C 1520 99.03 20.74 56.00
N HIS C 1521 98.44 20.87 54.80
CA HIS C 1521 99.22 21.06 53.57
C HIS C 1521 99.35 22.57 53.29
N CYS C 1522 99.91 23.27 54.27
CA CYS C 1522 100.06 24.73 54.21
C CYS C 1522 98.71 25.42 54.21
N ASN C 1523 97.94 25.17 55.26
CA ASN C 1523 96.56 25.65 55.37
C ASN C 1523 96.46 27.14 55.67
N TRP C 1524 97.11 27.61 56.73
CA TRP C 1524 97.06 29.03 57.11
C TRP C 1524 98.49 29.53 57.24
N LEU C 1525 99.06 29.97 56.07
CA LEU C 1525 100.45 30.38 56.13
C LEU C 1525 100.49 31.78 56.75
N MET C 1526 101.46 32.59 56.32
CA MET C 1526 101.60 33.95 56.83
C MET C 1526 100.36 34.75 56.47
N PRO C 1527 99.85 34.58 55.24
CA PRO C 1527 98.66 35.30 54.81
C PRO C 1527 97.47 34.90 55.68
N SER C 1528 97.36 33.61 55.98
CA SER C 1528 96.27 33.11 56.81
C SER C 1528 96.36 33.73 58.21
N GLN C 1529 97.58 33.81 58.73
CA GLN C 1529 97.79 34.41 60.05
C GLN C 1529 97.37 35.87 60.04
N LYS C 1530 97.72 36.58 58.97
CA LYS C 1530 97.38 37.98 58.82
C LYS C 1530 95.86 38.14 58.77
N ALA C 1531 95.20 37.24 58.06
CA ALA C 1531 93.74 37.26 57.94
C ALA C 1531 93.12 37.06 59.32
N SER C 1532 93.68 36.13 60.09
CA SER C 1532 93.19 35.85 61.43
C SER C 1532 93.35 37.08 62.32
N VAL C 1533 94.49 37.76 62.17
CA VAL C 1533 94.75 38.97 62.95
C VAL C 1533 93.72 40.04 62.59
N GLU C 1534 93.42 40.16 61.30
CA GLU C 1534 92.45 41.14 60.83
C GLU C 1534 91.08 40.82 61.40
N SER C 1535 90.73 39.54 61.44
CA SER C 1535 89.45 39.11 61.98
C SER C 1535 89.37 39.48 63.46
N CYS C 1536 90.46 39.26 64.18
CA CYS C 1536 90.51 39.58 65.60
C CYS C 1536 90.32 41.09 65.79
N ILE C 1537 90.96 41.87 64.93
CA ILE C 1537 90.88 43.33 64.99
C ILE C 1537 89.45 43.79 64.74
N ARG C 1538 88.77 43.13 63.80
CA ARG C 1538 87.40 43.47 63.46
C ARG C 1538 86.50 43.52 64.69
N ARG C 1598 108.80 30.78 8.43
CA ARG C 1598 107.68 31.33 7.68
C ARG C 1598 106.97 30.22 6.92
N ASN C 1599 105.82 29.82 7.46
CA ASN C 1599 104.92 28.83 6.85
C ASN C 1599 103.78 29.57 6.11
N ILE C 1600 104.00 30.88 5.91
CA ILE C 1600 103.06 31.78 5.28
C ILE C 1600 102.73 31.35 3.87
N ILE C 1601 103.70 30.83 3.12
CA ILE C 1601 103.41 30.38 1.76
C ILE C 1601 102.40 29.24 1.83
N GLU C 1602 102.58 28.31 2.76
CA GLU C 1602 101.66 27.20 2.91
C GLU C 1602 100.27 27.73 3.29
N ARG C 1603 100.25 28.71 4.19
CA ARG C 1603 98.98 29.29 4.63
C ARG C 1603 98.25 29.95 3.46
N LEU C 1604 99.02 30.64 2.61
CA LEU C 1604 98.50 31.32 1.43
C LEU C 1604 97.92 30.31 0.46
N GLN C 1605 98.60 29.18 0.32
CA GLN C 1605 98.13 28.10 -0.54
C GLN C 1605 96.80 27.58 -0.02
N ASP C 1606 96.71 27.44 1.31
CA ASP C 1606 95.47 26.99 1.92
C ASP C 1606 94.36 27.99 1.61
N ILE C 1607 94.66 29.28 1.70
CA ILE C 1607 93.67 30.34 1.40
C ILE C 1607 93.20 30.28 -0.05
N VAL C 1608 94.13 30.05 -0.98
CA VAL C 1608 93.78 29.96 -2.41
C VAL C 1608 92.85 28.76 -2.62
N SER C 1609 93.18 27.66 -1.94
CA SER C 1609 92.37 26.44 -2.02
C SER C 1609 90.98 26.72 -1.47
N ALA C 1610 90.91 27.46 -0.38
CA ALA C 1610 89.64 27.83 0.24
C ALA C 1610 88.82 28.65 -0.73
N LEU C 1611 89.45 29.58 -1.45
CA LEU C 1611 88.71 30.40 -2.42
C LEU C 1611 88.13 29.51 -3.51
N GLU C 1612 88.95 28.56 -3.97
CA GLU C 1612 88.50 27.64 -5.00
C GLU C 1612 87.30 26.82 -4.49
N ASP C 1613 87.39 26.38 -3.24
CA ASP C 1613 86.35 25.58 -2.57
C ASP C 1613 85.06 26.39 -2.45
N ARG C 1614 85.21 27.67 -2.14
CA ARG C 1614 84.07 28.55 -2.01
C ARG C 1614 83.36 28.63 -3.35
N LEU C 1615 84.13 28.76 -4.44
CA LEU C 1615 83.46 28.77 -5.72
C LEU C 1615 82.77 27.42 -5.94
N ARG C 1616 83.46 26.33 -5.60
CA ARG C 1616 82.92 24.99 -5.78
C ARG C 1616 81.57 24.87 -5.10
N PRO C 1617 81.46 25.44 -3.90
CA PRO C 1617 80.22 25.42 -3.12
C PRO C 1617 79.18 26.19 -3.89
N LEU C 1618 79.58 27.32 -4.44
CA LEU C 1618 78.66 28.10 -5.23
C LEU C 1618 78.14 27.36 -6.45
N VAL C 1619 78.96 26.61 -7.18
CA VAL C 1619 78.41 26.01 -8.40
C VAL C 1619 78.15 24.53 -8.63
N GLN C 1620 79.28 23.85 -8.61
CA GLN C 1620 79.36 22.44 -8.84
C GLN C 1620 78.05 21.86 -8.41
N ALA C 1621 77.26 22.54 -7.57
CA ALA C 1621 75.94 22.01 -7.33
C ALA C 1621 75.29 22.25 -8.69
N GLU C 1622 75.38 23.48 -9.18
CA GLU C 1622 74.81 23.81 -10.46
C GLU C 1622 75.49 23.06 -11.58
N LEU C 1623 76.81 22.99 -11.56
CA LEU C 1623 77.55 22.31 -12.62
C LEU C 1623 77.23 20.84 -12.67
N SER C 1624 77.14 20.26 -11.48
CA SER C 1624 76.86 18.85 -11.33
C SER C 1624 75.48 18.57 -11.85
N VAL C 1625 74.56 19.46 -11.50
CA VAL C 1625 73.19 19.37 -11.91
C VAL C 1625 73.16 19.48 -13.41
N LEU C 1626 73.91 20.38 -14.00
CA LEU C 1626 73.92 20.51 -15.43
C LEU C 1626 74.39 19.22 -16.06
N VAL C 1627 75.44 18.62 -15.54
CA VAL C 1627 75.92 17.39 -16.15
C VAL C 1627 74.85 16.32 -16.06
N ASP C 1628 74.24 16.21 -14.89
CA ASP C 1628 73.21 15.22 -14.66
C ASP C 1628 71.99 15.45 -15.52
N VAL C 1629 71.65 16.72 -15.67
CA VAL C 1629 70.52 17.22 -16.42
C VAL C 1629 70.70 16.90 -17.87
N LEU C 1630 71.95 17.04 -18.33
CA LEU C 1630 72.34 16.72 -19.67
C LEU C 1630 72.14 15.23 -19.83
N HIS C 1631 72.54 14.45 -18.85
CA HIS C 1631 72.33 13.03 -18.93
C HIS C 1631 70.83 12.73 -18.99
N ARG C 1632 69.99 13.41 -18.23
CA ARG C 1632 68.58 13.11 -18.28
C ARG C 1632 68.03 13.38 -19.66
N PRO C 1633 68.41 14.49 -20.24
CA PRO C 1633 68.03 14.97 -21.57
C PRO C 1633 68.53 13.99 -22.59
N GLU C 1634 69.74 13.50 -22.40
CA GLU C 1634 70.39 12.56 -23.30
C GLU C 1634 69.62 11.27 -23.30
N LEU C 1635 69.19 10.85 -22.11
CA LEU C 1635 68.41 9.63 -21.97
C LEU C 1635 67.13 9.84 -22.73
N LEU C 1636 66.50 10.98 -22.51
CA LEU C 1636 65.31 11.30 -23.26
C LEU C 1636 65.89 11.44 -24.65
N PHE C 1637 67.09 12.03 -24.69
CA PHE C 1637 67.78 12.29 -25.94
C PHE C 1637 68.14 10.97 -26.58
N PRO C 1638 68.57 11.02 -27.85
CA PRO C 1638 69.06 9.83 -28.50
C PRO C 1638 70.50 9.81 -27.99
N GLU C 1639 70.58 9.57 -26.69
CA GLU C 1639 71.84 9.49 -25.99
C GLU C 1639 72.72 10.72 -26.02
N ASN C 1640 72.13 11.92 -26.06
CA ASN C 1640 72.91 13.16 -26.03
C ASN C 1640 74.01 13.20 -27.09
N THR C 1641 73.66 12.82 -28.30
CA THR C 1641 74.66 12.73 -29.34
C THR C 1641 75.24 11.31 -29.37
N ASP C 1642 74.66 10.40 -28.60
CA ASP C 1642 75.12 9.03 -28.59
C ASP C 1642 74.07 8.12 -29.23
N ALA C 1643 73.06 7.76 -28.46
CA ALA C 1643 71.96 6.90 -28.92
C ALA C 1643 72.45 5.58 -29.50
N ARG C 1644 73.44 4.98 -28.84
CA ARG C 1644 74.04 3.73 -29.28
C ARG C 1644 74.53 3.83 -30.73
N ARG C 1645 75.17 4.95 -31.10
CA ARG C 1645 75.61 5.17 -32.47
C ARG C 1645 74.44 5.05 -33.45
N LYS C 1646 73.29 5.63 -33.10
CA LYS C 1646 72.10 5.53 -33.92
C LYS C 1646 71.82 4.05 -34.09
N CYS C 1647 71.57 3.63 -35.32
CA CYS C 1647 71.37 2.23 -35.63
C CYS C 1647 70.09 1.61 -35.06
N GLU C 1648 70.07 0.29 -35.01
CA GLU C 1648 68.93 -0.43 -34.47
C GLU C 1648 68.82 -0.09 -32.99
N SER C 1649 69.96 -0.08 -32.31
CA SER C 1649 70.01 0.27 -30.90
C SER C 1649 70.16 1.78 -30.75
N GLY C 1650 69.11 2.50 -31.09
CA GLY C 1650 69.08 3.93 -31.00
C GLY C 1650 67.81 4.18 -30.24
N GLY C 1651 67.87 3.82 -28.97
CA GLY C 1651 68.42 4.67 -27.95
C GLY C 1651 67.42 5.60 -27.31
N PHE C 1652 66.12 5.41 -27.57
CA PHE C 1652 65.21 6.30 -26.90
C PHE C 1652 64.34 5.74 -25.79
N ILE C 1653 64.65 6.15 -24.57
CA ILE C 1653 63.78 5.87 -23.35
C ILE C 1653 64.44 4.95 -22.22
N CYS C 1654 65.71 4.66 -22.46
CA CYS C 1654 66.51 3.77 -21.63
C CYS C 1654 66.71 4.13 -20.18
N LYS C 1655 66.86 5.42 -19.91
CA LYS C 1655 67.07 5.83 -18.53
C LYS C 1655 65.87 5.44 -17.68
N LEU C 1656 64.67 5.66 -18.21
CA LEU C 1656 63.46 5.31 -17.47
C LEU C 1656 63.43 3.82 -17.22
N ILE C 1657 63.76 3.04 -18.25
CA ILE C 1657 63.72 1.58 -17.98
C ILE C 1657 64.70 1.16 -16.85
N LYS C 1658 65.89 1.74 -16.92
CA LYS C 1658 66.93 1.44 -15.93
C LYS C 1658 66.50 1.85 -14.54
N HIS C 1659 65.84 3.01 -14.43
CA HIS C 1659 65.39 3.51 -13.14
C HIS C 1659 64.41 2.53 -12.52
N THR C 1660 63.49 2.00 -13.33
CA THR C 1660 62.53 1.05 -12.78
C THR C 1660 63.27 -0.17 -12.21
N LYS C 1661 64.24 -0.66 -12.97
CA LYS C 1661 64.99 -1.80 -12.46
C LYS C 1661 65.72 -1.51 -11.12
N GLN C 1662 66.36 -0.35 -10.99
CA GLN C 1662 67.08 -0.02 -9.75
C GLN C 1662 66.18 0.07 -8.54
N LEU C 1663 64.98 0.63 -8.79
CA LEU C 1663 64.02 0.78 -7.71
C LEU C 1663 63.67 -0.62 -7.23
N LEU C 1664 63.39 -1.53 -8.18
CA LEU C 1664 63.05 -2.90 -7.81
C LEU C 1664 64.20 -3.56 -7.04
N GLU C 1665 65.44 -3.30 -7.45
CA GLU C 1665 66.62 -3.82 -6.81
C GLU C 1665 66.86 -3.47 -5.33
N GLU C 1666 66.60 -2.26 -4.85
CA GLU C 1666 66.94 -2.06 -3.38
C GLU C 1666 68.49 -2.12 -3.11
N ASN C 1667 69.13 -2.84 -2.13
CA ASN C 1667 70.54 -2.57 -2.31
C ASN C 1667 71.06 -2.00 -1.01
N GLU C 1668 72.35 -1.71 -1.00
CA GLU C 1668 72.78 -0.58 -0.19
C GLU C 1668 72.10 0.62 -0.81
N GLU C 1669 71.20 1.21 -0.03
CA GLU C 1669 70.36 2.29 -0.49
C GLU C 1669 71.01 3.59 -0.92
N LYS C 1670 72.30 3.80 -0.62
CA LYS C 1670 72.93 5.07 -0.96
C LYS C 1670 72.86 5.39 -2.45
N LEU C 1671 73.07 4.38 -3.30
CA LEU C 1671 72.95 4.59 -4.73
C LEU C 1671 71.52 5.00 -5.06
N CYS C 1672 70.54 4.35 -4.44
CA CYS C 1672 69.17 4.70 -4.68
C CYS C 1672 68.89 6.14 -4.29
N ILE C 1673 69.44 6.60 -3.17
CA ILE C 1673 69.21 7.98 -2.73
C ILE C 1673 69.77 8.96 -3.74
N LYS C 1674 70.96 8.66 -4.26
CA LYS C 1674 71.55 9.54 -5.25
C LYS C 1674 70.65 9.61 -6.49
N VAL C 1675 70.14 8.45 -6.90
CA VAL C 1675 69.24 8.32 -8.04
C VAL C 1675 67.92 9.06 -7.84
N LEU C 1676 67.41 9.06 -6.62
CA LEU C 1676 66.18 9.76 -6.27
C LEU C 1676 66.43 11.24 -6.46
N GLN C 1677 67.61 11.68 -6.01
CA GLN C 1677 68.00 13.07 -6.19
C GLN C 1677 68.07 13.36 -7.69
N THR C 1678 68.63 12.43 -8.47
CA THR C 1678 68.72 12.59 -9.90
C THR C 1678 67.33 12.69 -10.57
N LEU C 1679 66.37 11.90 -10.12
CA LEU C 1679 65.02 11.97 -10.70
C LEU C 1679 64.44 13.36 -10.43
N ARG C 1680 64.64 13.85 -9.22
CA ARG C 1680 64.15 15.17 -8.87
C ARG C 1680 64.81 16.25 -9.73
N GLU C 1681 66.11 16.09 -9.96
CA GLU C 1681 66.87 17.01 -10.77
C GLU C 1681 66.33 17.03 -12.18
N MET C 1682 65.99 15.86 -12.73
CA MET C 1682 65.46 15.79 -14.09
C MET C 1682 64.16 16.58 -14.10
N MET C 1683 63.30 16.37 -13.12
CA MET C 1683 62.11 17.21 -13.03
C MET C 1683 62.59 18.63 -12.70
N THR C 1684 63.61 18.68 -11.86
CA THR C 1684 64.24 19.87 -11.30
C THR C 1684 64.70 20.77 -12.43
N LYS C 1685 63.85 21.71 -12.81
CA LYS C 1685 63.95 22.31 -14.14
C LYS C 1685 63.74 23.82 -14.15
N ASP C 1686 63.49 24.36 -15.35
CA ASP C 1686 63.35 25.78 -15.62
C ASP C 1686 64.67 26.54 -15.81
N ARG C 1687 65.76 25.86 -16.16
CA ARG C 1687 67.01 26.55 -16.43
C ARG C 1687 67.95 25.64 -17.22
N GLY C 1688 68.96 26.25 -17.83
CA GLY C 1688 69.99 25.52 -18.52
C GLY C 1688 69.74 25.27 -19.99
N TYR C 1689 68.52 25.46 -20.47
CA TYR C 1689 68.18 25.20 -21.87
C TYR C 1689 68.31 26.49 -22.65
N GLY C 1690 69.10 26.44 -23.71
CA GLY C 1690 69.37 27.62 -24.53
C GLY C 1690 70.70 27.52 -25.25
N SER C 1786 66.67 19.13 -30.51
CA SER C 1786 66.17 18.75 -29.21
C SER C 1786 65.66 19.96 -28.44
N ARG C 1787 64.88 20.79 -29.12
CA ARG C 1787 64.32 22.01 -28.54
C ARG C 1787 63.00 21.65 -27.87
N GLY C 1788 63.08 20.80 -26.85
CA GLY C 1788 61.91 20.41 -26.10
C GLY C 1788 61.45 21.56 -25.23
N GLU C 1789 60.14 21.80 -25.23
CA GLU C 1789 59.59 22.85 -24.38
C GLU C 1789 59.73 22.47 -22.92
N MET C 1790 60.35 23.37 -22.16
CA MET C 1790 60.74 23.09 -20.77
C MET C 1790 59.53 23.24 -19.85
N SER C 1791 58.53 22.41 -20.11
CA SER C 1791 57.33 22.37 -19.31
C SER C 1791 57.02 20.90 -19.10
N LEU C 1792 56.56 20.58 -17.90
CA LEU C 1792 56.31 19.20 -17.51
C LEU C 1792 55.18 18.59 -18.32
N ALA C 1793 54.31 19.42 -18.91
CA ALA C 1793 53.34 18.93 -19.88
C ALA C 1793 54.04 18.26 -21.05
N GLU C 1794 55.13 18.87 -21.53
CA GLU C 1794 56.03 18.09 -22.36
C GLU C 1794 56.91 17.20 -21.50
N VAL C 1795 57.52 17.77 -20.45
CA VAL C 1795 58.62 17.10 -19.76
C VAL C 1795 58.17 15.90 -18.94
N GLN C 1796 57.42 16.10 -17.87
CA GLN C 1796 56.83 14.97 -17.18
C GLN C 1796 55.76 14.31 -18.01
N CYS C 1797 55.24 15.00 -19.03
CA CYS C 1797 54.48 14.32 -20.06
C CYS C 1797 55.34 13.27 -20.75
N HIS C 1798 56.54 13.63 -21.20
CA HIS C 1798 57.48 12.62 -21.67
C HIS C 1798 58.03 11.83 -20.51
N LEU C 1799 58.05 12.41 -19.32
CA LEU C 1799 58.39 11.64 -18.13
C LEU C 1799 57.31 10.64 -17.82
N ASP C 1800 56.07 10.94 -18.23
CA ASP C 1800 54.95 9.99 -18.19
C ASP C 1800 54.88 9.20 -19.49
N LYS C 1801 55.39 9.79 -20.57
CA LYS C 1801 55.83 8.99 -21.70
C LYS C 1801 56.88 8.00 -21.23
N GLU C 1802 57.75 8.43 -20.33
CA GLU C 1802 58.49 7.46 -19.53
C GLU C 1802 57.60 6.72 -18.55
N GLY C 1803 56.98 7.41 -17.60
CA GLY C 1803 56.02 6.77 -16.73
C GLY C 1803 56.66 5.95 -15.63
N ALA C 1804 57.71 6.47 -15.00
CA ALA C 1804 58.42 5.71 -13.98
C ALA C 1804 57.77 5.76 -12.60
N SER C 1805 56.51 6.15 -12.49
CA SER C 1805 55.96 6.53 -11.20
C SER C 1805 55.39 5.34 -10.44
N ASN C 1806 55.34 4.16 -11.07
CA ASN C 1806 54.95 2.97 -10.33
C ASN C 1806 55.94 2.69 -9.22
N LEU C 1807 57.22 2.96 -9.46
CA LEU C 1807 58.23 2.84 -8.43
C LEU C 1807 58.03 3.86 -7.33
N VAL C 1808 57.48 5.02 -7.67
CA VAL C 1808 57.14 5.98 -6.62
C VAL C 1808 55.90 5.51 -5.88
N ILE C 1809 54.99 4.86 -6.59
CA ILE C 1809 53.89 4.19 -5.92
C ILE C 1809 54.45 3.01 -5.15
N ASP C 1810 55.47 2.36 -5.68
CA ASP C 1810 56.20 1.37 -4.91
C ASP C 1810 56.98 2.02 -3.79
N LEU C 1811 57.53 3.23 -4.04
CA LEU C 1811 58.11 3.99 -2.95
C LEU C 1811 57.04 4.43 -1.98
N ILE C 1812 55.83 4.69 -2.50
CA ILE C 1812 54.68 4.81 -1.62
C ILE C 1812 54.27 3.47 -1.04
N MET C 1813 54.52 2.37 -1.75
CA MET C 1813 54.14 1.05 -1.23
C MET C 1813 55.21 0.53 -0.28
N ASN C 1814 56.40 0.27 -0.79
CA ASN C 1814 57.50 -0.13 0.05
C ASN C 1814 58.28 1.11 0.49
N ALA C 1815 58.50 1.20 1.80
CA ALA C 1815 59.28 2.30 2.38
C ALA C 1815 60.33 1.65 3.29
N SER C 1816 61.45 1.28 2.70
CA SER C 1816 62.52 0.66 3.46
C SER C 1816 63.25 1.66 4.33
N SER C 1817 63.67 2.79 3.77
CA SER C 1817 64.45 3.76 4.52
C SER C 1817 63.58 4.97 4.76
N ASP C 1818 63.84 5.65 5.87
CA ASP C 1818 63.19 6.92 6.12
C ASP C 1818 63.68 7.95 5.11
N ARG C 1819 64.97 7.92 4.81
CA ARG C 1819 65.47 8.69 3.68
C ARG C 1819 64.90 8.16 2.38
N VAL C 1820 64.66 6.86 2.29
CA VAL C 1820 63.92 6.33 1.15
C VAL C 1820 62.47 6.78 1.24
N PHE C 1821 61.96 6.92 2.46
CA PHE C 1821 60.62 7.45 2.60
C PHE C 1821 60.58 8.93 2.32
N HIS C 1822 61.45 9.70 2.97
CA HIS C 1822 61.39 11.17 2.93
C HIS C 1822 61.81 11.74 1.57
N GLU C 1823 62.37 10.90 0.71
CA GLU C 1823 62.64 11.29 -0.67
C GLU C 1823 61.81 10.52 -1.68
N SER C 1824 61.23 9.38 -1.30
CA SER C 1824 60.37 8.64 -2.22
C SER C 1824 59.11 9.43 -2.56
N ILE C 1825 58.68 10.30 -1.65
CA ILE C 1825 57.62 11.24 -1.99
C ILE C 1825 58.18 12.65 -2.11
N LEU C 1826 59.38 12.91 -1.60
CA LEU C 1826 59.97 14.24 -1.57
C LEU C 1826 60.17 14.80 -2.97
N LEU C 1827 60.36 13.93 -3.96
CA LEU C 1827 60.29 14.38 -5.34
C LEU C 1827 58.95 14.00 -5.96
N ALA C 1828 58.13 13.24 -5.21
CA ALA C 1828 56.95 12.59 -5.78
C ALA C 1828 55.87 13.58 -6.20
N ILE C 1829 56.02 14.85 -5.84
CA ILE C 1829 55.10 15.88 -6.32
C ILE C 1829 55.24 16.09 -7.81
N ALA C 1830 56.36 15.64 -8.39
CA ALA C 1830 56.46 15.59 -9.84
C ALA C 1830 55.49 14.58 -10.43
N LEU C 1831 55.07 13.57 -9.65
CA LEU C 1831 54.05 12.63 -10.12
C LEU C 1831 52.73 13.34 -10.37
N LEU C 1832 52.48 14.39 -9.59
CA LEU C 1832 51.54 15.42 -9.95
C LEU C 1832 52.21 16.57 -10.66
N GLU C 1833 52.78 16.35 -11.83
CA GLU C 1833 53.53 17.41 -12.50
C GLU C 1833 52.54 18.42 -13.05
N GLY C 1834 52.06 19.30 -12.17
CA GLY C 1834 51.20 20.42 -12.55
C GLY C 1834 49.83 19.97 -12.94
N GLY C 1835 49.70 19.34 -14.10
CA GLY C 1835 48.51 18.62 -14.44
C GLY C 1835 48.56 17.27 -13.81
N ASN C 1836 49.53 16.46 -14.24
CA ASN C 1836 49.69 15.09 -13.77
C ASN C 1836 48.45 14.28 -14.08
N THR C 1837 47.74 14.66 -15.15
CA THR C 1837 46.37 14.21 -15.33
C THR C 1837 46.34 12.74 -15.67
N THR C 1838 47.19 12.32 -16.58
CA THR C 1838 47.37 10.89 -16.81
C THR C 1838 48.00 10.24 -15.59
N ILE C 1839 48.97 10.93 -14.98
CA ILE C 1839 49.61 10.44 -13.77
C ILE C 1839 48.60 10.32 -12.65
N GLN C 1840 47.59 11.18 -12.67
CA GLN C 1840 46.37 10.82 -11.99
C GLN C 1840 45.66 9.69 -12.72
N HIS C 1841 45.28 9.90 -13.99
CA HIS C 1841 44.30 9.05 -14.67
C HIS C 1841 44.76 7.62 -14.82
N SER C 1842 46.08 7.40 -14.94
CA SER C 1842 46.58 6.04 -14.88
C SER C 1842 46.88 5.64 -13.45
N PHE C 1843 47.30 6.59 -12.61
CA PHE C 1843 47.60 6.27 -11.22
C PHE C 1843 46.35 5.81 -10.47
N PHE C 1844 45.21 6.38 -10.82
CA PHE C 1844 43.96 5.89 -10.26
C PHE C 1844 43.63 4.51 -10.81
N CYS C 1845 43.87 4.31 -12.09
CA CYS C 1845 43.75 2.98 -12.67
C CYS C 1845 44.78 2.04 -12.06
N ARG C 1846 46.00 2.55 -11.84
CA ARG C 1846 47.01 1.79 -11.13
C ARG C 1846 46.64 1.49 -9.70
N LEU C 1847 45.73 2.27 -9.10
CA LEU C 1847 45.24 2.00 -7.77
C LEU C 1847 44.38 0.73 -7.70
N THR C 1848 43.99 0.16 -8.83
CA THR C 1848 43.18 -1.05 -8.79
C THR C 1848 44.04 -2.30 -8.88
N GLU C 1849 45.35 -2.19 -8.67
CA GLU C 1849 46.20 -3.36 -8.90
C GLU C 1849 46.21 -4.34 -7.73
N ASP C 1850 46.76 -3.96 -6.59
CA ASP C 1850 46.87 -4.84 -5.42
C ASP C 1850 46.49 -4.07 -4.17
N LYS C 1851 46.87 -4.60 -3.01
CA LYS C 1851 46.66 -3.87 -1.74
C LYS C 1851 47.97 -3.15 -1.33
N LYS C 1852 49.06 -3.92 -1.39
CA LYS C 1852 50.44 -3.49 -1.14
C LYS C 1852 50.81 -2.05 -0.77
N SER C 1853 51.05 -1.28 -1.82
CA SER C 1853 51.47 0.12 -1.73
C SER C 1853 50.43 1.00 -1.05
N GLU C 1854 49.15 0.74 -1.30
CA GLU C 1854 48.08 1.53 -0.69
C GLU C 1854 48.13 1.34 0.82
N LYS C 1855 48.33 0.08 1.24
CA LYS C 1855 48.46 -0.22 2.65
C LYS C 1855 49.69 0.51 3.22
N PHE C 1856 50.79 0.53 2.47
CA PHE C 1856 52.00 1.23 2.93
C PHE C 1856 51.76 2.73 3.11
N PHE C 1857 51.00 3.32 2.20
CA PHE C 1857 50.67 4.73 2.27
C PHE C 1857 49.84 4.97 3.52
N LYS C 1858 48.91 4.07 3.79
CA LYS C 1858 48.09 4.16 4.98
C LYS C 1858 48.98 4.09 6.21
N VAL C 1859 49.96 3.20 6.21
CA VAL C 1859 50.85 3.10 7.35
C VAL C 1859 51.62 4.40 7.54
N PHE C 1860 52.07 5.01 6.46
CA PHE C 1860 52.79 6.26 6.57
C PHE C 1860 51.88 7.33 7.17
N TYR C 1861 50.63 7.36 6.72
CA TYR C 1861 49.64 8.31 7.22
C TYR C 1861 49.37 8.10 8.69
N ASP C 1862 49.18 6.83 8.99
CA ASP C 1862 48.94 6.41 10.35
C ASP C 1862 50.19 6.86 11.08
N ARG C 1863 51.36 6.71 10.44
CA ARG C 1863 52.63 7.12 11.02
C ARG C 1863 52.56 8.62 11.28
N MET C 1864 52.04 9.36 10.32
CA MET C 1864 51.86 10.76 10.55
C MET C 1864 50.90 11.00 11.71
N LYS C 1865 49.82 10.22 11.86
CA LYS C 1865 48.92 10.47 12.97
C LYS C 1865 49.63 10.29 14.30
N VAL C 1866 50.43 9.23 14.39
CA VAL C 1866 51.16 8.95 15.62
C VAL C 1866 52.14 10.07 15.91
N ALA C 1867 52.80 10.52 14.85
CA ALA C 1867 53.78 11.57 14.97
C ALA C 1867 53.11 12.85 15.47
N GLN C 1868 51.93 13.14 14.95
CA GLN C 1868 51.19 14.32 15.34
C GLN C 1868 50.84 14.23 16.80
N GLN C 1869 50.42 13.05 17.26
CA GLN C 1869 50.09 12.94 18.68
C GLN C 1869 51.33 13.21 19.53
N GLU C 1870 52.46 12.65 19.10
CA GLU C 1870 53.72 12.85 19.81
C GLU C 1870 54.12 14.31 19.82
N ILE C 1871 53.93 14.97 18.69
CA ILE C 1871 54.27 16.37 18.54
C ILE C 1871 53.41 17.20 19.49
N LYS C 1872 52.13 16.85 19.57
CA LYS C 1872 51.19 17.55 20.45
C LYS C 1872 51.69 17.41 21.87
N ALA C 1873 52.09 16.20 22.25
CA ALA C 1873 52.68 16.06 23.54
C ALA C 1873 53.96 16.91 23.52
N THR C 1874 54.72 16.86 22.42
CA THR C 1874 55.99 17.57 22.37
C THR C 1874 55.89 19.09 22.43
N VAL C 1875 54.88 19.69 21.79
CA VAL C 1875 54.75 21.16 21.81
C VAL C 1875 54.55 21.48 23.28
N THR C 1876 53.81 20.56 23.85
CA THR C 1876 53.41 20.44 25.24
C THR C 1876 52.51 21.56 25.72
N VAL C 1877 53.04 22.79 25.85
CA VAL C 1877 52.32 23.84 26.56
C VAL C 1877 52.97 25.19 26.31
N ASN C 1878 52.21 26.24 26.55
CA ASN C 1878 52.71 27.60 26.63
C ASN C 1878 51.98 28.31 27.77
N THR C 1879 52.31 29.57 27.97
CA THR C 1879 51.60 30.38 28.95
C THR C 1879 52.53 31.26 29.78
N ASP C 1955 60.18 28.67 22.75
CA ASP C 1955 60.70 28.70 21.39
C ASP C 1955 60.69 27.30 20.77
N ASP C 1956 61.15 27.21 19.52
CA ASP C 1956 61.19 25.93 18.82
C ASP C 1956 62.42 25.78 17.93
N LEU C 1957 62.79 24.53 17.69
CA LEU C 1957 63.92 24.19 16.82
C LEU C 1957 63.37 23.71 15.48
N GLU C 1958 62.11 24.04 15.20
CA GLU C 1958 61.42 23.60 14.01
C GLU C 1958 60.72 22.27 14.31
N MET C 1959 60.70 21.87 15.59
CA MET C 1959 60.09 20.60 15.99
C MET C 1959 60.75 19.47 15.21
N SER C 1960 62.09 19.49 15.19
CA SER C 1960 62.84 18.51 14.44
C SER C 1960 62.38 18.79 13.03
N ALA C 1961 61.88 17.75 12.39
CA ALA C 1961 61.36 17.87 11.05
C ALA C 1961 60.39 16.71 11.03
N VAL C 1962 60.70 15.70 11.84
CA VAL C 1962 59.77 14.59 11.79
C VAL C 1962 58.46 15.31 11.49
N ILE C 1963 58.18 16.30 12.32
CA ILE C 1963 56.99 17.11 12.20
C ILE C 1963 57.10 17.90 10.92
N THR C 1964 58.28 18.44 10.67
CA THR C 1964 58.48 19.26 9.48
C THR C 1964 58.28 18.46 8.21
N ILE C 1965 58.79 17.23 8.25
CA ILE C 1965 58.71 16.32 7.13
C ILE C 1965 57.26 16.00 6.90
N MET C 1966 56.53 15.76 7.97
CA MET C 1966 55.13 15.48 7.88
C MET C 1966 54.39 16.65 7.27
N GLN C 1967 54.71 17.88 7.64
CA GLN C 1967 53.99 18.99 7.04
C GLN C 1967 54.22 19.04 5.54
N PRO C 1968 55.48 18.88 5.12
CA PRO C 1968 55.69 18.92 3.67
C PRO C 1968 54.99 17.76 2.96
N ILE C 1969 55.05 16.59 3.58
CA ILE C 1969 54.45 15.39 3.05
C ILE C 1969 52.95 15.54 2.95
N LEU C 1970 52.37 16.15 3.96
CA LEU C 1970 50.94 16.38 4.02
C LEU C 1970 50.55 17.30 2.90
N ARG C 1971 51.35 18.32 2.64
CA ARG C 1971 51.05 19.22 1.55
C ARG C 1971 51.08 18.42 0.26
N PHE C 1972 52.10 17.60 0.10
CA PHE C 1972 52.17 16.80 -1.09
C PHE C 1972 50.99 15.85 -1.19
N LEU C 1973 50.60 15.25 -0.08
CA LEU C 1973 49.51 14.31 -0.05
C LEU C 1973 48.25 15.00 -0.45
N GLN C 1974 48.05 16.21 0.07
CA GLN C 1974 46.87 16.98 -0.25
C GLN C 1974 46.86 17.30 -1.72
N LEU C 1975 48.02 17.68 -2.25
CA LEU C 1975 48.11 18.01 -3.65
C LEU C 1975 47.74 16.79 -4.46
N LEU C 1976 48.26 15.64 -4.10
CA LEU C 1976 47.97 14.44 -4.84
C LEU C 1976 46.49 14.12 -4.78
N CYS C 1977 45.91 14.23 -3.61
CA CYS C 1977 44.51 13.92 -3.46
C CYS C 1977 43.62 14.81 -4.32
N GLU C 1978 43.96 16.09 -4.37
CA GLU C 1978 43.14 17.07 -5.05
C GLU C 1978 42.95 16.76 -6.53
N ASN C 1979 43.83 15.96 -7.09
CA ASN C 1979 43.70 15.73 -8.52
C ASN C 1979 42.27 15.28 -8.84
N HIS C 1980 41.68 15.97 -9.78
CA HIS C 1980 40.37 15.66 -10.19
C HIS C 1980 39.70 14.80 -9.16
N ASN C 1981 38.50 15.28 -8.86
CA ASN C 1981 37.55 14.70 -7.90
C ASN C 1981 36.68 13.66 -8.59
N ARG C 1982 35.46 13.42 -8.14
CA ARG C 1982 34.61 12.42 -8.81
C ARG C 1982 35.36 11.13 -8.65
N ASP C 1983 35.79 10.54 -9.75
CA ASP C 1983 36.58 9.36 -9.61
C ASP C 1983 37.90 9.51 -8.83
N LEU C 1984 38.81 10.48 -9.12
CA LEU C 1984 40.01 10.47 -8.35
C LEU C 1984 39.68 10.87 -6.96
N GLN C 1985 38.81 11.89 -6.87
CA GLN C 1985 38.59 12.37 -5.50
C GLN C 1985 37.94 11.34 -4.61
N ASN C 1986 36.93 10.75 -5.20
CA ASN C 1986 36.09 9.82 -4.52
C ASN C 1986 36.80 8.58 -4.18
N PHE C 1987 37.60 8.17 -5.15
CA PHE C 1987 38.30 6.93 -5.03
C PHE C 1987 39.20 7.02 -3.85
N LEU C 1988 39.98 8.09 -3.75
CA LEU C 1988 40.88 8.14 -2.62
C LEU C 1988 40.13 8.21 -1.32
N ARG C 1989 39.13 9.08 -1.36
CA ARG C 1989 38.35 9.42 -0.19
C ARG C 1989 37.70 8.24 0.45
N CYS C 1990 37.18 7.30 -0.34
CA CYS C 1990 36.58 6.19 0.35
C CYS C 1990 37.51 5.00 0.36
N GLN C 1991 37.98 4.68 -0.83
CA GLN C 1991 38.79 3.47 -1.07
C GLN C 1991 37.94 2.14 -1.09
N ASN C 1992 38.82 1.20 -0.73
CA ASN C 1992 38.67 -0.23 -0.41
C ASN C 1992 39.63 -0.49 0.82
N ASN C 1993 39.50 -1.63 1.50
CA ASN C 1993 40.38 -1.95 2.67
C ASN C 1993 40.33 -0.98 3.85
N LYS C 1994 39.12 -0.49 4.10
CA LYS C 1994 38.87 0.50 5.15
C LYS C 1994 39.66 1.76 4.82
N THR C 1995 39.64 2.16 3.55
CA THR C 1995 40.40 3.30 3.05
C THR C 1995 41.88 3.04 3.26
N ASN C 1996 42.32 1.80 3.00
CA ASN C 1996 43.69 1.35 3.21
C ASN C 1996 44.17 1.64 4.64
N TYR C 1997 43.33 1.41 5.65
CA TYR C 1997 43.76 1.83 7.00
C TYR C 1997 44.01 3.37 6.98
N ASN C 1998 43.14 4.03 6.21
CA ASN C 1998 43.06 5.44 5.87
C ASN C 1998 41.70 5.81 5.27
N LEU C 1999 41.05 6.76 5.93
CA LEU C 1999 39.96 7.58 5.41
C LEU C 1999 40.25 8.99 5.94
N VAL C 2000 41.32 9.46 5.32
CA VAL C 2000 42.08 10.60 5.72
C VAL C 2000 41.40 11.88 6.01
N CYS C 2001 40.24 12.17 5.45
CA CYS C 2001 39.59 13.46 5.73
C CYS C 2001 39.31 13.67 7.22
N GLU C 2002 38.86 12.61 7.88
CA GLU C 2002 38.68 12.70 9.30
C GLU C 2002 40.04 12.94 9.96
N THR C 2003 41.08 12.26 9.48
CA THR C 2003 42.43 12.42 10.01
C THR C 2003 42.92 13.85 9.83
N LEU C 2004 42.63 14.44 8.70
CA LEU C 2004 43.06 15.80 8.45
C LEU C 2004 42.38 16.69 9.46
N GLN C 2005 41.07 16.49 9.68
CA GLN C 2005 40.38 17.31 10.64
C GLN C 2005 41.01 17.15 12.02
N PHE C 2006 41.30 15.91 12.41
CA PHE C 2006 41.89 15.71 13.71
C PHE C 2006 43.24 16.39 13.82
N LEU C 2007 44.06 16.31 12.78
CA LEU C 2007 45.39 16.89 12.76
C LEU C 2007 45.32 18.38 12.90
N ASP C 2008 44.34 18.97 12.21
CA ASP C 2008 44.12 20.38 12.26
C ASP C 2008 43.73 20.78 13.66
N CYS C 2009 42.87 19.99 14.28
CA CYS C 2009 42.44 20.28 15.65
C CYS C 2009 43.63 20.22 16.59
N ILE C 2010 44.49 19.23 16.39
CA ILE C 2010 45.65 19.07 17.22
C ILE C 2010 46.51 20.30 17.05
N CYS C 2011 46.72 20.73 15.82
CA CYS C 2011 47.53 21.89 15.55
C CYS C 2011 46.95 23.14 16.22
N GLY C 2012 45.64 23.24 16.19
CA GLY C 2012 45.02 24.34 16.86
C GLY C 2012 44.61 23.95 18.25
N SER C 2013 44.51 22.63 18.35
CA SER C 2013 44.31 21.97 19.59
C SER C 2013 43.37 22.87 20.27
N THR C 2014 42.28 23.24 19.60
CA THR C 2014 41.38 24.09 20.29
C THR C 2014 40.82 23.24 21.38
N THR C 2015 40.34 22.04 21.00
CA THR C 2015 39.70 21.11 21.92
C THR C 2015 38.64 21.93 22.60
N GLY C 2016 37.74 22.52 21.83
CA GLY C 2016 36.88 23.53 22.40
C GLY C 2016 37.56 24.85 21.99
N GLY C 2017 37.47 25.89 22.81
CA GLY C 2017 38.08 27.15 22.39
C GLY C 2017 39.56 27.04 22.15
N LEU C 2018 40.01 27.56 21.02
CA LEU C 2018 41.41 27.47 20.69
C LEU C 2018 42.17 28.25 21.71
N GLY C 2019 43.25 27.66 22.20
CA GLY C 2019 44.05 28.37 23.17
C GLY C 2019 44.61 29.52 22.38
N LEU C 2020 44.51 30.73 22.91
CA LEU C 2020 45.02 31.89 22.22
C LEU C 2020 46.53 31.68 22.12
N LEU C 2021 47.08 31.96 20.94
CA LEU C 2021 48.50 31.75 20.68
C LEU C 2021 48.78 30.43 19.97
N GLY C 2022 48.17 29.32 20.39
CA GLY C 2022 48.45 28.15 19.56
C GLY C 2022 48.96 28.56 18.19
N LEU C 2023 48.36 29.60 17.61
CA LEU C 2023 48.80 30.12 16.30
C LEU C 2023 50.22 30.66 16.39
N TYR C 2024 50.48 31.34 17.50
CA TYR C 2024 51.82 31.86 17.72
C TYR C 2024 52.83 30.70 17.74
N ILE C 2025 52.46 29.61 18.43
CA ILE C 2025 53.25 28.39 18.54
C ILE C 2025 53.44 27.75 17.16
N ASN C 2026 52.41 27.81 16.32
CA ASN C 2026 52.50 27.26 14.98
C ASN C 2026 53.62 27.98 14.23
N GLU C 2027 53.73 29.30 14.36
CA GLU C 2027 54.87 30.02 13.75
C GLU C 2027 54.89 29.76 12.25
N LYS C 2028 55.98 29.42 11.59
CA LYS C 2028 55.51 29.21 10.24
C LYS C 2028 54.66 27.97 10.11
N ASN C 2029 54.60 27.14 11.14
CA ASN C 2029 54.13 25.77 10.97
C ASN C 2029 52.64 25.70 10.69
N VAL C 2030 51.91 26.75 11.04
CA VAL C 2030 50.48 26.75 10.82
C VAL C 2030 50.16 26.86 9.33
N ALA C 2031 51.11 27.40 8.56
CA ALA C 2031 50.87 27.57 7.13
C ALA C 2031 50.79 26.24 6.44
N LEU C 2032 51.54 25.26 6.91
CA LEU C 2032 51.36 23.92 6.40
C LEU C 2032 50.00 23.39 6.80
N ILE C 2033 49.58 23.70 8.02
CA ILE C 2033 48.23 23.35 8.40
C ILE C 2033 47.26 24.23 7.67
N ASN C 2034 47.69 25.44 7.34
CA ASN C 2034 46.91 26.26 6.43
C ASN C 2034 46.86 25.57 5.07
N GLN C 2035 48.00 25.06 4.63
CA GLN C 2035 47.98 24.25 3.43
C GLN C 2035 47.28 22.94 3.70
N THR C 2036 47.28 22.50 4.95
CA THR C 2036 46.45 21.36 5.27
C THR C 2036 45.01 21.78 5.27
N LEU C 2037 44.73 22.97 5.76
CA LEU C 2037 43.41 23.52 5.54
C LEU C 2037 43.20 23.73 4.08
N GLU C 2038 44.26 24.12 3.38
CA GLU C 2038 44.21 24.12 1.95
C GLU C 2038 44.04 22.72 1.41
N SER C 2039 44.63 21.74 2.06
CA SER C 2039 44.39 20.36 1.64
C SER C 2039 43.02 19.92 2.12
N LEU C 2040 42.52 20.56 3.18
CA LEU C 2040 41.13 20.39 3.48
C LEU C 2040 40.29 20.88 2.32
N THR C 2041 40.61 22.05 1.78
CA THR C 2041 39.97 22.47 0.56
C THR C 2041 40.50 21.67 -0.60
N GLU C 2042 41.71 21.15 -0.46
CA GLU C 2042 42.20 20.18 -1.41
C GLU C 2042 41.34 18.95 -1.39
N TYR C 2043 40.82 18.55 -0.24
CA TYR C 2043 39.78 17.53 -0.26
C TYR C 2043 38.44 18.24 -0.17
N CYS C 2044 38.31 19.34 -0.90
CA CYS C 2044 37.11 20.15 -0.71
C CYS C 2044 36.34 20.40 -1.99
N GLN C 2045 37.02 20.64 -3.10
CA GLN C 2045 36.37 21.28 -4.23
C GLN C 2045 35.46 20.33 -5.00
N GLY C 2046 34.19 20.75 -5.12
CA GLY C 2046 33.26 20.20 -6.09
C GLY C 2046 32.61 18.90 -5.69
N PRO C 2047 33.43 17.83 -5.77
CA PRO C 2047 32.78 16.54 -5.59
C PRO C 2047 31.94 16.61 -4.39
N CYS C 2048 30.69 16.94 -4.66
CA CYS C 2048 29.77 17.09 -3.57
C CYS C 2048 29.53 15.82 -2.80
N HIS C 2049 29.19 14.71 -3.45
CA HIS C 2049 28.84 13.57 -2.60
C HIS C 2049 29.95 12.99 -1.75
N GLU C 2050 31.09 12.66 -2.32
CA GLU C 2050 32.14 12.09 -1.52
C GLU C 2050 32.68 13.13 -0.58
N ASN C 2051 32.84 14.32 -1.16
CA ASN C 2051 33.47 15.36 -0.42
C ASN C 2051 32.65 15.70 0.76
N GLN C 2052 31.35 15.84 0.53
CA GLN C 2052 30.34 16.28 1.47
C GLN C 2052 29.89 15.17 2.33
N ASN C 2053 30.20 13.95 1.96
CA ASN C 2053 29.89 12.84 2.81
C ASN C 2053 30.86 13.06 3.94
N CYS C 2054 32.14 13.26 3.56
CA CYS C 2054 33.12 13.59 4.56
C CYS C 2054 32.77 14.94 5.18
N ILE C 2055 32.30 15.90 4.40
CA ILE C 2055 32.03 17.20 4.91
C ILE C 2055 30.96 17.16 5.94
N ALA C 2056 29.92 16.41 5.68
CA ALA C 2056 28.76 16.30 6.56
C ALA C 2056 29.19 15.64 7.83
N THR C 2057 30.01 14.61 7.67
CA THR C 2057 30.50 13.89 8.81
C THR C 2057 31.29 14.86 9.64
N HIS C 2058 32.18 15.63 9.03
CA HIS C 2058 32.99 16.62 9.71
C HIS C 2058 32.18 17.73 10.35
N GLU C 2059 31.14 18.16 9.67
CA GLU C 2059 30.36 19.24 10.18
C GLU C 2059 29.74 18.78 11.47
N SER C 2060 29.17 17.59 11.51
CA SER C 2060 28.62 17.20 12.80
C SER C 2060 29.79 16.96 13.74
N ASN C 2061 30.72 16.21 13.19
CA ASN C 2061 31.95 15.71 13.76
C ASN C 2061 33.12 16.59 14.11
N GLY C 2062 33.51 17.57 13.27
CA GLY C 2062 34.66 18.17 13.91
C GLY C 2062 34.47 19.66 13.76
N ILE C 2063 34.12 20.03 12.53
CA ILE C 2063 33.73 21.40 12.16
C ILE C 2063 34.43 22.51 12.93
N ASP C 2064 34.85 22.14 14.13
CA ASP C 2064 35.42 23.08 15.06
C ASP C 2064 36.62 23.89 14.62
N ILE C 2065 37.55 23.36 13.85
CA ILE C 2065 38.69 24.20 13.46
C ILE C 2065 38.20 25.38 12.65
N ILE C 2066 37.33 25.08 11.70
CA ILE C 2066 36.77 26.13 10.88
C ILE C 2066 35.96 27.06 11.74
N THR C 2067 35.18 26.51 12.65
CA THR C 2067 34.34 27.35 13.49
C THR C 2067 35.19 28.29 14.32
N ALA C 2068 36.28 27.77 14.88
CA ALA C 2068 37.16 28.54 15.71
C ALA C 2068 37.80 29.63 14.91
N LEU C 2069 38.20 29.33 13.70
CA LEU C 2069 38.82 30.35 12.87
C LEU C 2069 37.82 31.46 12.63
N ILE C 2070 36.58 31.11 12.30
CA ILE C 2070 35.58 32.15 12.05
C ILE C 2070 35.36 32.98 13.31
N LEU C 2071 35.26 32.30 14.43
CA LEU C 2071 35.03 32.96 15.68
C LEU C 2071 36.13 33.90 16.12
N ASN C 2072 37.38 33.57 15.87
CA ASN C 2072 38.45 34.41 16.39
C ASN C 2072 39.70 34.78 15.60
N ASP C 2073 40.36 35.84 16.06
CA ASP C 2073 41.59 36.31 15.44
C ASP C 2073 42.77 35.81 16.26
N ILE C 2074 43.98 36.25 15.89
CA ILE C 2074 45.22 35.72 16.46
C ILE C 2074 45.79 36.72 17.47
N ASN C 2075 46.32 36.20 18.58
CA ASN C 2075 46.81 37.01 19.69
C ASN C 2075 48.04 37.79 19.27
N PRO C 2076 49.05 37.12 18.74
CA PRO C 2076 50.21 37.85 18.21
C PRO C 2076 49.85 38.56 16.91
N LEU C 2077 50.18 39.84 16.81
CA LEU C 2077 49.99 40.55 15.55
C LEU C 2077 51.05 40.04 14.57
N GLY C 2078 50.69 39.04 13.78
CA GLY C 2078 51.63 38.36 12.93
C GLY C 2078 52.06 39.17 11.73
N LYS C 2079 53.31 38.94 11.31
CA LYS C 2079 53.91 39.73 10.25
C LYS C 2079 53.23 39.49 8.91
N LYS C 2080 53.59 38.41 8.26
CA LYS C 2080 52.84 37.99 7.09
C LYS C 2080 51.56 37.29 7.61
N ARG C 2081 51.47 37.09 8.93
CA ARG C 2081 50.43 36.39 9.62
C ARG C 2081 49.08 36.99 9.40
N MET C 2082 48.96 38.30 9.27
CA MET C 2082 47.62 38.84 9.03
C MET C 2082 47.13 38.29 7.71
N ASP C 2083 47.98 38.34 6.69
CA ASP C 2083 47.60 37.81 5.42
C ASP C 2083 47.34 36.31 5.52
N LEU C 2084 48.20 35.61 6.24
CA LEU C 2084 48.02 34.18 6.33
C LEU C 2084 46.71 33.82 6.99
N VAL C 2085 46.35 34.54 8.04
CA VAL C 2085 45.13 34.30 8.79
C VAL C 2085 43.96 34.58 7.93
N LEU C 2086 44.05 35.66 7.16
CA LEU C 2086 42.97 36.00 6.27
C LEU C 2086 42.80 34.91 5.22
N GLU C 2087 43.91 34.42 4.70
CA GLU C 2087 43.89 33.37 3.71
C GLU C 2087 43.27 32.14 4.30
N LEU C 2088 43.62 31.82 5.53
CA LEU C 2088 43.08 30.68 6.18
C LEU C 2088 41.59 30.86 6.30
N LYS C 2089 41.12 32.02 6.71
CA LYS C 2089 39.70 32.22 6.85
C LYS C 2089 39.00 32.06 5.51
N ASN C 2090 39.59 32.64 4.48
CA ASN C 2090 38.97 32.57 3.18
C ASN C 2090 38.90 31.15 2.72
N ASN C 2091 39.99 30.44 2.90
CA ASN C 2091 40.04 29.08 2.49
C ASN C 2091 39.05 28.24 3.25
N ALA C 2092 39.09 28.37 4.56
CA ALA C 2092 38.22 27.56 5.38
C ALA C 2092 36.85 27.92 4.95
N SER C 2093 36.63 29.22 4.77
CA SER C 2093 35.35 29.71 4.37
C SER C 2093 34.99 29.11 3.03
N LYS C 2094 35.92 29.08 2.09
CA LYS C 2094 35.59 28.53 0.81
C LYS C 2094 35.20 27.08 0.91
N LEU C 2095 35.93 26.31 1.70
CA LEU C 2095 35.61 24.91 1.79
C LEU C 2095 34.25 24.68 2.38
N LEU C 2096 33.99 25.42 3.43
CA LEU C 2096 32.74 25.27 4.10
C LEU C 2096 31.63 25.66 3.19
N LEU C 2097 31.82 26.78 2.50
CA LEU C 2097 30.82 27.30 1.63
C LEU C 2097 30.53 26.35 0.52
N ALA C 2098 31.56 25.76 -0.05
CA ALA C 2098 31.33 24.86 -1.15
C ALA C 2098 30.51 23.70 -0.70
N ILE C 2099 30.92 23.14 0.45
CA ILE C 2099 30.21 22.00 0.95
C ILE C 2099 28.77 22.34 1.24
N MET C 2100 28.56 23.47 1.88
CA MET C 2100 27.21 23.84 2.27
C MET C 2100 26.31 24.03 1.06
N GLU C 2101 26.85 24.70 0.05
CA GLU C 2101 26.05 25.00 -1.10
C GLU C 2101 25.63 23.73 -1.77
N SER C 2102 26.59 22.83 -1.95
CA SER C 2102 26.26 21.58 -2.64
C SER C 2102 25.22 20.80 -1.88
N ARG C 2103 25.39 20.73 -0.58
CA ARG C 2103 24.45 20.00 0.20
C ARG C 2103 23.02 20.51 0.30
N HIS C 2104 22.81 21.82 0.44
CA HIS C 2104 21.42 22.21 0.76
C HIS C 2104 21.38 21.73 2.25
N ASP C 2105 21.64 20.44 2.41
CA ASP C 2105 21.94 19.73 3.66
C ASP C 2105 21.67 20.65 4.84
N SER C 2106 20.38 20.90 5.10
CA SER C 2106 19.94 21.99 5.97
C SER C 2106 20.42 21.87 7.40
N GLU C 2107 20.04 20.83 8.10
CA GLU C 2107 20.54 20.60 9.45
C GLU C 2107 22.02 20.27 9.47
N ASN C 2108 22.56 19.75 8.37
CA ASN C 2108 24.00 19.67 8.24
C ASN C 2108 24.59 21.06 8.33
N ALA C 2109 24.03 21.98 7.56
CA ALA C 2109 24.38 23.37 7.75
C ALA C 2109 23.80 23.91 9.03
N GLU C 2110 22.71 23.33 9.51
CA GLU C 2110 22.20 23.69 10.82
C GLU C 2110 23.19 23.29 11.89
N ARG C 2111 23.92 22.20 11.68
CA ARG C 2111 24.96 21.80 12.63
C ARG C 2111 26.18 22.69 12.56
N ILE C 2112 26.61 23.07 11.36
CA ILE C 2112 27.63 24.11 11.24
C ILE C 2112 27.06 25.44 11.68
N LEU C 2113 25.77 25.64 11.45
CA LEU C 2113 25.08 26.76 12.06
C LEU C 2113 24.93 26.58 13.55
N TYR C 2114 24.85 25.33 14.01
CA TYR C 2114 24.97 25.11 15.45
C TYR C 2114 26.40 25.33 15.90
N ASN C 2115 27.36 25.30 14.97
CA ASN C 2115 28.71 25.73 15.29
C ASN C 2115 28.76 27.24 15.53
N MET C 2116 28.17 28.02 14.62
CA MET C 2116 28.12 29.45 14.84
C MET C 2116 26.74 29.86 15.34
N ARG C 2117 26.52 29.71 16.65
CA ARG C 2117 25.27 30.08 17.29
C ARG C 2117 25.21 31.58 17.54
N PRO C 2118 26.39 32.24 17.56
CA PRO C 2118 26.67 33.69 17.71
C PRO C 2118 26.02 34.46 16.53
N LYS C 2119 25.89 33.72 15.44
CA LYS C 2119 25.14 34.12 14.29
C LYS C 2119 25.34 35.45 13.64
N GLU C 2120 24.21 36.08 13.43
CA GLU C 2120 24.16 37.35 12.77
C GLU C 2120 24.92 38.38 13.54
N LEU C 2121 24.81 38.41 14.86
CA LEU C 2121 25.51 39.44 15.61
C LEU C 2121 27.01 39.30 15.40
N VAL C 2122 27.50 38.06 15.49
CA VAL C 2122 28.93 37.87 15.32
C VAL C 2122 29.35 38.27 13.92
N GLU C 2123 28.57 37.86 12.94
CA GLU C 2123 28.91 38.15 11.58
C GLU C 2123 28.91 39.64 11.32
N VAL C 2124 27.92 40.33 11.87
CA VAL C 2124 27.81 41.75 11.62
C VAL C 2124 29.00 42.46 12.19
N ILE C 2125 29.38 42.09 13.40
CA ILE C 2125 30.51 42.77 14.02
C ILE C 2125 31.76 42.55 13.21
N LYS C 2126 31.97 41.30 12.78
CA LYS C 2126 33.16 41.01 12.02
C LYS C 2126 33.18 41.79 10.72
N LYS C 2127 32.05 41.85 10.04
CA LYS C 2127 32.01 42.54 8.77
C LYS C 2127 32.34 44.00 8.96
N ALA C 2128 31.75 44.61 9.98
CA ALA C 2128 31.99 46.02 10.18
C ALA C 2128 33.46 46.28 10.45
N TYR C 2129 34.04 45.46 11.30
CA TYR C 2129 35.44 45.66 11.63
C TYR C 2129 36.40 45.51 10.45
N MET C 2130 36.15 44.50 9.63
CA MET C 2130 37.04 44.17 8.52
C MET C 2130 36.95 45.24 7.46
N GLN C 2131 35.73 45.67 7.17
CA GLN C 2131 35.56 46.69 6.18
C GLN C 2131 36.23 47.98 6.62
N GLY C 2132 36.08 48.34 7.88
CA GLY C 2132 36.66 49.57 8.37
C GLY C 2132 38.16 49.51 8.28
N GLU C 2133 38.73 48.37 8.66
CA GLU C 2133 40.17 48.27 8.61
C GLU C 2133 40.67 48.39 7.18
N VAL C 2134 39.98 47.71 6.27
CA VAL C 2134 40.38 47.74 4.89
C VAL C 2134 40.32 49.16 4.34
N GLU C 2135 39.26 49.89 4.64
CA GLU C 2135 39.15 51.24 4.11
C GLU C 2135 40.27 52.09 4.67
N PHE C 2136 40.50 51.95 5.97
CA PHE C 2136 41.50 52.73 6.67
C PHE C 2136 42.88 52.53 6.08
N GLU C 2137 43.22 51.30 5.70
CA GLU C 2137 44.53 51.13 5.12
C GLU C 2137 44.35 50.42 3.81
N ASP C 2138 43.70 51.09 2.86
CA ASP C 2138 43.49 50.49 1.55
C ASP C 2138 44.87 50.17 0.97
N GLY C 2139 45.05 48.98 0.42
CA GLY C 2139 46.36 48.64 -0.11
C GLY C 2139 46.51 48.76 -1.61
N GLU C 2140 47.50 49.54 -2.05
CA GLU C 2140 47.76 49.71 -3.48
C GLU C 2140 48.73 48.66 -4.02
N ASN C 2141 48.33 47.41 -3.92
CA ASN C 2141 49.11 46.27 -4.40
C ASN C 2141 48.11 45.49 -5.21
N GLY C 2142 47.92 45.89 -6.45
CA GLY C 2142 46.91 45.26 -7.28
C GLY C 2142 47.00 43.78 -7.59
N GLU C 2143 45.83 43.16 -7.50
CA GLU C 2143 45.58 41.75 -7.82
C GLU C 2143 46.67 40.81 -7.34
N ASP C 2144 47.40 41.17 -6.28
CA ASP C 2144 48.31 40.25 -5.61
C ASP C 2144 47.66 39.58 -4.41
N GLY C 2145 46.34 39.43 -4.42
CA GLY C 2145 45.62 38.87 -3.28
C GLY C 2145 44.65 39.87 -2.69
N ALA C 2146 43.36 39.58 -2.77
CA ALA C 2146 42.31 40.50 -2.31
C ALA C 2146 42.07 40.31 -0.81
N ALA C 2147 43.15 40.44 -0.06
CA ALA C 2147 43.09 40.23 1.37
C ALA C 2147 42.74 41.54 2.07
N SER C 2148 41.82 42.24 1.48
CA SER C 2148 41.36 43.42 2.15
C SER C 2148 40.57 42.85 3.33
N PRO C 2149 40.46 43.66 4.41
CA PRO C 2149 39.66 43.21 5.56
C PRO C 2149 38.24 43.04 5.06
N ARG C 2150 37.76 44.02 4.29
CA ARG C 2150 36.50 43.92 3.62
C ARG C 2150 36.50 42.71 2.67
N ASN C 2151 37.59 42.38 1.97
CA ASN C 2151 37.53 41.23 1.07
C ASN C 2151 37.23 39.95 1.83
N VAL C 2152 37.89 39.80 2.97
CA VAL C 2152 37.67 38.63 3.81
C VAL C 2152 36.24 38.63 4.34
N GLY C 2153 35.79 39.81 4.73
CA GLY C 2153 34.44 39.96 5.23
C GLY C 2153 33.42 39.61 4.18
N HIS C 2154 33.69 39.99 2.92
CA HIS C 2154 32.83 39.73 1.79
C HIS C 2154 32.71 38.26 1.57
N ASN C 2155 33.83 37.56 1.71
CA ASN C 2155 33.76 36.12 1.58
C ASN C 2155 32.86 35.58 2.70
N ILE C 2156 33.05 36.09 3.91
CA ILE C 2156 32.23 35.65 5.02
C ILE C 2156 30.76 35.94 4.76
N TYR C 2157 30.44 37.11 4.21
CA TYR C 2157 29.07 37.50 3.94
C TYR C 2157 28.44 36.55 2.94
N ILE C 2158 29.20 36.18 1.93
CA ILE C 2158 28.68 35.26 0.93
C ILE C 2158 28.35 33.94 1.58
N LEU C 2159 29.25 33.48 2.43
CA LEU C 2159 28.98 32.23 3.10
C LEU C 2159 27.74 32.32 3.98
N ALA C 2160 27.58 33.42 4.67
CA ALA C 2160 26.42 33.59 5.54
C ALA C 2160 25.13 33.56 4.74
N HIS C 2161 25.13 34.22 3.59
CA HIS C 2161 23.93 34.23 2.77
C HIS C 2161 23.63 32.81 2.33
N GLN C 2162 24.68 32.11 1.90
CA GLN C 2162 24.53 30.74 1.50
C GLN C 2162 24.05 30.02 2.73
N LEU C 2163 24.61 30.34 3.89
CA LEU C 2163 24.10 29.65 5.07
C LEU C 2163 22.66 30.02 5.32
N ALA C 2164 22.27 31.24 4.94
CA ALA C 2164 20.92 31.72 5.25
C ALA C 2164 19.87 30.92 4.52
N ARG C 2165 20.22 30.36 3.35
CA ARG C 2165 19.31 29.50 2.63
C ARG C 2165 19.01 28.24 3.41
N HIS C 2166 19.93 27.83 4.27
CA HIS C 2166 19.58 26.76 5.20
C HIS C 2166 18.65 27.26 6.29
N ASN C 2167 19.12 28.21 7.10
CA ASN C 2167 18.51 28.48 8.39
C ASN C 2167 17.70 29.75 8.34
N LYS C 2168 16.49 29.68 8.86
CA LYS C 2168 15.58 30.82 9.00
C LYS C 2168 15.96 31.91 10.01
N GLU C 2169 16.43 31.51 11.19
CA GLU C 2169 16.80 32.46 12.27
C GLU C 2169 17.94 33.35 11.84
N LEU C 2170 18.89 32.73 11.14
CA LEU C 2170 20.02 33.40 10.55
C LEU C 2170 19.51 34.37 9.51
N GLN C 2171 18.50 33.95 8.73
CA GLN C 2171 17.86 34.78 7.74
C GLN C 2171 17.21 36.01 8.39
N THR C 2172 16.61 35.83 9.57
CA THR C 2172 16.01 36.95 10.29
C THR C 2172 17.12 37.91 10.66
N MET C 2173 18.24 37.38 11.13
CA MET C 2173 19.36 38.23 11.47
C MET C 2173 19.85 38.99 10.22
N LEU C 2174 19.92 38.30 9.09
CA LEU C 2174 20.34 38.89 7.83
C LEU C 2174 19.43 40.01 7.34
N LYS C 2175 18.11 39.86 7.53
CA LYS C 2175 17.13 40.88 7.13
C LYS C 2175 17.39 42.12 7.98
N PRO C 2176 17.65 41.89 9.29
CA PRO C 2176 17.99 42.98 10.19
C PRO C 2176 19.27 43.64 9.69
N GLY C 2177 20.27 42.88 9.26
CA GLY C 2177 21.49 43.47 8.75
C GLY C 2177 21.20 44.35 7.53
N GLY C 2178 20.34 43.88 6.65
CA GLY C 2178 19.98 44.65 5.48
C GLY C 2178 19.34 45.99 5.81
N GLN C 2179 18.42 46.10 6.79
CA GLN C 2179 17.81 47.45 7.04
C GLN C 2179 18.20 48.14 8.37
N VAL C 2180 18.80 49.31 8.28
CA VAL C 2180 19.28 50.07 9.43
C VAL C 2180 19.70 51.43 8.91
N ASP C 2181 20.59 52.11 9.61
CA ASP C 2181 21.04 53.42 9.13
C ASP C 2181 22.13 53.18 8.09
N GLY C 2182 21.67 52.36 7.13
CA GLY C 2182 22.31 51.79 5.92
C GLY C 2182 23.52 50.84 5.92
N ASP C 2183 24.62 51.46 6.30
CA ASP C 2183 25.84 50.83 6.75
C ASP C 2183 26.67 50.16 5.66
N GLU C 2184 27.79 49.66 6.17
CA GLU C 2184 28.73 48.91 5.37
C GLU C 2184 28.06 47.66 4.90
N ALA C 2185 27.26 47.01 5.76
CA ALA C 2185 26.60 45.82 5.38
C ALA C 2185 25.73 46.05 4.16
N LEU C 2186 24.87 47.08 4.13
CA LEU C 2186 24.10 47.16 2.88
C LEU C 2186 24.97 47.48 1.66
N GLU C 2187 25.97 48.32 1.88
CA GLU C 2187 26.84 48.65 0.77
C GLU C 2187 27.56 47.41 0.20
N PHE C 2188 28.02 46.53 1.07
CA PHE C 2188 28.73 45.35 0.65
C PHE C 2188 27.80 44.41 -0.08
N TYR C 2189 26.55 44.29 0.38
CA TYR C 2189 25.64 43.43 -0.39
C TYR C 2189 25.44 43.97 -1.78
N ALA C 2190 25.29 45.30 -1.87
CA ALA C 2190 25.11 46.02 -3.14
C ALA C 2190 26.29 45.78 -4.06
N LYS C 2191 27.46 45.76 -3.49
CA LYS C 2191 28.64 45.45 -4.18
C LYS C 2191 28.30 44.02 -4.51
N HIS C 2192 27.21 43.49 -3.94
CA HIS C 2192 26.96 42.18 -4.48
C HIS C 2192 25.79 41.53 -3.76
N THR C 2193 24.74 41.22 -4.51
CA THR C 2193 23.59 40.44 -4.06
C THR C 2193 23.14 39.46 -5.16
N ALA C 2194 24.10 38.76 -5.79
CA ALA C 2194 23.83 38.10 -7.06
C ALA C 2194 22.87 36.91 -6.98
N GLN C 2195 23.29 35.83 -6.32
CA GLN C 2195 22.55 34.56 -6.23
C GLN C 2195 22.32 33.99 -7.64
N ILE C 2196 23.42 33.51 -8.22
CA ILE C 2196 23.54 33.31 -9.66
C ILE C 2196 22.55 32.27 -10.17
N GLU C 2197 22.53 31.09 -9.54
CA GLU C 2197 21.69 29.95 -9.92
C GLU C 2197 21.97 29.53 -11.37
N ILE C 2198 23.11 28.88 -11.55
CA ILE C 2198 23.38 28.16 -12.77
C ILE C 2198 23.24 26.68 -12.46
N VAL C 2199 23.10 25.87 -13.50
CA VAL C 2199 22.96 24.43 -13.36
C VAL C 2199 23.93 23.74 -14.31
N ARG C 2200 24.82 22.87 -13.79
CA ARG C 2200 25.86 22.21 -14.62
C ARG C 2200 25.63 20.80 -15.08
N LEU C 2201 26.39 20.42 -16.11
CA LEU C 2201 26.35 19.12 -16.75
C LEU C 2201 24.93 18.89 -17.08
N ASP C 2202 24.31 18.08 -16.25
CA ASP C 2202 22.92 17.84 -16.38
C ASP C 2202 22.40 17.44 -15.01
N ARG C 2203 21.09 17.22 -14.96
CA ARG C 2203 20.41 16.66 -13.82
C ARG C 2203 20.75 17.37 -12.56
N THR C 2204 20.65 18.68 -12.57
CA THR C 2204 21.04 19.39 -11.37
C THR C 2204 20.11 20.55 -11.11
N MET C 2205 19.99 21.02 -9.88
CA MET C 2205 19.05 22.13 -9.74
C MET C 2205 19.72 23.29 -9.03
N GLU C 2206 20.98 23.55 -9.33
CA GLU C 2206 21.95 24.14 -8.41
C GLU C 2206 21.77 25.66 -8.31
N GLN C 2207 22.19 26.20 -7.19
CA GLN C 2207 22.17 27.63 -6.87
C GLN C 2207 23.54 28.10 -6.41
N ILE C 2208 24.10 29.10 -7.07
CA ILE C 2208 25.47 29.54 -6.81
C ILE C 2208 25.43 31.01 -6.42
N VAL C 2209 26.27 31.40 -5.48
CA VAL C 2209 26.56 32.80 -5.28
C VAL C 2209 28.06 32.97 -5.46
N PHE C 2210 28.49 34.23 -5.70
CA PHE C 2210 29.89 34.67 -5.65
C PHE C 2210 29.95 36.18 -5.73
N PRO C 2211 30.78 36.84 -4.92
CA PRO C 2211 30.84 38.31 -4.95
C PRO C 2211 31.44 38.86 -6.22
N VAL C 2212 30.99 40.06 -6.56
CA VAL C 2212 31.25 40.70 -7.83
C VAL C 2212 32.74 41.00 -7.98
N PRO C 2213 33.23 41.15 -9.20
CA PRO C 2213 34.54 41.78 -9.36
C PRO C 2213 34.42 43.29 -9.21
N SER C 2214 35.58 43.93 -9.22
CA SER C 2214 35.66 45.36 -8.95
C SER C 2214 35.63 46.18 -10.22
N ILE C 2215 35.20 45.60 -11.32
CA ILE C 2215 35.34 46.27 -12.61
C ILE C 2215 33.95 46.43 -13.18
N CYS C 2216 33.05 45.54 -12.74
CA CYS C 2216 31.73 45.40 -13.32
C CYS C 2216 30.81 46.57 -13.02
N GLU C 2217 31.18 47.46 -12.09
CA GLU C 2217 30.27 48.54 -11.75
C GLU C 2217 30.25 49.62 -12.81
N PHE C 2218 31.32 49.76 -13.58
CA PHE C 2218 31.51 50.91 -14.46
C PHE C 2218 30.89 50.68 -15.82
N LEU C 2219 29.63 50.30 -15.85
CA LEU C 2219 29.03 49.65 -17.02
C LEU C 2219 27.67 50.29 -17.31
N THR C 2220 27.68 51.61 -17.49
CA THR C 2220 26.52 52.48 -17.40
C THR C 2220 25.37 52.23 -18.37
N LYS C 2221 24.29 53.01 -18.20
CA LYS C 2221 22.91 52.70 -18.56
C LYS C 2221 22.69 52.37 -20.03
N GLU C 2222 23.64 52.73 -20.90
CA GLU C 2222 23.54 52.40 -22.31
C GLU C 2222 23.48 50.90 -22.54
N SER C 2223 24.15 50.13 -21.71
CA SER C 2223 24.19 48.71 -21.89
C SER C 2223 22.88 48.06 -21.50
N LYS C 2224 22.33 48.48 -20.35
CA LYS C 2224 21.14 47.91 -19.72
C LYS C 2224 19.94 47.83 -20.63
N LEU C 2225 19.85 48.73 -21.59
CA LEU C 2225 18.69 48.75 -22.45
C LEU C 2225 18.93 48.10 -23.80
N ARG C 2226 20.17 48.14 -24.31
CA ARG C 2226 20.51 47.39 -25.53
C ARG C 2226 20.34 45.91 -25.31
N ILE C 2227 20.65 45.45 -24.11
CA ILE C 2227 20.50 44.04 -23.83
C ILE C 2227 19.03 43.70 -23.64
N TYR C 2228 18.22 44.68 -23.28
CA TYR C 2228 16.80 44.40 -23.27
C TYR C 2228 16.22 44.33 -24.66
N TYR C 2229 16.96 44.71 -25.68
CA TYR C 2229 16.44 44.79 -27.02
C TYR C 2229 17.40 44.17 -28.01
N THR C 2230 17.77 42.92 -27.78
CA THR C 2230 18.64 42.21 -28.69
C THR C 2230 18.11 40.82 -28.99
N THR C 2231 16.83 40.76 -29.37
CA THR C 2231 15.91 39.62 -29.26
C THR C 2231 16.42 38.25 -29.70
N GLU C 2232 16.58 38.05 -31.01
CA GLU C 2232 16.97 36.78 -31.62
C GLU C 2232 16.06 35.63 -31.16
N ARG C 2233 14.90 35.57 -31.78
CA ARG C 2233 14.08 34.38 -31.67
C ARG C 2233 14.40 33.45 -32.84
N ASP C 2234 15.24 32.46 -32.60
CA ASP C 2234 15.57 31.48 -33.63
C ASP C 2234 14.52 30.41 -33.76
N GLU C 2235 13.98 29.99 -32.63
CA GLU C 2235 13.10 28.86 -32.47
C GLU C 2235 12.25 29.21 -31.25
N GLN C 2236 11.85 28.19 -30.48
CA GLN C 2236 11.38 28.37 -29.11
C GLN C 2236 12.15 29.47 -28.37
N GLY C 2237 11.40 30.43 -27.85
CA GLY C 2237 11.88 31.57 -27.09
C GLY C 2237 12.88 32.48 -27.81
N SER C 2238 13.24 33.53 -27.09
CA SER C 2238 14.27 34.48 -27.50
C SER C 2238 15.44 34.44 -26.53
N LYS C 2239 15.82 33.22 -26.20
CA LYS C 2239 16.76 32.87 -25.16
C LYS C 2239 18.18 33.18 -25.57
N ILE C 2240 19.05 32.55 -24.83
CA ILE C 2240 20.48 32.72 -24.65
C ILE C 2240 21.69 32.87 -25.57
N ASN C 2241 21.73 32.20 -26.70
CA ASN C 2241 22.98 32.36 -27.49
C ASN C 2241 23.28 33.85 -27.54
N ASP C 2242 22.18 34.56 -27.62
CA ASP C 2242 22.02 35.95 -27.69
C ASP C 2242 22.83 36.63 -26.59
N PHE C 2243 22.64 36.15 -25.37
CA PHE C 2243 23.28 36.73 -24.23
C PHE C 2243 24.75 36.57 -24.36
N PHE C 2244 25.18 35.41 -24.76
CA PHE C 2244 26.58 35.18 -24.84
C PHE C 2244 27.26 36.10 -25.82
N LEU C 2245 26.65 36.32 -26.97
CA LEU C 2245 27.32 37.20 -27.92
C LEU C 2245 27.47 38.58 -27.36
N ARG C 2246 26.36 39.05 -26.81
CA ARG C 2246 26.44 40.40 -26.26
C ARG C 2246 27.41 40.47 -25.06
N SER C 2247 27.44 39.44 -24.26
CA SER C 2247 28.29 39.43 -23.13
C SER C 2247 29.74 39.51 -23.49
N GLU C 2248 30.20 38.73 -24.46
CA GLU C 2248 31.63 38.83 -24.71
C GLU C 2248 32.00 40.18 -25.28
N ASP C 2249 31.14 40.72 -26.14
CA ASP C 2249 31.50 42.03 -26.64
C ASP C 2249 31.52 43.10 -25.52
N LEU C 2250 30.59 42.97 -24.58
CA LEU C 2250 30.52 43.84 -23.46
C LEU C 2250 31.78 43.75 -22.62
N PHE C 2251 32.35 42.57 -22.44
CA PHE C 2251 33.59 42.50 -21.68
C PHE C 2251 34.68 43.30 -22.35
N ASN C 2252 34.76 43.16 -23.68
CA ASN C 2252 35.78 43.95 -24.29
C ASN C 2252 35.57 45.42 -24.14
N GLU C 2253 34.33 45.88 -24.26
CA GLU C 2253 34.11 47.30 -24.05
C GLU C 2253 34.43 47.71 -22.62
N MET C 2254 34.10 46.87 -21.67
CA MET C 2254 34.36 47.22 -20.33
C MET C 2254 35.83 47.41 -20.02
N ASN C 2255 36.76 46.59 -20.51
CA ASN C 2255 38.16 46.88 -20.04
C ASN C 2255 38.76 48.26 -20.42
N TRP C 2256 38.59 48.55 -21.69
CA TRP C 2256 38.86 49.75 -22.45
C TRP C 2256 38.26 50.98 -21.80
N GLN C 2257 37.12 50.82 -21.12
CA GLN C 2257 36.57 51.92 -20.34
C GLN C 2257 37.53 52.37 -19.26
N LYS C 2258 38.27 51.44 -18.67
CA LYS C 2258 39.30 51.83 -17.71
C LYS C 2258 40.61 52.23 -18.40
N LYS C 2259 40.79 51.86 -19.66
CA LYS C 2259 41.86 52.46 -20.43
C LYS C 2259 41.57 53.93 -20.70
N LEU C 2260 40.29 54.31 -20.69
CA LEU C 2260 39.94 55.71 -20.86
C LEU C 2260 40.33 56.54 -19.65
N ARG C 2261 40.42 55.90 -18.48
CA ARG C 2261 40.74 56.61 -17.23
C ARG C 2261 42.12 57.24 -17.22
N ALA C 2262 43.04 56.78 -18.08
CA ALA C 2262 44.35 57.41 -18.18
C ALA C 2262 44.34 58.74 -18.93
N GLN C 2263 43.19 59.16 -19.45
CA GLN C 2263 43.07 60.39 -20.23
C GLN C 2263 41.74 61.03 -19.85
N PRO C 2264 41.80 62.12 -19.09
CA PRO C 2264 40.73 62.99 -18.55
C PRO C 2264 39.83 63.75 -19.53
N VAL C 2265 40.36 64.23 -20.65
CA VAL C 2265 39.55 65.01 -21.59
C VAL C 2265 38.37 64.22 -22.14
N LEU C 2266 38.62 62.95 -22.42
CA LEU C 2266 37.59 62.07 -22.88
C LEU C 2266 36.54 61.94 -21.80
N TYR C 2267 36.93 61.82 -20.53
CA TYR C 2267 35.93 61.75 -19.46
C TYR C 2267 35.14 63.05 -19.33
N TRP C 2268 35.76 64.19 -19.62
CA TRP C 2268 35.08 65.46 -19.57
C TRP C 2268 33.98 65.41 -20.62
N CYS C 2269 34.33 64.93 -21.81
CA CYS C 2269 33.38 64.78 -22.88
C CYS C 2269 32.25 63.83 -22.56
N ALA C 2270 32.60 62.76 -21.87
CA ALA C 2270 31.64 61.70 -21.65
C ALA C 2270 30.39 62.17 -20.96
N ARG C 2271 30.49 62.95 -19.89
CA ARG C 2271 29.19 63.37 -19.37
C ARG C 2271 28.50 64.39 -20.26
N ASN C 2272 29.17 64.86 -21.30
CA ASN C 2272 28.62 65.87 -22.18
C ASN C 2272 27.82 65.27 -23.34
N MET C 2273 28.29 64.08 -23.75
CA MET C 2273 28.12 63.55 -25.12
C MET C 2273 26.81 63.53 -25.83
N SER C 2274 25.79 63.06 -25.15
CA SER C 2274 24.48 63.06 -25.75
C SER C 2274 24.09 64.48 -26.00
N PHE C 2275 24.28 65.32 -24.98
CA PHE C 2275 23.96 66.71 -25.07
C PHE C 2275 24.83 67.41 -26.10
N TRP C 2276 26.10 67.02 -26.25
CA TRP C 2276 26.95 67.65 -27.22
C TRP C 2276 26.35 67.48 -28.58
N SER C 2277 26.00 66.23 -28.88
CA SER C 2277 25.41 65.96 -30.17
C SER C 2277 24.11 66.69 -30.35
N SER C 2278 23.30 66.66 -29.31
CA SER C 2278 21.98 67.26 -29.39
C SER C 2278 22.06 68.73 -29.66
N ILE C 2279 22.97 69.37 -28.95
CA ILE C 2279 23.14 70.78 -29.03
C ILE C 2279 23.51 71.16 -30.41
N SER C 2280 24.44 70.42 -31.00
CA SER C 2280 24.80 70.79 -32.33
C SER C 2280 23.61 70.67 -33.26
N PHE C 2281 22.90 69.58 -33.17
CA PHE C 2281 21.85 69.44 -34.14
C PHE C 2281 20.85 70.56 -34.02
N ASN C 2282 20.48 70.87 -32.78
CA ASN C 2282 19.50 71.94 -32.59
C ASN C 2282 20.05 73.22 -33.12
N LEU C 2283 21.28 73.50 -32.77
CA LEU C 2283 21.89 74.74 -33.17
C LEU C 2283 21.99 74.86 -34.66
N ALA C 2284 22.40 73.77 -35.27
CA ALA C 2284 22.66 73.77 -36.67
C ALA C 2284 21.45 74.11 -37.44
N VAL C 2285 20.32 73.50 -37.10
CA VAL C 2285 19.21 73.83 -37.97
C VAL C 2285 18.78 75.26 -37.84
N LEU C 2286 18.65 75.64 -36.59
CA LEU C 2286 18.12 76.95 -36.25
C LEU C 2286 19.04 77.81 -37.05
N MET C 2287 19.93 77.10 -37.71
CA MET C 2287 20.75 77.71 -38.72
C MET C 2287 20.25 77.51 -40.16
N ASN C 2288 20.13 76.27 -40.63
CA ASN C 2288 19.79 76.00 -42.05
C ASN C 2288 18.50 76.65 -42.45
N LEU C 2289 17.43 76.49 -41.71
CA LEU C 2289 16.23 77.14 -42.19
C LEU C 2289 16.50 78.62 -42.36
N LEU C 2290 17.54 79.09 -41.67
CA LEU C 2290 17.96 80.45 -41.64
C LEU C 2290 18.28 80.98 -43.01
N VAL C 2291 18.90 80.16 -43.86
CA VAL C 2291 19.31 80.60 -45.17
C VAL C 2291 18.15 81.11 -45.97
N ALA C 2292 17.14 80.26 -46.01
CA ALA C 2292 15.96 80.55 -46.77
C ALA C 2292 15.27 81.73 -46.20
N PHE C 2293 15.18 81.67 -44.87
CA PHE C 2293 14.45 82.60 -44.06
C PHE C 2293 14.93 83.96 -44.36
N PHE C 2294 16.23 84.19 -44.39
CA PHE C 2294 16.65 85.51 -44.78
C PHE C 2294 17.76 85.53 -45.80
N TYR C 2295 17.46 85.19 -47.05
CA TYR C 2295 18.50 85.31 -48.09
C TYR C 2295 19.11 86.74 -48.11
N PRO C 2296 20.46 86.89 -48.08
CA PRO C 2296 21.23 88.15 -48.06
C PRO C 2296 21.29 88.89 -49.38
N PHE C 2297 22.22 89.86 -49.41
CA PHE C 2297 22.60 90.85 -50.41
C PHE C 2297 21.64 92.05 -50.41
N LYS C 2298 20.55 92.00 -49.65
CA LYS C 2298 19.70 93.18 -49.48
C LYS C 2298 19.78 93.63 -48.03
N GLY C 2299 20.00 94.92 -47.84
CA GLY C 2299 20.00 95.49 -46.51
C GLY C 2299 18.60 95.54 -45.95
N VAL C 2300 18.32 94.70 -44.95
CA VAL C 2300 16.96 94.48 -44.48
C VAL C 2300 16.93 94.60 -42.96
N ARG C 2301 15.76 94.96 -42.43
CA ARG C 2301 15.49 95.03 -41.01
C ARG C 2301 15.16 93.63 -40.49
N GLY C 2302 14.55 93.55 -39.30
CA GLY C 2302 14.05 92.28 -38.79
C GLY C 2302 13.00 91.64 -39.67
N GLY C 2303 12.23 92.47 -40.38
CA GLY C 2303 11.36 91.97 -41.44
C GLY C 2303 10.15 91.19 -40.97
N THR C 2304 9.17 91.86 -40.37
CA THR C 2304 7.97 91.16 -39.93
C THR C 2304 7.13 90.68 -41.10
N LEU C 2305 7.26 91.33 -42.26
CA LEU C 2305 6.65 90.96 -43.54
C LEU C 2305 5.12 90.88 -43.47
N ALA C 2335 16.21 74.69 -22.02
CA ALA C 2335 17.62 74.61 -21.69
C ALA C 2335 18.14 75.94 -21.15
N LEU C 2336 18.84 75.97 -20.03
CA LEU C 2336 19.27 77.31 -19.62
C LEU C 2336 20.30 77.98 -20.54
N ILE C 2337 21.32 77.23 -20.95
CA ILE C 2337 22.38 77.74 -21.83
C ILE C 2337 22.01 78.06 -23.27
N ALA C 2338 21.16 77.24 -23.87
CA ALA C 2338 20.77 77.40 -25.26
C ALA C 2338 20.09 78.72 -25.50
N SER C 2339 19.24 79.13 -24.56
CA SER C 2339 18.51 80.38 -24.74
C SER C 2339 19.47 81.57 -24.78
N THR C 2340 20.46 81.55 -23.89
CA THR C 2340 21.45 82.59 -23.83
C THR C 2340 22.20 82.64 -25.14
N ILE C 2341 22.61 81.46 -25.65
CA ILE C 2341 23.32 81.58 -26.95
C ILE C 2341 22.46 82.17 -28.09
N LEU C 2342 21.19 81.79 -28.13
CA LEU C 2342 20.29 82.29 -29.15
C LEU C 2342 20.19 83.82 -29.07
N ARG C 2343 20.01 84.29 -27.84
CA ARG C 2343 19.84 85.72 -27.63
C ARG C 2343 21.06 86.48 -28.12
N LEU C 2344 22.25 85.97 -27.79
CA LEU C 2344 23.46 86.70 -28.21
C LEU C 2344 23.56 86.81 -29.74
N ILE C 2345 23.27 85.69 -30.42
CA ILE C 2345 23.38 85.74 -31.87
C ILE C 2345 22.40 86.76 -32.45
N PHE C 2346 21.24 86.84 -31.78
CA PHE C 2346 20.13 87.62 -32.26
C PHE C 2346 20.56 89.04 -32.56
N SER C 2347 21.40 89.67 -31.74
CA SER C 2347 21.94 90.98 -32.07
C SER C 2347 23.29 90.64 -32.73
N VAL C 2348 23.23 90.13 -33.95
CA VAL C 2348 24.36 89.65 -34.67
C VAL C 2348 24.92 90.74 -35.52
N GLY C 2349 25.62 90.30 -36.56
CA GLY C 2349 26.18 91.19 -37.54
C GLY C 2349 25.21 91.46 -38.67
N LEU C 2350 24.02 90.86 -38.57
CA LEU C 2350 22.91 90.95 -39.50
C LEU C 2350 23.62 90.35 -40.63
N GLN C 2351 24.63 89.60 -40.25
CA GLN C 2351 25.39 88.86 -41.29
C GLN C 2351 26.64 88.16 -40.70
N PRO C 2352 27.30 88.88 -39.78
CA PRO C 2352 28.44 88.39 -39.01
C PRO C 2352 27.97 87.21 -38.16
N THR C 2353 26.76 87.30 -37.60
CA THR C 2353 26.20 86.21 -36.84
C THR C 2353 26.03 84.97 -37.73
N LEU C 2354 25.64 85.14 -39.00
CA LEU C 2354 25.52 84.02 -39.94
C LEU C 2354 26.88 83.35 -40.13
N PHE C 2355 27.91 84.18 -40.25
CA PHE C 2355 29.25 83.61 -40.39
C PHE C 2355 29.62 82.81 -39.13
N LEU C 2356 29.27 83.37 -37.97
CA LEU C 2356 29.50 82.78 -36.67
C LEU C 2356 28.80 81.43 -36.55
N LEU C 2357 27.59 81.34 -37.07
CA LEU C 2357 26.87 80.11 -36.99
C LEU C 2357 27.61 79.05 -37.75
N GLY C 2358 28.09 79.40 -38.95
CA GLY C 2358 28.83 78.40 -39.71
C GLY C 2358 30.08 77.94 -38.96
N ALA C 2359 30.76 78.92 -38.37
CA ALA C 2359 31.95 78.59 -37.63
C ALA C 2359 31.67 77.66 -36.47
N PHE C 2360 30.65 77.90 -35.62
CA PHE C 2360 30.48 76.92 -34.54
C PHE C 2360 29.96 75.58 -35.01
N ASN C 2361 29.23 75.57 -36.11
CA ASN C 2361 28.78 74.31 -36.65
C ASN C 2361 29.96 73.42 -36.99
N VAL C 2362 31.01 73.95 -37.62
CA VAL C 2362 32.12 73.04 -37.93
C VAL C 2362 32.72 72.47 -36.67
N CYS C 2363 32.85 73.35 -35.70
CA CYS C 2363 33.37 73.09 -34.40
C CYS C 2363 32.43 72.15 -33.68
N ASN C 2364 31.16 72.44 -33.80
CA ASN C 2364 30.13 71.69 -33.13
C ASN C 2364 30.12 70.22 -33.62
N LYS C 2365 30.23 70.04 -34.93
CA LYS C 2365 30.28 68.67 -35.47
C LYS C 2365 31.57 67.94 -35.00
N ILE C 2366 32.66 68.67 -34.85
CA ILE C 2366 33.85 68.05 -34.32
C ILE C 2366 33.58 67.53 -32.89
N ILE C 2367 32.84 68.26 -32.05
CA ILE C 2367 32.52 67.73 -30.71
C ILE C 2367 31.68 66.47 -30.85
N PHE C 2368 30.76 66.42 -31.82
CA PHE C 2368 30.00 65.17 -32.00
C PHE C 2368 30.93 64.01 -32.36
N LEU C 2369 31.91 64.27 -33.21
CA LEU C 2369 32.88 63.25 -33.57
C LEU C 2369 33.61 62.80 -32.33
N MET C 2370 34.03 63.75 -31.52
CA MET C 2370 34.71 63.39 -30.30
C MET C 2370 33.86 62.59 -29.34
N SER C 2371 32.58 62.93 -29.20
CA SER C 2371 31.68 62.18 -28.32
C SER C 2371 31.52 60.75 -28.80
N PHE C 2372 31.45 60.60 -30.12
CA PHE C 2372 31.33 59.30 -30.76
C PHE C 2372 32.57 58.50 -30.41
N VAL C 2373 33.73 59.13 -30.52
CA VAL C 2373 34.95 58.44 -30.17
C VAL C 2373 34.99 58.11 -28.67
N GLY C 2374 34.46 58.99 -27.84
CA GLY C 2374 34.44 58.73 -26.43
C GLY C 2374 33.64 57.48 -26.18
N ASN C 2375 32.48 57.35 -26.80
CA ASN C 2375 31.76 56.12 -26.61
C ASN C 2375 32.49 54.89 -27.19
N CYS C 2376 33.09 54.99 -28.38
CA CYS C 2376 33.83 53.83 -28.91
C CYS C 2376 35.13 54.20 -29.54
N GLY C 2377 36.17 53.73 -28.87
CA GLY C 2377 37.53 54.04 -29.22
C GLY C 2377 38.34 52.79 -29.30
N THR C 2378 39.45 52.96 -30.05
CA THR C 2378 40.52 52.02 -30.43
C THR C 2378 40.12 51.19 -31.63
N PHE C 2379 38.93 51.49 -32.17
CA PHE C 2379 38.31 50.71 -33.23
C PHE C 2379 38.31 49.28 -32.68
N THR C 2380 37.69 49.12 -31.51
CA THR C 2380 37.74 47.85 -30.86
C THR C 2380 36.80 46.92 -31.54
N ARG C 2381 37.43 45.90 -32.05
CA ARG C 2381 36.72 44.85 -32.76
C ARG C 2381 35.41 44.52 -32.06
N GLY C 2382 34.47 44.05 -32.85
CA GLY C 2382 33.15 43.69 -32.36
C GLY C 2382 32.47 42.84 -33.41
N TYR C 2383 31.45 42.13 -32.95
CA TYR C 2383 30.77 41.21 -33.87
C TYR C 2383 29.89 41.95 -34.87
N ARG C 2384 29.24 43.03 -34.45
CA ARG C 2384 28.26 43.71 -35.29
C ARG C 2384 28.99 44.53 -36.34
N ALA C 2385 29.10 43.95 -37.53
CA ALA C 2385 29.80 44.61 -38.62
C ALA C 2385 28.95 45.68 -39.29
N MET C 2386 27.63 45.66 -39.20
CA MET C 2386 26.87 46.77 -39.79
C MET C 2386 26.98 48.11 -39.03
N VAL C 2387 26.84 48.01 -37.72
CA VAL C 2387 26.74 49.19 -36.85
C VAL C 2387 27.87 50.19 -36.80
N LEU C 2388 29.10 49.69 -36.72
CA LEU C 2388 30.23 50.58 -36.61
C LEU C 2388 30.31 51.49 -37.81
N ASP C 2389 30.22 50.85 -38.95
CA ASP C 2389 30.33 51.52 -40.19
C ASP C 2389 29.22 52.50 -40.33
N VAL C 2390 27.98 52.07 -40.02
CA VAL C 2390 26.90 53.02 -40.23
C VAL C 2390 27.01 54.25 -39.35
N GLU C 2391 27.33 54.04 -38.08
CA GLU C 2391 27.41 55.21 -37.23
C GLU C 2391 28.50 56.17 -37.64
N PHE C 2392 29.69 55.64 -37.94
CA PHE C 2392 30.70 56.60 -38.31
C PHE C 2392 30.39 57.29 -39.62
N LEU C 2393 29.84 56.56 -40.57
CA LEU C 2393 29.53 57.18 -41.83
C LEU C 2393 28.52 58.29 -41.64
N TYR C 2394 27.48 58.08 -40.83
CA TYR C 2394 26.51 59.17 -40.67
C TYR C 2394 27.09 60.36 -39.97
N HIS C 2395 27.95 60.09 -38.99
CA HIS C 2395 28.59 61.23 -38.37
C HIS C 2395 29.48 61.99 -39.36
N LEU C 2396 30.16 61.26 -40.24
CA LEU C 2396 31.00 61.82 -41.29
C LEU C 2396 30.16 62.67 -42.22
N LEU C 2397 28.96 62.22 -42.55
CA LEU C 2397 28.09 63.01 -43.39
C LEU C 2397 27.68 64.29 -42.67
N TYR C 2398 27.43 64.18 -41.37
CA TYR C 2398 27.17 65.40 -40.63
C TYR C 2398 28.36 66.35 -40.64
N LEU C 2399 29.59 65.82 -40.59
CA LEU C 2399 30.81 66.62 -40.74
C LEU C 2399 30.82 67.29 -42.12
N LEU C 2400 30.40 66.56 -43.14
CA LEU C 2400 30.28 67.05 -44.48
C LEU C 2400 29.31 68.22 -44.60
N ILE C 2401 28.24 68.27 -43.80
CA ILE C 2401 27.30 69.43 -43.92
C ILE C 2401 28.10 70.69 -43.65
N CYS C 2402 28.92 70.59 -42.62
CA CYS C 2402 29.86 71.63 -42.28
C CYS C 2402 30.50 72.17 -43.58
N ALA C 2403 30.87 71.30 -44.53
CA ALA C 2403 31.43 71.76 -45.80
C ALA C 2403 30.48 72.68 -46.58
N MET C 2404 29.23 72.31 -46.78
CA MET C 2404 28.40 73.15 -47.63
C MET C 2404 27.84 74.38 -46.92
N GLY C 2405 28.67 74.91 -46.02
CA GLY C 2405 28.51 76.27 -45.55
C GLY C 2405 29.77 76.77 -44.87
N LEU C 2406 30.84 75.98 -44.97
CA LEU C 2406 32.16 76.38 -44.54
C LEU C 2406 32.43 77.69 -45.20
N PHE C 2407 32.44 77.59 -46.52
CA PHE C 2407 32.60 78.72 -47.40
C PHE C 2407 31.98 78.26 -48.70
N VAL C 2408 30.82 77.60 -48.59
CA VAL C 2408 30.32 76.76 -49.65
C VAL C 2408 28.79 76.86 -49.69
N HIS C 2409 28.20 76.75 -50.87
CA HIS C 2409 27.16 77.68 -51.28
C HIS C 2409 25.75 77.29 -50.85
N GLU C 2410 24.82 78.25 -50.93
CA GLU C 2410 23.81 78.54 -49.90
C GLU C 2410 23.53 77.40 -48.93
N PHE C 2411 23.02 76.30 -49.45
CA PHE C 2411 21.73 75.81 -49.15
C PHE C 2411 21.85 74.79 -48.07
N PHE C 2412 21.59 73.53 -48.42
CA PHE C 2412 22.19 72.40 -47.78
C PHE C 2412 21.88 72.42 -46.34
N TYR C 2413 22.49 73.37 -45.64
CA TYR C 2413 21.84 73.55 -44.32
C TYR C 2413 20.55 72.74 -44.25
N SER C 2414 19.78 72.81 -45.32
CA SER C 2414 18.55 72.04 -45.34
C SER C 2414 18.81 70.54 -45.20
N LEU C 2415 19.84 70.04 -45.88
CA LEU C 2415 20.19 68.63 -45.85
C LEU C 2415 20.50 68.20 -44.45
N LEU C 2416 21.28 69.03 -43.75
CA LEU C 2416 21.63 68.69 -42.37
C LEU C 2416 20.33 68.61 -41.55
N LEU C 2417 19.40 69.54 -41.74
CA LEU C 2417 18.14 69.48 -40.97
C LEU C 2417 17.39 68.18 -41.24
N PHE C 2418 17.34 67.78 -42.50
CA PHE C 2418 16.64 66.56 -42.84
C PHE C 2418 17.23 65.36 -42.12
N ASP C 2419 18.55 65.21 -42.15
CA ASP C 2419 19.05 64.08 -41.41
C ASP C 2419 18.95 64.11 -39.88
N LEU C 2420 18.99 65.29 -39.27
CA LEU C 2420 18.81 65.36 -37.82
C LEU C 2420 17.42 64.87 -37.45
N VAL C 2421 16.44 65.30 -38.23
CA VAL C 2421 15.13 64.79 -37.92
C VAL C 2421 15.02 63.28 -38.20
N TYR C 2422 15.76 62.77 -39.20
CA TYR C 2422 15.84 61.33 -39.46
C TYR C 2422 16.38 60.60 -38.22
N ARG C 2423 17.37 61.19 -37.53
CA ARG C 2423 17.97 60.61 -36.37
C ARG C 2423 16.91 60.46 -35.31
N GLU C 2424 15.82 61.10 -35.59
CA GLU C 2424 14.75 60.76 -34.73
C GLU C 2424 14.01 59.47 -35.19
N GLU C 2425 14.05 58.55 -34.25
CA GLU C 2425 13.55 57.18 -34.29
C GLU C 2425 12.12 56.81 -34.52
N THR C 2426 11.32 57.48 -33.72
CA THR C 2426 9.91 57.26 -33.65
C THR C 2426 9.40 57.60 -35.00
N LEU C 2427 9.88 58.73 -35.52
CA LEU C 2427 9.59 59.11 -36.89
C LEU C 2427 10.31 58.09 -37.73
N LEU C 2428 11.49 57.63 -37.31
CA LEU C 2428 12.10 56.55 -37.97
C LEU C 2428 11.15 55.35 -37.92
N ASN C 2429 10.43 55.04 -36.83
CA ASN C 2429 9.52 53.90 -36.92
C ASN C 2429 8.43 54.09 -37.99
N VAL C 2430 7.90 55.30 -38.06
CA VAL C 2430 6.92 55.53 -39.09
C VAL C 2430 7.51 55.56 -40.46
N ILE C 2431 8.76 55.95 -40.59
CA ILE C 2431 9.50 55.95 -41.83
C ILE C 2431 9.60 54.53 -42.25
N LYS C 2432 9.85 53.61 -41.31
CA LYS C 2432 9.91 52.21 -41.60
C LYS C 2432 8.61 51.79 -42.14
N SER C 2433 7.49 52.26 -41.59
CA SER C 2433 6.21 51.91 -42.17
C SER C 2433 6.19 52.20 -43.67
N VAL C 2434 7.39 52.37 -44.22
CA VAL C 2434 7.48 52.32 -45.67
C VAL C 2434 8.77 51.69 -46.42
N THR C 2435 9.74 50.95 -45.82
CA THR C 2435 10.87 50.39 -46.53
C THR C 2435 10.99 48.88 -46.42
N ARG C 2436 10.59 48.28 -45.29
CA ARG C 2436 10.93 46.89 -44.98
C ARG C 2436 10.20 45.93 -45.91
N ASN C 2437 8.87 46.02 -45.94
CA ASN C 2437 8.09 45.35 -46.98
C ASN C 2437 8.01 46.22 -48.23
N GLY C 2438 9.00 47.05 -48.47
CA GLY C 2438 9.02 47.95 -49.58
C GLY C 2438 10.13 47.67 -50.56
N ARG C 2439 11.09 46.84 -50.15
CA ARG C 2439 12.31 46.71 -50.94
C ARG C 2439 12.08 45.99 -52.27
N PRO C 2440 11.19 45.00 -52.38
CA PRO C 2440 10.64 44.73 -53.72
C PRO C 2440 9.28 45.36 -53.97
N ILE C 2441 8.84 46.32 -53.17
CA ILE C 2441 7.52 46.86 -53.44
C ILE C 2441 7.62 48.24 -54.08
N ILE C 2442 8.85 48.75 -54.20
CA ILE C 2442 9.08 49.74 -55.24
C ILE C 2442 8.80 49.11 -56.60
N LEU C 2443 8.98 47.80 -56.71
CA LEU C 2443 8.57 47.11 -57.91
C LEU C 2443 7.06 47.01 -58.03
N THR C 2444 6.31 47.16 -56.93
CA THR C 2444 4.88 47.12 -57.22
C THR C 2444 4.34 48.43 -57.72
N ALA C 2445 5.17 49.46 -57.78
CA ALA C 2445 4.77 50.68 -58.43
C ALA C 2445 4.59 50.47 -59.92
N ALA C 2446 5.51 49.73 -60.53
CA ALA C 2446 5.54 49.71 -61.99
C ALA C 2446 4.43 48.87 -62.55
N LEU C 2447 3.82 48.05 -61.68
CA LEU C 2447 2.54 47.39 -61.95
C LEU C 2447 1.56 48.32 -62.58
N ALA C 2448 1.28 49.43 -61.92
CA ALA C 2448 0.32 50.34 -62.49
C ALA C 2448 0.95 51.08 -63.65
N LEU C 2449 2.24 51.39 -63.54
CA LEU C 2449 2.96 52.10 -64.58
C LEU C 2449 3.00 51.28 -65.86
N ILE C 2450 2.86 49.99 -65.74
CA ILE C 2450 2.57 49.17 -66.90
C ILE C 2450 1.07 48.97 -67.08
N LEU C 2451 0.30 48.81 -65.99
CA LEU C 2451 -1.13 48.64 -66.18
C LEU C 2451 -1.81 49.90 -66.65
N VAL C 2452 -1.15 51.05 -66.58
CA VAL C 2452 -1.65 52.17 -67.35
C VAL C 2452 -1.12 52.11 -68.78
N TYR C 2453 0.02 51.47 -68.98
CA TYR C 2453 0.85 51.76 -70.13
C TYR C 2453 0.22 51.22 -71.40
N LEU C 2454 -0.57 50.17 -71.27
CA LEU C 2454 -1.24 49.62 -72.44
C LEU C 2454 -2.39 50.50 -72.87
N PHE C 2455 -3.14 51.03 -71.92
CA PHE C 2455 -4.38 51.66 -72.30
C PHE C 2455 -4.17 53.05 -72.84
N SER C 2456 -2.93 53.52 -72.79
CA SER C 2456 -2.47 54.51 -73.75
C SER C 2456 -2.77 54.06 -75.17
N ILE C 2457 -2.27 52.88 -75.55
CA ILE C 2457 -2.36 52.44 -76.94
C ILE C 2457 -3.79 52.15 -77.31
N VAL C 2458 -4.52 51.54 -76.37
CA VAL C 2458 -5.89 51.12 -76.61
C VAL C 2458 -6.74 52.33 -76.93
N GLY C 2459 -6.45 53.45 -76.28
CA GLY C 2459 -6.95 54.71 -76.77
C GLY C 2459 -6.29 55.14 -78.06
N TYR C 2460 -4.94 55.07 -78.11
CA TYR C 2460 -4.21 55.81 -79.12
C TYR C 2460 -4.41 55.24 -80.50
N LEU C 2461 -4.75 53.96 -80.59
CA LEU C 2461 -5.04 53.38 -81.89
C LEU C 2461 -6.35 53.90 -82.44
N PHE C 2462 -7.46 53.65 -81.75
CA PHE C 2462 -8.74 54.10 -82.27
C PHE C 2462 -8.89 55.60 -82.16
N PHE C 2463 -8.11 56.24 -81.32
CA PHE C 2463 -8.23 57.68 -81.12
C PHE C 2463 -6.84 58.27 -81.01
N LYS C 2464 -6.39 58.94 -82.06
CA LYS C 2464 -5.28 59.85 -81.89
C LYS C 2464 -5.72 60.98 -80.97
N ASP C 2465 -4.75 61.52 -80.23
CA ASP C 2465 -4.98 62.34 -79.04
C ASP C 2465 -5.89 63.53 -79.32
N ASP C 2466 -5.81 64.07 -80.54
CA ASP C 2466 -6.64 65.18 -81.01
C ASP C 2466 -6.56 66.38 -80.08
N PHE C 2467 -5.33 66.79 -79.79
CA PHE C 2467 -5.05 67.76 -78.72
C PHE C 2467 -4.28 68.97 -79.27
N ILE C 2468 -4.76 70.17 -78.93
CA ILE C 2468 -4.22 71.42 -79.47
C ILE C 2468 -3.84 72.38 -78.36
N LEU C 2469 -4.71 72.54 -77.37
CA LEU C 2469 -4.50 73.44 -76.26
C LEU C 2469 -5.01 72.80 -74.98
N GLU C 2470 -4.27 73.01 -73.90
CA GLU C 2470 -4.93 72.98 -72.61
C GLU C 2470 -5.23 74.41 -72.25
N GLU C 2519 12.38 85.25 -81.91
CA GLU C 2519 11.35 85.08 -80.89
C GLU C 2519 11.64 85.94 -79.67
N THR C 2520 10.60 86.23 -78.90
CA THR C 2520 10.71 87.02 -77.69
C THR C 2520 10.39 86.21 -76.44
N GLU C 2521 9.24 85.53 -76.44
CA GLU C 2521 8.77 84.80 -75.27
C GLU C 2521 8.69 83.32 -75.61
N GLN C 2522 8.42 82.52 -74.58
CA GLN C 2522 8.38 81.06 -74.72
C GLN C 2522 6.93 80.61 -74.80
N ASP C 2523 6.11 81.45 -75.43
CA ASP C 2523 4.67 81.23 -75.38
C ASP C 2523 4.10 81.37 -76.78
N LYS C 2524 3.87 80.24 -77.43
CA LYS C 2524 3.44 80.20 -78.83
C LYS C 2524 2.07 79.55 -78.90
N GLU C 2525 1.62 79.24 -80.12
CA GLU C 2525 0.27 78.77 -80.41
C GLU C 2525 0.08 77.27 -80.16
N HIS C 2526 0.93 76.67 -79.31
CA HIS C 2526 0.72 75.37 -78.67
C HIS C 2526 0.69 74.23 -79.71
N THR C 2527 1.85 74.02 -80.34
CA THR C 2527 2.00 73.04 -81.42
C THR C 2527 2.43 71.66 -80.87
N CYS C 2528 1.45 71.03 -80.24
CA CYS C 2528 1.53 69.72 -79.60
C CYS C 2528 1.12 68.56 -80.52
N GLU C 2529 0.58 67.49 -79.91
CA GLU C 2529 0.01 66.29 -80.51
C GLU C 2529 1.05 65.31 -81.08
N THR C 2530 1.91 64.82 -80.18
CA THR C 2530 2.01 63.39 -79.84
C THR C 2530 2.01 62.47 -81.06
N LEU C 2531 3.15 62.42 -81.75
CA LEU C 2531 3.22 61.60 -82.96
C LEU C 2531 3.23 60.10 -82.61
N LEU C 2532 4.36 59.59 -82.09
CA LEU C 2532 4.41 58.27 -81.45
C LEU C 2532 5.35 58.23 -80.26
N MET C 2533 5.89 59.36 -79.82
CA MET C 2533 6.76 59.39 -78.66
C MET C 2533 6.02 59.87 -77.44
N CYS C 2534 5.33 60.99 -77.56
CA CYS C 2534 4.75 61.72 -76.45
C CYS C 2534 3.62 60.96 -75.76
N ILE C 2535 3.19 59.86 -76.37
CA ILE C 2535 2.32 58.89 -75.74
C ILE C 2535 2.87 58.45 -74.40
N VAL C 2536 4.17 58.18 -74.32
CA VAL C 2536 4.72 57.76 -73.04
C VAL C 2536 4.92 58.95 -72.12
N THR C 2537 4.78 60.16 -72.64
CA THR C 2537 4.89 61.30 -71.76
C THR C 2537 3.55 61.62 -71.16
N VAL C 2538 2.53 61.69 -72.01
CA VAL C 2538 1.26 62.29 -71.63
C VAL C 2538 0.53 61.52 -70.56
N LEU C 2539 0.96 60.30 -70.27
CA LEU C 2539 0.34 59.51 -69.23
C LEU C 2539 0.43 60.16 -67.88
N SER C 2540 1.49 60.90 -67.65
CA SER C 2540 1.61 61.54 -66.36
C SER C 2540 0.61 62.66 -66.27
N HIS C 2541 0.46 63.41 -67.36
CA HIS C 2541 -0.62 64.37 -67.47
C HIS C 2541 -1.91 63.68 -67.87
N GLY C 2542 -1.84 62.40 -68.18
CA GLY C 2542 -3.04 61.60 -68.17
C GLY C 2542 -3.40 61.39 -66.72
N LEU C 2543 -2.44 60.92 -65.93
CA LEU C 2543 -2.72 60.65 -64.52
C LEU C 2543 -2.61 61.91 -63.68
N ARG C 2544 -2.55 63.07 -64.36
CA ARG C 2544 -2.56 64.41 -63.83
C ARG C 2544 -3.29 64.59 -62.53
N SER C 2545 -4.50 64.08 -62.43
CA SER C 2545 -5.23 64.36 -61.23
C SER C 2545 -5.54 63.07 -60.52
N GLY C 2546 -5.94 63.21 -59.26
CA GLY C 2546 -6.74 62.21 -58.62
C GLY C 2546 -8.21 62.43 -58.86
N GLY C 2547 -8.55 63.56 -59.49
CA GLY C 2547 -9.93 63.80 -59.87
C GLY C 2547 -10.43 62.95 -61.02
N GLY C 2548 -9.96 63.24 -62.23
CA GLY C 2548 -10.42 62.56 -63.43
C GLY C 2548 -9.33 62.35 -64.45
N VAL C 2549 -9.20 61.12 -64.94
CA VAL C 2549 -8.03 60.70 -65.69
C VAL C 2549 -8.40 60.67 -67.16
N GLY C 2550 -7.40 60.55 -68.00
CA GLY C 2550 -7.62 60.60 -69.44
C GLY C 2550 -7.97 62.01 -69.85
N ASP C 2551 -9.25 62.24 -70.12
CA ASP C 2551 -9.98 63.50 -70.24
C ASP C 2551 -9.25 64.64 -70.95
N VAL C 2552 -8.43 64.31 -71.93
CA VAL C 2552 -7.70 65.36 -72.60
C VAL C 2552 -8.56 66.04 -73.65
N LEU C 2553 -9.27 65.28 -74.49
CA LEU C 2553 -10.11 65.93 -75.47
C LEU C 2553 -11.34 66.51 -74.78
N ARG C 2554 -11.53 67.79 -74.98
CA ARG C 2554 -12.84 68.36 -74.81
C ARG C 2554 -13.36 68.79 -76.16
N LYS C 2555 -14.58 69.27 -76.14
CA LYS C 2555 -15.45 69.53 -77.28
C LYS C 2555 -15.52 68.24 -78.10
N PRO C 2556 -16.24 67.23 -77.63
CA PRO C 2556 -16.48 66.06 -78.49
C PRO C 2556 -17.50 66.35 -79.57
N SER C 2557 -18.27 67.43 -79.41
CA SER C 2557 -19.23 67.95 -80.38
C SER C 2557 -20.32 66.94 -80.72
N LYS C 2558 -20.76 66.20 -79.68
CA LYS C 2558 -22.03 65.46 -79.66
C LYS C 2558 -22.06 64.36 -80.72
N GLU C 2559 -20.91 64.05 -81.29
CA GLU C 2559 -20.89 62.93 -82.19
C GLU C 2559 -20.85 62.00 -81.03
N GLU C 2560 -22.04 61.85 -80.48
CA GLU C 2560 -22.34 61.16 -79.25
C GLU C 2560 -21.95 59.70 -79.21
N PRO C 2561 -21.97 59.01 -80.37
CA PRO C 2561 -21.48 57.62 -80.29
C PRO C 2561 -19.99 57.62 -79.90
N LEU C 2562 -19.28 58.42 -80.69
CA LEU C 2562 -17.87 58.59 -80.46
C LEU C 2562 -17.84 59.03 -79.00
N PHE C 2563 -18.84 59.83 -78.59
CA PHE C 2563 -18.96 60.32 -77.26
C PHE C 2563 -19.00 59.12 -76.34
N ALA C 2564 -19.86 58.16 -76.64
CA ALA C 2564 -19.98 57.01 -75.77
C ALA C 2564 -18.71 56.22 -75.65
N ALA C 2565 -18.06 56.01 -76.78
CA ALA C 2565 -16.88 55.18 -76.77
C ALA C 2565 -15.81 55.76 -75.93
N ARG C 2566 -15.63 57.05 -76.16
CA ARG C 2566 -14.58 57.71 -75.49
C ARG C 2566 -14.82 57.72 -74.03
N VAL C 2567 -16.04 58.06 -73.64
CA VAL C 2567 -16.24 58.15 -72.22
C VAL C 2567 -16.09 56.87 -71.51
N ILE C 2568 -16.58 55.81 -72.11
CA ILE C 2568 -16.53 54.55 -71.45
C ILE C 2568 -15.12 54.16 -71.24
N TYR C 2569 -14.33 54.30 -72.27
CA TYR C 2569 -12.96 53.94 -72.13
C TYR C 2569 -12.23 54.74 -71.08
N ASP C 2570 -12.43 56.05 -71.07
CA ASP C 2570 -11.72 56.82 -70.08
C ASP C 2570 -12.15 56.54 -68.67
N LEU C 2571 -13.44 56.27 -68.52
CA LEU C 2571 -14.01 55.98 -67.25
C LEU C 2571 -13.34 54.79 -66.68
N LEU C 2572 -13.24 53.75 -67.51
CA LEU C 2572 -12.65 52.54 -67.08
C LEU C 2572 -11.25 52.71 -66.65
N PHE C 2573 -10.48 53.49 -67.40
CA PHE C 2573 -9.19 53.76 -66.90
C PHE C 2573 -9.46 54.52 -65.66
N PHE C 2574 -10.36 55.47 -65.74
CA PHE C 2574 -10.50 56.14 -64.53
C PHE C 2574 -10.71 55.19 -63.50
N PHE C 2575 -11.59 54.21 -63.69
CA PHE C 2575 -11.82 53.49 -62.57
C PHE C 2575 -10.74 52.65 -62.14
N MET C 2576 -10.21 51.98 -63.13
CA MET C 2576 -9.21 51.08 -62.73
C MET C 2576 -8.00 51.74 -62.21
N VAL C 2577 -7.60 52.73 -62.96
CA VAL C 2577 -6.36 53.35 -62.64
C VAL C 2577 -6.44 54.04 -61.42
N ILE C 2578 -7.54 54.74 -61.20
CA ILE C 2578 -7.49 55.44 -60.02
C ILE C 2578 -7.64 54.66 -58.87
N ILE C 2579 -8.60 53.79 -58.88
CA ILE C 2579 -8.82 53.27 -57.60
C ILE C 2579 -8.20 52.05 -57.55
N ILE C 2580 -8.47 51.26 -58.50
CA ILE C 2580 -7.91 50.09 -57.98
C ILE C 2580 -6.50 50.25 -57.68
N VAL C 2581 -5.72 50.80 -58.60
CA VAL C 2581 -4.31 50.81 -58.20
C VAL C 2581 -3.99 51.75 -57.07
N LEU C 2582 -4.73 52.84 -56.90
CA LEU C 2582 -4.38 53.69 -55.83
C LEU C 2582 -4.62 53.14 -54.51
N ASN C 2583 -5.77 52.46 -54.26
CA ASN C 2583 -5.89 51.83 -52.87
C ASN C 2583 -4.82 50.68 -53.01
N LEU C 2584 -4.57 50.03 -54.16
CA LEU C 2584 -3.49 49.08 -54.24
C LEU C 2584 -2.08 49.57 -53.84
N ILE C 2585 -1.66 50.76 -54.24
CA ILE C 2585 -0.37 51.25 -53.90
C ILE C 2585 -0.26 51.43 -52.53
N PHE C 2586 -1.27 51.98 -51.93
CA PHE C 2586 -1.18 52.16 -50.55
C PHE C 2586 -1.08 50.79 -49.91
N GLY C 2587 -1.96 50.03 -50.36
CA GLY C 2587 -2.24 48.88 -49.54
C GLY C 2587 -1.03 48.41 -48.76
N VAL C 2588 0.05 48.21 -49.49
CA VAL C 2588 1.26 47.69 -48.90
C VAL C 2588 1.83 48.70 -47.92
N ILE C 2589 1.51 49.96 -48.16
CA ILE C 2589 1.81 51.01 -47.21
C ILE C 2589 0.97 50.84 -45.95
N ILE C 2590 -0.20 50.22 -46.06
CA ILE C 2590 -0.97 50.19 -44.84
C ILE C 2590 -1.05 48.81 -44.24
N ASP C 2591 -0.66 47.79 -44.97
CA ASP C 2591 -0.44 46.54 -44.24
C ASP C 2591 0.96 46.52 -43.67
N THR C 2592 1.79 47.49 -44.08
CA THR C 2592 2.99 47.80 -43.34
C THR C 2592 2.67 48.03 -41.87
N PHE C 2593 1.87 49.05 -41.60
CA PHE C 2593 1.58 49.42 -40.23
C PHE C 2593 0.63 48.46 -39.59
N ALA C 2594 -0.11 47.71 -40.37
CA ALA C 2594 -0.81 46.63 -39.75
C ALA C 2594 0.15 45.54 -39.32
N ASP C 2595 1.19 45.28 -40.10
CA ASP C 2595 2.19 44.33 -39.65
C ASP C 2595 3.00 44.89 -38.53
N LEU C 2596 3.37 46.17 -38.64
CA LEU C 2596 4.52 46.71 -37.93
C LEU C 2596 4.31 46.65 -36.43
N ARG C 2597 3.13 46.99 -35.97
CA ARG C 2597 2.92 46.79 -34.56
C ARG C 2597 2.67 45.32 -34.27
N SER C 2598 2.10 44.57 -35.23
CA SER C 2598 1.50 43.27 -34.90
C SER C 2598 2.55 42.27 -34.47
N GLU C 2599 3.75 42.41 -35.01
CA GLU C 2599 4.87 41.66 -34.48
C GLU C 2599 5.34 42.25 -33.16
N LYS C 2600 5.20 43.57 -33.02
CA LYS C 2600 6.05 44.28 -32.06
C LYS C 2600 5.63 44.02 -30.62
N GLN C 2601 4.33 43.98 -30.32
CA GLN C 2601 3.93 43.64 -28.96
C GLN C 2601 4.27 42.19 -28.63
N LYS C 2602 4.39 41.34 -29.64
CA LYS C 2602 4.86 40.01 -29.39
C LYS C 2602 6.34 40.02 -29.06
N LYS C 2603 7.06 40.98 -29.62
CA LYS C 2603 8.45 41.12 -29.22
C LYS C 2603 8.53 41.71 -27.82
N GLU C 2604 7.55 42.52 -27.44
CA GLU C 2604 7.47 42.98 -26.08
C GLU C 2604 6.63 42.08 -25.19
N GLU C 2605 5.99 41.06 -25.76
CA GLU C 2605 5.49 39.98 -24.92
C GLU C 2605 6.64 39.29 -24.21
N ILE C 2606 7.73 39.05 -24.92
CA ILE C 2606 8.73 38.17 -24.38
C ILE C 2606 9.61 38.90 -23.36
N LEU C 2607 9.52 40.22 -23.27
CA LEU C 2607 10.24 40.81 -22.16
C LEU C 2607 9.31 41.35 -21.10
N LYS C 2608 8.28 42.09 -21.49
CA LYS C 2608 7.47 42.73 -20.46
C LYS C 2608 6.53 41.72 -19.84
N THR C 2609 5.84 40.94 -20.66
CA THR C 2609 4.87 40.00 -20.11
C THR C 2609 5.57 38.84 -19.46
N THR C 2610 6.22 38.01 -20.27
CA THR C 2610 6.98 36.94 -19.67
C THR C 2610 8.40 37.41 -19.46
N CYS C 2611 9.04 36.79 -18.49
CA CYS C 2611 10.37 37.15 -18.05
C CYS C 2611 11.40 36.29 -18.79
N PHE C 2612 12.61 36.19 -18.25
CA PHE C 2612 13.72 35.42 -18.80
C PHE C 2612 13.46 33.94 -18.54
N ILE C 2613 14.47 33.08 -18.71
CA ILE C 2613 14.32 31.80 -19.38
C ILE C 2613 13.42 30.83 -18.62
N CYS C 2614 12.20 30.82 -19.03
CA CYS C 2614 11.26 29.84 -18.52
C CYS C 2614 10.47 29.21 -19.64
N GLY C 2615 10.25 29.92 -20.75
CA GLY C 2615 9.30 29.52 -21.76
C GLY C 2615 7.94 29.30 -21.16
N LEU C 2616 7.59 30.13 -20.18
CA LEU C 2616 6.45 29.85 -19.33
C LEU C 2616 5.74 31.17 -19.14
N GLU C 2617 4.42 31.13 -19.11
CA GLU C 2617 3.69 32.38 -19.17
C GLU C 2617 3.53 33.03 -17.80
N ARG C 2618 4.28 32.44 -16.85
CA ARG C 2618 4.54 32.86 -15.48
C ARG C 2618 3.56 32.91 -14.36
N ASP C 2619 2.56 33.68 -14.58
CA ASP C 2619 1.69 34.02 -13.50
C ASP C 2619 0.95 32.99 -12.69
N LYS C 2620 0.48 31.89 -13.27
CA LYS C 2620 -0.30 30.95 -12.48
C LYS C 2620 0.53 30.39 -11.35
N PHE C 2621 1.70 29.97 -11.77
CA PHE C 2621 2.67 29.39 -10.93
C PHE C 2621 3.07 30.46 -9.90
N ASP C 2622 3.30 31.69 -10.35
CA ASP C 2622 3.70 32.69 -9.40
C ASP C 2622 2.67 32.99 -8.29
N ASN C 2623 1.37 33.14 -8.59
CA ASN C 2623 0.41 33.43 -7.48
C ASN C 2623 0.35 32.26 -6.57
N LYS C 2624 0.34 31.08 -7.17
CA LYS C 2624 0.26 29.91 -6.38
C LYS C 2624 1.41 29.76 -5.39
N THR C 2625 2.59 30.28 -5.64
CA THR C 2625 3.58 30.02 -4.60
C THR C 2625 4.61 31.00 -4.13
N VAL C 2626 5.11 30.69 -2.93
CA VAL C 2626 6.20 31.36 -2.22
C VAL C 2626 5.87 32.78 -2.20
N THR C 2627 6.93 33.52 -2.45
CA THR C 2627 6.64 34.86 -2.90
C THR C 2627 7.30 34.93 -4.26
N PHE C 2628 6.56 35.40 -5.26
CA PHE C 2628 7.11 35.28 -6.59
C PHE C 2628 7.82 36.54 -7.07
N GLU C 2629 7.45 37.72 -6.55
CA GLU C 2629 7.85 39.08 -6.98
C GLU C 2629 9.29 39.23 -7.21
N GLU C 2630 10.10 38.66 -6.35
CA GLU C 2630 11.54 38.87 -6.31
C GLU C 2630 12.31 37.87 -7.15
N HIS C 2631 11.61 36.99 -7.88
CA HIS C 2631 12.22 36.03 -8.79
C HIS C 2631 13.13 36.69 -9.80
N ILE C 2632 12.81 37.92 -10.17
CA ILE C 2632 13.55 38.60 -11.20
C ILE C 2632 14.84 39.17 -10.64
N LYS C 2633 15.00 39.21 -9.32
CA LYS C 2633 16.28 39.65 -8.82
C LYS C 2633 17.36 38.59 -8.94
N GLU C 2634 17.02 37.30 -8.83
CA GLU C 2634 18.07 36.30 -8.78
C GLU C 2634 18.04 35.29 -9.93
N GLU C 2635 16.93 34.59 -10.16
CA GLU C 2635 17.02 33.36 -10.94
C GLU C 2635 17.04 33.61 -12.43
N HIS C 2636 16.74 34.84 -12.84
CA HIS C 2636 16.67 35.19 -14.24
C HIS C 2636 17.37 36.52 -14.50
N ASN C 2637 18.26 36.93 -13.61
CA ASN C 2637 18.83 38.27 -13.72
C ASN C 2637 20.03 38.23 -14.66
N MET C 2638 19.72 38.60 -15.91
CA MET C 2638 20.60 38.52 -17.05
C MET C 2638 21.79 39.35 -16.73
N TRP C 2639 21.55 40.48 -16.07
CA TRP C 2639 22.64 41.37 -15.70
C TRP C 2639 23.56 40.64 -14.82
N HIS C 2640 23.04 39.92 -13.86
CA HIS C 2640 23.82 39.08 -13.04
C HIS C 2640 24.52 37.99 -13.88
N TYR C 2641 23.94 37.45 -14.95
CA TYR C 2641 24.70 36.45 -15.73
C TYR C 2641 25.95 37.06 -16.33
N LEU C 2642 25.79 38.26 -16.83
CA LEU C 2642 26.89 39.03 -17.36
C LEU C 2642 27.87 39.29 -16.25
N CYS C 2643 27.40 39.61 -15.05
CA CYS C 2643 28.26 39.80 -13.91
C CYS C 2643 29.04 38.55 -13.61
N PHE C 2644 28.42 37.39 -13.72
CA PHE C 2644 29.12 36.16 -13.49
C PHE C 2644 30.27 36.06 -14.46
N ILE C 2645 30.05 36.32 -15.74
CA ILE C 2645 31.17 36.20 -16.61
C ILE C 2645 32.24 37.21 -16.30
N VAL C 2646 31.86 38.45 -15.97
CA VAL C 2646 32.94 39.38 -15.66
C VAL C 2646 33.74 38.99 -14.43
N LEU C 2647 33.10 38.61 -13.34
CA LEU C 2647 33.93 38.28 -12.19
C LEU C 2647 34.77 37.03 -12.46
N VAL C 2648 34.18 36.06 -13.14
CA VAL C 2648 34.95 34.86 -13.40
C VAL C 2648 36.13 35.14 -14.30
N LYS C 2649 35.93 35.97 -15.31
CA LYS C 2649 37.03 36.21 -16.19
C LYS C 2649 38.05 36.97 -15.44
N VAL C 2650 39.29 36.61 -15.61
CA VAL C 2650 40.19 37.41 -14.78
C VAL C 2650 41.33 36.57 -14.21
N LYS C 2651 41.02 35.38 -13.74
CA LYS C 2651 42.07 34.60 -13.12
C LYS C 2651 42.31 33.21 -13.70
N ASP C 2652 43.05 32.41 -12.95
CA ASP C 2652 43.52 31.08 -13.34
C ASP C 2652 42.40 30.08 -13.66
N SER C 2653 41.27 30.22 -12.96
CA SER C 2653 39.96 29.49 -13.04
C SER C 2653 39.89 28.29 -12.16
N THR C 2654 41.06 27.86 -11.74
CA THR C 2654 41.09 26.74 -10.87
C THR C 2654 40.51 27.22 -9.58
N GLU C 2655 40.95 28.39 -9.13
CA GLU C 2655 40.42 28.88 -7.90
C GLU C 2655 38.96 29.12 -8.02
N TYR C 2656 38.35 28.70 -6.95
CA TYR C 2656 36.91 28.74 -6.64
C TYR C 2656 36.13 27.73 -7.46
N THR C 2657 36.69 26.55 -7.64
CA THR C 2657 36.24 25.61 -8.66
C THR C 2657 34.94 24.93 -8.22
N GLY C 2658 34.56 23.90 -8.95
CA GLY C 2658 33.28 23.26 -8.77
C GLY C 2658 32.24 23.71 -9.78
N PRO C 2659 31.79 24.93 -9.70
CA PRO C 2659 31.04 25.47 -10.84
C PRO C 2659 31.99 26.10 -11.81
N GLU C 2660 33.10 26.58 -11.26
CA GLU C 2660 34.03 27.40 -12.02
C GLU C 2660 34.76 26.58 -13.05
N SER C 2661 35.60 25.69 -12.57
CA SER C 2661 36.41 24.91 -13.47
C SER C 2661 35.58 23.87 -14.19
N TYR C 2662 34.38 23.62 -13.70
CA TYR C 2662 33.33 23.08 -14.55
C TYR C 2662 33.19 23.92 -15.78
N VAL C 2663 32.69 25.14 -15.64
CA VAL C 2663 32.37 25.89 -16.84
C VAL C 2663 33.60 26.48 -17.48
N ALA C 2664 34.73 26.54 -16.77
CA ALA C 2664 35.95 27.16 -17.31
C ALA C 2664 36.51 26.37 -18.48
N GLU C 2665 36.17 25.09 -18.61
CA GLU C 2665 36.38 24.40 -19.86
C GLU C 2665 35.20 24.53 -20.79
N MET C 2666 33.99 24.68 -20.23
CA MET C 2666 32.77 24.54 -21.01
C MET C 2666 32.59 25.64 -22.03
N ILE C 2667 33.27 26.77 -21.87
CA ILE C 2667 33.17 27.79 -22.91
C ILE C 2667 34.02 27.42 -24.11
N ARG C 2668 35.03 26.56 -23.93
CA ARG C 2668 35.95 26.25 -25.02
C ARG C 2668 35.27 25.44 -26.11
N GLU C 2669 34.40 24.52 -25.71
CA GLU C 2669 33.67 23.70 -26.65
C GLU C 2669 32.23 24.14 -26.79
N ARG C 2670 31.88 25.27 -26.15
CA ARG C 2670 30.81 26.20 -26.55
C ARG C 2670 29.45 25.54 -26.64
N ASN C 2671 29.22 24.51 -25.85
CA ASN C 2671 28.21 23.52 -26.19
C ASN C 2671 26.79 23.92 -25.87
N LEU C 2672 26.51 25.21 -25.73
CA LEU C 2672 25.20 25.81 -25.91
C LEU C 2672 24.20 25.43 -24.82
N ASP C 2673 24.65 24.83 -23.73
CA ASP C 2673 23.68 24.24 -22.81
C ASP C 2673 24.00 24.53 -21.35
N TRP C 2674 24.30 25.77 -21.00
CA TRP C 2674 24.65 26.05 -19.62
C TRP C 2674 23.48 26.47 -18.78
N PHE C 2675 22.46 26.87 -19.37
CA PHE C 2675 21.70 27.88 -18.68
C PHE C 2675 20.37 27.33 -18.20
N PRO C 2676 19.75 27.94 -17.18
CA PRO C 2676 18.57 27.32 -16.55
C PRO C 2676 17.37 27.33 -17.47
N ARG C 2677 17.38 26.34 -18.36
CA ARG C 2677 16.44 26.26 -19.45
C ARG C 2677 15.00 26.11 -18.99
N MET C 2678 14.65 25.00 -18.37
CA MET C 2678 13.44 25.03 -17.57
C MET C 2678 13.55 24.22 -16.28
N ARG C 2679 14.47 23.24 -16.22
CA ARG C 2679 14.23 22.09 -15.35
C ARG C 2679 14.55 22.44 -13.90
N ALA C 2680 15.38 23.47 -13.67
CA ALA C 2680 15.82 23.80 -12.32
C ALA C 2680 14.70 24.38 -11.48
N MET C 2681 14.25 25.60 -11.82
CA MET C 2681 13.00 26.28 -11.45
C MET C 2681 12.84 26.56 -9.95
N SER C 2682 13.52 25.73 -9.19
CA SER C 2682 13.30 25.75 -7.77
C SER C 2682 11.95 25.02 -7.57
N LEU C 2683 11.53 24.93 -6.31
CA LEU C 2683 10.25 24.36 -5.85
C LEU C 2683 10.05 22.84 -6.00
N VAL C 2684 8.88 22.37 -5.59
CA VAL C 2684 8.55 20.95 -5.65
C VAL C 2684 9.44 20.13 -4.72
N SER C 2685 9.83 20.75 -3.60
CA SER C 2685 10.67 20.09 -2.61
C SER C 2685 9.94 18.88 -2.02
N SER C 2686 8.64 19.04 -1.77
CA SER C 2686 7.79 17.98 -1.24
C SER C 2686 8.30 17.38 0.08
N ASP C 2687 8.74 18.23 0.99
CA ASP C 2687 9.24 17.81 2.30
C ASP C 2687 10.34 16.76 2.15
N SER C 2688 11.30 17.05 1.28
CA SER C 2688 12.44 16.18 0.99
C SER C 2688 12.01 14.78 0.52
N GLU C 2689 10.99 14.76 -0.33
CA GLU C 2689 10.45 13.52 -0.90
C GLU C 2689 10.04 12.48 0.13
N GLY C 2690 9.38 12.91 1.19
CA GLY C 2690 8.94 11.98 2.22
C GLY C 2690 10.08 11.16 2.78
N GLU C 2691 11.18 11.84 3.11
CA GLU C 2691 12.39 11.22 3.66
C GLU C 2691 12.94 10.12 2.75
N GLN C 2692 12.95 10.42 1.46
CA GLN C 2692 13.44 9.52 0.41
C GLN C 2692 12.75 8.16 0.37
N ASN C 2693 11.44 8.15 0.59
CA ASN C 2693 10.68 6.91 0.55
C ASN C 2693 9.93 6.74 -0.77
N GLU C 2694 10.17 5.60 -1.41
CA GLU C 2694 9.54 5.23 -2.73
C GLU C 2694 8.02 4.84 -2.97
N LEU C 2695 7.78 4.35 -4.19
CA LEU C 2695 6.46 3.95 -4.82
C LEU C 2695 5.67 2.63 -4.47
N ARG C 2696 4.44 2.52 -5.01
CA ARG C 2696 3.51 1.42 -4.71
C ARG C 2696 4.39 0.25 -4.15
N ASN C 2697 5.51 0.11 -4.85
CA ASN C 2697 6.51 -0.92 -4.60
C ASN C 2697 7.20 -0.93 -3.26
N LEU C 2698 7.53 0.24 -2.72
CA LEU C 2698 8.22 0.26 -1.43
C LEU C 2698 7.35 -0.35 -0.35
N GLN C 2699 6.06 0.01 -0.36
CA GLN C 2699 5.12 -0.54 0.61
C GLN C 2699 5.00 -2.04 0.39
N GLU C 2700 4.93 -2.46 -0.88
CA GLU C 2700 4.86 -3.91 -1.11
C GLU C 2700 6.10 -4.65 -0.55
N LYS C 2701 7.28 -4.05 -0.74
CA LYS C 2701 8.54 -4.60 -0.27
C LYS C 2701 8.55 -4.71 1.25
N LEU C 2702 8.00 -3.70 1.91
CA LEU C 2702 7.95 -3.73 3.37
C LEU C 2702 7.09 -4.91 3.81
N GLU C 2703 5.96 -5.11 3.14
CA GLU C 2703 5.11 -6.23 3.51
C GLU C 2703 5.86 -7.53 3.34
N SER C 2704 6.57 -7.68 2.23
CA SER C 2704 7.27 -8.91 2.02
C SER C 2704 8.33 -9.16 3.08
N THR C 2705 9.08 -8.13 3.44
CA THR C 2705 10.12 -8.33 4.43
C THR C 2705 9.54 -8.76 5.75
N MET C 2706 8.46 -8.09 6.15
CA MET C 2706 7.85 -8.43 7.43
C MET C 2706 7.37 -9.87 7.40
N LYS C 2707 6.70 -10.22 6.31
CA LYS C 2707 6.14 -11.54 6.19
C LYS C 2707 7.24 -12.56 6.26
N LEU C 2708 8.33 -12.36 5.54
CA LEU C 2708 9.37 -13.36 5.55
C LEU C 2708 9.99 -13.58 6.92
N VAL C 2709 10.31 -12.48 7.61
CA VAL C 2709 10.97 -12.71 8.90
C VAL C 2709 10.03 -13.39 9.87
N THR C 2710 8.78 -12.94 9.87
CA THR C 2710 7.82 -13.52 10.79
C THR C 2710 7.59 -14.98 10.50
N ASN C 2711 7.49 -15.29 9.21
CA ASN C 2711 7.23 -16.65 8.71
C ASN C 2711 8.36 -17.64 8.91
N LEU C 2712 9.56 -17.16 9.13
CA LEU C 2712 10.68 -18.09 9.30
C LEU C 2712 10.60 -19.04 10.51
N SER C 2713 9.60 -18.91 11.39
CA SER C 2713 9.57 -19.83 12.56
C SER C 2713 8.37 -20.75 12.94
N GLY C 2714 7.17 -20.16 12.92
CA GLY C 2714 6.00 -20.85 13.40
C GLY C 2714 5.53 -22.14 12.77
N GLN C 2715 5.51 -22.22 11.45
CA GLN C 2715 5.05 -23.48 10.88
C GLN C 2715 5.97 -24.64 11.22
N LEU C 2716 7.27 -24.37 11.33
CA LEU C 2716 8.21 -25.42 11.65
C LEU C 2716 7.87 -26.00 13.02
N SER C 2717 7.58 -25.10 13.93
CA SER C 2717 7.25 -25.46 15.29
C SER C 2717 5.98 -26.29 15.33
N GLU C 2718 5.02 -25.83 14.55
CA GLU C 2718 3.74 -26.49 14.50
C GLU C 2718 3.91 -27.90 13.99
N LEU C 2719 4.70 -28.06 12.94
CA LEU C 2719 4.89 -29.38 12.39
C LEU C 2719 5.55 -30.29 13.40
N LYS C 2720 6.54 -29.79 14.13
CA LYS C 2720 7.20 -30.64 15.10
C LYS C 2720 6.21 -31.09 16.16
N ASP C 2721 5.43 -30.15 16.67
CA ASP C 2721 4.49 -30.59 17.70
C ASP C 2721 3.43 -31.55 17.20
N GLN C 2722 2.99 -31.32 15.97
CA GLN C 2722 1.99 -32.15 15.35
C GLN C 2722 2.51 -33.57 15.27
N MET C 2723 3.76 -33.71 14.83
CA MET C 2723 4.35 -35.02 14.71
C MET C 2723 4.42 -35.66 16.08
N THR C 2724 4.83 -34.92 17.10
CA THR C 2724 4.91 -35.55 18.42
C THR C 2724 3.55 -36.05 18.92
N GLU C 2725 2.51 -35.25 18.73
CA GLU C 2725 1.17 -35.67 19.17
C GLU C 2725 0.70 -36.90 18.43
N GLN C 2726 0.99 -36.92 17.14
CA GLN C 2726 0.62 -38.01 16.28
C GLN C 2726 1.34 -39.28 16.70
N ARG C 2727 2.60 -39.14 17.08
CA ARG C 2727 3.43 -40.23 17.55
C ARG C 2727 2.80 -40.80 18.80
N LYS C 2728 2.36 -39.92 19.69
CA LYS C 2728 1.69 -40.42 20.86
C LYS C 2728 0.39 -41.17 20.59
N GLN C 2729 -0.46 -40.69 19.68
CA GLN C 2729 -1.67 -41.47 19.47
C GLN C 2729 -1.34 -42.85 18.92
N LYS C 2730 -0.50 -42.89 17.90
CA LYS C 2730 -0.04 -44.17 17.40
C LYS C 2730 0.29 -45.13 18.53
N GLN C 2731 0.86 -44.62 19.62
CA GLN C 2731 1.20 -45.44 20.77
C GLN C 2731 -0.06 -46.04 21.37
N ARG C 2732 -1.11 -45.22 21.46
CA ARG C 2732 -2.40 -45.69 21.95
C ARG C 2732 -2.97 -46.74 21.00
N ILE C 2733 -2.80 -46.50 19.70
CA ILE C 2733 -3.24 -47.44 18.68
C ILE C 2733 -2.53 -48.77 18.83
N GLY C 2734 -1.23 -48.72 19.14
CA GLY C 2734 -0.43 -49.90 19.35
C GLY C 2734 -0.99 -50.64 20.53
N LEU C 2735 -1.34 -49.93 21.61
CA LEU C 2735 -1.93 -50.59 22.76
C LEU C 2735 -3.27 -51.23 22.42
N LEU C 2736 -4.05 -50.55 21.59
CA LEU C 2736 -5.35 -51.05 21.17
C LEU C 2736 -5.21 -52.35 20.38
N GLY C 2737 -4.17 -52.45 19.55
CA GLY C 2737 -3.93 -53.63 18.75
C GLY C 2737 -2.86 -54.53 19.34
N HIS C 2738 -2.58 -54.32 20.62
CA HIS C 2738 -1.51 -55.03 21.33
C HIS C 2738 -1.58 -56.52 21.65
N PRO C 2739 -2.74 -57.19 21.57
CA PRO C 2739 -2.06 -58.41 22.06
C PRO C 2739 -1.37 -59.18 20.94
N LYS D 4 -6.18 -11.22 32.30
CA LYS D 4 -5.38 -11.53 33.48
C LYS D 4 -4.26 -10.52 33.66
N MET D 5 -4.32 -9.42 32.92
CA MET D 5 -3.35 -8.35 33.11
C MET D 5 -3.61 -7.63 34.44
N SER D 6 -4.85 -7.22 34.67
CA SER D 6 -5.34 -6.83 35.99
C SER D 6 -6.85 -6.97 35.94
N SER D 7 -7.47 -7.14 37.11
CA SER D 7 -8.90 -7.33 37.16
C SER D 7 -9.62 -5.99 37.37
N PHE D 8 -10.96 -6.08 37.44
CA PHE D 8 -11.82 -5.06 38.05
C PHE D 8 -11.78 -3.72 37.30
N LEU D 9 -12.29 -3.74 36.07
CA LEU D 9 -12.12 -2.63 35.12
C LEU D 9 -13.43 -2.06 34.59
N HIS D 10 -14.58 -2.40 35.16
CA HIS D 10 -15.84 -2.17 34.48
C HIS D 10 -16.93 -1.96 35.52
N ILE D 11 -17.54 -0.77 35.55
CA ILE D 11 -18.68 -0.57 36.44
C ILE D 11 -19.87 -1.39 35.95
N GLY D 12 -20.60 -1.94 36.89
CA GLY D 12 -21.60 -2.93 36.60
C GLY D 12 -21.23 -4.34 37.00
N ASP D 13 -20.42 -4.50 38.05
CA ASP D 13 -19.90 -5.80 38.39
C ASP D 13 -20.95 -6.62 39.12
N ILE D 14 -20.71 -7.93 39.14
CA ILE D 14 -21.61 -8.90 39.74
C ILE D 14 -20.90 -9.41 40.99
N CYS D 15 -21.17 -8.79 42.13
CA CYS D 15 -20.38 -9.01 43.32
C CYS D 15 -21.30 -9.12 44.52
N SER D 16 -20.72 -9.03 45.70
CA SER D 16 -21.45 -9.09 46.95
C SER D 16 -20.61 -8.41 48.02
N LEU D 17 -21.12 -8.39 49.25
CA LEU D 17 -20.44 -7.70 50.33
C LEU D 17 -20.51 -8.52 51.61
N TYR D 18 -19.56 -8.22 52.50
CA TYR D 18 -19.43 -8.94 53.76
C TYR D 18 -18.91 -7.97 54.81
N ALA D 19 -19.50 -8.05 56.00
CA ALA D 19 -19.04 -7.25 57.12
C ALA D 19 -17.88 -7.94 57.81
N GLU D 20 -16.92 -7.16 58.26
CA GLU D 20 -15.73 -7.67 58.91
C GLU D 20 -15.43 -6.80 60.12
N GLY D 21 -15.00 -7.44 61.21
CA GLY D 21 -14.66 -6.71 62.41
C GLY D 21 -15.41 -7.16 63.64
N SER D 22 -16.25 -6.28 64.18
CA SER D 22 -16.98 -6.58 65.42
C SER D 22 -18.01 -7.66 65.20
N THR D 23 -19.00 -7.40 64.35
CA THR D 23 -19.97 -8.40 63.95
C THR D 23 -19.75 -8.66 62.47
N ASN D 24 -19.51 -9.92 62.13
CA ASN D 24 -19.09 -10.23 60.77
C ASN D 24 -20.27 -10.85 60.02
N GLY D 25 -21.11 -9.98 59.45
CA GLY D 25 -22.26 -10.39 58.70
C GLY D 25 -22.16 -10.03 57.23
N PHE D 26 -23.32 -9.94 56.61
CA PHE D 26 -23.48 -9.72 55.18
C PHE D 26 -24.51 -8.62 54.97
N ILE D 27 -24.62 -8.14 53.73
CA ILE D 27 -25.64 -7.14 53.41
C ILE D 27 -26.97 -7.82 53.20
N SER D 28 -27.86 -7.71 54.18
CA SER D 28 -29.05 -8.54 54.22
C SER D 28 -30.28 -7.65 54.32
N THR D 29 -31.03 -7.56 53.22
CA THR D 29 -32.32 -6.90 53.26
C THR D 29 -33.31 -7.80 53.99
N LEU D 30 -33.75 -7.38 55.16
CA LEU D 30 -34.79 -8.12 55.85
C LEU D 30 -36.07 -7.97 55.04
N GLY D 31 -36.37 -8.98 54.24
CA GLY D 31 -37.54 -8.92 53.40
C GLY D 31 -37.40 -7.91 52.26
N LEU D 32 -38.53 -7.64 51.62
CA LEU D 32 -38.62 -6.70 50.52
C LEU D 32 -39.25 -5.37 50.92
N VAL D 33 -40.13 -5.39 51.92
CA VAL D 33 -40.86 -4.16 52.27
C VAL D 33 -40.16 -3.33 53.33
N ASP D 34 -39.03 -3.79 53.87
CA ASP D 34 -38.35 -2.99 54.88
C ASP D 34 -37.47 -1.93 54.23
N ASP D 35 -36.76 -1.20 55.06
CA ASP D 35 -36.12 0.05 54.69
C ASP D 35 -34.64 0.11 55.02
N ARG D 36 -34.16 -0.71 55.94
CA ARG D 36 -32.75 -0.77 56.27
C ARG D 36 -32.31 -2.23 56.32
N CYS D 37 -31.07 -2.47 55.94
CA CYS D 37 -30.54 -3.81 55.96
C CYS D 37 -30.17 -4.20 57.37
N VAL D 38 -29.78 -5.45 57.55
CA VAL D 38 -29.41 -5.97 58.85
C VAL D 38 -28.03 -6.60 58.73
N VAL D 39 -27.43 -6.89 59.89
CA VAL D 39 -26.18 -7.62 59.99
C VAL D 39 -26.48 -8.89 60.77
N GLN D 40 -26.50 -10.02 60.09
CA GLN D 40 -26.92 -11.26 60.72
C GLN D 40 -25.73 -12.12 61.03
N PRO D 41 -25.48 -12.45 62.31
CA PRO D 41 -24.66 -13.63 62.62
C PRO D 41 -25.40 -14.93 62.36
N GLU D 42 -26.71 -14.85 62.13
CA GLU D 42 -27.49 -15.95 61.54
C GLU D 42 -26.86 -16.43 60.24
N ALA D 43 -26.31 -15.51 59.45
CA ALA D 43 -25.62 -15.84 58.23
C ALA D 43 -24.35 -16.66 58.51
N GLY D 44 -23.96 -17.47 57.54
CA GLY D 44 -22.84 -18.38 57.65
C GLY D 44 -21.49 -17.70 57.59
N ASP D 45 -20.46 -18.48 57.28
CA ASP D 45 -19.09 -18.02 57.39
C ASP D 45 -18.75 -17.03 56.29
N LEU D 46 -17.64 -16.31 56.49
CA LEU D 46 -17.10 -15.52 55.40
C LEU D 46 -16.55 -16.41 54.30
N ASN D 47 -15.93 -17.53 54.68
CA ASN D 47 -15.49 -18.51 53.70
C ASN D 47 -16.63 -19.42 53.26
N ASN D 48 -17.70 -19.49 54.03
CA ASN D 48 -18.84 -20.35 53.71
C ASN D 48 -20.13 -19.55 53.82
N PRO D 49 -20.59 -18.97 52.71
CA PRO D 49 -21.84 -18.20 52.72
C PRO D 49 -23.04 -19.08 53.06
N PRO D 50 -24.19 -18.49 53.48
CA PRO D 50 -25.31 -19.32 53.95
C PRO D 50 -25.99 -20.12 52.85
N LYS D 51 -27.06 -20.82 53.24
CA LYS D 51 -27.88 -21.52 52.27
C LYS D 51 -28.58 -20.57 51.30
N LYS D 52 -28.86 -19.34 51.74
CA LYS D 52 -29.24 -18.28 50.84
C LYS D 52 -28.20 -17.17 50.95
N PHE D 53 -27.77 -16.65 49.81
CA PHE D 53 -26.84 -15.54 49.80
C PHE D 53 -27.20 -14.54 48.71
N ARG D 54 -28.37 -14.66 48.12
CA ARG D 54 -28.83 -13.83 47.02
C ARG D 54 -29.20 -12.43 47.41
N ASP D 55 -28.86 -11.94 48.59
CA ASP D 55 -29.37 -10.66 49.07
C ASP D 55 -28.35 -9.53 48.93
N CYS D 56 -27.06 -9.86 48.76
CA CYS D 56 -26.01 -8.85 48.59
C CYS D 56 -25.81 -8.49 47.12
N LEU D 57 -26.89 -8.20 46.41
CA LEU D 57 -26.82 -8.04 44.96
C LEU D 57 -26.67 -6.57 44.58
N PHE D 58 -25.47 -6.05 44.80
CA PHE D 58 -25.18 -4.69 44.39
C PHE D 58 -24.39 -4.65 43.10
N LYS D 59 -24.38 -3.47 42.50
CA LYS D 59 -23.85 -3.26 41.16
C LYS D 59 -23.23 -1.87 41.13
N LEU D 60 -22.09 -1.76 40.43
CA LEU D 60 -21.34 -0.51 40.43
C LEU D 60 -22.06 0.52 39.59
N CYS D 61 -22.89 1.31 40.22
CA CYS D 61 -23.71 2.28 39.52
C CYS D 61 -22.95 3.57 39.32
N PRO D 62 -23.16 4.23 38.19
CA PRO D 62 -22.58 5.56 37.98
C PRO D 62 -23.24 6.60 38.85
N MET D 63 -22.65 7.78 38.95
CA MET D 63 -23.21 8.85 39.77
C MET D 63 -24.13 9.68 38.89
N ASN D 64 -25.39 9.29 38.83
CA ASN D 64 -26.39 10.08 38.12
C ASN D 64 -26.79 11.28 38.98
N ARG D 65 -27.54 12.19 38.38
CA ARG D 65 -27.99 13.40 39.03
C ARG D 65 -29.33 13.16 39.70
N TYR D 66 -29.75 14.13 40.52
CA TYR D 66 -31.06 14.04 41.17
C TYR D 66 -31.78 15.37 41.23
N SER D 67 -31.20 16.41 40.64
CA SER D 67 -31.69 17.78 40.86
C SER D 67 -33.03 18.02 40.18
N ALA D 68 -33.17 17.55 38.94
CA ALA D 68 -34.47 17.59 38.28
C ALA D 68 -35.47 16.71 38.99
N GLN D 69 -35.03 15.57 39.48
CA GLN D 69 -35.87 14.70 40.29
C GLN D 69 -36.19 15.36 41.63
N LYS D 70 -35.24 16.11 42.17
CA LYS D 70 -35.52 16.92 43.33
C LYS D 70 -36.54 18.00 43.02
N GLN D 71 -36.36 18.71 41.91
CA GLN D 71 -37.33 19.72 41.53
C GLN D 71 -38.62 19.12 41.00
N PHE D 72 -38.59 17.86 40.57
CA PHE D 72 -39.82 17.11 40.39
C PHE D 72 -40.56 16.99 41.73
N TRP D 73 -39.81 16.71 42.79
CA TRP D 73 -40.41 16.45 44.10
C TRP D 73 -40.59 17.73 44.90
N LYS D 74 -39.90 18.73 44.41
CA LYS D 74 -40.27 19.99 44.92
C LYS D 74 -41.82 19.92 44.66
N ALA D 75 -42.30 19.19 43.63
CA ALA D 75 -43.69 19.09 43.24
C ALA D 75 -44.67 18.78 44.37
N ALA D 76 -44.31 18.01 45.40
CA ALA D 76 -45.23 17.87 46.53
C ALA D 76 -45.46 19.23 47.24
N LYS D 77 -44.42 20.06 47.33
CA LYS D 77 -44.57 21.41 47.89
C LYS D 77 -45.47 22.19 46.93
N PRO D 78 -45.23 22.08 45.62
CA PRO D 78 -46.30 22.57 44.75
C PRO D 78 -47.70 21.95 44.85
N GLY D 79 -47.87 20.73 45.33
CA GLY D 79 -49.16 20.13 45.63
C GLY D 79 -49.77 20.95 46.78
N ALA D 80 -48.93 21.31 47.75
CA ALA D 80 -49.34 22.19 48.83
C ALA D 80 -49.74 23.58 48.28
N ASN D 81 -49.00 24.01 47.26
CA ASN D 81 -49.22 25.26 46.55
C ASN D 81 -49.08 25.01 45.06
N SER D 82 -49.85 25.72 44.25
CA SER D 82 -49.87 25.52 42.80
C SER D 82 -49.16 26.59 41.96
N THR D 83 -49.77 26.87 40.81
CA THR D 83 -49.38 27.85 39.79
C THR D 83 -48.16 27.45 38.97
N THR D 84 -47.02 27.06 39.53
CA THR D 84 -46.23 26.52 38.45
C THR D 84 -47.47 26.10 37.59
N ASP D 85 -48.11 25.10 38.15
CA ASP D 85 -49.41 24.66 37.73
C ASP D 85 -49.47 24.18 36.31
N ALA D 86 -50.51 23.41 36.05
CA ALA D 86 -50.87 22.98 34.72
C ALA D 86 -49.73 22.42 33.86
N VAL D 87 -49.70 22.93 32.64
CA VAL D 87 -48.75 22.55 31.63
C VAL D 87 -47.34 22.91 32.04
N LEU D 88 -47.17 24.05 32.69
CA LEU D 88 -45.85 24.47 33.11
C LEU D 88 -45.29 23.44 34.04
N LEU D 89 -46.10 23.05 35.02
CA LEU D 89 -45.72 22.11 36.02
C LEU D 89 -45.39 20.76 35.37
N ASN D 90 -46.26 20.36 34.44
CA ASN D 90 -46.06 19.08 33.78
C ASN D 90 -44.77 19.07 32.99
N LYS D 91 -44.63 20.09 32.15
CA LYS D 91 -43.51 20.19 31.31
C LYS D 91 -42.32 20.26 32.20
N LEU D 92 -42.44 20.98 33.30
CA LEU D 92 -41.30 21.10 34.17
C LEU D 92 -40.89 19.74 34.72
N HIS D 93 -41.85 18.98 35.23
CA HIS D 93 -41.50 17.65 35.72
C HIS D 93 -41.27 16.65 34.61
N HIS D 94 -41.85 16.94 33.44
CA HIS D 94 -41.63 16.16 32.24
C HIS D 94 -40.14 16.30 31.85
N ALA D 95 -39.59 17.50 32.00
CA ALA D 95 -38.22 17.84 31.74
C ALA D 95 -37.39 17.12 32.76
N ALA D 96 -37.87 17.05 34.00
CA ALA D 96 -37.15 16.30 35.01
C ALA D 96 -37.05 14.84 34.59
N ASP D 97 -38.15 14.29 34.07
CA ASP D 97 -38.22 12.93 33.57
C ASP D 97 -37.26 12.71 32.40
N LEU D 98 -37.14 13.72 31.55
CA LEU D 98 -36.22 13.65 30.43
C LEU D 98 -34.80 13.59 30.94
N GLU D 99 -34.52 14.35 31.98
CA GLU D 99 -33.25 14.37 32.65
C GLU D 99 -32.97 12.99 33.25
N LYS D 100 -33.97 12.30 33.79
CA LYS D 100 -33.77 10.92 34.28
C LYS D 100 -33.40 9.99 33.12
N LYS D 101 -34.06 10.23 31.98
CA LYS D 101 -33.78 9.48 30.76
C LYS D 101 -32.34 9.73 30.35
N GLN D 102 -31.90 10.99 30.47
CA GLN D 102 -30.56 11.46 30.23
C GLN D 102 -29.57 10.85 31.21
N ASN D 103 -29.98 10.52 32.43
CA ASN D 103 -29.10 9.87 33.38
C ASN D 103 -28.78 8.54 32.81
N GLU D 104 -29.81 7.85 32.31
CA GLU D 104 -29.49 6.61 31.63
C GLU D 104 -28.62 6.89 30.42
N THR D 105 -28.98 7.91 29.65
CA THR D 105 -28.27 8.16 28.43
C THR D 105 -26.97 8.81 28.81
N GLU D 106 -26.39 8.16 29.79
CA GLU D 106 -25.06 8.40 30.34
C GLU D 106 -24.51 7.13 30.88
N ASN D 107 -25.32 6.40 31.64
CA ASN D 107 -24.83 5.17 32.22
C ASN D 107 -24.43 4.11 31.20
N ARG D 108 -25.20 4.04 30.12
CA ARG D 108 -24.88 3.11 29.07
C ARG D 108 -23.51 3.46 28.53
N LYS D 109 -23.29 4.74 28.26
CA LYS D 109 -21.99 5.17 27.76
C LYS D 109 -20.88 4.89 28.78
N LEU D 110 -21.20 5.12 30.05
CA LEU D 110 -20.35 4.97 31.20
C LEU D 110 -19.78 3.58 31.38
N LEU D 111 -20.50 2.54 30.96
CA LEU D 111 -19.91 1.21 31.10
C LEU D 111 -18.53 1.12 30.41
N GLY D 112 -17.55 0.54 31.11
CA GLY D 112 -16.19 0.42 30.64
C GLY D 112 -15.16 0.95 31.61
N THR D 113 -15.60 1.76 32.56
CA THR D 113 -14.67 2.54 33.37
C THR D 113 -13.97 1.68 34.41
N VAL D 114 -12.64 1.80 34.46
CA VAL D 114 -11.85 1.08 35.45
C VAL D 114 -12.12 1.67 36.83
N ILE D 115 -12.59 0.83 37.74
CA ILE D 115 -13.10 1.30 39.01
C ILE D 115 -11.91 1.43 39.97
N GLN D 116 -11.68 2.64 40.47
CA GLN D 116 -10.43 2.93 41.14
C GLN D 116 -10.69 3.50 42.52
N TYR D 117 -9.60 3.88 43.19
CA TYR D 117 -9.65 4.42 44.53
C TYR D 117 -10.16 5.85 44.51
N GLY D 118 -10.81 6.23 45.61
CA GLY D 118 -11.21 7.61 45.83
C GLY D 118 -12.40 8.08 45.02
N ASN D 119 -13.01 7.21 44.22
CA ASN D 119 -14.12 7.65 43.39
C ASN D 119 -15.39 7.80 44.22
N VAL D 120 -16.41 8.36 43.58
CA VAL D 120 -17.73 8.50 44.17
C VAL D 120 -18.69 7.74 43.27
N ILE D 121 -19.28 6.67 43.78
CA ILE D 121 -20.14 5.81 42.99
C ILE D 121 -21.46 5.62 43.71
N GLN D 122 -22.42 5.03 42.99
CA GLN D 122 -23.75 4.77 43.50
C GLN D 122 -23.99 3.27 43.57
N LEU D 123 -25.09 2.88 44.19
CA LEU D 123 -25.46 1.47 44.32
C LEU D 123 -26.95 1.30 44.09
N LEU D 124 -27.35 0.03 44.01
CA LEU D 124 -28.70 -0.42 43.71
C LEU D 124 -28.73 -1.92 43.93
N HIS D 125 -29.83 -2.42 44.48
CA HIS D 125 -29.95 -3.85 44.66
C HIS D 125 -30.38 -4.49 43.34
N LEU D 126 -30.48 -5.82 43.31
CA LEU D 126 -31.10 -6.52 42.20
C LEU D 126 -32.28 -7.37 42.63
N LYS D 127 -32.12 -8.16 43.69
CA LYS D 127 -33.17 -9.04 44.17
C LYS D 127 -34.39 -8.26 44.63
N SER D 128 -34.19 -7.29 45.51
CA SER D 128 -35.23 -6.31 45.75
C SER D 128 -35.21 -5.23 44.70
N ASN D 129 -34.04 -4.97 44.12
CA ASN D 129 -33.80 -3.92 43.13
C ASN D 129 -34.20 -2.55 43.69
N LYS D 130 -33.68 -2.25 44.88
CA LYS D 130 -33.95 -1.00 45.56
C LYS D 130 -32.65 -0.25 45.78
N TYR D 131 -32.77 1.01 46.14
CA TYR D 131 -31.67 1.95 46.08
C TYR D 131 -31.04 2.16 47.46
N LEU D 132 -30.04 3.03 47.50
CA LEU D 132 -29.25 3.31 48.69
C LEU D 132 -29.22 4.81 48.90
N THR D 133 -29.69 5.26 50.05
CA THR D 133 -29.67 6.68 50.37
C THR D 133 -29.65 6.83 51.88
N VAL D 134 -28.65 7.53 52.40
CA VAL D 134 -28.52 7.77 53.83
C VAL D 134 -29.05 9.17 54.13
N ASN D 135 -29.93 9.27 55.10
CA ASN D 135 -30.49 10.55 55.48
C ASN D 135 -29.49 11.38 56.28
N LYS D 136 -29.61 12.70 56.14
CA LYS D 136 -28.80 13.62 56.93
C LYS D 136 -29.57 14.23 58.09
N ARG D 137 -30.89 14.00 58.16
CA ARG D 137 -31.70 14.57 59.22
C ARG D 137 -32.70 13.56 59.78
N LEU D 138 -32.70 12.33 59.29
CA LEU D 138 -33.62 11.32 59.78
C LEU D 138 -32.82 10.19 60.44
N PRO D 139 -33.01 9.94 61.73
CA PRO D 139 -32.08 9.11 62.48
C PRO D 139 -32.39 7.63 62.38
N ALA D 140 -31.62 6.84 63.12
CA ALA D 140 -31.80 5.40 63.18
C ALA D 140 -32.83 5.06 64.25
N LEU D 141 -32.99 3.76 64.51
CA LEU D 141 -33.96 3.32 65.51
C LEU D 141 -33.32 3.27 66.90
N LEU D 142 -32.13 2.70 67.01
CA LEU D 142 -31.47 2.56 68.30
C LEU D 142 -30.94 3.89 68.80
N GLU D 143 -30.01 4.50 68.07
CA GLU D 143 -29.43 5.76 68.47
C GLU D 143 -29.84 6.82 67.47
N LYS D 144 -30.18 8.01 67.98
CA LYS D 144 -30.47 9.14 67.12
C LYS D 144 -29.23 9.65 66.41
N ASN D 145 -28.04 9.43 66.98
CA ASN D 145 -26.81 9.87 66.34
C ASN D 145 -26.52 9.10 65.06
N ALA D 146 -27.00 7.86 64.96
CA ALA D 146 -26.83 7.10 63.75
C ALA D 146 -27.87 7.49 62.72
N MET D 147 -27.46 7.51 61.45
CA MET D 147 -28.32 7.97 60.37
C MET D 147 -28.98 6.80 59.65
N ARG D 148 -30.21 7.03 59.19
CA ARG D 148 -31.01 6.00 58.57
C ARG D 148 -30.52 5.74 57.15
N VAL D 149 -30.26 4.47 56.83
CA VAL D 149 -29.85 4.06 55.51
C VAL D 149 -31.06 3.43 54.83
N THR D 150 -31.53 4.07 53.77
CA THR D 150 -32.87 3.80 53.24
C THR D 150 -32.81 2.96 51.97
N LEU D 151 -33.95 2.37 51.62
CA LEU D 151 -34.11 1.58 50.41
C LEU D 151 -35.13 2.26 49.51
N ASP D 152 -34.64 2.99 48.51
CA ASP D 152 -35.50 3.85 47.72
C ASP D 152 -36.00 3.12 46.48
N GLU D 153 -37.19 3.52 46.03
CA GLU D 153 -37.72 3.08 44.75
C GLU D 153 -36.99 3.76 43.59
N ALA D 154 -36.54 4.99 43.80
CA ALA D 154 -35.96 5.80 42.72
C ALA D 154 -34.49 6.11 42.92
N GLY D 155 -34.05 6.37 44.14
CA GLY D 155 -32.68 6.72 44.40
C GLY D 155 -32.51 8.21 44.59
N ASN D 156 -31.66 8.58 45.53
CA ASN D 156 -31.47 9.98 45.87
C ASN D 156 -30.02 10.23 46.22
N GLU D 157 -29.76 11.41 46.78
CA GLU D 157 -28.42 11.95 46.85
C GLU D 157 -27.58 11.32 47.96
N GLY D 158 -28.18 10.43 48.76
CA GLY D 158 -27.41 9.67 49.73
C GLY D 158 -26.84 8.40 49.13
N SER D 159 -26.85 8.32 47.80
CA SER D 159 -26.17 7.28 47.06
C SER D 159 -24.72 7.66 46.76
N TRP D 160 -24.19 8.63 47.47
CA TRP D 160 -22.94 9.30 47.11
C TRP D 160 -21.87 8.90 48.10
N PHE D 161 -20.90 8.10 47.64
CA PHE D 161 -20.05 7.31 48.51
C PHE D 161 -18.59 7.69 48.32
N TYR D 162 -17.73 7.10 49.14
CA TYR D 162 -16.28 7.23 48.98
C TYR D 162 -15.66 5.85 49.06
N ILE D 163 -15.31 5.30 47.90
CA ILE D 163 -14.77 3.95 47.86
C ILE D 163 -13.34 3.97 48.39
N GLN D 164 -13.20 3.60 49.66
CA GLN D 164 -12.00 3.79 50.45
C GLN D 164 -11.80 2.53 51.28
N PRO D 165 -10.60 1.97 51.29
CA PRO D 165 -10.36 0.79 52.14
C PRO D 165 -10.24 1.13 53.61
N PHE D 166 -9.86 0.13 54.41
CA PHE D 166 -9.86 0.20 55.87
C PHE D 166 -8.96 1.29 56.42
N TYR D 167 -7.65 1.15 56.24
CA TYR D 167 -6.71 2.17 56.65
C TYR D 167 -6.58 3.26 55.60
N LYS D 168 -6.97 2.97 54.36
CA LYS D 168 -6.47 3.63 53.15
C LYS D 168 -4.94 3.60 53.12
N LEU D 169 -4.37 2.41 53.41
CA LEU D 169 -2.96 2.20 53.13
C LEU D 169 -2.72 2.07 51.65
N ARG D 170 -3.63 1.42 50.94
CA ARG D 170 -3.64 1.35 49.49
C ARG D 170 -3.87 2.76 48.96
N SER D 171 -2.84 3.36 48.38
CA SER D 171 -2.81 4.79 48.15
C SER D 171 -3.75 5.18 47.00
N ILE D 172 -4.18 6.45 47.04
CA ILE D 172 -5.34 6.91 46.29
C ILE D 172 -5.00 7.01 44.80
N GLY D 173 -5.89 6.52 43.96
CA GLY D 173 -5.76 6.63 42.53
C GLY D 173 -5.77 5.28 41.84
N ASP D 174 -5.26 4.27 42.53
CA ASP D 174 -5.13 2.94 41.94
C ASP D 174 -6.49 2.25 41.88
N SER D 175 -6.55 1.15 41.14
CA SER D 175 -7.74 0.34 41.04
C SER D 175 -8.04 -0.33 42.38
N VAL D 176 -9.27 -0.78 42.54
CA VAL D 176 -9.65 -1.36 43.82
C VAL D 176 -9.39 -2.86 43.79
N VAL D 177 -8.57 -3.32 44.74
CA VAL D 177 -8.24 -4.72 44.84
C VAL D 177 -9.47 -5.47 45.35
N ILE D 178 -9.76 -6.61 44.73
CA ILE D 178 -10.88 -7.41 45.16
C ILE D 178 -10.51 -8.06 46.48
N GLY D 179 -11.03 -7.50 47.57
CA GLY D 179 -10.68 -7.95 48.90
C GLY D 179 -10.32 -6.78 49.79
N ASP D 180 -10.42 -5.58 49.23
CA ASP D 180 -10.18 -4.37 50.02
C ASP D 180 -11.29 -4.21 51.05
N LYS D 181 -10.91 -3.88 52.28
CA LYS D 181 -11.86 -3.70 53.35
C LYS D 181 -12.50 -2.33 53.25
N VAL D 182 -13.49 -2.21 52.37
CA VAL D 182 -13.94 -0.93 51.86
C VAL D 182 -14.77 -0.14 52.87
N VAL D 183 -14.15 0.86 53.50
CA VAL D 183 -14.84 1.74 54.44
C VAL D 183 -15.35 2.93 53.62
N LEU D 184 -16.64 2.94 53.32
CA LEU D 184 -17.24 4.00 52.54
C LEU D 184 -17.49 5.24 53.39
N ASN D 185 -17.92 6.29 52.73
CA ASN D 185 -18.27 7.51 53.43
C ASN D 185 -19.31 8.24 52.60
N PRO D 186 -20.46 8.59 53.18
CA PRO D 186 -21.41 9.46 52.49
C PRO D 186 -20.82 10.85 52.25
N VAL D 187 -21.00 11.33 51.02
CA VAL D 187 -20.52 12.65 50.65
C VAL D 187 -21.31 13.73 51.37
N ASN D 188 -22.61 13.79 51.12
CA ASN D 188 -23.42 14.86 51.66
C ASN D 188 -23.78 14.61 53.12
N ALA D 189 -24.06 13.35 53.48
CA ALA D 189 -24.57 13.07 54.81
C ALA D 189 -23.48 13.07 55.88
N GLY D 190 -22.22 12.90 55.50
CA GLY D 190 -21.18 12.93 56.51
C GLY D 190 -20.83 11.55 57.04
N GLN D 191 -21.47 11.19 58.17
CA GLN D 191 -21.31 9.99 59.00
C GLN D 191 -21.10 8.71 58.20
N PRO D 192 -19.96 8.05 58.36
CA PRO D 192 -19.75 6.76 57.68
C PRO D 192 -20.64 5.67 58.27
N LEU D 193 -20.70 4.56 57.54
CA LEU D 193 -21.61 3.47 57.86
C LEU D 193 -21.13 2.69 59.08
N HIS D 194 -22.08 2.13 59.82
CA HIS D 194 -21.78 1.35 61.02
C HIS D 194 -22.55 0.04 60.96
N ALA D 195 -21.89 -1.03 61.37
CA ALA D 195 -22.56 -2.28 61.71
C ALA D 195 -22.81 -2.27 63.21
N SER D 196 -23.88 -1.60 63.60
CA SER D 196 -24.21 -1.46 65.02
C SER D 196 -24.77 -2.76 65.56
N SER D 197 -24.04 -3.38 66.49
CA SER D 197 -24.44 -4.65 67.04
C SER D 197 -25.59 -4.50 68.02
N HIS D 198 -26.83 -4.57 67.53
CA HIS D 198 -28.00 -4.38 68.37
C HIS D 198 -29.12 -5.29 67.90
N GLN D 199 -29.82 -5.89 68.86
CA GLN D 199 -30.89 -6.82 68.58
C GLN D 199 -32.07 -6.10 67.92
N LEU D 200 -32.72 -6.78 66.98
CA LEU D 200 -33.75 -6.17 66.18
C LEU D 200 -35.05 -6.96 66.29
N VAL D 201 -36.13 -6.37 65.79
CA VAL D 201 -37.46 -6.97 65.89
C VAL D 201 -37.53 -8.19 64.99
N ASP D 202 -38.03 -9.31 65.55
CA ASP D 202 -38.08 -10.64 64.94
C ASP D 202 -36.69 -11.14 64.57
N ASN D 203 -35.67 -10.70 65.31
CA ASN D 203 -34.28 -10.86 64.92
C ASN D 203 -33.42 -11.09 66.14
N PRO D 204 -33.05 -12.33 66.45
CA PRO D 204 -32.21 -12.57 67.64
C PRO D 204 -30.80 -11.98 67.65
N GLY D 205 -29.93 -12.04 66.62
CA GLY D 205 -30.07 -12.63 65.28
C GLY D 205 -29.64 -11.72 64.17
N CYS D 206 -29.97 -10.43 64.28
CA CYS D 206 -29.62 -9.44 63.28
C CYS D 206 -29.27 -8.13 63.95
N ASN D 207 -28.43 -7.35 63.27
CA ASN D 207 -27.89 -6.11 63.81
C ASN D 207 -28.04 -4.99 62.80
N GLU D 208 -28.32 -3.79 63.31
CA GLU D 208 -28.83 -2.70 62.49
C GLU D 208 -27.73 -2.09 61.64
N VAL D 209 -28.02 -1.92 60.35
CA VAL D 209 -27.13 -1.22 59.43
C VAL D 209 -27.45 0.26 59.49
N ASN D 210 -26.46 1.07 59.86
CA ASN D 210 -26.70 2.49 60.10
C ASN D 210 -25.42 3.27 59.88
N SER D 211 -25.51 4.58 60.01
CA SER D 211 -24.43 5.48 59.62
C SER D 211 -23.99 6.34 60.80
N VAL D 212 -22.80 6.05 61.35
CA VAL D 212 -22.22 6.85 62.42
C VAL D 212 -20.71 6.63 62.43
N ASN D 213 -19.97 7.62 62.95
CA ASN D 213 -18.52 7.59 63.07
C ASN D 213 -18.03 6.38 63.86
N CYS D 214 -17.34 5.47 63.19
CA CYS D 214 -16.86 4.23 63.79
C CYS D 214 -15.71 3.71 62.93
N ASN D 215 -15.38 2.44 63.12
CA ASN D 215 -14.28 1.79 62.40
C ASN D 215 -14.79 0.51 61.73
N THR D 216 -15.90 0.62 61.01
CA THR D 216 -16.57 -0.53 60.41
C THR D 216 -15.94 -0.88 59.08
N SER D 217 -15.31 -2.06 58.99
CA SER D 217 -14.70 -2.53 57.76
C SER D 217 -15.67 -3.39 56.96
N TRP D 218 -15.27 -3.68 55.73
CA TRP D 218 -16.10 -4.41 54.77
C TRP D 218 -15.18 -5.35 54.00
N LYS D 219 -15.64 -5.82 52.85
CA LYS D 219 -14.77 -6.49 51.90
C LYS D 219 -15.36 -6.39 50.51
N ILE D 220 -14.51 -6.14 49.52
CA ILE D 220 -14.89 -6.40 48.14
C ILE D 220 -15.00 -7.90 47.93
N VAL D 221 -16.21 -8.38 47.67
CA VAL D 221 -16.46 -9.81 47.53
C VAL D 221 -17.02 -10.05 46.15
N LEU D 222 -16.18 -10.53 45.25
CA LEU D 222 -16.60 -10.87 43.89
C LEU D 222 -17.57 -12.04 43.89
N PHE D 223 -18.57 -11.94 43.02
CA PHE D 223 -19.37 -13.10 42.66
C PHE D 223 -19.14 -13.52 41.22
N MET D 224 -19.11 -12.57 40.29
CA MET D 224 -19.03 -12.92 38.89
C MET D 224 -18.48 -11.74 38.11
N LYS D 225 -17.75 -12.04 37.03
CA LYS D 225 -17.16 -10.99 36.21
C LYS D 225 -18.23 -10.20 35.48
N TRP D 226 -17.84 -8.97 35.10
CA TRP D 226 -18.75 -8.06 34.42
C TRP D 226 -19.18 -8.55 33.06
N SER D 227 -18.39 -9.41 32.44
CA SER D 227 -18.68 -9.87 31.08
C SER D 227 -19.87 -10.81 31.04
N ASP D 228 -20.34 -11.29 32.19
CA ASP D 228 -21.59 -12.03 32.29
C ASP D 228 -22.79 -11.12 32.50
N ASN D 229 -22.70 -9.86 32.09
CA ASN D 229 -23.86 -8.99 32.03
C ASN D 229 -24.72 -9.26 30.81
N LYS D 230 -24.25 -10.10 29.88
CA LYS D 230 -25.07 -10.53 28.75
C LYS D 230 -26.23 -11.36 29.25
N ASP D 231 -27.45 -10.83 29.09
CA ASP D 231 -28.65 -11.41 29.68
C ASP D 231 -29.00 -12.77 29.08
N ASP D 232 -28.65 -12.99 27.81
CA ASP D 232 -28.81 -14.30 27.21
C ASP D 232 -27.89 -15.34 27.84
N ILE D 233 -26.68 -14.92 28.21
CA ILE D 233 -25.63 -15.82 28.68
C ILE D 233 -26.05 -16.42 30.01
N LEU D 234 -26.38 -17.70 30.00
CA LEU D 234 -26.86 -18.38 31.21
C LEU D 234 -25.71 -18.64 32.16
N LYS D 235 -25.40 -17.64 32.99
CA LYS D 235 -24.31 -17.73 33.94
C LYS D 235 -24.87 -17.60 35.35
N GLY D 236 -23.95 -17.52 36.30
CA GLY D 236 -24.23 -17.25 37.69
C GLY D 236 -25.26 -18.06 38.41
N GLY D 237 -26.10 -17.35 39.13
CA GLY D 237 -27.16 -17.92 39.90
C GLY D 237 -28.44 -17.74 39.12
N ASP D 238 -28.33 -17.36 37.86
CA ASP D 238 -29.56 -17.13 37.13
C ASP D 238 -30.48 -18.33 37.29
N VAL D 239 -31.78 -18.07 37.17
CA VAL D 239 -32.80 -19.08 37.44
C VAL D 239 -33.42 -19.57 36.14
N VAL D 240 -33.87 -20.82 36.17
CA VAL D 240 -34.37 -21.51 34.98
C VAL D 240 -35.72 -22.12 35.31
N ARG D 241 -36.28 -22.81 34.33
CA ARG D 241 -37.42 -23.68 34.54
C ARG D 241 -37.09 -25.05 33.99
N LEU D 242 -37.33 -26.09 34.78
CA LEU D 242 -37.08 -27.46 34.35
C LEU D 242 -38.34 -28.03 33.69
N PHE D 243 -38.58 -27.56 32.47
CA PHE D 243 -39.81 -27.83 31.74
C PHE D 243 -39.48 -28.72 30.55
N HIS D 244 -40.07 -29.92 30.53
CA HIS D 244 -39.89 -30.83 29.42
C HIS D 244 -40.73 -30.37 28.23
N ALA D 245 -40.37 -30.84 27.04
CA ALA D 245 -40.99 -30.32 25.82
C ALA D 245 -41.76 -31.36 25.02
N GLU D 246 -41.37 -32.63 25.04
CA GLU D 246 -42.16 -33.61 24.32
C GLU D 246 -43.40 -33.98 25.12
N GLN D 247 -43.30 -33.87 26.44
CA GLN D 247 -44.46 -34.04 27.29
C GLN D 247 -45.13 -32.71 27.62
N GLU D 248 -44.40 -31.60 27.48
CA GLU D 248 -44.83 -30.24 27.84
C GLU D 248 -45.27 -30.17 29.29
N LYS D 249 -44.40 -30.64 30.18
CA LYS D 249 -44.67 -30.63 31.61
C LYS D 249 -43.41 -30.20 32.35
N PHE D 250 -43.59 -29.36 33.36
CA PHE D 250 -42.46 -28.91 34.17
C PHE D 250 -42.24 -29.86 35.35
N LEU D 251 -41.01 -29.89 35.83
CA LEU D 251 -40.64 -30.77 36.94
C LEU D 251 -41.09 -30.13 38.25
N THR D 252 -42.16 -30.67 38.82
CA THR D 252 -42.84 -30.08 39.96
C THR D 252 -42.48 -30.81 41.24
N CYS D 253 -42.16 -30.05 42.28
CA CYS D 253 -41.92 -30.59 43.60
C CYS D 253 -43.10 -30.28 44.52
N ASP D 254 -43.37 -31.19 45.45
CA ASP D 254 -44.42 -30.98 46.44
C ASP D 254 -44.16 -31.88 47.64
N GLU D 255 -44.45 -31.36 48.84
CA GLU D 255 -44.38 -32.13 50.07
C GLU D 255 -45.74 -32.76 50.32
N HIS D 256 -46.04 -33.80 49.53
CA HIS D 256 -47.36 -34.40 49.56
C HIS D 256 -47.58 -35.21 50.83
N ARG D 257 -46.74 -36.22 51.05
CA ARG D 257 -46.83 -37.11 52.21
C ARG D 257 -45.89 -36.65 53.31
N LYS D 258 -45.80 -35.33 53.49
CA LYS D 258 -44.74 -34.66 54.26
C LYS D 258 -43.36 -35.09 53.76
N LYS D 259 -43.24 -35.16 52.43
CA LYS D 259 -42.00 -35.56 51.78
C LYS D 259 -41.95 -34.87 50.43
N GLN D 260 -40.85 -34.17 50.14
CA GLN D 260 -40.75 -33.31 48.97
C GLN D 260 -40.66 -34.16 47.71
N HIS D 261 -41.81 -34.69 47.30
CA HIS D 261 -41.89 -35.48 46.08
C HIS D 261 -41.73 -34.56 44.89
N VAL D 262 -40.74 -34.82 44.05
CA VAL D 262 -40.48 -34.03 42.87
C VAL D 262 -40.93 -34.84 41.67
N PHE D 263 -41.79 -34.25 40.85
CA PHE D 263 -42.55 -35.02 39.87
C PHE D 263 -42.96 -34.11 38.74
N LEU D 264 -43.97 -34.45 37.99
CA LEU D 264 -44.40 -33.37 37.14
C LEU D 264 -45.87 -33.45 36.92
N ARG D 265 -46.51 -32.31 36.93
CA ARG D 265 -47.93 -32.37 36.81
C ARG D 265 -48.49 -32.67 35.47
N THR D 266 -49.68 -33.25 35.53
CA THR D 266 -50.44 -33.61 34.38
C THR D 266 -50.69 -32.29 33.70
N THR D 267 -50.40 -32.29 32.42
CA THR D 267 -50.52 -31.09 31.64
C THR D 267 -51.89 -30.87 31.03
N GLY D 268 -52.51 -29.77 31.45
CA GLY D 268 -53.80 -29.34 30.93
C GLY D 268 -53.60 -28.58 29.63
N ARG D 269 -54.67 -28.36 28.89
CA ARG D 269 -54.61 -27.64 27.63
C ARG D 269 -53.69 -28.32 26.63
N GLN D 270 -52.49 -27.75 26.54
CA GLN D 270 -51.37 -28.12 25.68
C GLN D 270 -51.63 -27.70 24.26
N SER D 271 -52.59 -28.29 23.53
CA SER D 271 -52.65 -27.59 22.26
C SER D 271 -52.14 -26.17 22.40
N ALA D 272 -52.27 -25.59 23.59
CA ALA D 272 -51.63 -24.34 23.95
C ALA D 272 -50.32 -24.65 24.67
N THR D 273 -49.61 -23.59 25.03
CA THR D 273 -48.31 -23.75 25.68
C THR D 273 -48.47 -24.03 27.17
N SER D 274 -47.37 -23.89 27.90
CA SER D 274 -47.33 -24.18 29.32
C SER D 274 -48.22 -23.24 30.13
N ALA D 275 -48.92 -23.81 31.11
CA ALA D 275 -49.52 -23.00 32.17
C ALA D 275 -48.45 -22.54 33.16
N THR D 276 -47.30 -23.23 33.15
CA THR D 276 -46.02 -22.92 33.81
C THR D 276 -46.14 -22.43 35.26
N SER D 277 -46.59 -23.33 36.13
CA SER D 277 -46.81 -23.03 37.54
C SER D 277 -45.51 -22.70 38.27
N SER D 278 -45.64 -22.34 39.54
CA SER D 278 -44.50 -21.87 40.33
C SER D 278 -43.64 -23.00 40.87
N LYS D 279 -43.90 -24.23 40.46
CA LYS D 279 -43.08 -25.35 40.90
C LYS D 279 -41.90 -25.60 39.97
N ALA D 280 -41.55 -24.62 39.13
CA ALA D 280 -40.36 -24.68 38.29
C ALA D 280 -39.24 -23.77 38.80
N LEU D 281 -39.24 -23.44 40.08
CA LEU D 281 -38.23 -22.58 40.68
C LEU D 281 -36.90 -23.31 40.74
N TRP D 282 -36.02 -23.06 39.79
CA TRP D 282 -34.73 -23.73 39.77
C TRP D 282 -33.63 -22.77 39.39
N GLU D 283 -32.60 -22.74 40.22
CA GLU D 283 -31.36 -22.05 39.93
C GLU D 283 -30.25 -23.09 39.93
N VAL D 284 -29.36 -23.00 38.94
CA VAL D 284 -28.29 -23.96 38.75
C VAL D 284 -26.97 -23.20 38.81
N GLU D 285 -26.05 -23.67 39.64
CA GLU D 285 -24.76 -23.03 39.77
C GLU D 285 -23.65 -24.07 39.75
N VAL D 286 -22.47 -23.62 39.31
CA VAL D 286 -21.30 -24.48 39.24
C VAL D 286 -20.68 -24.59 40.64
N VAL D 287 -19.77 -25.54 40.81
CA VAL D 287 -19.21 -25.88 42.11
C VAL D 287 -17.71 -25.61 42.11
N GLN D 288 -17.27 -24.72 43.00
CA GLN D 288 -15.88 -24.64 43.44
C GLN D 288 -15.90 -24.04 44.83
N HIS D 289 -14.94 -24.47 45.65
CA HIS D 289 -14.97 -24.17 47.07
C HIS D 289 -14.74 -22.69 47.33
N ASP D 290 -13.74 -22.09 46.68
CA ASP D 290 -14.03 -20.67 46.51
C ASP D 290 -15.09 -20.53 45.43
N PRO D 291 -16.20 -19.84 45.72
CA PRO D 291 -17.34 -19.86 44.80
C PRO D 291 -17.05 -19.16 43.48
N CYS D 292 -17.58 -19.75 42.41
CA CYS D 292 -17.52 -19.22 41.03
C CYS D 292 -16.09 -19.07 40.54
N ARG D 293 -15.42 -20.21 40.33
CA ARG D 293 -14.06 -20.22 39.79
C ARG D 293 -14.01 -19.73 38.35
N GLY D 294 -12.80 -19.64 37.81
CA GLY D 294 -12.60 -19.04 36.50
C GLY D 294 -12.42 -20.05 35.38
N GLY D 295 -12.71 -19.57 34.18
CA GLY D 295 -12.54 -20.33 32.95
C GLY D 295 -13.73 -20.30 32.02
N ALA D 296 -14.94 -20.39 32.59
CA ALA D 296 -16.22 -20.11 31.92
C ALA D 296 -16.48 -20.96 30.68
N GLY D 297 -15.85 -22.12 30.59
CA GLY D 297 -15.98 -22.94 29.39
C GLY D 297 -17.26 -23.76 29.40
N TYR D 298 -17.71 -24.11 30.61
CA TYR D 298 -18.95 -24.83 30.87
C TYR D 298 -18.96 -26.22 30.24
N TRP D 299 -17.80 -26.79 29.97
CA TRP D 299 -17.70 -28.12 29.39
C TRP D 299 -17.55 -29.18 30.46
N ASN D 300 -16.46 -29.12 31.23
CA ASN D 300 -16.23 -30.00 32.35
C ASN D 300 -16.87 -29.46 33.63
N SER D 301 -17.71 -28.43 33.50
CA SER D 301 -18.33 -27.80 34.65
C SER D 301 -19.44 -28.67 35.21
N LEU D 302 -19.57 -28.66 36.53
CA LEU D 302 -20.43 -29.60 37.24
C LEU D 302 -21.31 -28.78 38.19
N PHE D 303 -22.54 -29.24 38.41
CA PHE D 303 -23.62 -28.34 38.81
C PHE D 303 -24.50 -28.93 39.90
N ARG D 304 -24.91 -28.07 40.84
CA ARG D 304 -25.96 -28.36 41.81
C ARG D 304 -27.25 -27.65 41.41
N PHE D 305 -28.37 -28.19 41.89
CA PHE D 305 -29.70 -27.72 41.50
C PHE D 305 -30.44 -27.21 42.74
N LYS D 306 -30.92 -25.97 42.66
CA LYS D 306 -31.41 -25.24 43.83
C LYS D 306 -32.82 -24.73 43.60
N HIS D 307 -33.72 -25.04 44.53
CA HIS D 307 -35.07 -24.51 44.50
C HIS D 307 -35.14 -23.22 45.31
N LEU D 308 -35.95 -22.27 44.83
CA LEU D 308 -35.96 -20.93 45.38
C LEU D 308 -36.70 -20.87 46.71
N ALA D 309 -38.00 -21.15 46.70
CA ALA D 309 -38.84 -20.86 47.86
C ALA D 309 -38.55 -21.81 49.02
N THR D 310 -38.39 -23.09 48.73
CA THR D 310 -37.92 -24.03 49.72
C THR D 310 -36.44 -23.79 49.97
N GLY D 311 -36.01 -24.12 51.18
CA GLY D 311 -34.60 -24.13 51.48
C GLY D 311 -34.04 -25.51 51.21
N HIS D 312 -34.15 -25.95 49.95
CA HIS D 312 -33.88 -27.33 49.59
C HIS D 312 -33.18 -27.39 48.23
N TYR D 313 -32.02 -28.03 48.21
CA TYR D 313 -31.31 -28.31 46.97
C TYR D 313 -31.80 -29.66 46.44
N LEU D 314 -31.15 -30.17 45.40
CA LEU D 314 -31.66 -31.32 44.67
C LEU D 314 -30.59 -32.39 44.50
N ALA D 315 -30.89 -33.59 44.96
CA ALA D 315 -30.05 -34.77 44.79
C ALA D 315 -30.88 -35.92 44.24
N ALA D 316 -30.25 -37.10 44.20
CA ALA D 316 -30.92 -38.34 43.85
C ALA D 316 -30.11 -39.51 44.41
N GLU D 317 -30.82 -40.50 44.92
CA GLU D 317 -30.21 -41.77 45.33
C GLU D 317 -31.09 -42.90 44.83
N VAL D 318 -30.83 -44.10 45.31
CA VAL D 318 -31.46 -45.30 44.78
C VAL D 318 -32.85 -45.49 45.38
N ASP D 319 -33.73 -46.14 44.62
CA ASP D 319 -35.13 -46.44 44.94
C ASP D 319 -35.37 -47.59 45.92
N PRO D 320 -34.49 -48.61 45.95
CA PRO D 320 -34.91 -49.99 45.69
C PRO D 320 -36.28 -50.40 46.21
N ASP D 321 -37.10 -50.92 45.30
CA ASP D 321 -38.44 -51.37 45.60
C ASP D 321 -38.39 -52.65 46.42
N TYR D 353 -31.65 -42.98 41.57
CA TYR D 353 -32.87 -43.56 41.02
C TYR D 353 -34.08 -42.78 41.50
N SER D 354 -33.94 -42.14 42.66
CA SER D 354 -35.03 -41.41 43.28
C SER D 354 -35.09 -39.98 42.73
N LEU D 355 -36.13 -39.26 43.13
CA LEU D 355 -36.20 -37.84 42.82
C LEU D 355 -36.96 -37.14 43.96
N VAL D 356 -36.22 -36.68 44.97
CA VAL D 356 -36.69 -35.77 45.99
C VAL D 356 -35.63 -34.70 46.19
N SER D 357 -35.94 -33.72 47.04
CA SER D 357 -35.09 -32.56 47.21
C SER D 357 -34.43 -32.58 48.57
N VAL D 358 -33.19 -32.09 48.64
CA VAL D 358 -32.36 -32.24 49.83
C VAL D 358 -32.06 -30.89 50.46
N PRO D 359 -31.98 -30.79 51.80
CA PRO D 359 -31.82 -29.48 52.44
C PRO D 359 -30.41 -28.90 52.39
N GLU D 360 -29.38 -29.67 52.02
CA GLU D 360 -28.01 -29.25 52.25
C GLU D 360 -27.24 -29.18 50.94
N GLY D 361 -26.01 -28.65 51.03
CA GLY D 361 -25.21 -28.38 49.86
C GLY D 361 -23.76 -28.80 49.89
N ASN D 362 -23.45 -29.95 50.50
CA ASN D 362 -22.08 -30.40 50.61
C ASN D 362 -21.84 -31.79 50.04
N ASP D 363 -22.89 -32.54 49.72
CA ASP D 363 -22.75 -33.87 49.16
C ASP D 363 -22.29 -33.83 47.71
N ILE D 364 -21.78 -34.97 47.24
CA ILE D 364 -21.45 -35.12 45.83
C ILE D 364 -22.68 -35.58 45.05
N SER D 365 -23.54 -36.38 45.67
CA SER D 365 -24.72 -36.99 45.03
C SER D 365 -25.79 -35.97 44.66
N SER D 366 -25.64 -34.71 45.02
CA SER D 366 -26.47 -33.64 44.51
C SER D 366 -25.84 -32.94 43.33
N ILE D 367 -24.54 -33.17 43.08
CA ILE D 367 -23.84 -32.40 42.07
C ILE D 367 -24.00 -33.11 40.72
N PHE D 368 -24.99 -32.68 39.94
CA PHE D 368 -25.35 -33.35 38.70
C PHE D 368 -24.63 -32.68 37.54
N GLU D 369 -25.03 -33.02 36.31
CA GLU D 369 -24.20 -32.75 35.15
C GLU D 369 -25.12 -32.45 33.98
N LEU D 370 -24.55 -31.98 32.88
CA LEU D 370 -25.33 -31.54 31.72
C LEU D 370 -24.77 -32.12 30.43
N ASP D 371 -25.57 -31.97 29.37
CA ASP D 371 -25.13 -32.28 28.00
C ASP D 371 -25.78 -31.25 27.09
N PRO D 372 -25.00 -30.31 26.55
CA PRO D 372 -25.59 -29.17 25.85
C PRO D 372 -26.11 -29.49 24.46
N THR D 373 -27.44 -29.59 24.35
CA THR D 373 -28.25 -29.64 23.13
C THR D 373 -28.05 -30.87 22.26
N THR D 374 -27.07 -31.70 22.64
CA THR D 374 -26.62 -32.88 21.90
C THR D 374 -26.39 -32.55 20.43
N LEU D 375 -25.39 -31.69 20.17
CA LEU D 375 -24.96 -31.44 18.81
C LEU D 375 -23.47 -31.20 18.81
N ARG D 376 -22.91 -31.10 17.60
CA ARG D 376 -21.47 -31.01 17.40
C ARG D 376 -21.00 -29.60 17.75
N GLY D 377 -20.79 -29.33 19.03
CA GLY D 377 -20.37 -28.00 19.39
C GLY D 377 -19.18 -27.78 20.32
N GLY D 378 -18.12 -27.23 19.76
CA GLY D 378 -16.94 -26.84 20.53
C GLY D 378 -17.01 -25.37 20.95
N ASP D 379 -18.09 -24.72 20.51
CA ASP D 379 -18.40 -23.33 20.73
C ASP D 379 -19.25 -23.14 21.97
N SER D 380 -19.49 -24.23 22.69
CA SER D 380 -20.36 -24.13 23.84
C SER D 380 -19.57 -23.53 24.96
N LEU D 381 -19.14 -22.28 24.81
CA LEU D 381 -18.51 -21.86 26.06
C LEU D 381 -19.55 -21.40 27.07
N VAL D 382 -20.58 -20.69 26.62
CA VAL D 382 -21.75 -20.38 27.44
C VAL D 382 -22.99 -20.73 26.63
N PRO D 383 -23.72 -21.79 26.96
CA PRO D 383 -24.96 -22.11 26.25
C PRO D 383 -26.07 -21.13 26.60
N ARG D 384 -27.20 -21.26 25.87
CA ARG D 384 -28.28 -20.28 26.00
C ARG D 384 -29.62 -20.96 25.73
N ASN D 385 -30.41 -21.14 26.80
CA ASN D 385 -31.88 -21.26 26.75
C ASN D 385 -32.35 -22.40 25.85
N SER D 386 -31.62 -23.50 25.83
CA SER D 386 -31.85 -24.54 24.85
C SER D 386 -31.83 -25.88 25.57
N TYR D 387 -31.79 -26.95 24.78
CA TYR D 387 -31.97 -28.31 25.27
C TYR D 387 -30.80 -28.75 26.13
N VAL D 388 -31.09 -29.49 27.20
CA VAL D 388 -30.08 -30.00 28.11
C VAL D 388 -30.32 -31.48 28.35
N ARG D 389 -29.38 -32.09 29.07
CA ARG D 389 -29.49 -33.47 29.53
C ARG D 389 -28.74 -33.59 30.86
N LEU D 390 -28.52 -34.83 31.31
CA LEU D 390 -27.77 -35.07 32.53
C LEU D 390 -26.97 -36.36 32.42
N ARG D 391 -25.73 -36.32 32.92
CA ARG D 391 -24.95 -37.51 33.23
C ARG D 391 -24.87 -37.58 34.75
N HIS D 392 -24.66 -38.77 35.29
CA HIS D 392 -24.38 -38.81 36.71
C HIS D 392 -22.89 -38.92 36.92
N LEU D 393 -22.45 -38.71 38.17
CA LEU D 393 -21.06 -38.88 38.53
C LEU D 393 -20.80 -40.18 39.26
N CYS D 394 -21.52 -40.43 40.35
CA CYS D 394 -21.31 -41.64 41.15
C CYS D 394 -21.88 -42.86 40.46
N THR D 395 -23.20 -42.88 40.22
CA THR D 395 -23.79 -43.98 39.46
C THR D 395 -23.39 -43.89 38.00
N ASN D 396 -23.13 -42.67 37.51
CA ASN D 396 -22.40 -42.39 36.27
C ASN D 396 -23.17 -42.92 35.06
N THR D 397 -24.47 -42.63 35.04
CA THR D 397 -25.35 -43.06 33.96
C THR D 397 -26.10 -41.85 33.43
N TRP D 398 -26.84 -42.04 32.35
CA TRP D 398 -27.73 -41.00 31.84
C TRP D 398 -28.96 -40.91 32.75
N VAL D 399 -29.84 -39.97 32.48
CA VAL D 399 -31.08 -39.82 33.23
C VAL D 399 -32.24 -39.98 32.27
N HIS D 400 -33.01 -41.04 32.45
CA HIS D 400 -34.20 -41.28 31.65
C HIS D 400 -35.38 -40.50 32.22
N SER D 401 -36.44 -40.42 31.44
CA SER D 401 -37.69 -39.81 31.87
C SER D 401 -38.87 -40.64 31.38
N THR D 402 -38.77 -41.96 31.53
CA THR D 402 -39.84 -42.85 31.09
C THR D 402 -41.04 -42.74 32.02
N ASN D 403 -42.19 -42.42 31.44
CA ASN D 403 -43.39 -42.11 32.22
C ASN D 403 -43.95 -43.39 32.84
N ILE D 404 -43.80 -43.53 34.14
CA ILE D 404 -44.40 -44.64 34.88
C ILE D 404 -45.28 -44.06 35.98
N PRO D 405 -46.61 -44.10 35.81
CA PRO D 405 -47.51 -43.65 36.89
C PRO D 405 -47.45 -44.59 38.07
N ILE D 406 -47.57 -44.02 39.27
CA ILE D 406 -47.33 -44.78 40.50
C ILE D 406 -48.54 -44.80 41.43
N ASP D 407 -48.95 -43.64 41.93
CA ASP D 407 -49.86 -43.61 43.06
C ASP D 407 -51.31 -43.77 42.64
N LYS D 408 -52.08 -44.47 43.47
CA LYS D 408 -53.53 -44.56 43.33
C LYS D 408 -54.24 -43.50 44.17
N GLU D 409 -53.51 -42.49 44.64
CA GLU D 409 -54.12 -41.41 45.42
C GLU D 409 -55.07 -40.59 44.56
N GLU D 410 -54.64 -40.27 43.34
CA GLU D 410 -55.43 -39.42 42.45
C GLU D 410 -54.99 -39.64 41.02
N GLU D 411 -55.97 -39.80 40.12
CA GLU D 411 -55.69 -39.84 38.70
C GLU D 411 -55.25 -38.45 38.23
N LYS D 412 -54.61 -38.43 37.03
CA LYS D 412 -53.72 -37.35 36.59
C LYS D 412 -52.71 -37.13 37.70
N PRO D 413 -51.77 -38.04 37.86
CA PRO D 413 -51.17 -38.29 39.18
C PRO D 413 -50.20 -37.21 39.62
N VAL D 414 -49.76 -37.36 40.87
CA VAL D 414 -48.82 -36.46 41.52
C VAL D 414 -47.56 -37.16 42.02
N MET D 415 -47.37 -38.44 41.67
CA MET D 415 -46.17 -39.19 42.07
C MET D 415 -45.64 -39.96 40.86
N LEU D 416 -44.43 -39.60 40.42
CA LEU D 416 -43.78 -40.29 39.32
C LEU D 416 -42.37 -40.74 39.70
N LYS D 417 -41.59 -41.19 38.74
CA LYS D 417 -40.24 -41.70 39.00
C LYS D 417 -39.28 -41.13 37.98
N ILE D 418 -38.18 -40.55 38.45
CA ILE D 418 -37.10 -40.08 37.59
C ILE D 418 -35.80 -40.65 38.15
N GLY D 419 -35.17 -41.52 37.37
CA GLY D 419 -33.99 -42.25 37.79
C GLY D 419 -32.82 -42.08 36.85
N THR D 420 -31.75 -42.79 37.18
CA THR D 420 -30.46 -42.66 36.50
C THR D 420 -30.15 -43.96 35.77
N SER D 421 -30.40 -43.99 34.48
CA SER D 421 -30.18 -45.18 33.67
C SER D 421 -29.32 -44.85 32.46
N PRO D 422 -28.40 -45.73 32.08
CA PRO D 422 -27.41 -45.38 31.05
C PRO D 422 -27.92 -45.37 29.61
N LEU D 423 -29.23 -45.34 29.40
CA LEU D 423 -29.77 -45.13 28.07
C LEU D 423 -30.26 -43.69 27.93
N LYS D 424 -30.37 -43.24 26.68
CA LYS D 424 -30.82 -41.90 26.39
C LYS D 424 -31.64 -41.93 25.10
N GLU D 425 -32.78 -41.23 25.11
CA GLU D 425 -33.68 -41.23 23.98
C GLU D 425 -33.98 -39.77 23.63
N ASP D 426 -34.79 -39.56 22.61
CA ASP D 426 -35.33 -38.24 22.30
C ASP D 426 -36.24 -37.69 23.41
N LYS D 427 -36.82 -38.57 24.22
CA LYS D 427 -37.80 -38.21 25.24
C LYS D 427 -37.22 -37.44 26.42
N GLU D 428 -35.91 -37.17 26.42
CA GLU D 428 -35.28 -36.39 27.46
C GLU D 428 -35.18 -34.93 27.09
N ALA D 429 -36.15 -34.42 26.33
CA ALA D 429 -36.13 -33.05 25.85
C ALA D 429 -36.40 -32.08 26.99
N PHE D 430 -35.38 -31.82 27.79
CA PHE D 430 -35.43 -30.80 28.83
C PHE D 430 -34.63 -29.60 28.37
N ALA D 431 -35.15 -28.42 28.63
CA ALA D 431 -34.52 -27.19 28.16
C ALA D 431 -34.56 -26.14 29.26
N ILE D 432 -34.27 -24.90 28.87
CA ILE D 432 -34.12 -23.83 29.83
C ILE D 432 -34.99 -22.64 29.44
N VAL D 433 -35.83 -22.20 30.36
CA VAL D 433 -36.58 -20.97 30.19
C VAL D 433 -35.70 -19.81 30.65
N PRO D 434 -35.45 -18.82 29.80
CA PRO D 434 -34.98 -17.54 30.34
C PRO D 434 -36.14 -16.87 31.06
N VAL D 435 -36.10 -16.94 32.37
CA VAL D 435 -37.25 -16.61 33.20
C VAL D 435 -37.34 -15.10 33.33
N SER D 436 -38.56 -14.57 33.21
CA SER D 436 -38.78 -13.13 33.38
C SER D 436 -38.46 -12.72 34.81
N PRO D 437 -37.50 -11.81 35.00
CA PRO D 437 -37.14 -11.42 36.37
C PRO D 437 -38.20 -10.72 37.24
N ALA D 438 -38.94 -9.76 36.70
CA ALA D 438 -39.83 -8.98 37.55
C ALA D 438 -40.87 -9.76 38.32
N GLU D 439 -41.46 -10.71 37.64
CA GLU D 439 -42.51 -11.51 38.23
C GLU D 439 -42.03 -12.26 39.45
N VAL D 440 -40.83 -12.80 39.37
CA VAL D 440 -40.28 -13.56 40.44
C VAL D 440 -40.16 -12.69 41.66
N ARG D 441 -39.60 -11.51 41.47
CA ARG D 441 -39.40 -10.63 42.61
C ARG D 441 -40.72 -10.25 43.24
N ASP D 442 -41.70 -9.95 42.41
CA ASP D 442 -42.99 -9.51 42.92
C ASP D 442 -43.58 -10.60 43.78
N LEU D 443 -43.55 -11.80 43.26
CA LEU D 443 -44.12 -12.90 43.95
C LEU D 443 -43.43 -13.16 45.26
N ASP D 444 -42.12 -13.09 45.25
CA ASP D 444 -41.42 -13.38 46.46
C ASP D 444 -41.74 -12.41 47.53
N PHE D 445 -41.78 -11.13 47.19
CA PHE D 445 -42.11 -10.19 48.24
C PHE D 445 -43.53 -10.43 48.75
N ALA D 446 -44.47 -10.71 47.84
CA ALA D 446 -45.82 -10.95 48.28
C ALA D 446 -45.89 -12.16 49.20
N ASN D 447 -45.19 -13.22 48.84
CA ASN D 447 -45.27 -14.39 49.65
C ASN D 447 -44.68 -14.13 51.03
N ASP D 448 -43.56 -13.42 51.09
CA ASP D 448 -42.98 -13.20 52.40
C ASP D 448 -43.88 -12.31 53.26
N ALA D 449 -44.49 -11.32 52.62
CA ALA D 449 -45.39 -10.40 53.31
C ALA D 449 -46.58 -11.16 53.87
N SER D 450 -47.10 -12.09 53.08
CA SER D 450 -48.22 -12.90 53.48
C SER D 450 -47.84 -13.70 54.70
N LYS D 451 -46.65 -14.28 54.71
CA LYS D 451 -46.24 -15.06 55.86
C LYS D 451 -46.20 -14.16 57.07
N VAL D 452 -45.60 -12.99 56.93
CA VAL D 452 -45.62 -12.08 58.06
C VAL D 452 -47.07 -11.70 58.24
N LEU D 453 -47.73 -11.39 57.13
CA LEU D 453 -49.12 -11.08 57.30
C LEU D 453 -49.78 -12.11 58.21
N GLY D 454 -49.44 -13.38 58.04
CA GLY D 454 -49.95 -14.44 58.88
C GLY D 454 -49.48 -14.19 60.29
N SER D 455 -48.22 -13.83 60.45
CA SER D 455 -47.74 -13.54 61.81
C SER D 455 -48.49 -12.36 62.46
N ILE D 456 -48.79 -11.33 61.67
CA ILE D 456 -49.52 -10.14 62.11
C ILE D 456 -50.92 -10.51 62.58
N ALA D 457 -51.52 -11.40 61.80
CA ALA D 457 -52.83 -11.93 62.08
C ALA D 457 -52.79 -12.65 63.40
N GLY D 458 -51.74 -13.44 63.64
CA GLY D 458 -51.60 -14.15 64.89
C GLY D 458 -51.52 -13.17 66.04
N LYS D 459 -50.79 -12.07 65.87
CA LYS D 459 -50.71 -11.09 66.95
C LYS D 459 -52.09 -10.56 67.26
N LEU D 460 -52.85 -10.23 66.22
CA LEU D 460 -54.19 -9.71 66.48
C LEU D 460 -55.07 -10.74 67.19
N GLU D 461 -54.96 -12.00 66.78
CA GLU D 461 -55.71 -13.10 67.36
C GLU D 461 -55.45 -13.31 68.83
N LYS D 462 -54.19 -13.20 69.24
CA LYS D 462 -53.85 -13.47 70.63
C LYS D 462 -54.60 -12.52 71.53
N GLY D 463 -54.72 -11.31 71.03
CA GLY D 463 -55.33 -10.17 71.67
C GLY D 463 -55.52 -9.02 70.70
N THR D 464 -55.05 -7.84 71.08
CA THR D 464 -55.02 -6.71 70.18
C THR D 464 -53.66 -6.62 69.50
N ILE D 465 -53.45 -5.56 68.73
CA ILE D 465 -52.17 -5.30 68.10
C ILE D 465 -51.65 -3.98 68.66
N THR D 466 -50.45 -3.58 68.24
CA THR D 466 -49.87 -2.34 68.72
C THR D 466 -50.28 -1.19 67.80
N GLN D 467 -49.65 -0.04 67.99
CA GLN D 467 -50.04 1.17 67.27
C GLN D 467 -49.46 1.19 65.86
N ASN D 468 -48.13 1.20 65.75
CA ASN D 468 -47.46 1.52 64.50
C ASN D 468 -47.51 0.38 63.48
N GLU D 469 -48.00 -0.80 63.86
CA GLU D 469 -48.29 -1.84 62.90
C GLU D 469 -49.39 -1.41 61.93
N ARG D 470 -50.36 -0.64 62.41
CA ARG D 470 -51.35 -0.04 61.53
C ARG D 470 -50.70 0.99 60.61
N ARG D 471 -49.73 1.75 61.13
CA ARG D 471 -49.06 2.77 60.33
C ARG D 471 -48.07 2.20 59.34
N SER D 472 -47.69 0.93 59.48
CA SER D 472 -46.63 0.35 58.66
C SER D 472 -47.17 -0.55 57.55
N VAL D 473 -47.93 -1.58 57.91
CA VAL D 473 -48.11 -2.73 57.01
C VAL D 473 -49.59 -3.02 56.80
N THR D 474 -50.45 -2.53 57.69
CA THR D 474 -51.87 -2.84 57.61
C THR D 474 -52.54 -2.15 56.43
N LYS D 475 -52.22 -0.87 56.20
CA LYS D 475 -52.69 -0.18 55.02
C LYS D 475 -51.91 -0.55 53.76
N LEU D 476 -50.82 -1.32 53.90
CA LEU D 476 -50.02 -1.77 52.78
C LEU D 476 -50.60 -3.03 52.12
N LEU D 477 -51.84 -3.38 52.48
CA LEU D 477 -52.50 -4.56 51.93
C LEU D 477 -52.74 -4.42 50.43
N GLU D 478 -53.54 -3.43 50.03
CA GLU D 478 -53.90 -3.35 48.62
C GLU D 478 -52.80 -2.70 47.80
N ASP D 479 -51.84 -2.04 48.45
CA ASP D 479 -50.67 -1.56 47.73
C ASP D 479 -49.87 -2.72 47.15
N LEU D 480 -49.82 -3.84 47.87
CA LEU D 480 -49.28 -5.05 47.29
C LEU D 480 -50.21 -5.62 46.23
N VAL D 481 -51.53 -5.46 46.42
CA VAL D 481 -52.48 -5.91 45.41
C VAL D 481 -52.40 -5.03 44.17
N TYR D 482 -52.50 -3.71 44.35
CA TYR D 482 -52.41 -2.78 43.22
C TYR D 482 -50.99 -2.59 42.71
N PHE D 483 -50.00 -3.33 43.23
CA PHE D 483 -48.67 -3.31 42.66
C PHE D 483 -48.67 -3.85 41.24
N VAL D 484 -49.02 -5.13 41.08
CA VAL D 484 -49.26 -5.67 39.74
C VAL D 484 -50.73 -5.66 39.38
N THR D 485 -51.56 -4.98 40.19
CA THR D 485 -52.97 -4.63 40.00
C THR D 485 -53.88 -5.86 40.20
N GLY D 486 -53.30 -7.06 40.24
CA GLY D 486 -54.03 -8.28 40.53
C GLY D 486 -55.11 -8.69 39.53
N GLY D 487 -55.28 -7.97 38.42
CA GLY D 487 -56.41 -8.17 37.54
C GLY D 487 -57.74 -7.80 38.17
N THR D 488 -57.73 -6.90 39.15
CA THR D 488 -58.93 -6.60 39.90
C THR D 488 -59.87 -5.65 39.17
N ASN D 489 -59.44 -5.08 38.05
CA ASN D 489 -60.29 -4.19 37.26
C ASN D 489 -59.83 -4.30 35.82
N SER D 490 -60.78 -4.49 34.91
CA SER D 490 -60.43 -4.68 33.51
C SER D 490 -61.58 -4.17 32.66
N GLY D 491 -61.56 -4.49 31.36
CA GLY D 491 -62.65 -4.13 30.47
C GLY D 491 -63.79 -5.13 30.54
N GLN D 492 -64.55 -5.19 29.45
CA GLN D 492 -65.70 -6.08 29.43
C GLN D 492 -65.96 -6.50 27.99
N ASP D 493 -66.14 -7.80 27.81
CA ASP D 493 -66.36 -8.43 26.51
C ASP D 493 -67.05 -9.77 26.81
N VAL D 494 -67.01 -10.71 25.86
CA VAL D 494 -67.46 -12.08 26.16
C VAL D 494 -66.55 -12.68 27.24
N LEU D 495 -67.06 -13.72 27.91
CA LEU D 495 -66.63 -14.07 29.27
C LEU D 495 -65.18 -14.53 29.36
N GLU D 496 -64.60 -15.02 28.28
CA GLU D 496 -63.21 -15.47 28.29
C GLU D 496 -62.27 -14.28 28.16
N VAL D 497 -61.39 -14.10 29.14
CA VAL D 497 -60.42 -13.01 29.10
C VAL D 497 -59.35 -13.33 28.07
N VAL D 498 -59.13 -12.42 27.12
CA VAL D 498 -58.24 -12.71 26.01
C VAL D 498 -57.10 -11.72 25.87
N PHE D 499 -57.40 -10.46 25.54
CA PHE D 499 -56.36 -9.65 24.93
C PHE D 499 -55.39 -8.96 25.87
N SER D 500 -55.83 -7.89 26.56
CA SER D 500 -54.88 -7.08 27.33
C SER D 500 -55.61 -6.20 28.35
N LYS D 501 -55.51 -6.59 29.65
CA LYS D 501 -55.55 -5.77 30.87
C LYS D 501 -55.29 -6.83 31.96
N PRO D 502 -55.13 -6.50 33.27
CA PRO D 502 -53.92 -6.90 34.00
C PRO D 502 -53.72 -8.40 34.20
N ASN D 503 -52.53 -8.74 34.63
CA ASN D 503 -52.09 -10.12 34.63
C ASN D 503 -52.87 -11.23 35.28
N ARG D 504 -53.18 -12.24 34.45
CA ARG D 504 -53.83 -13.47 34.88
C ARG D 504 -52.82 -14.25 35.69
N GLU D 505 -51.56 -14.19 35.30
CA GLU D 505 -50.54 -14.90 36.06
C GLU D 505 -50.51 -14.28 37.44
N ARG D 506 -50.51 -12.95 37.50
CA ARG D 506 -50.48 -12.26 38.75
C ARG D 506 -51.71 -12.65 39.53
N GLN D 507 -52.89 -12.66 38.93
CA GLN D 507 -54.07 -13.01 39.72
C GLN D 507 -54.04 -14.42 40.26
N LYS D 508 -53.63 -15.37 39.45
CA LYS D 508 -53.59 -16.73 39.93
C LYS D 508 -52.53 -16.90 41.02
N LEU D 509 -51.41 -16.21 40.87
CA LEU D 509 -50.31 -16.18 41.83
C LEU D 509 -50.77 -15.56 43.15
N MET D 510 -51.62 -14.54 43.04
CA MET D 510 -52.20 -13.85 44.15
C MET D 510 -53.05 -14.87 44.89
N ARG D 511 -53.82 -15.67 44.14
CA ARG D 511 -54.60 -16.72 44.75
C ARG D 511 -53.64 -17.71 45.45
N GLU D 512 -52.49 -17.84 44.77
CA GLU D 512 -51.34 -18.70 45.04
C GLU D 512 -50.45 -18.65 46.28
N GLN D 513 -49.98 -17.50 46.78
CA GLN D 513 -49.12 -17.48 48.00
C GLN D 513 -50.01 -17.41 49.25
N ASN D 514 -50.90 -18.41 49.41
CA ASN D 514 -52.00 -18.50 50.37
C ASN D 514 -52.80 -17.24 50.34
N ILE D 515 -52.77 -16.64 49.17
CA ILE D 515 -53.72 -15.61 49.09
C ILE D 515 -54.86 -16.21 50.00
N LEU D 516 -54.99 -17.55 50.08
CA LEU D 516 -55.93 -18.27 50.92
C LEU D 516 -55.61 -18.00 52.37
N LYS D 517 -54.32 -17.97 52.66
CA LYS D 517 -53.80 -17.68 53.98
C LYS D 517 -54.21 -16.26 54.34
N GLN D 518 -54.13 -15.33 53.38
CA GLN D 518 -54.57 -13.96 53.60
C GLN D 518 -56.05 -13.94 53.86
N ILE D 519 -56.80 -14.77 53.16
CA ILE D 519 -58.23 -14.82 53.39
C ILE D 519 -58.45 -15.27 54.83
N PHE D 520 -57.73 -16.27 55.32
CA PHE D 520 -57.93 -16.65 56.70
C PHE D 520 -57.56 -15.51 57.65
N LYS D 521 -56.48 -14.80 57.35
CA LYS D 521 -56.06 -13.68 58.19
C LYS D 521 -57.16 -12.60 58.22
N LEU D 522 -57.75 -12.30 57.07
CA LEU D 522 -58.82 -11.32 57.00
C LEU D 522 -60.04 -11.80 57.76
N LEU D 523 -60.30 -13.09 57.69
CA LEU D 523 -61.42 -13.67 58.41
C LEU D 523 -61.18 -13.41 59.88
N GLN D 524 -59.98 -13.69 60.35
CA GLN D 524 -59.65 -13.49 61.73
C GLN D 524 -59.82 -12.02 62.10
N ALA D 525 -59.43 -11.04 61.28
CA ALA D 525 -59.64 -9.68 61.75
C ALA D 525 -61.12 -9.32 61.98
N PRO D 526 -61.96 -9.54 60.96
CA PRO D 526 -63.36 -9.34 61.31
C PRO D 526 -63.94 -10.23 62.41
N PHE D 527 -63.51 -11.48 62.47
CA PHE D 527 -64.01 -12.39 63.49
C PHE D 527 -63.61 -11.91 64.89
N THR D 528 -62.39 -11.39 65.02
CA THR D 528 -61.89 -10.88 66.27
C THR D 528 -62.70 -9.66 66.65
N ASP D 529 -63.02 -8.82 65.68
CA ASP D 529 -63.84 -7.67 66.01
C ASP D 529 -65.20 -8.11 66.53
N CYS D 530 -65.80 -9.11 65.88
CA CYS D 530 -67.10 -9.56 66.33
C CYS D 530 -67.02 -10.11 67.75
N GLY D 531 -65.97 -10.88 68.02
CA GLY D 531 -65.81 -11.45 69.34
C GLY D 531 -65.63 -10.38 70.41
N ASP D 532 -64.86 -9.36 70.06
CA ASP D 532 -64.55 -8.26 70.97
C ASP D 532 -63.95 -7.11 70.19
N HIS D 546 -64.14 -1.01 63.62
CA HIS D 546 -64.47 -0.09 62.53
C HIS D 546 -63.26 0.67 61.99
N ALA D 547 -63.43 1.98 61.86
CA ALA D 547 -62.38 2.92 61.46
C ALA D 547 -61.73 2.78 60.08
N PRO D 548 -60.50 3.29 59.98
CA PRO D 548 -59.63 3.32 58.82
C PRO D 548 -59.28 1.91 58.41
N PHE D 549 -59.04 1.05 59.40
CA PHE D 549 -58.73 -0.33 59.11
C PHE D 549 -59.93 -0.96 58.43
N ARG D 550 -61.14 -0.69 58.96
CA ARG D 550 -62.32 -1.25 58.35
C ARG D 550 -62.48 -0.75 56.92
N HIS D 551 -62.25 0.54 56.71
CA HIS D 551 -62.41 1.08 55.36
C HIS D 551 -61.44 0.44 54.38
N ILE D 552 -60.20 0.28 54.82
CA ILE D 552 -59.16 -0.30 53.99
C ILE D 552 -59.52 -1.72 53.62
N CYS D 553 -60.00 -2.46 54.61
CA CYS D 553 -60.38 -3.85 54.37
C CYS D 553 -61.56 -3.91 53.40
N ARG D 554 -62.45 -2.93 53.37
CA ARG D 554 -63.61 -3.02 52.46
C ARG D 554 -63.26 -3.09 50.95
N LEU D 555 -62.40 -2.20 50.51
CA LEU D 555 -61.96 -2.15 49.11
C LEU D 555 -61.15 -3.38 48.72
N CYS D 556 -60.40 -3.88 49.69
CA CYS D 556 -59.60 -5.09 49.55
C CYS D 556 -60.54 -6.26 49.29
N TYR D 557 -61.66 -6.29 50.00
CA TYR D 557 -62.69 -7.30 49.82
C TYR D 557 -63.25 -7.17 48.40
N ARG D 558 -63.46 -5.94 47.95
CA ARG D 558 -63.94 -5.76 46.59
C ARG D 558 -62.96 -6.35 45.57
N VAL D 559 -61.66 -6.12 45.78
CA VAL D 559 -60.65 -6.66 44.88
C VAL D 559 -60.67 -8.19 44.89
N LEU D 560 -60.86 -8.77 46.06
CA LEU D 560 -60.93 -10.23 46.19
C LEU D 560 -62.10 -10.79 45.40
N ARG D 561 -63.22 -10.08 45.50
CA ARG D 561 -64.39 -10.50 44.78
C ARG D 561 -64.07 -10.47 43.29
N HIS D 562 -63.45 -9.39 42.81
CA HIS D 562 -63.12 -9.36 41.40
C HIS D 562 -62.19 -10.46 40.98
N SER D 563 -61.20 -10.78 41.78
CA SER D 563 -60.29 -11.83 41.38
C SER D 563 -61.03 -13.16 41.25
N GLN D 564 -61.88 -13.53 42.20
CA GLN D 564 -62.60 -14.83 41.99
C GLN D 564 -63.55 -14.76 40.81
N GLN D 565 -64.21 -13.61 40.64
CA GLN D 565 -65.16 -13.46 39.54
C GLN D 565 -64.48 -13.60 38.17
N ASP D 566 -63.33 -12.99 38.03
CA ASP D 566 -62.56 -13.06 36.78
C ASP D 566 -62.08 -14.46 36.45
N TYR D 567 -61.63 -15.17 37.48
CA TYR D 567 -61.08 -16.52 37.35
C TYR D 567 -62.06 -17.62 36.92
N ARG D 568 -61.55 -18.55 36.12
CA ARG D 568 -62.29 -19.70 35.62
C ARG D 568 -61.36 -20.90 35.84
N LYS D 569 -61.92 -22.08 36.09
CA LYS D 569 -61.04 -23.23 36.34
C LYS D 569 -60.11 -23.01 37.54
N ASN D 570 -60.38 -22.00 38.35
CA ASN D 570 -59.40 -21.49 39.27
C ASN D 570 -59.99 -21.01 40.59
N GLN D 571 -61.28 -21.16 40.76
CA GLN D 571 -61.90 -20.52 41.91
C GLN D 571 -62.68 -21.35 42.91
N GLU D 572 -62.37 -22.63 43.05
CA GLU D 572 -63.23 -23.44 43.91
C GLU D 572 -63.38 -23.07 45.37
N TYR D 573 -62.28 -22.93 46.10
CA TYR D 573 -62.50 -22.62 47.50
C TYR D 573 -62.66 -21.18 47.82
N ILE D 574 -62.28 -20.35 46.87
CA ILE D 574 -62.54 -18.93 47.01
C ILE D 574 -64.06 -18.82 46.92
N ALA D 575 -64.66 -19.54 45.96
CA ALA D 575 -66.09 -19.51 45.84
C ALA D 575 -66.70 -20.10 47.09
N LYS D 576 -66.14 -21.18 47.62
CA LYS D 576 -66.75 -21.76 48.80
C LYS D 576 -66.74 -20.78 49.96
N GLN D 577 -65.66 -20.06 49.95
CA GLN D 577 -65.25 -19.00 50.82
C GLN D 577 -66.19 -17.77 50.77
N PHE D 578 -66.67 -17.42 49.59
CA PHE D 578 -67.50 -16.21 49.48
C PHE D 578 -68.73 -16.08 50.38
N GLY D 579 -69.40 -17.19 50.68
CA GLY D 579 -70.62 -17.10 51.44
C GLY D 579 -70.51 -16.49 52.82
N PHE D 580 -69.46 -16.85 53.54
CA PHE D 580 -69.26 -16.33 54.88
C PHE D 580 -69.03 -14.81 54.82
N MET D 581 -68.27 -14.38 53.82
CA MET D 581 -68.02 -12.95 53.62
C MET D 581 -69.32 -12.23 53.29
N GLN D 582 -70.15 -12.87 52.49
CA GLN D 582 -71.45 -12.28 52.16
C GLN D 582 -72.29 -12.14 53.41
N LYS D 583 -72.25 -13.14 54.27
CA LYS D 583 -73.02 -13.06 55.50
C LYS D 583 -72.52 -11.89 56.32
N GLN D 584 -71.20 -11.73 56.43
CA GLN D 584 -70.69 -10.60 57.21
C GLN D 584 -71.10 -9.26 56.60
N ILE D 585 -71.08 -9.16 55.27
CA ILE D 585 -71.43 -7.91 54.62
C ILE D 585 -71.84 -8.14 53.17
N THR D 596 -71.37 -13.40 42.88
CA THR D 596 -71.01 -14.37 41.87
C THR D 596 -71.62 -15.75 42.11
N ALA D 597 -72.70 -15.83 42.90
CA ALA D 597 -73.42 -17.10 43.01
C ALA D 597 -74.05 -17.43 41.67
N LEU D 598 -74.53 -16.41 40.96
CA LEU D 598 -74.86 -16.54 39.56
C LEU D 598 -74.07 -15.57 38.70
N LEU D 599 -73.52 -14.51 39.31
CA LEU D 599 -72.89 -13.41 38.56
C LEU D 599 -71.64 -13.88 37.83
N HIS D 600 -70.60 -14.26 38.56
CA HIS D 600 -69.67 -15.23 38.04
C HIS D 600 -70.45 -16.54 37.93
N ASN D 601 -70.19 -17.29 36.87
CA ASN D 601 -71.08 -18.39 36.49
C ASN D 601 -71.08 -19.51 37.51
N ASN D 602 -69.94 -20.17 37.69
CA ASN D 602 -69.90 -21.39 38.47
C ASN D 602 -70.81 -22.44 37.85
N ARG D 603 -70.48 -23.05 36.71
CA ARG D 603 -71.54 -23.95 36.32
C ARG D 603 -71.64 -24.80 37.57
N LYS D 604 -70.50 -25.35 37.98
CA LYS D 604 -70.43 -26.10 39.20
C LYS D 604 -70.62 -25.10 40.33
N LEU D 605 -69.96 -23.94 40.19
CA LEU D 605 -70.01 -22.88 41.16
C LEU D 605 -71.41 -22.31 41.31
N LEU D 606 -72.10 -22.17 40.19
CA LEU D 606 -73.46 -21.65 40.25
C LEU D 606 -74.28 -22.64 41.06
N GLU D 607 -74.14 -23.94 40.77
CA GLU D 607 -74.88 -24.93 41.53
C GLU D 607 -74.52 -24.91 43.02
N LYS D 608 -73.24 -24.75 43.29
CA LYS D 608 -72.76 -24.73 44.66
C LYS D 608 -73.32 -23.57 45.47
N HIS D 609 -73.44 -22.40 44.85
CA HIS D 609 -73.92 -21.21 45.55
C HIS D 609 -75.34 -21.55 45.95
N ILE D 610 -75.83 -22.55 45.25
CA ILE D 610 -77.19 -23.04 45.40
C ILE D 610 -77.27 -23.86 46.67
N THR D 611 -76.66 -23.34 47.73
CA THR D 611 -76.79 -24.03 48.98
C THR D 611 -78.22 -23.59 49.25
N ALA D 612 -79.11 -24.56 49.40
CA ALA D 612 -80.53 -24.27 49.65
C ALA D 612 -80.66 -23.55 50.97
N ALA D 613 -79.91 -24.04 51.95
CA ALA D 613 -79.87 -23.43 53.25
C ALA D 613 -79.28 -22.03 53.12
N GLU D 614 -78.26 -21.84 52.29
CA GLU D 614 -77.70 -20.50 52.15
C GLU D 614 -78.77 -19.55 51.63
N ILE D 615 -79.52 -19.98 50.62
CA ILE D 615 -80.55 -19.12 50.09
C ILE D 615 -81.59 -18.83 51.17
N ASP D 616 -81.98 -19.85 51.91
CA ASP D 616 -82.98 -19.68 52.95
C ASP D 616 -82.50 -18.72 54.01
N THR D 617 -81.25 -18.84 54.39
CA THR D 617 -80.67 -17.98 55.42
C THR D 617 -80.67 -16.56 54.95
N PHE D 618 -80.30 -16.34 53.69
CA PHE D 618 -80.28 -15.00 53.17
C PHE D 618 -81.68 -14.42 53.21
N VAL D 619 -82.67 -15.21 52.79
CA VAL D 619 -84.04 -14.74 52.80
C VAL D 619 -84.53 -14.41 54.21
N SER D 620 -84.22 -15.26 55.18
CA SER D 620 -84.67 -15.02 56.53
C SER D 620 -84.06 -13.73 57.06
N LEU D 621 -82.78 -13.54 56.78
CA LEU D 621 -82.09 -12.34 57.25
C LEU D 621 -82.73 -11.12 56.62
N VAL D 622 -83.03 -11.19 55.33
CA VAL D 622 -83.65 -10.03 54.69
C VAL D 622 -85.00 -9.74 55.31
N ARG D 623 -85.78 -10.78 55.56
CA ARG D 623 -87.11 -10.59 56.12
C ARG D 623 -87.02 -9.90 57.46
N LYS D 624 -86.09 -10.33 58.31
CA LYS D 624 -85.99 -9.65 59.60
C LYS D 624 -84.92 -8.62 59.36
N ASN D 625 -84.35 -8.72 58.17
CA ASN D 625 -83.21 -7.90 57.77
C ASN D 625 -83.51 -6.42 57.88
N ARG D 626 -84.46 -5.92 57.10
CA ARG D 626 -84.72 -4.49 57.02
C ARG D 626 -83.56 -3.78 56.32
N GLU D 627 -82.85 -4.49 55.45
CA GLU D 627 -81.72 -3.95 54.71
C GLU D 627 -81.90 -4.27 53.23
N PRO D 628 -82.55 -3.41 52.40
CA PRO D 628 -82.89 -3.77 50.97
C PRO D 628 -82.01 -4.14 49.71
N ARG D 629 -80.88 -3.46 49.51
CA ARG D 629 -80.05 -3.67 48.31
C ARG D 629 -79.55 -5.10 48.15
N PHE D 630 -79.20 -5.71 49.28
CA PHE D 630 -78.77 -7.09 49.32
C PHE D 630 -79.91 -7.98 48.83
N LEU D 631 -81.14 -7.69 49.23
CA LEU D 631 -82.26 -8.48 48.78
C LEU D 631 -82.33 -8.40 47.26
N ASP D 632 -82.19 -7.24 46.64
CA ASP D 632 -82.25 -7.25 45.16
C ASP D 632 -81.13 -8.10 44.48
N TYR D 633 -79.93 -7.97 45.05
CA TYR D 633 -78.79 -8.70 44.50
C TYR D 633 -79.04 -10.20 44.61
N LEU D 634 -79.56 -10.62 45.76
CA LEU D 634 -79.92 -12.01 46.05
C LEU D 634 -81.03 -12.48 45.12
N SER D 635 -81.93 -11.58 44.82
CA SER D 635 -83.09 -11.71 43.97
C SER D 635 -82.74 -12.16 42.57
N ASP D 636 -81.57 -11.81 42.05
CA ASP D 636 -81.15 -12.38 40.79
C ASP D 636 -82.08 -12.31 39.58
N LEU D 637 -82.33 -13.49 39.00
CA LEU D 637 -83.08 -13.62 37.77
C LEU D 637 -82.04 -13.46 36.67
N CYS D 638 -80.98 -14.25 36.75
CA CYS D 638 -79.83 -14.16 35.84
C CYS D 638 -80.13 -14.30 34.35
N VAL D 639 -79.31 -13.62 33.59
CA VAL D 639 -79.35 -13.86 32.16
C VAL D 639 -78.91 -15.35 32.06
N SER D 640 -78.65 -15.83 30.86
CA SER D 640 -78.36 -17.26 30.74
C SER D 640 -79.70 -17.91 31.04
N MET D 641 -80.67 -17.42 30.28
CA MET D 641 -82.03 -17.88 30.39
C MET D 641 -82.51 -17.72 31.81
N ASN D 642 -82.32 -16.54 32.39
CA ASN D 642 -82.77 -16.31 33.75
C ASN D 642 -82.25 -17.33 34.75
N LYS D 643 -80.93 -17.51 34.75
CA LYS D 643 -80.34 -18.46 35.68
C LYS D 643 -80.90 -19.86 35.49
N SER D 644 -80.88 -20.30 34.24
CA SER D 644 -81.36 -21.65 33.93
C SER D 644 -82.81 -21.85 34.31
N ILE D 645 -83.61 -20.84 34.01
CA ILE D 645 -85.02 -20.85 34.25
C ILE D 645 -85.32 -21.09 35.70
N PRO D 646 -84.64 -20.34 36.58
CA PRO D 646 -85.01 -20.62 37.97
C PRO D 646 -84.38 -21.88 38.51
N VAL D 647 -83.27 -22.27 37.89
CA VAL D 647 -82.42 -23.39 38.32
C VAL D 647 -82.05 -22.49 39.45
N THR D 648 -82.49 -21.26 39.17
CA THR D 648 -82.44 -20.10 40.03
C THR D 648 -83.82 -19.62 40.38
N GLN D 649 -84.65 -19.59 39.37
CA GLN D 649 -86.00 -19.10 39.49
C GLN D 649 -86.78 -19.98 40.41
N GLU D 650 -86.61 -21.29 40.28
CA GLU D 650 -87.37 -22.20 41.09
C GLU D 650 -87.01 -21.98 42.54
N LEU D 651 -85.71 -21.87 42.80
CA LEU D 651 -85.30 -21.67 44.16
C LEU D 651 -85.84 -20.37 44.70
N ILE D 652 -85.72 -19.29 43.94
CA ILE D 652 -86.17 -18.01 44.44
C ILE D 652 -87.66 -18.01 44.70
N CYS D 653 -88.39 -18.59 43.77
CA CYS D 653 -89.83 -18.57 43.89
C CYS D 653 -90.27 -19.34 45.11
N LYS D 654 -89.69 -20.52 45.30
CA LYS D 654 -90.13 -21.31 46.45
C LYS D 654 -89.73 -20.56 47.69
N ALA D 655 -88.49 -20.13 47.69
CA ALA D 655 -87.95 -19.40 48.79
C ALA D 655 -88.65 -18.07 48.86
N VAL D 656 -88.81 -17.40 47.73
CA VAL D 656 -89.45 -16.12 47.93
C VAL D 656 -90.93 -16.33 48.22
N LEU D 657 -91.54 -17.23 47.46
CA LEU D 657 -92.94 -17.51 47.61
C LEU D 657 -93.20 -18.05 49.00
N ASN D 658 -92.36 -18.94 49.50
CA ASN D 658 -92.61 -19.48 50.83
C ASN D 658 -92.56 -18.37 51.87
N PRO D 659 -91.55 -17.49 51.74
CA PRO D 659 -91.48 -16.43 52.75
C PRO D 659 -92.70 -15.53 52.68
N THR D 660 -93.11 -15.19 51.47
CA THR D 660 -94.28 -14.32 51.34
C THR D 660 -95.52 -14.99 51.89
N ASN D 661 -95.65 -16.28 51.58
CA ASN D 661 -96.77 -17.11 51.96
C ASN D 661 -96.90 -17.21 53.46
N ALA D 662 -95.78 -17.29 54.16
CA ALA D 662 -95.94 -17.37 55.59
C ALA D 662 -95.06 -16.28 56.14
N ASP D 663 -95.46 -15.03 55.88
CA ASP D 663 -94.63 -13.97 56.42
C ASP D 663 -94.44 -12.94 55.32
N ILE D 664 -93.80 -11.84 55.69
CA ILE D 664 -93.00 -11.08 54.74
C ILE D 664 -91.56 -11.43 55.09
N LEU D 665 -91.06 -12.48 54.46
CA LEU D 665 -89.82 -13.09 54.90
C LEU D 665 -90.08 -14.06 56.06
N ILE D 707 -108.52 -1.10 44.79
CA ILE D 707 -108.80 0.06 43.97
C ILE D 707 -108.73 1.32 44.82
N ARG D 708 -109.76 1.52 45.64
CA ARG D 708 -109.81 2.69 46.52
C ARG D 708 -108.66 2.66 47.50
N SER D 709 -108.38 1.47 48.03
CA SER D 709 -107.28 1.27 48.96
C SER D 709 -105.96 1.60 48.26
N LYS D 710 -105.83 1.18 47.01
CA LYS D 710 -104.62 1.46 46.25
C LYS D 710 -104.47 2.96 46.08
N SER D 711 -105.56 3.66 45.79
CA SER D 711 -105.50 5.11 45.61
C SER D 711 -105.07 5.78 46.91
N VAL D 712 -105.59 5.29 48.03
CA VAL D 712 -105.25 5.84 49.34
C VAL D 712 -103.77 5.63 49.61
N ARG D 713 -103.28 4.44 49.25
CA ARG D 713 -101.89 4.10 49.43
C ARG D 713 -101.02 5.04 48.60
N GLU D 714 -101.45 5.32 47.37
CA GLU D 714 -100.72 6.21 46.49
C GLU D 714 -100.64 7.60 47.10
N LEU D 715 -101.75 8.06 47.67
CA LEU D 715 -101.74 9.38 48.29
C LEU D 715 -100.75 9.40 49.46
N ALA D 716 -100.76 8.33 50.25
CA ALA D 716 -99.87 8.20 51.41
C ALA D 716 -98.41 8.19 50.95
N GLN D 717 -98.15 7.50 49.84
CA GLN D 717 -96.82 7.42 49.27
C GLN D 717 -96.37 8.79 48.84
N ASP D 718 -97.28 9.56 48.25
CA ASP D 718 -96.97 10.92 47.82
C ASP D 718 -96.59 11.75 49.04
N ALA D 719 -97.34 11.61 50.13
CA ALA D 719 -97.01 12.36 51.34
C ALA D 719 -95.63 11.95 51.87
N LYS D 720 -95.34 10.66 51.82
CA LYS D 720 -94.06 10.14 52.28
C LYS D 720 -92.95 10.73 51.45
N GLU D 721 -93.16 10.80 50.13
CA GLU D 721 -92.20 11.36 49.19
C GLU D 721 -91.98 12.84 49.47
N GLY D 722 -93.06 13.53 49.81
CA GLY D 722 -92.99 14.94 50.14
C GLY D 722 -92.11 15.16 51.36
N GLN D 723 -92.22 14.30 52.36
CA GLN D 723 -91.29 14.39 53.50
C GLN D 723 -90.00 13.60 53.28
N LYS D 724 -89.18 13.41 54.31
CA LYS D 724 -88.02 12.58 54.02
C LYS D 724 -88.10 11.13 54.53
N GLU D 725 -89.16 10.61 55.16
CA GLU D 725 -89.24 9.19 55.46
C GLU D 725 -90.64 8.62 55.20
N ASP D 726 -91.23 8.93 54.06
CA ASP D 726 -92.64 8.60 53.86
C ASP D 726 -92.84 7.17 53.38
N ARG D 727 -92.40 6.84 52.16
CA ARG D 727 -92.70 5.56 51.56
C ARG D 727 -91.51 5.01 50.76
N ASP D 728 -90.31 5.09 51.30
CA ASP D 728 -89.10 4.79 50.52
C ASP D 728 -88.71 3.32 50.59
N VAL D 729 -89.64 2.46 50.22
CA VAL D 729 -89.37 1.03 50.19
C VAL D 729 -89.91 0.44 48.90
N LEU D 730 -90.93 1.10 48.37
CA LEU D 730 -91.64 0.60 47.22
C LEU D 730 -90.92 0.41 45.90
N SER D 731 -90.12 1.37 45.44
CA SER D 731 -89.50 1.16 44.14
C SER D 731 -88.56 -0.03 44.15
N TYR D 732 -87.70 -0.08 45.17
CA TYR D 732 -86.77 -1.18 45.27
C TYR D 732 -87.52 -2.48 45.46
N TYR D 733 -88.55 -2.44 46.32
CA TYR D 733 -89.28 -3.65 46.61
C TYR D 733 -89.94 -4.19 45.35
N ARG D 734 -90.54 -3.29 44.59
CA ARG D 734 -91.25 -3.67 43.40
C ARG D 734 -90.28 -4.26 42.41
N TYR D 735 -89.12 -3.63 42.27
CA TYR D 735 -88.15 -4.13 41.31
C TYR D 735 -87.72 -5.53 41.71
N GLN D 736 -87.44 -5.71 42.99
CA GLN D 736 -86.99 -7.00 43.44
C GLN D 736 -88.06 -8.03 43.21
N LEU D 737 -89.31 -7.70 43.53
CA LEU D 737 -90.38 -8.65 43.38
C LEU D 737 -90.52 -9.05 41.94
N ASN D 738 -90.49 -8.07 41.05
CA ASN D 738 -90.66 -8.37 39.66
C ASN D 738 -89.56 -9.26 39.16
N LEU D 739 -88.31 -8.93 39.50
CA LEU D 739 -87.21 -9.73 39.01
C LEU D 739 -87.29 -11.15 39.53
N PHE D 740 -87.62 -11.26 40.81
CA PHE D 740 -87.68 -12.53 41.49
C PHE D 740 -88.77 -13.41 40.92
N ALA D 741 -89.90 -12.81 40.59
CA ALA D 741 -91.03 -13.58 40.09
C ALA D 741 -91.00 -13.70 38.59
N ARG D 742 -90.04 -13.04 37.96
CA ARG D 742 -89.93 -13.03 36.53
C ARG D 742 -88.66 -13.52 35.84
N MET D 743 -87.78 -14.30 36.45
CA MET D 743 -86.64 -14.57 35.58
C MET D 743 -87.05 -15.55 34.47
N CYS D 744 -86.93 -15.10 33.21
CA CYS D 744 -86.85 -16.00 32.06
C CYS D 744 -88.20 -16.55 31.60
N LEU D 745 -89.30 -16.05 32.17
CA LEU D 745 -90.65 -16.47 31.77
C LEU D 745 -90.92 -17.95 32.05
N ASP D 746 -90.85 -18.30 33.33
CA ASP D 746 -91.03 -19.68 33.75
C ASP D 746 -92.50 -20.04 33.85
N ARG D 747 -92.79 -21.10 34.58
CA ARG D 747 -94.13 -21.62 34.77
C ARG D 747 -94.90 -20.79 35.78
N GLN D 748 -96.00 -21.34 36.29
CA GLN D 748 -97.03 -20.68 37.10
C GLN D 748 -96.52 -20.05 38.41
N TYR D 749 -95.24 -20.10 38.76
CA TYR D 749 -94.72 -19.25 39.83
C TYR D 749 -94.90 -17.79 39.48
N LEU D 750 -94.79 -17.45 38.19
CA LEU D 750 -95.19 -16.13 37.74
C LEU D 750 -96.67 -15.88 37.96
N ALA D 751 -97.52 -16.90 37.81
CA ALA D 751 -98.91 -16.76 38.17
C ALA D 751 -99.10 -16.73 39.68
N ILE D 752 -98.11 -17.21 40.44
CA ILE D 752 -98.10 -16.94 41.86
C ILE D 752 -97.91 -15.45 42.09
N ASN D 753 -96.93 -14.85 41.40
CA ASN D 753 -96.85 -13.40 41.34
C ASN D 753 -98.05 -12.82 40.62
N GLU D 754 -98.59 -13.53 39.64
CA GLU D 754 -99.87 -13.18 39.05
C GLU D 754 -101.01 -13.30 40.04
N ILE D 755 -100.85 -14.10 41.09
CA ILE D 755 -101.77 -14.08 42.21
C ILE D 755 -101.77 -12.71 42.89
N SER D 756 -100.61 -12.06 42.93
CA SER D 756 -100.55 -10.68 43.40
C SER D 756 -100.65 -9.69 42.26
N GLY D 757 -101.18 -10.12 41.12
CA GLY D 757 -101.25 -9.25 39.94
C GLY D 757 -102.13 -8.02 39.83
N GLN D 758 -103.39 -8.15 40.23
CA GLN D 758 -104.35 -7.04 40.18
C GLN D 758 -105.07 -6.85 38.84
N LEU D 759 -104.61 -7.53 37.79
CA LEU D 759 -105.25 -7.47 36.47
C LEU D 759 -105.50 -6.07 35.90
N ASP D 760 -104.56 -5.16 36.12
CA ASP D 760 -104.90 -3.74 36.06
C ASP D 760 -104.08 -2.93 35.06
N VAL D 761 -103.56 -3.53 34.00
CA VAL D 761 -102.72 -2.68 33.18
C VAL D 761 -102.99 -1.20 33.36
N ASP D 762 -104.25 -0.81 33.43
CA ASP D 762 -104.55 0.60 33.58
C ASP D 762 -103.98 1.10 34.89
N LEU D 763 -104.18 0.34 35.95
CA LEU D 763 -103.69 0.76 37.24
C LEU D 763 -102.19 0.87 37.23
N ILE D 764 -101.50 -0.10 36.63
CA ILE D 764 -100.05 -0.08 36.60
C ILE D 764 -99.53 1.12 35.84
N LEU D 765 -100.16 1.42 34.72
CA LEU D 765 -99.72 2.54 33.90
C LEU D 765 -99.91 3.82 34.67
N ARG D 766 -101.06 3.92 35.33
CA ARG D 766 -101.38 5.10 36.11
C ARG D 766 -100.35 5.25 37.22
N CYS D 767 -99.98 4.16 37.88
CA CYS D 767 -99.02 4.21 38.96
C CYS D 767 -97.66 4.67 38.48
N MET D 768 -97.24 4.16 37.33
CA MET D 768 -95.95 4.57 36.81
C MET D 768 -95.99 6.06 36.53
N SER D 769 -97.07 6.52 35.90
CA SER D 769 -97.18 7.93 35.59
C SER D 769 -97.22 8.79 36.85
N ASP D 770 -97.93 8.31 37.85
CA ASP D 770 -98.11 9.02 39.10
C ASP D 770 -96.79 9.21 39.82
N GLU D 771 -95.95 8.18 39.83
CA GLU D 771 -94.68 8.36 40.52
C GLU D 771 -93.59 8.23 39.50
N ASN D 772 -93.09 9.36 38.99
CA ASN D 772 -92.07 9.15 37.97
C ASN D 772 -90.99 8.18 38.45
N LEU D 773 -91.46 6.94 38.48
CA LEU D 773 -90.68 5.81 38.89
C LEU D 773 -91.01 4.38 38.40
N PRO D 774 -90.56 3.47 39.24
CA PRO D 774 -90.54 2.02 39.29
C PRO D 774 -91.97 1.54 39.24
N TYR D 775 -92.94 2.21 39.83
CA TYR D 775 -94.29 1.67 39.73
C TYR D 775 -94.70 1.61 38.26
N ASP D 776 -94.48 2.69 37.52
CA ASP D 776 -94.84 2.68 36.12
C ASP D 776 -93.99 1.63 35.39
N LEU D 777 -92.70 1.67 35.68
CA LEU D 777 -91.76 0.73 35.09
C LEU D 777 -92.22 -0.64 35.53
N ARG D 778 -92.69 -0.72 36.77
CA ARG D 778 -93.23 -1.94 37.34
C ARG D 778 -94.44 -2.40 36.54
N ALA D 779 -95.29 -1.46 36.14
CA ALA D 779 -96.45 -1.79 35.33
C ALA D 779 -95.99 -2.41 34.02
N SER D 780 -94.96 -1.84 33.39
CA SER D 780 -94.44 -2.38 32.15
C SER D 780 -93.91 -3.79 32.37
N PHE D 781 -93.21 -4.02 33.48
CA PHE D 781 -92.69 -5.36 33.74
C PHE D 781 -93.83 -6.35 33.89
N CYS D 782 -94.89 -5.95 34.59
CA CYS D 782 -96.05 -6.79 34.80
C CYS D 782 -96.74 -7.11 33.49
N ARG D 783 -96.82 -6.09 32.64
CA ARG D 783 -97.41 -6.24 31.32
C ARG D 783 -96.60 -7.23 30.52
N LEU D 784 -95.28 -7.14 30.62
CA LEU D 784 -94.40 -8.05 29.91
C LEU D 784 -94.65 -9.45 30.42
N MET D 785 -94.80 -9.64 31.72
CA MET D 785 -95.06 -10.98 32.22
C MET D 785 -96.38 -11.53 31.69
N LEU D 786 -97.41 -10.70 31.67
CA LEU D 786 -98.72 -11.14 31.18
C LEU D 786 -98.64 -11.52 29.71
N HIS D 787 -97.91 -10.68 28.97
CA HIS D 787 -97.70 -10.87 27.55
C HIS D 787 -96.96 -12.15 27.30
N MET D 788 -95.97 -12.45 28.13
CA MET D 788 -95.19 -13.67 28.02
C MET D 788 -96.11 -14.87 28.24
N HIS D 789 -97.01 -14.76 29.22
CA HIS D 789 -97.94 -15.86 29.46
C HIS D 789 -98.79 -16.06 28.20
N VAL D 790 -99.29 -14.98 27.61
CA VAL D 790 -100.11 -15.10 26.40
C VAL D 790 -99.31 -15.68 25.23
N ASP D 791 -98.06 -15.24 25.15
CA ASP D 791 -97.07 -15.61 24.15
C ASP D 791 -96.63 -17.06 24.19
N ARG D 792 -96.78 -17.71 25.36
CA ARG D 792 -96.40 -19.11 25.53
C ARG D 792 -97.27 -19.78 24.47
N ASP D 793 -98.46 -19.22 24.34
CA ASP D 793 -99.43 -19.61 23.33
C ASP D 793 -98.72 -19.84 21.98
N PRO D 794 -97.70 -19.02 21.62
CA PRO D 794 -97.27 -19.43 20.28
C PRO D 794 -95.92 -18.89 19.83
N GLN D 795 -95.36 -17.90 20.53
CA GLN D 795 -94.11 -17.29 20.13
C GLN D 795 -94.21 -16.57 18.79
N GLU D 796 -94.94 -15.46 18.76
CA GLU D 796 -95.33 -14.78 17.51
C GLU D 796 -94.18 -14.12 16.79
N GLN D 797 -93.37 -14.89 16.07
CA GLN D 797 -92.38 -14.32 15.16
C GLN D 797 -93.06 -13.78 13.92
N VAL D 798 -92.41 -12.82 13.27
CA VAL D 798 -92.93 -12.19 12.07
C VAL D 798 -92.73 -13.13 10.89
N THR D 799 -93.82 -13.49 10.21
CA THR D 799 -93.71 -14.35 9.05
C THR D 799 -93.96 -13.54 7.78
N PRO D 800 -93.10 -13.70 6.77
CA PRO D 800 -93.28 -12.94 5.53
C PRO D 800 -94.13 -13.65 4.50
N VAL D 801 -94.86 -14.69 4.91
CA VAL D 801 -95.62 -15.47 3.96
C VAL D 801 -96.87 -14.70 3.55
N LYS D 802 -96.79 -14.04 2.40
CA LYS D 802 -97.94 -13.36 1.82
C LYS D 802 -98.46 -14.23 0.69
N TYR D 803 -98.35 -15.55 0.87
CA TYR D 803 -98.71 -16.50 -0.17
C TYR D 803 -100.22 -16.64 -0.27
N ALA D 804 -100.85 -15.81 -1.08
CA ALA D 804 -102.26 -15.95 -1.43
C ALA D 804 -102.30 -16.72 -2.74
N ARG D 805 -102.99 -17.86 -2.74
CA ARG D 805 -102.95 -18.78 -3.86
C ARG D 805 -103.85 -18.28 -4.99
N LEU D 806 -104.12 -19.17 -5.96
CA LEU D 806 -105.18 -18.91 -6.93
C LEU D 806 -106.50 -18.64 -6.23
N TRP D 807 -106.80 -19.43 -5.20
CA TRP D 807 -107.65 -18.94 -4.14
C TRP D 807 -106.88 -17.86 -3.39
N SER D 808 -107.16 -16.61 -3.75
CA SER D 808 -106.45 -15.48 -3.16
C SER D 808 -107.28 -14.89 -2.03
N GLU D 809 -106.74 -13.91 -1.33
CA GLU D 809 -107.42 -13.35 -0.18
C GLU D 809 -108.43 -12.28 -0.61
N ILE D 810 -108.92 -11.53 0.37
CA ILE D 810 -109.74 -10.36 0.11
C ILE D 810 -108.84 -9.34 -0.57
N PRO D 811 -108.98 -9.10 -1.88
CA PRO D 811 -108.01 -8.27 -2.58
C PRO D 811 -108.29 -6.79 -2.52
N SER D 812 -109.19 -6.37 -1.63
CA SER D 812 -109.58 -4.98 -1.48
C SER D 812 -108.90 -4.31 -0.29
N GLU D 813 -107.82 -4.91 0.20
CA GLU D 813 -107.04 -4.27 1.25
C GLU D 813 -106.05 -3.30 0.64
N ILE D 814 -106.50 -2.10 0.30
CA ILE D 814 -105.62 -1.13 -0.36
C ILE D 814 -104.76 -0.41 0.68
N ALA D 815 -105.40 0.27 1.63
CA ALA D 815 -104.70 1.03 2.67
C ALA D 815 -105.19 0.49 4.01
N ILE D 816 -104.54 -0.56 4.50
CA ILE D 816 -104.90 -1.11 5.80
C ILE D 816 -104.25 -0.26 6.89
N ASP D 817 -105.07 0.56 7.55
CA ASP D 817 -104.59 1.37 8.65
C ASP D 817 -104.46 0.58 9.94
N ASP D 818 -105.15 -0.56 10.04
CA ASP D 818 -105.09 -1.42 11.22
C ASP D 818 -105.06 -2.87 10.74
N TYR D 819 -103.86 -3.45 10.70
CA TYR D 819 -103.72 -4.86 10.33
C TYR D 819 -103.96 -5.73 11.56
N ASP D 820 -104.27 -7.01 11.33
CA ASP D 820 -104.48 -7.96 12.42
C ASP D 820 -103.17 -8.24 13.13
N SER D 821 -103.18 -8.14 14.46
CA SER D 821 -101.95 -8.24 15.25
C SER D 821 -102.17 -9.12 16.47
N SER D 822 -101.22 -9.06 17.41
CA SER D 822 -101.24 -9.87 18.62
C SER D 822 -101.84 -9.12 19.81
N GLY D 823 -102.88 -8.33 19.58
CA GLY D 823 -103.60 -7.79 20.73
C GLY D 823 -104.20 -9.09 21.26
N ALA D 824 -104.17 -9.28 22.57
CA ALA D 824 -104.68 -10.49 23.17
C ALA D 824 -106.19 -10.54 22.98
N SER D 825 -106.45 -11.03 21.76
CA SER D 825 -107.74 -11.36 21.16
C SER D 825 -108.86 -10.36 21.03
N LYS D 826 -109.17 -10.00 19.80
CA LYS D 826 -110.30 -9.14 19.51
C LYS D 826 -110.29 -7.88 20.31
N ASP D 827 -111.46 -7.57 20.87
CA ASP D 827 -111.60 -6.35 21.62
C ASP D 827 -110.78 -6.22 22.88
N GLU D 828 -110.72 -7.21 23.76
CA GLU D 828 -109.97 -6.99 24.99
C GLU D 828 -108.47 -6.77 24.76
N ILE D 829 -107.87 -7.67 23.99
CA ILE D 829 -106.46 -7.56 23.72
C ILE D 829 -106.21 -6.28 22.94
N LYS D 830 -107.06 -6.04 21.95
CA LYS D 830 -106.85 -4.89 21.11
C LYS D 830 -106.94 -3.61 21.90
N GLU D 831 -107.93 -3.52 22.74
CA GLU D 831 -108.17 -2.33 23.51
C GLU D 831 -107.02 -2.07 24.43
N ARG D 832 -106.53 -3.12 25.08
CA ARG D 832 -105.43 -2.89 26.02
C ARG D 832 -104.22 -2.39 25.29
N PHE D 833 -103.92 -3.02 24.16
CA PHE D 833 -102.74 -2.63 23.41
C PHE D 833 -102.89 -1.21 22.93
N ALA D 834 -104.07 -0.89 22.41
CA ALA D 834 -104.31 0.42 21.87
C ALA D 834 -104.19 1.46 22.94
N GLN D 835 -104.77 1.21 24.10
CA GLN D 835 -104.74 2.19 25.15
C GLN D 835 -103.32 2.44 25.57
N THR D 836 -102.56 1.37 25.74
CA THR D 836 -101.20 1.54 26.19
C THR D 836 -100.40 2.31 25.16
N MET D 837 -100.58 1.92 23.91
CA MET D 837 -99.81 2.55 22.85
C MET D 837 -100.15 4.01 22.75
N GLU D 838 -101.44 4.30 22.84
CA GLU D 838 -101.89 5.65 22.70
C GLU D 838 -101.31 6.47 23.80
N PHE D 839 -101.35 5.98 25.03
CA PHE D 839 -100.83 6.77 26.13
C PHE D 839 -99.35 7.02 25.97
N VAL D 840 -98.62 5.98 25.61
CA VAL D 840 -97.19 6.13 25.49
C VAL D 840 -96.83 7.12 24.41
N GLU D 841 -97.48 7.00 23.25
CA GLU D 841 -97.13 7.89 22.15
C GLU D 841 -97.52 9.29 22.53
N GLU D 842 -98.73 9.36 23.04
CA GLU D 842 -99.30 10.60 23.48
C GLU D 842 -98.45 11.02 24.63
N TYR D 843 -98.11 10.10 25.52
CA TYR D 843 -97.34 10.65 26.63
C TYR D 843 -95.88 10.73 26.28
N LEU D 844 -95.37 9.67 25.66
CA LEU D 844 -93.98 9.61 25.31
C LEU D 844 -93.65 10.70 24.32
N ARG D 845 -94.51 10.89 23.34
CA ARG D 845 -94.26 11.88 22.31
C ARG D 845 -94.19 13.24 22.95
N ASP D 846 -95.13 13.54 23.85
CA ASP D 846 -95.11 14.85 24.47
C ASP D 846 -93.83 15.04 25.27
N VAL D 847 -93.44 14.03 26.04
CA VAL D 847 -92.25 14.17 26.85
C VAL D 847 -91.02 14.38 25.99
N VAL D 848 -90.94 13.62 24.92
CA VAL D 848 -89.77 13.70 24.04
C VAL D 848 -89.71 15.06 23.41
N CYS D 849 -90.85 15.57 22.98
CA CYS D 849 -90.89 16.87 22.33
C CYS D 849 -90.45 17.94 23.30
N GLN D 850 -90.94 17.85 24.53
CA GLN D 850 -90.58 18.85 25.51
C GLN D 850 -89.71 18.41 26.67
N ARG D 851 -89.25 17.16 26.72
CA ARG D 851 -88.50 16.84 27.92
C ARG D 851 -87.03 17.21 27.76
N PHE D 852 -86.30 17.16 28.86
CA PHE D 852 -84.86 17.44 28.89
C PHE D 852 -84.15 16.19 28.41
N PRO D 853 -82.88 16.29 28.03
CA PRO D 853 -82.23 15.15 27.36
C PRO D 853 -81.69 14.07 28.28
N PHE D 854 -81.77 14.24 29.60
CA PHE D 854 -81.10 13.32 30.51
C PHE D 854 -81.85 12.92 31.78
N SER D 855 -83.12 13.24 31.93
CA SER D 855 -83.73 13.15 33.26
C SER D 855 -84.60 11.91 33.48
N ASP D 856 -84.95 11.23 32.41
CA ASP D 856 -85.78 10.05 32.55
C ASP D 856 -85.16 8.90 31.82
N LYS D 857 -84.04 8.41 32.36
CA LYS D 857 -83.34 7.27 31.77
C LYS D 857 -84.25 6.06 31.85
N GLU D 858 -84.91 5.91 33.01
CA GLU D 858 -85.88 4.86 33.23
C GLU D 858 -87.05 5.04 32.29
N LYS D 859 -87.48 6.28 32.04
CA LYS D 859 -88.59 6.50 31.13
C LYS D 859 -88.20 5.99 29.73
N ASN D 860 -86.97 6.29 29.31
CA ASN D 860 -86.49 5.84 28.01
C ASN D 860 -86.43 4.31 27.96
N LYS D 861 -85.99 3.71 29.05
CA LYS D 861 -85.91 2.26 29.13
C LYS D 861 -87.30 1.66 29.00
N LEU D 862 -88.28 2.29 29.66
CA LEU D 862 -89.67 1.88 29.63
C LEU D 862 -90.19 1.99 28.22
N THR D 863 -89.83 3.06 27.53
CA THR D 863 -90.25 3.22 26.16
C THR D 863 -89.70 2.07 25.32
N PHE D 864 -88.43 1.72 25.52
CA PHE D 864 -87.83 0.62 24.76
C PHE D 864 -88.54 -0.69 25.04
N GLU D 865 -88.87 -0.91 26.31
CA GLU D 865 -89.56 -2.11 26.71
C GLU D 865 -90.93 -2.16 26.05
N VAL D 866 -91.60 -1.02 26.01
CA VAL D 866 -92.91 -0.87 25.41
C VAL D 866 -92.81 -1.17 23.94
N VAL D 867 -91.76 -0.70 23.28
CA VAL D 867 -91.58 -0.96 21.86
C VAL D 867 -91.42 -2.45 21.65
N ASN D 868 -90.64 -3.12 22.51
CA ASN D 868 -90.45 -4.55 22.39
C ASN D 868 -91.79 -5.26 22.57
N LEU D 869 -92.57 -4.79 23.54
CA LEU D 869 -93.88 -5.32 23.85
C LEU D 869 -94.81 -5.13 22.67
N ALA D 870 -94.72 -3.99 22.01
CA ALA D 870 -95.54 -3.69 20.86
C ALA D 870 -95.18 -4.66 19.76
N ARG D 871 -93.90 -4.93 19.58
CA ARG D 871 -93.48 -5.89 18.57
C ARG D 871 -94.07 -7.26 18.89
N ASN D 872 -94.03 -7.67 20.15
CA ASN D 872 -94.60 -8.95 20.48
C ASN D 872 -96.11 -8.97 20.24
N LEU D 873 -96.77 -7.89 20.62
CA LEU D 873 -98.22 -7.73 20.52
C LEU D 873 -98.84 -6.71 19.56
N ILE D 874 -98.35 -5.47 19.50
CA ILE D 874 -98.98 -4.53 18.59
C ILE D 874 -98.77 -5.03 17.18
N TYR D 875 -99.83 -5.00 16.35
CA TYR D 875 -99.72 -5.28 14.93
C TYR D 875 -100.65 -4.46 14.04
N PHE D 876 -101.08 -3.28 14.48
CA PHE D 876 -102.26 -2.63 13.91
C PHE D 876 -101.89 -1.71 12.75
N GLY D 877 -101.44 -2.40 11.70
CA GLY D 877 -101.42 -1.92 10.34
C GLY D 877 -101.04 -0.58 9.84
N PHE D 878 -101.98 -0.03 9.08
CA PHE D 878 -101.92 1.32 8.56
C PHE D 878 -102.13 2.32 9.69
N TYR D 879 -103.12 2.06 10.56
CA TYR D 879 -103.40 2.92 11.73
C TYR D 879 -102.23 2.81 12.68
N ASN D 880 -101.78 1.57 12.82
CA ASN D 880 -100.62 1.20 13.61
C ASN D 880 -99.39 1.82 13.01
N PHE D 881 -99.33 1.86 11.68
CA PHE D 881 -98.28 2.42 10.86
C PHE D 881 -98.22 3.91 11.08
N SER D 882 -99.37 4.55 11.25
CA SER D 882 -99.48 5.99 11.53
C SER D 882 -98.89 6.21 12.90
N ASP D 883 -99.20 5.28 13.81
CA ASP D 883 -98.63 5.30 15.15
C ASP D 883 -97.12 5.11 15.03
N LEU D 884 -96.68 4.23 14.13
CA LEU D 884 -95.31 3.91 13.83
C LEU D 884 -94.61 5.12 13.24
N LEU D 885 -95.32 5.90 12.45
CA LEU D 885 -94.79 7.13 11.87
C LEU D 885 -94.50 8.06 13.01
N ARG D 886 -95.45 8.14 13.95
CA ARG D 886 -95.27 8.97 15.12
C ARG D 886 -94.07 8.44 15.90
N LEU D 887 -94.01 7.11 16.04
CA LEU D 887 -92.92 6.45 16.68
C LEU D 887 -91.92 6.87 15.67
N THR D 888 -92.26 6.72 14.36
CA THR D 888 -91.19 7.33 13.61
C THR D 888 -91.06 8.79 14.04
N LYS D 889 -92.18 9.46 14.20
CA LYS D 889 -92.18 10.84 14.63
C LYS D 889 -91.58 10.94 16.03
N ILE D 890 -91.90 10.01 16.91
CA ILE D 890 -91.38 10.00 18.25
C ILE D 890 -89.88 9.82 18.22
N LEU D 891 -89.40 8.95 17.35
CA LEU D 891 -87.96 8.73 17.23
C LEU D 891 -87.28 10.00 16.75
N LEU D 892 -87.91 10.68 15.79
CA LEU D 892 -87.38 11.93 15.28
C LEU D 892 -87.35 12.98 16.39
N ALA D 893 -88.38 13.01 17.22
CA ALA D 893 -88.49 13.93 18.32
C ALA D 893 -87.38 13.66 19.32
N ILE D 894 -87.08 12.38 19.57
CA ILE D 894 -86.01 12.05 20.49
C ILE D 894 -84.71 12.59 19.90
N LEU D 895 -84.50 12.37 18.61
CA LEU D 895 -83.35 12.92 17.92
C LEU D 895 -83.41 14.45 17.86
N ASP D 896 -84.59 14.99 17.57
CA ASP D 896 -84.66 16.44 17.52
C ASP D 896 -83.43 16.79 18.37
N CYS D 897 -82.30 16.20 18.00
CA CYS D 897 -81.06 16.39 18.74
C CYS D 897 -80.62 17.85 18.74
N VAL D 898 -80.11 18.28 19.89
CA VAL D 898 -79.63 19.65 20.06
C VAL D 898 -78.66 19.71 21.24
N PRO D 960 -71.64 9.07 29.52
CA PRO D 960 -73.06 8.79 29.68
C PRO D 960 -73.53 7.85 28.58
N GLU D 961 -72.63 6.98 28.16
CA GLU D 961 -72.91 6.12 27.02
C GLU D 961 -73.89 5.02 27.37
N LYS D 962 -73.87 4.56 28.63
CA LYS D 962 -74.61 3.37 29.03
C LYS D 962 -76.10 3.54 28.90
N GLU D 963 -76.69 4.49 29.60
CA GLU D 963 -78.07 4.84 29.34
C GLU D 963 -78.23 5.47 27.98
N ASP D 964 -77.21 6.17 27.50
CA ASP D 964 -77.23 6.78 26.17
C ASP D 964 -77.37 5.74 25.09
N ILE D 965 -76.55 4.70 25.12
CA ILE D 965 -76.76 3.56 24.24
C ILE D 965 -77.94 2.73 24.72
N MET D 966 -78.23 2.73 26.02
CA MET D 966 -79.48 2.14 26.49
C MET D 966 -80.66 2.87 25.89
N VAL D 967 -80.53 4.18 25.70
CA VAL D 967 -81.42 4.87 24.80
C VAL D 967 -81.09 4.55 23.35
N MET D 968 -79.82 4.65 22.96
CA MET D 968 -79.44 4.52 21.56
C MET D 968 -79.71 3.16 20.97
N ASP D 969 -79.16 2.11 21.56
CA ASP D 969 -79.51 0.77 21.11
C ASP D 969 -80.92 0.41 21.53
N THR D 970 -81.45 1.05 22.57
CA THR D 970 -82.88 0.96 22.79
C THR D 970 -83.64 1.56 21.63
N LYS D 971 -83.27 2.76 21.20
CA LYS D 971 -83.76 3.29 19.95
C LYS D 971 -83.30 2.44 18.78
N LEU D 972 -82.10 1.87 18.87
CA LEU D 972 -81.66 0.93 17.86
C LEU D 972 -82.52 -0.32 17.89
N LYS D 973 -82.98 -0.69 19.09
CA LYS D 973 -83.97 -1.75 19.20
C LYS D 973 -85.25 -1.33 18.50
N ILE D 974 -85.65 -0.08 18.68
CA ILE D 974 -86.75 0.43 17.89
C ILE D 974 -86.34 0.55 16.44
N ILE D 975 -85.08 0.92 16.19
CA ILE D 975 -84.63 1.12 14.81
C ILE D 975 -84.51 -0.20 14.11
N GLU D 976 -83.93 -1.19 14.76
CA GLU D 976 -83.98 -2.54 14.25
C GLU D 976 -85.39 -3.07 14.24
N ILE D 977 -86.21 -2.65 15.20
CA ILE D 977 -87.63 -2.94 15.11
C ILE D 977 -88.22 -2.22 13.91
N LEU D 978 -87.77 -0.98 13.68
CA LEU D 978 -88.21 -0.24 12.50
C LEU D 978 -87.64 -0.82 11.22
N GLN D 979 -86.54 -1.56 11.30
CA GLN D 979 -86.03 -2.25 10.13
C GLN D 979 -87.04 -3.26 9.61
N PHE D 980 -87.37 -4.25 10.42
CA PHE D 980 -88.38 -5.21 10.00
C PHE D 980 -89.77 -4.62 10.06
N ILE D 981 -89.97 -3.51 10.75
CA ILE D 981 -91.28 -2.88 10.78
C ILE D 981 -91.62 -2.34 9.41
N LEU D 982 -90.73 -1.52 8.85
CA LEU D 982 -90.87 -1.18 7.44
C LEU D 982 -90.62 -2.39 6.56
N ASN D 983 -89.87 -3.38 7.01
CA ASN D 983 -89.73 -4.53 6.14
C ASN D 983 -91.11 -5.16 5.97
N VAL D 984 -91.78 -5.32 7.09
CA VAL D 984 -93.11 -5.92 7.11
C VAL D 984 -94.08 -5.06 6.32
N ARG D 985 -93.98 -3.76 6.54
CA ARG D 985 -94.89 -2.85 5.86
C ARG D 985 -94.69 -2.94 4.36
N LEU D 986 -93.46 -2.98 3.91
CA LEU D 986 -93.21 -3.05 2.49
C LEU D 986 -93.81 -4.33 1.91
N ASP D 987 -93.61 -5.44 2.60
CA ASP D 987 -94.16 -6.69 2.07
C ASP D 987 -95.69 -6.65 1.96
N TYR D 988 -96.32 -6.12 3.00
CA TYR D 988 -97.78 -6.04 3.01
C TYR D 988 -98.30 -5.16 1.89
N ARG D 989 -97.60 -4.05 1.68
CA ARG D 989 -97.99 -3.11 0.64
C ARG D 989 -97.89 -3.79 -0.71
N ILE D 990 -96.81 -4.55 -0.92
CA ILE D 990 -96.66 -5.22 -2.19
C ILE D 990 -97.82 -6.19 -2.42
N SER D 991 -98.19 -6.96 -1.40
CA SER D 991 -99.30 -7.89 -1.62
C SER D 991 -100.60 -7.17 -1.98
N CYS D 992 -100.86 -6.08 -1.27
CA CYS D 992 -102.08 -5.34 -1.50
C CYS D 992 -102.11 -4.80 -2.93
N LEU D 993 -100.97 -4.25 -3.37
CA LEU D 993 -100.87 -3.69 -4.71
C LEU D 993 -101.08 -4.76 -5.78
N LEU D 994 -100.51 -5.92 -5.51
CA LEU D 994 -100.57 -7.08 -6.38
C LEU D 994 -101.99 -7.57 -6.60
N CYS D 995 -102.84 -7.49 -5.58
CA CYS D 995 -104.20 -8.01 -5.74
C CYS D 995 -105.11 -7.45 -6.86
N ILE D 996 -105.10 -6.14 -7.09
CA ILE D 996 -105.96 -5.61 -8.16
C ILE D 996 -105.46 -4.45 -9.02
N PHE D 997 -105.55 -4.62 -10.34
CA PHE D 997 -105.23 -3.55 -11.31
C PHE D 997 -103.77 -3.24 -11.67
N LYS D 998 -103.61 -2.37 -12.68
CA LYS D 998 -102.31 -1.90 -13.13
C LYS D 998 -101.32 -3.02 -13.42
N ARG D 999 -101.58 -4.05 -14.19
CA ARG D 999 -100.43 -4.95 -14.21
C ARG D 999 -99.14 -4.28 -14.77
N GLU D 1000 -99.23 -3.72 -15.98
CA GLU D 1000 -98.07 -3.04 -16.54
C GLU D 1000 -97.82 -1.75 -15.78
N PHE D 1001 -98.93 -1.03 -15.59
CA PHE D 1001 -98.91 0.25 -14.92
C PHE D 1001 -98.46 0.09 -13.48
N ASP D 1002 -98.96 -0.93 -12.81
CA ASP D 1002 -98.59 -1.16 -11.42
C ASP D 1002 -97.10 -1.44 -11.33
N GLU D 1003 -96.60 -2.27 -12.25
CA GLU D 1003 -95.18 -2.59 -12.20
C GLU D 1003 -94.36 -1.32 -12.38
N SER D 1004 -94.74 -0.49 -13.35
CA SER D 1004 -94.00 0.74 -13.60
C SER D 1004 -94.05 1.69 -12.39
N ASN D 1005 -95.22 1.75 -11.78
CA ASN D 1005 -95.47 2.61 -10.63
C ASN D 1005 -94.64 2.27 -9.42
N SER D 1006 -94.40 0.98 -9.18
CA SER D 1006 -93.64 0.65 -7.98
C SER D 1006 -94.47 1.12 -6.79
N GLN D 1007 -93.92 1.88 -5.84
CA GLN D 1007 -94.80 2.27 -4.73
C GLN D 1007 -94.01 3.21 -3.82
N SER D 1008 -93.99 4.48 -4.22
CA SER D 1008 -93.20 5.50 -3.55
C SER D 1008 -92.42 6.30 -4.58
N VAL D 1024 -81.87 3.56 -25.86
CA VAL D 1024 -81.99 2.41 -24.97
C VAL D 1024 -81.20 2.66 -23.70
N PRO D 1025 -80.01 3.27 -23.84
CA PRO D 1025 -79.17 3.48 -22.66
C PRO D 1025 -79.68 4.54 -21.70
N GLY D 1026 -80.63 5.38 -22.13
CA GLY D 1026 -81.16 6.43 -21.28
C GLY D 1026 -82.61 6.27 -20.89
N ALA D 1027 -83.04 5.03 -20.63
CA ALA D 1027 -84.47 4.74 -20.44
C ALA D 1027 -85.03 5.29 -19.15
N LEU D 1028 -84.56 4.84 -18.00
CA LEU D 1028 -84.97 5.36 -16.70
C LEU D 1028 -84.00 6.40 -16.17
N ASP D 1029 -82.99 6.76 -16.96
CA ASP D 1029 -81.92 7.67 -16.54
C ASP D 1029 -82.42 9.09 -16.27
N PHE D 1030 -83.59 9.44 -16.79
CA PHE D 1030 -84.28 10.64 -16.37
C PHE D 1030 -85.31 10.37 -15.30
N GLU D 1031 -85.91 9.17 -15.26
CA GLU D 1031 -86.75 8.80 -14.14
C GLU D 1031 -85.95 8.69 -12.86
N HIS D 1032 -84.67 8.34 -12.96
CA HIS D 1032 -83.77 8.44 -11.83
C HIS D 1032 -83.49 9.89 -11.49
N ILE D 1033 -83.32 10.72 -12.52
CA ILE D 1033 -83.28 12.16 -12.31
C ILE D 1033 -84.63 12.63 -11.77
N GLU D 1034 -85.70 11.99 -12.23
CA GLU D 1034 -87.02 12.22 -11.67
C GLU D 1034 -87.17 11.70 -10.26
N GLU D 1035 -86.34 10.75 -9.84
CA GLU D 1035 -86.18 10.46 -8.43
C GLU D 1035 -85.14 11.36 -7.79
N GLN D 1036 -84.25 11.96 -8.60
CA GLN D 1036 -83.17 12.79 -8.08
C GLN D 1036 -83.67 14.07 -7.43
N ALA D 1037 -84.70 14.70 -8.00
CA ALA D 1037 -85.32 15.83 -7.32
C ALA D 1037 -86.10 15.35 -6.11
N GLU D 1038 -86.78 14.23 -6.25
CA GLU D 1038 -87.46 13.56 -5.14
C GLU D 1038 -86.49 12.91 -4.16
N GLY D 1039 -85.20 12.88 -4.50
CA GLY D 1039 -84.19 12.55 -3.53
C GLY D 1039 -83.39 13.75 -3.06
N ILE D 1040 -82.96 14.61 -3.99
CA ILE D 1040 -82.08 15.72 -3.63
C ILE D 1040 -82.84 16.77 -2.85
N PHE D 1041 -84.07 17.06 -3.25
CA PHE D 1041 -84.96 17.76 -2.35
C PHE D 1041 -85.55 16.80 -1.33
N GLY D 1042 -85.60 15.52 -1.66
CA GLY D 1042 -86.17 14.54 -0.78
C GLY D 1042 -87.67 14.43 -0.99
N HIS D 1055 -96.71 8.35 3.47
CA HIS D 1055 -96.39 9.60 2.81
C HIS D 1055 -95.44 10.44 3.65
N GLY D 1056 -94.46 9.76 4.28
CA GLY D 1056 -93.40 10.43 5.07
C GLY D 1056 -91.90 10.68 4.67
N GLY D 1057 -91.70 11.87 4.09
CA GLY D 1057 -90.41 12.39 3.66
C GLY D 1057 -89.48 12.59 4.85
N ARG D 1058 -90.10 13.05 5.93
CA ARG D 1058 -89.44 13.25 7.20
C ARG D 1058 -88.91 11.91 7.71
N THR D 1059 -89.66 10.82 7.54
CA THR D 1059 -89.21 9.48 7.96
C THR D 1059 -87.94 9.10 7.18
N PHE D 1060 -87.92 9.42 5.88
CA PHE D 1060 -86.67 9.12 5.14
C PHE D 1060 -85.47 9.93 5.72
N LEU D 1061 -85.74 11.19 6.05
CA LEU D 1061 -84.75 12.08 6.66
C LEU D 1061 -84.28 11.56 8.03
N ARG D 1062 -85.22 10.97 8.78
CA ARG D 1062 -84.98 10.35 10.07
C ARG D 1062 -84.01 9.19 9.91
N VAL D 1063 -84.17 8.41 8.84
CA VAL D 1063 -83.23 7.33 8.59
C VAL D 1063 -81.84 7.96 8.40
N LEU D 1064 -81.77 9.04 7.62
CA LEU D 1064 -80.48 9.72 7.48
C LEU D 1064 -79.89 10.21 8.83
N LEU D 1065 -80.71 10.75 9.73
CA LEU D 1065 -80.25 11.24 11.06
C LEU D 1065 -79.70 10.11 11.94
N HIS D 1066 -80.36 8.95 11.79
CA HIS D 1066 -79.98 7.73 12.50
C HIS D 1066 -78.58 7.38 12.04
N LEU D 1067 -78.33 7.47 10.73
CA LEU D 1067 -76.99 7.27 10.17
C LEU D 1067 -76.02 8.35 10.73
N THR D 1068 -76.53 9.57 10.89
CA THR D 1068 -75.86 10.74 11.44
C THR D 1068 -75.39 10.64 12.90
N MET D 1069 -75.84 9.65 13.69
CA MET D 1069 -75.26 9.53 15.08
C MET D 1069 -73.69 9.48 15.08
N HIS D 1070 -73.01 10.11 16.06
CA HIS D 1070 -71.58 10.34 15.98
C HIS D 1070 -70.75 9.05 15.95
N ASP D 1071 -70.72 8.29 17.04
CA ASP D 1071 -69.96 7.05 17.06
C ASP D 1071 -70.54 6.14 18.14
N TYR D 1072 -71.31 5.14 17.72
CA TYR D 1072 -71.86 4.15 18.63
C TYR D 1072 -71.52 2.77 18.10
N PRO D 1073 -70.47 2.14 18.67
CA PRO D 1073 -70.15 0.84 18.08
C PRO D 1073 -71.34 -0.12 18.10
N PRO D 1074 -72.07 -0.21 19.23
CA PRO D 1074 -73.28 -1.05 19.12
C PRO D 1074 -74.24 -0.35 18.15
N LEU D 1075 -74.33 0.97 18.37
CA LEU D 1075 -75.07 1.93 17.56
C LEU D 1075 -74.46 1.96 16.17
N VAL D 1076 -73.13 1.84 16.06
CA VAL D 1076 -72.49 1.80 14.75
C VAL D 1076 -72.98 0.58 13.96
N SER D 1077 -73.14 -0.57 14.63
CA SER D 1077 -73.65 -1.78 13.99
C SER D 1077 -75.09 -1.53 13.52
N GLY D 1078 -75.86 -0.85 14.36
CA GLY D 1078 -77.22 -0.52 13.98
C GLY D 1078 -77.26 0.38 12.74
N ALA D 1079 -76.33 1.34 12.69
CA ALA D 1079 -76.18 2.27 11.58
C ALA D 1079 -75.82 1.51 10.31
N LEU D 1080 -74.98 0.48 10.43
CA LEU D 1080 -74.62 -0.34 9.28
C LEU D 1080 -75.87 -1.04 8.75
N GLN D 1081 -76.69 -1.53 9.68
CA GLN D 1081 -77.93 -2.17 9.26
C GLN D 1081 -78.81 -1.14 8.53
N LEU D 1082 -78.88 0.08 9.02
CA LEU D 1082 -79.67 1.12 8.38
C LEU D 1082 -79.15 1.47 6.99
N LEU D 1083 -77.83 1.46 6.85
CA LEU D 1083 -77.17 1.75 5.58
C LEU D 1083 -77.60 0.68 4.59
N PHE D 1084 -77.61 -0.58 5.02
CA PHE D 1084 -78.07 -1.65 4.14
C PHE D 1084 -79.55 -1.44 3.79
N ARG D 1085 -80.32 -1.02 4.79
CA ARG D 1085 -81.73 -0.73 4.67
C ARG D 1085 -82.08 0.35 3.65
N HIS D 1086 -81.20 1.32 3.41
CA HIS D 1086 -81.50 2.34 2.38
C HIS D 1086 -81.64 1.49 1.12
N PHE D 1087 -80.76 0.50 1.16
CA PHE D 1087 -80.66 -0.50 0.13
C PHE D 1087 -82.01 -1.19 0.05
N SER D 1088 -82.88 -0.96 1.05
CA SER D 1088 -84.20 -1.50 1.12
C SER D 1088 -85.07 -1.15 -0.07
N GLN D 1089 -84.92 -0.01 -0.75
CA GLN D 1089 -85.77 0.21 -1.92
C GLN D 1089 -85.49 -0.89 -2.95
N ARG D 1090 -84.20 -1.14 -3.19
CA ARG D 1090 -83.71 -2.19 -4.10
C ARG D 1090 -84.06 -3.57 -3.56
N GLN D 1091 -83.98 -3.66 -2.23
CA GLN D 1091 -84.27 -4.83 -1.47
C GLN D 1091 -85.73 -5.17 -1.63
N GLU D 1092 -86.57 -4.14 -1.65
CA GLU D 1092 -87.99 -4.14 -1.84
C GLU D 1092 -88.25 -4.62 -3.23
N VAL D 1093 -87.45 -4.22 -4.21
CA VAL D 1093 -87.63 -4.75 -5.57
C VAL D 1093 -87.39 -6.28 -5.53
N LEU D 1094 -86.33 -6.66 -4.82
CA LEU D 1094 -86.00 -8.08 -4.62
C LEU D 1094 -87.13 -8.77 -3.85
N GLN D 1095 -87.69 -8.05 -2.88
CA GLN D 1095 -88.76 -8.38 -1.98
C GLN D 1095 -90.03 -8.59 -2.74
N ALA D 1096 -90.25 -7.81 -3.79
CA ALA D 1096 -91.39 -7.92 -4.68
C ALA D 1096 -91.24 -9.24 -5.39
N PHE D 1097 -90.00 -9.54 -5.80
CA PHE D 1097 -89.75 -10.84 -6.41
C PHE D 1097 -90.06 -11.94 -5.37
N LYS D 1098 -89.54 -11.75 -4.16
CA LYS D 1098 -89.68 -12.71 -3.10
C LYS D 1098 -90.97 -13.48 -3.23
N GLN D 1099 -91.14 -14.10 -4.38
CA GLN D 1099 -92.30 -14.92 -4.61
C GLN D 1099 -91.88 -16.37 -4.87
N VAL D 1100 -90.56 -16.57 -4.90
CA VAL D 1100 -89.97 -17.87 -5.18
C VAL D 1100 -90.07 -18.90 -4.06
N GLN D 1101 -89.30 -19.97 -4.20
CA GLN D 1101 -89.28 -21.07 -3.24
C GLN D 1101 -90.37 -22.09 -3.58
N LEU D 1102 -90.45 -23.16 -2.79
CA LEU D 1102 -91.39 -24.24 -3.04
C LEU D 1102 -91.12 -25.43 -2.12
N SER D 1106 -99.81 -29.81 -3.50
CA SER D 1106 -100.58 -28.61 -3.82
C SER D 1106 -101.62 -28.33 -2.74
N GLN D 1107 -101.51 -27.17 -2.11
CA GLN D 1107 -102.42 -26.77 -1.04
C GLN D 1107 -102.40 -27.86 0.02
N ASP D 1108 -103.55 -28.48 0.23
CA ASP D 1108 -103.64 -29.59 1.18
C ASP D 1108 -102.35 -30.40 1.14
N VAL D 1109 -101.83 -30.63 -0.07
CA VAL D 1109 -100.60 -31.37 -0.26
C VAL D 1109 -99.45 -30.61 0.40
N ASP D 1110 -99.43 -29.29 0.24
CA ASP D 1110 -98.40 -28.48 0.86
C ASP D 1110 -98.47 -28.60 2.38
N ASN D 1111 -99.69 -28.58 2.92
CA ASN D 1111 -99.85 -28.71 4.37
C ASN D 1111 -99.34 -30.06 4.86
N TYR D 1112 -99.63 -31.13 4.11
CA TYR D 1112 -99.18 -32.46 4.49
C TYR D 1112 -97.66 -32.52 4.49
N LYS D 1113 -97.06 -31.91 3.47
CA LYS D 1113 -95.61 -31.87 3.33
C LYS D 1113 -94.99 -31.13 4.50
N GLN D 1114 -95.62 -30.03 4.90
CA GLN D 1114 -95.14 -29.25 6.02
C GLN D 1114 -95.20 -30.09 7.30
N ILE D 1115 -96.27 -30.85 7.46
CA ILE D 1115 -96.41 -31.71 8.62
C ILE D 1115 -95.28 -32.75 8.63
N LYS D 1116 -94.97 -33.32 7.47
CA LYS D 1116 -93.91 -34.31 7.41
C LYS D 1116 -92.59 -33.70 6.97
N GLN D 1117 -92.54 -33.32 5.70
CA GLN D 1117 -91.34 -32.72 5.10
C GLN D 1117 -90.66 -31.93 6.20
N ASP D 1118 -91.49 -31.18 6.91
CA ASP D 1118 -91.03 -30.36 8.01
C ASP D 1118 -90.46 -31.27 9.08
N LEU D 1119 -91.15 -32.38 9.36
CA LEU D 1119 -90.67 -33.30 10.38
C LEU D 1119 -89.31 -33.89 10.03
N ASP D 1120 -89.12 -34.27 8.77
CA ASP D 1120 -87.84 -34.84 8.36
C ASP D 1120 -86.75 -33.80 8.53
N GLN D 1121 -87.06 -32.57 8.11
CA GLN D 1121 -86.09 -31.50 8.20
C GLN D 1121 -85.73 -31.24 9.66
N LEU D 1122 -86.73 -31.25 10.53
CA LEU D 1122 -86.55 -31.01 11.94
C LEU D 1122 -85.68 -32.11 12.54
N ARG D 1123 -85.90 -33.35 12.15
CA ARG D 1123 -85.09 -34.42 12.71
C ARG D 1123 -83.64 -34.20 12.30
N SER D 1124 -83.41 -33.88 11.04
CA SER D 1124 -82.03 -33.68 10.61
C SER D 1124 -81.39 -32.50 11.35
N ILE D 1125 -82.16 -31.42 11.48
CA ILE D 1125 -81.67 -30.22 12.12
C ILE D 1125 -81.33 -30.49 13.56
N VAL D 1126 -82.18 -31.24 14.24
CA VAL D 1126 -82.00 -31.56 15.64
C VAL D 1126 -80.75 -32.40 15.81
N GLU D 1127 -80.55 -33.35 14.89
CA GLU D 1127 -79.39 -34.19 14.97
C GLU D 1127 -78.14 -33.34 14.84
N LYS D 1128 -78.12 -32.39 13.90
CA LYS D 1128 -76.93 -31.57 13.80
C LYS D 1128 -76.76 -30.74 15.07
N SER D 1129 -77.85 -30.12 15.49
CA SER D 1129 -77.90 -29.28 16.68
C SER D 1129 -77.73 -30.06 17.97
N GLU D 1130 -78.38 -31.21 18.04
CA GLU D 1130 -78.31 -32.04 19.24
C GLU D 1130 -78.43 -33.52 18.90
N SER D 1170 -70.99 -38.92 21.88
CA SER D 1170 -70.91 -40.16 21.11
C SER D 1170 -72.12 -40.24 20.20
N TYR D 1171 -73.20 -40.83 20.72
CA TYR D 1171 -74.47 -40.92 20.00
C TYR D 1171 -75.56 -40.30 20.86
N ASN D 1172 -75.69 -38.98 20.76
CA ASN D 1172 -76.83 -38.25 21.30
C ASN D 1172 -77.46 -37.56 20.10
N TYR D 1173 -76.61 -36.92 19.29
CA TYR D 1173 -76.97 -36.65 17.92
C TYR D 1173 -77.07 -37.95 17.13
N ARG D 1174 -76.26 -38.94 17.48
CA ARG D 1174 -76.48 -40.29 16.97
C ARG D 1174 -77.67 -40.93 17.63
N VAL D 1175 -78.01 -40.52 18.85
CA VAL D 1175 -79.29 -40.88 19.43
C VAL D 1175 -80.41 -40.11 18.75
N VAL D 1176 -80.11 -38.90 18.28
CA VAL D 1176 -81.07 -38.10 17.54
C VAL D 1176 -81.06 -38.38 16.04
N LYS D 1177 -80.23 -39.31 15.57
CA LYS D 1177 -80.07 -39.54 14.14
C LYS D 1177 -81.28 -40.23 13.53
N GLU D 1178 -82.07 -40.94 14.33
CA GLU D 1178 -83.27 -41.60 13.81
C GLU D 1178 -84.35 -40.60 13.42
N ILE D 1179 -84.32 -39.40 14.00
CA ILE D 1179 -85.23 -38.35 13.56
C ILE D 1179 -84.83 -37.85 12.18
N LEU D 1180 -83.53 -37.91 11.86
CA LEU D 1180 -83.08 -37.50 10.53
C LEU D 1180 -83.14 -38.64 9.52
N ILE D 1181 -82.78 -39.85 9.92
CA ILE D 1181 -82.78 -40.95 8.96
C ILE D 1181 -84.16 -41.58 8.80
N ARG D 1182 -84.82 -41.92 9.90
CA ARG D 1182 -86.16 -42.50 9.84
C ARG D 1182 -87.24 -41.43 9.67
N LEU D 1183 -87.21 -40.39 10.50
CA LEU D 1183 -88.13 -39.27 10.32
C LEU D 1183 -87.69 -38.52 9.07
N SER D 1184 -88.65 -38.22 8.19
CA SER D 1184 -88.32 -37.80 6.84
C SER D 1184 -87.67 -38.94 6.05
N LYS D 1185 -88.20 -40.15 6.23
CA LYS D 1185 -87.73 -41.31 5.48
C LYS D 1185 -88.67 -41.74 4.37
N LEU D 1186 -89.99 -41.59 4.57
CA LEU D 1186 -90.99 -41.97 3.56
C LEU D 1186 -91.40 -40.76 2.72
N CYS D 1187 -90.58 -40.48 1.71
CA CYS D 1187 -90.86 -39.37 0.80
C CYS D 1187 -91.81 -39.82 -0.32
N VAL D 1188 -92.86 -39.04 -0.54
CA VAL D 1188 -93.82 -39.34 -1.60
C VAL D 1188 -93.25 -38.81 -2.91
N GLN D 1189 -92.53 -39.68 -3.63
CA GLN D 1189 -91.92 -39.32 -4.90
C GLN D 1189 -92.92 -39.35 -6.05
N GLU D 1190 -94.15 -39.82 -5.80
CA GLU D 1190 -95.21 -39.68 -6.78
C GLU D 1190 -95.70 -38.25 -6.83
N SER D 1191 -95.73 -37.58 -5.67
CA SER D 1191 -96.21 -36.22 -5.58
C SER D 1191 -95.17 -35.25 -6.15
N ALA D 1192 -95.64 -34.30 -6.95
CA ALA D 1192 -94.78 -33.29 -7.53
C ALA D 1192 -94.54 -32.17 -6.52
N SER D 1193 -93.72 -31.20 -6.94
CA SER D 1193 -93.40 -30.08 -6.07
C SER D 1193 -92.31 -30.46 -5.06
N VAL D 1194 -91.66 -31.60 -5.29
CA VAL D 1194 -90.72 -32.12 -4.30
C VAL D 1194 -89.28 -32.01 -4.78
N ARG D 1195 -89.06 -31.94 -6.09
CA ARG D 1195 -87.72 -32.14 -6.63
C ARG D 1195 -86.81 -30.95 -6.37
N LYS D 1196 -87.14 -29.79 -6.92
CA LYS D 1196 -86.36 -28.60 -6.60
C LYS D 1196 -86.85 -27.97 -5.30
N SER D 1197 -88.13 -28.18 -4.96
CA SER D 1197 -88.72 -27.46 -3.84
C SER D 1197 -88.38 -28.12 -2.51
N ARG D 1198 -88.48 -29.45 -2.43
CA ARG D 1198 -87.92 -30.14 -1.28
C ARG D 1198 -86.40 -30.08 -1.32
N LYS D 1199 -85.84 -29.99 -2.53
CA LYS D 1199 -84.45 -29.62 -2.67
C LYS D 1199 -84.22 -28.20 -2.18
N GLN D 1200 -85.19 -27.31 -2.36
CA GLN D 1200 -85.09 -25.99 -1.78
C GLN D 1200 -85.49 -25.99 -0.31
N GLN D 1201 -86.44 -26.84 0.07
CA GLN D 1201 -86.85 -26.91 1.47
C GLN D 1201 -85.80 -27.62 2.32
N GLN D 1202 -84.89 -28.59 1.47
CA GLN D 1202 -83.95 -29.24 2.39
C GLN D 1202 -82.54 -28.68 2.62
N ARG D 1203 -82.42 -27.84 3.65
CA ARG D 1203 -81.16 -27.22 4.00
C ARG D 1203 -80.06 -28.20 4.43
N LEU D 1204 -80.41 -29.21 5.22
CA LEU D 1204 -79.40 -30.17 5.67
C LEU D 1204 -78.81 -30.94 4.49
N LEU D 1205 -79.69 -31.35 3.59
CA LEU D 1205 -79.28 -32.08 2.39
C LEU D 1205 -78.38 -31.19 1.54
N ARG D 1206 -78.76 -29.91 1.43
CA ARG D 1206 -77.96 -28.99 0.65
C ARG D 1206 -76.57 -28.82 1.27
N ASN D 1207 -76.51 -28.75 2.59
CA ASN D 1207 -75.26 -28.62 3.31
C ASN D 1207 -74.38 -29.82 3.05
N MET D 1208 -74.98 -31.01 3.06
CA MET D 1208 -74.21 -32.21 2.80
C MET D 1208 -73.65 -32.15 1.37
N GLY D 1209 -74.50 -31.73 0.43
CA GLY D 1209 -74.09 -31.64 -0.96
C GLY D 1209 -73.50 -30.31 -1.36
N LYS D 1224 -67.32 -35.97 9.45
CA LYS D 1224 -67.60 -36.56 10.74
C LYS D 1224 -67.94 -38.03 10.58
N ALA D 1225 -67.29 -38.68 9.62
CA ALA D 1225 -67.51 -40.09 9.32
C ALA D 1225 -66.89 -40.91 10.44
N GLU D 1226 -67.71 -41.68 11.14
CA GLU D 1226 -67.25 -42.51 12.24
C GLU D 1226 -67.84 -43.91 12.10
N ASP D 1227 -67.03 -44.91 12.47
CA ASP D 1227 -67.42 -46.32 12.40
C ASP D 1227 -68.14 -46.72 13.69
N THR D 1228 -69.18 -45.97 14.01
CA THR D 1228 -69.91 -46.24 15.25
C THR D 1228 -71.35 -45.89 15.00
N LYS D 1229 -72.00 -45.34 16.01
CA LYS D 1229 -73.40 -44.96 15.85
C LYS D 1229 -73.50 -43.90 14.76
N MET D 1230 -72.60 -42.91 14.79
CA MET D 1230 -72.64 -41.87 13.78
C MET D 1230 -72.42 -42.47 12.40
N GLN D 1231 -71.48 -43.40 12.26
CA GLN D 1231 -71.23 -44.00 10.97
C GLN D 1231 -72.45 -44.76 10.46
N GLU D 1232 -73.10 -45.52 11.34
CA GLU D 1232 -74.27 -46.31 10.95
C GLU D 1232 -75.39 -45.38 10.51
N ILE D 1233 -75.56 -44.30 11.26
CA ILE D 1233 -76.59 -43.33 10.97
C ILE D 1233 -76.32 -42.73 9.61
N MET D 1234 -75.07 -42.39 9.33
CA MET D 1234 -74.71 -41.81 8.05
C MET D 1234 -75.00 -42.77 6.90
N ARG D 1235 -74.70 -44.05 7.06
CA ARG D 1235 -74.97 -44.99 5.97
C ARG D 1235 -76.47 -45.08 5.70
N LEU D 1236 -77.23 -45.13 6.80
CA LEU D 1236 -78.69 -45.21 6.69
C LEU D 1236 -79.22 -43.95 6.03
N ALA D 1237 -78.66 -42.82 6.42
CA ALA D 1237 -79.02 -41.51 5.92
C ALA D 1237 -78.72 -41.46 4.44
N HIS D 1238 -77.59 -42.00 4.01
CA HIS D 1238 -77.25 -41.97 2.60
C HIS D 1238 -78.31 -42.74 1.83
N GLU D 1239 -78.68 -43.92 2.32
CA GLU D 1239 -79.71 -44.66 1.58
C GLU D 1239 -81.05 -43.91 1.53
N PHE D 1240 -81.43 -43.35 2.67
CA PHE D 1240 -82.70 -42.63 2.79
C PHE D 1240 -82.71 -41.41 1.89
N LEU D 1241 -81.57 -40.73 1.85
CA LEU D 1241 -81.37 -39.51 1.07
C LEU D 1241 -81.49 -39.83 -0.40
N GLN D 1242 -80.93 -40.97 -0.80
CA GLN D 1242 -81.02 -41.38 -2.19
C GLN D 1242 -82.50 -41.58 -2.52
N ASN D 1243 -83.23 -42.26 -1.63
CA ASN D 1243 -84.65 -42.46 -1.89
C ASN D 1243 -85.40 -41.13 -1.99
N PHE D 1244 -85.07 -40.20 -1.09
CA PHE D 1244 -85.71 -38.89 -1.07
C PHE D 1244 -85.43 -38.07 -2.33
N CYS D 1245 -84.19 -38.11 -2.80
CA CYS D 1245 -83.80 -37.36 -3.98
C CYS D 1245 -84.63 -37.90 -5.12
N ALA D 1246 -84.81 -39.21 -5.08
CA ALA D 1246 -85.57 -39.95 -6.07
C ALA D 1246 -86.35 -39.05 -7.03
N GLY D 1247 -86.37 -37.74 -6.78
CA GLY D 1247 -87.08 -36.80 -7.62
C GLY D 1247 -86.17 -36.01 -8.53
N ASN D 1248 -85.11 -36.63 -9.03
CA ASN D 1248 -84.20 -36.01 -9.99
C ASN D 1248 -83.86 -37.04 -11.06
N GLN D 1249 -84.67 -37.06 -12.13
CA GLN D 1249 -84.44 -37.98 -13.24
C GLN D 1249 -83.46 -37.33 -14.21
N GLN D 1250 -83.58 -36.01 -14.34
CA GLN D 1250 -82.62 -35.22 -15.10
C GLN D 1250 -82.13 -34.22 -14.04
N ASN D 1251 -83.11 -33.50 -13.50
CA ASN D 1251 -82.91 -32.48 -12.49
C ASN D 1251 -82.36 -33.07 -11.21
N GLN D 1252 -82.86 -34.25 -10.84
CA GLN D 1252 -82.39 -34.89 -9.63
C GLN D 1252 -80.90 -35.19 -9.75
N ALA D 1253 -80.50 -35.70 -10.91
CA ALA D 1253 -79.09 -36.00 -11.15
C ALA D 1253 -78.26 -34.72 -11.09
N LEU D 1254 -78.79 -33.65 -11.67
CA LEU D 1254 -78.06 -32.38 -11.63
C LEU D 1254 -77.88 -31.89 -10.20
N LEU D 1255 -78.94 -32.03 -9.39
CA LEU D 1255 -78.92 -31.62 -8.01
C LEU D 1255 -77.90 -32.42 -7.24
N HIS D 1256 -77.84 -33.72 -7.52
CA HIS D 1256 -76.87 -34.58 -6.85
C HIS D 1256 -75.46 -34.14 -7.19
N LYS D 1257 -75.23 -33.81 -8.45
CA LYS D 1257 -73.91 -33.37 -8.87
C LYS D 1257 -73.53 -32.08 -8.13
N HIS D 1258 -74.49 -31.16 -8.02
CA HIS D 1258 -74.23 -29.91 -7.32
C HIS D 1258 -73.91 -30.15 -5.84
N ILE D 1259 -74.64 -31.08 -5.24
CA ILE D 1259 -74.44 -31.44 -3.84
C ILE D 1259 -73.08 -32.05 -3.58
N ASN D 1260 -72.58 -32.84 -4.53
CA ASN D 1260 -71.30 -33.54 -4.37
C ASN D 1260 -69.93 -32.84 -4.24
N LEU D 1261 -69.11 -33.41 -3.35
CA LEU D 1261 -67.74 -33.08 -3.01
C LEU D 1261 -66.97 -34.28 -2.48
N PHE D 1262 -67.66 -35.20 -1.81
CA PHE D 1262 -67.03 -36.44 -1.37
C PHE D 1262 -67.05 -37.53 -2.42
N LEU D 1263 -67.50 -37.23 -3.64
CA LEU D 1263 -67.69 -38.23 -4.66
C LEU D 1263 -67.00 -37.84 -5.97
N ASN D 1264 -67.23 -38.67 -6.98
CA ASN D 1264 -66.69 -38.57 -8.33
C ASN D 1264 -65.17 -38.56 -8.36
N PRO D 1265 -64.50 -39.36 -7.53
CA PRO D 1265 -63.06 -39.52 -7.69
C PRO D 1265 -62.69 -40.64 -8.64
N GLY D 1266 -63.55 -41.65 -8.72
CA GLY D 1266 -63.25 -42.88 -9.43
C GLY D 1266 -62.70 -43.99 -8.56
N ILE D 1267 -61.94 -43.66 -7.50
CA ILE D 1267 -61.32 -44.70 -6.69
C ILE D 1267 -62.09 -44.95 -5.42
N LEU D 1268 -62.25 -43.93 -4.57
CA LEU D 1268 -62.75 -44.10 -3.21
C LEU D 1268 -64.20 -44.55 -3.12
N GLU D 1269 -64.99 -44.29 -4.15
CA GLU D 1269 -66.40 -44.69 -4.13
C GLU D 1269 -66.93 -45.36 -5.41
N ALA D 1270 -66.10 -46.09 -6.13
CA ALA D 1270 -66.55 -46.66 -7.41
C ALA D 1270 -67.71 -47.67 -7.44
N VAL D 1271 -67.73 -48.65 -6.56
CA VAL D 1271 -68.81 -49.63 -6.62
C VAL D 1271 -70.14 -48.94 -6.32
N THR D 1272 -70.11 -48.09 -5.31
CA THR D 1272 -71.30 -47.35 -4.89
C THR D 1272 -71.74 -46.43 -6.01
N MET D 1273 -70.79 -45.79 -6.67
CA MET D 1273 -71.10 -44.88 -7.76
C MET D 1273 -71.77 -45.63 -8.90
N GLN D 1274 -71.26 -46.82 -9.21
CA GLN D 1274 -71.83 -47.62 -10.28
C GLN D 1274 -73.26 -47.98 -9.92
N HIS D 1275 -73.47 -48.37 -8.66
CA HIS D 1275 -74.83 -48.73 -8.24
C HIS D 1275 -75.76 -47.53 -8.36
N ILE D 1276 -75.28 -46.36 -7.94
CA ILE D 1276 -76.11 -45.17 -8.00
C ILE D 1276 -76.49 -44.83 -9.43
N PHE D 1277 -75.54 -44.93 -10.34
CA PHE D 1277 -75.87 -44.60 -11.72
C PHE D 1277 -75.08 -45.30 -12.81
N MET D 1278 -75.75 -45.54 -13.93
CA MET D 1278 -75.11 -46.19 -15.07
C MET D 1278 -76.15 -46.70 -16.05
N ASN D 1279 -75.76 -46.79 -17.32
CA ASN D 1279 -76.57 -47.39 -18.39
C ASN D 1279 -77.86 -46.61 -18.67
N ASN D 1280 -77.70 -45.34 -19.00
CA ASN D 1280 -78.83 -44.47 -19.28
C ASN D 1280 -78.38 -43.32 -20.17
N PHE D 1281 -79.31 -42.38 -20.39
CA PHE D 1281 -78.98 -41.15 -21.10
C PHE D 1281 -78.01 -40.28 -20.32
N GLN D 1282 -77.98 -40.38 -18.99
CA GLN D 1282 -76.92 -39.77 -18.21
C GLN D 1282 -75.62 -40.56 -18.31
N LEU D 1283 -75.67 -41.78 -18.84
CA LEU D 1283 -74.44 -42.54 -19.07
C LEU D 1283 -73.82 -42.19 -20.42
N CYS D 1284 -74.50 -41.38 -21.22
CA CYS D 1284 -74.01 -40.97 -22.53
C CYS D 1284 -73.53 -39.52 -22.57
N SER D 1285 -73.95 -38.70 -21.62
CA SER D 1285 -73.52 -37.31 -21.53
C SER D 1285 -72.75 -36.98 -20.26
N GLU D 1286 -73.16 -37.51 -19.11
CA GLU D 1286 -72.36 -37.48 -17.90
C GLU D 1286 -71.47 -38.70 -17.76
N ILE D 1287 -71.00 -39.25 -18.87
CA ILE D 1287 -70.35 -40.55 -18.91
C ILE D 1287 -68.90 -40.43 -19.37
N ASN D 1288 -68.23 -39.34 -18.99
CA ASN D 1288 -66.83 -39.13 -19.36
C ASN D 1288 -65.92 -40.18 -18.70
N GLU D 1289 -64.78 -40.46 -19.33
CA GLU D 1289 -64.00 -41.64 -19.01
C GLU D 1289 -63.07 -41.41 -17.82
N ARG D 1290 -62.13 -42.35 -17.64
CA ARG D 1290 -61.13 -42.41 -16.59
C ARG D 1290 -61.65 -42.99 -15.27
N VAL D 1291 -62.91 -43.42 -15.21
CA VAL D 1291 -63.45 -43.97 -13.97
C VAL D 1291 -62.83 -45.32 -13.66
N VAL D 1292 -62.54 -46.11 -14.71
CA VAL D 1292 -61.81 -47.35 -14.54
C VAL D 1292 -60.34 -47.13 -14.25
N GLN D 1293 -59.79 -45.97 -14.63
CA GLN D 1293 -58.49 -45.59 -14.10
C GLN D 1293 -58.57 -45.33 -12.61
N HIS D 1294 -59.61 -44.62 -12.17
CA HIS D 1294 -59.91 -44.55 -10.75
C HIS D 1294 -60.36 -45.88 -10.20
N PHE D 1295 -61.18 -46.63 -10.94
CA PHE D 1295 -61.55 -47.97 -10.52
C PHE D 1295 -60.38 -48.94 -10.57
N VAL D 1296 -59.32 -48.58 -11.29
CA VAL D 1296 -58.08 -49.34 -11.21
C VAL D 1296 -57.50 -49.30 -9.81
N HIS D 1297 -57.72 -48.20 -9.09
CA HIS D 1297 -57.50 -48.22 -7.65
C HIS D 1297 -58.79 -48.53 -6.89
N CYS D 1298 -59.93 -48.24 -7.50
CA CYS D 1298 -61.19 -48.51 -6.82
C CYS D 1298 -61.49 -50.00 -6.77
N ILE D 1299 -61.64 -50.65 -7.91
CA ILE D 1299 -61.88 -52.08 -7.86
C ILE D 1299 -60.55 -52.85 -7.79
N GLU D 1300 -59.62 -52.54 -8.69
CA GLU D 1300 -58.45 -53.40 -8.84
C GLU D 1300 -57.42 -53.13 -7.75
N THR D 1301 -57.08 -51.86 -7.55
CA THR D 1301 -56.13 -51.52 -6.51
C THR D 1301 -56.80 -51.61 -5.15
N HIS D 1302 -55.98 -51.57 -4.10
CA HIS D 1302 -56.48 -51.64 -2.73
C HIS D 1302 -56.80 -50.26 -2.20
N GLY D 1303 -57.63 -49.54 -2.95
CA GLY D 1303 -58.29 -48.35 -2.46
C GLY D 1303 -59.73 -48.77 -2.30
N ARG D 1304 -60.01 -49.96 -2.83
CA ARG D 1304 -61.19 -50.76 -2.52
C ARG D 1304 -60.82 -52.23 -2.68
N ASN D 1305 -61.83 -53.09 -2.62
CA ASN D 1305 -61.64 -54.53 -2.69
C ASN D 1305 -61.99 -55.00 -4.10
N VAL D 1306 -62.00 -56.32 -4.29
CA VAL D 1306 -62.19 -56.90 -5.62
C VAL D 1306 -63.65 -56.96 -6.05
N GLN D 1307 -64.47 -55.97 -5.67
CA GLN D 1307 -65.91 -55.97 -5.93
C GLN D 1307 -66.21 -55.74 -7.41
N TYR D 1308 -67.43 -56.04 -7.83
CA TYR D 1308 -67.68 -56.16 -9.27
C TYR D 1308 -67.35 -55.23 -10.43
N ILE D 1309 -66.55 -55.88 -11.27
CA ILE D 1309 -66.04 -55.42 -12.55
C ILE D 1309 -67.21 -55.35 -13.50
N LYS D 1310 -68.12 -56.31 -13.37
CA LYS D 1310 -69.30 -56.32 -14.22
C LYS D 1310 -70.11 -55.05 -13.94
N PHE D 1311 -70.28 -54.69 -12.67
CA PHE D 1311 -71.02 -53.46 -12.33
C PHE D 1311 -70.31 -52.23 -12.87
N LEU D 1312 -68.97 -52.25 -12.75
CA LEU D 1312 -68.18 -51.13 -13.26
C LEU D 1312 -68.35 -50.99 -14.78
N GLN D 1313 -68.37 -52.14 -15.47
CA GLN D 1313 -68.53 -52.28 -16.92
C GLN D 1313 -69.91 -51.81 -17.34
N THR D 1314 -70.89 -52.09 -16.48
CA THR D 1314 -72.29 -51.70 -16.67
C THR D 1314 -72.30 -50.19 -16.70
N ILE D 1315 -71.58 -49.54 -15.79
CA ILE D 1315 -71.50 -48.09 -15.94
C ILE D 1315 -70.39 -47.93 -16.97
N VAL D 1316 -70.59 -48.43 -18.20
CA VAL D 1316 -69.59 -48.35 -19.26
C VAL D 1316 -68.89 -49.71 -19.38
N LYS D 1317 -69.46 -50.60 -20.19
CA LYS D 1317 -68.89 -51.92 -20.36
C LYS D 1317 -67.78 -51.91 -21.42
N ILE D 1323 -71.04 -51.82 -31.89
CA ILE D 1323 -70.18 -50.65 -31.73
C ILE D 1323 -68.74 -51.07 -31.46
N LYS D 1324 -67.74 -50.40 -32.03
CA LYS D 1324 -66.33 -50.70 -31.58
C LYS D 1324 -65.80 -49.85 -30.32
N LYS D 1325 -66.56 -48.81 -30.02
CA LYS D 1325 -66.25 -47.86 -28.95
C LYS D 1325 -66.19 -48.50 -27.57
N CYS D 1326 -67.08 -49.46 -27.35
CA CYS D 1326 -67.12 -50.16 -26.07
C CYS D 1326 -65.80 -50.88 -25.84
N GLN D 1327 -65.26 -51.52 -26.87
CA GLN D 1327 -63.99 -52.21 -26.75
C GLN D 1327 -62.90 -51.21 -26.40
N ASP D 1328 -62.91 -50.05 -27.06
CA ASP D 1328 -61.84 -49.08 -26.70
C ASP D 1328 -61.93 -48.65 -25.20
N MET D 1329 -63.16 -48.42 -24.75
CA MET D 1329 -63.40 -48.03 -23.37
C MET D 1329 -62.95 -49.12 -22.39
N VAL D 1330 -63.21 -50.36 -22.77
CA VAL D 1330 -62.83 -51.52 -22.00
C VAL D 1330 -61.32 -51.57 -21.86
N MET D 1331 -60.58 -51.26 -22.94
CA MET D 1331 -59.13 -51.28 -22.85
C MET D 1331 -58.68 -50.26 -21.80
N ALA D 1332 -59.26 -49.05 -21.81
CA ALA D 1332 -58.82 -48.08 -20.76
C ALA D 1332 -59.14 -48.54 -19.31
N GLU D 1333 -60.34 -49.11 -19.17
CA GLU D 1333 -60.80 -49.58 -17.88
C GLU D 1333 -59.88 -50.70 -17.36
N LEU D 1334 -59.49 -51.59 -18.27
CA LEU D 1334 -58.61 -52.72 -18.00
C LEU D 1334 -57.25 -52.21 -17.56
N VAL D 1335 -56.79 -51.13 -18.20
CA VAL D 1335 -55.53 -50.53 -17.85
C VAL D 1335 -55.55 -50.11 -16.38
N ASN D 1336 -56.62 -49.50 -15.87
CA ASN D 1336 -56.56 -49.21 -14.40
C ASN D 1336 -56.45 -50.53 -13.56
N SER D 1337 -57.20 -51.46 -14.11
CA SER D 1337 -57.63 -52.84 -13.95
C SER D 1337 -57.14 -53.71 -15.10
N GLY D 1338 -55.83 -53.93 -15.13
CA GLY D 1338 -55.23 -54.78 -16.14
C GLY D 1338 -54.45 -55.89 -15.46
N GLU D 1339 -54.41 -57.07 -16.07
CA GLU D 1339 -53.65 -58.16 -15.49
C GLU D 1339 -54.23 -58.58 -14.14
N ASP D 1340 -53.45 -59.40 -13.41
CA ASP D 1340 -53.81 -59.86 -12.07
C ASP D 1340 -55.17 -60.53 -11.95
N VAL D 1341 -55.55 -61.29 -12.97
CA VAL D 1341 -56.85 -61.94 -13.01
C VAL D 1341 -58.02 -60.94 -12.88
N LEU D 1342 -57.90 -59.76 -13.50
CA LEU D 1342 -58.98 -58.78 -13.40
C LEU D 1342 -60.19 -59.40 -14.05
N VAL D 1343 -60.00 -59.95 -15.25
CA VAL D 1343 -61.07 -60.68 -15.93
C VAL D 1343 -61.25 -61.96 -15.13
N PHE D 1344 -60.10 -62.55 -14.77
CA PHE D 1344 -60.03 -63.73 -13.96
C PHE D 1344 -58.88 -64.61 -14.40
N TYR D 1345 -58.72 -65.69 -13.66
CA TYR D 1345 -57.77 -66.77 -13.87
C TYR D 1345 -58.48 -67.89 -14.62
N ASN D 1346 -58.36 -67.90 -15.93
CA ASN D 1346 -58.97 -68.94 -16.77
C ASN D 1346 -58.05 -69.37 -17.91
N ASP D 1347 -56.77 -69.56 -17.64
CA ASP D 1347 -55.82 -69.94 -18.67
C ASP D 1347 -55.41 -71.41 -18.60
N ARG D 1348 -54.92 -71.86 -17.46
CA ARG D 1348 -54.70 -73.27 -17.20
C ARG D 1348 -55.33 -73.71 -15.90
N ALA D 1349 -55.78 -72.76 -15.09
CA ALA D 1349 -56.32 -72.96 -13.75
C ALA D 1349 -57.69 -72.32 -13.64
N SER D 1350 -58.60 -72.70 -14.53
CA SER D 1350 -59.85 -71.98 -14.75
C SER D 1350 -60.94 -72.30 -13.74
N PHE D 1351 -60.57 -72.87 -12.59
CA PHE D 1351 -61.60 -73.23 -11.64
C PHE D 1351 -61.37 -72.80 -10.20
N GLN D 1352 -61.42 -71.50 -9.97
CA GLN D 1352 -61.30 -70.95 -8.62
C GLN D 1352 -62.69 -70.77 -8.00
N THR D 1353 -63.47 -71.85 -7.91
CA THR D 1353 -64.80 -71.78 -7.33
C THR D 1353 -65.30 -73.12 -6.82
N LEU D 1354 -66.25 -73.08 -5.89
CA LEU D 1354 -66.82 -74.28 -5.31
C LEU D 1354 -68.21 -74.01 -4.76
N ILE D 1355 -69.01 -75.06 -4.60
CA ILE D 1355 -70.37 -74.92 -4.08
C ILE D 1355 -71.18 -73.93 -4.91
N GLN D 1356 -71.10 -74.03 -6.23
CA GLN D 1356 -71.82 -73.11 -7.11
C GLN D 1356 -71.40 -71.67 -6.86
N MET D 1357 -70.08 -71.46 -6.70
CA MET D 1357 -69.54 -70.13 -6.41
C MET D 1357 -70.04 -69.57 -5.09
N MET D 1358 -70.17 -70.44 -4.10
CA MET D 1358 -70.65 -70.05 -2.78
C MET D 1358 -72.17 -69.97 -2.67
N ARG D 1359 -72.86 -70.41 -3.71
CA ARG D 1359 -74.32 -70.38 -3.74
C ARG D 1359 -74.85 -68.98 -3.53
N LEU D 1371 -68.80 -64.98 -4.82
CA LEU D 1371 -67.40 -65.33 -4.63
C LEU D 1371 -66.78 -65.74 -5.96
N PHE D 1372 -66.55 -67.04 -6.14
CA PHE D 1372 -65.99 -67.57 -7.37
C PHE D 1372 -66.92 -67.29 -8.54
N MET D 1373 -68.22 -67.47 -8.28
CA MET D 1373 -69.26 -67.20 -9.27
C MET D 1373 -69.24 -65.72 -9.61
N TYR D 1374 -69.06 -64.87 -8.59
CA TYR D 1374 -68.99 -63.44 -8.81
C TYR D 1374 -67.80 -63.11 -9.70
N HIS D 1375 -66.66 -63.75 -9.46
CA HIS D 1375 -65.47 -63.50 -10.27
C HIS D 1375 -65.71 -63.90 -11.72
N ILE D 1376 -66.35 -65.05 -11.91
CA ILE D 1376 -66.66 -65.53 -13.27
C ILE D 1376 -67.59 -64.55 -13.98
N HIS D 1377 -68.57 -64.06 -13.22
CA HIS D 1377 -69.54 -63.10 -13.71
C HIS D 1377 -68.83 -61.81 -14.11
N LEU D 1378 -67.86 -61.39 -13.31
CA LEU D 1378 -67.10 -60.18 -13.58
C LEU D 1378 -66.34 -60.36 -14.89
N VAL D 1379 -65.76 -61.53 -15.10
CA VAL D 1379 -65.05 -61.77 -16.35
C VAL D 1379 -66.01 -61.67 -17.54
N GLU D 1380 -67.19 -62.27 -17.37
CA GLU D 1380 -68.19 -62.24 -18.44
C GLU D 1380 -68.64 -60.80 -18.73
N LEU D 1381 -68.80 -60.03 -17.66
CA LEU D 1381 -69.23 -58.63 -17.73
C LEU D 1381 -68.20 -57.80 -18.45
N LEU D 1382 -66.92 -58.10 -18.17
CA LEU D 1382 -65.81 -57.43 -18.81
C LEU D 1382 -65.85 -57.72 -20.31
N ALA D 1383 -66.14 -58.98 -20.64
CA ALA D 1383 -66.25 -59.38 -22.05
C ALA D 1383 -67.40 -58.61 -22.72
N VAL D 1384 -68.52 -58.45 -22.01
CA VAL D 1384 -69.67 -57.73 -22.52
C VAL D 1384 -69.32 -56.26 -22.76
N CYS D 1385 -68.54 -55.70 -21.84
CA CYS D 1385 -68.06 -54.32 -21.81
C CYS D 1385 -68.25 -53.41 -23.03
N THR D 1386 -67.48 -53.81 -24.06
CA THR D 1386 -67.40 -53.31 -25.44
C THR D 1386 -66.59 -54.41 -26.21
N GLU D 1387 -66.71 -54.53 -27.53
CA GLU D 1387 -65.90 -55.59 -28.18
C GLU D 1387 -65.60 -55.73 -29.69
N GLY D 1388 -64.52 -56.47 -29.98
CA GLY D 1388 -64.11 -56.86 -31.33
C GLY D 1388 -63.45 -56.13 -32.52
N LYS D 1389 -64.03 -55.02 -32.97
CA LYS D 1389 -63.64 -54.31 -34.20
C LYS D 1389 -62.36 -53.58 -34.71
N ASN D 1390 -61.79 -52.67 -33.90
CA ASN D 1390 -60.68 -51.82 -34.37
C ASN D 1390 -59.33 -51.81 -33.67
N VAL D 1391 -58.98 -50.68 -33.05
CA VAL D 1391 -57.73 -50.60 -32.29
C VAL D 1391 -58.09 -50.96 -30.86
N TYR D 1392 -59.10 -50.27 -30.33
CA TYR D 1392 -59.66 -50.54 -28.99
C TYR D 1392 -60.37 -51.89 -29.09
N THR D 1393 -61.06 -52.04 -30.22
CA THR D 1393 -61.76 -53.26 -30.59
C THR D 1393 -60.72 -54.37 -30.76
N GLU D 1394 -59.56 -54.06 -31.34
CA GLU D 1394 -58.48 -55.02 -31.51
C GLU D 1394 -57.96 -55.48 -30.16
N ILE D 1395 -57.86 -54.57 -29.19
CA ILE D 1395 -57.42 -54.93 -27.84
C ILE D 1395 -58.45 -55.89 -27.23
N LYS D 1396 -59.73 -55.57 -27.45
CA LYS D 1396 -60.82 -56.41 -26.99
C LYS D 1396 -60.75 -57.79 -27.65
N CYS D 1397 -60.42 -57.79 -28.94
CA CYS D 1397 -60.26 -58.97 -29.77
C CYS D 1397 -59.12 -59.82 -29.26
N ASN D 1398 -58.04 -59.18 -28.80
CA ASN D 1398 -56.88 -59.86 -28.22
C ASN D 1398 -57.33 -60.57 -26.95
N SER D 1399 -58.15 -59.89 -26.16
CA SER D 1399 -58.72 -60.49 -24.94
C SER D 1399 -59.61 -61.68 -25.32
N LEU D 1400 -60.37 -61.50 -26.40
CA LEU D 1400 -61.26 -62.49 -26.96
C LEU D 1400 -60.47 -63.70 -27.44
N LEU D 1401 -59.30 -63.47 -28.01
CA LEU D 1401 -58.40 -64.52 -28.50
C LEU D 1401 -57.94 -65.34 -27.32
N PRO D 1402 -57.64 -64.66 -26.19
CA PRO D 1402 -57.23 -65.36 -24.96
C PRO D 1402 -58.40 -66.22 -24.48
N LEU D 1403 -59.61 -65.68 -24.57
CA LEU D 1403 -60.84 -66.39 -24.21
C LEU D 1403 -61.10 -67.58 -25.13
N ASP D 1404 -60.73 -67.40 -26.40
CA ASP D 1404 -60.94 -68.35 -27.48
C ASP D 1404 -62.43 -68.62 -27.63
N ASP D 1405 -63.28 -67.59 -27.59
CA ASP D 1405 -64.69 -67.94 -27.68
C ASP D 1405 -64.81 -69.46 -27.79
N ILE D 1406 -63.97 -70.07 -28.61
CA ILE D 1406 -64.02 -71.51 -28.76
C ILE D 1406 -63.68 -72.16 -27.42
N VAL D 1407 -62.66 -71.64 -26.74
CA VAL D 1407 -62.31 -72.24 -25.44
C VAL D 1407 -63.46 -72.14 -24.45
N ARG D 1408 -64.11 -70.98 -24.42
CA ARG D 1408 -65.22 -70.72 -23.51
C ARG D 1408 -66.39 -71.66 -23.79
N VAL D 1409 -66.67 -71.86 -25.07
CA VAL D 1409 -67.76 -72.75 -25.47
C VAL D 1409 -67.45 -74.16 -25.00
N VAL D 1410 -66.19 -74.56 -25.19
CA VAL D 1410 -65.73 -75.87 -24.78
C VAL D 1410 -65.84 -76.09 -23.27
N THR D 1411 -65.58 -75.04 -22.48
CA THR D 1411 -65.55 -75.22 -21.02
C THR D 1411 -66.57 -74.68 -20.02
N HIS D 1412 -66.77 -75.49 -18.98
CA HIS D 1412 -67.61 -75.22 -17.81
C HIS D 1412 -67.37 -76.17 -16.64
N GLU D 1413 -66.35 -77.03 -16.69
CA GLU D 1413 -66.08 -77.96 -15.59
C GLU D 1413 -65.13 -77.40 -14.54
N ASP D 1414 -64.75 -76.13 -14.63
CA ASP D 1414 -63.81 -75.57 -13.66
C ASP D 1414 -64.49 -75.34 -12.30
N CYS D 1415 -65.81 -75.13 -12.31
CA CYS D 1415 -66.55 -74.88 -11.08
C CYS D 1415 -68.02 -75.20 -11.34
N ILE D 1416 -68.86 -74.93 -10.34
CA ILE D 1416 -70.30 -75.17 -10.45
C ILE D 1416 -71.05 -73.99 -9.84
N PRO D 1417 -71.61 -73.08 -10.65
CA PRO D 1417 -72.31 -71.93 -10.09
C PRO D 1417 -73.79 -72.17 -9.86
N GLU D 1418 -74.46 -71.19 -9.24
CA GLU D 1418 -75.90 -71.33 -8.98
C GLU D 1418 -76.72 -70.77 -10.14
N VAL D 1419 -76.52 -69.50 -10.47
CA VAL D 1419 -77.16 -68.90 -11.63
C VAL D 1419 -76.09 -68.29 -12.51
N LYS D 1420 -74.86 -68.78 -12.40
CA LYS D 1420 -73.72 -68.19 -13.10
C LYS D 1420 -73.37 -68.91 -14.40
N ILE D 1421 -74.36 -69.52 -15.08
CA ILE D 1421 -74.05 -70.31 -16.27
C ILE D 1421 -73.84 -69.42 -17.49
N ALA D 1422 -74.25 -68.16 -17.40
CA ALA D 1422 -74.25 -67.28 -18.56
C ALA D 1422 -73.18 -66.20 -18.47
N TYR D 1423 -71.98 -66.55 -18.01
CA TYR D 1423 -70.89 -65.59 -17.88
C TYR D 1423 -70.16 -65.35 -19.20
N ILE D 1424 -70.63 -65.96 -20.29
CA ILE D 1424 -70.05 -65.76 -21.62
C ILE D 1424 -71.09 -65.39 -22.66
N ASN D 1425 -72.27 -64.89 -22.26
CA ASN D 1425 -73.30 -64.51 -23.21
C ASN D 1425 -73.04 -63.17 -23.88
N PHE D 1426 -71.91 -62.52 -23.62
CA PHE D 1426 -71.54 -61.26 -24.23
C PHE D 1426 -70.82 -61.43 -25.56
N LEU D 1427 -71.09 -62.53 -26.29
CA LEU D 1427 -70.43 -62.81 -27.56
C LEU D 1427 -71.21 -62.26 -28.74
N ASN D 1428 -71.94 -61.16 -28.54
CA ASN D 1428 -72.69 -60.49 -29.61
C ASN D 1428 -72.30 -59.03 -29.77
N HIS D 1429 -71.12 -58.64 -29.28
CA HIS D 1429 -70.66 -57.26 -29.40
C HIS D 1429 -69.50 -57.10 -30.39
N CYS D 1430 -69.02 -58.18 -30.98
CA CYS D 1430 -68.02 -58.10 -32.04
C CYS D 1430 -68.65 -58.18 -33.42
N TYR D 1431 -69.49 -57.20 -33.74
CA TYR D 1431 -70.12 -57.12 -35.06
C TYR D 1431 -70.12 -55.70 -35.55
N VAL D 1432 -69.14 -54.90 -35.13
CA VAL D 1432 -69.03 -53.50 -35.48
C VAL D 1432 -67.68 -53.29 -36.12
N ASP D 1433 -67.64 -52.76 -37.32
CA ASP D 1433 -66.32 -52.73 -37.94
C ASP D 1433 -66.00 -54.22 -37.84
N THR D 1434 -66.91 -55.03 -38.39
CA THR D 1434 -66.88 -56.48 -38.37
C THR D 1434 -65.64 -57.02 -39.00
N GLU D 1435 -65.17 -56.40 -40.08
CA GLU D 1435 -63.92 -56.86 -40.70
C GLU D 1435 -62.79 -56.70 -39.68
N VAL D 1436 -62.74 -55.58 -38.97
CA VAL D 1436 -61.71 -55.36 -37.95
C VAL D 1436 -61.84 -56.40 -36.83
N GLU D 1437 -63.09 -56.70 -36.43
CA GLU D 1437 -63.33 -57.68 -35.38
C GLU D 1437 -62.83 -59.06 -35.80
N MET D 1438 -63.08 -59.39 -37.06
CA MET D 1438 -62.66 -60.66 -37.69
C MET D 1438 -61.16 -60.74 -37.75
N LYS D 1439 -60.53 -59.59 -38.02
CA LYS D 1439 -59.08 -59.47 -38.08
C LYS D 1439 -58.53 -59.76 -36.69
N GLU D 1440 -59.19 -59.23 -35.65
CA GLU D 1440 -58.73 -59.53 -34.31
C GLU D 1440 -58.89 -61.03 -34.09
N ILE D 1441 -60.04 -61.58 -34.48
CA ILE D 1441 -60.26 -63.01 -34.38
C ILE D 1441 -61.71 -63.39 -34.06
N TYR D 1442 -62.75 -63.07 -34.84
CA TYR D 1442 -63.97 -63.47 -34.16
C TYR D 1442 -64.34 -64.94 -34.34
N THR D 1443 -63.60 -65.69 -35.18
CA THR D 1443 -63.94 -67.07 -35.49
C THR D 1443 -63.39 -68.07 -34.48
N SER D 1444 -62.69 -67.64 -33.44
CA SER D 1444 -62.05 -68.55 -32.48
C SER D 1444 -63.06 -69.24 -31.58
N ASN D 1445 -64.29 -68.71 -31.49
CA ASN D 1445 -65.37 -69.37 -30.77
C ASN D 1445 -66.64 -69.44 -31.61
N HIS D 1446 -66.51 -69.44 -32.93
CA HIS D 1446 -67.65 -69.42 -33.84
C HIS D 1446 -68.15 -70.82 -34.19
N MET D 1447 -67.90 -71.81 -33.35
CA MET D 1447 -68.44 -73.15 -33.56
C MET D 1447 -69.44 -73.46 -32.47
N TRP D 1448 -69.11 -73.09 -31.23
CA TRP D 1448 -70.03 -73.28 -30.11
C TRP D 1448 -70.78 -72.00 -29.77
N LYS D 1449 -70.04 -70.91 -29.58
CA LYS D 1449 -70.66 -69.63 -29.23
C LYS D 1449 -71.46 -69.04 -30.38
N LEU D 1450 -71.07 -69.32 -31.62
CA LEU D 1450 -71.88 -68.90 -32.76
C LEU D 1450 -73.14 -69.78 -32.88
N PHE D 1451 -73.03 -71.06 -32.52
CA PHE D 1451 -74.17 -71.95 -32.58
C PHE D 1451 -75.16 -71.69 -31.44
N GLU D 1452 -74.71 -71.00 -30.38
CA GLU D 1452 -75.60 -70.68 -29.27
C GLU D 1452 -76.28 -69.32 -29.43
N ASN D 1453 -75.74 -68.43 -30.27
CA ASN D 1453 -76.33 -67.11 -30.41
C ASN D 1453 -77.61 -67.15 -31.23
N PHE D 1454 -77.52 -67.55 -32.50
CA PHE D 1454 -78.69 -67.75 -33.34
C PHE D 1454 -78.94 -69.25 -33.46
N LEU D 1455 -79.48 -69.83 -32.39
CA LEU D 1455 -79.67 -71.26 -32.28
C LEU D 1455 -81.13 -71.68 -32.38
N VAL D 1456 -82.05 -70.90 -31.82
CA VAL D 1456 -83.44 -71.36 -31.71
C VAL D 1456 -84.21 -71.08 -33.00
N ASP D 1457 -84.28 -69.81 -33.40
CA ASP D 1457 -85.07 -69.42 -34.57
C ASP D 1457 -84.38 -69.79 -35.87
N SER D 1473 -82.28 -66.14 -20.19
CA SER D 1473 -80.94 -65.68 -20.51
C SER D 1473 -80.54 -66.21 -21.88
N VAL D 1474 -80.68 -67.52 -22.07
CA VAL D 1474 -80.43 -68.17 -23.35
C VAL D 1474 -81.70 -68.25 -24.17
N LEU D 1475 -82.85 -68.33 -23.51
CA LEU D 1475 -84.12 -68.31 -24.22
C LEU D 1475 -84.40 -66.93 -24.79
N GLU D 1476 -84.23 -65.88 -23.97
CA GLU D 1476 -84.40 -64.53 -24.46
C GLU D 1476 -83.20 -64.06 -25.28
N LYS D 1477 -82.06 -64.74 -25.16
CA LYS D 1477 -80.83 -64.26 -25.79
C LYS D 1477 -80.81 -64.51 -27.29
N TYR D 1478 -81.55 -65.52 -27.76
CA TYR D 1478 -81.50 -65.87 -29.17
C TYR D 1478 -82.27 -64.88 -30.04
N VAL D 1479 -83.34 -64.29 -29.51
CA VAL D 1479 -84.16 -63.38 -30.31
C VAL D 1479 -83.48 -62.03 -30.52
N THR D 1480 -82.73 -61.54 -29.53
CA THR D 1480 -82.01 -60.28 -29.69
C THR D 1480 -80.66 -60.49 -30.37
N GLU D 1481 -79.96 -61.58 -30.04
CA GLU D 1481 -78.68 -61.86 -30.67
C GLU D 1481 -78.85 -62.32 -32.12
N ILE D 1482 -80.00 -62.90 -32.46
CA ILE D 1482 -80.30 -63.19 -33.85
C ILE D 1482 -80.58 -61.91 -34.60
N VAL D 1483 -81.14 -60.90 -33.91
CA VAL D 1483 -81.40 -59.60 -34.52
C VAL D 1483 -80.28 -58.59 -34.28
N MET D 1484 -79.27 -58.93 -33.47
CA MET D 1484 -78.17 -58.03 -33.18
C MET D 1484 -76.83 -58.56 -33.67
N SER D 1485 -76.50 -59.80 -33.35
CA SER D 1485 -75.22 -60.40 -33.76
C SER D 1485 -75.36 -60.84 -35.21
N ILE D 1486 -74.46 -60.35 -36.05
CA ILE D 1486 -74.51 -60.62 -37.49
C ILE D 1486 -73.99 -62.03 -37.71
N VAL D 1487 -74.91 -62.99 -37.83
CA VAL D 1487 -74.59 -64.38 -38.09
C VAL D 1487 -75.56 -64.90 -39.14
N THR D 1488 -75.36 -66.17 -39.53
CA THR D 1488 -76.19 -66.79 -40.56
C THR D 1488 -77.46 -67.36 -39.91
N THR D 1489 -78.30 -67.98 -40.72
CA THR D 1489 -79.52 -68.60 -40.23
C THR D 1489 -79.18 -69.92 -39.55
N PHE D 1490 -79.56 -70.04 -38.29
CA PHE D 1490 -79.30 -71.26 -37.52
C PHE D 1490 -80.44 -71.55 -36.56
N LEU D 1502 -85.46 -81.60 -42.01
CA LEU D 1502 -84.09 -81.49 -42.50
C LEU D 1502 -83.10 -81.65 -41.35
N GLN D 1503 -81.85 -81.93 -41.70
CA GLN D 1503 -80.78 -82.10 -40.72
C GLN D 1503 -80.20 -80.77 -40.23
N THR D 1504 -80.72 -79.64 -40.70
CA THR D 1504 -80.26 -78.35 -40.22
C THR D 1504 -81.26 -77.70 -39.27
N ARG D 1505 -82.41 -78.32 -38.93
CA ARG D 1505 -83.50 -77.67 -38.10
C ARG D 1505 -83.71 -77.57 -36.53
N GLN D 1506 -82.70 -77.98 -35.77
CA GLN D 1506 -82.78 -77.98 -34.31
C GLN D 1506 -83.08 -76.62 -33.68
N PRO D 1507 -82.53 -75.53 -34.24
CA PRO D 1507 -82.83 -74.23 -33.64
C PRO D 1507 -84.33 -73.94 -33.67
N VAL D 1508 -84.99 -74.24 -34.79
CA VAL D 1508 -86.43 -74.02 -34.92
C VAL D 1508 -87.16 -74.87 -33.88
N PHE D 1509 -86.72 -76.12 -33.71
CA PHE D 1509 -87.40 -76.95 -32.69
C PHE D 1509 -87.28 -76.34 -31.28
N VAL D 1510 -86.09 -75.83 -30.97
CA VAL D 1510 -85.83 -75.20 -29.67
C VAL D 1510 -86.70 -73.98 -29.47
N GLN D 1511 -86.88 -73.20 -30.54
CA GLN D 1511 -87.72 -72.01 -30.47
C GLN D 1511 -89.16 -72.40 -30.14
N LEU D 1512 -89.64 -73.48 -30.76
CA LEU D 1512 -91.00 -73.92 -30.47
C LEU D 1512 -91.12 -74.29 -28.98
N LEU D 1513 -90.13 -75.00 -28.43
CA LEU D 1513 -90.19 -75.36 -27.00
C LEU D 1513 -90.20 -74.12 -26.06
N GLN D 1514 -89.40 -73.12 -26.45
CA GLN D 1514 -89.32 -71.88 -25.68
C GLN D 1514 -90.69 -71.21 -25.67
N GLY D 1515 -91.35 -71.20 -26.83
CA GLY D 1515 -92.68 -70.61 -26.94
C GLY D 1515 -93.67 -71.35 -26.06
N VAL D 1516 -93.54 -72.68 -26.02
CA VAL D 1516 -94.35 -73.54 -25.16
C VAL D 1516 -94.26 -73.32 -23.64
N PHE D 1517 -93.10 -72.98 -23.06
CA PHE D 1517 -93.08 -72.82 -21.55
C PHE D 1517 -94.01 -71.78 -20.83
N ARG D 1518 -94.55 -72.06 -19.61
CA ARG D 1518 -95.45 -71.14 -18.94
C ARG D 1518 -95.15 -71.07 -17.44
N VAL D 1519 -93.93 -71.45 -17.05
CA VAL D 1519 -93.55 -71.34 -15.64
C VAL D 1519 -92.96 -69.97 -15.31
N TYR D 1520 -92.51 -69.23 -16.32
CA TYR D 1520 -91.94 -67.91 -16.09
C TYR D 1520 -93.05 -66.87 -15.97
N HIS D 1521 -92.65 -65.60 -15.99
CA HIS D 1521 -93.58 -64.48 -15.88
C HIS D 1521 -93.99 -64.01 -17.28
N CYS D 1522 -94.53 -64.95 -18.05
CA CYS D 1522 -94.91 -64.72 -19.44
C CYS D 1522 -93.69 -64.41 -20.31
N ASN D 1523 -92.76 -65.37 -20.33
CA ASN D 1523 -91.48 -65.19 -21.01
C ASN D 1523 -91.57 -65.26 -22.52
N TRP D 1524 -92.14 -66.33 -23.07
CA TRP D 1524 -92.28 -66.50 -24.52
C TRP D 1524 -93.74 -66.77 -24.84
N LEU D 1525 -94.52 -65.66 -25.01
CA LEU D 1525 -95.94 -65.86 -25.23
C LEU D 1525 -96.12 -66.28 -26.69
N MET D 1526 -97.24 -65.89 -27.28
CA MET D 1526 -97.52 -66.22 -28.68
C MET D 1526 -96.48 -65.56 -29.57
N PRO D 1527 -96.13 -64.31 -29.27
CA PRO D 1527 -95.12 -63.61 -30.08
C PRO D 1527 -93.78 -64.33 -29.97
N SER D 1528 -93.43 -64.79 -28.78
CA SER D 1528 -92.18 -65.51 -28.58
C SER D 1528 -92.19 -66.80 -29.38
N GLN D 1529 -93.32 -67.49 -29.39
CA GLN D 1529 -93.46 -68.73 -30.15
C GLN D 1529 -93.28 -68.46 -31.64
N LYS D 1530 -93.86 -67.35 -32.11
CA LYS D 1530 -93.77 -66.96 -33.51
C LYS D 1530 -92.31 -66.66 -33.87
N ALA D 1531 -91.61 -65.99 -32.95
CA ALA D 1531 -90.21 -65.65 -33.17
C ALA D 1531 -89.38 -66.94 -33.26
N SER D 1532 -89.69 -67.91 -32.41
CA SER D 1532 -89.00 -69.19 -32.41
C SER D 1532 -89.23 -69.90 -33.74
N VAL D 1533 -90.47 -69.85 -34.23
CA VAL D 1533 -90.82 -70.47 -35.50
C VAL D 1533 -90.03 -69.81 -36.62
N GLU D 1534 -89.92 -68.49 -36.58
CA GLU D 1534 -89.18 -67.74 -37.58
C GLU D 1534 -87.72 -68.14 -37.55
N SER D 1535 -87.17 -68.31 -36.36
CA SER D 1535 -85.77 -68.70 -36.20
C SER D 1535 -85.56 -70.08 -36.80
N CYS D 1536 -86.51 -70.98 -36.55
CA CYS D 1536 -86.42 -72.34 -37.10
C CYS D 1536 -86.46 -72.29 -38.62
N ILE D 1537 -87.32 -71.43 -39.16
CA ILE D 1537 -87.44 -71.26 -40.61
C ILE D 1537 -86.15 -70.74 -41.22
N ARG D 1538 -85.50 -69.82 -40.51
CA ARG D 1538 -84.26 -69.23 -40.98
C ARG D 1538 -83.23 -70.28 -41.34
N ARG D 1598 -110.32 -20.39 -16.82
CA ARG D 1598 -109.40 -19.42 -17.38
C ARG D 1598 -108.62 -18.71 -16.26
N ASN D 1599 -107.37 -19.12 -16.12
CA ASN D 1599 -106.41 -18.53 -15.19
C ASN D 1599 -105.51 -17.53 -15.94
N ILE D 1600 -105.95 -17.19 -17.16
CA ILE D 1600 -105.24 -16.30 -18.06
C ILE D 1600 -105.03 -14.93 -17.45
N ILE D 1601 -106.01 -14.42 -16.70
CA ILE D 1601 -105.83 -13.11 -16.07
C ILE D 1601 -104.64 -13.17 -15.11
N GLU D 1602 -104.56 -14.24 -14.32
CA GLU D 1602 -103.46 -14.41 -13.39
C GLU D 1602 -102.14 -14.50 -14.15
N ARG D 1603 -102.15 -15.24 -15.27
CA ARG D 1603 -100.95 -15.40 -16.07
C ARG D 1603 -100.49 -14.04 -16.63
N LEU D 1604 -101.45 -13.23 -17.07
CA LEU D 1604 -101.21 -11.91 -17.61
C LEU D 1604 -100.60 -11.01 -16.55
N GLN D 1605 -101.11 -11.14 -15.31
CA GLN D 1605 -100.59 -10.38 -14.18
C GLN D 1605 -99.14 -10.76 -13.95
N ASP D 1606 -98.86 -12.06 -14.03
CA ASP D 1606 -97.49 -12.54 -13.85
C ASP D 1606 -96.60 -11.93 -14.94
N ILE D 1607 -97.09 -11.88 -16.18
CA ILE D 1607 -96.33 -11.29 -17.28
C ILE D 1607 -96.05 -9.81 -17.07
N VAL D 1608 -97.04 -9.06 -16.56
CA VAL D 1608 -96.86 -7.64 -16.29
C VAL D 1608 -95.79 -7.45 -15.22
N SER D 1609 -95.85 -8.32 -14.20
CA SER D 1609 -94.88 -8.29 -13.11
C SER D 1609 -93.49 -8.58 -13.66
N ALA D 1610 -93.41 -9.54 -14.57
CA ALA D 1610 -92.15 -9.90 -15.19
C ALA D 1610 -91.59 -8.70 -15.96
N LEU D 1611 -92.44 -7.96 -16.66
CA LEU D 1611 -91.97 -6.79 -17.41
C LEU D 1611 -91.41 -5.76 -16.44
N GLU D 1612 -92.11 -5.57 -15.33
CA GLU D 1612 -91.66 -4.62 -14.32
C GLU D 1612 -90.31 -5.06 -13.77
N ASP D 1613 -90.16 -6.36 -13.51
CA ASP D 1613 -88.92 -6.96 -13.00
C ASP D 1613 -87.78 -6.78 -13.98
N ARG D 1614 -88.08 -6.93 -15.26
CA ARG D 1614 -87.08 -6.76 -16.30
C ARG D 1614 -86.57 -5.32 -16.24
N LEU D 1615 -87.48 -4.36 -16.10
CA LEU D 1615 -87.00 -2.99 -15.99
C LEU D 1615 -86.14 -2.87 -14.73
N ARG D 1616 -86.60 -3.45 -13.62
CA ARG D 1616 -85.88 -3.39 -12.36
C ARG D 1616 -84.46 -3.86 -12.54
N PRO D 1617 -84.29 -4.95 -13.30
CA PRO D 1617 -82.97 -5.53 -13.57
C PRO D 1617 -82.17 -4.50 -14.35
N LEU D 1618 -82.81 -3.87 -15.31
CA LEU D 1618 -82.14 -2.86 -16.08
C LEU D 1618 -81.66 -1.68 -15.22
N VAL D 1619 -82.44 -1.20 -14.26
CA VAL D 1619 -81.97 -0.01 -13.55
C VAL D 1619 -81.50 0.05 -12.09
N GLN D 1620 -82.51 -0.22 -11.28
CA GLN D 1620 -82.39 -0.22 -9.85
C GLN D 1620 -80.96 -0.53 -9.53
N ALA D 1621 -80.20 -1.13 -10.45
CA ALA D 1621 -78.79 -1.23 -10.14
C ALA D 1621 -78.36 0.23 -10.25
N GLU D 1622 -78.70 0.86 -11.36
CA GLU D 1622 -78.36 2.25 -11.55
C GLU D 1622 -79.05 3.14 -10.54
N LEU D 1623 -80.34 2.91 -10.30
CA LEU D 1623 -81.08 3.74 -9.37
C LEU D 1623 -80.55 3.62 -7.96
N SER D 1624 -80.22 2.40 -7.60
CA SER D 1624 -79.71 2.11 -6.28
C SER D 1624 -78.38 2.78 -6.11
N VAL D 1625 -77.58 2.69 -7.16
CA VAL D 1625 -76.27 3.30 -7.19
C VAL D 1625 -76.45 4.78 -7.06
N LEU D 1626 -77.40 5.37 -7.75
CA LEU D 1626 -77.61 6.78 -7.64
C LEU D 1626 -77.96 7.15 -6.23
N VAL D 1627 -78.83 6.40 -5.57
CA VAL D 1627 -79.17 6.75 -4.21
C VAL D 1627 -77.95 6.67 -3.31
N ASP D 1628 -77.19 5.61 -3.49
CA ASP D 1628 -75.99 5.39 -2.69
C ASP D 1628 -74.94 6.45 -2.95
N VAL D 1629 -74.83 6.83 -4.22
CA VAL D 1629 -73.89 7.81 -4.73
C VAL D 1629 -74.22 9.15 -4.15
N LEU D 1630 -75.51 9.43 -4.05
CA LEU D 1630 -76.02 10.65 -3.47
C LEU D 1630 -75.61 10.62 -2.02
N HIS D 1631 -75.76 9.49 -1.35
CA HIS D 1631 -75.34 9.39 0.01
C HIS D 1631 -73.83 9.65 0.12
N ARG D 1632 -73.02 9.13 -0.79
CA ARG D 1632 -71.59 9.34 -0.67
C ARG D 1632 -71.26 10.81 -0.78
N PRO D 1633 -71.90 11.49 -1.73
CA PRO D 1633 -71.76 12.90 -2.04
C PRO D 1633 -72.24 13.69 -0.85
N GLU D 1634 -73.33 13.25 -0.24
CA GLU D 1634 -73.92 13.91 0.92
C GLU D 1634 -72.96 13.84 2.08
N LEU D 1635 -72.33 12.69 2.24
CA LEU D 1635 -71.36 12.49 3.31
C LEU D 1635 -70.22 13.46 3.05
N LEU D 1636 -69.76 13.50 1.81
CA LEU D 1636 -68.75 14.45 1.46
C LEU D 1636 -69.51 15.75 1.62
N PHE D 1637 -70.78 15.68 1.20
CA PHE D 1637 -71.66 16.85 1.25
C PHE D 1637 -71.89 17.23 2.71
N PRO D 1638 -72.48 18.42 2.90
CA PRO D 1638 -72.87 18.81 4.25
C PRO D 1638 -74.20 18.09 4.37
N GLU D 1639 -74.08 16.77 4.41
CA GLU D 1639 -75.21 15.88 4.55
C GLU D 1639 -76.26 15.95 3.47
N ASN D 1640 -75.89 16.25 2.22
CA ASN D 1640 -76.83 16.28 1.12
C ASN D 1640 -78.06 17.15 1.40
N THR D 1641 -77.81 18.34 1.91
CA THR D 1641 -78.91 19.20 2.30
C THR D 1641 -79.26 18.94 3.77
N ASP D 1642 -78.45 18.15 4.46
CA ASP D 1642 -78.69 17.87 5.86
C ASP D 1642 -77.60 18.53 6.70
N ALA D 1643 -76.44 17.87 6.80
CA ALA D 1643 -75.30 18.37 7.57
C ALA D 1643 -75.65 18.68 9.01
N ARG D 1644 -76.44 17.80 9.64
CA ARG D 1644 -76.88 17.98 11.01
C ARG D 1644 -77.57 19.32 11.21
N ARG D 1645 -78.42 19.75 10.26
CA ARG D 1645 -79.07 21.06 10.33
C ARG D 1645 -78.02 22.18 10.43
N LYS D 1646 -76.94 22.08 9.66
CA LYS D 1646 -75.86 23.04 9.73
C LYS D 1646 -75.37 23.05 11.17
N CYS D 1647 -75.23 24.23 11.74
CA CYS D 1647 -74.84 24.37 13.14
C CYS D 1647 -73.43 23.92 13.47
N GLU D 1648 -73.19 23.69 14.75
CA GLU D 1648 -71.90 23.23 15.21
C GLU D 1648 -71.65 21.85 14.63
N SER D 1649 -72.69 21.01 14.66
CA SER D 1649 -72.61 19.67 14.10
C SER D 1649 -72.97 19.72 12.62
N GLY D 1650 -72.09 20.31 11.83
CA GLY D 1650 -72.27 20.43 10.40
C GLY D 1650 -70.97 19.91 9.87
N GLY D 1651 -70.81 18.60 10.04
CA GLY D 1651 -71.36 17.65 9.11
C GLY D 1651 -70.44 17.30 7.96
N PHE D 1652 -69.17 17.72 8.02
CA PHE D 1652 -68.33 17.33 6.92
C PHE D 1652 -67.25 16.30 7.17
N ILE D 1653 -67.46 15.12 6.61
CA ILE D 1653 -66.40 14.01 6.57
C ILE D 1653 -66.76 12.67 7.38
N CYS D 1654 -68.01 12.68 7.87
CA CYS D 1654 -68.54 11.63 8.72
C CYS D 1654 -68.60 10.22 8.16
N LYS D 1655 -68.91 10.11 6.87
CA LYS D 1655 -69.01 8.79 6.28
C LYS D 1655 -67.66 8.10 6.36
N LEU D 1656 -66.58 8.81 6.07
CA LEU D 1656 -65.26 8.22 6.13
C LEU D 1656 -64.96 7.78 7.54
N ILE D 1657 -65.29 8.64 8.52
CA ILE D 1657 -64.99 8.16 9.89
C ILE D 1657 -65.75 6.85 10.26
N LYS D 1658 -67.01 6.82 9.87
CA LYS D 1658 -67.85 5.66 10.13
C LYS D 1658 -67.31 4.40 9.45
N HIS D 1659 -66.83 4.58 8.22
CA HIS D 1659 -66.30 3.46 7.46
C HIS D 1659 -65.10 2.85 8.18
N THR D 1660 -64.23 3.72 8.70
CA THR D 1660 -63.07 3.18 9.41
C THR D 1660 -63.53 2.34 10.61
N LYS D 1661 -64.50 2.88 11.35
CA LYS D 1661 -64.99 2.09 12.48
C LYS D 1661 -65.58 0.72 12.08
N GLN D 1662 -66.36 0.67 11.01
CA GLN D 1662 -66.97 -0.61 10.59
C GLN D 1662 -65.93 -1.66 10.19
N LEU D 1663 -64.89 -1.16 9.51
CA LEU D 1663 -63.83 -2.04 9.07
C LEU D 1663 -63.21 -2.65 10.31
N LEU D 1664 -62.91 -1.81 11.30
CA LEU D 1664 -62.33 -2.31 12.55
C LEU D 1664 -63.25 -3.34 13.23
N GLU D 1665 -64.56 -3.08 13.20
CA GLU D 1665 -65.54 -3.96 13.77
C GLU D 1665 -65.65 -5.39 13.23
N GLU D 1666 -65.53 -5.65 11.92
CA GLU D 1666 -65.69 -7.12 11.55
C GLU D 1666 -67.16 -7.64 11.77
N ASN D 1667 -67.56 -8.78 12.40
CA ASN D 1667 -69.00 -8.78 12.35
C ASN D 1667 -69.44 -10.05 11.66
N GLU D 1668 -70.75 -10.22 11.54
CA GLU D 1668 -71.25 -10.91 10.37
C GLU D 1668 -70.83 -10.04 9.20
N GLU D 1669 -69.95 -10.58 8.38
CA GLU D 1669 -69.36 -9.85 7.28
C GLU D 1669 -70.25 -9.35 6.17
N LYS D 1670 -71.49 -9.81 6.09
CA LYS D 1670 -72.37 -9.39 4.99
C LYS D 1670 -72.54 -7.87 4.90
N LEU D 1671 -72.69 -7.22 6.05
CA LEU D 1671 -72.80 -5.77 6.07
C LEU D 1671 -71.50 -5.17 5.52
N CYS D 1672 -70.36 -5.73 5.93
CA CYS D 1672 -69.10 -5.23 5.44
C CYS D 1672 -69.01 -5.37 3.92
N ILE D 1673 -69.47 -6.49 3.37
CA ILE D 1673 -69.40 -6.69 1.92
C ILE D 1673 -70.23 -5.65 1.20
N LYS D 1674 -71.42 -5.36 1.75
CA LYS D 1674 -72.27 -4.36 1.11
C LYS D 1674 -71.56 -3.01 1.13
N VAL D 1675 -70.93 -2.68 2.26
CA VAL D 1675 -70.17 -1.45 2.46
C VAL D 1675 -68.97 -1.34 1.51
N LEU D 1676 -68.31 -2.46 1.26
CA LEU D 1676 -67.17 -2.51 0.35
C LEU D 1676 -67.68 -2.16 -1.04
N GLN D 1677 -68.83 -2.72 -1.38
CA GLN D 1677 -69.47 -2.41 -2.66
C GLN D 1677 -69.77 -0.90 -2.68
N THR D 1678 -70.28 -0.36 -1.59
CA THR D 1678 -70.56 1.06 -1.50
C THR D 1678 -69.32 1.93 -1.68
N LEU D 1679 -68.19 1.53 -1.10
CA LEU D 1679 -66.96 2.30 -1.26
C LEU D 1679 -66.57 2.32 -2.73
N ARG D 1680 -66.68 1.17 -3.38
CA ARG D 1680 -66.36 1.10 -4.80
C ARG D 1680 -67.30 1.98 -5.62
N GLU D 1681 -68.58 1.99 -5.25
CA GLU D 1681 -69.56 2.80 -5.94
C GLU D 1681 -69.21 4.27 -5.79
N MET D 1682 -68.77 4.68 -4.60
CA MET D 1682 -68.41 6.08 -4.39
C MET D 1682 -67.27 6.41 -5.33
N MET D 1683 -66.27 5.54 -5.41
CA MET D 1683 -65.22 5.76 -6.40
C MET D 1683 -65.88 5.56 -7.78
N THR D 1684 -66.77 4.60 -7.82
CA THR D 1684 -67.49 4.12 -8.99
C THR D 1684 -68.24 5.28 -9.63
N LYS D 1685 -67.60 5.91 -10.60
CA LYS D 1685 -67.97 7.28 -10.96
C LYS D 1685 -67.99 7.54 -12.46
N ASP D 1686 -67.99 8.82 -12.83
CA ASP D 1686 -68.12 9.30 -14.20
C ASP D 1686 -69.54 9.39 -14.73
N ARG D 1687 -70.55 9.47 -13.86
CA ARG D 1687 -71.91 9.65 -14.33
C ARG D 1687 -72.79 10.15 -13.18
N GLY D 1688 -73.96 10.68 -13.55
CA GLY D 1688 -74.94 11.10 -12.57
C GLY D 1688 -74.85 12.54 -12.13
N TYR D 1689 -73.75 13.24 -12.40
CA TYR D 1689 -73.55 14.61 -11.97
C TYR D 1689 -73.98 15.54 -13.09
N GLY D 1690 -74.89 16.45 -12.76
CA GLY D 1690 -75.44 17.37 -13.74
C GLY D 1690 -76.82 17.86 -13.35
N SER D 1786 -72.25 22.44 -4.84
CA SER D 1786 -71.51 21.19 -4.75
C SER D 1786 -71.12 20.68 -6.13
N ARG D 1787 -70.57 21.59 -6.94
CA ARG D 1787 -70.14 21.27 -8.30
C ARG D 1787 -68.70 20.77 -8.22
N GLY D 1788 -68.52 19.64 -7.55
CA GLY D 1788 -67.21 19.01 -7.46
C GLY D 1788 -66.82 18.40 -8.78
N GLU D 1789 -65.58 18.63 -9.20
CA GLU D 1789 -65.10 18.04 -10.43
C GLU D 1789 -64.99 16.53 -10.28
N MET D 1790 -65.64 15.81 -11.19
CA MET D 1790 -65.80 14.36 -11.09
C MET D 1790 -64.52 13.66 -11.55
N SER D 1791 -63.44 13.95 -10.83
CA SER D 1791 -62.15 13.35 -11.07
C SER D 1791 -61.59 12.98 -9.72
N LEU D 1792 -60.94 11.83 -9.67
CA LEU D 1792 -60.43 11.30 -8.41
C LEU D 1792 -59.34 12.18 -7.83
N ALA D 1793 -58.69 12.99 -8.67
CA ALA D 1793 -57.79 14.03 -8.16
C ALA D 1793 -58.53 14.97 -7.24
N GLU D 1794 -59.74 15.36 -7.59
CA GLU D 1794 -60.61 15.92 -6.59
C GLU D 1794 -61.22 14.83 -5.74
N VAL D 1795 -61.77 13.80 -6.37
CA VAL D 1795 -62.65 12.85 -5.69
C VAL D 1795 -61.93 11.95 -4.69
N GLN D 1796 -61.07 11.05 -5.17
CA GLN D 1796 -60.24 10.29 -4.25
C GLN D 1796 -59.18 11.18 -3.63
N CYS D 1797 -58.91 12.35 -4.21
CA CYS D 1797 -58.21 13.38 -3.47
C CYS D 1797 -58.97 13.78 -2.22
N HIS D 1798 -60.25 14.09 -2.34
CA HIS D 1798 -61.08 14.27 -1.15
C HIS D 1798 -61.35 12.93 -0.49
N LEU D 1799 -61.31 11.85 -1.25
CA LEU D 1799 -61.37 10.53 -0.63
C LEU D 1799 -60.10 10.24 0.15
N ASP D 1800 -58.99 10.88 -0.24
CA ASP D 1800 -57.75 10.88 0.52
C ASP D 1800 -57.72 12.04 1.48
N LYS D 1801 -58.45 13.11 1.15
CA LYS D 1801 -58.89 14.04 2.18
C LYS D 1801 -59.70 13.28 3.22
N GLU D 1802 -60.52 12.32 2.77
CA GLU D 1802 -60.99 11.29 3.68
C GLU D 1802 -59.87 10.37 4.13
N GLY D 1803 -59.25 9.63 3.22
CA GLY D 1803 -58.11 8.83 3.57
C GLY D 1803 -58.46 7.55 4.29
N ALA D 1804 -59.48 6.84 3.81
CA ALA D 1804 -59.93 5.63 4.50
C ALA D 1804 -59.13 4.39 4.14
N SER D 1805 -57.94 4.53 3.56
CA SER D 1805 -57.29 3.39 2.92
C SER D 1805 -56.45 2.57 3.88
N ASN D 1806 -56.30 3.03 5.12
CA ASN D 1806 -55.63 2.20 6.12
C ASN D 1806 -56.41 0.91 6.35
N LEU D 1807 -57.74 1.01 6.30
CA LEU D 1807 -58.58 -0.18 6.39
C LEU D 1807 -58.40 -1.07 5.19
N VAL D 1808 -58.10 -0.50 4.02
CA VAL D 1808 -57.78 -1.34 2.87
C VAL D 1808 -56.40 -1.95 3.05
N ILE D 1809 -55.49 -1.20 3.66
CA ILE D 1809 -54.23 -1.79 4.07
C ILE D 1809 -54.47 -2.79 5.18
N ASP D 1810 -55.46 -2.52 6.03
CA ASP D 1810 -55.92 -3.51 6.98
C ASP D 1810 -56.64 -4.64 6.26
N LEU D 1811 -57.39 -4.31 5.21
CA LEU D 1811 -57.94 -5.36 4.36
C LEU D 1811 -56.83 -6.08 3.62
N ILE D 1812 -55.75 -5.37 3.29
CA ILE D 1812 -54.53 -6.03 2.88
C ILE D 1812 -53.85 -6.72 4.04
N MET D 1813 -54.01 -6.21 5.27
CA MET D 1813 -53.37 -6.85 6.42
C MET D 1813 -54.21 -8.02 6.92
N ASN D 1814 -55.41 -7.73 7.42
CA ASN D 1814 -56.32 -8.78 7.83
C ASN D 1814 -57.20 -9.16 6.65
N ALA D 1815 -57.28 -10.45 6.38
CA ALA D 1815 -58.13 -10.99 5.32
C ALA D 1815 -58.94 -12.13 5.94
N SER D 1816 -60.06 -11.77 6.56
CA SER D 1816 -60.92 -12.76 7.18
C SER D 1816 -61.68 -13.59 6.15
N SER D 1817 -62.33 -12.94 5.21
CA SER D 1817 -63.14 -13.65 4.24
C SER D 1817 -62.45 -13.58 2.90
N ASP D 1818 -62.67 -14.62 2.09
CA ASP D 1818 -62.21 -14.59 0.72
C ASP D 1818 -62.97 -13.53 -0.06
N ARG D 1819 -64.27 -13.43 0.20
CA ARG D 1819 -65.03 -12.29 -0.30
C ARG D 1819 -64.55 -11.02 0.34
N VAL D 1820 -64.13 -11.07 1.60
CA VAL D 1820 -63.47 -9.92 2.19
C VAL D 1820 -62.10 -9.73 1.55
N PHE D 1821 -61.47 -10.81 1.14
CA PHE D 1821 -60.22 -10.68 0.43
C PHE D 1821 -60.45 -10.19 -0.98
N HIS D 1822 -61.35 -10.85 -1.73
CA HIS D 1822 -61.52 -10.59 -3.15
C HIS D 1822 -62.20 -9.26 -3.44
N GLU D 1823 -62.73 -8.61 -2.41
CA GLU D 1823 -63.22 -7.26 -2.53
C GLU D 1823 -62.41 -6.24 -1.74
N SER D 1824 -61.61 -6.69 -0.75
CA SER D 1824 -60.79 -5.76 0.00
C SER D 1824 -59.72 -5.13 -0.88
N ILE D 1825 -59.32 -5.83 -1.94
CA ILE D 1825 -58.47 -5.21 -2.95
C ILE D 1825 -59.25 -4.98 -4.24
N LEU D 1826 -60.41 -5.62 -4.40
CA LEU D 1826 -61.18 -5.55 -5.63
C LEU D 1826 -61.65 -4.13 -5.93
N LEU D 1827 -61.82 -3.32 -4.89
CA LEU D 1827 -62.01 -1.89 -5.11
C LEU D 1827 -60.71 -1.14 -4.83
N ALA D 1828 -59.70 -1.85 -4.32
CA ALA D 1828 -58.52 -1.20 -3.75
C ALA D 1828 -57.66 -0.49 -4.78
N ILE D 1829 -57.95 -0.69 -6.07
CA ILE D 1829 -57.29 0.06 -7.13
C ILE D 1829 -57.65 1.54 -7.08
N ALA D 1830 -58.75 1.87 -6.39
CA ALA D 1830 -59.03 3.26 -6.09
C ALA D 1830 -57.99 3.85 -5.14
N LEU D 1831 -57.33 3.01 -4.34
CA LEU D 1831 -56.25 3.49 -3.49
C LEU D 1831 -55.09 4.03 -4.31
N LEU D 1832 -54.91 3.45 -5.49
CA LEU D 1832 -54.19 4.10 -6.57
C LEU D 1832 -55.12 4.84 -7.50
N GLU D 1833 -55.81 5.87 -7.01
CA GLU D 1833 -56.78 6.56 -7.84
C GLU D 1833 -56.04 7.39 -8.88
N GLY D 1834 -55.59 6.73 -9.94
CA GLY D 1834 -54.97 7.38 -11.09
C GLY D 1834 -53.61 7.91 -10.77
N GLY D 1835 -53.55 8.98 -10.00
CA GLY D 1835 -52.31 9.39 -9.40
C GLY D 1835 -52.06 8.57 -8.16
N ASN D 1836 -52.94 8.74 -7.16
CA ASN D 1836 -52.83 8.06 -5.88
C ASN D 1836 -51.52 8.44 -5.20
N THR D 1837 -51.02 9.64 -5.51
CA THR D 1837 -49.64 9.96 -5.22
C THR D 1837 -49.42 10.09 -3.74
N THR D 1838 -50.31 10.80 -3.06
CA THR D 1838 -50.28 10.79 -1.60
C THR D 1838 -50.65 9.42 -1.08
N ILE D 1839 -51.62 8.77 -1.73
CA ILE D 1839 -52.01 7.41 -1.35
C ILE D 1839 -50.86 6.46 -1.55
N GLN D 1840 -50.01 6.74 -2.52
CA GLN D 1840 -48.66 6.23 -2.45
C GLN D 1840 -47.89 6.88 -1.31
N HIS D 1841 -47.72 8.20 -1.37
CA HIS D 1841 -46.72 8.91 -0.57
C HIS D 1841 -46.97 8.78 0.92
N SER D 1842 -48.23 8.67 1.33
CA SER D 1842 -48.51 8.34 2.71
C SER D 1842 -48.54 6.84 2.92
N PHE D 1843 -49.00 6.09 1.91
CA PHE D 1843 -49.07 4.64 2.04
C PHE D 1843 -47.68 4.04 2.20
N PHE D 1844 -46.69 4.63 1.54
CA PHE D 1844 -45.32 4.19 1.77
C PHE D 1844 -44.86 4.58 3.16
N CYS D 1845 -45.23 5.79 3.59
CA CYS D 1845 -44.98 6.19 4.97
C CYS D 1845 -45.76 5.30 5.93
N ARG D 1846 -46.99 4.96 5.56
CA ARG D 1846 -47.78 4.00 6.33
C ARG D 1846 -47.18 2.62 6.34
N LEU D 1847 -46.34 2.29 5.35
CA LEU D 1847 -45.64 1.02 5.35
C LEU D 1847 -44.60 0.90 6.45
N THR D 1848 -44.26 1.99 7.14
CA THR D 1848 -43.29 1.90 8.21
C THR D 1848 -43.94 1.69 9.57
N GLU D 1849 -45.22 1.30 9.61
CA GLU D 1849 -45.89 1.24 10.89
C GLU D 1849 -45.60 -0.06 11.67
N ASP D 1850 -46.05 -1.20 11.18
CA ASP D 1850 -45.88 -2.48 11.87
C ASP D 1850 -45.45 -3.54 10.87
N LYS D 1851 -45.60 -4.81 11.24
CA LYS D 1851 -45.34 -5.92 10.30
C LYS D 1851 -46.69 -6.42 9.71
N LYS D 1852 -47.64 -6.63 10.61
CA LYS D 1852 -49.03 -7.02 10.34
C LYS D 1852 -49.56 -7.24 8.91
N SER D 1853 -50.06 -6.14 8.37
CA SER D 1853 -50.66 -6.10 7.05
C SER D 1853 -49.70 -6.48 5.95
N GLU D 1854 -48.44 -6.07 6.06
CA GLU D 1854 -47.44 -6.41 5.05
C GLU D 1854 -47.27 -7.92 5.00
N LYS D 1855 -47.22 -8.53 6.19
CA LYS D 1855 -47.10 -9.97 6.27
C LYS D 1855 -48.35 -10.61 5.62
N PHE D 1856 -49.53 -10.05 5.88
CA PHE D 1856 -50.77 -10.58 5.29
C PHE D 1856 -50.74 -10.50 3.76
N PHE D 1857 -50.21 -9.41 3.23
CA PHE D 1857 -50.09 -9.24 1.79
C PHE D 1857 -49.16 -10.30 1.24
N LYS D 1858 -48.07 -10.56 1.95
CA LYS D 1858 -47.13 -11.58 1.56
C LYS D 1858 -47.83 -12.93 1.55
N VAL D 1859 -48.65 -13.20 2.56
CA VAL D 1859 -49.37 -14.46 2.59
C VAL D 1859 -50.30 -14.59 1.39
N PHE D 1860 -50.97 -13.51 1.04
CA PHE D 1860 -51.86 -13.55 -0.12
C PHE D 1860 -51.06 -13.85 -1.37
N TYR D 1861 -49.90 -13.23 -1.50
CA TYR D 1861 -49.01 -13.42 -2.65
C TYR D 1861 -48.52 -14.85 -2.71
N ASP D 1862 -48.10 -15.30 -1.54
CA ASP D 1862 -47.62 -16.65 -1.38
C ASP D 1862 -48.82 -17.48 -1.77
N ARG D 1863 -50.03 -17.06 -1.36
CA ARG D 1863 -51.26 -17.77 -1.69
C ARG D 1863 -51.39 -17.79 -3.20
N MET D 1864 -51.13 -16.67 -3.84
CA MET D 1864 -51.14 -16.66 -5.28
C MET D 1864 -50.10 -17.63 -5.82
N LYS D 1865 -48.90 -17.72 -5.24
CA LYS D 1865 -47.91 -18.64 -5.79
C LYS D 1865 -48.40 -20.08 -5.73
N VAL D 1866 -49.00 -20.44 -4.61
CA VAL D 1866 -49.52 -21.78 -4.42
C VAL D 1866 -50.62 -22.06 -5.42
N ALA D 1867 -51.48 -21.06 -5.61
CA ALA D 1867 -52.58 -21.18 -6.53
C ALA D 1867 -52.06 -21.38 -7.93
N GLN D 1868 -51.01 -20.65 -8.30
CA GLN D 1868 -50.43 -20.76 -9.62
C GLN D 1868 -49.88 -22.15 -9.82
N GLN D 1869 -49.23 -22.70 -8.80
CA GLN D 1869 -48.71 -24.05 -8.95
C GLN D 1869 -49.85 -25.03 -9.19
N GLU D 1870 -50.93 -24.86 -8.42
CA GLU D 1870 -52.09 -25.73 -8.55
C GLU D 1870 -52.72 -25.59 -9.93
N ILE D 1871 -52.79 -24.37 -10.42
CA ILE D 1871 -53.35 -24.07 -11.73
C ILE D 1871 -52.52 -24.74 -12.80
N LYS D 1872 -51.20 -24.70 -12.65
CA LYS D 1872 -50.28 -25.31 -13.59
C LYS D 1872 -50.56 -26.80 -13.63
N ALA D 1873 -50.72 -27.39 -12.44
CA ALA D 1873 -51.10 -28.77 -12.44
C ALA D 1873 -52.49 -28.82 -13.10
N THR D 1874 -53.37 -27.87 -12.78
CA THR D 1874 -54.73 -27.90 -13.28
C THR D 1874 -54.86 -27.74 -14.79
N VAL D 1875 -54.05 -26.87 -15.41
CA VAL D 1875 -54.15 -26.67 -16.86
C VAL D 1875 -53.82 -28.03 -17.44
N THR D 1876 -52.87 -28.61 -16.74
CA THR D 1876 -52.29 -29.93 -16.89
C THR D 1876 -51.52 -30.10 -18.19
N VAL D 1877 -52.21 -30.13 -19.34
CA VAL D 1877 -51.59 -30.58 -20.58
C VAL D 1877 -52.47 -30.24 -21.77
N ASN D 1878 -51.85 -30.22 -22.94
CA ASN D 1878 -52.54 -30.18 -24.22
C ASN D 1878 -51.80 -31.08 -25.19
N THR D 1879 -52.29 -31.16 -26.42
CA THR D 1879 -51.59 -31.89 -27.46
C THR D 1879 -52.53 -32.73 -28.33
N ASP D 1955 -60.53 -27.35 -23.62
CA ASP D 1955 -61.21 -26.09 -23.36
C ASP D 1955 -61.06 -25.68 -21.90
N ASP D 1956 -61.66 -24.54 -21.54
CA ASP D 1956 -61.59 -24.06 -20.18
C ASP D 1956 -62.88 -23.38 -19.72
N LEU D 1957 -63.09 -23.38 -18.41
CA LEU D 1957 -64.25 -22.74 -17.80
C LEU D 1957 -63.81 -21.41 -17.18
N GLU D 1958 -62.67 -20.91 -17.64
CA GLU D 1958 -62.07 -19.70 -17.10
C GLU D 1958 -61.13 -20.08 -15.95
N MET D 1959 -60.89 -21.38 -15.75
CA MET D 1959 -60.05 -21.85 -14.66
C MET D 1959 -60.61 -21.35 -13.34
N SER D 1960 -61.92 -21.54 -13.18
CA SER D 1960 -62.61 -21.06 -12.00
C SER D 1960 -62.38 -19.57 -12.10
N ALA D 1961 -61.81 -19.01 -11.06
CA ALA D 1961 -61.49 -17.60 -11.02
C ALA D 1961 -60.37 -17.59 -10.02
N VAL D 1962 -60.40 -18.58 -9.12
CA VAL D 1962 -59.32 -18.55 -8.15
C VAL D 1962 -58.20 -17.96 -8.98
N ILE D 1963 -57.97 -18.59 -10.13
CA ILE D 1963 -56.95 -18.18 -11.05
C ILE D 1963 -57.34 -16.83 -11.61
N THR D 1964 -58.62 -16.68 -11.95
CA THR D 1964 -59.09 -15.44 -12.52
C THR D 1964 -58.93 -14.27 -11.56
N ILE D 1965 -59.23 -14.55 -10.30
CA ILE D 1965 -59.16 -13.58 -9.24
C ILE D 1965 -57.72 -13.18 -9.09
N MET D 1966 -56.83 -14.16 -9.12
CA MET D 1966 -55.43 -13.90 -9.02
C MET D 1966 -54.96 -13.02 -10.16
N GLN D 1967 -55.42 -13.26 -11.38
CA GLN D 1967 -54.97 -12.41 -12.47
C GLN D 1967 -55.39 -10.96 -12.25
N PRO D 1968 -56.66 -10.77 -11.85
CA PRO D 1968 -57.06 -9.38 -11.63
C PRO D 1968 -56.28 -8.74 -10.49
N ILE D 1969 -56.07 -9.52 -9.42
CA ILE D 1969 -55.36 -9.08 -8.24
C ILE D 1969 -53.94 -8.74 -8.57
N LEU D 1970 -53.33 -9.54 -9.42
CA LEU D 1970 -51.97 -9.36 -9.84
C LEU D 1970 -51.87 -8.07 -10.61
N ARG D 1971 -52.85 -7.80 -11.46
CA ARG D 1971 -52.83 -6.56 -12.21
C ARG D 1971 -52.90 -5.41 -11.22
N PHE D 1972 -53.79 -5.53 -10.24
CA PHE D 1972 -53.89 -4.48 -9.26
C PHE D 1972 -52.59 -4.35 -8.48
N LEU D 1973 -51.98 -5.46 -8.13
CA LEU D 1973 -50.75 -5.45 -7.36
C LEU D 1973 -49.68 -4.78 -8.15
N GLN D 1974 -49.61 -5.08 -9.43
CA GLN D 1974 -48.62 -4.48 -10.29
C GLN D 1974 -48.86 -3.00 -10.37
N LEU D 1975 -50.12 -2.60 -10.50
CA LEU D 1975 -50.43 -1.20 -10.59
C LEU D 1975 -49.98 -0.52 -9.31
N LEU D 1976 -50.27 -1.12 -8.17
CA LEU D 1976 -49.88 -0.51 -6.92
C LEU D 1976 -48.38 -0.39 -6.81
N CYS D 1977 -47.68 -1.43 -7.20
CA CYS D 1977 -46.24 -1.40 -7.11
C CYS D 1977 -45.62 -0.31 -7.95
N GLU D 1978 -46.16 -0.14 -9.15
CA GLU D 1978 -45.59 0.80 -10.11
C GLU D 1978 -45.55 2.22 -9.60
N ASN D 1979 -46.36 2.53 -8.61
CA ASN D 1979 -46.38 3.91 -8.18
C ASN D 1979 -44.97 4.39 -7.87
N HIS D 1980 -44.61 5.49 -8.48
CA HIS D 1980 -43.33 6.04 -8.28
C HIS D 1980 -42.40 5.01 -7.70
N ASN D 1981 -41.26 4.97 -8.38
CA ASN D 1981 -40.12 4.09 -8.10
C ASN D 1981 -39.20 4.76 -7.08
N ARG D 1982 -37.89 4.46 -7.09
CA ARG D 1982 -37.00 5.12 -6.12
C ARG D 1982 -37.51 4.65 -4.78
N ASP D 1983 -37.99 5.59 -3.97
CA ASP D 1983 -38.55 5.15 -2.72
C ASP D 1983 -39.76 4.22 -2.82
N LEU D 1984 -40.84 4.50 -3.60
CA LEU D 1984 -41.93 3.57 -3.56
C LEU D 1984 -41.49 2.32 -4.22
N GLN D 1985 -40.78 2.50 -5.36
CA GLN D 1985 -40.47 1.26 -6.07
C GLN D 1985 -39.56 0.34 -5.28
N ASN D 1986 -38.55 0.98 -4.75
CA ASN D 1986 -37.49 0.32 -4.07
C ASN D 1986 -37.95 -0.29 -2.81
N PHE D 1987 -38.80 0.48 -2.15
CA PHE D 1987 -39.26 0.08 -0.87
C PHE D 1987 -40.00 -1.19 -1.01
N LEU D 1988 -40.93 -1.26 -1.98
CA LEU D 1988 -41.68 -2.51 -2.08
C LEU D 1988 -40.77 -3.65 -2.46
N ARG D 1989 -39.95 -3.33 -3.44
CA ARG D 1989 -39.08 -4.31 -4.07
C ARG D 1989 -38.18 -5.00 -3.10
N CYS D 1990 -37.63 -4.29 -2.13
CA CYS D 1990 -36.77 -5.03 -1.23
C CYS D 1990 -37.50 -5.34 0.06
N GLN D 1991 -38.07 -4.29 0.63
CA GLN D 1991 -38.69 -4.35 1.95
C GLN D 1991 -37.65 -4.40 3.15
N ASN D 1992 -38.32 -5.01 4.12
CA ASN D 1992 -37.92 -5.50 5.45
C ASN D 1992 -38.67 -6.88 5.64
N ASN D 1993 -38.27 -7.70 6.62
CA ASN D 1993 -38.92 -9.01 6.88
C ASN D 1993 -38.88 -10.02 5.72
N LYS D 1994 -37.74 -10.02 5.04
CA LYS D 1994 -37.51 -10.87 3.87
C LYS D 1994 -38.53 -10.49 2.80
N THR D 1995 -38.72 -9.19 2.61
CA THR D 1995 -39.72 -8.65 1.68
C THR D 1995 -41.10 -9.12 2.10
N ASN D 1996 -41.37 -9.11 3.41
CA ASN D 1996 -42.62 -9.58 4.00
C ASN D 1996 -42.94 -11.01 3.54
N TYR D 1997 -41.95 -11.90 3.50
CA TYR D 1997 -42.27 -13.23 2.93
C TYR D 1997 -42.76 -13.03 1.47
N ASN D 1998 -42.11 -12.07 0.82
CA ASN D 1998 -42.29 -11.51 -0.52
C ASN D 1998 -41.11 -10.67 -0.95
N LEU D 1999 -40.53 -11.09 -2.09
CA LEU D 1999 -39.66 -10.29 -2.95
C LEU D 1999 -40.09 -10.67 -4.37
N VAL D 2000 -41.29 -10.15 -4.59
CA VAL D 2000 -42.17 -10.50 -5.66
C VAL D 2000 -41.65 -10.51 -7.06
N CYS D 2001 -40.64 -9.73 -7.41
CA CYS D 2001 -40.17 -9.71 -8.81
C CYS D 2001 -39.74 -11.11 -9.28
N GLU D 2002 -39.05 -11.84 -8.42
CA GLU D 2002 -38.69 -13.20 -8.75
C GLU D 2002 -39.99 -14.01 -8.91
N THR D 2003 -40.97 -13.79 -8.03
CA THR D 2003 -42.23 -14.49 -8.10
C THR D 2003 -42.97 -14.19 -9.39
N LEU D 2004 -42.92 -12.96 -9.83
CA LEU D 2004 -43.58 -12.60 -11.05
C LEU D 2004 -42.92 -13.34 -12.18
N GLN D 2005 -41.59 -13.40 -12.19
CA GLN D 2005 -40.92 -14.11 -13.24
C GLN D 2005 -41.33 -15.58 -13.22
N PHE D 2006 -41.36 -16.17 -12.04
CA PHE D 2006 -41.74 -17.57 -11.97
C PHE D 2006 -43.17 -17.79 -12.47
N LEU D 2007 -44.08 -16.90 -12.12
CA LEU D 2007 -45.48 -17.00 -12.50
C LEU D 2007 -45.62 -16.92 -13.99
N ASP D 2008 -44.85 -16.01 -14.59
CA ASP D 2008 -44.86 -15.83 -16.01
C ASP D 2008 -44.35 -17.09 -16.68
N CYS D 2009 -43.30 -17.67 -16.12
CA CYS D 2009 -42.75 -18.91 -16.68
C CYS D 2009 -43.78 -20.03 -16.61
N ILE D 2010 -44.50 -20.09 -15.49
CA ILE D 2010 -45.50 -21.10 -15.32
C ILE D 2010 -46.56 -20.89 -16.37
N CYS D 2011 -46.98 -19.66 -16.57
CA CYS D 2011 -48.00 -19.35 -17.55
C CYS D 2011 -47.54 -19.74 -18.96
N GLY D 2012 -46.28 -19.51 -19.22
CA GLY D 2012 -45.76 -19.92 -20.49
C GLY D 2012 -45.13 -21.27 -20.39
N SER D 2013 -44.80 -21.53 -19.13
CA SER D 2013 -44.35 -22.81 -18.71
C SER D 2013 -43.47 -23.19 -19.83
N THR D 2014 -42.55 -22.33 -20.24
CA THR D 2014 -41.71 -22.76 -21.30
C THR D 2014 -40.89 -23.86 -20.72
N THR D 2015 -40.28 -23.58 -19.55
CA THR D 2015 -39.39 -24.52 -18.87
C THR D 2015 -38.39 -24.90 -19.93
N GLY D 2016 -37.70 -23.93 -20.50
CA GLY D 2016 -36.95 -24.22 -21.70
C GLY D 2016 -37.88 -23.74 -22.83
N GLY D 2017 -37.86 -24.37 -23.99
CA GLY D 2017 -38.69 -23.88 -25.08
C GLY D 2017 -40.16 -23.89 -24.73
N LEU D 2018 -40.82 -22.78 -24.99
CA LEU D 2018 -42.22 -22.68 -24.66
C LEU D 2018 -42.96 -23.68 -25.48
N GLY D 2019 -43.87 -24.40 -24.85
CA GLY D 2019 -44.63 -25.37 -25.58
C GLY D 2019 -45.46 -24.52 -26.50
N LEU D 2020 -45.47 -24.87 -27.78
CA LEU D 2020 -46.26 -24.10 -28.74
C LEU D 2020 -47.71 -24.25 -28.31
N LEU D 2021 -48.44 -23.14 -28.32
CA LEU D 2021 -49.83 -23.14 -27.88
C LEU D 2021 -49.99 -22.66 -26.44
N GLY D 2022 -49.17 -23.14 -25.51
CA GLY D 2022 -49.37 -22.54 -24.19
C GLY D 2022 -50.11 -21.21 -24.30
N LEU D 2023 -49.76 -20.41 -25.30
CA LEU D 2023 -50.43 -19.13 -25.54
C LEU D 2023 -51.90 -19.35 -25.90
N TYR D 2024 -52.12 -20.38 -26.70
CA TYR D 2024 -53.49 -20.72 -27.06
C TYR D 2024 -54.28 -21.07 -25.79
N ILE D 2025 -53.66 -21.83 -24.89
CA ILE D 2025 -54.24 -22.22 -23.61
C ILE D 2025 -54.50 -21.00 -22.74
N ASN D 2026 -53.62 -20.02 -22.79
CA ASN D 2026 -53.78 -18.79 -22.04
C ASN D 2026 -55.08 -18.13 -22.46
N GLU D 2027 -55.39 -18.08 -23.77
CA GLU D 2027 -56.70 -17.55 -24.22
C GLU D 2027 -56.86 -16.14 -23.73
N LYS D 2028 -57.97 -15.70 -23.13
CA LYS D 2028 -57.65 -14.34 -22.77
C LYS D 2028 -56.64 -14.25 -21.66
N ASN D 2029 -56.31 -15.37 -21.02
CA ASN D 2029 -55.66 -15.32 -19.71
C ASN D 2029 -54.23 -14.83 -19.81
N VAL D 2030 -53.63 -14.91 -20.99
CA VAL D 2030 -52.26 -14.48 -21.14
C VAL D 2030 -52.17 -12.97 -21.04
N ALA D 2031 -53.27 -12.28 -21.33
CA ALA D 2031 -53.24 -10.83 -21.30
C ALA D 2031 -53.05 -10.31 -19.89
N LEU D 2032 -53.56 -11.03 -18.91
CA LEU D 2032 -53.24 -10.69 -17.54
C LEU D 2032 -51.78 -10.95 -17.28
N ILE D 2033 -51.25 -12.04 -17.84
CA ILE D 2033 -49.83 -12.26 -17.73
C ILE D 2033 -49.12 -11.27 -18.61
N ASN D 2034 -49.77 -10.84 -19.68
CA ASN D 2034 -49.25 -9.72 -20.43
C ASN D 2034 -49.27 -8.49 -19.56
N GLN D 2035 -50.36 -8.29 -18.83
CA GLN D 2035 -50.37 -7.23 -17.84
C GLN D 2035 -49.45 -7.57 -16.70
N THR D 2036 -49.21 -8.85 -16.47
CA THR D 2036 -48.18 -9.21 -15.52
C THR D 2036 -46.83 -8.92 -16.12
N LEU D 2037 -46.69 -9.20 -17.41
CA LEU D 2037 -45.51 -8.72 -18.08
C LEU D 2037 -45.53 -7.21 -18.09
N GLU D 2038 -46.72 -6.64 -18.22
CA GLU D 2038 -46.85 -5.21 -17.99
C GLU D 2038 -46.54 -4.87 -16.56
N SER D 2039 -46.87 -5.74 -15.62
CA SER D 2039 -46.47 -5.49 -14.24
C SER D 2039 -45.00 -5.81 -14.08
N LEU D 2040 -44.49 -6.68 -14.93
CA LEU D 2040 -43.05 -6.78 -15.00
C LEU D 2040 -42.46 -5.46 -15.41
N THR D 2041 -43.03 -4.81 -16.41
CA THR D 2041 -42.61 -3.46 -16.72
C THR D 2041 -43.16 -2.51 -15.69
N GLU D 2042 -44.25 -2.91 -15.03
CA GLU D 2042 -44.69 -2.19 -13.87
C GLU D 2042 -43.66 -2.25 -12.78
N TYR D 2043 -42.95 -3.35 -12.64
CA TYR D 2043 -41.76 -3.32 -11.79
C TYR D 2043 -40.55 -3.12 -12.68
N CYS D 2044 -40.68 -2.22 -13.65
CA CYS D 2044 -39.62 -2.11 -14.64
C CYS D 2044 -39.06 -0.71 -14.77
N GLN D 2045 -39.92 0.31 -14.75
CA GLN D 2045 -39.53 1.60 -15.28
C GLN D 2045 -38.58 2.36 -14.36
N GLY D 2046 -37.42 2.72 -14.91
CA GLY D 2046 -36.54 3.73 -14.35
C GLY D 2046 -35.66 3.26 -13.22
N PRO D 2047 -36.30 3.07 -12.05
CA PRO D 2047 -35.44 2.82 -10.90
C PRO D 2047 -34.47 1.77 -11.28
N CYS D 2048 -33.33 2.27 -11.72
CA CYS D 2048 -32.33 1.37 -12.17
C CYS D 2048 -31.78 0.48 -11.10
N HIS D 2049 -31.36 1.00 -9.95
CA HIS D 2049 -30.73 0.07 -9.02
C HIS D 2049 -31.62 -1.03 -8.44
N GLU D 2050 -32.75 -0.67 -7.87
CA GLU D 2050 -33.60 -1.71 -7.29
C GLU D 2050 -34.17 -2.55 -8.39
N ASN D 2051 -34.58 -1.84 -9.44
CA ASN D 2051 -35.27 -2.52 -10.49
C ASN D 2051 -34.37 -3.50 -11.14
N GLN D 2052 -33.14 -3.06 -11.40
CA GLN D 2052 -32.10 -3.77 -12.12
C GLN D 2052 -31.38 -4.70 -11.24
N ASN D 2053 -31.53 -4.55 -9.94
CA ASN D 2053 -30.94 -5.50 -9.03
C ASN D 2053 -31.79 -6.71 -9.31
N CYS D 2054 -33.12 -6.52 -9.26
CA CYS D 2054 -34.01 -7.58 -9.62
C CYS D 2054 -33.79 -7.95 -11.08
N ILE D 2055 -33.58 -6.98 -11.96
CA ILE D 2055 -33.45 -7.26 -13.36
C ILE D 2055 -32.27 -8.11 -13.63
N ALA D 2056 -31.16 -7.80 -12.98
CA ALA D 2056 -29.91 -8.51 -13.17
C ALA D 2056 -30.06 -9.91 -12.68
N THR D 2057 -30.72 -10.02 -11.53
CA THR D 2057 -30.94 -11.30 -10.93
C THR D 2057 -31.76 -12.10 -11.92
N HIS D 2058 -32.82 -11.53 -12.46
CA HIS D 2058 -33.69 -12.19 -13.41
C HIS D 2058 -32.99 -12.52 -14.72
N GLU D 2059 -32.13 -11.65 -15.18
CA GLU D 2059 -31.46 -11.88 -16.42
C GLU D 2059 -30.62 -13.11 -16.26
N SER D 2060 -29.86 -13.23 -15.17
CA SER D 2060 -29.11 -14.46 -15.08
C SER D 2060 -30.09 -15.59 -14.83
N ASN D 2061 -30.96 -15.30 -13.88
CA ASN D 2061 -32.01 -16.12 -13.32
C ASN D 2061 -33.25 -16.51 -14.08
N GLY D 2062 -33.89 -15.62 -14.85
CA GLY D 2062 -35.02 -16.33 -15.39
C GLY D 2062 -35.10 -15.94 -16.84
N ILE D 2063 -34.97 -14.63 -17.06
CA ILE D 2063 -34.84 -14.03 -18.39
C ILE D 2063 -35.60 -14.72 -19.50
N ASP D 2064 -35.80 -16.01 -19.28
CA ASP D 2064 -36.39 -16.87 -20.27
C ASP D 2064 -37.75 -16.51 -20.83
N ILE D 2065 -38.69 -15.97 -20.06
CA ILE D 2065 -39.97 -15.66 -20.67
C ILE D 2065 -39.79 -14.61 -21.76
N ILE D 2066 -39.01 -13.60 -21.44
CA ILE D 2066 -38.74 -12.57 -22.40
C ILE D 2066 -37.97 -13.15 -23.56
N THR D 2067 -36.99 -14.00 -23.27
CA THR D 2067 -36.21 -14.57 -24.34
C THR D 2067 -37.07 -15.39 -25.27
N ALA D 2068 -37.98 -16.17 -24.71
CA ALA D 2068 -38.87 -17.01 -25.47
C ALA D 2068 -39.77 -16.17 -26.34
N LEU D 2069 -40.27 -15.08 -25.78
CA LEU D 2069 -41.14 -14.23 -26.56
C LEU D 2069 -40.36 -13.68 -27.75
N ILE D 2070 -39.14 -13.22 -27.53
CA ILE D 2070 -38.36 -12.69 -28.63
C ILE D 2070 -38.11 -13.76 -29.68
N LEU D 2071 -37.76 -14.94 -29.21
CA LEU D 2071 -37.48 -16.05 -30.08
C LEU D 2071 -38.64 -16.50 -30.92
N ASN D 2072 -39.85 -16.49 -30.38
CA ASN D 2072 -40.96 -17.04 -31.16
C ASN D 2072 -42.35 -16.42 -31.23
N ASP D 2073 -43.10 -16.82 -32.24
CA ASP D 2073 -44.46 -16.31 -32.43
C ASP D 2073 -45.43 -17.37 -31.92
N ILE D 2074 -46.73 -17.14 -32.13
CA ILE D 2074 -47.79 -17.95 -31.53
C ILE D 2074 -48.37 -18.89 -32.59
N ASN D 2075 -48.66 -20.13 -32.19
CA ASN D 2075 -49.12 -21.17 -33.10
C ASN D 2075 -50.51 -20.84 -33.62
N PRO D 2076 -51.46 -20.57 -32.75
CA PRO D 2076 -52.77 -20.11 -33.22
C PRO D 2076 -52.70 -18.70 -33.75
N LEU D 2077 -53.25 -18.47 -34.95
CA LEU D 2077 -53.34 -17.11 -35.46
C LEU D 2077 -54.41 -16.38 -34.66
N GLY D 2078 -54.01 -15.68 -33.60
CA GLY D 2078 -54.94 -15.10 -32.67
C GLY D 2078 -55.64 -13.88 -33.21
N LYS D 2079 -56.88 -13.69 -32.75
CA LYS D 2079 -57.72 -12.62 -33.27
C LYS D 2079 -57.20 -11.24 -32.92
N LYS D 2080 -57.45 -10.82 -31.71
CA LYS D 2080 -56.81 -9.61 -31.21
C LYS D 2080 -55.38 -10.04 -30.78
N ARG D 2081 -55.10 -11.34 -30.81
CA ARG D 2081 -53.88 -11.94 -30.39
C ARG D 2081 -52.67 -11.45 -31.11
N MET D 2082 -52.78 -11.13 -32.39
CA MET D 2082 -51.59 -10.62 -33.06
C MET D 2082 -51.18 -9.31 -32.38
N ASP D 2083 -52.16 -8.44 -32.15
CA ASP D 2083 -51.86 -7.21 -31.47
C ASP D 2083 -51.37 -7.49 -30.07
N LEU D 2084 -52.00 -8.42 -29.37
CA LEU D 2084 -51.59 -8.69 -28.01
C LEU D 2084 -50.16 -9.17 -27.94
N VAL D 2085 -49.79 -10.05 -28.86
CA VAL D 2085 -48.48 -10.63 -28.93
C VAL D 2085 -47.48 -9.57 -29.21
N LEU D 2086 -47.82 -8.68 -30.13
CA LEU D 2086 -46.95 -7.60 -30.46
C LEU D 2086 -46.74 -6.71 -29.26
N GLU D 2087 -47.82 -6.43 -28.54
CA GLU D 2087 -47.75 -5.60 -27.36
C GLU D 2087 -46.88 -6.26 -26.34
N LEU D 2088 -47.02 -7.57 -26.17
CA LEU D 2088 -46.22 -8.28 -25.23
C LEU D 2088 -44.78 -8.14 -25.63
N LYS D 2089 -44.45 -8.32 -26.90
CA LYS D 2089 -43.07 -8.20 -27.31
C LYS D 2089 -42.54 -6.81 -27.04
N ASN D 2090 -43.33 -5.81 -27.35
CA ASN D 2090 -42.88 -4.46 -27.16
C ASN D 2090 -42.66 -4.20 -25.70
N ASN D 2091 -43.58 -4.63 -24.89
CA ASN D 2091 -43.47 -4.44 -23.49
C ASN D 2091 -42.27 -5.14 -22.93
N ALA D 2092 -42.16 -6.41 -23.26
CA ALA D 2092 -41.08 -7.20 -22.72
C ALA D 2092 -39.84 -6.53 -23.18
N SER D 2093 -39.86 -6.13 -24.45
CA SER D 2093 -38.73 -5.48 -25.03
C SER D 2093 -38.46 -4.21 -24.29
N LYS D 2094 -39.48 -3.43 -23.97
CA LYS D 2094 -39.25 -2.19 -23.28
C LYS D 2094 -38.62 -2.45 -21.94
N LEU D 2095 -39.11 -3.43 -21.22
CA LEU D 2095 -38.57 -3.66 -19.90
C LEU D 2095 -37.13 -4.06 -19.96
N LEU D 2096 -36.86 -4.96 -20.88
CA LEU D 2096 -35.52 -5.45 -21.01
C LEU D 2096 -34.62 -4.33 -21.40
N LEU D 2097 -35.06 -3.53 -22.35
CA LEU D 2097 -34.27 -2.44 -22.85
C LEU D 2097 -33.99 -1.46 -21.79
N ALA D 2098 -34.98 -1.14 -20.97
CA ALA D 2098 -34.75 -0.15 -19.96
C ALA D 2098 -33.71 -0.63 -19.01
N ILE D 2099 -33.87 -1.89 -18.59
CA ILE D 2099 -32.95 -2.44 -17.64
C ILE D 2099 -31.54 -2.45 -18.22
N MET D 2100 -31.43 -2.90 -19.46
CA MET D 2100 -30.12 -3.02 -20.06
C MET D 2100 -29.43 -1.68 -20.16
N GLU D 2101 -30.18 -0.67 -20.60
CA GLU D 2101 -29.60 0.63 -20.80
C GLU D 2101 -29.07 1.15 -19.52
N SER D 2102 -29.89 1.07 -18.48
CA SER D 2102 -29.47 1.62 -17.20
C SER D 2102 -28.23 0.92 -16.69
N ARG D 2103 -28.22 -0.39 -16.80
CA ARG D 2103 -27.08 -1.12 -16.35
C ARG D 2103 -25.75 -0.92 -17.06
N HIS D 2104 -25.72 -0.84 -18.39
CA HIS D 2104 -24.38 -0.89 -19.01
C HIS D 2104 -24.09 -2.40 -18.79
N ASP D 2105 -24.11 -2.80 -17.52
CA ASP D 2105 -24.14 -4.16 -16.99
C ASP D 2105 -23.86 -5.15 -18.11
N SER D 2106 -22.61 -5.16 -18.58
CA SER D 2106 -22.23 -5.80 -19.83
C SER D 2106 -22.50 -7.29 -19.88
N GLU D 2107 -21.87 -8.07 -19.02
CA GLU D 2107 -22.15 -9.48 -18.95
C GLU D 2107 -23.54 -9.78 -18.43
N ASN D 2108 -24.14 -8.86 -17.68
CA ASN D 2108 -25.56 -8.96 -17.38
C ASN D 2108 -26.34 -8.93 -18.68
N ALA D 2109 -26.04 -7.98 -19.52
CA ALA D 2109 -26.57 -8.01 -20.87
C ALA D 2109 -25.92 -9.12 -21.69
N GLU D 2110 -24.69 -9.49 -21.35
CA GLU D 2110 -24.09 -10.65 -21.96
C GLU D 2110 -24.85 -11.90 -21.62
N ARG D 2111 -25.42 -11.96 -20.42
CA ARG D 2111 -26.25 -13.10 -20.04
C ARG D 2111 -27.61 -13.09 -20.74
N ILE D 2112 -28.24 -11.92 -20.86
CA ILE D 2112 -29.42 -11.81 -21.71
C ILE D 2112 -29.00 -11.98 -23.17
N LEU D 2113 -27.80 -11.52 -23.50
CA LEU D 2113 -27.23 -11.86 -24.79
C LEU D 2113 -26.86 -13.32 -24.87
N TYR D 2114 -26.53 -13.95 -23.74
CA TYR D 2114 -26.43 -15.39 -23.73
C TYR D 2114 -27.81 -16.02 -23.84
N ASN D 2115 -28.86 -15.26 -23.53
CA ASN D 2115 -30.21 -15.72 -23.81
C ASN D 2115 -30.46 -15.75 -25.30
N MET D 2116 -30.13 -14.66 -26.01
CA MET D 2116 -30.27 -14.66 -27.45
C MET D 2116 -28.92 -14.89 -28.11
N ARG D 2117 -28.52 -16.16 -28.21
CA ARG D 2117 -27.25 -16.54 -28.84
C ARG D 2117 -27.41 -16.56 -30.37
N PRO D 2118 -28.66 -16.67 -30.85
CA PRO D 2118 -29.15 -16.66 -32.26
C PRO D 2118 -28.78 -15.30 -32.91
N LYS D 2119 -28.67 -14.33 -32.02
CA LYS D 2119 -28.15 -13.02 -32.33
C LYS D 2119 -28.64 -12.24 -33.50
N GLU D 2120 -27.66 -11.77 -34.24
CA GLU D 2120 -27.89 -10.93 -35.37
C GLU D 2120 -28.70 -11.67 -36.41
N LEU D 2121 -28.43 -12.94 -36.66
CA LEU D 2121 -29.19 -13.62 -37.68
C LEU D 2121 -30.66 -13.66 -37.31
N VAL D 2122 -30.93 -14.00 -36.06
CA VAL D 2122 -32.31 -14.08 -35.65
C VAL D 2122 -32.97 -12.72 -35.76
N GLU D 2123 -32.26 -11.70 -35.30
CA GLU D 2123 -32.83 -10.37 -35.33
C GLU D 2123 -33.09 -9.91 -36.74
N VAL D 2124 -32.17 -10.20 -37.63
CA VAL D 2124 -32.30 -9.74 -39.00
C VAL D 2124 -33.51 -10.38 -39.63
N ILE D 2125 -33.66 -11.68 -39.40
CA ILE D 2125 -34.79 -12.36 -40.01
C ILE D 2125 -36.10 -11.77 -39.49
N LYS D 2126 -36.16 -11.56 -38.19
CA LYS D 2126 -37.38 -11.04 -37.62
C LYS D 2126 -37.69 -9.67 -38.17
N LYS D 2127 -36.68 -8.83 -38.27
CA LYS D 2127 -36.92 -7.49 -38.74
C LYS D 2127 -37.43 -7.50 -40.16
N ALA D 2128 -36.82 -8.34 -41.00
CA ALA D 2128 -37.26 -8.37 -42.37
C ALA D 2128 -38.70 -8.81 -42.47
N TYR D 2129 -39.04 -9.85 -41.73
CA TYR D 2129 -40.40 -10.36 -41.79
C TYR D 2129 -41.46 -9.38 -41.32
N MET D 2130 -41.16 -8.66 -40.24
CA MET D 2130 -42.12 -7.77 -39.61
C MET D 2130 -42.34 -6.57 -40.51
N GLN D 2131 -41.25 -6.04 -41.05
CA GLN D 2131 -41.36 -4.89 -41.91
C GLN D 2131 -42.18 -5.25 -43.14
N GLY D 2132 -41.91 -6.40 -43.72
CA GLY D 2132 -42.62 -6.80 -44.92
C GLY D 2132 -44.09 -6.95 -44.65
N GLU D 2133 -44.43 -7.57 -43.52
CA GLU D 2133 -45.83 -7.76 -43.21
C GLU D 2133 -46.51 -6.41 -43.03
N VAL D 2134 -45.85 -5.51 -42.32
CA VAL D 2134 -46.43 -4.21 -42.07
C VAL D 2134 -46.66 -3.47 -43.38
N GLU D 2135 -45.69 -3.50 -44.28
CA GLU D 2135 -45.86 -2.78 -45.53
C GLU D 2135 -47.03 -3.37 -46.31
N PHE D 2136 -47.06 -4.70 -46.34
CA PHE D 2136 -48.07 -5.42 -47.08
C PHE D 2136 -49.46 -5.08 -46.61
N GLU D 2137 -49.66 -4.94 -45.30
CA GLU D 2137 -50.99 -4.60 -44.87
C GLU D 2137 -50.87 -3.39 -43.97
N ASP D 2138 -50.45 -2.27 -44.57
CA ASP D 2138 -50.33 -1.03 -43.80
C ASP D 2138 -51.70 -0.71 -43.21
N GLY D 2139 -51.76 -0.38 -41.93
CA GLY D 2139 -53.06 -0.10 -41.34
C GLY D 2139 -53.42 1.35 -41.19
N GLU D 2140 -54.56 1.75 -41.75
CA GLU D 2140 -55.04 3.14 -41.65
C GLU D 2140 -55.88 3.37 -40.41
N ASN D 2141 -55.28 3.16 -39.25
CA ASN D 2141 -55.94 3.34 -37.96
C ASN D 2141 -54.93 4.19 -37.20
N GLY D 2142 -54.97 5.49 -37.42
CA GLY D 2142 -54.00 6.36 -36.81
C GLY D 2142 -53.89 6.44 -35.30
N GLU D 2143 -52.63 6.45 -34.87
CA GLU D 2143 -52.21 6.59 -33.47
C GLU D 2143 -53.07 5.83 -32.48
N ASP D 2144 -53.70 4.73 -32.90
CA ASP D 2144 -54.36 3.81 -31.99
C ASP D 2144 -53.47 2.64 -31.61
N GLY D 2145 -52.15 2.82 -31.65
CA GLY D 2145 -51.21 1.76 -31.37
C GLY D 2145 -50.35 1.45 -32.58
N ALA D 2146 -49.04 1.68 -32.46
CA ALA D 2146 -48.10 1.53 -33.57
C ALA D 2146 -47.64 0.07 -33.66
N ALA D 2147 -48.62 -0.81 -33.76
CA ALA D 2147 -48.35 -2.24 -33.80
C ALA D 2147 -48.13 -2.68 -35.23
N SER D 2148 -47.41 -1.87 -35.95
CA SER D 2148 -47.05 -2.28 -37.27
C SER D 2148 -46.05 -3.41 -37.01
N PRO D 2149 -45.91 -4.33 -37.98
CA PRO D 2149 -44.91 -5.40 -37.85
C PRO D 2149 -43.56 -4.72 -37.80
N ARG D 2150 -43.35 -3.75 -38.69
CA ARG D 2150 -42.18 -2.93 -38.66
C ARG D 2150 -42.12 -2.16 -37.33
N ASN D 2151 -43.23 -1.69 -36.74
CA ASN D 2151 -43.10 -0.96 -35.47
C ASN D 2151 -42.50 -1.85 -34.38
N VAL D 2152 -42.98 -3.08 -34.34
CA VAL D 2152 -42.48 -4.03 -33.36
C VAL D 2152 -41.01 -4.32 -33.64
N GLY D 2153 -40.70 -4.48 -34.91
CA GLY D 2153 -39.34 -4.74 -35.32
C GLY D 2153 -38.43 -3.61 -34.95
N HIS D 2154 -38.90 -2.37 -35.08
CA HIS D 2154 -38.16 -1.16 -34.76
C HIS D 2154 -37.86 -1.15 -33.31
N ASN D 2155 -38.82 -1.53 -32.49
CA ASN D 2155 -38.54 -1.61 -31.07
C ASN D 2155 -37.43 -2.64 -30.85
N ILE D 2156 -37.54 -3.79 -31.52
CA ILE D 2156 -36.53 -4.82 -31.38
C ILE D 2156 -35.16 -4.28 -31.82
N TYR D 2157 -35.11 -3.54 -32.91
CA TYR D 2157 -33.86 -3.01 -33.43
C TYR D 2157 -33.23 -2.09 -32.44
N ILE D 2158 -34.03 -1.25 -31.80
CA ILE D 2158 -33.52 -0.32 -30.82
C ILE D 2158 -32.91 -1.10 -29.67
N LEU D 2159 -33.60 -2.13 -29.23
CA LEU D 2159 -33.06 -2.92 -28.16
C LEU D 2159 -31.75 -3.57 -28.56
N ALA D 2160 -31.67 -4.08 -29.78
CA ALA D 2160 -30.46 -4.72 -30.23
C ALA D 2160 -29.29 -3.76 -30.24
N HIS D 2161 -29.54 -2.54 -30.72
CA HIS D 2161 -28.47 -1.56 -30.74
C HIS D 2161 -28.02 -1.27 -29.32
N GLN D 2162 -28.98 -1.11 -28.44
CA GLN D 2162 -28.68 -0.89 -27.05
C GLN D 2162 -27.94 -2.12 -26.60
N LEU D 2163 -28.39 -3.30 -27.03
CA LEU D 2163 -27.63 -4.47 -26.62
C LEU D 2163 -26.23 -4.44 -27.22
N ALA D 2164 -26.09 -3.84 -28.39
CA ALA D 2164 -24.81 -3.88 -29.10
C ALA D 2164 -23.74 -3.11 -28.34
N ARG D 2165 -24.15 -2.10 -27.57
CA ARG D 2165 -23.21 -1.38 -26.72
C ARG D 2165 -22.63 -2.28 -25.65
N HIS D 2166 -23.35 -3.32 -25.27
CA HIS D 2166 -22.74 -4.31 -24.43
C HIS D 2166 -21.76 -5.17 -25.21
N ASN D 2167 -22.25 -5.90 -26.20
CA ASN D 2167 -21.54 -7.03 -26.75
C ASN D 2167 -20.96 -6.69 -28.11
N LYS D 2168 -19.68 -7.03 -28.29
CA LYS D 2168 -18.96 -6.86 -29.54
C LYS D 2168 -19.38 -7.77 -30.72
N GLU D 2169 -19.62 -9.05 -30.46
CA GLU D 2169 -19.99 -10.02 -31.50
C GLU D 2169 -21.31 -9.65 -32.16
N LEU D 2170 -22.21 -9.19 -31.31
CA LEU D 2170 -23.51 -8.69 -31.71
C LEU D 2170 -23.30 -7.46 -32.56
N GLN D 2171 -22.34 -6.61 -32.17
CA GLN D 2171 -21.97 -5.42 -32.91
C GLN D 2171 -21.45 -5.79 -34.30
N THR D 2172 -20.68 -6.88 -34.40
CA THR D 2172 -20.17 -7.34 -35.68
C THR D 2172 -21.36 -7.72 -36.54
N MET D 2173 -22.31 -8.44 -35.94
CA MET D 2173 -23.51 -8.82 -36.68
C MET D 2173 -24.25 -7.57 -37.15
N LEU D 2174 -24.36 -6.56 -36.28
CA LEU D 2174 -25.03 -5.31 -36.60
C LEU D 2174 -24.36 -4.54 -37.75
N LYS D 2175 -23.03 -4.54 -37.80
CA LYS D 2175 -22.29 -3.87 -38.87
C LYS D 2175 -22.63 -4.56 -40.19
N PRO D 2176 -22.68 -5.91 -40.13
CA PRO D 2176 -23.07 -6.69 -41.31
C PRO D 2176 -24.50 -6.30 -41.70
N GLY D 2177 -25.40 -6.14 -40.74
CA GLY D 2177 -26.75 -5.74 -41.07
C GLY D 2177 -26.77 -4.38 -41.76
N GLY D 2178 -25.96 -3.45 -41.29
CA GLY D 2178 -25.88 -2.15 -41.90
C GLY D 2178 -25.42 -2.19 -43.36
N GLN D 2179 -24.41 -2.98 -43.73
CA GLN D 2179 -24.00 -2.95 -45.18
C GLN D 2179 -24.31 -4.22 -46.02
N VAL D 2180 -25.10 -4.05 -47.07
CA VAL D 2180 -25.53 -5.14 -47.93
C VAL D 2180 -26.23 -4.50 -49.13
N ASP D 2181 -27.12 -5.23 -49.79
CA ASP D 2181 -27.83 -4.65 -50.92
C ASP D 2181 -28.99 -3.83 -50.37
N GLY D 2182 -28.53 -2.94 -49.48
CA GLY D 2182 -29.22 -1.93 -48.65
C GLY D 2182 -30.26 -2.24 -47.54
N ASP D 2183 -31.39 -2.69 -48.06
CA ASP D 2183 -32.43 -3.41 -47.36
C ASP D 2183 -33.29 -2.56 -46.41
N GLU D 2184 -34.23 -3.29 -45.85
CA GLU D 2184 -35.14 -2.76 -44.87
C GLU D 2184 -34.34 -2.38 -43.66
N ALA D 2185 -33.35 -3.18 -43.28
CA ALA D 2185 -32.56 -2.88 -42.13
C ALA D 2185 -31.90 -1.54 -42.28
N LEU D 2186 -31.23 -1.22 -43.41
CA LEU D 2186 -30.65 0.13 -43.38
C LEU D 2186 -31.70 1.23 -43.38
N GLU D 2187 -32.78 0.98 -44.11
CA GLU D 2187 -33.84 1.99 -44.13
C GLU D 2187 -34.42 2.26 -42.72
N PHE D 2188 -34.63 1.21 -41.94
CA PHE D 2188 -35.18 1.35 -40.63
C PHE D 2188 -34.22 2.07 -39.72
N TYR D 2189 -32.92 1.80 -39.84
CA TYR D 2189 -31.99 2.57 -38.99
C TYR D 2189 -32.06 4.04 -39.34
N ALA D 2190 -32.13 4.33 -40.63
CA ALA D 2190 -32.23 5.71 -41.16
C ALA D 2190 -33.47 6.40 -40.62
N LYS D 2191 -34.54 5.65 -40.54
CA LYS D 2191 -35.73 6.11 -39.96
C LYS D 2191 -35.22 6.29 -38.56
N HIS D 2192 -33.99 5.82 -38.27
CA HIS D 2192 -33.61 6.20 -36.94
C HIS D 2192 -32.28 5.58 -36.58
N THR D 2193 -31.29 6.44 -36.31
CA THR D 2193 -29.99 6.05 -35.76
C THR D 2193 -29.54 7.05 -34.69
N ALA D 2194 -30.45 7.42 -33.78
CA ALA D 2194 -30.24 8.62 -32.96
C ALA D 2194 -29.10 8.52 -31.94
N GLN D 2195 -29.26 7.65 -30.93
CA GLN D 2195 -28.33 7.51 -29.81
C GLN D 2195 -28.19 8.85 -29.06
N ILE D 2196 -29.27 9.18 -28.35
CA ILE D 2196 -29.54 10.54 -27.90
C ILE D 2196 -28.47 11.05 -26.93
N GLU D 2197 -28.18 10.26 -25.89
CA GLU D 2197 -27.23 10.60 -24.82
C GLU D 2197 -27.63 11.92 -24.14
N ILE D 2198 -28.66 11.82 -23.32
CA ILE D 2198 -28.98 12.89 -22.38
C ILE D 2198 -28.56 12.40 -21.00
N VAL D 2199 -28.43 13.32 -20.07
CA VAL D 2199 -28.06 13.00 -18.69
C VAL D 2199 -29.02 13.69 -17.74
N ARG D 2200 -29.68 12.93 -16.85
CA ARG D 2200 -30.71 13.49 -15.93
C ARG D 2200 -30.32 13.78 -14.51
N LEU D 2201 -31.15 14.61 -13.87
CA LEU D 2201 -30.99 15.06 -12.51
C LEU D 2201 -29.60 15.57 -12.41
N ASP D 2202 -28.76 14.73 -11.85
CA ASP D 2202 -27.38 15.03 -11.77
C ASP D 2202 -26.62 13.72 -11.68
N ARG D 2203 -25.30 13.84 -11.66
CA ARG D 2203 -24.41 12.75 -11.37
C ARG D 2203 -24.68 11.56 -12.23
N THR D 2204 -24.79 11.77 -13.52
CA THR D 2204 -25.13 10.64 -14.35
C THR D 2204 -24.38 10.69 -15.66
N MET D 2205 -24.17 9.57 -16.32
CA MET D 2205 -23.40 9.74 -17.56
C MET D 2205 -24.15 9.10 -18.72
N GLU D 2206 -25.47 9.24 -18.76
CA GLU D 2206 -26.38 8.28 -19.35
C GLU D 2206 -26.43 8.42 -20.87
N GLN D 2207 -26.80 7.33 -21.54
CA GLN D 2207 -26.95 7.22 -22.98
C GLN D 2207 -28.31 6.63 -23.33
N ILE D 2208 -29.11 7.34 -24.13
CA ILE D 2208 -30.47 6.94 -24.41
C ILE D 2208 -30.61 6.77 -25.91
N VAL D 2209 -31.38 5.76 -26.33
CA VAL D 2209 -31.86 5.73 -27.70
C VAL D 2209 -33.38 5.70 -27.63
N PHE D 2210 -34.03 6.06 -28.76
CA PHE D 2210 -35.45 5.85 -29.01
C PHE D 2210 -35.76 6.13 -30.47
N PRO D 2211 -36.58 5.30 -31.14
CA PRO D 2211 -36.87 5.53 -32.55
C PRO D 2211 -37.70 6.76 -32.81
N VAL D 2212 -37.49 7.33 -33.99
CA VAL D 2212 -38.01 8.62 -34.37
C VAL D 2212 -39.53 8.59 -34.44
N PRO D 2213 -40.20 9.72 -34.33
CA PRO D 2213 -41.60 9.78 -34.74
C PRO D 2213 -41.71 9.86 -36.26
N SER D 2214 -42.94 9.79 -36.72
CA SER D 2214 -43.20 9.71 -38.15
C SER D 2214 -43.47 11.07 -38.76
N ILE D 2215 -43.10 12.14 -38.07
CA ILE D 2215 -43.51 13.47 -38.50
C ILE D 2215 -42.23 14.25 -38.74
N CYS D 2216 -41.16 13.83 -38.07
CA CYS D 2216 -39.92 14.59 -38.02
C CYS D 2216 -39.17 14.60 -39.34
N GLU D 2217 -39.54 13.75 -40.30
CA GLU D 2217 -38.78 13.71 -41.54
C GLU D 2217 -39.07 14.91 -42.43
N PHE D 2218 -40.24 15.52 -42.31
CA PHE D 2218 -40.72 16.50 -43.26
C PHE D 2218 -40.26 17.90 -42.89
N LEU D 2219 -38.96 18.06 -42.69
CA LEU D 2219 -38.42 19.20 -41.96
C LEU D 2219 -37.22 19.78 -42.70
N THR D 2220 -37.47 20.14 -43.96
CA THR D 2220 -36.45 20.35 -44.99
C THR D 2220 -35.42 21.44 -44.75
N LYS D 2221 -34.46 21.55 -45.69
CA LYS D 2221 -33.11 22.07 -45.51
C LYS D 2221 -33.03 23.49 -44.97
N GLU D 2222 -34.12 24.25 -45.06
CA GLU D 2222 -34.16 25.59 -44.52
C GLU D 2222 -33.89 25.63 -43.03
N SER D 2223 -34.31 24.60 -42.32
CA SER D 2223 -34.16 24.58 -40.89
C SER D 2223 -32.73 24.30 -40.50
N LYS D 2224 -32.10 23.31 -41.16
CA LYS D 2224 -30.77 22.79 -40.87
C LYS D 2224 -29.70 23.87 -40.82
N LEU D 2225 -29.88 24.94 -41.55
CA LEU D 2225 -28.85 25.95 -41.59
C LEU D 2225 -29.17 27.15 -40.70
N ARG D 2226 -30.45 27.46 -40.49
CA ARG D 2226 -30.82 28.50 -39.52
C ARG D 2226 -30.40 28.11 -38.13
N ILE D 2227 -30.48 26.82 -37.83
CA ILE D 2227 -30.06 26.36 -36.52
C ILE D 2227 -28.56 26.36 -36.41
N TYR D 2228 -27.86 26.27 -37.54
CA TYR D 2228 -26.43 26.43 -37.47
C TYR D 2228 -26.02 27.87 -37.24
N TYR D 2229 -26.95 28.81 -37.35
CA TYR D 2229 -26.62 30.22 -37.29
C TYR D 2229 -27.59 30.95 -36.39
N THR D 2230 -27.72 30.49 -35.16
CA THR D 2230 -28.59 31.15 -34.20
C THR D 2230 -27.88 31.33 -32.87
N THR D 2231 -26.67 31.89 -32.92
CA THR D 2231 -25.58 31.76 -31.95
C THR D 2231 -25.92 31.92 -30.47
N GLU D 2232 -26.21 33.15 -30.04
CA GLU D 2232 -26.47 33.51 -28.64
C GLU D 2232 -25.34 33.03 -27.72
N ARG D 2233 -24.29 33.81 -27.72
CA ARG D 2233 -23.28 33.66 -26.67
C ARG D 2233 -23.59 34.61 -25.54
N ASP D 2234 -24.23 34.12 -24.50
CA ASP D 2234 -24.53 34.94 -23.34
C ASP D 2234 -23.35 35.08 -22.40
N GLU D 2235 -22.61 33.99 -22.25
CA GLU D 2235 -21.55 33.80 -21.29
C GLU D 2235 -20.63 32.79 -21.95
N GLN D 2236 -19.97 31.97 -21.12
CA GLN D 2236 -19.37 30.72 -21.59
C GLN D 2236 -20.19 30.03 -22.67
N GLY D 2237 -19.54 29.77 -23.80
CA GLY D 2237 -20.10 29.12 -24.97
C GLY D 2237 -21.31 29.79 -25.61
N SER D 2238 -21.74 29.18 -26.70
CA SER D 2238 -22.95 29.56 -27.42
C SER D 2238 -23.96 28.43 -27.38
N LYS D 2239 -24.09 27.88 -26.19
CA LYS D 2239 -24.83 26.66 -25.89
C LYS D 2239 -26.33 26.91 -25.94
N ILE D 2240 -26.97 25.96 -25.32
CA ILE D 2240 -28.38 25.58 -25.33
C ILE D 2240 -29.71 26.33 -25.15
N ASN D 2241 -29.79 27.33 -24.31
CA ASN D 2241 -31.13 27.93 -24.16
C ASN D 2241 -31.66 28.14 -25.58
N ASP D 2242 -30.72 28.50 -26.41
CA ASP D 2242 -30.79 28.77 -27.78
C ASP D 2242 -31.55 27.67 -28.51
N PHE D 2243 -31.13 26.44 -28.26
CA PHE D 2243 -31.69 25.32 -28.93
C PHE D 2243 -33.12 25.20 -28.55
N PHE D 2244 -33.42 25.36 -27.29
CA PHE D 2244 -34.76 25.20 -26.88
C PHE D 2244 -35.70 26.18 -27.52
N LEU D 2245 -35.29 27.43 -27.64
CA LEU D 2245 -36.20 28.38 -28.24
C LEU D 2245 -36.49 28.00 -29.67
N ARG D 2246 -35.41 27.70 -30.36
CA ARG D 2246 -35.62 27.34 -31.76
C ARG D 2246 -36.44 26.03 -31.90
N SER D 2247 -36.19 25.10 -31.02
CA SER D 2247 -36.88 23.86 -31.06
C SER D 2247 -38.36 24.01 -30.90
N GLU D 2248 -38.81 24.78 -29.91
CA GLU D 2248 -40.26 24.82 -29.78
C GLU D 2248 -40.91 25.51 -30.95
N ASP D 2249 -40.26 26.56 -31.45
CA ASP D 2249 -40.89 27.18 -32.62
C ASP D 2249 -40.92 26.23 -33.83
N LEU D 2250 -39.89 25.44 -33.99
CA LEU D 2250 -39.80 24.47 -35.02
C LEU D 2250 -40.91 23.46 -34.90
N PHE D 2251 -41.26 23.02 -33.69
CA PHE D 2251 -42.37 22.07 -33.59
C PHE D 2251 -43.65 22.68 -34.11
N ASN D 2252 -43.87 23.95 -33.75
CA ASN D 2252 -45.08 24.50 -34.29
C ASN D 2252 -45.08 24.59 -35.78
N GLU D 2253 -43.95 24.97 -36.37
CA GLU D 2253 -43.94 24.99 -37.84
C GLU D 2253 -44.13 23.61 -38.42
N MET D 2254 -43.55 22.61 -37.79
CA MET D 2254 -43.68 21.30 -38.32
C MET D 2254 -45.12 20.79 -38.36
N ASN D 2255 -45.97 21.02 -37.35
CA ASN D 2255 -47.32 20.38 -37.51
C ASN D 2255 -48.17 20.87 -38.72
N TRP D 2256 -48.22 22.18 -38.82
CA TRP D 2256 -48.76 23.05 -39.84
C TRP D 2256 -48.28 22.67 -41.23
N GLN D 2257 -47.06 22.16 -41.34
CA GLN D 2257 -46.59 21.65 -42.61
C GLN D 2257 -47.47 20.49 -43.10
N LYS D 2258 -47.97 19.67 -42.18
CA LYS D 2258 -48.91 18.64 -42.58
C LYS D 2258 -50.34 19.17 -42.69
N LYS D 2259 -50.62 20.33 -42.09
CA LYS D 2259 -51.87 21.01 -42.41
C LYS D 2259 -51.85 21.51 -43.85
N LEU D 2260 -50.65 21.75 -44.39
CA LEU D 2260 -50.55 22.17 -45.77
C LEU D 2260 -50.90 21.03 -46.72
N ARG D 2261 -50.75 19.79 -46.28
CA ARG D 2261 -51.00 18.62 -47.13
C ARG D 2261 -52.46 18.49 -47.55
N ALA D 2262 -53.39 19.13 -46.86
CA ALA D 2262 -54.79 19.12 -47.27
C ALA D 2262 -55.08 20.03 -48.45
N GLN D 2263 -54.09 20.78 -48.94
CA GLN D 2263 -54.27 21.73 -50.02
C GLN D 2263 -53.01 21.65 -50.90
N PRO D 2264 -53.14 21.04 -52.08
CA PRO D 2264 -52.16 20.81 -53.16
C PRO D 2264 -51.53 22.01 -53.86
N VAL D 2265 -52.27 23.09 -54.08
CA VAL D 2265 -51.72 24.24 -54.80
C VAL D 2265 -50.51 24.85 -54.10
N LEU D 2266 -50.60 24.91 -52.79
CA LEU D 2266 -49.51 25.40 -51.98
C LEU D 2266 -48.31 24.48 -52.18
N TYR D 2267 -48.52 23.16 -52.20
CA TYR D 2267 -47.39 22.25 -52.45
C TYR D 2267 -46.80 22.42 -53.85
N TRP D 2268 -47.63 22.77 -54.84
CA TRP D 2268 -47.15 23.00 -56.18
C TRP D 2268 -46.20 24.19 -56.11
N CYS D 2269 -46.62 25.23 -55.40
CA CYS D 2269 -45.81 26.41 -55.20
C CYS D 2269 -44.51 26.13 -54.48
N ALA D 2270 -44.59 25.26 -53.50
CA ALA D 2270 -43.46 25.04 -52.63
C ALA D 2270 -42.21 24.61 -53.36
N ARG D 2271 -42.30 23.66 -54.29
CA ARG D 2271 -41.04 23.40 -54.96
C ARG D 2271 -40.64 24.52 -55.91
N ASN D 2272 -41.50 25.51 -56.11
CA ASN D 2272 -41.22 26.60 -57.03
C ASN D 2272 -40.48 27.76 -56.36
N MET D 2273 -40.83 27.92 -55.08
CA MET D 2273 -40.75 29.22 -54.35
C MET D 2273 -39.55 30.10 -54.39
N SER D 2274 -38.39 29.53 -54.18
CA SER D 2274 -37.19 30.31 -54.26
C SER D 2274 -37.06 30.82 -55.67
N PHE D 2275 -37.24 29.91 -56.62
CA PHE D 2275 -37.17 30.25 -58.02
C PHE D 2275 -38.26 31.22 -58.41
N TRP D 2276 -39.45 31.11 -57.83
CA TRP D 2276 -40.52 32.02 -58.18
C TRP D 2276 -40.08 33.43 -57.88
N SER D 2277 -39.57 33.59 -56.67
CA SER D 2277 -39.12 34.91 -56.26
C SER D 2277 -37.99 35.38 -57.12
N SER D 2278 -37.05 34.48 -57.37
CA SER D 2278 -35.87 34.85 -58.12
C SER D 2278 -36.21 35.31 -59.51
N ILE D 2279 -37.11 34.57 -60.12
CA ILE D 2279 -37.50 34.80 -61.47
C ILE D 2279 -38.11 36.16 -61.57
N SER D 2280 -38.98 36.49 -60.63
CA SER D 2280 -39.56 37.78 -60.72
C SER D 2280 -38.50 38.87 -60.61
N PHE D 2281 -37.62 38.73 -59.66
CA PHE D 2281 -36.69 39.83 -59.51
C PHE D 2281 -35.87 40.02 -60.76
N ASN D 2282 -35.40 38.90 -61.32
CA ASN D 2282 -34.58 39.01 -62.52
C ASN D 2282 -35.39 39.62 -63.62
N LEU D 2283 -36.59 39.13 -63.78
CA LEU D 2283 -37.44 39.60 -64.84
C LEU D 2283 -37.74 41.06 -64.70
N ALA D 2284 -38.05 41.44 -63.49
CA ALA D 2284 -38.49 42.78 -63.23
C ALA D 2284 -37.46 43.77 -63.59
N VAL D 2285 -36.21 43.51 -63.21
CA VAL D 2285 -35.29 44.57 -63.54
C VAL D 2285 -35.07 44.71 -65.01
N LEU D 2286 -34.85 43.57 -65.61
CA LEU D 2286 -34.48 43.50 -67.02
C LEU D 2286 -35.63 44.26 -67.60
N MET D 2287 -36.47 44.68 -66.67
CA MET D 2287 -37.49 45.63 -67.00
C MET D 2287 -37.16 47.08 -66.65
N ASN D 2288 -36.91 47.39 -65.37
CA ASN D 2288 -36.71 48.78 -64.92
C ASN D 2288 -35.61 49.48 -65.68
N LEU D 2289 -34.45 48.87 -65.78
CA LEU D 2289 -33.42 49.62 -66.50
C LEU D 2289 -33.95 49.96 -67.88
N LEU D 2290 -34.95 49.19 -68.31
CA LEU D 2290 -35.57 49.28 -69.59
C LEU D 2290 -36.14 50.66 -69.85
N VAL D 2291 -36.73 51.28 -68.83
CA VAL D 2291 -37.37 52.57 -68.99
C VAL D 2291 -36.41 53.58 -69.52
N ALA D 2292 -35.31 53.66 -68.81
CA ALA D 2292 -34.29 54.62 -69.14
C ALA D 2292 -33.72 54.34 -70.47
N PHE D 2293 -33.45 53.04 -70.64
CA PHE D 2293 -32.78 52.49 -71.78
C PHE D 2293 -33.51 52.90 -73.00
N PHE D 2294 -34.82 52.78 -73.04
CA PHE D 2294 -35.48 53.27 -74.21
C PHE D 2294 -36.71 54.11 -73.91
N TYR D 2295 -36.52 55.32 -73.43
CA TYR D 2295 -37.69 56.19 -73.24
C TYR D 2295 -38.52 56.33 -74.55
N PRO D 2296 -39.85 56.12 -74.51
CA PRO D 2296 -40.81 56.16 -75.63
C PRO D 2296 -41.15 57.54 -76.15
N PHE D 2297 -42.22 57.56 -76.96
CA PHE D 2297 -42.87 58.63 -77.71
C PHE D 2297 -42.12 58.94 -79.02
N LYS D 2298 -40.95 58.36 -79.24
CA LYS D 2298 -40.27 58.49 -80.53
C LYS D 2298 -40.24 57.12 -81.20
N GLY D 2299 -40.64 57.08 -82.46
CA GLY D 2299 -40.56 55.86 -83.24
C GLY D 2299 -39.12 55.53 -83.56
N VAL D 2300 -38.59 54.47 -82.95
CA VAL D 2300 -37.15 54.18 -82.99
C VAL D 2300 -36.96 52.73 -83.36
N ARG D 2301 -35.79 52.44 -83.94
CA ARG D 2301 -35.36 51.09 -84.27
C ARG D 2301 -34.74 50.44 -83.04
N GLY D 2302 -33.98 49.35 -83.24
CA GLY D 2302 -33.24 48.75 -82.14
C GLY D 2302 -32.21 49.69 -81.52
N GLY D 2303 -31.68 50.61 -82.32
CA GLY D 2303 -30.88 51.70 -81.78
C GLY D 2303 -29.53 51.31 -81.24
N THR D 2304 -28.59 50.97 -82.13
CA THR D 2304 -27.25 50.63 -81.69
C THR D 2304 -26.49 51.83 -81.15
N LEU D 2305 -26.88 53.04 -81.58
CA LEU D 2305 -26.38 54.33 -81.08
C LEU D 2305 -24.86 54.49 -81.23
N ALA D 2335 -30.43 29.55 -67.35
CA ALA D 2335 -31.77 28.99 -67.13
C ALA D 2335 -32.41 28.58 -68.45
N LEU D 2336 -32.95 27.38 -68.57
CA LEU D 2336 -33.54 27.10 -69.89
C LEU D 2336 -34.76 27.94 -70.26
N ILE D 2337 -35.70 28.08 -69.33
CA ILE D 2337 -36.93 28.85 -69.53
C ILE D 2337 -36.80 30.37 -69.66
N ALA D 2338 -35.91 30.96 -68.87
CA ALA D 2338 -35.74 32.41 -68.86
C ALA D 2338 -35.31 32.94 -70.21
N SER D 2339 -34.43 32.20 -70.87
CA SER D 2339 -33.93 32.66 -72.16
C SER D 2339 -35.06 32.72 -73.20
N THR D 2340 -35.91 31.69 -73.18
CA THR D 2340 -37.03 31.63 -74.09
C THR D 2340 -37.95 32.81 -73.82
N ILE D 2341 -38.22 33.08 -72.53
CA ILE D 2341 -39.11 34.26 -72.33
C ILE D 2341 -38.50 35.60 -72.85
N LEU D 2342 -37.20 35.77 -72.64
CA LEU D 2342 -36.54 36.98 -73.09
C LEU D 2342 -36.67 37.12 -74.60
N ARG D 2343 -36.41 36.02 -75.29
CA ARG D 2343 -36.44 36.05 -76.74
C ARG D 2343 -37.82 36.43 -77.25
N LEU D 2344 -38.86 35.86 -76.64
CA LEU D 2344 -40.21 36.20 -77.13
C LEU D 2344 -40.53 37.70 -76.96
N ILE D 2345 -40.16 38.24 -75.80
CA ILE D 2345 -40.45 39.65 -75.61
C ILE D 2345 -39.73 40.51 -76.64
N PHE D 2346 -38.53 40.04 -76.98
CA PHE D 2346 -37.61 40.79 -77.82
C PHE D 2346 -38.30 41.21 -79.10
N SER D 2347 -39.10 40.37 -79.73
CA SER D 2347 -39.89 40.80 -80.88
C SER D 2347 -41.23 41.19 -80.26
N VAL D 2348 -41.26 42.32 -79.58
CA VAL D 2348 -42.38 42.79 -78.84
C VAL D 2348 -43.21 43.70 -79.69
N GLY D 2349 -43.96 44.54 -79.00
CA GLY D 2349 -44.78 45.54 -79.64
C GLY D 2349 -44.01 46.84 -79.85
N LEU D 2350 -42.74 46.84 -79.45
CA LEU D 2350 -41.79 47.93 -79.54
C LEU D 2350 -42.54 48.84 -78.66
N GLN D 2351 -43.37 48.20 -77.86
CA GLN D 2351 -44.12 49.00 -76.87
C GLN D 2351 -45.15 48.14 -76.12
N PRO D 2352 -45.81 47.24 -76.86
CA PRO D 2352 -46.74 46.24 -76.36
C PRO D 2352 -45.98 45.33 -75.41
N THR D 2353 -44.75 44.97 -75.75
CA THR D 2353 -43.92 44.14 -74.88
C THR D 2353 -43.68 44.89 -73.55
N LEU D 2354 -43.49 46.20 -73.57
CA LEU D 2354 -43.32 46.99 -72.33
C LEU D 2354 -44.57 46.86 -71.47
N PHE D 2355 -45.73 46.95 -72.13
CA PHE D 2355 -46.96 46.80 -71.35
C PHE D 2355 -47.03 45.41 -70.73
N LEU D 2356 -46.63 44.41 -71.51
CA LEU D 2356 -46.60 43.01 -71.10
C LEU D 2356 -45.68 42.80 -69.90
N LEU D 2357 -44.56 43.49 -69.90
CA LEU D 2357 -43.65 43.34 -68.80
C LEU D 2357 -44.30 43.83 -67.54
N GLY D 2358 -44.97 44.98 -67.62
CA GLY D 2358 -45.65 45.47 -66.42
C GLY D 2358 -46.71 44.49 -65.93
N ALA D 2359 -47.45 43.95 -66.89
CA ALA D 2359 -48.47 43.00 -66.53
C ALA D 2359 -47.89 41.76 -65.83
N PHE D 2360 -46.83 41.13 -66.35
CA PHE D 2360 -46.36 39.97 -65.59
C PHE D 2360 -45.71 40.31 -64.27
N ASN D 2361 -45.13 41.50 -64.19
CA ASN D 2361 -44.56 41.90 -62.93
C ASN D 2361 -45.62 41.94 -61.85
N VAL D 2362 -46.82 42.47 -62.12
CA VAL D 2362 -47.80 42.49 -61.03
C VAL D 2362 -48.14 41.08 -60.59
N CYS D 2363 -48.28 40.24 -61.60
CA CYS D 2363 -48.57 38.85 -61.48
C CYS D 2363 -47.42 38.15 -60.80
N ASN D 2364 -46.23 38.50 -61.24
CA ASN D 2364 -45.03 37.90 -60.75
C ASN D 2364 -44.85 38.17 -59.24
N LYS D 2365 -45.10 39.41 -58.83
CA LYS D 2365 -45.00 39.74 -57.40
C LYS D 2365 -46.09 38.99 -56.58
N ILE D 2366 -47.25 38.77 -57.18
CA ILE D 2366 -48.25 37.98 -56.50
C ILE D 2366 -47.73 36.56 -56.25
N ILE D 2367 -47.00 35.95 -57.20
CA ILE D 2367 -46.44 34.62 -56.94
C ILE D 2367 -45.43 34.70 -55.80
N PHE D 2368 -44.64 35.78 -55.72
CA PHE D 2368 -43.73 35.90 -54.57
C PHE D 2368 -44.51 35.94 -53.27
N LEU D 2369 -45.63 36.67 -53.25
CA LEU D 2369 -46.45 36.73 -52.05
C LEU D 2369 -46.93 35.34 -51.72
N MET D 2370 -47.39 34.61 -52.72
CA MET D 2370 -47.86 33.28 -52.48
C MET D 2370 -46.77 32.35 -51.97
N SER D 2371 -45.55 32.45 -52.49
CA SER D 2371 -44.43 31.61 -52.02
C SER D 2371 -44.12 31.91 -50.57
N PHE D 2372 -44.19 33.19 -50.21
CA PHE D 2372 -43.95 33.66 -48.86
C PHE D 2372 -44.99 33.02 -47.97
N VAL D 2373 -46.24 33.03 -48.40
CA VAL D 2373 -47.29 32.41 -47.62
C VAL D 2373 -47.08 30.90 -47.54
N GLY D 2374 -46.59 30.28 -48.60
CA GLY D 2374 -46.36 28.87 -48.58
C GLY D 2374 -45.34 28.57 -47.51
N ASN D 2375 -44.27 29.34 -47.43
CA ASN D 2375 -43.34 29.08 -46.35
C ASN D 2375 -43.94 29.37 -44.96
N CYS D 2376 -44.69 30.45 -44.79
CA CYS D 2376 -45.30 30.70 -43.47
C CYS D 2376 -46.73 31.16 -43.56
N GLY D 2377 -47.58 30.29 -43.06
CA GLY D 2377 -49.00 30.48 -43.12
C GLY D 2377 -49.62 30.26 -41.78
N THR D 2378 -50.82 30.84 -41.67
CA THR D 2378 -51.78 30.93 -40.54
C THR D 2378 -51.40 32.04 -39.60
N PHE D 2379 -50.36 32.79 -39.96
CA PHE D 2379 -49.76 33.82 -39.11
C PHE D 2379 -49.47 33.08 -37.81
N THR D 2380 -48.69 32.00 -37.93
CA THR D 2380 -48.45 31.18 -36.79
C THR D 2380 -47.47 31.86 -35.89
N ARG D 2381 -47.99 32.12 -34.73
CA ARG D 2381 -47.23 32.77 -33.68
C ARG D 2381 -45.81 32.24 -33.65
N GLY D 2382 -44.91 33.09 -33.18
CA GLY D 2382 -43.50 32.76 -33.10
C GLY D 2382 -42.84 33.76 -32.19
N TYR D 2383 -41.66 33.39 -31.70
CA TYR D 2383 -40.96 34.25 -30.75
C TYR D 2383 -40.36 35.46 -31.43
N ARG D 2384 -39.83 35.31 -32.64
CA ARG D 2384 -39.09 36.36 -33.31
C ARG D 2384 -40.06 37.40 -33.84
N ALA D 2385 -40.23 38.47 -33.07
CA ALA D 2385 -41.16 39.53 -33.44
C ALA D 2385 -40.59 40.45 -34.50
N MET D 2386 -39.29 40.56 -34.66
CA MET D 2386 -38.79 41.41 -35.76
C MET D 2386 -39.00 40.84 -37.17
N VAL D 2387 -38.69 39.56 -37.31
CA VAL D 2387 -38.66 38.89 -38.61
C VAL D 2387 -39.92 38.81 -39.44
N LEU D 2388 -41.03 38.48 -38.80
CA LEU D 2388 -42.26 38.33 -39.54
C LEU D 2388 -42.64 39.61 -40.22
N ASP D 2389 -42.59 40.66 -39.42
CA ASP D 2389 -42.97 41.94 -39.86
C ASP D 2389 -42.04 42.39 -40.96
N VAL D 2390 -40.74 42.21 -40.75
CA VAL D 2390 -39.85 42.71 -41.80
C VAL D 2390 -40.03 42.01 -43.12
N GLU D 2391 -40.16 40.69 -43.08
CA GLU D 2391 -40.30 40.01 -44.35
C GLU D 2391 -41.57 40.38 -45.07
N PHE D 2392 -42.69 40.42 -44.34
CA PHE D 2392 -43.89 40.76 -45.09
C PHE D 2392 -43.87 42.18 -45.60
N LEU D 2393 -43.33 43.10 -44.80
CA LEU D 2393 -43.29 44.46 -45.25
C LEU D 2393 -42.43 44.59 -46.50
N TYR D 2394 -41.29 43.91 -46.57
CA TYR D 2394 -40.49 44.07 -47.78
C TYR D 2394 -41.15 43.45 -48.98
N HIS D 2395 -41.82 42.33 -48.76
CA HIS D 2395 -42.56 41.79 -49.89
C HIS D 2395 -43.67 42.73 -50.35
N LEU D 2396 -44.34 43.40 -49.41
CA LEU D 2396 -45.37 44.37 -49.66
C LEU D 2396 -44.81 45.52 -50.47
N LEU D 2397 -43.61 45.96 -50.13
CA LEU D 2397 -42.99 47.02 -50.89
C LEU D 2397 -42.69 46.57 -52.30
N TYR D 2398 -42.27 45.31 -52.45
CA TYR D 2398 -42.10 44.80 -53.79
C TYR D 2398 -43.43 44.77 -54.56
N LEU D 2399 -44.54 44.46 -53.88
CA LEU D 2399 -45.87 44.53 -54.48
C LEU D 2399 -46.17 45.97 -54.92
N LEU D 2400 -45.77 46.92 -54.09
CA LEU D 2400 -45.90 48.33 -54.36
C LEU D 2400 -45.16 48.75 -55.63
N ILE D 2401 -44.01 48.15 -55.95
CA ILE D 2401 -43.29 48.56 -57.19
C ILE D 2401 -44.23 48.35 -58.34
N CYS D 2402 -44.89 47.21 -58.31
CA CYS D 2402 -45.93 46.88 -59.26
C CYS D 2402 -46.81 48.14 -59.48
N ALA D 2403 -47.15 48.88 -58.44
CA ALA D 2403 -47.94 50.10 -58.60
C ALA D 2403 -47.25 51.15 -59.50
N MET D 2404 -45.99 51.48 -59.28
CA MET D 2404 -45.42 52.55 -60.08
C MET D 2404 -44.99 52.11 -61.46
N GLY D 2405 -45.75 51.19 -62.03
CA GLY D 2405 -45.75 50.93 -63.45
C GLY D 2405 -46.97 50.14 -63.87
N LEU D 2406 -47.90 49.98 -62.94
CA LEU D 2406 -49.21 49.42 -63.23
C LEU D 2406 -49.77 50.20 -64.36
N PHE D 2407 -49.93 51.47 -64.06
CA PHE D 2407 -50.38 52.46 -64.99
C PHE D 2407 -49.87 53.77 -64.41
N VAL D 2408 -48.63 53.75 -63.94
CA VAL D 2408 -48.12 54.75 -63.03
C VAL D 2408 -46.66 55.02 -63.31
N HIS D 2409 -46.21 56.25 -63.10
CA HIS D 2409 -45.39 56.94 -64.09
C HIS D 2409 -43.89 56.69 -63.96
N GLU D 2410 -43.14 57.03 -65.01
CA GLU D 2410 -42.06 56.22 -65.61
C GLU D 2410 -41.49 55.16 -64.68
N PHE D 2411 -40.88 55.58 -63.59
CA PHE D 2411 -39.49 55.42 -63.33
C PHE D 2411 -39.33 54.19 -62.49
N PHE D 2412 -38.92 54.41 -61.25
CA PHE D 2412 -39.24 53.53 -60.16
C PHE D 2412 -38.76 52.17 -60.45
N TYR D 2413 -39.42 51.52 -61.40
CA TYR D 2413 -38.64 50.36 -61.88
C TYR D 2413 -37.24 50.38 -61.28
N SER D 2414 -36.63 51.55 -61.27
CA SER D 2414 -35.32 51.64 -60.69
C SER D 2414 -35.31 51.27 -59.21
N LEU D 2415 -36.32 51.70 -58.47
CA LEU D 2415 -36.45 51.42 -57.06
C LEU D 2415 -36.51 49.93 -56.82
N LEU D 2416 -37.30 49.25 -57.64
CA LEU D 2416 -37.42 47.80 -57.47
C LEU D 2416 -36.04 47.18 -57.70
N LEU D 2417 -35.29 47.63 -58.72
CA LEU D 2417 -33.95 47.07 -58.95
C LEU D 2417 -33.03 47.26 -57.74
N PHE D 2418 -33.10 48.44 -57.15
CA PHE D 2418 -32.25 48.71 -56.00
C PHE D 2418 -32.56 47.76 -54.86
N ASP D 2419 -33.83 47.56 -54.54
CA ASP D 2419 -34.05 46.61 -53.47
C ASP D 2419 -33.76 45.12 -53.75
N LEU D 2420 -33.90 44.69 -55.02
CA LEU D 2420 -33.55 43.30 -55.34
C LEU D 2420 -32.07 43.08 -55.10
N VAL D 2421 -31.28 44.06 -55.53
CA VAL D 2421 -29.87 43.88 -55.26
C VAL D 2421 -29.56 43.96 -53.77
N TYR D 2422 -30.33 44.75 -53.00
CA TYR D 2422 -30.23 44.79 -51.53
C TYR D 2422 -30.49 43.39 -50.95
N ARG D 2423 -31.45 42.66 -51.50
CA ARG D 2423 -31.80 41.34 -51.04
C ARG D 2423 -30.59 40.44 -51.22
N GLU D 2424 -29.66 40.98 -51.94
CA GLU D 2424 -28.45 40.24 -51.88
C GLU D 2424 -27.60 40.63 -50.65
N GLU D 2425 -27.36 39.58 -49.90
CA GLU D 2425 -26.67 39.51 -48.62
C GLU D 2425 -25.24 39.89 -48.42
N THR D 2426 -24.46 39.32 -49.30
CA THR D 2426 -23.04 39.44 -49.29
C THR D 2426 -22.76 40.88 -49.48
N LEU D 2427 -23.47 41.47 -50.44
CA LEU D 2427 -23.42 42.91 -50.62
C LEU D 2427 -24.08 43.48 -49.41
N LEU D 2428 -25.12 42.83 -48.86
CA LEU D 2428 -25.62 43.23 -47.60
C LEU D 2428 -24.49 43.16 -46.58
N ASN D 2429 -23.60 42.16 -46.54
CA ASN D 2429 -22.55 42.22 -45.54
C ASN D 2429 -21.65 43.45 -45.70
N VAL D 2430 -21.33 43.77 -46.94
CA VAL D 2430 -20.53 44.96 -47.13
C VAL D 2430 -21.29 46.22 -46.85
N ILE D 2431 -22.60 46.22 -47.05
CA ILE D 2431 -23.48 47.32 -46.75
C ILE D 2431 -23.40 47.51 -45.28
N LYS D 2432 -23.39 46.42 -44.50
CA LYS D 2432 -23.27 46.50 -43.08
C LYS D 2432 -21.99 47.18 -42.75
N SER D 2433 -20.90 46.87 -43.46
CA SER D 2433 -19.67 47.58 -43.19
C SER D 2433 -19.88 49.09 -43.24
N VAL D 2434 -21.15 49.47 -43.15
CA VAL D 2434 -21.43 50.87 -42.85
C VAL D 2434 -22.69 51.32 -41.95
N THR D 2435 -23.44 50.48 -41.19
CA THR D 2435 -24.55 50.92 -40.37
C THR D 2435 -24.42 50.60 -38.89
N ARG D 2436 -23.78 49.47 -38.55
CA ARG D 2436 -23.87 48.91 -37.19
C ARG D 2436 -23.12 49.80 -36.20
N ASN D 2437 -21.83 50.05 -36.46
CA ASN D 2437 -21.10 51.09 -35.75
C ASN D 2437 -21.31 52.44 -36.40
N GLY D 2438 -22.46 52.63 -37.05
CA GLY D 2438 -22.75 53.84 -37.75
C GLY D 2438 -23.91 54.60 -37.16
N ARG D 2439 -24.68 53.94 -36.29
CA ARG D 2439 -25.96 54.51 -35.86
C ARG D 2439 -25.79 55.75 -34.99
N PRO D 2440 -24.77 55.85 -34.13
CA PRO D 2440 -24.37 57.21 -33.71
C PRO D 2440 -23.16 57.75 -34.47
N ILE D 2441 -22.79 57.16 -35.60
CA ILE D 2441 -21.60 57.71 -36.27
C ILE D 2441 -22.00 58.51 -37.49
N ILE D 2442 -23.29 58.51 -37.81
CA ILE D 2442 -23.81 59.63 -38.58
C ILE D 2442 -23.62 60.91 -37.78
N LEU D 2443 -23.61 60.81 -36.46
CA LEU D 2443 -23.25 61.95 -35.64
C LEU D 2443 -21.77 62.28 -35.75
N THR D 2444 -20.92 61.33 -36.16
CA THR D 2444 -19.55 61.83 -36.26
C THR D 2444 -19.30 62.59 -37.54
N ALA D 2445 -20.28 62.66 -38.42
CA ALA D 2445 -20.15 63.54 -39.57
C ALA D 2445 -20.13 64.99 -39.14
N ALA D 2446 -20.99 65.35 -38.20
CA ALA D 2446 -21.22 66.76 -37.94
C ALA D 2446 -20.06 67.36 -37.17
N LEU D 2447 -19.23 66.49 -36.60
CA LEU D 2447 -17.91 66.86 -36.08
C LEU D 2447 -17.17 67.75 -37.03
N ALA D 2448 -16.99 67.31 -38.25
CA ALA D 2448 -16.27 68.13 -39.19
C ALA D 2448 -17.14 69.28 -39.63
N LEU D 2449 -18.45 69.01 -39.79
CA LEU D 2449 -19.40 70.03 -40.21
C LEU D 2449 -19.48 71.15 -39.21
N ILE D 2450 -19.11 70.88 -37.97
CA ILE D 2450 -18.85 71.95 -37.03
C ILE D 2450 -17.38 72.32 -37.00
N LEU D 2451 -16.46 71.34 -37.12
CA LEU D 2451 -15.05 71.72 -37.12
C LEU D 2451 -14.64 72.46 -38.37
N VAL D 2452 -15.47 72.46 -39.41
CA VAL D 2452 -15.25 73.44 -40.46
C VAL D 2452 -15.94 74.75 -40.10
N TYR D 2453 -16.99 74.68 -39.28
CA TYR D 2453 -17.99 75.73 -39.26
C TYR D 2453 -17.45 76.99 -38.63
N LEU D 2454 -16.50 76.84 -37.72
CA LEU D 2454 -15.92 78.01 -37.08
C LEU D 2454 -14.97 78.72 -38.03
N PHE D 2455 -14.19 77.98 -38.81
CA PHE D 2455 -13.13 78.63 -39.53
C PHE D 2455 -13.63 79.31 -40.77
N SER D 2456 -14.91 79.15 -41.07
CA SER D 2456 -15.63 80.16 -41.81
C SER D 2456 -15.45 81.53 -41.19
N ILE D 2457 -15.81 81.66 -39.91
CA ILE D 2457 -15.84 82.98 -39.27
C ILE D 2457 -14.44 83.50 -39.12
N VAL D 2458 -13.50 82.62 -38.78
CA VAL D 2458 -12.12 82.99 -38.51
C VAL D 2458 -11.52 83.60 -39.75
N GLY D 2459 -11.90 83.08 -40.91
CA GLY D 2459 -11.67 83.82 -42.13
C GLY D 2459 -12.55 85.03 -42.25
N TYR D 2460 -13.86 84.87 -42.01
CA TYR D 2460 -14.84 85.86 -42.46
C TYR D 2460 -14.71 87.16 -41.71
N LEU D 2461 -14.19 87.12 -40.49
CA LEU D 2461 -13.99 88.35 -39.75
C LEU D 2461 -12.86 89.16 -40.36
N PHE D 2462 -11.65 88.61 -40.37
CA PHE D 2462 -10.52 89.37 -40.90
C PHE D 2462 -10.60 89.52 -42.40
N PHE D 2463 -11.36 88.65 -43.05
CA PHE D 2463 -11.44 88.68 -44.51
C PHE D 2463 -12.88 88.45 -44.92
N LYS D 2464 -13.56 89.50 -45.35
CA LYS D 2464 -14.77 89.29 -46.11
C LYS D 2464 -14.40 88.63 -47.42
N ASP D 2465 -15.34 87.82 -47.94
CA ASP D 2465 -15.08 86.80 -48.96
C ASP D 2465 -14.41 87.38 -50.21
N ASP D 2466 -14.74 88.63 -50.53
CA ASP D 2466 -14.16 89.40 -51.64
C ASP D 2466 -14.30 88.62 -52.96
N PHE D 2467 -15.54 88.22 -53.25
CA PHE D 2467 -15.82 87.27 -54.33
C PHE D 2467 -16.83 87.86 -55.31
N ILE D 2468 -16.51 87.77 -56.61
CA ILE D 2468 -17.31 88.39 -57.66
C ILE D 2468 -17.69 87.38 -58.74
N LEU D 2469 -16.73 86.57 -59.17
CA LEU D 2469 -16.93 85.57 -60.21
C LEU D 2469 -16.17 84.31 -59.85
N GLU D 2470 -16.79 83.17 -60.12
CA GLU D 2470 -15.97 82.01 -60.39
C GLU D 2470 -15.85 81.90 -61.89
N GLU D 2519 -36.04 90.21 -68.55
CA GLU D 2519 -34.88 89.35 -68.69
C GLU D 2519 -35.15 88.23 -69.70
N THR D 2520 -34.07 87.66 -70.24
CA THR D 2520 -34.14 86.57 -71.19
C THR D 2520 -33.53 85.29 -70.63
N GLU D 2521 -32.31 85.36 -70.13
CA GLU D 2521 -31.59 84.19 -69.66
C GLU D 2521 -31.32 84.33 -68.18
N GLN D 2522 -30.79 83.26 -67.60
CA GLN D 2522 -30.55 83.19 -66.16
C GLN D 2522 -29.06 83.43 -65.90
N ASP D 2523 -28.48 84.28 -66.73
CA ASP D 2523 -27.02 84.42 -66.72
C ASP D 2523 -26.67 85.90 -66.71
N LYS D 2524 -26.34 86.41 -65.53
CA LYS D 2524 -26.11 87.84 -65.32
C LYS D 2524 -24.66 88.02 -64.86
N GLU D 2525 -24.34 89.24 -64.42
CA GLU D 2525 -22.97 89.66 -64.10
C GLU D 2525 -22.52 89.24 -62.70
N HIS D 2526 -23.14 88.20 -62.14
CA HIS D 2526 -22.66 87.42 -61.00
C HIS D 2526 -22.58 88.28 -59.71
N THR D 2527 -23.77 88.69 -59.26
CA THR D 2527 -23.91 89.58 -58.09
C THR D 2527 -24.04 88.80 -56.78
N CYS D 2528 -22.90 88.22 -56.40
CA CYS D 2528 -22.68 87.41 -55.21
C CYS D 2528 -22.22 88.21 -53.99
N GLU D 2529 -21.46 87.54 -53.11
CA GLU D 2529 -20.78 88.05 -51.91
C GLU D 2529 -21.71 88.32 -50.72
N THR D 2530 -22.36 87.23 -50.28
CA THR D 2530 -22.20 86.69 -48.92
C THR D 2530 -22.22 87.75 -47.82
N LEU D 2531 -23.41 88.25 -47.52
CA LEU D 2531 -23.50 89.30 -46.50
C LEU D 2531 -23.24 88.75 -45.09
N LEU D 2532 -24.19 88.00 -44.53
CA LEU D 2532 -23.96 87.17 -43.34
C LEU D 2532 -24.72 85.86 -43.36
N MET D 2533 -25.37 85.52 -44.45
CA MET D 2533 -26.07 84.25 -44.56
C MET D 2533 -25.27 83.23 -45.32
N CYS D 2534 -24.78 83.61 -46.50
CA CYS D 2534 -24.18 82.72 -47.47
C CYS D 2534 -22.88 82.11 -46.98
N ILE D 2535 -22.35 82.62 -45.87
CA ILE D 2535 -21.27 82.00 -45.14
C ILE D 2535 -21.57 80.53 -44.85
N VAL D 2536 -22.78 80.22 -44.42
CA VAL D 2536 -23.10 78.83 -44.14
C VAL D 2536 -23.37 78.08 -45.42
N THR D 2537 -23.49 78.77 -46.54
CA THR D 2537 -23.65 78.05 -47.78
C THR D 2537 -22.31 77.71 -48.37
N VAL D 2538 -21.43 78.71 -48.44
CA VAL D 2538 -20.24 78.61 -49.27
C VAL D 2538 -19.26 77.57 -48.79
N LEU D 2539 -19.45 77.05 -47.58
CA LEU D 2539 -18.59 76.02 -47.05
C LEU D 2539 -18.61 74.77 -47.90
N SER D 2540 -19.73 74.48 -48.52
CA SER D 2540 -19.78 73.30 -49.33
C SER D 2540 -18.96 73.52 -50.58
N HIS D 2541 -19.08 74.71 -51.16
CA HIS D 2541 -18.18 75.11 -52.22
C HIS D 2541 -16.87 75.60 -51.66
N GLY D 2542 -16.77 75.72 -50.34
CA GLY D 2542 -15.47 75.77 -49.73
C GLY D 2542 -14.90 74.38 -49.81
N LEU D 2543 -15.67 73.40 -49.34
CA LEU D 2543 -15.17 72.03 -49.35
C LEU D 2543 -15.37 71.36 -50.69
N ARG D 2544 -15.69 72.18 -51.71
CA ARG D 2544 -15.82 71.85 -53.11
C ARG D 2544 -14.96 70.72 -53.59
N SER D 2545 -13.69 70.72 -53.28
CA SER D 2545 -12.86 69.70 -53.84
C SER D 2545 -12.26 68.87 -52.73
N GLY D 2546 -11.73 67.72 -53.14
CA GLY D 2546 -10.71 67.07 -52.36
C GLY D 2546 -9.33 67.57 -52.74
N GLY D 2547 -9.26 68.38 -53.79
CA GLY D 2547 -8.01 69.00 -54.14
C GLY D 2547 -7.53 70.09 -53.20
N GLY D 2548 -8.19 71.24 -53.22
CA GLY D 2548 -7.78 72.39 -52.44
C GLY D 2548 -8.95 73.20 -51.92
N VAL D 2549 -8.95 73.47 -50.63
CA VAL D 2549 -10.13 73.97 -49.93
C VAL D 2549 -9.94 75.47 -49.70
N GLY D 2550 -11.02 76.13 -49.32
CA GLY D 2550 -10.98 77.57 -49.17
C GLY D 2550 -10.93 78.22 -50.52
N ASP D 2551 -9.74 78.71 -50.87
CA ASP D 2551 -9.23 79.12 -52.19
C ASP D 2551 -10.21 79.86 -53.10
N VAL D 2552 -11.10 80.65 -52.50
CA VAL D 2552 -12.06 81.34 -53.32
C VAL D 2552 -11.48 82.60 -53.93
N LEU D 2553 -10.76 83.41 -53.16
CA LEU D 2553 -10.15 84.60 -53.74
C LEU D 2553 -8.96 84.19 -54.58
N ARG D 2554 -9.00 84.60 -55.83
CA ARG D 2554 -7.79 84.69 -56.59
C ARG D 2554 -7.52 86.16 -56.87
N LYS D 2555 -6.39 86.39 -57.51
CA LYS D 2555 -5.74 87.67 -57.69
C LYS D 2555 -5.57 88.31 -56.32
N PRO D 2556 -4.64 87.81 -55.48
CA PRO D 2556 -4.33 88.53 -54.25
C PRO D 2556 -3.52 89.78 -54.50
N SER D 2557 -2.92 89.90 -55.69
CA SER D 2557 -2.18 91.06 -56.16
C SER D 2557 -1.00 91.40 -55.26
N LYS D 2558 -0.31 90.36 -54.77
CA LYS D 2558 1.05 90.42 -54.22
C LYS D 2558 1.11 91.32 -52.99
N GLU D 2559 -0.05 91.65 -52.43
CA GLU D 2559 -0.01 92.38 -51.19
C GLU D 2559 0.26 91.11 -50.45
N GLU D 2560 1.52 90.72 -50.57
CA GLU D 2560 2.08 89.47 -50.12
C GLU D 2560 1.92 89.17 -48.64
N PRO D 2561 1.90 90.20 -47.79
CA PRO D 2561 1.65 89.87 -46.38
C PRO D 2561 0.24 89.25 -46.24
N LEU D 2562 -0.68 90.02 -46.80
CA LEU D 2562 -2.05 89.61 -46.81
C LEU D 2562 -1.97 88.25 -47.48
N PHE D 2563 -1.06 88.10 -48.45
CA PHE D 2563 -0.84 86.91 -49.17
C PHE D 2563 -0.51 85.83 -48.15
N ALA D 2564 0.44 86.11 -47.28
CA ALA D 2564 0.86 85.13 -46.31
C ALA D 2564 -0.24 84.71 -45.38
N ALA D 2565 -0.99 85.69 -44.91
CA ALA D 2565 -2.02 85.38 -43.93
C ALA D 2565 -3.05 84.47 -44.50
N ARG D 2566 -3.46 84.85 -45.69
CA ARG D 2566 -4.50 84.13 -46.31
C ARG D 2566 -4.08 82.75 -46.59
N VAL D 2567 -2.88 82.59 -47.14
CA VAL D 2567 -2.52 81.25 -47.48
C VAL D 2567 -2.38 80.34 -46.33
N ILE D 2568 -1.81 80.87 -45.27
CA ILE D 2568 -1.58 80.04 -44.14
C ILE D 2568 -2.86 79.55 -43.59
N TYR D 2569 -3.80 80.47 -43.45
CA TYR D 2569 -5.07 80.08 -42.94
C TYR D 2569 -5.76 79.04 -43.81
N ASP D 2570 -5.77 79.25 -45.10
CA ASP D 2570 -6.46 78.28 -45.92
C ASP D 2570 -5.81 76.95 -45.93
N LEU D 2571 -4.49 76.94 -45.87
CA LEU D 2571 -3.73 75.75 -45.86
C LEU D 2571 -4.13 74.92 -44.70
N LEU D 2572 -4.17 75.57 -43.55
CA LEU D 2572 -4.51 74.89 -42.35
C LEU D 2572 -5.85 74.28 -42.39
N PHE D 2573 -6.81 75.01 -42.92
CA PHE D 2573 -8.06 74.37 -43.09
C PHE D 2573 -7.76 73.30 -44.08
N PHE D 2574 -7.02 73.64 -45.11
CA PHE D 2574 -6.84 72.58 -45.98
C PHE D 2574 -6.36 71.47 -45.25
N PHE D 2575 -5.37 71.65 -44.39
CA PHE D 2575 -4.88 70.49 -43.88
C PHE D 2575 -5.75 69.79 -42.99
N MET D 2576 -6.30 70.58 -42.11
CA MET D 2576 -7.08 69.92 -41.15
C MET D 2576 -8.30 69.31 -41.72
N VAL D 2577 -8.95 70.13 -42.51
CA VAL D 2577 -10.22 69.71 -43.00
C VAL D 2577 -10.08 68.62 -43.89
N ILE D 2578 -9.09 68.67 -44.76
CA ILE D 2578 -9.10 67.61 -45.61
C ILE D 2578 -8.69 66.40 -45.06
N ILE D 2579 -7.60 66.43 -44.33
CA ILE D 2579 -7.15 65.14 -44.07
C ILE D 2579 -7.56 64.83 -42.80
N ILE D 2580 -7.28 65.68 -41.91
CA ILE D 2580 -7.59 64.92 -40.78
C ILE D 2580 -8.95 64.44 -40.78
N VAL D 2581 -9.93 65.30 -41.06
CA VAL D 2581 -11.26 64.69 -40.96
C VAL D 2581 -11.57 63.67 -42.01
N LEU D 2582 -10.99 63.77 -43.20
CA LEU D 2582 -11.34 62.78 -44.16
C LEU D 2582 -10.84 61.46 -43.87
N ASN D 2583 -9.57 61.30 -43.40
CA ASN D 2583 -9.17 59.87 -43.02
C ASN D 2583 -10.07 59.68 -41.73
N LEU D 2584 -10.35 60.67 -40.89
CA LEU D 2584 -11.27 60.45 -39.79
C LEU D 2584 -12.68 59.91 -40.14
N ILE D 2585 -13.34 60.41 -41.19
CA ILE D 2585 -14.62 59.96 -41.54
C ILE D 2585 -14.59 58.62 -41.93
N PHE D 2586 -13.61 58.27 -42.70
CA PHE D 2586 -13.55 56.93 -43.08
C PHE D 2586 -13.35 56.09 -41.84
N GLY D 2587 -12.42 56.56 -41.14
CA GLY D 2587 -11.87 55.65 -40.18
C GLY D 2587 -12.86 54.64 -39.69
N VAL D 2588 -14.00 55.16 -39.22
CA VAL D 2588 -15.03 54.31 -38.66
C VAL D 2588 -15.61 53.41 -39.72
N ILE D 2589 -15.53 53.88 -40.96
CA ILE D 2589 -15.87 53.05 -42.08
C ILE D 2589 -14.85 51.93 -42.25
N ILE D 2590 -13.62 52.12 -41.78
CA ILE D 2590 -12.71 51.02 -42.04
C ILE D 2590 -12.33 50.27 -40.81
N ASP D 2591 -12.65 50.78 -39.64
CA ASP D 2591 -12.58 49.86 -38.51
C ASP D 2591 -13.88 49.08 -38.40
N THR D 2592 -14.88 49.49 -39.16
CA THR D 2592 -16.01 48.63 -39.42
C THR D 2592 -15.54 47.28 -39.92
N PHE D 2593 -14.89 47.29 -41.08
CA PHE D 2593 -14.49 46.04 -41.69
C PHE D 2593 -13.33 45.41 -40.98
N ALA D 2594 -12.60 46.19 -40.23
CA ALA D 2594 -11.65 45.52 -39.36
C ALA D 2594 -12.37 44.81 -38.24
N ASP D 2595 -13.46 45.38 -37.72
CA ASP D 2595 -14.22 44.66 -36.73
C ASP D 2595 -14.96 43.51 -37.36
N LEU D 2596 -15.53 43.74 -38.53
CA LEU D 2596 -16.65 42.95 -39.02
C LEU D 2596 -16.25 41.51 -39.22
N ARG D 2597 -15.08 41.29 -39.80
CA ARG D 2597 -14.66 39.91 -39.85
C ARG D 2597 -14.15 39.46 -38.50
N SER D 2598 -13.61 40.38 -37.68
CA SER D 2598 -12.78 39.96 -36.55
C SER D 2598 -13.59 39.24 -35.50
N GLU D 2599 -14.85 39.61 -35.38
CA GLU D 2599 -15.76 38.81 -34.59
C GLU D 2599 -16.15 37.54 -35.32
N LYS D 2600 -16.20 37.60 -36.65
CA LYS D 2600 -17.01 36.64 -37.38
C LYS D 2600 -16.38 35.26 -37.42
N GLN D 2601 -15.05 35.16 -37.60
CA GLN D 2601 -14.44 33.83 -37.54
C GLN D 2601 -14.51 33.25 -36.13
N LYS D 2602 -14.61 34.11 -35.13
CA LYS D 2602 -14.83 33.60 -33.79
C LYS D 2602 -16.24 33.07 -33.66
N LYS D 2603 -17.18 33.64 -34.41
CA LYS D 2603 -18.50 33.05 -34.42
C LYS D 2603 -18.49 31.76 -35.22
N GLU D 2604 -17.62 31.65 -36.20
CA GLU D 2604 -17.44 30.38 -36.88
C GLU D 2604 -16.35 29.52 -36.27
N GLU D 2605 -15.64 30.03 -35.26
CA GLU D 2605 -14.88 29.14 -34.40
C GLU D 2605 -15.80 28.17 -33.69
N ILE D 2606 -16.92 28.66 -33.20
CA ILE D 2606 -17.69 27.86 -32.28
C ILE D 2606 -18.54 26.84 -33.03
N LEU D 2607 -18.64 26.94 -34.35
CA LEU D 2607 -19.30 25.84 -35.02
C LEU D 2607 -18.34 25.01 -35.84
N LYS D 2608 -17.50 25.65 -36.64
CA LYS D 2608 -16.66 24.86 -37.54
C LYS D 2608 -15.50 24.25 -36.78
N THR D 2609 -14.82 25.05 -35.98
CA THR D 2609 -13.65 24.53 -35.29
C THR D 2609 -14.07 23.62 -34.15
N THR D 2610 -14.68 24.19 -33.13
CA THR D 2610 -15.18 23.34 -32.08
C THR D 2610 -16.62 23.00 -32.37
N CYS D 2611 -17.03 21.86 -31.85
CA CYS D 2611 -18.33 21.27 -32.08
C CYS D 2611 -19.29 21.72 -30.98
N PHE D 2612 -20.39 20.99 -30.81
CA PHE D 2612 -21.43 21.26 -29.82
C PHE D 2612 -20.92 20.85 -28.44
N ILE D 2613 -21.78 20.73 -27.45
CA ILE D 2613 -21.52 21.23 -26.11
C ILE D 2613 -20.41 20.49 -25.40
N CYS D 2614 -19.24 21.07 -25.49
CA CYS D 2614 -18.11 20.58 -24.75
C CYS D 2614 -17.39 21.71 -24.04
N GLY D 2615 -17.42 22.92 -24.60
CA GLY D 2615 -16.56 24.00 -24.17
C GLY D 2615 -15.12 23.58 -24.23
N LEU D 2616 -14.78 22.80 -25.25
CA LEU D 2616 -13.52 22.09 -25.26
C LEU D 2616 -13.00 22.20 -26.68
N GLU D 2617 -11.70 22.37 -26.83
CA GLU D 2617 -11.18 22.72 -28.14
C GLU D 2617 -10.96 21.49 -29.02
N ARG D 2618 -11.47 20.37 -28.49
CA ARG D 2618 -11.61 19.03 -29.08
C ARG D 2618 -10.51 18.09 -29.44
N ASP D 2619 -9.68 18.58 -30.31
CA ASP D 2619 -8.75 17.70 -30.93
C ASP D 2619 -7.76 16.87 -30.15
N LYS D 2620 -7.20 17.36 -29.05
CA LYS D 2620 -6.19 16.57 -28.35
C LYS D 2620 -6.77 15.25 -27.88
N PHE D 2621 -7.90 15.44 -27.25
CA PHE D 2621 -8.65 14.39 -26.69
C PHE D 2621 -9.08 13.46 -27.84
N ASP D 2622 -9.56 14.04 -28.94
CA ASP D 2622 -9.98 13.19 -30.02
C ASP D 2622 -8.87 12.31 -30.63
N ASN D 2623 -7.66 12.82 -30.90
CA ASN D 2623 -6.63 11.92 -31.50
C ASN D 2623 -6.27 10.87 -30.50
N LYS D 2624 -6.15 11.29 -29.25
CA LYS D 2624 -5.80 10.36 -28.25
C LYS D 2624 -6.77 9.20 -28.11
N THR D 2625 -8.04 9.35 -28.42
CA THR D 2625 -8.83 8.14 -28.19
C THR D 2625 -9.93 7.67 -29.09
N VAL D 2626 -10.22 6.37 -28.91
CA VAL D 2626 -11.30 5.60 -29.53
C VAL D 2626 -11.20 5.83 -30.97
N THR D 2627 -12.38 6.02 -31.51
CA THR D 2627 -12.36 6.69 -32.79
C THR D 2627 -13.19 7.94 -32.54
N PHE D 2628 -12.68 9.09 -32.94
CA PHE D 2628 -13.37 10.29 -32.54
C PHE D 2628 -14.31 10.83 -33.60
N GLU D 2629 -14.06 10.55 -34.88
CA GLU D 2629 -14.74 11.09 -36.08
C GLU D 2629 -16.20 11.13 -36.01
N GLU D 2630 -16.79 10.08 -35.47
CA GLU D 2630 -18.23 9.85 -35.49
C GLU D 2630 -18.94 10.41 -34.28
N HIS D 2631 -18.21 11.11 -33.40
CA HIS D 2631 -18.78 11.78 -32.22
C HIS D 2631 -19.89 12.72 -32.58
N ILE D 2632 -19.82 13.31 -33.78
CA ILE D 2632 -20.79 14.30 -34.18
C ILE D 2632 -22.07 13.63 -34.65
N LYS D 2633 -22.05 12.33 -34.88
CA LYS D 2633 -23.32 11.70 -35.22
C LYS D 2633 -24.22 11.51 -34.01
N GLU D 2634 -23.68 11.27 -32.82
CA GLU D 2634 -24.55 10.92 -31.70
C GLU D 2634 -24.50 11.90 -30.53
N GLU D 2635 -23.34 12.20 -29.96
CA GLU D 2635 -23.33 12.78 -28.62
C GLU D 2635 -23.57 14.28 -28.62
N HIS D 2636 -23.53 14.89 -29.79
CA HIS D 2636 -23.70 16.33 -29.93
C HIS D 2636 -24.62 16.67 -31.09
N ASN D 2637 -25.44 15.72 -31.52
CA ASN D 2637 -26.23 15.93 -32.73
C ASN D 2637 -27.52 16.65 -32.38
N MET D 2638 -27.43 17.97 -32.58
CA MET D 2638 -28.43 18.94 -32.20
C MET D 2638 -29.68 18.58 -32.90
N TRP D 2639 -29.55 18.12 -34.14
CA TRP D 2639 -30.70 17.71 -34.94
C TRP D 2639 -31.38 16.62 -34.23
N HIS D 2640 -30.62 15.65 -33.75
CA HIS D 2640 -31.16 14.62 -32.95
C HIS D 2640 -31.77 15.18 -31.67
N TYR D 2641 -31.26 16.23 -31.03
CA TYR D 2641 -31.95 16.74 -29.84
C TYR D 2641 -33.35 17.23 -30.16
N LEU D 2642 -33.44 17.91 -31.29
CA LEU D 2642 -34.71 18.37 -31.80
C LEU D 2642 -35.57 17.17 -32.10
N CYS D 2643 -35.00 16.12 -32.66
CA CYS D 2643 -35.72 14.91 -32.93
C CYS D 2643 -36.26 14.31 -31.65
N PHE D 2644 -35.49 14.36 -30.58
CA PHE D 2644 -35.94 13.85 -29.31
C PHE D 2644 -37.18 14.60 -28.91
N ILE D 2645 -37.16 15.93 -28.98
CA ILE D 2645 -38.37 16.60 -28.58
C ILE D 2645 -39.53 16.27 -29.48
N VAL D 2646 -39.31 16.19 -30.78
CA VAL D 2646 -40.47 15.84 -31.59
C VAL D 2646 -41.04 14.47 -31.31
N LEU D 2647 -40.21 13.44 -31.19
CA LEU D 2647 -40.82 12.14 -30.95
C LEU D 2647 -41.47 12.11 -29.57
N VAL D 2648 -40.83 12.73 -28.58
CA VAL D 2648 -41.44 12.69 -27.28
C VAL D 2648 -42.75 13.45 -27.23
N LYS D 2649 -42.82 14.57 -27.91
CA LYS D 2649 -44.05 15.30 -27.85
C LYS D 2649 -45.07 14.52 -28.57
N VAL D 2650 -46.25 14.44 -28.03
CA VAL D 2650 -47.15 13.61 -28.83
C VAL D 2650 -48.06 12.76 -27.96
N LYS D 2651 -47.51 12.18 -26.91
CA LYS D 2651 -48.33 11.31 -26.09
C LYS D 2651 -48.42 11.65 -24.61
N ASP D 2652 -48.94 10.69 -23.85
CA ASP D 2652 -49.23 10.82 -22.43
C ASP D 2652 -48.02 11.16 -21.54
N SER D 2653 -46.84 10.66 -21.95
CA SER D 2653 -45.46 10.83 -21.40
C SER D 2653 -45.09 9.82 -20.38
N THR D 2654 -46.11 9.17 -19.86
CA THR D 2654 -45.86 8.16 -18.91
C THR D 2654 -45.19 7.05 -19.65
N GLU D 2655 -45.74 6.71 -20.82
CA GLU D 2655 -45.16 5.64 -21.57
C GLU D 2655 -43.77 6.01 -21.99
N TYR D 2656 -42.97 5.01 -21.82
CA TYR D 2656 -41.53 4.93 -22.11
C TYR D 2656 -40.71 5.71 -21.10
N THR D 2657 -41.10 5.63 -19.83
CA THR D 2657 -40.64 6.56 -18.82
C THR D 2657 -39.21 6.24 -18.40
N GLY D 2658 -38.77 6.87 -17.32
CA GLY D 2658 -37.39 6.79 -16.89
C GLY D 2658 -36.57 7.99 -17.32
N PRO D 2659 -36.31 8.16 -18.58
CA PRO D 2659 -35.81 9.46 -19.03
C PRO D 2659 -36.97 10.36 -19.36
N GLU D 2660 -38.06 9.71 -19.77
CA GLU D 2660 -39.19 10.44 -20.33
C GLU D 2660 -39.90 11.22 -19.26
N SER D 2661 -40.53 10.51 -18.34
CA SER D 2661 -41.33 11.15 -17.33
C SER D 2661 -40.45 11.84 -16.31
N TYR D 2662 -39.16 11.49 -16.30
CA TYR D 2662 -38.15 12.40 -15.78
C TYR D 2662 -38.31 13.77 -16.42
N VAL D 2663 -37.99 13.86 -17.71
CA VAL D 2663 -37.94 15.19 -18.30
C VAL D 2663 -39.33 15.72 -18.60
N ALA D 2664 -40.36 14.85 -18.63
CA ALA D 2664 -41.71 15.29 -18.97
C ALA D 2664 -42.28 16.24 -17.94
N GLU D 2665 -41.77 16.23 -16.72
CA GLU D 2665 -42.03 17.34 -15.81
C GLU D 2665 -41.01 18.44 -15.95
N MET D 2666 -39.79 18.10 -16.34
CA MET D 2666 -38.67 19.02 -16.24
C MET D 2666 -38.80 20.21 -17.19
N ILE D 2667 -39.61 20.11 -18.23
CA ILE D 2667 -39.81 21.27 -19.07
C ILE D 2667 -40.75 22.27 -18.40
N ARG D 2668 -41.57 21.82 -17.45
CA ARG D 2668 -42.57 22.71 -16.84
C ARG D 2668 -41.92 23.76 -15.97
N GLU D 2669 -40.87 23.37 -15.26
CA GLU D 2669 -40.14 24.29 -14.40
C GLU D 2669 -38.81 24.70 -15.00
N ARG D 2670 -38.57 24.29 -16.25
CA ARG D 2670 -37.73 24.97 -17.24
C ARG D 2670 -36.29 25.17 -16.77
N ASN D 2671 -35.81 24.29 -15.92
CA ASN D 2671 -34.71 24.65 -15.03
C ASN D 2671 -33.33 24.59 -15.67
N LEU D 2672 -33.25 24.68 -16.99
CA LEU D 2672 -32.07 25.15 -17.73
C LEU D 2672 -30.90 24.17 -17.67
N ASP D 2673 -31.11 22.95 -17.19
CA ASP D 2673 -29.95 22.12 -16.89
C ASP D 2673 -30.12 20.68 -17.37
N TRP D 2674 -30.56 20.47 -18.60
CA TRP D 2674 -30.77 19.10 -19.05
C TRP D 2674 -29.59 18.51 -19.75
N PHE D 2675 -28.72 19.29 -20.18
CA PHE D 2675 -28.05 18.89 -21.39
C PHE D 2675 -26.59 18.54 -21.11
N PRO D 2676 -25.96 17.71 -21.96
CA PRO D 2676 -24.63 17.20 -21.61
C PRO D 2676 -23.57 18.26 -21.63
N ARG D 2677 -23.54 19.01 -20.53
CA ARG D 2677 -22.74 20.21 -20.40
C ARG D 2677 -21.26 19.95 -20.51
N MET D 2678 -20.65 19.24 -19.57
CA MET D 2678 -19.37 18.64 -19.89
C MET D 2678 -19.19 17.25 -19.30
N ARG D 2679 -19.92 16.93 -18.22
CA ARG D 2679 -19.41 15.94 -17.28
C ARG D 2679 -19.58 14.52 -17.81
N ALA D 2680 -20.52 14.32 -18.74
CA ALA D 2680 -20.83 12.98 -19.22
C ALA D 2680 -19.72 12.41 -20.07
N MET D 2681 -19.50 12.98 -21.26
CA MET D 2681 -18.35 12.90 -22.16
C MET D 2681 -18.04 11.50 -22.69
N SER D 2682 -18.48 10.52 -21.92
CA SER D 2682 -18.08 9.18 -22.20
C SER D 2682 -16.62 9.09 -21.70
N LEU D 2683 -16.05 7.90 -21.87
CA LEU D 2683 -14.64 7.57 -21.56
C LEU D 2683 -14.22 7.53 -20.08
N VAL D 2684 -12.95 7.23 -19.84
CA VAL D 2684 -12.41 7.15 -18.49
C VAL D 2684 -13.04 5.99 -17.72
N SER D 2685 -13.37 4.92 -18.44
CA SER D 2685 -13.95 3.72 -17.84
C SER D 2685 -12.98 3.09 -16.85
N SER D 2686 -11.70 3.07 -17.23
CA SER D 2686 -10.63 2.52 -16.40
C SER D 2686 -10.87 1.09 -15.95
N ASP D 2687 -11.31 0.24 -16.88
CA ASP D 2687 -11.57 -1.18 -16.60
C ASP D 2687 -12.50 -1.35 -15.40
N SER D 2688 -13.60 -0.59 -15.42
CA SER D 2688 -14.62 -0.61 -14.37
C SER D 2688 -14.04 -0.28 -12.98
N GLU D 2689 -13.14 0.70 -12.97
CA GLU D 2689 -12.50 1.18 -11.73
C GLU D 2689 -11.81 0.07 -10.93
N GLY D 2690 -11.08 -0.80 -11.61
CA GLY D 2690 -10.38 -1.87 -10.94
C GLY D 2690 -11.29 -2.71 -10.07
N GLU D 2691 -12.44 -3.10 -10.64
CA GLU D 2691 -13.45 -3.91 -9.95
C GLU D 2691 -13.93 -3.26 -8.66
N GLN D 2692 -14.15 -1.95 -8.74
CA GLN D 2692 -14.63 -1.13 -7.62
C GLN D 2692 -13.75 -1.18 -6.38
N ASN D 2693 -12.44 -1.19 -6.59
CA ASN D 2693 -11.50 -1.21 -5.48
C ASN D 2693 -10.91 0.18 -5.19
N GLU D 2694 -11.05 0.60 -3.95
CA GLU D 2694 -10.53 1.93 -3.46
C GLU D 2694 -9.03 2.34 -3.25
N LEU D 2695 -8.86 3.51 -2.59
CA LEU D 2695 -7.60 4.27 -2.28
C LEU D 2695 -6.58 3.86 -1.16
N ARG D 2696 -5.42 4.56 -1.13
CA ARG D 2696 -4.29 4.25 -0.22
C ARG D 2696 -4.90 3.41 0.95
N ASN D 2697 -6.07 3.90 1.34
CA ASN D 2697 -6.84 3.37 2.45
C ASN D 2697 -7.36 1.94 2.34
N LEU D 2698 -7.80 1.52 1.15
CA LEU D 2698 -8.31 0.17 1.01
C LEU D 2698 -7.22 -0.85 1.32
N GLN D 2699 -6.02 -0.59 0.80
CA GLN D 2699 -4.89 -1.47 1.04
C GLN D 2699 -4.56 -1.45 2.54
N GLU D 2700 -4.60 -0.25 3.14
CA GLU D 2700 -4.32 -0.22 4.58
C GLU D 2700 -5.35 -1.07 5.39
N LYS D 2701 -6.61 -0.98 5.00
CA LYS D 2701 -7.71 -1.71 5.63
C LYS D 2701 -7.51 -3.21 5.49
N LEU D 2702 -7.05 -3.63 4.32
CA LEU D 2702 -6.80 -5.05 4.11
C LEU D 2702 -5.72 -5.52 5.07
N GLU D 2703 -4.66 -4.72 5.23
CA GLU D 2703 -3.61 -5.10 6.15
C GLU D 2703 -4.16 -5.24 7.55
N SER D 2704 -4.97 -4.28 7.96
CA SER D 2704 -5.49 -4.36 9.31
C SER D 2704 -6.36 -5.59 9.51
N THR D 2705 -7.21 -5.90 8.55
CA THR D 2705 -8.07 -7.06 8.73
C THR D 2705 -7.27 -8.33 8.86
N MET D 2706 -6.26 -8.46 8.00
CA MET D 2706 -5.45 -9.67 8.03
C MET D 2706 -4.75 -9.77 9.38
N LYS D 2707 -4.19 -8.65 9.81
CA LYS D 2707 -3.44 -8.63 11.04
C LYS D 2707 -4.35 -9.01 12.18
N LEU D 2708 -5.54 -8.44 12.24
CA LEU D 2708 -6.40 -8.75 13.36
C LEU D 2708 -6.80 -10.22 13.45
N VAL D 2709 -7.20 -10.79 12.30
CA VAL D 2709 -7.63 -12.17 12.39
C VAL D 2709 -6.49 -13.08 12.78
N THR D 2710 -5.34 -12.83 12.18
CA THR D 2710 -4.18 -13.67 12.47
C THR D 2710 -3.77 -13.55 13.92
N ASN D 2711 -3.79 -12.33 14.42
CA ASN D 2711 -3.39 -11.97 15.78
C ASN D 2711 -4.31 -12.49 16.87
N LEU D 2712 -5.54 -12.82 16.53
CA LEU D 2712 -6.46 -13.28 17.56
C LEU D 2712 -6.08 -14.59 18.29
N SER D 2713 -5.01 -15.28 17.88
CA SER D 2713 -4.68 -16.55 18.59
C SER D 2713 -3.31 -16.87 19.25
N GLY D 2714 -2.24 -16.58 18.52
CA GLY D 2714 -0.91 -16.98 18.96
C GLY D 2714 -0.34 -16.47 20.26
N GLN D 2715 -0.46 -15.19 20.56
CA GLN D 2715 0.11 -14.73 21.82
C GLN D 2715 -0.57 -15.37 23.01
N LEU D 2716 -1.87 -15.63 22.91
CA LEU D 2716 -2.59 -16.23 24.02
C LEU D 2716 -1.98 -17.60 24.32
N SER D 2717 -1.73 -18.33 23.25
CA SER D 2717 -1.17 -19.66 23.34
C SER D 2717 0.19 -19.62 23.97
N GLU D 2718 0.98 -18.65 23.52
CA GLU D 2718 2.32 -18.49 24.00
C GLU D 2718 2.31 -18.21 25.49
N LEU D 2719 1.42 -17.34 25.92
CA LEU D 2719 1.38 -17.01 27.33
C LEU D 2719 1.01 -18.23 28.14
N LYS D 2720 0.04 -19.03 27.66
CA LYS D 2720 -0.33 -20.19 28.42
C LYS D 2720 0.83 -21.14 28.56
N ASP D 2721 1.53 -21.39 27.46
CA ASP D 2721 2.64 -22.32 27.59
C ASP D 2721 3.76 -21.81 28.46
N GLN D 2722 4.00 -20.50 28.38
CA GLN D 2722 5.04 -19.87 29.16
C GLN D 2722 4.73 -20.06 30.64
N MET D 2723 3.47 -19.84 31.01
CA MET D 2723 3.09 -19.99 32.38
C MET D 2723 3.29 -21.43 32.80
N THR D 2724 2.91 -22.39 31.97
CA THR D 2724 3.10 -23.78 32.38
C THR D 2724 4.57 -24.14 32.61
N GLU D 2725 5.45 -23.68 31.72
CA GLU D 2725 6.88 -23.97 31.87
C GLU D 2725 7.44 -23.35 33.14
N GLN D 2726 6.99 -22.13 33.39
CA GLN D 2726 7.40 -21.38 34.56
C GLN D 2726 6.97 -22.08 35.83
N ARG D 2727 5.75 -22.63 35.79
CA ARG D 2727 5.18 -23.37 36.90
C ARG D 2727 6.04 -24.57 37.16
N LYS D 2728 6.45 -25.26 36.11
CA LYS D 2728 7.32 -26.37 36.32
C LYS D 2728 8.68 -26.02 36.92
N GLN D 2729 9.32 -24.93 36.48
CA GLN D 2729 10.61 -24.64 37.12
C GLN D 2729 10.43 -24.36 38.59
N LYS D 2730 9.48 -23.48 38.91
CA LYS D 2730 9.16 -23.25 40.30
C LYS D 2730 9.13 -24.54 41.10
N GLN D 2731 8.64 -25.62 40.51
CA GLN D 2731 8.58 -26.91 41.17
C GLN D 2731 9.99 -27.39 41.49
N ARG D 2732 10.90 -27.20 40.52
CA ARG D 2732 12.30 -27.55 40.75
C ARG D 2732 12.90 -26.68 41.83
N ILE D 2733 12.53 -25.41 41.85
CA ILE D 2733 12.97 -24.48 42.86
C ILE D 2733 12.51 -24.92 44.24
N GLY D 2734 11.27 -25.40 44.31
CA GLY D 2734 10.70 -25.89 45.54
C GLY D 2734 11.51 -27.07 46.00
N LEU D 2735 11.87 -27.98 45.09
CA LEU D 2735 12.71 -29.12 45.47
C LEU D 2735 14.08 -28.66 45.97
N LEU D 2736 14.64 -27.64 45.32
CA LEU D 2736 15.92 -27.10 45.71
C LEU D 2736 15.89 -26.54 47.14
N GLY D 2737 14.78 -25.89 47.49
CA GLY D 2737 14.63 -25.31 48.82
C GLY D 2737 13.80 -26.18 49.74
N HIS D 2738 13.67 -27.45 49.36
CA HIS D 2738 12.82 -28.39 50.09
C HIS D 2738 13.16 -28.90 51.50
N PRO D 2739 14.39 -28.75 52.01
CA PRO D 2739 13.98 -29.49 53.20
C PRO D 2739 13.27 -28.61 54.23
#